data_8KG2
#
_entry.id   8KG2
#
_cell.length_a   106.665
_cell.length_b   134.484
_cell.length_c   148.223
_cell.angle_alpha   71.52
_cell.angle_beta   80.87
_cell.angle_gamma   87.53
#
_symmetry.space_group_name_H-M   'P 1'
#
loop_
_entity.id
_entity.type
_entity.pdbx_description
1 polymer 'Transitional endoplasmic reticulum ATPase'
2 polymer 'FAS-associated factor 1'
3 non-polymer "ADENOSINE-5'-DIPHOSPHATE"
#
loop_
_entity_poly.entity_id
_entity_poly.type
_entity_poly.pdbx_seq_one_letter_code
_entity_poly.pdbx_strand_id
1 'polypeptide(L)'
;NRPNRLIVDEAINEDNSVVSLSQPKMDELQLFRGDTVLLKGKKRREAVCIVLSDDTCSDEKIRMNRVVRNNLRVRLGDVI
SIQPCPDVKYGKRIHVLPIDDTVEGITGNLFEVYLKPYFLEAYRPIRKGDIFLVRGGMRAVEFKVVETDPSPYCIVAPDT
VIHCEGEPIKRAAAEESLNEVGYDDIGGCRKQLAQIKEMVELPLRHPALFKAIGVKPPRGILLYGPPGTGKTLIARAVAN
ETGAFFFLINGPEIMSKLAGESESNLRKAFEEAEKNAPAIIFIDELDAIAPKREKTHGEVERRIVSQLLTLMDGLKQRAH
VIVMAATNRPNSIDPALRRFGRFDREVDIGIPDATGRLEILQIHTKNMKLADDVDLEQVANETHGHVGADLAALCSEAAL
QAIRKKMDLIDLEDETIDAEVMNSLAVTMDDFRWALSQ
;
A,B,C,D,E,F,G,H,I,J,K,L
2 'polypeptide(L)' KLRIRTPSGEFLERRFLASNKLQIVFDFVASKGFPWDEYKLLSTFPRRDVTQLDPNKSLLEVKLFPQETLFLEAKE M,N,O,P,Q,R,S,T,U,V,W,X
#
loop_
_chem_comp.id
_chem_comp.type
_chem_comp.name
_chem_comp.formula
ADP non-polymer ADENOSINE-5'-DIPHOSPHATE 'C10 H15 N5 O10 P2'
#
# COMPACT_ATOMS: atom_id res chain seq x y z
N ASN A 1 -9.61 -60.83 -34.13
CA ASN A 1 -10.27 -62.08 -34.67
C ASN A 1 -9.31 -63.27 -34.51
N ARG A 2 -8.64 -63.67 -35.60
CA ARG A 2 -7.50 -64.56 -35.62
C ARG A 2 -6.41 -64.00 -34.70
N PRO A 3 -5.64 -64.84 -33.97
CA PRO A 3 -4.58 -64.35 -33.08
C PRO A 3 -3.38 -63.68 -33.76
N ASN A 4 -3.24 -63.89 -35.07
CA ASN A 4 -2.22 -63.21 -35.87
C ASN A 4 -2.48 -61.69 -35.92
N ARG A 5 -3.72 -61.24 -35.65
CA ARG A 5 -4.06 -59.82 -35.59
C ARG A 5 -3.69 -59.24 -34.23
N LEU A 6 -2.95 -58.11 -34.27
CA LEU A 6 -2.47 -57.41 -33.07
C LEU A 6 -2.63 -55.90 -33.25
N ILE A 7 -2.57 -55.18 -32.12
CA ILE A 7 -2.75 -53.73 -32.12
C ILE A 7 -1.37 -53.06 -32.06
N VAL A 8 -1.16 -52.10 -32.98
CA VAL A 8 0.11 -51.41 -33.09
C VAL A 8 0.33 -50.56 -31.85
N ASP A 9 1.49 -50.74 -31.21
CA ASP A 9 1.85 -50.00 -30.02
C ASP A 9 3.21 -49.34 -30.22
N GLU A 10 3.59 -48.45 -29.31
CA GLU A 10 4.86 -47.75 -29.36
C GLU A 10 5.99 -48.76 -29.17
N ALA A 11 7.22 -48.36 -29.49
CA ALA A 11 8.35 -49.27 -29.47
C ALA A 11 9.29 -48.97 -28.32
N ILE A 12 9.62 -49.98 -27.51
CA ILE A 12 10.66 -49.91 -26.49
C ILE A 12 12.05 -49.88 -27.14
N ASN A 13 12.29 -50.77 -28.09
CA ASN A 13 13.55 -50.81 -28.80
C ASN A 13 13.40 -50.04 -30.12
N GLU A 14 14.35 -49.11 -30.36
CA GLU A 14 14.23 -48.16 -31.45
C GLU A 14 14.84 -48.70 -32.74
N ASP A 15 15.30 -49.97 -32.75
CA ASP A 15 15.88 -50.55 -33.94
C ASP A 15 14.81 -50.77 -35.01
N ASN A 16 15.12 -50.31 -36.23
CA ASN A 16 14.14 -50.27 -37.30
C ASN A 16 13.61 -51.67 -37.61
N SER A 17 14.44 -52.68 -37.36
CA SER A 17 14.19 -54.02 -37.86
C SER A 17 13.57 -54.89 -36.78
N VAL A 18 13.17 -54.27 -35.66
CA VAL A 18 12.69 -55.05 -34.54
C VAL A 18 11.21 -54.75 -34.27
N VAL A 19 10.44 -55.82 -34.03
CA VAL A 19 9.10 -55.75 -33.48
C VAL A 19 9.05 -56.61 -32.22
N SER A 20 8.17 -56.23 -31.30
CA SER A 20 8.14 -56.85 -29.99
C SER A 20 6.73 -57.35 -29.67
N LEU A 21 6.68 -58.54 -29.05
CA LEU A 21 5.48 -59.27 -28.69
C LEU A 21 5.65 -59.84 -27.29
N SER A 22 4.54 -60.13 -26.60
CA SER A 22 4.63 -60.83 -25.34
C SER A 22 5.10 -62.26 -25.61
N GLN A 23 5.88 -62.83 -24.68
CA GLN A 23 6.34 -64.20 -24.85
C GLN A 23 5.11 -65.11 -25.06
N PRO A 24 4.06 -65.01 -24.20
CA PRO A 24 2.81 -65.74 -24.42
C PRO A 24 2.40 -65.77 -25.89
N LYS A 25 2.35 -64.59 -26.50
CA LYS A 25 1.88 -64.45 -27.87
C LYS A 25 2.86 -65.12 -28.83
N MET A 26 4.16 -64.99 -28.53
CA MET A 26 5.20 -65.60 -29.34
C MET A 26 5.08 -67.12 -29.29
N ASP A 27 4.86 -67.64 -28.07
CA ASP A 27 4.64 -69.06 -27.84
C ASP A 27 3.41 -69.52 -28.61
N GLU A 28 2.30 -68.82 -28.39
CA GLU A 28 1.03 -69.07 -29.07
C GLU A 28 1.23 -69.14 -30.58
N LEU A 29 2.07 -68.25 -31.13
CA LEU A 29 2.28 -68.16 -32.57
C LEU A 29 3.51 -68.98 -32.98
N GLN A 30 4.11 -69.67 -32.00
CA GLN A 30 5.31 -70.50 -32.18
C GLN A 30 6.41 -69.65 -32.83
N LEU A 31 6.80 -68.57 -32.14
CA LEU A 31 7.82 -67.67 -32.67
C LEU A 31 9.07 -67.76 -31.80
N PHE A 32 10.23 -67.78 -32.47
CA PHE A 32 11.51 -67.89 -31.81
C PHE A 32 12.20 -66.52 -31.87
N ARG A 33 12.95 -66.19 -30.80
CA ARG A 33 13.64 -64.92 -30.77
C ARG A 33 14.49 -64.75 -32.03
N GLY A 34 14.21 -63.70 -32.81
CA GLY A 34 15.05 -63.41 -33.95
C GLY A 34 14.42 -63.90 -35.25
N ASP A 35 13.30 -64.63 -35.12
CA ASP A 35 12.60 -65.14 -36.28
C ASP A 35 12.17 -63.96 -37.15
N THR A 36 12.48 -64.02 -38.44
CA THR A 36 11.89 -63.05 -39.37
C THR A 36 10.39 -63.29 -39.46
N VAL A 37 9.62 -62.21 -39.33
CA VAL A 37 8.18 -62.22 -39.43
C VAL A 37 7.75 -61.30 -40.58
N LEU A 38 6.60 -61.64 -41.18
CA LEU A 38 6.00 -60.80 -42.20
C LEU A 38 4.77 -60.12 -41.59
N LEU A 39 4.72 -58.79 -41.71
CA LEU A 39 3.62 -58.01 -41.17
C LEU A 39 2.83 -57.43 -42.34
N LYS A 40 1.50 -57.53 -42.24
CA LYS A 40 0.63 -56.98 -43.26
C LYS A 40 -0.15 -55.82 -42.64
N GLY A 41 -0.29 -54.74 -43.43
CA GLY A 41 -0.99 -53.54 -42.99
C GLY A 41 -1.95 -53.01 -44.03
N LYS A 42 -2.29 -51.72 -43.93
CA LYS A 42 -3.22 -51.07 -44.85
C LYS A 42 -2.57 -50.84 -46.20
N LYS A 43 -3.39 -50.44 -47.20
CA LYS A 43 -2.99 -50.22 -48.58
C LYS A 43 -2.22 -51.44 -49.09
N ARG A 44 -2.51 -52.61 -48.51
CA ARG A 44 -1.92 -53.89 -48.88
C ARG A 44 -0.41 -53.86 -48.75
N ARG A 45 0.11 -52.94 -47.92
CA ARG A 45 1.54 -52.80 -47.69
C ARG A 45 2.02 -53.95 -46.80
N GLU A 46 3.31 -54.28 -46.93
CA GLU A 46 3.91 -55.39 -46.19
C GLU A 46 5.28 -54.98 -45.65
N ALA A 47 5.72 -55.67 -44.60
CA ALA A 47 7.03 -55.44 -44.03
C ALA A 47 7.55 -56.71 -43.36
N VAL A 48 8.88 -56.86 -43.36
CA VAL A 48 9.52 -57.99 -42.72
C VAL A 48 10.44 -57.48 -41.62
N CYS A 49 10.44 -58.16 -40.48
CA CYS A 49 11.11 -57.69 -39.28
C CYS A 49 11.60 -58.88 -38.46
N ILE A 50 12.36 -58.56 -37.41
CA ILE A 50 12.85 -59.51 -36.42
C ILE A 50 11.94 -59.42 -35.18
N VAL A 51 11.52 -60.57 -34.66
CA VAL A 51 10.64 -60.53 -33.49
C VAL A 51 11.47 -60.80 -32.23
N LEU A 52 11.15 -60.06 -31.15
CA LEU A 52 11.77 -60.23 -29.84
C LEU A 52 10.67 -60.10 -28.81
N SER A 53 11.01 -60.32 -27.54
CA SER A 53 9.96 -60.43 -26.52
C SER A 53 10.05 -59.25 -25.56
N ASP A 54 8.94 -58.55 -25.36
CA ASP A 54 8.88 -57.47 -24.39
C ASP A 54 7.94 -57.88 -23.26
N ASP A 55 8.45 -57.82 -22.02
CA ASP A 55 7.66 -58.15 -20.83
C ASP A 55 6.45 -57.20 -20.78
N THR A 56 6.69 -55.89 -20.99
CA THR A 56 5.69 -54.86 -20.84
C THR A 56 4.61 -54.94 -21.93
N CYS A 57 4.94 -55.59 -23.05
CA CYS A 57 4.03 -55.64 -24.19
C CYS A 57 2.82 -56.50 -23.83
N SER A 58 1.65 -55.88 -23.86
CA SER A 58 0.35 -56.54 -23.77
C SER A 58 0.21 -57.60 -24.87
N ASP A 59 -0.46 -58.71 -24.55
CA ASP A 59 -0.44 -59.89 -25.39
C ASP A 59 -1.07 -59.59 -26.76
N GLU A 60 -2.04 -58.68 -26.75
CA GLU A 60 -2.83 -58.40 -27.94
C GLU A 60 -2.19 -57.27 -28.76
N LYS A 61 -1.00 -56.80 -28.33
CA LYS A 61 -0.35 -55.67 -28.97
C LYS A 61 1.01 -56.06 -29.56
N ILE A 62 1.45 -55.29 -30.56
CA ILE A 62 2.79 -55.37 -31.12
C ILE A 62 3.47 -54.01 -31.01
N ARG A 63 4.75 -54.02 -30.65
CA ARG A 63 5.52 -52.80 -30.58
C ARG A 63 6.36 -52.67 -31.85
N MET A 64 6.15 -51.57 -32.58
CA MET A 64 6.98 -51.28 -33.73
C MET A 64 7.31 -49.79 -33.79
N ASN A 65 8.51 -49.47 -34.27
CA ASN A 65 8.97 -48.10 -34.44
C ASN A 65 8.21 -47.48 -35.61
N ARG A 66 8.44 -46.18 -35.82
CA ARG A 66 7.62 -45.39 -36.71
C ARG A 66 8.00 -45.73 -38.16
N VAL A 67 9.23 -46.21 -38.35
CA VAL A 67 9.67 -46.66 -39.67
C VAL A 67 8.72 -47.73 -40.19
N VAL A 68 8.55 -48.78 -39.39
CA VAL A 68 7.71 -49.93 -39.70
C VAL A 68 6.26 -49.47 -39.93
N ARG A 69 5.73 -48.66 -39.00
CA ARG A 69 4.35 -48.23 -39.07
C ARG A 69 4.09 -47.57 -40.43
N ASN A 70 5.03 -46.72 -40.86
CA ASN A 70 4.92 -46.00 -42.11
C ASN A 70 4.93 -46.97 -43.29
N ASN A 71 5.82 -47.96 -43.21
CA ASN A 71 5.96 -48.98 -44.24
C ASN A 71 4.67 -49.78 -44.36
N LEU A 72 4.05 -50.05 -43.21
CA LEU A 72 2.80 -50.78 -43.18
C LEU A 72 1.61 -49.83 -43.37
N ARG A 73 1.89 -48.52 -43.55
CA ARG A 73 0.87 -47.48 -43.65
C ARG A 73 -0.18 -47.61 -42.54
N VAL A 74 0.25 -47.92 -41.31
CA VAL A 74 -0.64 -47.94 -40.16
C VAL A 74 -0.21 -46.86 -39.17
N ARG A 75 -1.11 -46.52 -38.25
CA ARG A 75 -0.86 -45.61 -37.15
C ARG A 75 -1.01 -46.36 -35.84
N LEU A 76 -0.53 -45.75 -34.74
CA LEU A 76 -0.69 -46.35 -33.43
C LEU A 76 -2.17 -46.61 -33.16
N GLY A 77 -2.46 -47.85 -32.74
CA GLY A 77 -3.81 -48.26 -32.42
C GLY A 77 -4.49 -49.03 -33.54
N ASP A 78 -3.87 -49.07 -34.72
CA ASP A 78 -4.36 -49.86 -35.84
C ASP A 78 -4.10 -51.34 -35.57
N VAL A 79 -4.65 -52.19 -36.43
CA VAL A 79 -4.45 -53.63 -36.30
C VAL A 79 -3.58 -54.11 -37.45
N ILE A 80 -2.70 -55.08 -37.18
CA ILE A 80 -1.86 -55.67 -38.22
C ILE A 80 -1.94 -57.18 -38.11
N SER A 81 -1.45 -57.88 -39.15
CA SER A 81 -1.38 -59.34 -39.15
C SER A 81 0.09 -59.77 -39.17
N ILE A 82 0.41 -60.73 -38.31
CA ILE A 82 1.76 -61.25 -38.22
C ILE A 82 1.76 -62.73 -38.62
N GLN A 83 2.63 -63.08 -39.56
CA GLN A 83 2.84 -64.46 -39.97
C GLN A 83 4.35 -64.69 -40.08
N PRO A 84 4.84 -65.92 -39.80
CA PRO A 84 6.25 -66.26 -40.00
C PRO A 84 6.69 -66.17 -41.46
N CYS A 85 8.00 -65.94 -41.65
CA CYS A 85 8.58 -65.77 -42.96
C CYS A 85 9.91 -66.53 -42.98
N PRO A 86 9.88 -67.88 -42.96
CA PRO A 86 11.11 -68.68 -42.84
C PRO A 86 11.88 -68.82 -44.16
N ASP A 87 11.24 -68.38 -45.25
CA ASP A 87 11.76 -68.47 -46.61
C ASP A 87 12.80 -67.36 -46.88
N VAL A 88 13.31 -66.74 -45.81
CA VAL A 88 14.27 -65.64 -45.92
C VAL A 88 15.63 -66.16 -46.38
N LYS A 89 16.03 -65.72 -47.57
CA LYS A 89 17.31 -66.11 -48.16
C LYS A 89 18.28 -64.94 -48.05
N TYR A 90 19.48 -65.17 -47.48
CA TYR A 90 20.56 -64.19 -47.58
C TYR A 90 20.70 -63.77 -49.03
N GLY A 91 20.03 -62.68 -49.41
CA GLY A 91 20.00 -62.19 -50.78
C GLY A 91 21.38 -61.70 -51.24
N LYS A 92 21.57 -61.65 -52.56
CA LYS A 92 22.89 -61.39 -53.12
C LYS A 92 23.06 -59.89 -53.34
N ARG A 93 22.14 -59.27 -54.10
CA ARG A 93 22.22 -57.88 -54.51
C ARG A 93 20.98 -57.10 -54.08
N ILE A 94 21.17 -55.99 -53.35
CA ILE A 94 20.10 -55.03 -53.07
C ILE A 94 20.47 -53.65 -53.63
N HIS A 95 19.44 -52.93 -54.06
CA HIS A 95 19.61 -51.60 -54.62
C HIS A 95 18.76 -50.60 -53.83
N VAL A 96 19.44 -49.62 -53.23
CA VAL A 96 18.82 -48.65 -52.33
C VAL A 96 19.18 -47.25 -52.79
N LEU A 97 18.19 -46.37 -52.72
CA LEU A 97 18.38 -44.99 -53.15
C LEU A 97 17.81 -44.06 -52.08
N PRO A 98 18.46 -42.92 -51.80
CA PRO A 98 17.97 -41.99 -50.78
C PRO A 98 16.85 -41.11 -51.32
N ILE A 99 15.95 -40.67 -50.41
CA ILE A 99 14.92 -39.69 -50.70
C ILE A 99 15.55 -38.30 -50.67
N ASP A 100 15.15 -37.45 -51.63
CA ASP A 100 15.80 -36.19 -51.95
C ASP A 100 15.88 -35.28 -50.72
N ASP A 101 14.75 -35.03 -50.03
CA ASP A 101 14.69 -34.12 -48.89
C ASP A 101 15.76 -34.47 -47.84
N THR A 102 15.92 -35.76 -47.54
CA THR A 102 16.80 -36.19 -46.47
C THR A 102 18.28 -35.95 -46.78
N VAL A 103 18.66 -35.85 -48.07
CA VAL A 103 20.08 -35.85 -48.39
C VAL A 103 20.55 -34.47 -48.85
N GLU A 104 19.68 -33.45 -48.77
CA GLU A 104 20.03 -32.10 -49.18
C GLU A 104 21.19 -31.60 -48.33
N GLY A 105 22.31 -31.26 -49.00
CA GLY A 105 23.47 -30.76 -48.28
C GLY A 105 24.47 -31.86 -47.94
N ILE A 106 24.00 -33.11 -47.89
CA ILE A 106 24.87 -34.23 -47.56
C ILE A 106 25.77 -34.51 -48.75
N THR A 107 27.08 -34.56 -48.49
CA THR A 107 28.07 -34.71 -49.54
C THR A 107 29.09 -35.78 -49.17
N GLY A 108 28.61 -37.00 -48.90
CA GLY A 108 29.49 -38.10 -48.58
C GLY A 108 29.24 -39.28 -49.51
N ASN A 109 30.03 -40.35 -49.32
CA ASN A 109 29.65 -41.65 -49.83
C ASN A 109 28.66 -42.24 -48.82
N LEU A 110 27.38 -42.13 -49.19
CA LEU A 110 26.26 -42.60 -48.39
C LEU A 110 26.49 -44.03 -47.91
N PHE A 111 27.16 -44.84 -48.74
CA PHE A 111 27.45 -46.21 -48.35
C PHE A 111 28.25 -46.23 -47.06
N GLU A 112 29.44 -45.61 -47.08
CA GLU A 112 30.38 -45.72 -45.98
C GLU A 112 29.79 -45.07 -44.73
N VAL A 113 29.20 -43.88 -44.90
CA VAL A 113 28.66 -43.12 -43.78
C VAL A 113 27.39 -43.77 -43.22
N TYR A 114 26.38 -44.00 -44.07
CA TYR A 114 25.08 -44.45 -43.61
C TYR A 114 24.93 -45.96 -43.77
N LEU A 115 24.87 -46.44 -45.02
CA LEU A 115 24.41 -47.77 -45.38
C LEU A 115 25.30 -48.87 -44.76
N LYS A 116 26.62 -48.74 -44.92
CA LYS A 116 27.54 -49.78 -44.49
C LYS A 116 27.31 -50.17 -43.03
N PRO A 117 27.46 -49.25 -42.05
CA PRO A 117 27.31 -49.59 -40.64
C PRO A 117 25.88 -49.92 -40.22
N TYR A 118 24.89 -49.47 -41.00
CA TYR A 118 23.50 -49.81 -40.75
C TYR A 118 23.35 -51.33 -40.83
N PHE A 119 23.76 -51.87 -41.99
CA PHE A 119 23.53 -53.25 -42.38
C PHE A 119 24.59 -54.18 -41.79
N LEU A 120 25.74 -53.62 -41.42
CA LEU A 120 26.93 -54.39 -41.07
C LEU A 120 26.61 -55.36 -39.94
N GLU A 121 26.71 -56.66 -40.26
CA GLU A 121 26.58 -57.76 -39.30
C GLU A 121 25.24 -57.67 -38.58
N ALA A 122 24.28 -56.98 -39.21
CA ALA A 122 22.97 -56.80 -38.61
C ALA A 122 22.07 -57.95 -39.02
N TYR A 123 22.31 -58.46 -40.23
CA TYR A 123 21.50 -59.52 -40.81
C TYR A 123 20.04 -59.04 -40.87
N ARG A 124 19.87 -57.81 -41.38
CA ARG A 124 18.58 -57.13 -41.37
C ARG A 124 17.70 -57.67 -42.48
N PRO A 125 16.46 -58.13 -42.18
CA PRO A 125 15.51 -58.47 -43.24
C PRO A 125 15.02 -57.18 -43.90
N ILE A 126 14.94 -57.19 -45.24
CA ILE A 126 14.44 -56.04 -45.99
C ILE A 126 13.46 -56.53 -47.06
N ARG A 127 12.51 -55.66 -47.40
CA ARG A 127 11.55 -55.94 -48.46
C ARG A 127 11.63 -54.83 -49.50
N LYS A 128 11.24 -55.15 -50.74
CA LYS A 128 11.27 -54.14 -51.76
C LYS A 128 10.25 -53.08 -51.36
N GLY A 129 10.56 -51.82 -51.68
CA GLY A 129 9.65 -50.70 -51.50
C GLY A 129 9.61 -50.18 -50.07
N ASP A 130 10.45 -50.75 -49.19
CA ASP A 130 10.62 -50.31 -47.82
C ASP A 130 11.41 -49.03 -47.80
N ILE A 131 11.05 -48.12 -46.88
CA ILE A 131 11.84 -46.94 -46.59
C ILE A 131 12.40 -47.13 -45.18
N PHE A 132 13.73 -47.04 -45.06
CA PHE A 132 14.38 -47.20 -43.77
C PHE A 132 15.17 -45.91 -43.48
N LEU A 133 15.55 -45.75 -42.20
CA LEU A 133 16.14 -44.51 -41.74
C LEU A 133 17.47 -44.79 -41.07
N VAL A 134 18.52 -44.11 -41.53
CA VAL A 134 19.83 -44.27 -40.94
C VAL A 134 20.23 -42.91 -40.37
N ARG A 135 20.75 -42.94 -39.15
CA ARG A 135 21.07 -41.70 -38.45
C ARG A 135 22.59 -41.59 -38.38
N GLY A 136 23.10 -40.38 -38.66
CA GLY A 136 24.51 -40.10 -38.44
C GLY A 136 24.89 -38.74 -39.01
N GLY A 137 26.09 -38.29 -38.63
CA GLY A 137 26.63 -36.99 -39.04
C GLY A 137 25.65 -35.84 -38.81
N MET A 138 25.05 -35.88 -37.62
CA MET A 138 24.06 -34.94 -37.16
C MET A 138 22.91 -34.80 -38.15
N ARG A 139 22.56 -35.89 -38.85
CA ARG A 139 21.42 -35.93 -39.75
C ARG A 139 20.78 -37.32 -39.71
N ALA A 140 19.61 -37.45 -40.34
CA ALA A 140 19.01 -38.76 -40.55
C ALA A 140 18.50 -38.85 -41.98
N VAL A 141 18.98 -39.87 -42.72
CA VAL A 141 18.70 -40.07 -44.13
C VAL A 141 17.68 -41.19 -44.30
N GLU A 142 16.70 -40.97 -45.19
CA GLU A 142 15.74 -41.99 -45.55
C GLU A 142 16.15 -42.62 -46.89
N PHE A 143 16.31 -43.95 -46.87
CA PHE A 143 16.57 -44.72 -48.08
C PHE A 143 15.38 -45.62 -48.40
N LYS A 144 15.04 -45.71 -49.69
CA LYS A 144 14.07 -46.67 -50.20
C LYS A 144 14.79 -47.85 -50.85
N VAL A 145 14.32 -49.06 -50.57
CA VAL A 145 14.79 -50.27 -51.23
C VAL A 145 14.10 -50.38 -52.58
N VAL A 146 14.86 -50.10 -53.65
CA VAL A 146 14.33 -50.06 -55.01
C VAL A 146 14.31 -51.47 -55.61
N GLU A 147 15.37 -52.25 -55.35
CA GLU A 147 15.39 -53.64 -55.82
C GLU A 147 16.12 -54.54 -54.82
N THR A 148 15.62 -55.78 -54.70
CA THR A 148 16.28 -56.79 -53.90
C THR A 148 16.51 -58.04 -54.76
N ASP A 149 17.55 -58.81 -54.40
CA ASP A 149 17.96 -60.03 -55.08
C ASP A 149 16.77 -60.99 -55.24
N PRO A 150 16.34 -61.76 -54.20
CA PRO A 150 15.00 -62.35 -54.23
C PRO A 150 13.97 -61.22 -54.21
N SER A 151 12.99 -61.27 -55.12
CA SER A 151 12.19 -60.10 -55.44
C SER A 151 11.43 -59.57 -54.22
N PRO A 152 10.67 -60.40 -53.48
CA PRO A 152 9.95 -59.89 -52.30
C PRO A 152 10.94 -59.51 -51.18
N TYR A 153 11.50 -60.52 -50.50
CA TYR A 153 12.24 -60.31 -49.26
C TYR A 153 13.68 -60.78 -49.47
N CYS A 154 14.54 -60.38 -48.53
CA CYS A 154 15.94 -60.71 -48.55
C CYS A 154 16.51 -60.45 -47.16
N ILE A 155 17.54 -61.19 -46.76
CA ILE A 155 18.33 -60.77 -45.61
C ILE A 155 19.64 -60.17 -46.08
N VAL A 156 19.89 -58.90 -45.73
CA VAL A 156 21.18 -58.29 -46.05
C VAL A 156 22.24 -58.86 -45.10
N ALA A 157 23.05 -59.77 -45.67
CA ALA A 157 24.09 -60.50 -44.98
C ALA A 157 25.46 -60.03 -45.50
N PRO A 158 26.58 -60.37 -44.82
CA PRO A 158 27.88 -59.79 -45.13
C PRO A 158 28.19 -59.70 -46.63
N ASP A 159 27.96 -60.82 -47.35
CA ASP A 159 28.26 -60.92 -48.78
C ASP A 159 27.22 -60.22 -49.64
N THR A 160 26.15 -59.68 -49.01
CA THR A 160 25.13 -58.99 -49.78
C THR A 160 25.74 -57.75 -50.41
N VAL A 161 25.59 -57.62 -51.72
CA VAL A 161 26.05 -56.44 -52.44
C VAL A 161 25.00 -55.35 -52.23
N ILE A 162 25.46 -54.21 -51.70
CA ILE A 162 24.60 -53.06 -51.49
C ILE A 162 24.99 -52.02 -52.53
N HIS A 163 24.01 -51.62 -53.35
CA HIS A 163 24.33 -50.73 -54.46
C HIS A 163 23.50 -49.46 -54.32
N CYS A 164 24.18 -48.29 -54.40
CA CYS A 164 23.51 -47.00 -54.52
C CYS A 164 23.86 -46.36 -55.87
N GLU A 165 22.82 -46.15 -56.69
CA GLU A 165 22.92 -45.70 -58.06
C GLU A 165 23.22 -44.21 -58.10
N GLY A 166 22.85 -43.51 -57.02
CA GLY A 166 23.24 -42.11 -56.84
C GLY A 166 22.32 -41.13 -57.55
N GLU A 167 21.04 -41.50 -57.70
CA GLU A 167 20.03 -40.54 -58.12
C GLU A 167 18.96 -40.46 -57.02
N PRO A 168 18.89 -39.37 -56.24
CA PRO A 168 17.93 -39.26 -55.13
C PRO A 168 16.48 -39.29 -55.60
N ILE A 169 15.68 -40.22 -55.05
CA ILE A 169 14.28 -40.40 -55.43
C ILE A 169 13.42 -39.33 -54.77
N LYS A 170 12.26 -39.09 -55.39
CA LYS A 170 11.26 -38.15 -54.89
C LYS A 170 10.47 -38.84 -53.80
N ARG A 171 9.72 -38.04 -53.02
CA ARG A 171 8.87 -38.58 -51.97
C ARG A 171 7.45 -38.69 -52.52
N ALA A 172 6.89 -39.91 -52.52
CA ALA A 172 5.51 -40.11 -52.93
C ALA A 172 4.56 -39.57 -51.84
N ALA A 173 3.29 -39.33 -52.22
CA ALA A 173 2.37 -38.55 -51.39
C ALA A 173 2.03 -39.26 -50.09
N ALA A 174 1.94 -40.60 -50.14
CA ALA A 174 1.60 -41.42 -48.98
C ALA A 174 2.77 -41.58 -48.02
N GLU A 175 4.01 -41.34 -48.50
CA GLU A 175 5.23 -41.47 -47.71
C GLU A 175 5.40 -40.26 -46.79
N GLU A 176 5.50 -40.50 -45.47
CA GLU A 176 5.63 -39.44 -44.49
C GLU A 176 7.06 -39.32 -43.99
N SER A 177 7.49 -38.08 -43.73
CA SER A 177 8.84 -37.83 -43.25
C SER A 177 9.04 -38.43 -41.87
N LEU A 178 10.20 -39.07 -41.69
CA LEU A 178 10.56 -39.59 -40.39
C LEU A 178 11.24 -38.50 -39.60
N ASN A 179 11.41 -37.35 -40.25
CA ASN A 179 11.93 -36.16 -39.59
C ASN A 179 10.80 -35.34 -38.98
N GLU A 180 9.55 -35.71 -39.29
CA GLU A 180 8.37 -35.21 -38.57
C GLU A 180 8.46 -35.58 -37.10
N VAL A 181 7.85 -34.77 -36.24
CA VAL A 181 7.90 -35.02 -34.82
C VAL A 181 6.93 -36.15 -34.48
N GLY A 182 7.34 -37.08 -33.61
CA GLY A 182 6.44 -38.09 -33.09
C GLY A 182 6.64 -38.33 -31.60
N TYR A 183 5.87 -39.25 -31.04
CA TYR A 183 5.97 -39.52 -29.61
C TYR A 183 7.39 -39.92 -29.26
N ASP A 184 8.12 -40.49 -30.23
CA ASP A 184 9.47 -40.99 -30.03
C ASP A 184 10.45 -39.83 -29.83
N ASP A 185 9.97 -38.60 -30.06
CA ASP A 185 10.84 -37.44 -29.93
C ASP A 185 10.56 -36.72 -28.63
N ILE A 186 9.64 -37.29 -27.85
CA ILE A 186 9.18 -36.68 -26.61
C ILE A 186 9.64 -37.59 -25.49
N GLY A 187 10.45 -37.06 -24.57
CA GLY A 187 10.89 -37.88 -23.43
C GLY A 187 10.46 -37.30 -22.08
N GLY A 188 10.01 -38.17 -21.18
CA GLY A 188 9.76 -37.69 -19.84
C GLY A 188 8.30 -37.38 -19.52
N CYS A 189 7.39 -37.35 -20.51
CA CYS A 189 6.03 -36.98 -20.13
C CYS A 189 5.08 -38.16 -20.33
N ARG A 190 5.53 -39.35 -19.94
CA ARG A 190 4.82 -40.58 -20.25
C ARG A 190 3.35 -40.46 -19.87
N LYS A 191 3.08 -40.20 -18.58
CA LYS A 191 1.72 -40.24 -18.07
C LYS A 191 0.87 -39.14 -18.69
N GLN A 192 1.47 -37.95 -18.84
CA GLN A 192 0.75 -36.82 -19.40
C GLN A 192 0.44 -37.08 -20.87
N LEU A 193 1.41 -37.67 -21.57
CA LEU A 193 1.24 -37.96 -22.98
C LEU A 193 0.12 -38.97 -23.17
N ALA A 194 0.11 -40.00 -22.31
CA ALA A 194 -0.93 -41.02 -22.26
C ALA A 194 -2.31 -40.39 -22.10
N GLN A 195 -2.45 -39.43 -21.18
CA GLN A 195 -3.75 -38.81 -20.96
C GLN A 195 -4.23 -38.12 -22.24
N ILE A 196 -3.31 -37.38 -22.88
CA ILE A 196 -3.66 -36.58 -24.05
C ILE A 196 -4.06 -37.50 -25.19
N LYS A 197 -3.30 -38.60 -25.31
CA LYS A 197 -3.53 -39.64 -26.29
C LYS A 197 -4.97 -40.14 -26.20
N GLU A 198 -5.40 -40.50 -24.97
CA GLU A 198 -6.73 -41.02 -24.72
C GLU A 198 -7.76 -39.97 -25.09
N MET A 199 -7.45 -38.71 -24.78
CA MET A 199 -8.40 -37.62 -24.94
C MET A 199 -8.75 -37.48 -26.42
N VAL A 200 -7.71 -37.59 -27.27
CA VAL A 200 -7.84 -37.31 -28.69
C VAL A 200 -8.16 -38.59 -29.49
N GLU A 201 -7.98 -39.78 -28.90
CA GLU A 201 -8.22 -41.04 -29.59
C GLU A 201 -9.53 -41.02 -30.37
N LEU A 202 -10.67 -41.03 -29.66
CA LEU A 202 -11.96 -41.13 -30.34
C LEU A 202 -12.20 -39.95 -31.29
N PRO A 203 -12.06 -38.67 -30.88
CA PRO A 203 -12.35 -37.56 -31.79
C PRO A 203 -11.49 -37.50 -33.04
N LEU A 204 -10.21 -37.85 -32.93
CA LEU A 204 -9.29 -37.74 -34.05
C LEU A 204 -9.22 -39.04 -34.85
N ARG A 205 -9.19 -40.19 -34.18
CA ARG A 205 -9.02 -41.45 -34.88
C ARG A 205 -10.35 -42.13 -35.24
N HIS A 206 -11.45 -41.75 -34.59
CA HIS A 206 -12.73 -42.43 -34.84
C HIS A 206 -13.85 -41.39 -34.90
N PRO A 207 -13.75 -40.34 -35.74
CA PRO A 207 -14.70 -39.23 -35.72
C PRO A 207 -16.15 -39.67 -35.97
N ALA A 208 -16.29 -40.69 -36.81
CA ALA A 208 -17.59 -41.16 -37.26
C ALA A 208 -18.48 -41.49 -36.06
N LEU A 209 -17.84 -41.97 -34.99
CA LEU A 209 -18.56 -42.47 -33.85
C LEU A 209 -19.47 -41.39 -33.31
N PHE A 210 -19.07 -40.12 -33.46
CA PHE A 210 -19.79 -39.01 -32.85
C PHE A 210 -21.07 -38.70 -33.61
N LYS A 211 -21.25 -39.28 -34.80
CA LYS A 211 -22.52 -39.19 -35.50
C LYS A 211 -23.53 -40.12 -34.84
N ALA A 212 -23.07 -41.29 -34.39
CA ALA A 212 -23.92 -42.33 -33.84
C ALA A 212 -24.30 -42.09 -32.37
N ILE A 213 -23.52 -41.26 -31.65
CA ILE A 213 -23.68 -41.11 -30.20
C ILE A 213 -23.86 -39.63 -29.84
N GLY A 214 -24.44 -39.37 -28.66
CA GLY A 214 -24.76 -38.02 -28.23
C GLY A 214 -23.77 -37.48 -27.19
N VAL A 215 -22.81 -38.31 -26.80
CA VAL A 215 -21.73 -37.94 -25.88
C VAL A 215 -20.85 -36.87 -26.53
N LYS A 216 -20.43 -35.90 -25.72
CA LYS A 216 -19.66 -34.76 -26.19
C LYS A 216 -18.16 -35.03 -25.96
N PRO A 217 -17.31 -34.98 -27.00
CA PRO A 217 -15.88 -35.24 -26.83
C PRO A 217 -15.20 -33.98 -26.31
N PRO A 218 -14.01 -34.09 -25.68
CA PRO A 218 -13.31 -32.91 -25.16
C PRO A 218 -12.91 -31.99 -26.30
N ARG A 219 -13.13 -30.69 -26.11
CA ARG A 219 -12.88 -29.75 -27.19
C ARG A 219 -11.52 -29.06 -27.00
N GLY A 220 -11.24 -28.67 -25.75
CA GLY A 220 -10.07 -27.85 -25.47
C GLY A 220 -9.16 -28.51 -24.43
N ILE A 221 -7.87 -28.62 -24.76
CA ILE A 221 -6.88 -29.14 -23.84
C ILE A 221 -5.83 -28.05 -23.59
N LEU A 222 -5.63 -27.77 -22.30
CA LEU A 222 -4.73 -26.72 -21.85
C LEU A 222 -3.47 -27.38 -21.29
N LEU A 223 -2.32 -27.11 -21.91
CA LEU A 223 -1.05 -27.67 -21.49
C LEU A 223 -0.30 -26.63 -20.68
N TYR A 224 -0.19 -26.86 -19.36
CA TYR A 224 0.43 -25.89 -18.46
C TYR A 224 1.77 -26.47 -18.03
N GLY A 225 2.81 -25.63 -18.11
CA GLY A 225 4.15 -26.00 -17.68
C GLY A 225 5.12 -24.85 -17.89
N PRO A 226 6.31 -24.86 -17.26
CA PRO A 226 7.33 -23.82 -17.52
C PRO A 226 7.78 -23.90 -18.97
N PRO A 227 8.43 -22.85 -19.51
CA PRO A 227 8.93 -22.89 -20.89
C PRO A 227 9.99 -23.98 -21.10
N GLY A 228 9.93 -24.62 -22.27
CA GLY A 228 10.94 -25.56 -22.72
C GLY A 228 10.63 -26.99 -22.31
N THR A 229 9.38 -27.24 -21.88
CA THR A 229 8.94 -28.53 -21.39
C THR A 229 8.41 -29.42 -22.53
N GLY A 230 8.28 -28.84 -23.73
CA GLY A 230 7.92 -29.59 -24.93
C GLY A 230 6.42 -29.57 -25.23
N LYS A 231 5.76 -28.44 -24.94
CA LYS A 231 4.32 -28.35 -25.14
C LYS A 231 4.04 -28.34 -26.62
N THR A 232 4.83 -27.56 -27.37
CA THR A 232 4.64 -27.49 -28.81
C THR A 232 4.91 -28.84 -29.43
N LEU A 233 5.96 -29.51 -28.95
CA LEU A 233 6.31 -30.85 -29.41
C LEU A 233 5.11 -31.79 -29.27
N ILE A 234 4.55 -31.85 -28.06
CA ILE A 234 3.45 -32.74 -27.75
C ILE A 234 2.34 -32.53 -28.77
N ALA A 235 1.91 -31.29 -28.95
CA ALA A 235 0.81 -31.02 -29.86
C ALA A 235 1.13 -31.56 -31.25
N ARG A 236 2.32 -31.21 -31.78
CA ARG A 236 2.67 -31.60 -33.14
C ARG A 236 2.73 -33.11 -33.25
N ALA A 237 3.36 -33.76 -32.26
CA ALA A 237 3.44 -35.21 -32.26
C ALA A 237 2.05 -35.82 -32.33
N VAL A 238 1.16 -35.43 -31.43
CA VAL A 238 -0.18 -35.98 -31.38
C VAL A 238 -0.83 -35.84 -32.75
N ALA A 239 -0.68 -34.68 -33.39
CA ALA A 239 -1.26 -34.45 -34.70
C ALA A 239 -0.71 -35.48 -35.68
N ASN A 240 0.62 -35.58 -35.75
CA ASN A 240 1.29 -36.48 -36.68
C ASN A 240 0.86 -37.92 -36.42
N GLU A 241 0.90 -38.32 -35.15
CA GLU A 241 0.64 -39.69 -34.77
C GLU A 241 -0.81 -40.07 -35.02
N THR A 242 -1.73 -39.11 -34.98
CA THR A 242 -3.15 -39.40 -35.21
C THR A 242 -3.50 -39.10 -36.66
N GLY A 243 -2.54 -38.56 -37.40
CA GLY A 243 -2.74 -38.06 -38.74
C GLY A 243 -3.80 -36.97 -38.83
N ALA A 244 -3.62 -35.91 -38.05
CA ALA A 244 -4.61 -34.84 -38.03
C ALA A 244 -3.96 -33.57 -38.55
N PHE A 245 -4.75 -32.69 -39.14
CA PHE A 245 -4.25 -31.43 -39.64
C PHE A 245 -3.78 -30.62 -38.44
N PHE A 246 -2.62 -29.96 -38.56
CA PHE A 246 -2.11 -29.17 -37.45
C PHE A 246 -2.07 -27.71 -37.88
N PHE A 247 -2.77 -26.85 -37.14
CA PHE A 247 -2.64 -25.42 -37.37
C PHE A 247 -2.02 -24.79 -36.14
N LEU A 248 -0.89 -24.08 -36.33
CA LEU A 248 -0.26 -23.34 -35.25
C LEU A 248 -0.74 -21.89 -35.20
N ILE A 249 -1.24 -21.46 -34.05
CA ILE A 249 -1.44 -20.05 -33.76
C ILE A 249 -0.38 -19.64 -32.76
N ASN A 250 0.41 -18.62 -33.09
CA ASN A 250 1.38 -18.12 -32.13
C ASN A 250 0.95 -16.77 -31.60
N GLY A 251 0.76 -16.67 -30.28
CA GLY A 251 0.30 -15.47 -29.61
C GLY A 251 0.96 -14.20 -30.17
N PRO A 252 2.29 -14.07 -30.01
CA PRO A 252 3.04 -12.94 -30.58
C PRO A 252 2.69 -12.62 -32.02
N GLU A 253 2.61 -13.64 -32.89
CA GLU A 253 2.27 -13.38 -34.28
C GLU A 253 0.93 -12.66 -34.34
N ILE A 254 -0.08 -13.19 -33.65
CA ILE A 254 -1.41 -12.63 -33.68
C ILE A 254 -1.35 -11.17 -33.25
N MET A 255 -0.64 -10.93 -32.14
CA MET A 255 -0.62 -9.64 -31.49
C MET A 255 0.23 -8.65 -32.27
N SER A 256 1.05 -9.14 -33.20
CA SER A 256 1.85 -8.26 -34.03
C SER A 256 0.98 -7.58 -35.08
N LYS A 257 -0.11 -8.27 -35.50
CA LYS A 257 -1.01 -7.78 -36.53
C LYS A 257 -1.80 -6.58 -36.01
N LEU A 258 -2.36 -5.78 -36.93
CA LEU A 258 -3.06 -4.58 -36.53
C LEU A 258 -4.54 -4.87 -36.47
N ALA A 259 -5.18 -4.37 -35.41
CA ALA A 259 -6.63 -4.37 -35.24
C ALA A 259 -7.25 -5.70 -35.69
N GLY A 260 -8.16 -5.61 -36.66
CA GLY A 260 -8.96 -6.74 -37.08
C GLY A 260 -8.13 -7.86 -37.68
N GLU A 261 -6.95 -7.52 -38.22
CA GLU A 261 -6.09 -8.52 -38.83
C GLU A 261 -5.79 -9.61 -37.80
N SER A 262 -5.66 -9.21 -36.53
CA SER A 262 -5.51 -10.18 -35.46
C SER A 262 -6.66 -11.17 -35.50
N GLU A 263 -7.87 -10.63 -35.35
CA GLU A 263 -9.08 -11.42 -35.15
C GLU A 263 -9.42 -12.18 -36.42
N SER A 264 -9.16 -11.57 -37.59
CA SER A 264 -9.35 -12.24 -38.86
C SER A 264 -8.51 -13.51 -38.89
N ASN A 265 -7.21 -13.37 -38.56
CA ASN A 265 -6.26 -14.47 -38.57
C ASN A 265 -6.74 -15.57 -37.63
N LEU A 266 -7.29 -15.16 -36.47
CA LEU A 266 -7.84 -16.10 -35.51
C LEU A 266 -8.97 -16.90 -36.15
N ARG A 267 -9.97 -16.19 -36.71
CA ARG A 267 -11.12 -16.80 -37.36
C ARG A 267 -10.63 -17.75 -38.44
N LYS A 268 -9.70 -17.26 -39.28
CA LYS A 268 -9.17 -17.99 -40.42
C LYS A 268 -8.58 -19.33 -39.96
N ALA A 269 -7.83 -19.28 -38.86
CA ALA A 269 -7.19 -20.45 -38.30
C ALA A 269 -8.26 -21.49 -37.99
N PHE A 270 -9.33 -21.03 -37.33
CA PHE A 270 -10.40 -21.91 -36.90
C PHE A 270 -11.08 -22.49 -38.13
N GLU A 271 -11.42 -21.62 -39.09
CA GLU A 271 -12.09 -22.03 -40.32
C GLU A 271 -11.25 -23.06 -41.07
N GLU A 272 -9.96 -22.78 -41.22
CA GLU A 272 -9.06 -23.66 -41.95
C GLU A 272 -9.05 -25.04 -41.31
N ALA A 273 -8.94 -25.06 -39.98
CA ALA A 273 -8.95 -26.29 -39.20
C ALA A 273 -10.26 -27.04 -39.43
N GLU A 274 -11.39 -26.34 -39.28
CA GLU A 274 -12.71 -26.91 -39.47
C GLU A 274 -12.70 -27.67 -40.81
N LYS A 275 -12.14 -27.02 -41.84
CA LYS A 275 -12.13 -27.54 -43.20
C LYS A 275 -11.27 -28.80 -43.32
N ASN A 276 -10.06 -28.79 -42.74
CA ASN A 276 -9.17 -29.93 -42.92
C ASN A 276 -9.27 -30.89 -41.74
N ALA A 277 -10.44 -30.94 -41.09
CA ALA A 277 -10.64 -31.80 -39.93
C ALA A 277 -10.64 -33.27 -40.35
N PRO A 278 -10.33 -34.24 -39.45
CA PRO A 278 -9.95 -33.97 -38.06
C PRO A 278 -8.66 -33.17 -37.95
N ALA A 279 -8.64 -32.25 -36.99
CA ALA A 279 -7.56 -31.25 -36.88
C ALA A 279 -7.23 -30.94 -35.43
N ILE A 280 -5.96 -30.57 -35.19
CA ILE A 280 -5.54 -29.97 -33.94
C ILE A 280 -5.08 -28.54 -34.19
N ILE A 281 -5.69 -27.58 -33.47
CA ILE A 281 -5.16 -26.24 -33.40
C ILE A 281 -4.26 -26.15 -32.17
N PHE A 282 -3.08 -25.57 -32.33
CA PHE A 282 -2.21 -25.33 -31.19
C PHE A 282 -1.99 -23.83 -31.02
N ILE A 283 -2.35 -23.32 -29.83
CA ILE A 283 -2.10 -21.93 -29.49
C ILE A 283 -0.88 -21.85 -28.57
N ASP A 284 0.20 -21.32 -29.14
CA ASP A 284 1.44 -21.13 -28.41
C ASP A 284 1.39 -19.78 -27.73
N GLU A 285 1.78 -19.74 -26.46
CA GLU A 285 1.83 -18.48 -25.75
C GLU A 285 0.43 -17.87 -25.71
N LEU A 286 -0.52 -18.67 -25.20
CA LEU A 286 -1.91 -18.27 -25.07
C LEU A 286 -2.05 -17.01 -24.21
N ASP A 287 -1.14 -16.85 -23.24
CA ASP A 287 -1.10 -15.71 -22.32
C ASP A 287 -0.98 -14.40 -23.09
N ALA A 288 -0.37 -14.43 -24.29
CA ALA A 288 -0.24 -13.28 -25.15
C ALA A 288 -1.58 -12.85 -25.73
N ILE A 289 -2.38 -13.83 -26.15
CA ILE A 289 -3.69 -13.57 -26.74
C ILE A 289 -4.71 -13.24 -25.64
N ALA A 290 -4.66 -13.97 -24.52
CA ALA A 290 -5.77 -14.00 -23.58
C ALA A 290 -5.28 -13.92 -22.14
N PRO A 291 -4.71 -12.78 -21.70
CA PRO A 291 -4.35 -12.63 -20.29
C PRO A 291 -5.62 -12.39 -19.47
N LYS A 292 -5.49 -12.30 -18.14
CA LYS A 292 -6.60 -11.97 -17.25
C LYS A 292 -7.07 -10.53 -17.49
N ARG A 293 -8.31 -10.21 -17.13
CA ARG A 293 -8.90 -8.90 -17.39
C ARG A 293 -8.14 -7.77 -16.69
N GLU A 294 -7.55 -8.07 -15.51
CA GLU A 294 -6.64 -7.16 -14.84
C GLU A 294 -5.53 -6.71 -15.80
N LYS A 295 -4.71 -7.67 -16.25
CA LYS A 295 -3.53 -7.37 -17.06
C LYS A 295 -3.93 -6.85 -18.44
N THR A 296 -5.19 -7.07 -18.83
CA THR A 296 -5.60 -6.61 -20.15
C THR A 296 -5.88 -5.12 -20.08
N HIS A 297 -4.86 -4.32 -20.34
CA HIS A 297 -5.04 -2.89 -20.54
C HIS A 297 -5.39 -2.67 -22.01
N GLY A 298 -6.45 -1.90 -22.28
CA GLY A 298 -6.81 -1.53 -23.64
C GLY A 298 -7.89 -2.44 -24.22
N GLU A 299 -8.72 -1.86 -25.11
CA GLU A 299 -9.94 -2.50 -25.56
C GLU A 299 -9.68 -3.47 -26.71
N VAL A 300 -8.73 -3.13 -27.59
CA VAL A 300 -8.41 -4.01 -28.70
C VAL A 300 -7.99 -5.39 -28.19
N GLU A 301 -7.28 -5.43 -27.06
CA GLU A 301 -6.82 -6.68 -26.49
C GLU A 301 -8.02 -7.50 -26.02
N ARG A 302 -8.98 -6.84 -25.36
CA ARG A 302 -10.16 -7.50 -24.81
C ARG A 302 -10.99 -8.08 -25.94
N ARG A 303 -11.05 -7.37 -27.06
CA ARG A 303 -11.76 -7.83 -28.24
C ARG A 303 -11.20 -9.17 -28.68
N ILE A 304 -9.85 -9.33 -28.66
CA ILE A 304 -9.20 -10.53 -29.14
C ILE A 304 -9.54 -11.72 -28.25
N VAL A 305 -9.46 -11.50 -26.92
CA VAL A 305 -9.82 -12.53 -25.97
C VAL A 305 -11.25 -12.99 -26.26
N SER A 306 -12.14 -11.99 -26.36
CA SER A 306 -13.55 -12.25 -26.62
C SER A 306 -13.72 -13.11 -27.86
N GLN A 307 -13.09 -12.68 -28.96
CA GLN A 307 -13.13 -13.40 -30.21
C GLN A 307 -12.79 -14.86 -29.99
N LEU A 308 -11.70 -15.12 -29.24
CA LEU A 308 -11.20 -16.48 -29.03
C LEU A 308 -12.27 -17.31 -28.31
N LEU A 309 -12.84 -16.74 -27.26
CA LEU A 309 -13.91 -17.38 -26.52
C LEU A 309 -15.04 -17.77 -27.47
N THR A 310 -15.54 -16.80 -28.25
CA THR A 310 -16.60 -17.06 -29.23
C THR A 310 -16.17 -18.16 -30.19
N LEU A 311 -14.95 -18.04 -30.74
CA LEU A 311 -14.44 -19.02 -31.69
C LEU A 311 -14.49 -20.42 -31.11
N MET A 312 -14.03 -20.55 -29.86
CA MET A 312 -14.03 -21.80 -29.14
C MET A 312 -15.46 -22.28 -28.97
N ASP A 313 -16.32 -21.37 -28.51
CA ASP A 313 -17.71 -21.72 -28.27
C ASP A 313 -18.39 -22.14 -29.56
N GLY A 314 -18.02 -21.48 -30.66
CA GLY A 314 -18.62 -21.71 -31.95
C GLY A 314 -18.21 -23.06 -32.55
N LEU A 315 -17.20 -23.73 -31.99
CA LEU A 315 -16.82 -25.04 -32.48
C LEU A 315 -17.94 -26.04 -32.19
N LYS A 316 -18.58 -26.51 -33.27
CA LYS A 316 -19.56 -27.59 -33.15
C LYS A 316 -18.83 -28.90 -32.88
N GLN A 317 -19.53 -29.84 -32.22
CA GLN A 317 -18.95 -31.11 -31.80
C GLN A 317 -18.52 -31.93 -33.01
N ARG A 318 -19.30 -31.81 -34.09
CA ARG A 318 -19.13 -32.50 -35.36
C ARG A 318 -17.94 -31.92 -36.13
N ALA A 319 -17.35 -30.82 -35.63
CA ALA A 319 -16.28 -30.17 -36.34
C ALA A 319 -15.01 -31.03 -36.33
N HIS A 320 -14.88 -31.92 -35.33
CA HIS A 320 -13.75 -32.85 -35.20
C HIS A 320 -12.43 -32.11 -35.07
N VAL A 321 -12.48 -30.99 -34.32
CA VAL A 321 -11.34 -30.13 -34.07
C VAL A 321 -11.06 -30.15 -32.57
N ILE A 322 -9.82 -30.42 -32.20
CA ILE A 322 -9.35 -30.25 -30.84
C ILE A 322 -8.44 -29.02 -30.80
N VAL A 323 -8.65 -28.17 -29.78
CA VAL A 323 -7.79 -27.02 -29.57
C VAL A 323 -6.89 -27.27 -28.36
N MET A 324 -5.58 -27.22 -28.59
CA MET A 324 -4.57 -27.37 -27.55
C MET A 324 -3.87 -26.04 -27.39
N ALA A 325 -3.68 -25.61 -26.14
CA ALA A 325 -3.03 -24.32 -25.90
C ALA A 325 -2.02 -24.45 -24.77
N ALA A 326 -0.96 -23.64 -24.86
CA ALA A 326 0.13 -23.72 -23.89
C ALA A 326 0.26 -22.40 -23.15
N THR A 327 0.49 -22.51 -21.85
CA THR A 327 0.73 -21.37 -20.98
C THR A 327 1.56 -21.85 -19.79
N ASN A 328 2.04 -20.89 -18.99
CA ASN A 328 2.87 -21.16 -17.81
C ASN A 328 2.03 -21.72 -16.66
N ARG A 329 1.02 -20.97 -16.23
CA ARG A 329 0.12 -21.41 -15.18
C ARG A 329 -1.30 -21.01 -15.51
N PRO A 330 -2.33 -21.71 -14.98
CA PRO A 330 -3.73 -21.35 -15.23
C PRO A 330 -4.04 -19.92 -14.77
N ASN A 331 -3.26 -19.40 -13.81
CA ASN A 331 -3.49 -18.07 -13.28
C ASN A 331 -3.02 -17.03 -14.29
N SER A 332 -2.32 -17.46 -15.35
CA SER A 332 -1.80 -16.56 -16.37
C SER A 332 -2.97 -16.00 -17.21
N ILE A 333 -3.98 -16.84 -17.42
CA ILE A 333 -4.95 -16.66 -18.50
C ILE A 333 -6.32 -16.35 -17.94
N ASP A 334 -7.13 -15.64 -18.75
CA ASP A 334 -8.50 -15.31 -18.41
C ASP A 334 -9.27 -16.59 -18.05
N PRO A 335 -9.91 -16.63 -16.86
CA PRO A 335 -10.54 -17.86 -16.36
C PRO A 335 -11.70 -18.34 -17.22
N ALA A 336 -12.20 -17.44 -18.10
CA ALA A 336 -13.32 -17.79 -18.96
C ALA A 336 -12.94 -18.92 -19.90
N LEU A 337 -11.65 -19.02 -20.22
CA LEU A 337 -11.11 -20.03 -21.13
C LEU A 337 -11.26 -21.42 -20.54
N ARG A 338 -11.51 -21.50 -19.22
CA ARG A 338 -11.59 -22.80 -18.57
C ARG A 338 -13.05 -23.21 -18.37
N ARG A 339 -14.00 -22.51 -19.00
CA ARG A 339 -15.42 -22.86 -18.91
C ARG A 339 -15.70 -24.24 -19.50
N PHE A 340 -16.97 -24.66 -19.49
CA PHE A 340 -17.37 -26.00 -19.88
C PHE A 340 -16.96 -26.32 -21.31
N GLY A 341 -17.41 -25.50 -22.27
CA GLY A 341 -17.16 -25.76 -23.68
C GLY A 341 -15.70 -25.56 -24.09
N ARG A 342 -15.04 -24.60 -23.44
CA ARG A 342 -13.71 -24.13 -23.78
C ARG A 342 -12.65 -25.09 -23.21
N PHE A 343 -11.46 -24.58 -22.89
CA PHE A 343 -10.38 -25.39 -22.35
C PHE A 343 -10.79 -26.10 -21.06
N ASP A 344 -11.58 -27.16 -21.20
CA ASP A 344 -12.16 -27.83 -20.05
C ASP A 344 -11.21 -28.89 -19.48
N ARG A 345 -10.11 -29.18 -20.18
CA ARG A 345 -9.16 -30.17 -19.69
C ARG A 345 -7.78 -29.53 -19.57
N GLU A 346 -7.07 -29.82 -18.45
CA GLU A 346 -5.73 -29.32 -18.20
C GLU A 346 -4.77 -30.49 -18.00
N VAL A 347 -3.59 -30.44 -18.61
CA VAL A 347 -2.52 -31.39 -18.34
C VAL A 347 -1.28 -30.59 -17.96
N ASP A 348 -0.59 -31.04 -16.91
CA ASP A 348 0.60 -30.36 -16.40
C ASP A 348 1.87 -31.01 -16.94
N ILE A 349 2.54 -30.33 -17.88
CA ILE A 349 3.83 -30.84 -18.31
C ILE A 349 4.90 -30.15 -17.46
N GLY A 350 5.52 -30.92 -16.56
CA GLY A 350 6.42 -30.34 -15.58
C GLY A 350 7.91 -30.54 -15.88
N ILE A 351 8.75 -30.11 -14.94
CA ILE A 351 10.18 -30.31 -15.04
C ILE A 351 10.44 -31.81 -14.94
N PRO A 352 11.32 -32.40 -15.78
CA PRO A 352 11.51 -33.85 -15.74
C PRO A 352 12.49 -34.30 -14.65
N ASP A 353 12.32 -35.55 -14.21
CA ASP A 353 13.27 -36.26 -13.36
C ASP A 353 14.50 -36.63 -14.15
N ALA A 354 15.51 -37.13 -13.43
CA ALA A 354 16.74 -37.57 -14.04
C ALA A 354 16.44 -38.62 -15.10
N THR A 355 15.48 -39.51 -14.82
CA THR A 355 15.14 -40.58 -15.75
C THR A 355 14.68 -39.95 -17.06
N GLY A 356 13.82 -38.94 -16.93
CA GLY A 356 13.29 -38.23 -18.08
C GLY A 356 14.39 -37.45 -18.80
N ARG A 357 15.30 -36.89 -18.01
CA ARG A 357 16.38 -36.13 -18.61
C ARG A 357 17.22 -37.04 -19.50
N LEU A 358 17.46 -38.26 -19.02
CA LEU A 358 18.23 -39.23 -19.76
C LEU A 358 17.57 -39.52 -21.11
N GLU A 359 16.25 -39.77 -21.07
CA GLU A 359 15.53 -40.01 -22.32
C GLU A 359 15.69 -38.83 -23.26
N ILE A 360 15.61 -37.60 -22.72
CA ILE A 360 15.66 -36.38 -23.52
C ILE A 360 17.04 -36.28 -24.18
N LEU A 361 18.08 -36.54 -23.39
CA LEU A 361 19.45 -36.51 -23.88
C LEU A 361 19.62 -37.53 -25.00
N GLN A 362 19.03 -38.72 -24.80
CA GLN A 362 19.12 -39.77 -25.78
C GLN A 362 18.47 -39.32 -27.09
N ILE A 363 17.29 -38.72 -26.96
CA ILE A 363 16.57 -38.22 -28.12
C ILE A 363 17.47 -37.23 -28.88
N HIS A 364 18.19 -36.38 -28.14
CA HIS A 364 18.90 -35.29 -28.78
C HIS A 364 20.32 -35.67 -29.16
N THR A 365 20.69 -36.93 -28.92
CA THR A 365 22.01 -37.33 -29.37
C THR A 365 21.88 -38.44 -30.42
N LYS A 366 20.65 -38.63 -30.93
CA LYS A 366 20.37 -39.80 -31.74
C LYS A 366 21.10 -39.71 -33.07
N ASN A 367 21.32 -38.49 -33.57
CA ASN A 367 21.97 -38.38 -34.88
C ASN A 367 23.44 -38.05 -34.71
N MET A 368 23.97 -38.25 -33.49
CA MET A 368 25.32 -37.82 -33.18
C MET A 368 26.17 -39.06 -32.93
N LYS A 369 27.43 -39.01 -33.39
CA LYS A 369 28.36 -40.05 -33.00
C LYS A 369 28.93 -39.68 -31.65
N LEU A 370 28.68 -40.51 -30.65
CA LEU A 370 29.15 -40.23 -29.31
C LEU A 370 30.29 -41.19 -28.98
N ALA A 371 31.43 -40.64 -28.55
CA ALA A 371 32.53 -41.45 -28.05
C ALA A 371 32.09 -42.31 -26.86
N ASP A 372 32.90 -43.32 -26.54
CA ASP A 372 32.58 -44.26 -25.49
C ASP A 372 32.66 -43.58 -24.14
N ASP A 373 33.40 -42.48 -24.08
CA ASP A 373 33.64 -41.76 -22.84
C ASP A 373 32.38 -41.01 -22.39
N VAL A 374 31.41 -40.84 -23.29
CA VAL A 374 30.20 -40.08 -22.99
C VAL A 374 29.33 -40.89 -22.02
N ASP A 375 28.98 -40.28 -20.89
CA ASP A 375 28.09 -40.87 -19.92
C ASP A 375 26.84 -40.01 -19.80
N LEU A 376 25.83 -40.35 -20.61
CA LEU A 376 24.64 -39.53 -20.62
C LEU A 376 23.93 -39.61 -19.27
N GLU A 377 24.16 -40.71 -18.53
CA GLU A 377 23.55 -40.82 -17.20
C GLU A 377 24.10 -39.73 -16.28
N GLN A 378 25.43 -39.55 -16.33
CA GLN A 378 26.09 -38.50 -15.57
C GLN A 378 25.43 -37.18 -15.90
N VAL A 379 25.37 -36.88 -17.20
CA VAL A 379 24.81 -35.62 -17.63
C VAL A 379 23.40 -35.49 -17.08
N ALA A 380 22.63 -36.57 -17.19
CA ALA A 380 21.25 -36.57 -16.72
C ALA A 380 21.21 -36.25 -15.22
N ASN A 381 22.12 -36.86 -14.46
CA ASN A 381 22.10 -36.72 -13.02
C ASN A 381 22.44 -35.30 -12.62
N GLU A 382 23.48 -34.72 -13.24
CA GLU A 382 23.95 -33.43 -12.81
C GLU A 382 23.05 -32.30 -13.32
N THR A 383 22.20 -32.58 -14.31
CA THR A 383 21.41 -31.50 -14.91
C THR A 383 20.11 -31.33 -14.15
N HIS A 384 20.19 -31.14 -12.83
CA HIS A 384 19.05 -30.87 -11.98
C HIS A 384 18.30 -29.63 -12.48
N GLY A 385 16.96 -29.71 -12.43
CA GLY A 385 16.07 -28.61 -12.72
C GLY A 385 16.10 -28.13 -14.18
N HIS A 386 16.66 -28.94 -15.08
CA HIS A 386 16.72 -28.58 -16.48
C HIS A 386 15.47 -29.10 -17.18
N VAL A 387 14.94 -28.30 -18.10
CA VAL A 387 13.86 -28.75 -18.96
C VAL A 387 14.44 -29.25 -20.28
N GLY A 388 13.58 -29.88 -21.09
CA GLY A 388 13.96 -30.42 -22.39
C GLY A 388 14.80 -29.44 -23.20
N ALA A 389 14.33 -28.20 -23.35
CA ALA A 389 14.99 -27.18 -24.14
C ALA A 389 16.44 -26.97 -23.69
N ASP A 390 16.66 -27.05 -22.36
CA ASP A 390 17.98 -26.86 -21.77
C ASP A 390 18.89 -27.96 -22.27
N LEU A 391 18.37 -29.20 -22.15
CA LEU A 391 19.11 -30.39 -22.51
C LEU A 391 19.42 -30.36 -23.99
N ALA A 392 18.40 -30.02 -24.80
CA ALA A 392 18.57 -29.98 -26.24
C ALA A 392 19.73 -29.04 -26.58
N ALA A 393 19.71 -27.84 -25.98
CA ALA A 393 20.74 -26.85 -26.21
C ALA A 393 22.11 -27.36 -25.75
N LEU A 394 22.12 -28.13 -24.66
CA LEU A 394 23.38 -28.62 -24.16
C LEU A 394 24.00 -29.53 -25.23
N CYS A 395 23.16 -30.40 -25.82
CA CYS A 395 23.63 -31.32 -26.84
C CYS A 395 24.18 -30.55 -28.03
N SER A 396 23.45 -29.51 -28.47
CA SER A 396 23.93 -28.68 -29.56
C SER A 396 25.30 -28.12 -29.24
N GLU A 397 25.40 -27.56 -28.04
CA GLU A 397 26.59 -26.79 -27.71
C GLU A 397 27.79 -27.72 -27.72
N ALA A 398 27.55 -28.97 -27.30
CA ALA A 398 28.60 -29.97 -27.24
C ALA A 398 29.06 -30.30 -28.66
N ALA A 399 28.09 -30.60 -29.53
CA ALA A 399 28.36 -30.84 -30.93
C ALA A 399 29.22 -29.71 -31.52
N LEU A 400 28.77 -28.47 -31.36
CA LEU A 400 29.44 -27.33 -31.97
C LEU A 400 30.85 -27.17 -31.44
N GLN A 401 31.07 -27.51 -30.16
CA GLN A 401 32.40 -27.42 -29.60
C GLN A 401 33.30 -28.40 -30.34
N ALA A 402 32.81 -29.65 -30.45
CA ALA A 402 33.46 -30.74 -31.15
C ALA A 402 33.90 -30.29 -32.55
N ILE A 403 32.92 -29.78 -33.32
CA ILE A 403 33.16 -29.24 -34.64
C ILE A 403 34.24 -28.15 -34.56
N ARG A 404 34.07 -27.20 -33.63
CA ARG A 404 35.04 -26.12 -33.50
C ARG A 404 36.46 -26.67 -33.32
N LYS A 405 36.61 -27.67 -32.44
CA LYS A 405 37.93 -28.22 -32.18
C LYS A 405 38.53 -28.82 -33.45
N LYS A 406 37.69 -29.52 -34.22
CA LYS A 406 38.13 -30.23 -35.41
C LYS A 406 38.44 -29.24 -36.52
N MET A 407 37.66 -28.15 -36.61
CA MET A 407 37.83 -27.14 -37.64
C MET A 407 39.22 -26.53 -37.56
N ASP A 408 39.79 -26.51 -36.35
CA ASP A 408 41.15 -26.04 -36.17
C ASP A 408 42.14 -27.00 -36.84
N LEU A 409 41.89 -28.31 -36.70
CA LEU A 409 42.77 -29.35 -37.23
C LEU A 409 42.58 -29.53 -38.74
N ILE A 410 41.46 -29.05 -39.29
CA ILE A 410 41.17 -29.11 -40.71
C ILE A 410 41.85 -27.93 -41.40
N ASP A 411 42.77 -27.26 -40.70
CA ASP A 411 43.61 -26.22 -41.28
C ASP A 411 44.47 -26.76 -42.45
N LEU A 412 44.50 -28.08 -42.66
CA LEU A 412 45.33 -28.68 -43.68
C LEU A 412 44.93 -28.33 -45.12
N GLU A 413 43.96 -29.04 -45.69
CA GLU A 413 43.41 -28.63 -46.98
C GLU A 413 41.92 -28.93 -47.10
N ASP A 414 41.39 -29.70 -46.15
CA ASP A 414 39.99 -30.13 -46.16
C ASP A 414 39.07 -28.91 -46.08
N GLU A 415 37.91 -29.01 -46.74
CA GLU A 415 36.90 -27.96 -46.83
C GLU A 415 36.20 -27.82 -45.47
N THR A 416 35.24 -26.88 -45.35
CA THR A 416 34.40 -26.80 -44.15
C THR A 416 33.79 -28.18 -43.87
N ILE A 417 34.55 -28.99 -43.11
CA ILE A 417 34.21 -30.37 -42.78
C ILE A 417 33.68 -31.08 -44.03
N ASP A 418 32.64 -31.88 -43.86
CA ASP A 418 32.04 -32.71 -44.90
C ASP A 418 31.04 -33.61 -44.21
N ALA A 419 30.10 -34.18 -44.96
CA ALA A 419 29.20 -35.19 -44.43
C ALA A 419 30.01 -36.34 -43.80
N GLU A 420 31.08 -36.76 -44.48
CA GLU A 420 31.93 -37.86 -44.05
C GLU A 420 32.65 -37.53 -42.74
N VAL A 421 33.37 -36.40 -42.75
CA VAL A 421 34.18 -36.01 -41.58
C VAL A 421 33.25 -35.70 -40.40
N MET A 422 32.09 -35.11 -40.70
CA MET A 422 31.04 -34.91 -39.70
C MET A 422 30.61 -36.23 -39.08
N ASN A 423 30.51 -37.27 -39.94
CA ASN A 423 30.16 -38.62 -39.50
C ASN A 423 31.33 -39.27 -38.76
N SER A 424 32.56 -38.91 -39.14
CA SER A 424 33.74 -39.44 -38.45
C SER A 424 33.94 -38.75 -37.11
N LEU A 425 33.39 -37.53 -36.96
CA LEU A 425 33.58 -36.72 -35.75
C LEU A 425 32.73 -37.29 -34.63
N ALA A 426 33.40 -37.51 -33.50
CA ALA A 426 32.70 -38.00 -32.31
C ALA A 426 32.64 -36.89 -31.26
N VAL A 427 31.45 -36.70 -30.68
CA VAL A 427 31.34 -35.80 -29.55
C VAL A 427 31.80 -36.56 -28.32
N THR A 428 32.73 -35.96 -27.56
CA THR A 428 33.36 -36.59 -26.41
C THR A 428 32.76 -36.05 -25.12
N MET A 429 33.10 -36.69 -24.01
CA MET A 429 32.57 -36.28 -22.73
C MET A 429 33.08 -34.88 -22.40
N ASP A 430 34.32 -34.60 -22.83
CA ASP A 430 34.92 -33.30 -22.60
C ASP A 430 34.09 -32.22 -23.27
N ASP A 431 33.53 -32.56 -24.43
CA ASP A 431 32.66 -31.64 -25.17
C ASP A 431 31.42 -31.33 -24.33
N PHE A 432 30.81 -32.37 -23.77
CA PHE A 432 29.69 -32.21 -22.86
C PHE A 432 30.12 -31.39 -21.64
N ARG A 433 31.30 -31.72 -21.11
CA ARG A 433 31.83 -31.02 -19.96
C ARG A 433 31.94 -29.54 -20.27
N TRP A 434 32.51 -29.19 -21.43
CA TRP A 434 32.64 -27.80 -21.80
C TRP A 434 31.28 -27.12 -21.72
N ALA A 435 30.27 -27.77 -22.32
CA ALA A 435 28.91 -27.25 -22.39
C ALA A 435 28.34 -27.08 -20.99
N LEU A 436 28.48 -28.11 -20.16
CA LEU A 436 27.93 -28.08 -18.81
C LEU A 436 28.64 -27.00 -18.00
N SER A 437 29.85 -26.65 -18.40
CA SER A 437 30.70 -25.79 -17.58
C SER A 437 30.51 -24.33 -17.94
N GLN A 438 29.61 -24.05 -18.90
CA GLN A 438 29.63 -22.79 -19.63
C GLN A 438 28.54 -21.83 -19.11
N ASN B 1 -1.28 70.75 -8.90
CA ASN B 1 -1.00 72.19 -9.20
C ASN B 1 -1.63 73.05 -8.10
N ARG B 2 -2.75 73.72 -8.45
CA ARG B 2 -3.65 74.42 -7.57
C ARG B 2 -4.20 73.41 -6.55
N PRO B 3 -4.45 73.80 -5.29
CA PRO B 3 -5.03 72.90 -4.27
C PRO B 3 -6.45 72.41 -4.56
N ASN B 4 -7.16 73.08 -5.48
CA ASN B 4 -8.47 72.63 -5.93
C ASN B 4 -8.40 71.28 -6.66
N ARG B 5 -7.21 70.90 -7.16
CA ARG B 5 -6.99 69.60 -7.79
C ARG B 5 -6.77 68.51 -6.73
N LEU B 6 -7.53 67.41 -6.86
CA LEU B 6 -7.49 66.27 -5.95
C LEU B 6 -7.56 64.96 -6.74
N ILE B 7 -7.21 63.86 -6.07
CA ILE B 7 -7.18 62.54 -6.68
C ILE B 7 -8.45 61.79 -6.30
N VAL B 8 -9.14 61.24 -7.30
CA VAL B 8 -10.38 60.52 -7.10
C VAL B 8 -10.11 59.23 -6.31
N ASP B 9 -10.85 59.05 -5.22
CA ASP B 9 -10.70 57.88 -4.37
C ASP B 9 -12.07 57.22 -4.18
N GLU B 10 -12.07 56.01 -3.62
CA GLU B 10 -13.29 55.27 -3.35
C GLU B 10 -14.14 56.04 -2.33
N ALA B 11 -15.42 55.65 -2.22
CA ALA B 11 -16.33 56.38 -1.35
C ALA B 11 -16.69 55.55 -0.13
N ILE B 12 -16.55 56.14 1.06
CA ILE B 12 -17.06 55.58 2.31
C ILE B 12 -18.58 55.67 2.37
N ASN B 13 -19.13 56.84 2.02
CA ASN B 13 -20.58 57.03 2.00
C ASN B 13 -21.08 56.84 0.57
N GLU B 14 -22.11 55.98 0.42
CA GLU B 14 -22.57 55.56 -0.90
C GLU B 14 -23.66 56.48 -1.45
N ASP B 15 -23.94 57.59 -0.76
CA ASP B 15 -24.94 58.54 -1.25
C ASP B 15 -24.43 59.25 -2.51
N ASN B 16 -25.27 59.27 -3.54
CA ASN B 16 -24.87 59.74 -4.86
C ASN B 16 -24.39 61.19 -4.80
N SER B 17 -24.94 61.95 -3.85
CA SER B 17 -24.80 63.39 -3.85
C SER B 17 -23.70 63.82 -2.89
N VAL B 18 -22.92 62.87 -2.40
CA VAL B 18 -21.91 63.19 -1.39
C VAL B 18 -20.51 62.94 -1.93
N VAL B 19 -19.62 63.91 -1.65
CA VAL B 19 -18.17 63.77 -1.82
C VAL B 19 -17.51 64.08 -0.49
N SER B 20 -16.35 63.47 -0.25
CA SER B 20 -15.68 63.57 1.03
C SER B 20 -14.25 64.06 0.85
N LEU B 21 -13.82 64.93 1.79
CA LEU B 21 -12.50 65.56 1.84
C LEU B 21 -12.00 65.51 3.28
N SER B 22 -10.68 65.62 3.46
CA SER B 22 -10.14 65.79 4.80
C SER B 22 -10.53 67.16 5.33
N GLN B 23 -10.78 67.25 6.64
CA GLN B 23 -11.13 68.55 7.21
C GLN B 23 -10.06 69.58 6.85
N PRO B 24 -8.74 69.27 7.06
CA PRO B 24 -7.66 70.14 6.60
C PRO B 24 -7.93 70.76 5.24
N LYS B 25 -8.26 69.91 4.26
CA LYS B 25 -8.46 70.33 2.89
C LYS B 25 -9.70 71.21 2.78
N MET B 26 -10.74 70.86 3.54
CA MET B 26 -11.98 71.62 3.57
C MET B 26 -11.72 73.01 4.13
N ASP B 27 -10.95 73.06 5.23
CA ASP B 27 -10.52 74.30 5.87
C ASP B 27 -9.71 75.12 4.86
N GLU B 28 -8.68 74.50 4.28
CA GLU B 28 -7.84 75.11 3.27
C GLU B 28 -8.67 75.73 2.15
N LEU B 29 -9.74 75.04 1.74
CA LEU B 29 -10.57 75.48 0.63
C LEU B 29 -11.78 76.27 1.14
N GLN B 30 -11.83 76.47 2.47
CA GLN B 30 -12.90 77.17 3.14
C GLN B 30 -14.25 76.54 2.79
N LEU B 31 -14.39 75.24 3.10
CA LEU B 31 -15.61 74.51 2.79
C LEU B 31 -16.32 74.12 4.08
N PHE B 32 -17.64 74.29 4.05
CA PHE B 32 -18.48 74.02 5.20
C PHE B 32 -19.25 72.72 4.93
N ARG B 33 -19.48 71.94 5.99
CA ARG B 33 -20.21 70.69 5.85
C ARG B 33 -21.54 70.95 5.15
N GLY B 34 -21.74 70.33 3.99
CA GLY B 34 -23.02 70.41 3.31
C GLY B 34 -22.98 71.42 2.17
N ASP B 35 -21.86 72.15 2.07
CA ASP B 35 -21.70 73.13 1.01
C ASP B 35 -21.79 72.43 -0.34
N THR B 36 -22.64 72.94 -1.23
CA THR B 36 -22.61 72.46 -2.60
C THR B 36 -21.30 72.86 -3.27
N VAL B 37 -20.65 71.88 -3.92
CA VAL B 37 -19.41 72.08 -4.63
C VAL B 37 -19.60 71.71 -6.11
N LEU B 38 -18.83 72.35 -6.98
CA LEU B 38 -18.80 72.00 -8.40
C LEU B 38 -17.50 71.27 -8.71
N LEU B 39 -17.62 70.10 -9.32
CA LEU B 39 -16.46 69.28 -9.65
C LEU B 39 -16.31 69.25 -11.16
N LYS B 40 -15.06 69.40 -11.62
CA LYS B 40 -14.78 69.36 -13.05
C LYS B 40 -13.93 68.13 -13.32
N GLY B 41 -14.22 67.45 -14.43
CA GLY B 41 -13.53 66.23 -14.82
C GLY B 41 -13.17 66.22 -16.31
N LYS B 42 -12.94 65.02 -16.85
CA LYS B 42 -12.53 64.86 -18.24
C LYS B 42 -13.73 65.10 -19.17
N LYS B 43 -13.45 65.17 -20.48
CA LYS B 43 -14.44 65.46 -21.52
C LYS B 43 -15.25 66.68 -21.14
N ARG B 44 -14.64 67.58 -20.35
CA ARG B 44 -15.22 68.85 -19.92
C ARG B 44 -16.53 68.63 -19.17
N ARG B 45 -16.71 67.41 -18.62
CA ARG B 45 -17.91 67.07 -17.87
C ARG B 45 -17.83 67.75 -16.49
N GLU B 46 -19.01 67.98 -15.90
CA GLU B 46 -19.13 68.68 -14.63
C GLU B 46 -20.16 67.98 -13.74
N ALA B 47 -20.04 68.20 -12.43
CA ALA B 47 -20.99 67.66 -11.48
C ALA B 47 -21.04 68.52 -10.21
N VAL B 48 -22.20 68.53 -9.56
CA VAL B 48 -22.40 69.29 -8.34
C VAL B 48 -22.79 68.32 -7.24
N CYS B 49 -22.22 68.52 -6.03
CA CYS B 49 -22.36 67.57 -4.95
C CYS B 49 -22.32 68.30 -3.61
N ILE B 50 -22.56 67.55 -2.54
CA ILE B 50 -22.48 67.99 -1.17
C ILE B 50 -21.15 67.52 -0.59
N VAL B 51 -20.43 68.41 0.09
CA VAL B 51 -19.15 68.02 0.65
C VAL B 51 -19.30 67.72 2.14
N LEU B 52 -18.60 66.67 2.60
CA LEU B 52 -18.56 66.27 4.01
C LEU B 52 -17.12 65.88 4.33
N SER B 53 -16.85 65.55 5.59
CA SER B 53 -15.47 65.35 6.02
C SER B 53 -15.25 63.89 6.37
N ASP B 54 -14.21 63.28 5.79
CA ASP B 54 -13.83 61.93 6.15
C ASP B 54 -12.46 61.96 6.81
N ASP B 55 -12.37 61.38 8.02
CA ASP B 55 -11.12 61.30 8.75
C ASP B 55 -10.08 60.54 7.91
N THR B 56 -10.51 59.41 7.33
CA THR B 56 -9.62 58.49 6.62
C THR B 56 -9.13 59.09 5.30
N CYS B 57 -9.87 60.09 4.77
CA CYS B 57 -9.56 60.64 3.48
C CYS B 57 -8.24 61.41 3.56
N SER B 58 -7.26 60.96 2.78
CA SER B 58 -6.01 61.68 2.55
C SER B 58 -6.26 63.07 1.98
N ASP B 59 -5.43 64.04 2.38
CA ASP B 59 -5.72 65.46 2.14
C ASP B 59 -5.77 65.74 0.64
N GLU B 60 -4.99 64.98 -0.12
CA GLU B 60 -4.84 65.23 -1.55
C GLU B 60 -5.87 64.45 -2.36
N LYS B 61 -6.79 63.76 -1.67
CA LYS B 61 -7.75 62.89 -2.34
C LYS B 61 -9.20 63.34 -2.06
N ILE B 62 -10.10 62.98 -2.98
CA ILE B 62 -11.54 63.15 -2.82
C ILE B 62 -12.22 61.79 -2.94
N ARG B 63 -13.22 61.55 -2.09
CA ARG B 63 -13.98 60.32 -2.16
C ARG B 63 -15.31 60.60 -2.87
N MET B 64 -15.55 59.89 -3.97
CA MET B 64 -16.83 59.98 -4.65
C MET B 64 -17.29 58.60 -5.12
N ASN B 65 -18.61 58.39 -5.09
CA ASN B 65 -19.23 57.17 -5.57
C ASN B 65 -19.07 57.07 -7.08
N ARG B 66 -19.52 55.93 -7.61
CA ARG B 66 -19.28 55.60 -8.99
C ARG B 66 -20.20 56.40 -9.90
N VAL B 67 -21.34 56.83 -9.34
CA VAL B 67 -22.27 57.69 -10.04
C VAL B 67 -21.53 58.95 -10.50
N VAL B 68 -20.94 59.65 -9.52
CA VAL B 68 -20.21 60.89 -9.73
C VAL B 68 -19.06 60.68 -10.72
N ARG B 69 -18.26 59.63 -10.48
CA ARG B 69 -17.10 59.38 -11.31
C ARG B 69 -17.52 59.29 -12.78
N ASN B 70 -18.63 58.59 -13.04
CA ASN B 70 -19.13 58.39 -14.39
C ASN B 70 -19.55 59.74 -14.98
N ASN B 71 -20.24 60.54 -14.16
CA ASN B 71 -20.71 61.85 -14.58
C ASN B 71 -19.53 62.76 -14.91
N LEU B 72 -18.45 62.64 -14.14
CA LEU B 72 -17.25 63.40 -14.39
C LEU B 72 -16.36 62.69 -15.41
N ARG B 73 -16.81 61.54 -15.94
CA ARG B 73 -16.02 60.71 -16.85
C ARG B 73 -14.59 60.52 -16.35
N VAL B 74 -14.41 60.31 -15.04
CA VAL B 74 -13.12 59.99 -14.47
C VAL B 74 -13.17 58.58 -13.87
N ARG B 75 -11.97 58.02 -13.66
CA ARG B 75 -11.81 56.73 -13.00
C ARG B 75 -11.01 56.95 -11.72
N LEU B 76 -11.00 55.94 -10.86
CA LEU B 76 -10.25 56.03 -9.62
C LEU B 76 -8.79 56.31 -9.93
N GLY B 77 -8.23 57.32 -9.26
CA GLY B 77 -6.84 57.71 -9.44
C GLY B 77 -6.68 58.92 -10.37
N ASP B 78 -7.76 59.33 -11.04
CA ASP B 78 -7.74 60.52 -11.87
C ASP B 78 -7.69 61.76 -10.98
N VAL B 79 -7.49 62.92 -11.62
CA VAL B 79 -7.49 64.18 -10.88
C VAL B 79 -8.73 64.98 -11.25
N ILE B 80 -9.31 65.67 -10.28
CA ILE B 80 -10.47 66.53 -10.53
C ILE B 80 -10.21 67.90 -9.89
N SER B 81 -11.03 68.88 -10.26
CA SER B 81 -10.98 70.22 -9.68
C SER B 81 -12.26 70.47 -8.91
N ILE B 82 -12.10 71.03 -7.70
CA ILE B 82 -13.23 71.35 -6.85
C ILE B 82 -13.28 72.87 -6.65
N GLN B 83 -14.44 73.47 -6.92
CA GLN B 83 -14.69 74.87 -6.59
C GLN B 83 -16.05 74.96 -5.93
N PRO B 84 -16.25 75.91 -4.98
CA PRO B 84 -17.57 76.16 -4.39
C PRO B 84 -18.61 76.63 -5.41
N CYS B 85 -19.87 76.35 -5.10
CA CYS B 85 -20.99 76.66 -5.96
C CYS B 85 -22.11 77.23 -5.09
N PRO B 86 -21.94 78.45 -4.51
CA PRO B 86 -22.92 78.98 -3.55
C PRO B 86 -24.17 79.58 -4.20
N ASP B 87 -24.11 79.71 -5.54
CA ASP B 87 -25.18 80.26 -6.36
C ASP B 87 -26.28 79.25 -6.65
N VAL B 88 -26.36 78.21 -5.80
CA VAL B 88 -27.34 77.14 -5.94
C VAL B 88 -28.74 77.64 -5.58
N LYS B 89 -29.61 77.65 -6.59
CA LYS B 89 -30.97 78.13 -6.41
C LYS B 89 -31.94 76.95 -6.36
N TYR B 90 -32.77 76.85 -5.31
CA TYR B 90 -33.88 75.93 -5.31
C TYR B 90 -34.65 76.06 -6.62
N GLY B 91 -34.30 75.24 -7.62
CA GLY B 91 -34.93 75.28 -8.93
C GLY B 91 -36.40 74.88 -8.88
N LYS B 92 -37.16 75.29 -9.90
CA LYS B 92 -38.60 75.15 -9.89
C LYS B 92 -38.99 73.82 -10.54
N ARG B 93 -38.56 73.62 -11.80
CA ARG B 93 -38.95 72.47 -12.61
C ARG B 93 -37.72 71.71 -13.10
N ILE B 94 -37.66 70.39 -12.82
CA ILE B 94 -36.68 69.49 -13.41
C ILE B 94 -37.37 68.39 -14.20
N HIS B 95 -36.70 67.96 -15.28
CA HIS B 95 -37.21 66.92 -16.15
C HIS B 95 -36.20 65.78 -16.24
N VAL B 96 -36.62 64.59 -15.79
CA VAL B 96 -35.76 63.41 -15.70
C VAL B 96 -36.41 62.25 -16.45
N LEU B 97 -35.57 61.50 -17.15
CA LEU B 97 -36.05 60.37 -17.92
C LEU B 97 -35.16 59.15 -17.63
N PRO B 98 -35.75 57.94 -17.52
CA PRO B 98 -34.97 56.75 -17.25
C PRO B 98 -34.29 56.20 -18.51
N ILE B 99 -33.13 55.54 -18.32
CA ILE B 99 -32.44 54.84 -19.38
C ILE B 99 -33.10 53.49 -19.60
N ASP B 100 -33.24 53.10 -20.87
CA ASP B 100 -34.07 51.97 -21.29
C ASP B 100 -33.69 50.68 -20.57
N ASP B 101 -32.39 50.30 -20.60
CA ASP B 101 -31.91 49.05 -20.02
C ASP B 101 -32.35 48.89 -18.56
N THR B 102 -32.26 49.97 -17.78
CA THR B 102 -32.54 49.90 -16.36
C THR B 102 -34.02 49.66 -16.04
N VAL B 103 -34.93 50.00 -16.97
CA VAL B 103 -36.34 49.99 -16.61
C VAL B 103 -37.08 48.83 -17.27
N GLU B 104 -36.36 47.93 -17.97
CA GLU B 104 -36.96 46.79 -18.63
C GLU B 104 -37.68 45.91 -17.61
N GLY B 105 -38.99 45.74 -17.77
CA GLY B 105 -39.74 44.92 -16.84
C GLY B 105 -40.41 45.75 -15.74
N ILE B 106 -39.86 46.93 -15.45
CA ILE B 106 -40.39 47.78 -14.41
C ILE B 106 -41.69 48.39 -14.89
N THR B 107 -42.76 48.24 -14.09
CA THR B 107 -44.08 48.69 -14.51
C THR B 107 -44.74 49.42 -13.33
N GLY B 108 -44.09 50.50 -12.89
CA GLY B 108 -44.66 51.32 -11.83
C GLY B 108 -44.71 52.78 -12.26
N ASN B 109 -45.23 53.62 -11.37
CA ASN B 109 -45.00 55.06 -11.47
C ASN B 109 -43.64 55.32 -10.85
N LEU B 110 -42.66 55.47 -11.75
CA LEU B 110 -41.26 55.70 -11.42
C LEU B 110 -41.13 56.82 -10.39
N PHE B 111 -42.01 57.81 -10.48
CA PHE B 111 -41.98 58.93 -9.55
C PHE B 111 -42.13 58.41 -8.12
N GLU B 112 -43.26 57.74 -7.85
CA GLU B 112 -43.61 57.36 -6.49
C GLU B 112 -42.59 56.36 -5.95
N VAL B 113 -42.25 55.36 -6.78
CA VAL B 113 -41.34 54.29 -6.37
C VAL B 113 -39.90 54.79 -6.23
N TYR B 114 -39.36 55.39 -7.29
CA TYR B 114 -37.94 55.76 -7.34
C TYR B 114 -37.74 57.24 -6.97
N LEU B 115 -38.19 58.13 -7.86
CA LEU B 115 -37.82 59.55 -7.86
C LEU B 115 -38.25 60.26 -6.57
N LYS B 116 -39.51 60.09 -6.18
CA LYS B 116 -40.06 60.84 -5.05
C LYS B 116 -39.18 60.68 -3.80
N PRO B 117 -38.97 59.46 -3.27
CA PRO B 117 -38.20 59.28 -2.03
C PRO B 117 -36.70 59.56 -2.19
N TYR B 118 -36.20 59.50 -3.43
CA TYR B 118 -34.80 59.83 -3.71
C TYR B 118 -34.56 61.28 -3.30
N PHE B 119 -35.40 62.17 -3.89
CA PHE B 119 -35.24 63.62 -3.80
C PHE B 119 -35.85 64.17 -2.51
N LEU B 120 -36.77 63.42 -1.90
CA LEU B 120 -37.62 63.92 -0.83
C LEU B 120 -36.78 64.45 0.32
N GLU B 121 -36.90 65.78 0.54
CA GLU B 121 -36.28 66.49 1.65
C GLU B 121 -34.78 66.22 1.69
N ALA B 122 -34.22 65.87 0.52
CA ALA B 122 -32.81 65.59 0.38
C ALA B 122 -32.07 66.88 0.08
N TYR B 123 -32.77 67.78 -0.63
CA TYR B 123 -32.19 69.04 -1.08
C TYR B 123 -30.97 68.73 -1.93
N ARG B 124 -31.13 67.79 -2.86
CA ARG B 124 -30.03 67.26 -3.65
C ARG B 124 -29.67 68.24 -4.76
N PRO B 125 -28.38 68.66 -4.87
CA PRO B 125 -27.95 69.44 -6.04
C PRO B 125 -27.92 68.54 -7.26
N ILE B 126 -28.44 69.04 -8.40
CA ILE B 126 -28.44 68.33 -9.66
C ILE B 126 -27.94 69.25 -10.78
N ARG B 127 -27.34 68.65 -11.80
CA ARG B 127 -26.90 69.38 -12.98
C ARG B 127 -27.53 68.75 -14.22
N LYS B 128 -27.69 69.53 -15.28
CA LYS B 128 -28.24 68.97 -16.49
C LYS B 128 -27.26 67.93 -16.99
N GLY B 129 -27.81 66.86 -17.59
CA GLY B 129 -27.00 65.84 -18.26
C GLY B 129 -26.39 64.82 -17.29
N ASP B 130 -26.72 64.96 -16.00
CA ASP B 130 -26.32 64.02 -14.96
C ASP B 130 -27.14 62.75 -15.09
N ILE B 131 -26.49 61.61 -14.84
CA ILE B 131 -27.18 60.34 -14.69
C ILE B 131 -27.06 59.93 -13.24
N PHE B 132 -28.20 59.70 -12.58
CA PHE B 132 -28.21 59.30 -11.18
C PHE B 132 -28.90 57.94 -11.06
N LEU B 133 -28.71 57.28 -9.92
CA LEU B 133 -29.14 55.91 -9.74
C LEU B 133 -30.02 55.83 -8.49
N VAL B 134 -31.22 55.27 -8.66
CA VAL B 134 -32.11 55.07 -7.54
C VAL B 134 -32.33 53.57 -7.39
N ARG B 135 -32.23 53.10 -6.14
CA ARG B 135 -32.30 51.68 -5.88
C ARG B 135 -33.63 51.41 -5.18
N GLY B 136 -34.33 50.35 -5.62
CA GLY B 136 -35.50 49.88 -4.93
C GLY B 136 -36.22 48.79 -5.71
N GLY B 137 -37.17 48.12 -5.03
CA GLY B 137 -37.96 47.03 -5.59
C GLY B 137 -37.07 45.98 -6.27
N MET B 138 -36.01 45.63 -5.55
CA MET B 138 -34.99 44.68 -5.95
C MET B 138 -34.42 45.01 -7.33
N ARG B 139 -34.32 46.31 -7.66
CA ARG B 139 -33.69 46.77 -8.89
C ARG B 139 -32.99 48.10 -8.63
N ALA B 140 -32.22 48.56 -9.62
CA ALA B 140 -31.66 49.90 -9.59
C ALA B 140 -31.82 50.55 -10.95
N VAL B 141 -32.48 51.72 -10.98
CA VAL B 141 -32.86 52.45 -12.19
C VAL B 141 -31.93 53.65 -12.36
N GLU B 142 -31.46 53.85 -13.60
CA GLU B 142 -30.67 55.02 -13.95
C GLU B 142 -31.56 56.06 -14.63
N PHE B 143 -31.59 57.27 -14.07
CA PHE B 143 -32.28 58.40 -14.66
C PHE B 143 -31.27 59.45 -15.11
N LYS B 144 -31.51 60.06 -16.27
CA LYS B 144 -30.77 61.22 -16.76
C LYS B 144 -31.60 62.49 -16.54
N VAL B 145 -30.94 63.55 -16.06
CA VAL B 145 -31.54 64.87 -15.95
C VAL B 145 -31.50 65.53 -17.32
N VAL B 146 -32.67 65.60 -17.97
CA VAL B 146 -32.78 66.11 -19.34
C VAL B 146 -32.91 67.63 -19.32
N GLU B 147 -33.67 68.17 -18.35
CA GLU B 147 -33.78 69.63 -18.22
C GLU B 147 -33.92 70.03 -16.75
N THR B 148 -33.29 71.17 -16.42
CA THR B 148 -33.44 71.76 -15.09
C THR B 148 -33.91 73.20 -15.24
N ASP B 149 -34.62 73.69 -14.21
CA ASP B 149 -35.17 75.03 -14.14
C ASP B 149 -34.09 76.08 -14.44
N PRO B 150 -33.18 76.44 -13.49
CA PRO B 150 -31.93 77.13 -13.88
C PRO B 150 -31.11 76.15 -14.72
N SER B 151 -30.64 76.62 -15.88
CA SER B 151 -30.13 75.72 -16.92
C SER B 151 -28.96 74.89 -16.42
N PRO B 152 -27.89 75.47 -15.83
CA PRO B 152 -26.78 74.66 -15.33
C PRO B 152 -27.20 73.79 -14.15
N TYR B 153 -27.34 74.40 -12.96
CA TYR B 153 -27.49 73.66 -11.72
C TYR B 153 -28.83 74.04 -11.10
N CYS B 154 -29.24 73.25 -10.12
CA CYS B 154 -30.49 73.43 -9.39
C CYS B 154 -30.39 72.64 -8.09
N ILE B 155 -31.09 73.07 -7.05
CA ILE B 155 -31.31 72.20 -5.92
C ILE B 155 -32.76 71.71 -5.97
N VAL B 156 -32.94 70.38 -6.02
CA VAL B 156 -34.28 69.82 -5.96
C VAL B 156 -34.77 69.91 -4.53
N ALA B 157 -35.67 70.88 -4.30
CA ALA B 157 -36.25 71.22 -3.01
C ALA B 157 -37.73 70.84 -3.02
N PRO B 158 -38.40 70.76 -1.84
CA PRO B 158 -39.75 70.19 -1.77
C PRO B 158 -40.70 70.64 -2.88
N ASP B 159 -40.74 71.95 -3.13
CA ASP B 159 -41.61 72.57 -4.12
C ASP B 159 -41.10 72.37 -5.55
N THR B 160 -39.93 71.74 -5.71
CA THR B 160 -39.40 71.50 -7.05
C THR B 160 -40.32 70.52 -7.76
N VAL B 161 -40.77 70.91 -8.95
CA VAL B 161 -41.59 70.04 -9.78
C VAL B 161 -40.65 69.03 -10.46
N ILE B 162 -40.94 67.75 -10.24
CA ILE B 162 -40.18 66.67 -10.85
C ILE B 162 -41.06 66.06 -11.93
N HIS B 163 -40.58 66.05 -13.17
CA HIS B 163 -41.43 65.61 -14.25
C HIS B 163 -40.74 64.45 -14.98
N CYS B 164 -41.49 63.36 -15.17
CA CYS B 164 -41.06 62.26 -16.05
C CYS B 164 -42.03 62.15 -17.23
N GLU B 165 -41.48 62.34 -18.43
CA GLU B 165 -42.23 62.44 -19.68
C GLU B 165 -42.65 61.05 -20.14
N GLY B 166 -41.92 60.03 -19.70
CA GLY B 166 -42.32 58.64 -19.86
C GLY B 166 -41.91 58.08 -21.22
N GLU B 167 -40.79 58.57 -21.78
CA GLU B 167 -40.15 57.90 -22.89
C GLU B 167 -38.73 57.51 -22.47
N PRO B 168 -38.43 56.21 -22.25
CA PRO B 168 -37.10 55.77 -21.81
C PRO B 168 -36.02 56.10 -22.85
N ILE B 169 -34.96 56.83 -22.42
CA ILE B 169 -33.88 57.27 -23.30
C ILE B 169 -32.94 56.11 -23.55
N LYS B 170 -32.20 56.22 -24.66
CA LYS B 170 -31.18 55.24 -25.03
C LYS B 170 -29.91 55.56 -24.25
N ARG B 171 -28.98 54.61 -24.22
CA ARG B 171 -27.71 54.79 -23.55
C ARG B 171 -26.66 55.21 -24.57
N ALA B 172 -26.05 56.38 -24.38
CA ALA B 172 -24.96 56.84 -25.24
C ALA B 172 -23.70 56.02 -24.98
N ALA B 173 -22.75 56.04 -25.93
CA ALA B 173 -21.62 55.12 -25.95
C ALA B 173 -20.68 55.37 -24.76
N ALA B 174 -20.54 56.64 -24.35
CA ALA B 174 -19.66 57.03 -23.25
C ALA B 174 -20.26 56.69 -21.88
N GLU B 175 -21.60 56.51 -21.82
CA GLU B 175 -22.33 56.22 -20.60
C GLU B 175 -22.16 54.76 -20.20
N GLU B 176 -21.63 54.51 -19.00
CA GLU B 176 -21.42 53.15 -18.50
C GLU B 176 -22.51 52.75 -17.51
N SER B 177 -22.88 51.46 -17.57
CA SER B 177 -23.90 50.94 -16.68
C SER B 177 -23.42 50.97 -15.22
N LEU B 178 -24.31 51.39 -14.33
CA LEU B 178 -24.03 51.36 -12.91
C LEU B 178 -24.42 49.99 -12.39
N ASN B 179 -24.97 49.15 -13.27
CA ASN B 179 -25.25 47.77 -12.96
C ASN B 179 -24.03 46.88 -13.25
N GLU B 180 -22.99 47.45 -13.89
CA GLU B 180 -21.69 46.83 -13.99
C GLU B 180 -21.10 46.62 -12.59
N VAL B 181 -20.26 45.60 -12.45
CA VAL B 181 -19.69 45.32 -11.14
C VAL B 181 -18.55 46.30 -10.89
N GLY B 182 -18.46 46.82 -9.66
CA GLY B 182 -17.32 47.64 -9.27
C GLY B 182 -16.80 47.30 -7.88
N TYR B 183 -15.79 48.04 -7.40
CA TYR B 183 -15.23 47.74 -6.10
C TYR B 183 -16.32 47.87 -5.04
N ASP B 184 -17.34 48.68 -5.31
CA ASP B 184 -18.41 48.95 -4.35
C ASP B 184 -19.29 47.70 -4.18
N ASP B 185 -19.07 46.69 -5.03
CA ASP B 185 -19.87 45.49 -4.98
C ASP B 185 -19.09 44.36 -4.30
N ILE B 186 -17.87 44.69 -3.88
CA ILE B 186 -16.97 43.72 -3.30
C ILE B 186 -16.78 44.11 -1.84
N GLY B 187 -17.14 43.21 -0.93
CA GLY B 187 -16.92 43.48 0.49
C GLY B 187 -16.01 42.44 1.14
N GLY B 188 -15.15 42.90 2.05
CA GLY B 188 -14.37 41.94 2.82
C GLY B 188 -12.96 41.72 2.32
N CYS B 189 -12.59 42.19 1.11
CA CYS B 189 -11.25 41.88 0.66
C CYS B 189 -10.42 43.16 0.55
N ARG B 190 -10.57 44.06 1.52
CA ARG B 190 -9.93 45.37 1.46
C ARG B 190 -8.47 45.25 1.06
N LYS B 191 -7.68 44.55 1.89
CA LYS B 191 -6.23 44.51 1.77
C LYS B 191 -5.84 43.81 0.46
N GLN B 192 -6.55 42.72 0.15
CA GLN B 192 -6.25 41.95 -1.05
C GLN B 192 -6.59 42.77 -2.29
N LEU B 193 -7.70 43.49 -2.22
CA LEU B 193 -8.15 44.30 -3.33
C LEU B 193 -7.13 45.41 -3.60
N ALA B 194 -6.66 46.04 -2.51
CA ALA B 194 -5.61 47.04 -2.54
C ALA B 194 -4.36 46.54 -3.26
N GLN B 195 -3.91 45.31 -2.93
CA GLN B 195 -2.72 44.77 -3.55
C GLN B 195 -2.92 44.66 -5.07
N ILE B 196 -4.09 44.15 -5.46
CA ILE B 196 -4.37 43.87 -6.86
C ILE B 196 -4.43 45.20 -7.62
N LYS B 197 -5.07 46.18 -6.97
CA LYS B 197 -5.17 47.53 -7.46
C LYS B 197 -3.81 48.09 -7.84
N GLU B 198 -2.85 48.00 -6.90
CA GLU B 198 -1.50 48.48 -7.09
C GLU B 198 -0.85 47.76 -8.26
N MET B 199 -1.11 46.44 -8.34
CA MET B 199 -0.45 45.59 -9.31
C MET B 199 -0.81 46.05 -10.71
N VAL B 200 -2.09 46.38 -10.90
CA VAL B 200 -2.66 46.67 -12.22
C VAL B 200 -2.62 48.17 -12.52
N GLU B 201 -2.39 49.03 -11.51
CA GLU B 201 -2.38 50.48 -11.70
C GLU B 201 -1.57 50.86 -12.94
N LEU B 202 -0.24 50.73 -12.87
CA LEU B 202 0.61 51.21 -13.96
C LEU B 202 0.30 50.49 -15.28
N PRO B 203 0.25 49.14 -15.36
CA PRO B 203 0.02 48.47 -16.64
C PRO B 203 -1.32 48.78 -17.30
N LEU B 204 -2.38 48.93 -16.51
CA LEU B 204 -3.72 49.15 -17.05
C LEU B 204 -4.02 50.64 -17.20
N ARG B 205 -3.65 51.46 -16.21
CA ARG B 205 -4.02 52.87 -16.24
C ARG B 205 -2.94 53.75 -16.88
N HIS B 206 -1.71 53.27 -16.98
CA HIS B 206 -0.63 54.11 -17.51
C HIS B 206 0.25 53.28 -18.44
N PRO B 207 -0.32 52.61 -19.47
CA PRO B 207 0.44 51.65 -20.29
C PRO B 207 1.65 52.29 -20.98
N ALA B 208 1.49 53.56 -21.36
CA ALA B 208 2.47 54.26 -22.15
C ALA B 208 3.83 54.20 -21.46
N LEU B 209 3.81 54.21 -20.13
CA LEU B 209 5.03 54.32 -19.36
C LEU B 209 5.97 53.18 -19.73
N PHE B 210 5.41 52.03 -20.11
CA PHE B 210 6.21 50.84 -20.34
C PHE B 210 6.96 50.91 -21.66
N LYS B 211 6.61 51.88 -22.51
CA LYS B 211 7.42 52.14 -23.70
C LYS B 211 8.71 52.86 -23.31
N ALA B 212 8.63 53.75 -22.31
CA ALA B 212 9.73 54.59 -21.90
C ALA B 212 10.72 53.88 -20.95
N ILE B 213 10.28 52.79 -20.28
CA ILE B 213 11.05 52.14 -19.23
C ILE B 213 11.23 50.65 -19.53
N GLY B 214 12.25 50.04 -18.94
CA GLY B 214 12.61 48.66 -19.21
C GLY B 214 12.16 47.70 -18.12
N VAL B 215 11.57 48.24 -17.06
CA VAL B 215 10.99 47.46 -15.96
C VAL B 215 9.81 46.64 -16.47
N LYS B 216 9.71 45.40 -15.99
CA LYS B 216 8.72 44.45 -16.46
C LYS B 216 7.52 44.46 -15.50
N PRO B 217 6.28 44.75 -15.98
CA PRO B 217 5.13 44.81 -15.09
C PRO B 217 4.61 43.39 -14.84
N PRO B 218 3.85 43.17 -13.74
CA PRO B 218 3.37 41.82 -13.41
C PRO B 218 2.41 41.34 -14.49
N ARG B 219 2.58 40.08 -14.93
CA ARG B 219 1.81 39.60 -16.05
C ARG B 219 0.64 38.75 -15.55
N GLY B 220 0.92 37.88 -14.58
CA GLY B 220 -0.08 36.92 -14.12
C GLY B 220 -0.37 37.07 -12.63
N ILE B 221 -1.65 37.16 -12.29
CA ILE B 221 -2.09 37.20 -10.89
C ILE B 221 -3.01 36.02 -10.63
N LEU B 222 -2.65 35.25 -9.61
CA LEU B 222 -3.35 34.04 -9.22
C LEU B 222 -4.16 34.33 -7.97
N LEU B 223 -5.48 34.20 -8.07
CA LEU B 223 -6.37 34.45 -6.94
C LEU B 223 -6.77 33.11 -6.34
N TYR B 224 -6.25 32.82 -5.13
CA TYR B 224 -6.48 31.53 -4.49
C TYR B 224 -7.43 31.76 -3.33
N GLY B 225 -8.47 30.92 -3.25
CA GLY B 225 -9.42 30.97 -2.15
C GLY B 225 -10.48 29.88 -2.32
N PRO B 226 -11.25 29.54 -1.26
CA PRO B 226 -12.36 28.59 -1.41
C PRO B 226 -13.41 29.15 -2.36
N PRO B 227 -14.33 28.31 -2.88
CA PRO B 227 -15.39 28.80 -3.78
C PRO B 227 -16.33 29.80 -3.08
N GLY B 228 -16.73 30.82 -3.84
CA GLY B 228 -17.76 31.76 -3.40
C GLY B 228 -17.17 32.97 -2.69
N THR B 229 -15.84 33.15 -2.79
CA THR B 229 -15.12 34.22 -2.11
C THR B 229 -15.08 35.49 -2.95
N GLY B 230 -15.55 35.41 -4.22
CA GLY B 230 -15.74 36.57 -5.08
C GLY B 230 -14.55 36.84 -5.99
N LYS B 231 -13.91 35.76 -6.47
CA LYS B 231 -12.71 35.90 -7.28
C LYS B 231 -13.12 36.47 -8.63
N THR B 232 -14.22 35.95 -9.18
CA THR B 232 -14.70 36.43 -10.47
C THR B 232 -15.11 37.89 -10.35
N LEU B 233 -15.76 38.24 -9.24
CA LEU B 233 -16.17 39.60 -8.97
C LEU B 233 -14.96 40.54 -9.03
N ILE B 234 -13.91 40.18 -8.26
CA ILE B 234 -12.73 41.00 -8.17
C ILE B 234 -12.20 41.30 -9.56
N ALA B 235 -12.00 40.25 -10.36
CA ALA B 235 -11.44 40.45 -11.69
C ALA B 235 -12.30 41.44 -12.48
N ARG B 236 -13.62 41.20 -12.52
CA ARG B 236 -14.50 42.02 -13.34
C ARG B 236 -14.48 43.45 -12.84
N ALA B 237 -14.56 43.63 -11.52
CA ALA B 237 -14.50 44.96 -10.93
C ALA B 237 -13.24 45.69 -11.37
N VAL B 238 -12.08 45.07 -11.16
CA VAL B 238 -10.82 45.68 -11.52
C VAL B 238 -10.85 46.13 -12.97
N ALA B 239 -11.37 45.26 -13.85
CA ALA B 239 -11.45 45.61 -15.27
C ALA B 239 -12.29 46.87 -15.45
N ASN B 240 -13.50 46.86 -14.88
CA ASN B 240 -14.44 47.98 -15.01
C ASN B 240 -13.81 49.25 -14.46
N GLU B 241 -13.25 49.15 -13.27
CA GLU B 241 -12.73 50.30 -12.55
C GLU B 241 -11.51 50.88 -13.25
N THR B 242 -10.75 50.06 -13.99
CA THR B 242 -9.57 50.55 -14.67
C THR B 242 -9.92 50.83 -16.13
N GLY B 243 -11.15 50.51 -16.51
CA GLY B 243 -11.60 50.58 -17.89
C GLY B 243 -10.77 49.69 -18.82
N ALA B 244 -10.68 48.40 -18.50
CA ALA B 244 -9.90 47.50 -19.30
C ALA B 244 -10.85 46.47 -19.91
N PHE B 245 -10.47 45.98 -21.10
CA PHE B 245 -11.26 44.94 -21.74
C PHE B 245 -11.21 43.70 -20.86
N PHE B 246 -12.36 43.03 -20.70
CA PHE B 246 -12.39 41.83 -19.88
C PHE B 246 -12.74 40.65 -20.77
N PHE B 247 -11.85 39.65 -20.80
CA PHE B 247 -12.20 38.40 -21.44
C PHE B 247 -12.26 37.30 -20.40
N LEU B 248 -13.41 36.62 -20.30
CA LEU B 248 -13.57 35.48 -19.42
C LEU B 248 -13.25 34.17 -20.15
N ILE B 249 -12.33 33.38 -19.59
CA ILE B 249 -12.17 31.99 -19.97
C ILE B 249 -12.70 31.15 -18.82
N ASN B 250 -13.65 30.26 -19.11
CA ASN B 250 -14.14 29.37 -18.08
C ASN B 250 -13.64 27.95 -18.36
N GLY B 251 -12.90 27.39 -17.41
CA GLY B 251 -12.31 26.05 -17.53
C GLY B 251 -13.26 25.05 -18.16
N PRO B 252 -14.39 24.74 -17.49
CA PRO B 252 -15.40 23.85 -18.05
C PRO B 252 -15.77 24.13 -19.51
N GLU B 253 -15.98 25.40 -19.85
CA GLU B 253 -16.32 25.72 -21.22
C GLU B 253 -15.23 25.20 -22.16
N ILE B 254 -13.97 25.53 -21.84
CA ILE B 254 -12.85 25.14 -22.69
C ILE B 254 -12.85 23.62 -22.85
N MET B 255 -13.01 22.93 -21.71
CA MET B 255 -12.85 21.49 -21.67
C MET B 255 -14.05 20.79 -22.30
N SER B 256 -15.15 21.52 -22.52
CA SER B 256 -16.31 20.95 -23.16
C SER B 256 -16.07 20.80 -24.66
N LYS B 257 -15.22 21.67 -25.22
CA LYS B 257 -14.92 21.70 -26.64
C LYS B 257 -14.10 20.47 -27.03
N LEU B 258 -14.08 20.12 -28.31
CA LEU B 258 -13.37 18.92 -28.74
C LEU B 258 -11.99 19.30 -29.24
N ALA B 259 -11.00 18.51 -28.84
CA ALA B 259 -9.63 18.59 -29.33
C ALA B 259 -9.16 20.03 -29.49
N GLY B 260 -8.79 20.39 -30.72
CA GLY B 260 -8.16 21.67 -31.01
C GLY B 260 -9.07 22.85 -30.69
N GLU B 261 -10.40 22.64 -30.75
CA GLU B 261 -11.35 23.70 -30.49
C GLU B 261 -11.07 24.30 -29.11
N SER B 262 -10.65 23.44 -28.17
CA SER B 262 -10.22 23.92 -26.86
C SER B 262 -9.12 24.96 -27.04
N GLU B 263 -8.03 24.53 -27.65
CA GLU B 263 -6.79 25.29 -27.73
C GLU B 263 -6.98 26.50 -28.63
N SER B 264 -7.79 26.34 -29.69
CA SER B 264 -8.14 27.45 -30.56
C SER B 264 -8.79 28.56 -29.73
N ASN B 265 -9.79 28.18 -28.95
CA ASN B 265 -10.54 29.10 -28.11
C ASN B 265 -9.60 29.81 -27.15
N LEU B 266 -8.64 29.05 -26.61
CA LEU B 266 -7.63 29.62 -25.72
C LEU B 266 -6.83 30.69 -26.44
N ARG B 267 -6.25 30.34 -27.61
CA ARG B 267 -5.47 31.26 -28.42
C ARG B 267 -6.31 32.49 -28.72
N LYS B 268 -7.55 32.27 -29.17
CA LYS B 268 -8.47 33.33 -29.58
C LYS B 268 -8.66 34.34 -28.45
N ALA B 269 -8.85 33.80 -27.24
CA ALA B 269 -9.05 34.63 -26.06
C ALA B 269 -7.86 35.56 -25.90
N PHE B 270 -6.66 34.99 -26.00
CA PHE B 270 -5.44 35.73 -25.81
C PHE B 270 -5.32 36.79 -26.89
N GLU B 271 -5.52 36.38 -28.15
CA GLU B 271 -5.43 37.27 -29.31
C GLU B 271 -6.41 38.43 -29.16
N GLU B 272 -7.66 38.11 -28.80
CA GLU B 272 -8.70 39.12 -28.67
C GLU B 272 -8.28 40.15 -27.63
N ALA B 273 -7.80 39.66 -26.49
CA ALA B 273 -7.33 40.50 -25.41
C ALA B 273 -6.21 41.40 -25.88
N GLU B 274 -5.20 40.80 -26.52
CA GLU B 274 -4.05 41.53 -27.05
C GLU B 274 -4.58 42.71 -27.84
N LYS B 275 -5.59 42.46 -28.68
CA LYS B 275 -6.15 43.45 -29.58
C LYS B 275 -6.86 44.57 -28.84
N ASN B 276 -7.69 44.24 -27.84
CA ASN B 276 -8.46 45.27 -27.16
C ASN B 276 -7.76 45.73 -25.89
N ALA B 277 -6.42 45.63 -25.84
CA ALA B 277 -5.66 46.01 -24.67
C ALA B 277 -5.72 47.52 -24.46
N PRO B 278 -5.51 48.06 -23.23
CA PRO B 278 -5.24 47.25 -22.03
C PRO B 278 -6.42 46.35 -21.67
N ALA B 279 -6.09 45.13 -21.21
CA ALA B 279 -7.08 44.08 -21.03
C ALA B 279 -6.77 43.22 -19.81
N ILE B 280 -7.82 42.67 -19.21
CA ILE B 280 -7.69 41.61 -18.21
C ILE B 280 -8.34 40.34 -18.75
N ILE B 281 -7.56 39.25 -18.79
CA ILE B 281 -8.13 37.92 -19.00
C ILE B 281 -8.39 37.30 -17.63
N PHE B 282 -9.56 36.71 -17.46
CA PHE B 282 -9.84 35.97 -16.25
C PHE B 282 -10.08 34.51 -16.57
N ILE B 283 -9.30 33.63 -15.94
CA ILE B 283 -9.49 32.20 -16.08
C ILE B 283 -10.18 31.66 -14.83
N ASP B 284 -11.44 31.30 -14.99
CA ASP B 284 -12.24 30.74 -13.92
C ASP B 284 -12.01 29.23 -13.90
N GLU B 285 -11.81 28.68 -12.71
CA GLU B 285 -11.66 27.25 -12.58
C GLU B 285 -10.46 26.81 -13.40
N LEU B 286 -9.31 27.44 -13.11
CA LEU B 286 -8.05 27.15 -13.78
C LEU B 286 -7.66 25.68 -13.61
N ASP B 287 -8.05 25.07 -12.47
CA ASP B 287 -7.78 23.68 -12.14
C ASP B 287 -8.36 22.75 -13.20
N ALA B 288 -9.44 23.17 -13.88
CA ALA B 288 -10.05 22.41 -14.95
C ALA B 288 -9.15 22.36 -16.18
N ILE B 289 -8.54 23.50 -16.53
CA ILE B 289 -7.66 23.59 -17.69
C ILE B 289 -6.30 22.99 -17.37
N ALA B 290 -5.77 23.23 -16.16
CA ALA B 290 -4.37 23.02 -15.88
C ALA B 290 -4.16 22.37 -14.52
N PRO B 291 -4.56 21.09 -14.35
CA PRO B 291 -4.26 20.39 -13.10
C PRO B 291 -2.78 20.00 -13.10
N LYS B 292 -2.31 19.40 -11.99
CA LYS B 292 -0.95 18.89 -11.88
C LYS B 292 -0.75 17.70 -12.82
N ARG B 293 0.50 17.40 -13.21
CA ARG B 293 0.79 16.36 -14.19
C ARG B 293 0.34 14.97 -13.72
N GLU B 294 0.40 14.74 -12.40
CA GLU B 294 -0.17 13.55 -11.77
C GLU B 294 -1.64 13.39 -12.21
N LYS B 295 -2.50 14.35 -11.83
CA LYS B 295 -3.93 14.25 -12.04
C LYS B 295 -4.26 14.33 -13.53
N THR B 296 -3.31 14.81 -14.36
CA THR B 296 -3.59 14.94 -15.78
C THR B 296 -3.45 13.56 -16.41
N HIS B 297 -4.55 12.80 -16.45
CA HIS B 297 -4.61 11.59 -17.23
C HIS B 297 -4.99 11.97 -18.66
N GLY B 298 -4.25 11.44 -19.65
CA GLY B 298 -4.56 11.66 -21.05
C GLY B 298 -3.78 12.81 -21.68
N GLU B 299 -3.49 12.68 -22.98
CA GLU B 299 -2.55 13.56 -23.66
C GLU B 299 -3.21 14.85 -24.12
N VAL B 300 -4.48 14.77 -24.54
CA VAL B 300 -5.18 15.98 -24.96
C VAL B 300 -5.19 17.01 -23.84
N GLU B 301 -5.33 16.57 -22.60
CA GLU B 301 -5.36 17.48 -21.47
C GLU B 301 -4.01 18.17 -21.31
N ARG B 302 -2.92 17.40 -21.46
CA ARG B 302 -1.56 17.90 -21.29
C ARG B 302 -1.27 18.96 -22.35
N ARG B 303 -1.79 18.72 -23.56
CA ARG B 303 -1.64 19.65 -24.66
C ARG B 303 -2.22 21.01 -24.27
N ILE B 304 -3.38 21.00 -23.60
CA ILE B 304 -4.08 22.25 -23.25
C ILE B 304 -3.28 23.03 -22.21
N VAL B 305 -2.78 22.34 -21.19
CA VAL B 305 -1.95 22.96 -20.18
C VAL B 305 -0.76 23.62 -20.89
N SER B 306 -0.10 22.84 -21.74
CA SER B 306 1.06 23.29 -22.47
C SER B 306 0.74 24.56 -23.24
N GLN B 307 -0.35 24.51 -24.01
CA GLN B 307 -0.81 25.66 -24.78
C GLN B 307 -0.87 26.90 -23.90
N LEU B 308 -1.49 26.75 -22.71
CA LEU B 308 -1.71 27.87 -21.81
C LEU B 308 -0.38 28.48 -21.38
N LEU B 309 0.55 27.61 -20.99
CA LEU B 309 1.89 28.00 -20.64
C LEU B 309 2.51 28.84 -21.76
N THR B 310 2.52 28.29 -22.99
CA THR B 310 3.04 28.99 -24.15
C THR B 310 2.33 30.32 -24.33
N LEU B 311 0.99 30.31 -24.28
CA LEU B 311 0.20 31.52 -24.45
C LEU B 311 0.64 32.60 -23.47
N MET B 312 0.80 32.20 -22.20
CA MET B 312 1.24 33.09 -21.14
C MET B 312 2.63 33.61 -21.47
N ASP B 313 3.52 32.67 -21.82
CA ASP B 313 4.90 33.02 -22.11
C ASP B 313 4.95 33.97 -23.31
N GLY B 314 4.08 33.73 -24.28
CA GLY B 314 4.06 34.50 -25.51
C GLY B 314 3.56 35.92 -25.32
N LEU B 315 2.98 36.23 -24.14
CA LEU B 315 2.54 37.59 -23.89
C LEU B 315 3.76 38.50 -23.77
N LYS B 316 3.93 39.40 -24.75
CA LYS B 316 4.95 40.43 -24.69
C LYS B 316 4.51 41.48 -23.69
N GLN B 317 5.50 42.19 -23.11
CA GLN B 317 5.27 43.15 -22.03
C GLN B 317 4.42 44.31 -22.54
N ARG B 318 4.62 44.67 -23.81
CA ARG B 318 3.94 45.77 -24.47
C ARG B 318 2.51 45.39 -24.83
N ALA B 319 2.14 44.13 -24.58
CA ALA B 319 0.80 43.68 -24.92
C ALA B 319 -0.25 44.34 -24.02
N HIS B 320 0.15 44.77 -22.81
CA HIS B 320 -0.68 45.48 -21.85
C HIS B 320 -1.87 44.62 -21.42
N VAL B 321 -1.59 43.32 -21.25
CA VAL B 321 -2.59 42.33 -20.85
C VAL B 321 -2.15 41.76 -19.51
N ILE B 322 -3.08 41.77 -18.55
CA ILE B 322 -2.89 41.07 -17.29
C ILE B 322 -3.80 39.84 -17.30
N VAL B 323 -3.24 38.70 -16.88
CA VAL B 323 -4.02 37.48 -16.76
C VAL B 323 -4.26 37.18 -15.28
N MET B 324 -5.53 37.09 -14.91
CA MET B 324 -5.95 36.75 -13.56
C MET B 324 -6.61 35.38 -13.62
N ALA B 325 -6.26 34.50 -12.68
CA ALA B 325 -6.85 33.17 -12.67
C ALA B 325 -7.26 32.78 -11.25
N ALA B 326 -8.32 31.96 -11.15
CA ALA B 326 -8.84 31.57 -9.86
C ALA B 326 -8.74 30.05 -9.71
N THR B 327 -8.35 29.66 -8.49
CA THR B 327 -8.28 28.26 -8.11
C THR B 327 -8.45 28.18 -6.59
N ASN B 328 -8.60 26.95 -6.09
CA ASN B 328 -8.78 26.67 -4.67
C ASN B 328 -7.47 26.85 -3.90
N ARG B 329 -6.44 26.09 -4.28
CA ARG B 329 -5.14 26.17 -3.63
C ARG B 329 -4.05 26.04 -4.69
N PRO B 330 -2.84 26.61 -4.47
CA PRO B 330 -1.75 26.50 -5.45
C PRO B 330 -1.41 25.04 -5.76
N ASN B 331 -1.70 24.14 -4.83
CA ASN B 331 -1.39 22.72 -4.99
C ASN B 331 -2.36 22.09 -5.98
N SER B 332 -3.41 22.82 -6.36
CA SER B 332 -4.41 22.33 -7.29
C SER B 332 -3.81 22.23 -8.71
N ILE B 333 -2.92 23.18 -9.03
CA ILE B 333 -2.57 23.51 -10.40
C ILE B 333 -1.11 23.14 -10.68
N ASP B 334 -0.81 22.86 -11.96
CA ASP B 334 0.54 22.56 -12.41
C ASP B 334 1.49 23.67 -11.99
N PRO B 335 2.60 23.33 -11.29
CA PRO B 335 3.48 24.34 -10.69
C PRO B 335 4.17 25.21 -11.74
N ALA B 336 4.16 24.75 -13.01
CA ALA B 336 4.80 25.50 -14.07
C ALA B 336 4.15 26.86 -14.25
N LEU B 337 2.85 26.96 -13.90
CA LEU B 337 2.07 28.18 -14.03
C LEU B 337 2.60 29.26 -13.10
N ARG B 338 3.41 28.86 -12.10
CA ARG B 338 3.90 29.82 -11.12
C ARG B 338 5.32 30.26 -11.45
N ARG B 339 5.83 29.92 -12.64
CA ARG B 339 7.15 30.36 -13.07
C ARG B 339 7.26 31.89 -13.17
N PHE B 340 8.42 32.38 -13.61
CA PHE B 340 8.74 33.80 -13.57
C PHE B 340 7.74 34.61 -14.41
N GLY B 341 7.64 34.26 -15.69
CA GLY B 341 6.82 35.02 -16.64
C GLY B 341 5.32 34.84 -16.37
N ARG B 342 4.94 33.65 -15.92
CA ARG B 342 3.56 33.22 -15.77
C ARG B 342 2.95 33.79 -14.48
N PHE B 343 2.01 33.08 -13.88
CA PHE B 343 1.36 33.51 -12.64
C PHE B 343 2.38 33.72 -11.51
N ASP B 344 3.11 34.83 -11.59
CA ASP B 344 4.20 35.08 -10.65
C ASP B 344 3.70 35.75 -9.38
N ARG B 345 2.43 36.17 -9.33
CA ARG B 345 1.89 36.82 -8.14
C ARG B 345 0.65 36.07 -7.67
N GLU B 346 0.51 35.86 -6.36
CA GLU B 346 -0.61 35.16 -5.74
C GLU B 346 -1.25 36.09 -4.70
N VAL B 347 -2.58 36.16 -4.70
CA VAL B 347 -3.32 36.84 -3.64
C VAL B 347 -4.33 35.84 -3.09
N ASP B 348 -4.44 35.80 -1.75
CA ASP B 348 -5.32 34.87 -1.07
C ASP B 348 -6.64 35.55 -0.71
N ILE B 349 -7.71 35.21 -1.42
CA ILE B 349 -9.02 35.70 -1.02
C ILE B 349 -9.64 34.65 -0.12
N GLY B 350 -9.72 34.97 1.18
CA GLY B 350 -10.13 34.01 2.19
C GLY B 350 -11.58 34.20 2.65
N ILE B 351 -11.96 33.38 3.63
CA ILE B 351 -13.26 33.48 4.25
C ILE B 351 -13.31 34.81 5.00
N PRO B 352 -14.41 35.60 4.92
CA PRO B 352 -14.43 36.91 5.55
C PRO B 352 -14.77 36.83 7.04
N ASP B 353 -14.31 37.83 7.79
CA ASP B 353 -14.69 38.09 9.17
C ASP B 353 -16.12 38.62 9.23
N ALA B 354 -16.64 38.73 10.45
CA ALA B 354 -17.98 39.25 10.66
C ALA B 354 -18.08 40.64 10.04
N THR B 355 -17.01 41.44 10.17
CA THR B 355 -17.02 42.80 9.66
C THR B 355 -17.27 42.74 8.15
N GLY B 356 -16.54 41.83 7.49
CA GLY B 356 -16.65 41.63 6.07
C GLY B 356 -18.01 41.08 5.68
N ARG B 357 -18.53 40.19 6.53
CA ARG B 357 -19.82 39.61 6.24
C ARG B 357 -20.88 40.69 6.22
N LEU B 358 -20.77 41.63 7.17
CA LEU B 358 -21.71 42.73 7.27
C LEU B 358 -21.68 43.55 5.98
N GLU B 359 -20.47 43.88 5.51
CA GLU B 359 -20.34 44.63 4.27
C GLU B 359 -21.04 43.87 3.13
N ILE B 360 -20.84 42.55 3.08
CA ILE B 360 -21.36 41.73 2.01
C ILE B 360 -22.89 41.74 2.06
N LEU B 361 -23.44 41.60 3.27
CA LEU B 361 -24.87 41.64 3.49
C LEU B 361 -25.44 42.98 3.01
N GLN B 362 -24.71 44.06 3.34
CA GLN B 362 -25.13 45.39 2.98
C GLN B 362 -25.17 45.50 1.45
N ILE B 363 -24.12 45.01 0.81
CA ILE B 363 -24.05 45.03 -0.63
C ILE B 363 -25.28 44.34 -1.22
N HIS B 364 -25.67 43.21 -0.62
CA HIS B 364 -26.68 42.38 -1.22
C HIS B 364 -28.09 42.75 -0.75
N THR B 365 -28.19 43.79 0.06
CA THR B 365 -29.53 44.23 0.42
C THR B 365 -29.76 45.64 -0.09
N LYS B 366 -28.88 46.12 -0.96
CA LYS B 366 -28.88 47.53 -1.34
C LYS B 366 -30.14 47.85 -2.16
N ASN B 367 -30.64 46.86 -2.93
CA ASN B 367 -31.81 47.19 -3.74
C ASN B 367 -33.08 46.69 -3.07
N MET B 368 -32.99 46.38 -1.77
CA MET B 368 -34.11 45.75 -1.08
C MET B 368 -34.65 46.71 -0.04
N LYS B 369 -35.98 46.70 0.13
CA LYS B 369 -36.53 47.45 1.25
C LYS B 369 -36.46 46.56 2.49
N LEU B 370 -35.71 47.00 3.50
CA LEU B 370 -35.57 46.22 4.70
C LEU B 370 -36.34 46.89 5.84
N ALA B 371 -37.21 46.13 6.50
CA ALA B 371 -37.89 46.62 7.68
C ALA B 371 -36.88 47.01 8.77
N ASP B 372 -37.37 47.74 9.77
CA ASP B 372 -36.54 48.28 10.82
C ASP B 372 -36.07 47.14 11.73
N ASP B 373 -36.81 46.03 11.69
CA ASP B 373 -36.53 44.88 12.56
C ASP B 373 -35.29 44.14 12.08
N VAL B 374 -34.84 44.40 10.85
CA VAL B 374 -33.71 43.68 10.29
C VAL B 374 -32.43 44.14 10.98
N ASP B 375 -31.67 43.19 11.53
CA ASP B 375 -30.39 43.44 12.17
C ASP B 375 -29.30 42.71 11.39
N LEU B 376 -28.74 43.42 10.41
CA LEU B 376 -27.76 42.79 9.55
C LEU B 376 -26.53 42.40 10.37
N GLU B 377 -26.28 43.12 11.48
CA GLU B 377 -25.15 42.80 12.33
C GLU B 377 -25.32 41.41 12.93
N GLN B 378 -26.55 41.13 13.42
CA GLN B 378 -26.88 39.82 13.95
C GLN B 378 -26.57 38.77 12.89
N VAL B 379 -27.13 38.98 11.71
CA VAL B 379 -26.94 38.03 10.62
C VAL B 379 -25.45 37.83 10.40
N ALA B 380 -24.71 38.95 10.37
CA ALA B 380 -23.28 38.90 10.15
C ALA B 380 -22.61 38.04 11.22
N ASN B 381 -23.02 38.25 12.47
CA ASN B 381 -22.38 37.58 13.59
C ASN B 381 -22.62 36.09 13.54
N GLU B 382 -23.87 35.70 13.28
CA GLU B 382 -24.21 34.29 13.35
C GLU B 382 -23.75 33.53 12.12
N THR B 383 -23.41 34.22 11.03
CA THR B 383 -23.06 33.52 9.81
C THR B 383 -21.58 33.20 9.78
N HIS B 384 -21.09 32.54 10.83
CA HIS B 384 -19.70 32.07 10.92
C HIS B 384 -19.36 31.18 9.74
N GLY B 385 -18.15 31.35 9.21
CA GLY B 385 -17.58 30.51 8.16
C GLY B 385 -18.29 30.60 6.81
N HIS B 386 -19.13 31.63 6.62
CA HIS B 386 -19.84 31.80 5.38
C HIS B 386 -19.00 32.66 4.44
N VAL B 387 -19.02 32.30 3.15
CA VAL B 387 -18.40 33.12 2.14
C VAL B 387 -19.45 34.02 1.50
N GLY B 388 -18.98 34.98 0.68
CA GLY B 388 -19.84 35.92 -0.02
C GLY B 388 -21.05 35.24 -0.66
N ALA B 389 -20.80 34.20 -1.46
CA ALA B 389 -21.86 33.49 -2.17
C ALA B 389 -22.95 33.01 -1.23
N ASP B 390 -22.55 32.57 -0.02
CA ASP B 390 -23.49 32.05 0.97
C ASP B 390 -24.42 33.20 1.39
N LEU B 391 -23.78 34.33 1.70
CA LEU B 391 -24.49 35.50 2.19
C LEU B 391 -25.43 36.00 1.09
N ALA B 392 -24.90 36.07 -0.15
CA ALA B 392 -25.70 36.55 -1.26
C ALA B 392 -26.97 35.71 -1.37
N ALA B 393 -26.80 34.39 -1.33
CA ALA B 393 -27.93 33.47 -1.42
C ALA B 393 -28.89 33.66 -0.25
N LEU B 394 -28.33 33.96 0.93
CA LEU B 394 -29.19 34.13 2.08
C LEU B 394 -30.13 35.30 1.81
N CYS B 395 -29.57 36.39 1.28
CA CYS B 395 -30.36 37.58 1.00
C CYS B 395 -31.44 37.26 -0.02
N SER B 396 -31.07 36.54 -1.08
CA SER B 396 -32.07 36.13 -2.07
C SER B 396 -33.19 35.36 -1.40
N GLU B 397 -32.80 34.38 -0.58
CA GLU B 397 -33.78 33.44 -0.06
C GLU B 397 -34.76 34.21 0.81
N ALA B 398 -34.25 35.22 1.51
CA ALA B 398 -35.07 36.03 2.40
C ALA B 398 -36.08 36.82 1.57
N ALA B 399 -35.57 37.50 0.54
CA ALA B 399 -36.42 38.22 -0.41
C ALA B 399 -37.55 37.32 -0.91
N LEU B 400 -37.18 36.15 -1.46
CA LEU B 400 -38.16 35.27 -2.09
C LEU B 400 -39.21 34.78 -1.07
N GLN B 401 -38.80 34.61 0.19
CA GLN B 401 -39.73 34.21 1.21
C GLN B 401 -40.78 35.31 1.36
N ALA B 402 -40.28 36.55 1.52
CA ALA B 402 -41.08 37.75 1.64
C ALA B 402 -42.11 37.82 0.52
N ILE B 403 -41.62 37.73 -0.72
CA ILE B 403 -42.47 37.68 -1.91
C ILE B 403 -43.49 36.56 -1.76
N ARG B 404 -43.03 35.35 -1.45
CA ARG B 404 -43.94 34.23 -1.31
C ARG B 404 -45.08 34.54 -0.33
N LYS B 405 -44.74 35.13 0.82
CA LYS B 405 -45.76 35.41 1.82
C LYS B 405 -46.78 36.39 1.26
N LYS B 406 -46.29 37.42 0.54
CA LYS B 406 -47.15 38.47 0.04
C LYS B 406 -48.01 37.96 -1.11
N MET B 407 -47.45 37.08 -1.94
CA MET B 407 -48.14 36.52 -3.09
C MET B 407 -49.41 35.80 -2.64
N ASP B 408 -49.39 35.26 -1.42
CA ASP B 408 -50.58 34.64 -0.86
C ASP B 408 -51.66 35.70 -0.61
N LEU B 409 -51.25 36.87 -0.11
CA LEU B 409 -52.19 37.94 0.22
C LEU B 409 -52.65 38.69 -1.02
N ILE B 410 -51.92 38.57 -2.13
CA ILE B 410 -52.26 39.20 -3.40
C ILE B 410 -53.26 38.30 -4.14
N ASP B 411 -53.84 37.33 -3.42
CA ASP B 411 -54.94 36.51 -3.93
C ASP B 411 -56.16 37.36 -4.32
N LEU B 412 -56.17 38.66 -3.96
CA LEU B 412 -57.24 39.58 -4.35
C LEU B 412 -57.04 39.94 -5.82
N GLU B 413 -57.59 41.07 -6.25
CA GLU B 413 -57.62 41.46 -7.65
C GLU B 413 -56.23 41.83 -8.17
N ASP B 414 -55.26 42.05 -7.27
CA ASP B 414 -53.95 42.54 -7.67
C ASP B 414 -53.25 41.53 -8.59
N GLU B 415 -52.50 42.03 -9.59
CA GLU B 415 -51.79 41.19 -10.55
C GLU B 415 -50.59 40.52 -9.86
N THR B 416 -49.81 39.71 -10.59
CA THR B 416 -48.57 39.16 -10.06
C THR B 416 -47.70 40.35 -9.58
N ILE B 417 -47.89 40.70 -8.31
CA ILE B 417 -47.26 41.82 -7.63
C ILE B 417 -47.27 43.04 -8.57
N ASP B 418 -46.14 43.76 -8.62
CA ASP B 418 -45.95 44.93 -9.47
C ASP B 418 -44.62 45.53 -9.05
N ALA B 419 -44.04 46.39 -9.90
CA ALA B 419 -42.87 47.17 -9.51
C ALA B 419 -43.14 47.92 -8.19
N GLU B 420 -44.34 48.52 -8.10
CA GLU B 420 -44.79 49.29 -6.96
C GLU B 420 -44.90 48.44 -5.69
N VAL B 421 -45.67 47.37 -5.77
CA VAL B 421 -45.91 46.49 -4.63
C VAL B 421 -44.60 45.82 -4.21
N MET B 422 -43.76 45.48 -5.19
CA MET B 422 -42.41 44.99 -4.92
C MET B 422 -41.61 46.01 -4.14
N ASN B 423 -41.78 47.29 -4.48
CA ASN B 423 -41.13 48.41 -3.79
C ASN B 423 -41.77 48.64 -2.42
N SER B 424 -43.07 48.35 -2.30
CA SER B 424 -43.76 48.49 -1.03
C SER B 424 -43.42 47.33 -0.09
N LEU B 425 -42.99 46.19 -0.66
CA LEU B 425 -42.70 44.99 0.10
C LEU B 425 -41.39 45.15 0.86
N ALA B 426 -41.46 44.90 2.17
CA ALA B 426 -40.29 44.96 3.01
C ALA B 426 -39.87 43.56 3.45
N VAL B 427 -38.57 43.25 3.30
CA VAL B 427 -38.07 42.01 3.86
C VAL B 427 -37.86 42.24 5.35
N THR B 428 -38.39 41.31 6.17
CA THR B 428 -38.37 41.44 7.61
C THR B 428 -37.31 40.51 8.21
N MET B 429 -37.06 40.67 9.50
CA MET B 429 -36.03 39.88 10.16
C MET B 429 -36.48 38.41 10.14
N ASP B 430 -37.80 38.19 10.26
CA ASP B 430 -38.34 36.85 10.24
C ASP B 430 -38.00 36.17 8.92
N ASP B 431 -38.00 36.96 7.84
CA ASP B 431 -37.63 36.45 6.53
C ASP B 431 -36.19 35.97 6.53
N PHE B 432 -35.30 36.78 7.11
CA PHE B 432 -33.91 36.39 7.30
C PHE B 432 -33.83 35.15 8.18
N ARG B 433 -34.63 35.15 9.25
CA ARG B 433 -34.64 34.02 10.16
C ARG B 433 -35.01 32.76 9.41
N TRP B 434 -36.06 32.82 8.59
CA TRP B 434 -36.47 31.66 7.82
C TRP B 434 -35.28 31.14 7.02
N ALA B 435 -34.59 32.05 6.33
CA ALA B 435 -33.47 31.74 5.49
C ALA B 435 -32.34 31.09 6.30
N LEU B 436 -32.00 31.73 7.42
CA LEU B 436 -30.91 31.25 8.26
C LEU B 436 -31.26 29.89 8.84
N SER B 437 -32.56 29.59 8.93
CA SER B 437 -33.01 28.41 9.64
C SER B 437 -33.15 27.22 8.70
N GLN B 438 -32.79 27.40 7.44
CA GLN B 438 -33.24 26.51 6.37
C GLN B 438 -32.12 25.54 5.96
N ASN C 1 -68.29 -28.24 -10.57
CA ASN C 1 -68.30 -28.18 -12.05
C ASN C 1 -67.02 -28.75 -12.67
N ARG C 2 -67.25 -29.67 -13.60
CA ARG C 2 -66.28 -30.51 -14.28
C ARG C 2 -65.03 -30.93 -13.53
N PRO C 3 -65.12 -31.94 -12.64
CA PRO C 3 -63.94 -32.51 -11.97
C PRO C 3 -62.96 -33.26 -12.89
N ASN C 4 -63.44 -33.63 -14.08
CA ASN C 4 -62.60 -34.26 -15.09
C ASN C 4 -61.51 -33.29 -15.59
N ARG C 5 -61.70 -31.97 -15.41
CA ARG C 5 -60.70 -30.96 -15.77
C ARG C 5 -59.66 -30.83 -14.67
N LEU C 6 -58.37 -30.90 -15.08
CA LEU C 6 -57.23 -30.84 -14.19
C LEU C 6 -56.13 -29.96 -14.81
N ILE C 7 -55.19 -29.53 -13.96
CA ILE C 7 -54.11 -28.64 -14.39
C ILE C 7 -52.84 -29.47 -14.59
N VAL C 8 -52.21 -29.30 -15.76
CA VAL C 8 -51.01 -30.05 -16.12
C VAL C 8 -49.87 -29.65 -15.20
N ASP C 9 -49.24 -30.65 -14.56
CA ASP C 9 -48.13 -30.41 -13.65
C ASP C 9 -46.95 -31.28 -14.09
N GLU C 10 -45.77 -31.03 -13.49
CA GLU C 10 -44.59 -31.80 -13.81
C GLU C 10 -44.78 -33.24 -13.37
N ALA C 11 -43.89 -34.13 -13.87
CA ALA C 11 -44.02 -35.55 -13.59
C ALA C 11 -42.96 -36.03 -12.62
N ILE C 12 -43.38 -36.71 -11.56
CA ILE C 12 -42.47 -37.41 -10.64
C ILE C 12 -41.91 -38.66 -11.31
N ASN C 13 -42.77 -39.45 -11.94
CA ASN C 13 -42.37 -40.64 -12.66
C ASN C 13 -42.20 -40.31 -14.14
N GLU C 14 -41.03 -40.66 -14.70
CA GLU C 14 -40.66 -40.24 -16.04
C GLU C 14 -41.09 -41.23 -17.10
N ASP C 15 -41.87 -42.25 -16.72
CA ASP C 15 -42.38 -43.21 -17.70
C ASP C 15 -43.40 -42.54 -18.62
N ASN C 16 -43.22 -42.74 -19.93
CA ASN C 16 -43.99 -42.02 -20.93
C ASN C 16 -45.48 -42.30 -20.78
N SER C 17 -45.81 -43.49 -20.24
CA SER C 17 -47.16 -44.00 -20.30
C SER C 17 -47.89 -43.76 -18.98
N VAL C 18 -47.28 -42.96 -18.10
CA VAL C 18 -47.85 -42.79 -16.77
C VAL C 18 -48.30 -41.34 -16.57
N VAL C 19 -49.49 -41.19 -15.98
CA VAL C 19 -49.98 -39.93 -15.44
C VAL C 19 -50.35 -40.16 -13.97
N SER C 20 -50.23 -39.10 -13.17
CA SER C 20 -50.43 -39.22 -11.74
C SER C 20 -51.49 -38.22 -11.26
N LEU C 21 -52.32 -38.70 -10.32
CA LEU C 21 -53.41 -37.96 -9.70
C LEU C 21 -53.38 -38.22 -8.20
N SER C 22 -53.99 -37.32 -7.41
CA SER C 22 -54.16 -37.61 -5.99
C SER C 22 -55.16 -38.76 -5.84
N GLN C 23 -54.96 -39.61 -4.83
CA GLN C 23 -55.90 -40.71 -4.62
C GLN C 23 -57.31 -40.14 -4.48
N PRO C 24 -57.54 -39.09 -3.64
CA PRO C 24 -58.84 -38.40 -3.58
C PRO C 24 -59.49 -38.26 -4.94
N LYS C 25 -58.73 -37.69 -5.89
CA LYS C 25 -59.25 -37.38 -7.21
C LYS C 25 -59.55 -38.67 -7.97
N MET C 26 -58.69 -39.68 -7.78
CA MET C 26 -58.86 -40.98 -8.43
C MET C 26 -60.14 -41.64 -7.91
N ASP C 27 -60.33 -41.57 -6.58
CA ASP C 27 -61.53 -42.07 -5.93
C ASP C 27 -62.75 -41.34 -6.46
N GLU C 28 -62.71 -40.00 -6.41
CA GLU C 28 -63.75 -39.13 -6.93
C GLU C 28 -64.12 -39.52 -8.36
N LEU C 29 -63.12 -39.85 -9.19
CA LEU C 29 -63.35 -40.16 -10.59
C LEU C 29 -63.49 -41.68 -10.80
N GLN C 30 -63.46 -42.42 -9.67
CA GLN C 30 -63.57 -43.88 -9.66
C GLN C 30 -62.49 -44.48 -10.56
N LEU C 31 -61.22 -44.19 -10.25
CA LEU C 31 -60.11 -44.69 -11.05
C LEU C 31 -59.30 -45.67 -10.21
N PHE C 32 -58.90 -46.77 -10.88
CA PHE C 32 -58.14 -47.83 -10.24
C PHE C 32 -56.70 -47.74 -10.71
N ARG C 33 -55.75 -48.07 -9.83
CA ARG C 33 -54.34 -48.02 -10.20
C ARG C 33 -54.12 -48.84 -11.47
N GLY C 34 -53.62 -48.20 -12.53
CA GLY C 34 -53.27 -48.92 -13.73
C GLY C 34 -54.35 -48.81 -14.79
N ASP C 35 -55.48 -48.19 -14.41
CA ASP C 35 -56.58 -48.00 -15.35
C ASP C 35 -56.07 -47.16 -16.51
N THR C 36 -56.32 -47.60 -17.74
CA THR C 36 -56.10 -46.73 -18.88
C THR C 36 -57.10 -45.58 -18.84
N VAL C 37 -56.58 -44.36 -19.03
CA VAL C 37 -57.37 -43.15 -19.06
C VAL C 37 -57.17 -42.46 -20.42
N LEU C 38 -58.21 -41.73 -20.86
CA LEU C 38 -58.12 -40.94 -22.08
C LEU C 38 -58.05 -39.46 -21.69
N LEU C 39 -57.02 -38.78 -22.20
CA LEU C 39 -56.79 -37.38 -21.88
C LEU C 39 -57.05 -36.57 -23.14
N LYS C 40 -57.80 -35.47 -22.98
CA LYS C 40 -58.09 -34.59 -24.10
C LYS C 40 -57.39 -33.26 -23.84
N GLY C 41 -56.81 -32.70 -24.91
CA GLY C 41 -56.05 -31.45 -24.84
C GLY C 41 -56.40 -30.50 -25.97
N LYS C 42 -55.49 -29.56 -26.26
CA LYS C 42 -55.71 -28.54 -27.27
C LYS C 42 -55.58 -29.14 -28.66
N LYS C 43 -55.98 -28.36 -29.68
CA LYS C 43 -55.99 -28.77 -31.08
C LYS C 43 -56.70 -30.12 -31.24
N ARG C 44 -57.63 -30.39 -30.30
CA ARG C 44 -58.46 -31.58 -30.28
C ARG C 44 -57.59 -32.85 -30.24
N ARG C 45 -56.35 -32.71 -29.75
CA ARG C 45 -55.44 -33.83 -29.63
C ARG C 45 -55.87 -34.71 -28.45
N GLU C 46 -55.51 -36.00 -28.51
CA GLU C 46 -55.92 -36.97 -27.49
C GLU C 46 -54.73 -37.87 -27.15
N ALA C 47 -54.78 -38.46 -25.94
CA ALA C 47 -53.77 -39.41 -25.53
C ALA C 47 -54.35 -40.39 -24.51
N VAL C 48 -53.78 -41.60 -24.49
CA VAL C 48 -54.19 -42.63 -23.54
C VAL C 48 -52.98 -43.00 -22.68
N CYS C 49 -53.21 -43.19 -21.39
CA CYS C 49 -52.13 -43.38 -20.43
C CYS C 49 -52.61 -44.27 -19.28
N ILE C 50 -51.67 -44.63 -18.42
CA ILE C 50 -51.91 -45.39 -17.20
C ILE C 50 -51.97 -44.41 -16.03
N VAL C 51 -52.98 -44.55 -15.16
CA VAL C 51 -53.07 -43.64 -14.04
C VAL C 51 -52.52 -44.32 -12.77
N LEU C 52 -51.79 -43.54 -11.97
CA LEU C 52 -51.27 -44.00 -10.68
C LEU C 52 -51.47 -42.87 -9.68
N SER C 53 -51.12 -43.09 -8.41
CA SER C 53 -51.44 -42.12 -7.39
C SER C 53 -50.16 -41.48 -6.85
N ASP C 54 -50.11 -40.14 -6.85
CA ASP C 54 -49.00 -39.45 -6.24
C ASP C 54 -49.49 -38.68 -5.02
N ASP C 55 -48.83 -38.93 -3.87
CA ASP C 55 -49.14 -38.25 -2.63
C ASP C 55 -49.01 -36.74 -2.82
N THR C 56 -47.90 -36.32 -3.44
CA THR C 56 -47.53 -34.92 -3.58
C THR C 56 -48.47 -34.19 -4.55
N CYS C 57 -49.14 -34.94 -5.43
CA CYS C 57 -49.95 -34.34 -6.47
C CYS C 57 -51.17 -33.69 -5.83
N SER C 58 -51.29 -32.37 -6.00
CA SER C 58 -52.47 -31.61 -5.65
C SER C 58 -53.71 -32.14 -6.40
N ASP C 59 -54.87 -32.10 -5.73
CA ASP C 59 -56.05 -32.83 -6.19
C ASP C 59 -56.50 -32.31 -7.56
N GLU C 60 -56.26 -31.02 -7.80
CA GLU C 60 -56.76 -30.35 -8.99
C GLU C 60 -55.75 -30.45 -10.14
N LYS C 61 -54.64 -31.18 -9.91
CA LYS C 61 -53.56 -31.24 -10.89
C LYS C 61 -53.33 -32.68 -11.36
N ILE C 62 -52.75 -32.80 -12.57
CA ILE C 62 -52.29 -34.06 -13.13
C ILE C 62 -50.81 -33.95 -13.45
N ARG C 63 -50.06 -35.01 -13.15
CA ARG C 63 -48.65 -35.05 -13.48
C ARG C 63 -48.44 -35.86 -14.76
N MET C 64 -47.87 -35.24 -15.78
CA MET C 64 -47.53 -35.95 -17.00
C MET C 64 -46.18 -35.48 -17.52
N ASN C 65 -45.42 -36.41 -18.12
CA ASN C 65 -44.13 -36.13 -18.74
C ASN C 65 -44.34 -35.31 -20.01
N ARG C 66 -43.24 -34.90 -20.61
CA ARG C 66 -43.27 -33.93 -21.69
C ARG C 66 -43.71 -34.61 -22.97
N VAL C 67 -43.53 -35.94 -23.04
CA VAL C 67 -44.02 -36.71 -24.18
C VAL C 67 -45.54 -36.49 -24.32
N VAL C 68 -46.25 -36.78 -23.22
CA VAL C 68 -47.70 -36.66 -23.14
C VAL C 68 -48.14 -35.22 -23.45
N ARG C 69 -47.50 -34.25 -22.79
CA ARG C 69 -47.86 -32.86 -22.95
C ARG C 69 -47.84 -32.48 -24.42
N ASN C 70 -46.80 -32.91 -25.12
CA ASN C 70 -46.63 -32.61 -26.54
C ASN C 70 -47.75 -33.26 -27.35
N ASN C 71 -48.06 -34.51 -27.01
CA ASN C 71 -49.10 -35.26 -27.69
C ASN C 71 -50.45 -34.57 -27.49
N LEU C 72 -50.67 -34.04 -26.29
CA LEU C 72 -51.89 -33.32 -26.01
C LEU C 72 -51.78 -31.85 -26.43
N ARG C 73 -50.64 -31.46 -27.02
CA ARG C 73 -50.35 -30.07 -27.38
C ARG C 73 -50.68 -29.11 -26.24
N VAL C 74 -50.38 -29.47 -25.00
CA VAL C 74 -50.53 -28.59 -23.86
C VAL C 74 -49.15 -28.30 -23.25
N ARG C 75 -49.08 -27.24 -22.44
CA ARG C 75 -47.89 -26.88 -21.69
C ARG C 75 -48.22 -26.92 -20.20
N LEU C 76 -47.19 -26.85 -19.36
CA LEU C 76 -47.41 -26.86 -17.93
C LEU C 76 -48.32 -25.71 -17.54
N GLY C 77 -49.36 -26.02 -16.76
CA GLY C 77 -50.31 -25.02 -16.29
C GLY C 77 -51.59 -24.99 -17.12
N ASP C 78 -51.61 -25.70 -18.24
CA ASP C 78 -52.81 -25.82 -19.06
C ASP C 78 -53.80 -26.74 -18.37
N VAL C 79 -55.02 -26.80 -18.92
CA VAL C 79 -56.05 -27.65 -18.36
C VAL C 79 -56.33 -28.80 -19.34
N ILE C 80 -56.58 -29.99 -18.79
CA ILE C 80 -56.92 -31.14 -19.63
C ILE C 80 -58.18 -31.80 -19.06
N SER C 81 -58.78 -32.70 -19.85
CA SER C 81 -59.92 -33.49 -19.41
C SER C 81 -59.52 -34.96 -19.34
N ILE C 82 -59.90 -35.60 -18.23
CA ILE C 82 -59.59 -37.01 -18.04
C ILE C 82 -60.90 -37.78 -17.97
N GLN C 83 -61.00 -38.83 -18.80
CA GLN C 83 -62.11 -39.76 -18.75
C GLN C 83 -61.53 -41.18 -18.81
N PRO C 84 -62.19 -42.15 -18.15
CA PRO C 84 -61.79 -43.56 -18.25
C PRO C 84 -61.92 -44.11 -19.67
N CYS C 85 -61.11 -45.13 -19.97
CA CYS C 85 -61.07 -45.74 -21.28
C CYS C 85 -61.00 -47.26 -21.09
N PRO C 86 -62.08 -47.91 -20.59
CA PRO C 86 -62.03 -49.33 -20.24
C PRO C 86 -62.16 -50.26 -21.45
N ASP C 87 -62.47 -49.68 -22.60
CA ASP C 87 -62.68 -50.36 -23.88
C ASP C 87 -61.35 -50.72 -24.54
N VAL C 88 -60.25 -50.68 -23.75
CA VAL C 88 -58.91 -50.96 -24.25
C VAL C 88 -58.74 -52.44 -24.55
N LYS C 89 -58.53 -52.74 -25.84
CA LYS C 89 -58.32 -54.10 -26.31
C LYS C 89 -56.84 -54.30 -26.59
N TYR C 90 -56.25 -55.37 -26.03
CA TYR C 90 -54.93 -55.83 -26.46
C TYR C 90 -54.93 -55.93 -27.98
N GLY C 91 -54.49 -54.87 -28.65
CA GLY C 91 -54.50 -54.79 -30.11
C GLY C 91 -53.52 -55.78 -30.74
N LYS C 92 -53.75 -56.09 -32.02
CA LYS C 92 -53.01 -57.16 -32.67
C LYS C 92 -51.76 -56.59 -33.35
N ARG C 93 -51.95 -55.60 -34.23
CA ARG C 93 -50.89 -55.05 -35.06
C ARG C 93 -50.78 -53.53 -34.87
N ILE C 94 -49.57 -53.04 -34.52
CA ILE C 94 -49.28 -51.61 -34.55
C ILE C 94 -48.12 -51.32 -35.49
N HIS C 95 -48.18 -50.14 -36.10
CA HIS C 95 -47.17 -49.69 -37.04
C HIS C 95 -46.57 -48.36 -36.59
N VAL C 96 -45.26 -48.36 -36.33
CA VAL C 96 -44.55 -47.21 -35.78
C VAL C 96 -43.36 -46.89 -36.68
N LEU C 97 -43.12 -45.59 -36.86
CA LEU C 97 -42.04 -45.12 -37.70
C LEU C 97 -41.27 -44.02 -36.98
N PRO C 98 -39.92 -43.99 -37.09
CA PRO C 98 -39.12 -42.97 -36.41
C PRO C 98 -39.12 -41.64 -37.17
N ILE C 99 -38.98 -40.54 -36.42
CA ILE C 99 -38.80 -39.20 -36.98
C ILE C 99 -37.36 -39.04 -37.41
N ASP C 100 -37.15 -38.40 -38.57
CA ASP C 100 -35.87 -38.38 -39.27
C ASP C 100 -34.74 -37.85 -38.40
N ASP C 101 -34.93 -36.66 -37.78
CA ASP C 101 -33.90 -36.00 -36.98
C ASP C 101 -33.33 -36.94 -35.92
N THR C 102 -34.21 -37.69 -35.24
CA THR C 102 -33.80 -38.53 -34.13
C THR C 102 -32.95 -39.73 -34.55
N VAL C 103 -33.04 -40.16 -35.82
CA VAL C 103 -32.42 -41.42 -36.20
C VAL C 103 -31.19 -41.20 -37.09
N GLU C 104 -30.79 -39.95 -37.31
CA GLU C 104 -29.63 -39.63 -38.13
C GLU C 104 -28.38 -40.28 -37.56
N GLY C 105 -27.74 -41.16 -38.32
CA GLY C 105 -26.54 -41.83 -37.85
C GLY C 105 -26.84 -43.20 -37.24
N ILE C 106 -28.07 -43.39 -36.76
CA ILE C 106 -28.46 -44.65 -36.15
C ILE C 106 -28.61 -45.69 -37.24
N THR C 107 -27.93 -46.82 -37.07
CA THR C 107 -27.87 -47.88 -38.07
C THR C 107 -28.07 -49.23 -37.38
N GLY C 108 -29.20 -49.38 -36.67
CA GLY C 108 -29.50 -50.63 -36.00
C GLY C 108 -30.86 -51.16 -36.46
N ASN C 109 -31.25 -52.34 -35.96
CA ASN C 109 -32.63 -52.75 -35.98
C ASN C 109 -33.31 -52.06 -34.80
N LEU C 110 -34.00 -50.95 -35.14
CA LEU C 110 -34.72 -50.10 -34.21
C LEU C 110 -35.59 -50.96 -33.29
N PHE C 111 -36.14 -52.05 -33.84
CA PHE C 111 -37.00 -52.92 -33.04
C PHE C 111 -36.22 -53.45 -31.84
N GLU C 112 -35.11 -54.15 -32.09
CA GLU C 112 -34.40 -54.85 -31.04
C GLU C 112 -33.82 -53.86 -30.05
N VAL C 113 -33.21 -52.78 -30.57
CA VAL C 113 -32.55 -51.79 -29.73
C VAL C 113 -33.56 -50.95 -28.96
N TYR C 114 -34.51 -50.30 -29.66
CA TYR C 114 -35.43 -49.34 -29.05
C TYR C 114 -36.77 -50.01 -28.71
N LEU C 115 -37.54 -50.36 -29.74
CA LEU C 115 -38.96 -50.68 -29.64
C LEU C 115 -39.22 -51.89 -28.76
N LYS C 116 -38.48 -52.99 -28.99
CA LYS C 116 -38.74 -54.25 -28.29
C LYS C 116 -38.77 -54.05 -26.78
N PRO C 117 -37.68 -53.59 -26.13
CA PRO C 117 -37.66 -53.46 -24.67
C PRO C 117 -38.54 -52.34 -24.14
N TYR C 118 -38.89 -51.36 -24.99
CA TYR C 118 -39.80 -50.30 -24.61
C TYR C 118 -41.14 -50.92 -24.23
N PHE C 119 -41.69 -51.70 -25.17
CA PHE C 119 -43.04 -52.24 -25.11
C PHE C 119 -43.10 -53.53 -24.28
N LEU C 120 -41.95 -54.20 -24.15
CA LEU C 120 -41.88 -55.55 -23.62
C LEU C 120 -42.51 -55.61 -22.22
N GLU C 121 -43.61 -56.38 -22.11
CA GLU C 121 -44.27 -56.68 -20.86
C GLU C 121 -44.67 -55.39 -20.15
N ALA C 122 -44.78 -54.30 -20.92
CA ALA C 122 -45.12 -53.00 -20.36
C ALA C 122 -46.64 -52.85 -20.35
N TYR C 123 -47.29 -53.49 -21.35
CA TYR C 123 -48.72 -53.38 -21.53
C TYR C 123 -49.09 -51.91 -21.70
N ARG C 124 -48.33 -51.22 -22.57
CA ARG C 124 -48.43 -49.79 -22.75
C ARG C 124 -49.65 -49.45 -23.62
N PRO C 125 -50.57 -48.58 -23.16
CA PRO C 125 -51.63 -48.07 -24.02
C PRO C 125 -51.03 -47.11 -25.04
N ILE C 126 -51.46 -47.21 -26.31
CA ILE C 126 -51.00 -46.33 -27.36
C ILE C 126 -52.20 -45.86 -28.19
N ARG C 127 -52.08 -44.66 -28.75
CA ARG C 127 -53.11 -44.12 -29.64
C ARG C 127 -52.45 -43.77 -30.97
N LYS C 128 -53.26 -43.76 -32.03
CA LYS C 128 -52.72 -43.42 -33.32
C LYS C 128 -52.27 -41.97 -33.23
N GLY C 129 -51.18 -41.65 -33.95
CA GLY C 129 -50.69 -40.29 -34.10
C GLY C 129 -49.88 -39.79 -32.91
N ASP C 130 -49.66 -40.69 -31.92
CA ASP C 130 -48.82 -40.45 -30.76
C ASP C 130 -47.36 -40.46 -31.18
N ILE C 131 -46.55 -39.57 -30.59
CA ILE C 131 -45.10 -39.62 -30.70
C ILE C 131 -44.55 -40.01 -29.34
N PHE C 132 -43.78 -41.08 -29.29
CA PHE C 132 -43.18 -41.54 -28.04
C PHE C 132 -41.67 -41.54 -28.18
N LEU C 133 -40.97 -41.62 -27.03
CA LEU C 133 -39.52 -41.45 -27.00
C LEU C 133 -38.88 -42.65 -26.33
N VAL C 134 -37.91 -43.27 -27.01
CA VAL C 134 -37.19 -44.39 -26.44
C VAL C 134 -35.73 -44.00 -26.35
N ARG C 135 -35.11 -44.29 -25.20
CA ARG C 135 -33.75 -43.85 -24.96
C ARG C 135 -32.83 -45.06 -25.00
N GLY C 136 -31.68 -44.92 -25.66
CA GLY C 136 -30.64 -45.94 -25.63
C GLY C 136 -29.51 -45.65 -26.61
N GLY C 137 -28.41 -46.39 -26.46
CA GLY C 137 -27.22 -46.22 -27.29
C GLY C 137 -26.74 -44.77 -27.36
N MET C 138 -26.75 -44.13 -26.20
CA MET C 138 -26.39 -42.73 -26.02
C MET C 138 -27.18 -41.82 -26.95
N ARG C 139 -28.43 -42.19 -27.25
CA ARG C 139 -29.34 -41.36 -28.05
C ARG C 139 -30.76 -41.52 -27.52
N ALA C 140 -31.67 -40.67 -28.01
CA ALA C 140 -33.09 -40.86 -27.78
C ALA C 140 -33.83 -40.66 -29.08
N VAL C 141 -34.61 -41.69 -29.47
CA VAL C 141 -35.30 -41.75 -30.75
C VAL C 141 -36.78 -41.46 -30.53
N GLU C 142 -37.36 -40.63 -31.40
CA GLU C 142 -38.79 -40.35 -31.39
C GLU C 142 -39.48 -41.19 -32.47
N PHE C 143 -40.46 -42.00 -32.05
CA PHE C 143 -41.29 -42.78 -32.95
C PHE C 143 -42.72 -42.24 -32.93
N LYS C 144 -43.35 -42.16 -34.12
CA LYS C 144 -44.77 -41.88 -34.28
C LYS C 144 -45.54 -43.16 -34.56
N VAL C 145 -46.69 -43.34 -33.88
CA VAL C 145 -47.60 -44.44 -34.13
C VAL C 145 -48.43 -44.08 -35.36
N VAL C 146 -48.13 -44.74 -36.49
CA VAL C 146 -48.75 -44.45 -37.78
C VAL C 146 -50.07 -45.23 -37.89
N GLU C 147 -50.10 -46.49 -37.42
CA GLU C 147 -51.32 -47.26 -37.44
C GLU C 147 -51.41 -48.19 -36.24
N THR C 148 -52.62 -48.37 -35.72
CA THR C 148 -52.89 -49.33 -34.65
C THR C 148 -54.03 -50.26 -35.09
N ASP C 149 -54.02 -51.48 -34.54
CA ASP C 149 -54.99 -52.53 -34.81
C ASP C 149 -56.42 -52.01 -34.63
N PRO C 150 -56.97 -51.88 -33.40
CA PRO C 150 -58.15 -51.03 -33.20
C PRO C 150 -57.76 -49.58 -33.51
N SER C 151 -58.55 -48.90 -34.34
CA SER C 151 -58.11 -47.68 -34.98
C SER C 151 -57.73 -46.61 -33.97
N PRO C 152 -58.59 -46.26 -32.99
CA PRO C 152 -58.21 -45.24 -32.00
C PRO C 152 -57.09 -45.73 -31.08
N TYR C 153 -57.42 -46.62 -30.14
CA TYR C 153 -56.53 -46.98 -29.04
C TYR C 153 -56.23 -48.47 -29.14
N CYS C 154 -55.21 -48.89 -28.40
CA CYS C 154 -54.76 -50.28 -28.36
C CYS C 154 -53.87 -50.43 -27.12
N ILE C 155 -53.81 -51.63 -26.54
CA ILE C 155 -52.74 -51.91 -25.61
C ILE C 155 -51.72 -52.82 -26.29
N VAL C 156 -50.46 -52.37 -26.36
CA VAL C 156 -49.39 -53.21 -26.87
C VAL C 156 -49.05 -54.26 -25.82
N ALA C 157 -49.53 -55.49 -26.08
CA ALA C 157 -49.41 -56.66 -25.23
C ALA C 157 -48.50 -57.67 -25.91
N PRO C 158 -48.01 -58.72 -25.19
CA PRO C 158 -46.92 -59.55 -25.69
C PRO C 158 -47.06 -59.96 -27.15
N ASP C 159 -48.26 -60.47 -27.51
CA ASP C 159 -48.54 -60.95 -28.85
C ASP C 159 -48.80 -59.83 -29.84
N THR C 160 -48.76 -58.57 -29.38
CA THR C 160 -48.97 -57.45 -30.29
C THR C 160 -47.81 -57.42 -31.29
N VAL C 161 -48.16 -57.41 -32.58
CA VAL C 161 -47.17 -57.31 -33.63
C VAL C 161 -46.76 -55.84 -33.73
N ILE C 162 -45.45 -55.60 -33.60
CA ILE C 162 -44.90 -54.27 -33.74
C ILE C 162 -44.16 -54.21 -35.07
N HIS C 163 -44.54 -53.28 -35.94
CA HIS C 163 -43.96 -53.25 -37.27
C HIS C 163 -43.31 -51.89 -37.48
N CYS C 164 -42.05 -51.88 -37.93
CA CYS C 164 -41.38 -50.70 -38.47
C CYS C 164 -41.07 -50.89 -39.95
N GLU C 165 -41.66 -50.00 -40.77
CA GLU C 165 -41.62 -50.08 -42.22
C GLU C 165 -40.26 -49.59 -42.72
N GLY C 166 -39.59 -48.77 -41.91
CA GLY C 166 -38.21 -48.39 -42.17
C GLY C 166 -38.08 -47.22 -43.14
N GLU C 167 -39.07 -46.33 -43.13
CA GLU C 167 -38.95 -45.04 -43.80
C GLU C 167 -39.12 -43.92 -42.78
N PRO C 168 -38.04 -43.20 -42.39
CA PRO C 168 -38.13 -42.15 -41.36
C PRO C 168 -39.03 -40.99 -41.79
N ILE C 169 -40.04 -40.67 -40.96
CA ILE C 169 -41.03 -39.64 -41.23
C ILE C 169 -40.41 -38.27 -40.95
N LYS C 170 -40.97 -37.24 -41.58
CA LYS C 170 -40.56 -35.85 -41.37
C LYS C 170 -41.24 -35.35 -40.09
N ARG C 171 -40.75 -34.22 -39.57
CA ARG C 171 -41.32 -33.60 -38.39
C ARG C 171 -42.30 -32.51 -38.80
N ALA C 172 -43.57 -32.64 -38.40
CA ALA C 172 -44.56 -31.61 -38.67
C ALA C 172 -44.29 -30.38 -37.80
N ALA C 173 -44.85 -29.21 -38.19
CA ALA C 173 -44.45 -27.93 -37.62
C ALA C 173 -44.86 -27.82 -36.14
N ALA C 174 -46.01 -28.42 -35.79
CA ALA C 174 -46.54 -28.39 -34.44
C ALA C 174 -45.79 -29.35 -33.50
N GLU C 175 -45.09 -30.35 -34.06
CA GLU C 175 -44.35 -31.35 -33.30
C GLU C 175 -43.03 -30.76 -32.80
N GLU C 176 -42.83 -30.79 -31.47
CA GLU C 176 -41.62 -30.25 -30.86
C GLU C 176 -40.65 -31.36 -30.50
N SER C 177 -39.35 -31.08 -30.65
CA SER C 177 -38.32 -32.04 -30.31
C SER C 177 -38.32 -32.33 -28.81
N LEU C 178 -38.17 -33.62 -28.47
CA LEU C 178 -38.03 -34.00 -27.09
C LEU C 178 -36.56 -33.91 -26.71
N ASN C 179 -35.73 -33.56 -27.69
CA ASN C 179 -34.33 -33.28 -27.45
C ASN C 179 -34.12 -31.80 -27.08
N GLU C 180 -35.18 -30.99 -27.19
CA GLU C 180 -35.18 -29.64 -26.62
C GLU C 180 -35.01 -29.70 -25.11
N VAL C 181 -34.43 -28.66 -24.51
CA VAL C 181 -34.18 -28.68 -23.08
C VAL C 181 -35.49 -28.37 -22.35
N GLY C 182 -35.77 -29.12 -21.26
CA GLY C 182 -36.91 -28.80 -20.42
C GLY C 182 -36.58 -28.92 -18.94
N TYR C 183 -37.58 -28.68 -18.08
CA TYR C 183 -37.33 -28.74 -16.65
C TYR C 183 -36.80 -30.11 -16.26
N ASP C 184 -37.15 -31.13 -17.05
CA ASP C 184 -36.81 -32.51 -16.77
C ASP C 184 -35.31 -32.73 -16.98
N ASP C 185 -34.62 -31.73 -17.55
CA ASP C 185 -33.20 -31.86 -17.83
C ASP C 185 -32.40 -31.10 -16.77
N ILE C 186 -33.12 -30.50 -15.82
CA ILE C 186 -32.51 -29.66 -14.82
C ILE C 186 -32.69 -30.38 -13.48
N GLY C 187 -31.58 -30.68 -12.81
CA GLY C 187 -31.67 -31.30 -11.50
C GLY C 187 -31.00 -30.46 -10.42
N GLY C 188 -31.55 -30.46 -9.21
CA GLY C 188 -30.91 -29.79 -8.11
C GLY C 188 -31.46 -28.39 -7.82
N CYS C 189 -32.23 -27.75 -8.72
CA CYS C 189 -32.58 -26.38 -8.42
C CYS C 189 -34.08 -26.24 -8.20
N ARG C 190 -34.67 -27.20 -7.49
CA ARG C 190 -36.12 -27.30 -7.34
C ARG C 190 -36.70 -25.94 -6.94
N LYS C 191 -36.27 -25.43 -5.78
CA LYS C 191 -36.89 -24.26 -5.19
C LYS C 191 -36.64 -23.03 -6.06
N GLN C 192 -35.41 -22.92 -6.59
CA GLN C 192 -35.04 -21.79 -7.42
C GLN C 192 -35.84 -21.80 -8.70
N LEU C 193 -35.99 -23.01 -9.27
CA LEU C 193 -36.71 -23.17 -10.52
C LEU C 193 -38.17 -22.77 -10.32
N ALA C 194 -38.75 -23.21 -9.20
CA ALA C 194 -40.10 -22.87 -8.79
C ALA C 194 -40.31 -21.35 -8.72
N GLN C 195 -39.36 -20.63 -8.12
CA GLN C 195 -39.50 -19.19 -8.02
C GLN C 195 -39.56 -18.56 -9.40
N ILE C 196 -38.66 -19.02 -10.29
CA ILE C 196 -38.53 -18.42 -11.61
C ILE C 196 -39.80 -18.70 -12.40
N LYS C 197 -40.32 -19.92 -12.24
CA LYS C 197 -41.55 -20.37 -12.84
C LYS C 197 -42.69 -19.42 -12.52
N GLU C 198 -42.85 -19.10 -11.23
CA GLU C 198 -43.90 -18.21 -10.76
C GLU C 198 -43.71 -16.83 -11.38
N MET C 199 -42.45 -16.41 -11.47
CA MET C 199 -42.13 -15.07 -11.90
C MET C 199 -42.62 -14.87 -13.33
N VAL C 200 -42.40 -15.90 -14.16
CA VAL C 200 -42.64 -15.81 -15.59
C VAL C 200 -44.05 -16.29 -15.97
N GLU C 201 -44.74 -17.00 -15.06
CA GLU C 201 -46.07 -17.55 -15.32
C GLU C 201 -46.96 -16.50 -16.01
N LEU C 202 -47.38 -15.47 -15.27
CA LEU C 202 -48.34 -14.50 -15.83
C LEU C 202 -47.78 -13.79 -17.05
N PRO C 203 -46.57 -13.20 -17.05
CA PRO C 203 -46.09 -12.46 -18.21
C PRO C 203 -45.93 -13.31 -19.49
N LEU C 204 -45.49 -14.56 -19.35
CA LEU C 204 -45.22 -15.40 -20.49
C LEU C 204 -46.46 -16.21 -20.89
N ARG C 205 -47.18 -16.79 -19.91
CA ARG C 205 -48.29 -17.66 -20.22
C ARG C 205 -49.63 -16.93 -20.28
N HIS C 206 -49.74 -15.73 -19.72
CA HIS C 206 -51.03 -15.04 -19.68
C HIS C 206 -50.81 -13.56 -19.98
N PRO C 207 -50.15 -13.19 -21.10
CA PRO C 207 -49.76 -11.80 -21.36
C PRO C 207 -50.94 -10.84 -21.37
N ALA C 208 -52.07 -11.33 -21.85
CA ALA C 208 -53.26 -10.54 -22.08
C ALA C 208 -53.65 -9.82 -20.79
N LEU C 209 -53.39 -10.48 -19.65
CA LEU C 209 -53.87 -9.99 -18.38
C LEU C 209 -53.32 -8.58 -18.16
N PHE C 210 -52.13 -8.30 -18.70
CA PHE C 210 -51.45 -7.04 -18.41
C PHE C 210 -52.07 -5.88 -19.18
N LYS C 211 -52.95 -6.19 -20.14
CA LYS C 211 -53.75 -5.14 -20.78
C LYS C 211 -54.85 -4.68 -19.84
N ALA C 212 -55.42 -5.61 -19.07
CA ALA C 212 -56.54 -5.33 -18.19
C ALA C 212 -56.13 -4.70 -16.85
N ILE C 213 -54.86 -4.87 -16.44
CA ILE C 213 -54.40 -4.49 -15.09
C ILE C 213 -53.19 -3.56 -15.19
N GLY C 214 -52.95 -2.77 -14.13
CA GLY C 214 -51.90 -1.77 -14.12
C GLY C 214 -50.69 -2.21 -13.29
N VAL C 215 -50.76 -3.42 -12.70
CA VAL C 215 -49.66 -4.05 -11.99
C VAL C 215 -48.51 -4.33 -12.94
N LYS C 216 -47.27 -4.07 -12.47
CA LYS C 216 -46.08 -4.20 -13.31
C LYS C 216 -45.45 -5.58 -13.07
N PRO C 217 -45.26 -6.41 -14.12
CA PRO C 217 -44.67 -7.74 -13.93
C PRO C 217 -43.15 -7.61 -13.87
N PRO C 218 -42.44 -8.60 -13.28
CA PRO C 218 -40.98 -8.52 -13.15
C PRO C 218 -40.32 -8.51 -14.53
N ARG C 219 -39.36 -7.62 -14.73
CA ARG C 219 -38.77 -7.45 -16.05
C ARG C 219 -37.44 -8.22 -16.15
N GLY C 220 -36.63 -8.11 -15.10
CA GLY C 220 -35.28 -8.68 -15.13
C GLY C 220 -35.04 -9.69 -14.02
N ILE C 221 -34.51 -10.85 -14.39
CA ILE C 221 -34.14 -11.88 -13.42
C ILE C 221 -32.66 -12.16 -13.57
N LEU C 222 -31.95 -12.04 -12.45
CA LEU C 222 -30.51 -12.22 -12.40
C LEU C 222 -30.21 -13.55 -11.73
N LEU C 223 -29.57 -14.46 -12.48
CA LEU C 223 -29.23 -15.78 -11.98
C LEU C 223 -27.77 -15.77 -11.56
N TYR C 224 -27.51 -15.84 -10.23
CA TYR C 224 -26.16 -15.75 -9.71
C TYR C 224 -25.76 -17.13 -9.21
N GLY C 225 -24.57 -17.58 -9.60
CA GLY C 225 -24.04 -18.86 -9.17
C GLY C 225 -22.66 -19.11 -9.78
N PRO C 226 -21.86 -20.05 -9.25
CA PRO C 226 -20.58 -20.39 -9.87
C PRO C 226 -20.80 -20.98 -11.25
N PRO C 227 -19.77 -21.08 -12.10
CA PRO C 227 -19.91 -21.68 -13.43
C PRO C 227 -20.30 -23.15 -13.37
N GLY C 228 -21.18 -23.55 -14.29
CA GLY C 228 -21.55 -24.95 -14.48
C GLY C 228 -22.74 -25.37 -13.65
N THR C 229 -23.47 -24.39 -13.11
CA THR C 229 -24.61 -24.63 -12.23
C THR C 229 -25.92 -24.76 -13.02
N GLY C 230 -25.86 -24.47 -14.33
CA GLY C 230 -26.99 -24.69 -15.22
C GLY C 230 -27.87 -23.46 -15.42
N LYS C 231 -27.25 -22.27 -15.42
CA LYS C 231 -28.00 -21.03 -15.55
C LYS C 231 -28.55 -20.94 -16.97
N THR C 232 -27.72 -21.30 -17.95
CA THR C 232 -28.15 -21.27 -19.34
C THR C 232 -29.27 -22.28 -19.55
N LEU C 233 -29.13 -23.44 -18.95
CA LEU C 233 -30.14 -24.49 -19.02
C LEU C 233 -31.49 -23.95 -18.55
N ILE C 234 -31.49 -23.36 -17.34
CA ILE C 234 -32.70 -22.86 -16.73
C ILE C 234 -33.41 -21.92 -17.70
N ALA C 235 -32.68 -20.94 -18.23
CA ALA C 235 -33.30 -19.96 -19.10
C ALA C 235 -33.95 -20.66 -20.30
N ARG C 236 -33.19 -21.54 -20.98
CA ARG C 236 -33.70 -22.19 -22.18
C ARG C 236 -34.90 -23.05 -21.84
N ALA C 237 -34.81 -23.81 -20.75
CA ALA C 237 -35.93 -24.63 -20.32
C ALA C 237 -37.18 -23.79 -20.12
N VAL C 238 -37.07 -22.73 -19.32
CA VAL C 238 -38.21 -21.86 -19.04
C VAL C 238 -38.83 -21.40 -20.36
N ALA C 239 -37.98 -20.99 -21.31
CA ALA C 239 -38.49 -20.55 -22.60
C ALA C 239 -39.30 -21.64 -23.27
N ASN C 240 -38.69 -22.84 -23.38
CA ASN C 240 -39.31 -23.98 -24.03
C ASN C 240 -40.62 -24.33 -23.33
N GLU C 241 -40.57 -24.42 -22.01
CA GLU C 241 -41.69 -24.88 -21.22
C GLU C 241 -42.84 -23.88 -21.26
N THR C 242 -42.54 -22.58 -21.47
CA THR C 242 -43.60 -21.58 -21.51
C THR C 242 -43.94 -21.28 -22.97
N GLY C 243 -43.20 -21.89 -23.88
CA GLY C 243 -43.28 -21.60 -25.31
C GLY C 243 -43.00 -20.14 -25.63
N ALA C 244 -41.85 -19.62 -25.19
CA ALA C 244 -41.55 -18.22 -25.41
C ALA C 244 -40.33 -18.14 -26.31
N PHE C 245 -40.24 -17.05 -27.08
CA PHE C 245 -39.11 -16.87 -27.97
C PHE C 245 -37.86 -16.72 -27.11
N PHE C 246 -36.76 -17.37 -27.51
CA PHE C 246 -35.55 -17.29 -26.71
C PHE C 246 -34.49 -16.59 -27.56
N PHE C 247 -33.96 -15.47 -27.06
CA PHE C 247 -32.81 -14.87 -27.72
C PHE C 247 -31.62 -14.94 -26.77
N LEU C 248 -30.53 -15.55 -27.24
CA LEU C 248 -29.29 -15.61 -26.48
C LEU C 248 -28.37 -14.45 -26.83
N ILE C 249 -27.95 -13.69 -25.81
CA ILE C 249 -26.83 -12.76 -25.94
C ILE C 249 -25.66 -13.37 -25.17
N ASN C 250 -24.53 -13.57 -25.84
CA ASN C 250 -23.35 -14.05 -25.13
C ASN C 250 -22.33 -12.91 -25.02
N GLY C 251 -21.97 -12.56 -23.78
CA GLY C 251 -21.05 -11.47 -23.50
C GLY C 251 -19.85 -11.45 -24.46
N PRO C 252 -19.00 -12.49 -24.41
CA PRO C 252 -17.88 -12.61 -25.33
C PRO C 252 -18.21 -12.32 -26.79
N GLU C 253 -19.32 -12.87 -27.29
CA GLU C 253 -19.68 -12.61 -28.67
C GLU C 253 -19.81 -11.10 -28.89
N ILE C 254 -20.58 -10.44 -28.02
CA ILE C 254 -20.84 -9.02 -28.16
C ILE C 254 -19.50 -8.27 -28.18
N MET C 255 -18.63 -8.63 -27.24
CA MET C 255 -17.41 -7.89 -27.01
C MET C 255 -16.38 -8.19 -28.09
N SER C 256 -16.61 -9.25 -28.87
CA SER C 256 -15.70 -9.57 -29.98
C SER C 256 -15.92 -8.61 -31.14
N LYS C 257 -17.16 -8.10 -31.26
CA LYS C 257 -17.55 -7.21 -32.36
C LYS C 257 -16.86 -5.85 -32.20
N LEU C 258 -16.78 -5.08 -33.28
CA LEU C 258 -16.06 -3.82 -33.23
C LEU C 258 -17.06 -2.70 -33.01
N ALA C 259 -16.68 -1.77 -32.12
CA ALA C 259 -17.41 -0.52 -31.88
C ALA C 259 -18.92 -0.73 -31.87
N GLY C 260 -19.59 -0.02 -32.78
CA GLY C 260 -21.04 0.04 -32.81
C GLY C 260 -21.68 -1.33 -33.07
N GLU C 261 -20.95 -2.22 -33.75
CA GLU C 261 -21.47 -3.53 -34.06
C GLU C 261 -21.89 -4.23 -32.77
N SER C 262 -21.14 -3.98 -31.69
CA SER C 262 -21.52 -4.49 -30.37
C SER C 262 -22.93 -4.01 -30.05
N GLU C 263 -23.09 -2.68 -30.01
CA GLU C 263 -24.29 -2.04 -29.50
C GLU C 263 -25.45 -2.29 -30.45
N SER C 264 -25.16 -2.32 -31.77
CA SER C 264 -26.19 -2.66 -32.74
C SER C 264 -26.77 -4.03 -32.43
N ASN C 265 -25.88 -5.02 -32.24
CA ASN C 265 -26.27 -6.39 -31.96
C ASN C 265 -27.13 -6.44 -30.70
N LEU C 266 -26.74 -5.63 -29.69
CA LEU C 266 -27.49 -5.52 -28.45
C LEU C 266 -28.91 -5.04 -28.73
N ARG C 267 -29.02 -3.88 -29.42
CA ARG C 267 -30.30 -3.29 -29.78
C ARG C 267 -31.13 -4.32 -30.54
N LYS C 268 -30.50 -4.95 -31.54
CA LYS C 268 -31.17 -5.90 -32.43
C LYS C 268 -31.80 -7.02 -31.61
N ALA C 269 -31.04 -7.53 -30.64
CA ALA C 269 -31.49 -8.61 -29.77
C ALA C 269 -32.78 -8.18 -29.09
N PHE C 270 -32.77 -6.96 -28.54
CA PHE C 270 -33.90 -6.45 -27.79
C PHE C 270 -35.08 -6.28 -28.73
N GLU C 271 -34.84 -5.64 -29.89
CA GLU C 271 -35.86 -5.39 -30.88
C GLU C 271 -36.50 -6.71 -31.33
N GLU C 272 -35.66 -7.69 -31.65
CA GLU C 272 -36.12 -8.98 -32.15
C GLU C 272 -37.03 -9.61 -31.11
N ALA C 273 -36.60 -9.60 -29.85
CA ALA C 273 -37.35 -10.14 -28.74
C ALA C 273 -38.70 -9.44 -28.64
N GLU C 274 -38.67 -8.10 -28.61
CA GLU C 274 -39.88 -7.29 -28.54
C GLU C 274 -40.87 -7.81 -29.56
N LYS C 275 -40.38 -8.05 -30.78
CA LYS C 275 -41.18 -8.46 -31.92
C LYS C 275 -41.78 -9.85 -31.72
N ASN C 276 -40.97 -10.83 -31.27
CA ASN C 276 -41.47 -12.19 -31.17
C ASN C 276 -41.96 -12.49 -29.75
N ALA C 277 -42.40 -11.46 -29.03
CA ALA C 277 -42.85 -11.64 -27.66
C ALA C 277 -44.16 -12.44 -27.63
N PRO C 278 -44.51 -13.13 -26.52
CA PRO C 278 -43.71 -13.20 -25.31
C PRO C 278 -42.35 -13.87 -25.54
N ALA C 279 -41.31 -13.32 -24.89
CA ALA C 279 -39.94 -13.69 -25.17
C ALA C 279 -39.09 -13.68 -23.90
N ILE C 280 -38.04 -14.51 -23.89
CA ILE C 280 -36.99 -14.44 -22.89
C ILE C 280 -35.68 -14.12 -23.57
N ILE C 281 -35.02 -13.03 -23.14
CA ILE C 281 -33.64 -12.77 -23.51
C ILE C 281 -32.75 -13.36 -22.42
N PHE C 282 -31.71 -14.08 -22.83
CA PHE C 282 -30.73 -14.57 -21.87
C PHE C 282 -29.37 -13.95 -22.16
N ILE C 283 -28.81 -13.26 -21.16
CA ILE C 283 -27.47 -12.72 -21.27
C ILE C 283 -26.50 -13.61 -20.50
N ASP C 284 -25.68 -14.34 -21.26
CA ASP C 284 -24.67 -15.22 -20.71
C ASP C 284 -23.41 -14.39 -20.46
N GLU C 285 -22.80 -14.58 -19.28
CA GLU C 285 -21.58 -13.88 -18.99
C GLU C 285 -21.82 -12.39 -19.05
N LEU C 286 -22.81 -11.93 -18.26
CA LEU C 286 -23.19 -10.54 -18.18
C LEU C 286 -22.00 -9.67 -17.73
N ASP C 287 -21.11 -10.24 -16.91
CA ASP C 287 -19.93 -9.59 -16.38
C ASP C 287 -19.03 -9.09 -17.51
N ALA C 288 -19.07 -9.76 -18.67
CA ALA C 288 -18.32 -9.37 -19.85
C ALA C 288 -18.86 -8.06 -20.44
N ILE C 289 -20.19 -7.95 -20.51
CA ILE C 289 -20.84 -6.77 -21.07
C ILE C 289 -20.82 -5.62 -20.06
N ALA C 290 -21.04 -5.91 -18.78
CA ALA C 290 -21.40 -4.89 -17.80
C ALA C 290 -20.67 -5.11 -16.48
N PRO C 291 -19.33 -4.93 -16.43
CA PRO C 291 -18.62 -5.01 -15.16
C PRO C 291 -18.88 -3.72 -14.37
N LYS C 292 -18.37 -3.64 -13.13
CA LYS C 292 -18.45 -2.44 -12.30
C LYS C 292 -17.63 -1.30 -12.93
N ARG C 293 -17.94 -0.04 -12.58
CA ARG C 293 -17.26 1.12 -13.14
C ARG C 293 -15.76 1.12 -12.86
N GLU C 294 -15.36 0.59 -11.69
CA GLU C 294 -13.96 0.36 -11.37
C GLU C 294 -13.29 -0.45 -12.49
N LYS C 295 -13.75 -1.69 -12.69
CA LYS C 295 -13.11 -2.61 -13.63
C LYS C 295 -13.27 -2.14 -15.07
N THR C 296 -14.22 -1.21 -15.31
CA THR C 296 -14.43 -0.77 -16.68
C THR C 296 -13.37 0.26 -17.02
N HIS C 297 -12.24 -0.21 -17.54
CA HIS C 297 -11.27 0.70 -18.14
C HIS C 297 -11.67 0.91 -19.60
N GLY C 298 -11.71 2.18 -20.03
CA GLY C 298 -11.90 2.47 -21.46
C GLY C 298 -13.35 2.80 -21.82
N GLU C 299 -13.54 3.63 -22.85
CA GLU C 299 -14.81 4.30 -23.06
C GLU C 299 -15.78 3.44 -23.83
N VAL C 300 -15.27 2.68 -24.80
CA VAL C 300 -16.13 1.80 -25.58
C VAL C 300 -16.89 0.83 -24.67
N GLU C 301 -16.22 0.36 -23.61
CA GLU C 301 -16.82 -0.59 -22.70
C GLU C 301 -17.98 0.07 -21.96
N ARG C 302 -17.77 1.32 -21.50
CA ARG C 302 -18.74 2.05 -20.71
C ARG C 302 -19.98 2.32 -21.56
N ARG C 303 -19.75 2.61 -22.85
CA ARG C 303 -20.83 2.84 -23.79
C ARG C 303 -21.75 1.62 -23.82
N ILE C 304 -21.17 0.42 -23.82
CA ILE C 304 -21.94 -0.81 -23.95
C ILE C 304 -22.82 -1.03 -22.71
N VAL C 305 -22.22 -0.83 -21.54
CA VAL C 305 -22.96 -0.95 -20.29
C VAL C 305 -24.15 0.00 -20.35
N SER C 306 -23.85 1.26 -20.71
CA SER C 306 -24.85 2.30 -20.79
C SER C 306 -26.00 1.87 -21.70
N GLN C 307 -25.63 1.43 -22.92
CA GLN C 307 -26.59 0.95 -23.89
C GLN C 307 -27.53 -0.07 -23.24
N LEU C 308 -26.97 -1.04 -22.52
CA LEU C 308 -27.73 -2.13 -21.93
C LEU C 308 -28.74 -1.57 -20.94
N LEU C 309 -28.29 -0.68 -20.07
CA LEU C 309 -29.16 0.01 -19.13
C LEU C 309 -30.33 0.65 -19.87
N THR C 310 -30.03 1.48 -20.88
CA THR C 310 -31.07 2.13 -21.67
C THR C 310 -32.00 1.08 -22.28
N LEU C 311 -31.44 0.04 -22.89
CA LEU C 311 -32.22 -1.01 -23.53
C LEU C 311 -33.20 -1.64 -22.54
N MET C 312 -32.70 -1.93 -21.34
CA MET C 312 -33.50 -2.51 -20.26
C MET C 312 -34.58 -1.51 -19.89
N ASP C 313 -34.18 -0.25 -19.68
CA ASP C 313 -35.12 0.78 -19.28
C ASP C 313 -36.18 0.97 -20.34
N GLY C 314 -35.77 0.88 -21.61
CA GLY C 314 -36.65 1.09 -22.74
C GLY C 314 -37.68 -0.01 -22.91
N LEU C 315 -37.52 -1.14 -22.20
CA LEU C 315 -38.53 -2.18 -22.27
C LEU C 315 -39.83 -1.69 -21.64
N LYS C 316 -40.85 -1.52 -22.48
CA LYS C 316 -42.19 -1.18 -22.02
C LYS C 316 -42.81 -2.40 -21.34
N GLN C 317 -43.73 -2.15 -20.40
CA GLN C 317 -44.29 -3.21 -19.56
C GLN C 317 -45.07 -4.22 -20.40
N ARG C 318 -45.72 -3.68 -21.45
CA ARG C 318 -46.58 -4.48 -22.32
C ARG C 318 -45.74 -5.23 -23.35
N ALA C 319 -44.41 -5.08 -23.27
CA ALA C 319 -43.54 -5.71 -24.26
C ALA C 319 -43.56 -7.23 -24.09
N HIS C 320 -43.90 -7.73 -22.87
CA HIS C 320 -44.02 -9.15 -22.58
C HIS C 320 -42.68 -9.86 -22.79
N VAL C 321 -41.60 -9.17 -22.43
CA VAL C 321 -40.23 -9.67 -22.54
C VAL C 321 -39.65 -9.73 -21.15
N ILE C 322 -39.10 -10.90 -20.81
CA ILE C 322 -38.32 -11.06 -19.59
C ILE C 322 -36.85 -11.18 -19.99
N VAL C 323 -35.99 -10.47 -19.25
CA VAL C 323 -34.56 -10.56 -19.45
C VAL C 323 -33.94 -11.34 -18.29
N MET C 324 -33.27 -12.45 -18.61
CA MET C 324 -32.58 -13.28 -17.64
C MET C 324 -31.08 -13.14 -17.93
N ALA C 325 -30.29 -12.96 -16.87
CA ALA C 325 -28.85 -12.82 -17.06
C ALA C 325 -28.10 -13.64 -16.03
N ALA C 326 -26.92 -14.13 -16.43
CA ALA C 326 -26.13 -14.97 -15.53
C ALA C 326 -24.80 -14.29 -15.24
N THR C 327 -24.40 -14.39 -13.96
CA THR C 327 -23.11 -13.93 -13.50
C THR C 327 -22.71 -14.75 -12.29
N ASN C 328 -21.45 -14.57 -11.84
CA ASN C 328 -20.89 -15.29 -10.70
C ASN C 328 -21.44 -14.76 -9.38
N ARG C 329 -21.26 -13.45 -9.14
CA ARG C 329 -21.73 -12.83 -7.90
C ARG C 329 -22.26 -11.45 -8.24
N PRO C 330 -23.22 -10.89 -7.46
CA PRO C 330 -23.76 -9.56 -7.72
C PRO C 330 -22.66 -8.49 -7.73
N ASN C 331 -21.56 -8.75 -7.02
CA ASN C 331 -20.47 -7.79 -6.91
C ASN C 331 -19.68 -7.76 -8.21
N SER C 332 -19.96 -8.71 -9.12
CA SER C 332 -19.26 -8.78 -10.40
C SER C 332 -19.67 -7.60 -11.29
N ILE C 333 -20.95 -7.20 -11.18
CA ILE C 333 -21.63 -6.43 -12.21
C ILE C 333 -21.96 -5.04 -11.67
N ASP C 334 -22.07 -4.07 -12.61
CA ASP C 334 -22.43 -2.70 -12.29
C ASP C 334 -23.74 -2.68 -11.50
N PRO C 335 -23.76 -2.03 -10.32
CA PRO C 335 -24.93 -2.09 -9.43
C PRO C 335 -26.18 -1.45 -10.03
N ALA C 336 -26.00 -0.66 -11.10
CA ALA C 336 -27.11 0.03 -11.72
C ALA C 336 -28.07 -0.99 -12.33
N LEU C 337 -27.56 -2.18 -12.70
CA LEU C 337 -28.35 -3.24 -13.30
C LEU C 337 -29.38 -3.77 -12.32
N ARG C 338 -29.19 -3.48 -11.02
CA ARG C 338 -30.09 -3.98 -10.01
C ARG C 338 -31.14 -2.94 -9.60
N ARG C 339 -31.25 -1.84 -10.33
CA ARG C 339 -32.25 -0.81 -10.08
C ARG C 339 -33.67 -1.37 -10.21
N PHE C 340 -34.67 -0.49 -10.00
CA PHE C 340 -36.08 -0.89 -9.92
C PHE C 340 -36.52 -1.58 -11.22
N GLY C 341 -36.37 -0.87 -12.36
CA GLY C 341 -36.85 -1.38 -13.63
C GLY C 341 -36.03 -2.55 -14.17
N ARG C 342 -34.74 -2.54 -13.88
CA ARG C 342 -33.75 -3.46 -14.42
C ARG C 342 -33.80 -4.79 -13.66
N PHE C 343 -32.66 -5.51 -13.59
CA PHE C 343 -32.60 -6.78 -12.89
C PHE C 343 -33.02 -6.67 -11.43
N ASP C 344 -34.32 -6.56 -11.20
CA ASP C 344 -34.84 -6.30 -9.87
C ASP C 344 -35.02 -7.59 -9.07
N ARG C 345 -34.87 -8.77 -9.71
CA ARG C 345 -35.01 -10.03 -9.01
C ARG C 345 -33.71 -10.82 -9.18
N GLU C 346 -33.24 -11.44 -8.08
CA GLU C 346 -32.06 -12.30 -8.08
C GLU C 346 -32.44 -13.69 -7.58
N VAL C 347 -31.96 -14.73 -8.26
CA VAL C 347 -32.08 -16.10 -7.77
C VAL C 347 -30.69 -16.70 -7.74
N ASP C 348 -30.38 -17.41 -6.64
CA ASP C 348 -29.06 -18.00 -6.44
C ASP C 348 -29.07 -19.47 -6.84
N ILE C 349 -28.44 -19.78 -7.98
CA ILE C 349 -28.28 -21.18 -8.33
C ILE C 349 -26.93 -21.63 -7.80
N GLY C 350 -26.96 -22.47 -6.74
CA GLY C 350 -25.75 -22.80 -6.01
C GLY C 350 -25.20 -24.19 -6.33
N ILE C 351 -24.16 -24.58 -5.60
CA ILE C 351 -23.59 -25.91 -5.73
C ILE C 351 -24.62 -26.89 -5.20
N PRO C 352 -24.88 -28.03 -5.85
CA PRO C 352 -25.94 -28.94 -5.39
C PRO C 352 -25.47 -29.86 -4.26
N ASP C 353 -26.43 -30.32 -3.46
CA ASP C 353 -26.25 -31.38 -2.48
C ASP C 353 -26.11 -32.72 -3.19
N ALA C 354 -25.78 -33.76 -2.40
CA ALA C 354 -25.65 -35.10 -2.92
C ALA C 354 -26.94 -35.51 -3.61
N THR C 355 -28.07 -35.13 -3.01
CA THR C 355 -29.38 -35.50 -3.56
C THR C 355 -29.49 -34.92 -4.96
N GLY C 356 -29.10 -33.65 -5.10
CA GLY C 356 -29.13 -32.95 -6.38
C GLY C 356 -28.13 -33.55 -7.36
N ARG C 357 -26.98 -33.95 -6.83
CA ARG C 357 -25.97 -34.56 -7.68
C ARG C 357 -26.52 -35.84 -8.31
N LEU C 358 -27.23 -36.62 -7.49
CA LEU C 358 -27.82 -37.86 -7.96
C LEU C 358 -28.80 -37.60 -9.09
N GLU C 359 -29.67 -36.60 -8.92
CA GLU C 359 -30.60 -36.24 -9.98
C GLU C 359 -29.85 -35.89 -11.25
N ILE C 360 -28.74 -35.13 -11.10
CA ILE C 360 -27.99 -34.65 -12.26
C ILE C 360 -27.36 -35.83 -12.98
N LEU C 361 -26.79 -36.77 -12.20
CA LEU C 361 -26.20 -37.98 -12.74
C LEU C 361 -27.25 -38.78 -13.49
N GLN C 362 -28.45 -38.86 -12.91
CA GLN C 362 -29.54 -39.60 -13.52
C GLN C 362 -29.88 -38.96 -14.86
N ILE C 363 -29.98 -37.63 -14.87
CA ILE C 363 -30.29 -36.92 -16.09
C ILE C 363 -29.26 -37.27 -17.15
N HIS C 364 -27.99 -37.35 -16.76
CA HIS C 364 -26.94 -37.47 -17.74
C HIS C 364 -26.61 -38.93 -18.05
N THR C 365 -27.34 -39.86 -17.44
CA THR C 365 -27.12 -41.24 -17.80
C THR C 365 -28.37 -41.84 -18.44
N LYS C 366 -29.33 -40.95 -18.80
CA LYS C 366 -30.65 -41.42 -19.19
C LYS C 366 -30.57 -42.15 -20.51
N ASN C 367 -29.63 -41.78 -21.38
CA ASN C 367 -29.59 -42.42 -22.68
C ASN C 367 -28.50 -43.48 -22.70
N MET C 368 -28.02 -43.89 -21.52
CA MET C 368 -26.84 -44.74 -21.43
C MET C 368 -27.27 -46.07 -20.87
N LYS C 369 -26.69 -47.16 -21.41
CA LYS C 369 -26.91 -48.44 -20.78
C LYS C 369 -25.90 -48.56 -19.63
N LEU C 370 -26.42 -48.68 -18.41
CA LEU C 370 -25.55 -48.77 -17.26
C LEU C 370 -25.63 -50.19 -16.70
N ALA C 371 -24.47 -50.82 -16.53
CA ALA C 371 -24.39 -52.12 -15.90
C ALA C 371 -24.97 -52.07 -14.48
N ASP C 372 -25.23 -53.25 -13.91
CA ASP C 372 -25.85 -53.35 -12.60
C ASP C 372 -24.88 -52.90 -11.53
N ASP C 373 -23.59 -52.92 -11.87
CA ASP C 373 -22.54 -52.60 -10.92
C ASP C 373 -22.49 -51.09 -10.65
N VAL C 374 -23.14 -50.29 -11.52
CA VAL C 374 -23.08 -48.84 -11.40
C VAL C 374 -23.92 -48.42 -10.20
N ASP C 375 -23.29 -47.66 -9.29
CA ASP C 375 -23.97 -47.11 -8.13
C ASP C 375 -23.92 -45.59 -8.22
N LEU C 376 -24.96 -45.03 -8.83
CA LEU C 376 -24.95 -43.59 -9.03
C LEU C 376 -24.98 -42.86 -7.69
N GLU C 377 -25.52 -43.52 -6.66
CA GLU C 377 -25.56 -42.91 -5.34
C GLU C 377 -24.14 -42.72 -4.82
N GLN C 378 -23.30 -43.75 -4.98
CA GLN C 378 -21.90 -43.69 -4.61
C GLN C 378 -21.29 -42.48 -5.30
N VAL C 379 -21.45 -42.42 -6.62
CA VAL C 379 -20.87 -41.34 -7.39
C VAL C 379 -21.34 -40.02 -6.83
N ALA C 380 -22.64 -39.94 -6.55
CA ALA C 380 -23.23 -38.72 -6.03
C ALA C 380 -22.56 -38.34 -4.71
N ASN C 381 -22.36 -39.34 -3.85
CA ASN C 381 -21.84 -39.10 -2.51
C ASN C 381 -20.40 -38.60 -2.60
N GLU C 382 -19.58 -39.24 -3.41
CA GLU C 382 -18.17 -38.92 -3.42
C GLU C 382 -17.88 -37.64 -4.22
N THR C 383 -18.84 -37.17 -5.01
CA THR C 383 -18.57 -36.02 -5.86
C THR C 383 -18.90 -34.73 -5.10
N HIS C 384 -18.32 -34.56 -3.92
CA HIS C 384 -18.46 -33.36 -3.11
C HIS C 384 -18.02 -32.14 -3.92
N GLY C 385 -18.78 -31.05 -3.75
CA GLY C 385 -18.47 -29.74 -4.31
C GLY C 385 -18.50 -29.68 -5.84
N HIS C 386 -19.11 -30.68 -6.49
CA HIS C 386 -19.18 -30.69 -7.94
C HIS C 386 -20.45 -29.98 -8.38
N VAL C 387 -20.35 -29.22 -9.47
CA VAL C 387 -21.52 -28.64 -10.10
C VAL C 387 -22.00 -29.53 -11.24
N GLY C 388 -23.19 -29.22 -11.77
CA GLY C 388 -23.79 -29.96 -12.86
C GLY C 388 -22.81 -30.27 -13.98
N ALA C 389 -22.11 -29.24 -14.47
CA ALA C 389 -21.17 -29.39 -15.57
C ALA C 389 -20.12 -30.46 -15.28
N ASP C 390 -19.68 -30.52 -14.01
CA ASP C 390 -18.68 -31.48 -13.58
C ASP C 390 -19.23 -32.88 -13.76
N LEU C 391 -20.45 -33.06 -13.24
CA LEU C 391 -21.12 -34.34 -13.27
C LEU C 391 -21.36 -34.76 -14.71
N ALA C 392 -21.85 -33.81 -15.52
CA ALA C 392 -22.13 -34.10 -16.91
C ALA C 392 -20.87 -34.63 -17.59
N ALA C 393 -19.76 -33.94 -17.37
CA ALA C 393 -18.48 -34.32 -17.95
C ALA C 393 -18.03 -35.69 -17.44
N LEU C 394 -18.34 -35.97 -16.17
CA LEU C 394 -17.93 -37.24 -15.63
C LEU C 394 -18.62 -38.35 -16.41
N CYS C 395 -19.93 -38.16 -16.65
CA CYS C 395 -20.71 -39.14 -17.38
C CYS C 395 -20.15 -39.35 -18.77
N SER C 396 -19.83 -38.24 -19.45
CA SER C 396 -19.23 -38.34 -20.77
C SER C 396 -17.96 -39.17 -20.71
N GLU C 397 -17.09 -38.82 -19.74
CA GLU C 397 -15.78 -39.40 -19.74
C GLU C 397 -15.89 -40.90 -19.53
N ALA C 398 -16.89 -41.30 -18.73
CA ALA C 398 -17.12 -42.71 -18.44
C ALA C 398 -17.56 -43.43 -19.71
N ALA C 399 -18.55 -42.85 -20.40
CA ALA C 399 -19.00 -43.37 -21.67
C ALA C 399 -17.83 -43.59 -22.62
N LEU C 400 -17.03 -42.54 -22.84
CA LEU C 400 -15.96 -42.59 -23.81
C LEU C 400 -14.92 -43.64 -23.44
N GLN C 401 -14.71 -43.85 -22.13
CA GLN C 401 -13.77 -44.87 -21.69
C GLN C 401 -14.29 -46.23 -22.16
N ALA C 402 -15.57 -46.47 -21.85
CA ALA C 402 -16.28 -47.68 -22.22
C ALA C 402 -16.11 -47.96 -23.71
N ILE C 403 -16.46 -46.97 -24.53
CA ILE C 403 -16.27 -47.03 -25.97
C ILE C 403 -14.82 -47.38 -26.30
N ARG C 404 -13.87 -46.62 -25.71
CA ARG C 404 -12.48 -46.86 -25.98
C ARG C 404 -12.11 -48.33 -25.73
N LYS C 405 -12.57 -48.87 -24.61
CA LYS C 405 -12.21 -50.24 -24.26
C LYS C 405 -12.73 -51.21 -25.31
N LYS C 406 -13.98 -50.96 -25.77
CA LYS C 406 -14.65 -51.85 -26.69
C LYS C 406 -14.02 -51.72 -28.07
N MET C 407 -13.62 -50.51 -28.46
CA MET C 407 -13.03 -50.25 -29.77
C MET C 407 -11.78 -51.11 -29.96
N ASP C 408 -11.09 -51.42 -28.85
CA ASP C 408 -9.94 -52.31 -28.91
C ASP C 408 -10.37 -53.72 -29.30
N LEU C 409 -11.51 -54.17 -28.75
CA LEU C 409 -12.01 -55.52 -28.97
C LEU C 409 -12.71 -55.64 -30.33
N ILE C 410 -13.09 -54.52 -30.93
CA ILE C 410 -13.72 -54.46 -32.23
C ILE C 410 -12.62 -54.47 -33.31
N ASP C 411 -11.39 -54.83 -32.91
CA ASP C 411 -10.29 -55.08 -33.83
C ASP C 411 -10.62 -56.20 -34.83
N LEU C 412 -11.73 -56.93 -34.65
CA LEU C 412 -12.18 -57.94 -35.60
C LEU C 412 -12.86 -57.20 -36.76
N GLU C 413 -13.77 -57.85 -37.49
CA GLU C 413 -14.30 -57.24 -38.72
C GLU C 413 -15.27 -56.09 -38.42
N ASP C 414 -15.68 -55.95 -37.15
CA ASP C 414 -16.83 -55.13 -36.81
C ASP C 414 -16.51 -53.66 -37.11
N GLU C 415 -17.54 -52.91 -37.55
CA GLU C 415 -17.42 -51.51 -37.92
C GLU C 415 -17.26 -50.67 -36.66
N THR C 416 -17.11 -49.33 -36.81
CA THR C 416 -17.09 -48.41 -35.68
C THR C 416 -18.31 -48.69 -34.81
N ILE C 417 -18.07 -49.57 -33.82
CA ILE C 417 -19.07 -49.99 -32.85
C ILE C 417 -20.40 -50.27 -33.55
N ASP C 418 -21.24 -49.21 -33.63
CA ASP C 418 -22.50 -49.20 -34.42
C ASP C 418 -23.68 -48.87 -33.52
N ALA C 419 -24.85 -48.50 -34.02
CA ALA C 419 -25.99 -48.19 -33.16
C ALA C 419 -26.28 -49.35 -32.21
N GLU C 420 -26.24 -50.59 -32.76
CA GLU C 420 -26.57 -51.81 -32.03
C GLU C 420 -25.50 -52.07 -30.95
N VAL C 421 -24.22 -52.09 -31.35
CA VAL C 421 -23.13 -52.39 -30.44
C VAL C 421 -23.04 -51.29 -29.39
N MET C 422 -23.28 -50.04 -29.78
CA MET C 422 -23.38 -48.92 -28.85
C MET C 422 -24.48 -49.17 -27.83
N ASN C 423 -25.60 -49.75 -28.27
CA ASN C 423 -26.72 -50.10 -27.41
C ASN C 423 -26.39 -51.34 -26.57
N SER C 424 -25.56 -52.23 -27.12
CA SER C 424 -25.14 -53.42 -26.37
C SER C 424 -24.07 -53.06 -25.34
N LEU C 425 -23.37 -51.92 -25.56
CA LEU C 425 -22.29 -51.49 -24.70
C LEU C 425 -22.86 -50.93 -23.41
N ALA C 426 -22.35 -51.45 -22.30
CA ALA C 426 -22.76 -50.95 -20.99
C ALA C 426 -21.60 -50.17 -20.37
N VAL C 427 -21.92 -48.99 -19.82
CA VAL C 427 -20.93 -48.31 -19.00
C VAL C 427 -20.95 -48.98 -17.63
N THR C 428 -19.77 -49.36 -17.14
CA THR C 428 -19.61 -50.10 -15.90
C THR C 428 -19.12 -49.17 -14.80
N MET C 429 -19.12 -49.68 -13.57
CA MET C 429 -18.72 -48.84 -12.45
C MET C 429 -17.23 -48.52 -12.60
N ASP C 430 -16.47 -49.47 -13.15
CA ASP C 430 -15.05 -49.26 -13.38
C ASP C 430 -14.83 -48.07 -14.29
N ASP C 431 -15.74 -47.90 -15.27
CA ASP C 431 -15.69 -46.78 -16.19
C ASP C 431 -15.86 -45.48 -15.41
N PHE C 432 -16.84 -45.44 -14.52
CA PHE C 432 -17.05 -44.31 -13.64
C PHE C 432 -15.82 -44.10 -12.76
N ARG C 433 -15.29 -45.22 -12.24
CA ARG C 433 -14.12 -45.16 -11.39
C ARG C 433 -12.98 -44.51 -12.15
N TRP C 434 -12.74 -44.95 -13.39
CA TRP C 434 -11.67 -44.37 -14.18
C TRP C 434 -11.83 -42.86 -14.24
N ALA C 435 -13.06 -42.42 -14.55
CA ALA C 435 -13.41 -41.02 -14.68
C ALA C 435 -13.16 -40.27 -13.38
N LEU C 436 -13.66 -40.83 -12.27
CA LEU C 436 -13.53 -40.19 -10.98
C LEU C 436 -12.06 -40.12 -10.57
N SER C 437 -11.25 -41.02 -11.14
CA SER C 437 -9.88 -41.17 -10.68
C SER C 437 -8.93 -40.29 -11.47
N GLN C 438 -9.47 -39.49 -12.41
CA GLN C 438 -8.68 -38.94 -13.49
C GLN C 438 -8.54 -37.45 -13.25
N ASN D 1 -60.59 41.81 -0.93
CA ASN D 1 -60.68 40.35 -1.14
C ASN D 1 -61.88 39.80 -0.37
N ARG D 2 -62.90 39.38 -1.13
CA ARG D 2 -64.12 38.73 -0.63
C ARG D 2 -63.74 37.45 0.09
N PRO D 3 -64.37 37.10 1.24
CA PRO D 3 -63.99 35.90 1.98
C PRO D 3 -64.30 34.58 1.29
N ASN D 4 -65.17 34.63 0.27
CA ASN D 4 -65.48 33.47 -0.55
C ASN D 4 -64.26 33.01 -1.36
N ARG D 5 -63.26 33.89 -1.56
CA ARG D 5 -62.01 33.54 -2.23
C ARG D 5 -61.04 32.84 -1.25
N LEU D 6 -60.52 31.69 -1.69
CA LEU D 6 -59.61 30.85 -0.91
C LEU D 6 -58.48 30.32 -1.79
N ILE D 7 -57.42 29.82 -1.14
CA ILE D 7 -56.25 29.31 -1.85
C ILE D 7 -56.31 27.79 -1.88
N VAL D 8 -56.14 27.22 -3.08
CA VAL D 8 -56.21 25.78 -3.29
C VAL D 8 -55.04 25.10 -2.58
N ASP D 9 -55.35 24.11 -1.74
CA ASP D 9 -54.34 23.38 -1.00
C ASP D 9 -54.53 21.88 -1.24
N GLU D 10 -53.56 21.08 -0.81
CA GLU D 10 -53.61 19.63 -0.94
C GLU D 10 -54.76 19.09 -0.09
N ALA D 11 -55.17 17.84 -0.35
CA ALA D 11 -56.34 17.26 0.29
C ALA D 11 -55.95 16.21 1.32
N ILE D 12 -56.46 16.34 2.55
CA ILE D 12 -56.37 15.29 3.56
C ILE D 12 -57.28 14.11 3.21
N ASN D 13 -58.52 14.39 2.83
CA ASN D 13 -59.46 13.35 2.44
C ASN D 13 -59.45 13.19 0.92
N GLU D 14 -59.27 11.95 0.45
CA GLU D 14 -59.02 11.67 -0.96
C GLU D 14 -60.33 11.44 -1.73
N ASP D 15 -61.50 11.63 -1.06
CA ASP D 15 -62.78 11.45 -1.72
C ASP D 15 -63.01 12.59 -2.73
N ASN D 16 -63.39 12.21 -3.94
CA ASN D 16 -63.48 13.13 -5.06
C ASN D 16 -64.45 14.26 -4.76
N SER D 17 -65.44 13.97 -3.92
CA SER D 17 -66.59 14.87 -3.77
C SER D 17 -66.42 15.73 -2.53
N VAL D 18 -65.24 15.70 -1.91
CA VAL D 18 -65.05 16.40 -0.65
C VAL D 18 -64.04 17.54 -0.80
N VAL D 19 -64.40 18.69 -0.21
CA VAL D 19 -63.49 19.81 -0.01
C VAL D 19 -63.49 20.14 1.47
N SER D 20 -62.36 20.69 1.95
CA SER D 20 -62.18 20.94 3.36
C SER D 20 -61.82 22.40 3.62
N LEU D 21 -62.39 22.95 4.71
CA LEU D 21 -62.22 24.33 5.15
C LEU D 21 -62.04 24.32 6.67
N SER D 22 -61.43 25.39 7.20
CA SER D 22 -61.38 25.54 8.65
C SER D 22 -62.80 25.80 9.17
N GLN D 23 -63.11 25.30 10.37
CA GLN D 23 -64.42 25.55 10.93
C GLN D 23 -64.68 27.06 10.97
N PRO D 24 -63.74 27.89 11.49
CA PRO D 24 -63.86 29.34 11.43
C PRO D 24 -64.43 29.83 10.11
N LYS D 25 -63.82 29.38 9.01
CA LYS D 25 -64.20 29.83 7.67
C LYS D 25 -65.60 29.34 7.32
N MET D 26 -65.91 28.11 7.75
CA MET D 26 -67.21 27.51 7.50
C MET D 26 -68.28 28.30 8.25
N ASP D 27 -67.98 28.65 9.51
CA ASP D 27 -68.84 29.47 10.34
C ASP D 27 -69.04 30.84 9.68
N GLU D 28 -67.92 31.50 9.35
CA GLU D 28 -67.90 32.77 8.65
C GLU D 28 -68.79 32.73 7.41
N LEU D 29 -68.76 31.63 6.67
CA LEU D 29 -69.51 31.50 5.42
C LEU D 29 -70.85 30.81 5.67
N GLN D 30 -71.14 30.52 6.95
CA GLN D 30 -72.35 29.84 7.39
C GLN D 30 -72.52 28.53 6.63
N LEU D 31 -71.53 27.63 6.77
CA LEU D 31 -71.55 26.35 6.09
C LEU D 31 -71.70 25.23 7.11
N PHE D 32 -72.54 24.26 6.76
CA PHE D 32 -72.82 23.12 7.61
C PHE D 32 -72.11 21.89 7.03
N ARG D 33 -71.62 21.00 7.90
CA ARG D 33 -70.97 19.79 7.44
C ARG D 33 -71.85 19.08 6.43
N GLY D 34 -71.35 18.89 5.20
CA GLY D 34 -72.06 18.11 4.23
C GLY D 34 -72.83 18.97 3.25
N ASP D 35 -72.83 20.29 3.52
CA ASP D 35 -73.50 21.23 2.64
C ASP D 35 -72.84 21.16 1.26
N THR D 36 -73.66 21.00 0.21
CA THR D 36 -73.14 21.14 -1.14
C THR D 36 -72.72 22.59 -1.37
N VAL D 37 -71.51 22.76 -1.91
CA VAL D 37 -70.95 24.06 -2.25
C VAL D 37 -70.65 24.12 -3.74
N LEU D 38 -70.72 25.31 -4.32
CA LEU D 38 -70.33 25.55 -5.70
C LEU D 38 -68.99 26.27 -5.72
N LEU D 39 -68.03 25.71 -6.46
CA LEU D 39 -66.69 26.28 -6.55
C LEU D 39 -66.49 26.80 -7.96
N LYS D 40 -65.90 27.99 -8.06
CA LYS D 40 -65.65 28.61 -9.36
C LYS D 40 -64.15 28.72 -9.52
N GLY D 41 -63.66 28.43 -10.74
CA GLY D 41 -62.23 28.45 -11.04
C GLY D 41 -61.93 29.13 -12.37
N LYS D 42 -60.77 28.81 -12.95
CA LYS D 42 -60.32 29.42 -14.19
C LYS D 42 -61.09 28.84 -15.37
N LYS D 43 -60.91 29.44 -16.56
CA LYS D 43 -61.62 29.09 -17.78
C LYS D 43 -63.11 29.00 -17.53
N ARG D 44 -63.59 29.76 -16.53
CA ARG D 44 -64.99 29.86 -16.14
C ARG D 44 -65.56 28.49 -15.78
N ARG D 45 -64.68 27.55 -15.41
CA ARG D 45 -65.08 26.21 -15.02
C ARG D 45 -65.72 26.25 -13.63
N GLU D 46 -66.60 25.28 -13.35
CA GLU D 46 -67.33 25.20 -12.10
C GLU D 46 -67.35 23.77 -11.58
N ALA D 47 -67.56 23.62 -10.26
CA ALA D 47 -67.68 22.30 -9.65
C ALA D 47 -68.52 22.39 -8.38
N VAL D 48 -69.20 21.29 -8.07
CA VAL D 48 -70.01 21.19 -6.86
C VAL D 48 -69.47 20.06 -6.00
N CYS D 49 -69.40 20.29 -4.69
CA CYS D 49 -68.74 19.38 -3.77
C CYS D 49 -69.41 19.43 -2.41
N ILE D 50 -68.98 18.54 -1.52
CA ILE D 50 -69.40 18.46 -0.14
C ILE D 50 -68.33 19.11 0.73
N VAL D 51 -68.74 19.97 1.66
CA VAL D 51 -67.76 20.63 2.51
C VAL D 51 -67.69 19.93 3.86
N LEU D 52 -66.47 19.78 4.39
CA LEU D 52 -66.20 19.27 5.72
C LEU D 52 -65.13 20.13 6.37
N SER D 53 -64.80 19.84 7.62
CA SER D 53 -63.92 20.70 8.38
C SER D 53 -62.59 20.01 8.64
N ASP D 54 -61.50 20.68 8.31
CA ASP D 54 -60.17 20.16 8.63
C ASP D 54 -59.51 21.11 9.63
N ASP D 55 -59.07 20.54 10.76
CA ASP D 55 -58.37 21.31 11.79
C ASP D 55 -57.14 21.97 11.20
N THR D 56 -56.36 21.19 10.42
CA THR D 56 -55.07 21.61 9.90
C THR D 56 -55.22 22.69 8.82
N CYS D 57 -56.41 22.75 8.21
CA CYS D 57 -56.63 23.66 7.10
C CYS D 57 -56.59 25.10 7.60
N SER D 58 -55.63 25.87 7.09
CA SER D 58 -55.55 27.31 7.27
C SER D 58 -56.83 27.99 6.75
N ASP D 59 -57.26 29.06 7.45
CA ASP D 59 -58.58 29.64 7.26
C ASP D 59 -58.75 30.14 5.83
N GLU D 60 -57.64 30.59 5.24
CA GLU D 60 -57.66 31.24 3.94
C GLU D 60 -57.49 30.21 2.81
N LYS D 61 -57.44 28.92 3.16
CA LYS D 61 -57.18 27.86 2.19
C LYS D 61 -58.35 26.87 2.11
N ILE D 62 -58.44 26.18 0.97
CA ILE D 62 -59.36 25.08 0.75
C ILE D 62 -58.56 23.85 0.32
N ARG D 63 -58.93 22.69 0.85
CA ARG D 63 -58.32 21.44 0.47
C ARG D 63 -59.20 20.72 -0.55
N MET D 64 -58.66 20.46 -1.73
CA MET D 64 -59.37 19.67 -2.73
C MET D 64 -58.41 18.70 -3.42
N ASN D 65 -58.92 17.51 -3.77
CA ASN D 65 -58.18 16.50 -4.49
C ASN D 65 -57.96 16.97 -5.94
N ARG D 66 -57.21 16.17 -6.69
CA ARG D 66 -56.71 16.60 -7.98
C ARG D 66 -57.85 16.52 -9.01
N VAL D 67 -58.85 15.67 -8.73
CA VAL D 67 -60.03 15.59 -9.57
C VAL D 67 -60.67 16.96 -9.69
N VAL D 68 -61.00 17.54 -8.52
CA VAL D 68 -61.64 18.84 -8.40
C VAL D 68 -60.79 19.91 -9.07
N ARG D 69 -59.50 19.94 -8.74
CA ARG D 69 -58.59 20.96 -9.24
C ARG D 69 -58.66 21.00 -10.77
N ASN D 70 -58.65 19.80 -11.38
CA ASN D 70 -58.67 19.67 -12.83
C ASN D 70 -60.00 20.20 -13.38
N ASN D 71 -61.09 19.85 -12.69
CA ASN D 71 -62.42 20.28 -13.09
C ASN D 71 -62.53 21.80 -13.02
N LEU D 72 -61.90 22.39 -12.00
CA LEU D 72 -61.87 23.83 -11.86
C LEU D 72 -60.74 24.44 -12.67
N ARG D 73 -59.97 23.62 -13.40
CA ARG D 73 -58.80 24.06 -14.14
C ARG D 73 -57.89 24.97 -13.29
N VAL D 74 -57.71 24.65 -12.01
CA VAL D 74 -56.79 25.36 -11.15
C VAL D 74 -55.67 24.40 -10.72
N ARG D 75 -54.57 25.00 -10.23
CA ARG D 75 -53.44 24.27 -9.69
C ARG D 75 -53.27 24.65 -8.23
N LEU D 76 -52.47 23.88 -7.49
CA LEU D 76 -52.21 24.20 -6.10
C LEU D 76 -51.66 25.60 -5.99
N GLY D 77 -52.24 26.40 -5.09
CA GLY D 77 -51.82 27.77 -4.85
C GLY D 77 -52.68 28.79 -5.58
N ASP D 78 -53.56 28.34 -6.46
CA ASP D 78 -54.50 29.21 -7.15
C ASP D 78 -55.59 29.65 -6.17
N VAL D 79 -56.41 30.61 -6.63
CA VAL D 79 -57.51 31.09 -5.82
C VAL D 79 -58.82 30.64 -6.44
N ILE D 80 -59.79 30.27 -5.59
CA ILE D 80 -61.11 29.86 -6.06
C ILE D 80 -62.16 30.63 -5.27
N SER D 81 -63.41 30.58 -5.74
CA SER D 81 -64.55 31.17 -5.05
C SER D 81 -65.50 30.07 -4.61
N ILE D 82 -65.96 30.18 -3.35
CA ILE D 82 -66.88 29.21 -2.80
C ILE D 82 -68.18 29.93 -2.46
N GLN D 83 -69.30 29.39 -2.96
CA GLN D 83 -70.63 29.86 -2.60
C GLN D 83 -71.49 28.64 -2.31
N PRO D 84 -72.46 28.75 -1.38
CA PRO D 84 -73.42 27.66 -1.13
C PRO D 84 -74.29 27.34 -2.34
N CYS D 85 -74.76 26.10 -2.39
CA CYS D 85 -75.58 25.61 -3.48
C CYS D 85 -76.70 24.78 -2.88
N PRO D 86 -77.67 25.40 -2.14
CA PRO D 86 -78.70 24.65 -1.42
C PRO D 86 -79.86 24.17 -2.32
N ASP D 87 -79.85 24.64 -3.56
CA ASP D 87 -80.84 24.34 -4.59
C ASP D 87 -80.60 22.96 -5.22
N VAL D 88 -79.81 22.10 -4.53
CA VAL D 88 -79.45 20.78 -5.01
C VAL D 88 -80.66 19.85 -4.95
N LYS D 89 -81.10 19.41 -6.14
CA LYS D 89 -82.23 18.51 -6.26
C LYS D 89 -81.70 17.13 -6.59
N TYR D 90 -82.12 16.11 -5.81
CA TYR D 90 -81.93 14.72 -6.20
C TYR D 90 -82.38 14.54 -7.63
N GLY D 91 -81.46 14.68 -8.59
CA GLY D 91 -81.77 14.60 -10.01
C GLY D 91 -82.23 13.21 -10.42
N LYS D 92 -82.93 13.12 -11.55
CA LYS D 92 -83.60 11.88 -11.93
C LYS D 92 -82.67 11.05 -12.80
N ARG D 93 -82.19 11.63 -13.91
CA ARG D 93 -81.40 10.93 -14.92
C ARG D 93 -80.04 11.63 -15.12
N ILE D 94 -78.95 10.86 -14.98
CA ILE D 94 -77.61 11.32 -15.38
C ILE D 94 -77.02 10.40 -16.44
N HIS D 95 -76.23 11.00 -17.33
CA HIS D 95 -75.57 10.26 -18.39
C HIS D 95 -74.05 10.47 -18.32
N VAL D 96 -73.32 9.37 -18.12
CA VAL D 96 -71.87 9.40 -17.92
C VAL D 96 -71.21 8.45 -18.91
N LEU D 97 -70.08 8.91 -19.45
CA LEU D 97 -69.34 8.14 -20.44
C LEU D 97 -67.87 8.12 -20.06
N PRO D 98 -67.15 6.99 -20.26
CA PRO D 98 -65.72 6.92 -19.92
C PRO D 98 -64.85 7.54 -21.00
N ILE D 99 -63.69 8.07 -20.58
CA ILE D 99 -62.67 8.56 -21.49
C ILE D 99 -61.87 7.37 -22.02
N ASP D 100 -61.55 7.41 -23.32
CA ASP D 100 -61.02 6.28 -24.07
C ASP D 100 -59.77 5.68 -23.44
N ASP D 101 -58.75 6.53 -23.16
CA ASP D 101 -57.48 6.08 -22.62
C ASP D 101 -57.66 5.23 -21.36
N THR D 102 -58.56 5.65 -20.47
CA THR D 102 -58.72 4.98 -19.18
C THR D 102 -59.34 3.59 -19.30
N VAL D 103 -60.07 3.31 -20.39
CA VAL D 103 -60.84 2.08 -20.42
C VAL D 103 -60.24 1.05 -21.39
N GLU D 104 -59.07 1.35 -21.96
CA GLU D 104 -58.40 0.43 -22.87
C GLU D 104 -58.13 -0.90 -22.18
N GLY D 105 -58.70 -1.99 -22.69
CA GLY D 105 -58.48 -3.30 -22.09
C GLY D 105 -59.59 -3.68 -21.12
N ILE D 106 -60.28 -2.69 -20.57
CA ILE D 106 -61.34 -2.93 -19.61
C ILE D 106 -62.54 -3.47 -20.35
N THR D 107 -63.06 -4.60 -19.89
CA THR D 107 -64.12 -5.34 -20.57
C THR D 107 -65.13 -5.79 -19.53
N GLY D 108 -65.70 -4.84 -18.80
CA GLY D 108 -66.78 -5.17 -17.87
C GLY D 108 -68.04 -4.36 -18.18
N ASN D 109 -69.07 -4.59 -17.36
CA ASN D 109 -70.12 -3.60 -17.21
C ASN D 109 -69.60 -2.54 -16.24
N LEU D 110 -69.15 -1.43 -16.84
CA LEU D 110 -68.61 -0.28 -16.13
C LEU D 110 -69.51 0.14 -14.98
N PHE D 111 -70.83 -0.01 -15.19
CA PHE D 111 -71.79 0.33 -14.16
C PHE D 111 -71.51 -0.46 -12.89
N GLU D 112 -71.58 -1.79 -13.00
CA GLU D 112 -71.50 -2.66 -11.84
C GLU D 112 -70.15 -2.54 -11.17
N VAL D 113 -69.07 -2.55 -11.98
CA VAL D 113 -67.72 -2.51 -11.46
C VAL D 113 -67.37 -1.14 -10.88
N TYR D 114 -67.52 -0.07 -11.69
CA TYR D 114 -67.06 1.25 -11.32
C TYR D 114 -68.21 2.11 -10.76
N LEU D 115 -69.16 2.47 -11.64
CA LEU D 115 -70.14 3.52 -11.40
C LEU D 115 -71.05 3.20 -10.20
N LYS D 116 -71.62 1.99 -10.17
CA LYS D 116 -72.61 1.63 -9.16
C LYS D 116 -72.08 1.91 -7.75
N PRO D 117 -70.96 1.27 -7.30
CA PRO D 117 -70.49 1.47 -5.93
C PRO D 117 -69.90 2.85 -5.67
N TYR D 118 -69.50 3.56 -6.73
CA TYR D 118 -69.02 4.93 -6.60
C TYR D 118 -70.13 5.79 -6.00
N PHE D 119 -71.29 5.76 -6.69
CA PHE D 119 -72.42 6.63 -6.41
C PHE D 119 -73.29 6.09 -5.28
N LEU D 120 -73.20 4.78 -5.02
CA LEU D 120 -74.14 4.08 -4.18
C LEU D 120 -74.21 4.72 -2.79
N GLU D 121 -75.38 5.27 -2.45
CA GLU D 121 -75.69 5.83 -1.14
C GLU D 121 -74.65 6.88 -0.76
N ALA D 122 -74.01 7.45 -1.78
CA ALA D 122 -72.98 8.46 -1.56
C ALA D 122 -73.65 9.82 -1.53
N TYR D 123 -74.74 9.96 -2.29
CA TYR D 123 -75.45 11.21 -2.44
C TYR D 123 -74.49 12.27 -2.96
N ARG D 124 -73.74 11.89 -4.01
CA ARG D 124 -72.66 12.70 -4.53
C ARG D 124 -73.23 13.82 -5.41
N PRO D 125 -72.89 15.11 -5.14
CA PRO D 125 -73.24 16.19 -6.06
C PRO D 125 -72.40 16.08 -7.33
N ILE D 126 -73.04 16.25 -8.49
CA ILE D 126 -72.34 16.22 -9.77
C ILE D 126 -72.80 17.39 -10.63
N ARG D 127 -71.90 17.87 -11.49
CA ARG D 127 -72.22 18.92 -12.45
C ARG D 127 -71.94 18.41 -13.85
N LYS D 128 -72.60 19.01 -14.84
CA LYS D 128 -72.36 18.58 -16.20
C LYS D 128 -70.93 18.94 -16.52
N GLY D 129 -70.28 18.09 -17.34
CA GLY D 129 -68.95 18.36 -17.87
C GLY D 129 -67.83 18.05 -16.88
N ASP D 130 -68.20 17.51 -15.71
CA ASP D 130 -67.27 17.05 -14.69
C ASP D 130 -66.63 15.75 -15.15
N ILE D 131 -65.34 15.59 -14.85
CA ILE D 131 -64.66 14.31 -15.02
C ILE D 131 -64.33 13.80 -13.63
N PHE D 132 -64.79 12.58 -13.33
CA PHE D 132 -64.53 11.98 -12.04
C PHE D 132 -63.77 10.67 -12.25
N LEU D 133 -63.18 10.16 -11.14
CA LEU D 133 -62.28 9.02 -11.24
C LEU D 133 -62.75 7.93 -10.29
N VAL D 134 -62.90 6.72 -10.84
CA VAL D 134 -63.27 5.57 -10.01
C VAL D 134 -62.13 4.57 -10.09
N ARG D 135 -61.75 4.05 -8.91
CA ARG D 135 -60.58 3.19 -8.86
C ARG D 135 -61.06 1.77 -8.58
N GLY D 136 -60.53 0.80 -9.34
CA GLY D 136 -60.80 -0.60 -9.06
C GLY D 136 -60.21 -1.51 -10.13
N GLY D 137 -60.15 -2.81 -9.81
CA GLY D 137 -59.66 -3.82 -10.72
C GLY D 137 -58.25 -3.50 -11.21
N MET D 138 -57.42 -3.03 -10.27
CA MET D 138 -56.05 -2.61 -10.50
C MET D 138 -55.97 -1.57 -11.62
N ARG D 139 -57.01 -0.73 -11.75
CA ARG D 139 -57.00 0.39 -12.70
C ARG D 139 -57.76 1.56 -12.09
N ALA D 140 -57.69 2.72 -12.77
CA ALA D 140 -58.55 3.84 -12.43
C ALA D 140 -59.14 4.41 -13.73
N VAL D 141 -60.47 4.50 -13.77
CA VAL D 141 -61.22 4.91 -14.96
C VAL D 141 -61.72 6.34 -14.76
N GLU D 142 -61.58 7.16 -15.80
CA GLU D 142 -62.12 8.51 -15.79
C GLU D 142 -63.44 8.54 -16.58
N PHE D 143 -64.50 9.00 -15.90
CA PHE D 143 -65.80 9.21 -16.53
C PHE D 143 -66.11 10.70 -16.59
N LYS D 144 -66.69 11.14 -17.71
CA LYS D 144 -67.23 12.49 -17.86
C LYS D 144 -68.75 12.44 -17.74
N VAL D 145 -69.31 13.41 -17.00
CA VAL D 145 -70.76 13.60 -16.91
C VAL D 145 -71.21 14.37 -18.16
N VAL D 146 -71.87 13.65 -19.08
CA VAL D 146 -72.27 14.20 -20.37
C VAL D 146 -73.61 14.91 -20.24
N GLU D 147 -74.54 14.35 -19.45
CA GLU D 147 -75.82 15.00 -19.22
C GLU D 147 -76.33 14.73 -17.80
N THR D 148 -76.98 15.75 -17.21
CA THR D 148 -77.62 15.60 -15.92
C THR D 148 -79.07 16.05 -16.03
N ASP D 149 -79.93 15.47 -15.18
CA ASP D 149 -81.36 15.73 -15.13
C ASP D 149 -81.63 17.24 -15.01
N PRO D 150 -81.49 17.89 -13.83
CA PRO D 150 -81.36 19.36 -13.80
C PRO D 150 -80.05 19.73 -14.51
N SER D 151 -80.11 20.68 -15.45
CA SER D 151 -79.03 20.87 -16.41
C SER D 151 -77.71 21.19 -15.73
N PRO D 152 -77.63 22.20 -14.83
CA PRO D 152 -76.36 22.49 -14.16
C PRO D 152 -75.95 21.36 -13.20
N TYR D 153 -76.61 21.28 -12.04
CA TYR D 153 -76.16 20.43 -10.95
C TYR D 153 -77.25 19.40 -10.65
N CYS D 154 -76.89 18.37 -9.88
CA CYS D 154 -77.77 17.30 -9.49
C CYS D 154 -77.12 16.55 -8.33
N ILE D 155 -77.93 15.94 -7.46
CA ILE D 155 -77.37 14.96 -6.53
C ILE D 155 -77.75 13.56 -7.01
N VAL D 156 -76.74 12.72 -7.26
CA VAL D 156 -77.00 11.33 -7.59
C VAL D 156 -77.42 10.59 -6.32
N ALA D 157 -78.74 10.34 -6.24
CA ALA D 157 -79.41 9.71 -5.12
C ALA D 157 -79.93 8.35 -5.55
N PRO D 158 -80.34 7.46 -4.61
CA PRO D 158 -80.67 6.07 -4.93
C PRO D 158 -81.49 5.88 -6.20
N ASP D 159 -82.54 6.66 -6.33
CA ASP D 159 -83.49 6.59 -7.44
C ASP D 159 -82.94 7.23 -8.71
N THR D 160 -81.76 7.86 -8.61
CA THR D 160 -81.17 8.50 -9.78
C THR D 160 -80.84 7.42 -10.81
N VAL D 161 -81.34 7.61 -12.03
CA VAL D 161 -81.01 6.71 -13.13
C VAL D 161 -79.63 7.11 -13.64
N ILE D 162 -78.72 6.12 -13.64
CA ILE D 162 -77.38 6.31 -14.15
C ILE D 162 -77.30 5.58 -15.49
N HIS D 163 -76.95 6.30 -16.55
CA HIS D 163 -76.93 5.70 -17.86
C HIS D 163 -75.52 5.80 -18.42
N CYS D 164 -74.98 4.67 -18.90
CA CYS D 164 -73.79 4.64 -19.73
C CYS D 164 -74.15 4.13 -21.13
N GLU D 165 -73.90 5.00 -22.12
CA GLU D 165 -74.29 4.78 -23.51
C GLU D 165 -73.30 3.80 -24.15
N GLY D 166 -72.08 3.73 -23.60
CA GLY D 166 -71.10 2.72 -23.96
C GLY D 166 -70.29 3.10 -25.20
N GLU D 167 -70.10 4.40 -25.44
CA GLU D 167 -69.17 4.85 -26.45
C GLU D 167 -68.10 5.74 -25.81
N PRO D 168 -66.85 5.25 -25.64
CA PRO D 168 -65.80 6.01 -24.95
C PRO D 168 -65.47 7.33 -25.63
N ILE D 169 -65.54 8.43 -24.86
CA ILE D 169 -65.29 9.78 -25.36
C ILE D 169 -63.79 10.00 -25.46
N LYS D 170 -63.42 10.97 -26.32
CA LYS D 170 -62.04 11.38 -26.50
C LYS D 170 -61.66 12.33 -25.38
N ARG D 171 -60.36 12.57 -25.23
CA ARG D 171 -59.85 13.48 -24.21
C ARG D 171 -59.59 14.83 -24.87
N ALA D 172 -60.25 15.89 -24.39
CA ALA D 172 -60.00 17.24 -24.88
C ALA D 172 -58.64 17.74 -24.40
N ALA D 173 -58.09 18.77 -25.06
CA ALA D 173 -56.69 19.16 -24.90
C ALA D 173 -56.43 19.70 -23.50
N ALA D 174 -57.41 20.40 -22.91
CA ALA D 174 -57.28 21.00 -21.59
C ALA D 174 -57.43 19.96 -20.47
N GLU D 175 -58.02 18.80 -20.77
CA GLU D 175 -58.26 17.72 -19.82
C GLU D 175 -56.97 16.94 -19.55
N GLU D 176 -56.53 16.90 -18.29
CA GLU D 176 -55.31 16.21 -17.90
C GLU D 176 -55.60 14.84 -17.29
N SER D 177 -54.72 13.88 -17.58
CA SER D 177 -54.88 12.53 -17.06
C SER D 177 -54.71 12.52 -15.54
N LEU D 178 -55.59 11.78 -14.87
CA LEU D 178 -55.46 11.58 -13.44
C LEU D 178 -54.51 10.41 -13.19
N ASN D 179 -54.05 9.80 -14.29
CA ASN D 179 -53.04 8.76 -14.21
C ASN D 179 -51.64 9.38 -14.28
N GLU D 180 -51.55 10.68 -14.57
CA GLU D 180 -50.31 11.44 -14.41
C GLU D 180 -49.87 11.42 -12.95
N VAL D 181 -48.56 11.52 -12.71
CA VAL D 181 -48.07 11.45 -11.34
C VAL D 181 -48.29 12.81 -10.66
N GLY D 182 -48.74 12.80 -9.41
CA GLY D 182 -48.85 14.04 -8.65
C GLY D 182 -48.37 13.88 -7.20
N TYR D 183 -48.50 14.94 -6.41
CA TYR D 183 -48.05 14.86 -5.04
C TYR D 183 -48.77 13.74 -4.30
N ASP D 184 -49.98 13.41 -4.76
CA ASP D 184 -50.82 12.42 -4.09
C ASP D 184 -50.23 11.01 -4.30
N ASP D 185 -49.22 10.90 -5.17
CA ASP D 185 -48.62 9.61 -5.46
C ASP D 185 -47.31 9.47 -4.71
N ILE D 186 -46.96 10.49 -3.94
CA ILE D 186 -45.70 10.54 -3.24
C ILE D 186 -46.00 10.47 -1.76
N GLY D 187 -45.48 9.45 -1.07
CA GLY D 187 -45.66 9.33 0.36
C GLY D 187 -44.32 9.31 1.09
N GLY D 188 -44.25 9.92 2.27
CA GLY D 188 -43.07 9.80 3.08
C GLY D 188 -42.09 10.97 2.98
N CYS D 189 -42.21 11.87 2.01
CA CYS D 189 -41.20 12.91 1.92
C CYS D 189 -41.83 14.28 2.19
N ARG D 190 -42.72 14.34 3.18
CA ARG D 190 -43.52 15.54 3.42
C ARG D 190 -42.64 16.79 3.43
N LYS D 191 -41.69 16.83 4.36
CA LYS D 191 -40.90 18.02 4.62
C LYS D 191 -40.04 18.35 3.42
N GLN D 192 -39.45 17.32 2.81
CA GLN D 192 -38.57 17.50 1.66
C GLN D 192 -39.39 18.00 0.47
N LEU D 193 -40.59 17.45 0.31
CA LEU D 193 -41.46 17.83 -0.78
C LEU D 193 -41.86 19.30 -0.64
N ALA D 194 -42.19 19.69 0.60
CA ALA D 194 -42.49 21.06 0.95
C ALA D 194 -41.37 22.03 0.56
N GLN D 195 -40.12 21.65 0.87
CA GLN D 195 -39.00 22.50 0.53
C GLN D 195 -38.92 22.74 -0.97
N ILE D 196 -39.08 21.64 -1.73
CA ILE D 196 -38.91 21.68 -3.18
C ILE D 196 -40.02 22.54 -3.78
N LYS D 197 -41.23 22.36 -3.22
CA LYS D 197 -42.40 23.12 -3.59
C LYS D 197 -42.13 24.62 -3.50
N GLU D 198 -41.60 25.06 -2.34
CA GLU D 198 -41.29 26.45 -2.09
C GLU D 198 -40.28 26.95 -3.11
N MET D 199 -39.30 26.08 -3.40
CA MET D 199 -38.17 26.46 -4.23
C MET D 199 -38.67 26.81 -5.61
N VAL D 200 -39.61 26.01 -6.12
CA VAL D 200 -40.08 26.11 -7.49
C VAL D 200 -41.30 27.01 -7.61
N GLU D 201 -41.97 27.33 -6.50
CA GLU D 201 -43.17 28.16 -6.52
C GLU D 201 -42.99 29.38 -7.43
N LEU D 202 -42.17 30.35 -7.00
CA LEU D 202 -42.06 31.60 -7.75
C LEU D 202 -41.54 31.36 -9.17
N PRO D 203 -40.42 30.63 -9.41
CA PRO D 203 -39.91 30.47 -10.77
C PRO D 203 -40.85 29.76 -11.74
N LEU D 204 -41.59 28.76 -11.26
CA LEU D 204 -42.46 27.99 -12.14
C LEU D 204 -43.86 28.57 -12.20
N ARG D 205 -44.42 28.99 -11.06
CA ARG D 205 -45.79 29.45 -11.03
C ARG D 205 -45.93 30.96 -11.24
N HIS D 206 -44.86 31.74 -11.06
CA HIS D 206 -44.95 33.19 -11.16
C HIS D 206 -43.73 33.72 -11.90
N PRO D 207 -43.40 33.22 -13.10
CA PRO D 207 -42.15 33.56 -13.78
C PRO D 207 -41.99 35.04 -14.03
N ALA D 208 -43.12 35.72 -14.29
CA ALA D 208 -43.13 37.10 -14.69
C ALA D 208 -42.39 37.95 -13.65
N LEU D 209 -42.48 37.53 -12.39
CA LEU D 209 -41.96 38.32 -11.31
C LEU D 209 -40.49 38.59 -11.53
N PHE D 210 -39.79 37.65 -12.17
CA PHE D 210 -38.35 37.73 -12.30
C PHE D 210 -37.93 38.74 -13.35
N LYS D 211 -38.88 39.24 -14.15
CA LYS D 211 -38.61 40.36 -15.03
C LYS D 211 -38.53 41.64 -14.22
N ALA D 212 -39.38 41.77 -13.20
CA ALA D 212 -39.52 42.97 -12.40
C ALA D 212 -38.44 43.10 -11.32
N ILE D 213 -37.80 41.98 -10.92
CA ILE D 213 -36.91 41.94 -9.76
C ILE D 213 -35.55 41.38 -10.16
N GLY D 214 -34.52 41.72 -9.38
CA GLY D 214 -33.15 41.38 -9.69
C GLY D 214 -32.63 40.22 -8.86
N VAL D 215 -33.46 39.73 -7.94
CA VAL D 215 -33.20 38.54 -7.14
C VAL D 215 -33.13 37.31 -8.04
N LYS D 216 -32.17 36.42 -7.73
CA LYS D 216 -31.88 35.25 -8.53
C LYS D 216 -32.64 34.04 -7.95
N PRO D 217 -33.48 33.35 -8.75
CA PRO D 217 -34.21 32.19 -8.24
C PRO D 217 -33.28 30.97 -8.29
N PRO D 218 -33.54 29.92 -7.48
CA PRO D 218 -32.68 28.73 -7.47
C PRO D 218 -32.71 28.05 -8.83
N ARG D 219 -31.54 27.68 -9.33
CA ARG D 219 -31.47 27.16 -10.68
C ARG D 219 -31.39 25.63 -10.65
N GLY D 220 -30.57 25.11 -9.71
CA GLY D 220 -30.32 23.69 -9.65
C GLY D 220 -30.71 23.10 -8.29
N ILE D 221 -31.48 22.01 -8.31
CA ILE D 221 -31.81 21.28 -7.11
C ILE D 221 -31.31 19.86 -7.24
N LEU D 222 -30.52 19.44 -6.25
CA LEU D 222 -29.90 18.13 -6.22
C LEU D 222 -30.63 17.26 -5.20
N LEU D 223 -31.24 16.17 -5.68
CA LEU D 223 -31.98 15.25 -4.82
C LEU D 223 -31.09 14.06 -4.51
N TYR D 224 -30.64 13.96 -3.25
CA TYR D 224 -29.71 12.92 -2.86
C TYR D 224 -30.48 11.93 -1.99
N GLY D 225 -30.32 10.63 -2.30
CA GLY D 225 -30.94 9.57 -1.53
C GLY D 225 -30.59 8.21 -2.11
N PRO D 226 -30.76 7.10 -1.36
CA PRO D 226 -30.55 5.76 -1.92
C PRO D 226 -31.53 5.50 -3.06
N PRO D 227 -31.28 4.50 -3.92
CA PRO D 227 -32.22 4.19 -5.02
C PRO D 227 -33.59 3.73 -4.50
N GLY D 228 -34.63 4.18 -5.21
CA GLY D 228 -36.00 3.73 -4.95
C GLY D 228 -36.73 4.61 -3.96
N THR D 229 -36.17 5.79 -3.68
CA THR D 229 -36.72 6.74 -2.71
C THR D 229 -37.73 7.69 -3.35
N GLY D 230 -37.84 7.64 -4.69
CA GLY D 230 -38.87 8.36 -5.43
C GLY D 230 -38.40 9.72 -5.95
N LYS D 231 -37.12 9.79 -6.35
CA LYS D 231 -36.56 11.06 -6.78
C LYS D 231 -37.19 11.42 -8.13
N THR D 232 -37.31 10.42 -9.01
CA THR D 232 -37.90 10.67 -10.31
C THR D 232 -39.37 11.06 -10.15
N LEU D 233 -40.05 10.38 -9.23
CA LEU D 233 -41.44 10.69 -8.92
C LEU D 233 -41.60 12.17 -8.55
N ILE D 234 -40.78 12.61 -7.58
CA ILE D 234 -40.85 13.96 -7.07
C ILE D 234 -40.75 14.94 -8.24
N ALA D 235 -39.73 14.78 -9.07
CA ALA D 235 -39.52 15.72 -10.16
C ALA D 235 -40.77 15.76 -11.04
N ARG D 236 -41.25 14.59 -11.47
CA ARG D 236 -42.37 14.54 -12.41
C ARG D 236 -43.62 15.16 -11.76
N ALA D 237 -43.87 14.80 -10.50
CA ALA D 237 -45.00 15.37 -9.78
C ALA D 237 -44.93 16.89 -9.78
N VAL D 238 -43.79 17.44 -9.33
CA VAL D 238 -43.63 18.89 -9.27
C VAL D 238 -43.95 19.50 -10.62
N ALA D 239 -43.44 18.90 -11.70
CA ALA D 239 -43.70 19.40 -13.04
C ALA D 239 -45.19 19.45 -13.31
N ASN D 240 -45.87 18.30 -13.09
CA ASN D 240 -47.30 18.16 -13.34
C ASN D 240 -48.07 19.18 -12.50
N GLU D 241 -47.75 19.23 -11.22
CA GLU D 241 -48.50 20.03 -10.27
C GLU D 241 -48.30 21.52 -10.55
N THR D 242 -47.15 21.92 -11.13
CA THR D 242 -46.89 23.32 -11.40
C THR D 242 -47.24 23.62 -12.86
N GLY D 243 -47.61 22.58 -13.59
CA GLY D 243 -47.84 22.65 -15.03
C GLY D 243 -46.60 23.11 -15.78
N ALA D 244 -45.46 22.43 -15.60
CA ALA D 244 -44.24 22.85 -16.24
C ALA D 244 -43.80 21.75 -17.20
N PHE D 245 -43.10 22.14 -18.27
CA PHE D 245 -42.60 21.16 -19.22
C PHE D 245 -41.57 20.30 -18.51
N PHE D 246 -41.61 18.98 -18.73
CA PHE D 246 -40.67 18.09 -18.08
C PHE D 246 -39.79 17.47 -19.15
N PHE D 247 -38.47 17.66 -19.04
CA PHE D 247 -37.56 16.94 -19.90
C PHE D 247 -36.72 16.01 -19.04
N LEU D 248 -36.76 14.70 -19.36
CA LEU D 248 -35.92 13.72 -18.68
C LEU D 248 -34.60 13.52 -19.42
N ILE D 249 -33.48 13.69 -18.70
CA ILE D 249 -32.19 13.24 -19.16
C ILE D 249 -31.82 12.03 -18.32
N ASN D 250 -31.55 10.89 -18.97
CA ASN D 250 -31.13 9.73 -18.24
C ASN D 250 -29.65 9.47 -18.52
N GLY D 251 -28.84 9.47 -17.44
CA GLY D 251 -27.40 9.30 -17.54
C GLY D 251 -27.00 8.21 -18.53
N PRO D 252 -27.39 6.93 -18.25
CA PRO D 252 -27.14 5.83 -19.18
C PRO D 252 -27.47 6.13 -20.63
N GLU D 253 -28.63 6.72 -20.89
CA GLU D 253 -28.99 7.03 -22.26
C GLU D 253 -27.91 7.91 -22.88
N ILE D 254 -27.56 9.00 -22.19
CA ILE D 254 -26.59 9.95 -22.72
C ILE D 254 -25.28 9.20 -23.02
N MET D 255 -24.85 8.39 -22.07
CA MET D 255 -23.55 7.75 -22.13
C MET D 255 -23.54 6.62 -23.16
N SER D 256 -24.72 6.17 -23.59
CA SER D 256 -24.81 5.13 -24.59
C SER D 256 -24.46 5.70 -25.97
N LYS D 257 -24.73 7.00 -26.17
CA LYS D 257 -24.52 7.68 -27.44
C LYS D 257 -23.02 7.81 -27.71
N LEU D 258 -22.65 8.03 -28.98
CA LEU D 258 -21.24 8.11 -29.32
C LEU D 258 -20.81 9.56 -29.37
N ALA D 259 -19.63 9.82 -28.79
CA ALA D 259 -18.94 11.10 -28.86
C ALA D 259 -19.91 12.28 -28.70
N GLY D 260 -19.93 13.13 -29.73
CA GLY D 260 -20.68 14.38 -29.69
C GLY D 260 -22.18 14.17 -29.52
N GLU D 261 -22.69 13.03 -29.96
CA GLU D 261 -24.11 12.74 -29.88
C GLU D 261 -24.54 12.86 -28.41
N SER D 262 -23.66 12.47 -27.48
CA SER D 262 -23.91 12.66 -26.07
C SER D 262 -24.20 14.14 -25.80
N GLU D 263 -23.21 14.97 -26.13
CA GLU D 263 -23.19 16.37 -25.76
C GLU D 263 -24.27 17.12 -26.54
N SER D 264 -24.50 16.72 -27.80
CA SER D 264 -25.57 17.29 -28.59
C SER D 264 -26.90 17.09 -27.88
N ASN D 265 -27.16 15.84 -27.46
CA ASN D 265 -28.40 15.48 -26.78
C ASN D 265 -28.55 16.32 -25.51
N LEU D 266 -27.44 16.53 -24.81
CA LEU D 266 -27.43 17.36 -23.61
C LEU D 266 -27.87 18.78 -23.95
N ARG D 267 -27.20 19.40 -24.94
CA ARG D 267 -27.51 20.75 -25.38
C ARG D 267 -28.98 20.82 -25.77
N LYS D 268 -29.41 19.84 -26.59
CA LYS D 268 -30.77 19.78 -27.13
C LYS D 268 -31.78 19.80 -25.99
N ALA D 269 -31.51 19.01 -24.95
CA ALA D 269 -32.38 18.91 -23.79
C ALA D 269 -32.57 20.30 -23.19
N PHE D 270 -31.44 21.01 -23.02
CA PHE D 270 -31.44 22.32 -22.41
C PHE D 270 -32.22 23.28 -23.31
N GLU D 271 -31.90 23.28 -24.60
CA GLU D 271 -32.55 24.15 -25.58
C GLU D 271 -34.06 23.91 -25.59
N GLU D 272 -34.46 22.63 -25.64
CA GLU D 272 -35.86 22.27 -25.71
C GLU D 272 -36.59 22.82 -24.49
N ALA D 273 -35.99 22.63 -23.32
CA ALA D 273 -36.53 23.10 -22.07
C ALA D 273 -36.69 24.62 -22.12
N GLU D 274 -35.60 25.32 -22.50
CA GLU D 274 -35.60 26.77 -22.60
C GLU D 274 -36.84 27.19 -23.38
N LYS D 275 -37.09 26.49 -24.50
CA LYS D 275 -38.17 26.82 -25.41
C LYS D 275 -39.54 26.60 -24.78
N ASN D 276 -39.75 25.47 -24.10
CA ASN D 276 -41.07 25.19 -23.56
C ASN D 276 -41.18 25.61 -22.09
N ALA D 277 -40.40 26.62 -21.70
CA ALA D 277 -40.38 27.08 -20.31
C ALA D 277 -41.70 27.76 -19.95
N PRO D 278 -42.12 27.82 -18.67
CA PRO D 278 -41.37 27.26 -17.54
C PRO D 278 -41.24 25.75 -17.62
N ALA D 279 -40.06 25.24 -17.24
CA ALA D 279 -39.71 23.85 -17.45
C ALA D 279 -38.88 23.30 -16.31
N ILE D 280 -39.01 21.98 -16.06
CA ILE D 280 -38.10 21.26 -15.20
C ILE D 280 -37.34 20.23 -16.02
N ILE D 281 -36.00 20.30 -15.97
CA ILE D 281 -35.17 19.22 -16.47
C ILE D 281 -34.86 18.29 -15.30
N PHE D 282 -34.99 16.98 -15.54
CA PHE D 282 -34.59 16.02 -14.53
C PHE D 282 -33.47 15.16 -15.06
N ILE D 283 -32.33 15.15 -14.34
CA ILE D 283 -31.20 14.29 -14.67
C ILE D 283 -31.20 13.10 -13.73
N ASP D 284 -31.55 11.94 -14.31
CA ASP D 284 -31.56 10.69 -13.58
C ASP D 284 -30.17 10.09 -13.66
N GLU D 285 -29.67 9.59 -12.52
CA GLU D 285 -28.39 8.93 -12.51
C GLU D 285 -27.33 9.92 -12.99
N LEU D 286 -27.27 11.08 -12.33
CA LEU D 286 -26.32 12.13 -12.64
C LEU D 286 -24.88 11.63 -12.51
N ASP D 287 -24.65 10.67 -11.61
CA ASP D 287 -23.35 10.06 -11.36
C ASP D 287 -22.78 9.42 -12.63
N ALA D 288 -23.66 9.00 -13.54
CA ALA D 288 -23.27 8.42 -14.82
C ALA D 288 -22.68 9.50 -15.73
N ILE D 289 -23.30 10.67 -15.78
CA ILE D 289 -22.84 11.77 -16.61
C ILE D 289 -21.62 12.46 -15.98
N ALA D 290 -21.63 12.63 -14.65
CA ALA D 290 -20.73 13.57 -14.01
C ALA D 290 -20.14 12.98 -12.72
N PRO D 291 -19.29 11.95 -12.81
CA PRO D 291 -18.60 11.44 -11.62
C PRO D 291 -17.49 12.43 -11.24
N LYS D 292 -16.81 12.16 -10.11
CA LYS D 292 -15.67 12.96 -9.68
C LYS D 292 -14.49 12.78 -10.64
N ARG D 293 -13.57 13.76 -10.67
CA ARG D 293 -12.49 13.76 -11.67
C ARG D 293 -11.55 12.57 -11.50
N GLU D 294 -11.38 12.12 -10.26
CA GLU D 294 -10.68 10.88 -9.95
C GLU D 294 -11.28 9.73 -10.78
N LYS D 295 -12.55 9.41 -10.54
CA LYS D 295 -13.20 8.25 -11.15
C LYS D 295 -13.38 8.45 -12.66
N THR D 296 -13.25 9.70 -13.13
CA THR D 296 -13.43 9.95 -14.56
C THR D 296 -12.15 9.55 -15.26
N HIS D 297 -12.07 8.28 -15.68
CA HIS D 297 -11.05 7.82 -16.59
C HIS D 297 -11.51 8.13 -18.02
N GLY D 298 -10.62 8.74 -18.81
CA GLY D 298 -10.90 9.01 -20.22
C GLY D 298 -11.42 10.41 -20.46
N GLU D 299 -11.09 10.97 -21.64
CA GLU D 299 -11.29 12.37 -21.93
C GLU D 299 -12.71 12.65 -22.43
N VAL D 300 -13.28 11.71 -23.18
CA VAL D 300 -14.65 11.91 -23.65
C VAL D 300 -15.61 12.11 -22.48
N GLU D 301 -15.36 11.41 -21.38
CA GLU D 301 -16.22 11.51 -20.21
C GLU D 301 -16.10 12.91 -19.60
N ARG D 302 -14.86 13.42 -19.51
CA ARG D 302 -14.59 14.72 -18.91
C ARG D 302 -15.26 15.82 -19.73
N ARG D 303 -15.25 15.64 -21.05
CA ARG D 303 -15.89 16.58 -21.97
C ARG D 303 -17.37 16.71 -21.61
N ILE D 304 -18.02 15.58 -21.30
CA ILE D 304 -19.45 15.57 -21.03
C ILE D 304 -19.76 16.33 -19.74
N VAL D 305 -18.97 16.05 -18.70
CA VAL D 305 -19.14 16.74 -17.43
C VAL D 305 -19.02 18.24 -17.69
N SER D 306 -17.94 18.61 -18.41
CA SER D 306 -17.66 20.00 -18.71
C SER D 306 -18.86 20.64 -19.41
N GLN D 307 -19.34 19.98 -20.46
CA GLN D 307 -20.50 20.44 -21.20
C GLN D 307 -21.64 20.79 -20.24
N LEU D 308 -21.93 19.85 -19.31
CA LEU D 308 -23.06 19.99 -18.39
C LEU D 308 -22.88 21.24 -17.54
N LEU D 309 -21.68 21.40 -16.98
CA LEU D 309 -21.35 22.58 -16.21
C LEU D 309 -21.64 23.84 -17.01
N THR D 310 -21.08 23.93 -18.24
CA THR D 310 -21.32 25.08 -19.09
C THR D 310 -22.81 25.26 -19.34
N LEU D 311 -23.52 24.17 -19.68
CA LEU D 311 -24.94 24.23 -19.95
C LEU D 311 -25.70 24.84 -18.77
N MET D 312 -25.36 24.38 -17.57
CA MET D 312 -25.96 24.85 -16.33
C MET D 312 -25.64 26.34 -16.19
N ASP D 313 -24.35 26.67 -16.35
CA ASP D 313 -23.91 28.04 -16.20
C ASP D 313 -24.60 28.94 -17.21
N GLY D 314 -24.79 28.41 -18.42
CA GLY D 314 -25.37 29.17 -19.52
C GLY D 314 -26.85 29.44 -19.33
N LEU D 315 -27.51 28.79 -18.35
CA LEU D 315 -28.91 29.06 -18.09
C LEU D 315 -29.07 30.48 -17.58
N LYS D 316 -29.70 31.35 -18.39
CA LYS D 316 -30.05 32.68 -17.93
C LYS D 316 -31.24 32.59 -16.98
N GLN D 317 -31.35 33.57 -16.06
CA GLN D 317 -32.36 33.58 -15.02
C GLN D 317 -33.76 33.62 -15.63
N ARG D 318 -33.86 34.36 -16.74
CA ARG D 318 -35.10 34.57 -17.47
C ARG D 318 -35.51 33.33 -18.26
N ALA D 319 -34.66 32.30 -18.24
CA ALA D 319 -34.96 31.08 -18.97
C ALA D 319 -36.14 30.34 -18.34
N HIS D 320 -36.37 30.54 -17.03
CA HIS D 320 -37.48 29.96 -16.27
C HIS D 320 -37.40 28.43 -16.27
N VAL D 321 -36.17 27.93 -16.17
CA VAL D 321 -35.88 26.51 -16.17
C VAL D 321 -35.25 26.16 -14.82
N ILE D 322 -35.78 25.13 -14.18
CA ILE D 322 -35.15 24.54 -13.02
C ILE D 322 -34.59 23.18 -13.43
N VAL D 323 -33.35 22.90 -13.01
CA VAL D 323 -32.74 21.61 -13.23
C VAL D 323 -32.70 20.84 -11.91
N MET D 324 -33.33 19.65 -11.91
CA MET D 324 -33.33 18.76 -10.78
C MET D 324 -32.53 17.52 -11.18
N ALA D 325 -31.65 17.06 -10.27
CA ALA D 325 -30.84 15.90 -10.58
C ALA D 325 -30.81 14.95 -9.38
N ALA D 326 -30.69 13.65 -9.68
CA ALA D 326 -30.69 12.64 -8.64
C ALA D 326 -29.37 11.89 -8.63
N THR D 327 -28.89 11.64 -7.40
CA THR D 327 -27.70 10.86 -7.17
C THR D 327 -27.81 10.22 -5.79
N ASN D 328 -26.89 9.29 -5.49
CA ASN D 328 -26.85 8.57 -4.23
C ASN D 328 -26.34 9.45 -3.09
N ARG D 329 -25.14 10.00 -3.25
CA ARG D 329 -24.54 10.87 -2.23
C ARG D 329 -23.79 11.98 -2.94
N PRO D 330 -23.63 13.18 -2.30
CA PRO D 330 -22.91 14.29 -2.93
C PRO D 330 -21.48 13.90 -3.30
N ASN D 331 -20.93 12.91 -2.60
CA ASN D 331 -19.55 12.47 -2.83
C ASN D 331 -19.47 11.67 -4.13
N SER D 332 -20.63 11.33 -4.70
CA SER D 332 -20.68 10.57 -5.95
C SER D 332 -20.20 11.43 -7.12
N ILE D 333 -20.52 12.73 -7.06
CA ILE D 333 -20.53 13.60 -8.22
C ILE D 333 -19.44 14.66 -8.11
N ASP D 334 -18.98 15.14 -9.28
CA ASP D 334 -17.98 16.19 -9.35
C ASP D 334 -18.43 17.40 -8.54
N PRO D 335 -17.61 17.90 -7.60
CA PRO D 335 -18.03 18.96 -6.68
C PRO D 335 -18.33 20.28 -7.38
N ALA D 336 -17.88 20.40 -8.63
CA ALA D 336 -18.09 21.62 -9.40
C ALA D 336 -19.58 21.86 -9.61
N LEU D 337 -20.37 20.78 -9.64
CA LEU D 337 -21.81 20.82 -9.85
C LEU D 337 -22.50 21.54 -8.70
N ARG D 338 -21.80 21.69 -7.57
CA ARG D 338 -22.41 22.28 -6.39
C ARG D 338 -22.01 23.74 -6.24
N ARG D 339 -21.37 24.33 -7.27
CA ARG D 339 -21.00 25.74 -7.25
C ARG D 339 -22.23 26.65 -7.15
N PHE D 340 -22.00 27.98 -7.17
CA PHE D 340 -23.04 28.96 -6.91
C PHE D 340 -24.19 28.83 -7.92
N GLY D 341 -23.86 28.95 -9.20
CA GLY D 341 -24.87 28.97 -10.26
C GLY D 341 -25.54 27.61 -10.47
N ARG D 342 -24.77 26.53 -10.27
CA ARG D 342 -25.15 25.17 -10.57
C ARG D 342 -26.03 24.60 -9.44
N PHE D 343 -25.99 23.28 -9.22
CA PHE D 343 -26.77 22.63 -8.18
C PHE D 343 -26.49 23.21 -6.80
N ASP D 344 -27.03 24.41 -6.54
CA ASP D 344 -26.72 25.13 -5.32
C ASP D 344 -27.63 24.71 -4.17
N ARG D 345 -28.67 23.89 -4.45
CA ARG D 345 -29.57 23.45 -3.39
C ARG D 345 -29.59 21.92 -3.39
N GLU D 346 -29.53 21.33 -2.17
CA GLU D 346 -29.58 19.89 -1.98
C GLU D 346 -30.76 19.55 -1.07
N VAL D 347 -31.54 18.53 -1.44
CA VAL D 347 -32.55 17.97 -0.57
C VAL D 347 -32.28 16.48 -0.43
N ASP D 348 -32.37 15.98 0.81
CA ASP D 348 -32.10 14.58 1.11
C ASP D 348 -33.40 13.78 1.17
N ILE D 349 -33.65 12.96 0.15
CA ILE D 349 -34.78 12.06 0.23
C ILE D 349 -34.27 10.74 0.79
N GLY D 350 -34.66 10.45 2.04
CA GLY D 350 -34.09 9.32 2.77
C GLY D 350 -35.02 8.11 2.83
N ILE D 351 -34.59 7.10 3.57
CA ILE D 351 -35.40 5.92 3.81
C ILE D 351 -36.59 6.36 4.67
N PRO D 352 -37.83 5.92 4.38
CA PRO D 352 -38.98 6.41 5.13
C PRO D 352 -39.18 5.66 6.45
N ASP D 353 -39.81 6.34 7.40
CA ASP D 353 -40.30 5.75 8.64
C ASP D 353 -41.51 4.86 8.37
N ALA D 354 -41.93 4.14 9.40
CA ALA D 354 -43.08 3.27 9.30
C ALA D 354 -44.29 4.08 8.85
N THR D 355 -44.41 5.32 9.36
CA THR D 355 -45.55 6.17 9.03
C THR D 355 -45.56 6.38 7.52
N GLY D 356 -44.36 6.69 6.97
CA GLY D 356 -44.20 6.92 5.56
C GLY D 356 -44.43 5.65 4.76
N ARG D 357 -44.00 4.52 5.32
CA ARG D 357 -44.18 3.26 4.62
C ARG D 357 -45.67 2.98 4.45
N LEU D 358 -46.44 3.28 5.49
CA LEU D 358 -47.88 3.09 5.46
C LEU D 358 -48.50 3.91 4.34
N GLU D 359 -48.12 5.20 4.25
CA GLU D 359 -48.63 6.05 3.19
C GLU D 359 -48.29 5.44 1.83
N ILE D 360 -47.06 4.91 1.68
CA ILE D 360 -46.59 4.39 0.40
C ILE D 360 -47.41 3.16 0.02
N LEU D 361 -47.64 2.29 1.02
CA LEU D 361 -48.46 1.10 0.83
C LEU D 361 -49.86 1.49 0.38
N GLN D 362 -50.39 2.53 1.03
CA GLN D 362 -51.73 3.00 0.72
C GLN D 362 -51.78 3.48 -0.72
N ILE D 363 -50.77 4.26 -1.11
CA ILE D 363 -50.70 4.76 -2.46
C ILE D 363 -50.73 3.59 -3.44
N HIS D 364 -50.01 2.51 -3.11
CA HIS D 364 -49.83 1.46 -4.08
C HIS D 364 -50.91 0.39 -3.97
N THR D 365 -51.88 0.60 -3.08
CA THR D 365 -52.98 -0.35 -3.03
C THR D 365 -54.27 0.35 -3.42
N LYS D 366 -54.17 1.57 -3.95
CA LYS D 366 -55.36 2.41 -4.12
C LYS D 366 -56.27 1.82 -5.19
N ASN D 367 -55.71 1.13 -6.18
CA ASN D 367 -56.55 0.61 -7.24
C ASN D 367 -56.87 -0.86 -7.01
N MET D 368 -56.59 -1.34 -5.78
CA MET D 368 -56.66 -2.77 -5.51
C MET D 368 -57.79 -3.03 -4.55
N LYS D 369 -58.51 -4.14 -4.75
CA LYS D 369 -59.46 -4.54 -3.73
C LYS D 369 -58.70 -5.31 -2.67
N LEU D 370 -58.71 -4.80 -1.44
CA LEU D 370 -58.02 -5.47 -0.36
C LEU D 370 -59.04 -6.07 0.60
N ALA D 371 -58.89 -7.36 0.89
CA ALA D 371 -59.71 -8.01 1.89
C ALA D 371 -59.56 -7.34 3.25
N ASP D 372 -60.51 -7.65 4.15
CA ASP D 372 -60.55 -7.01 5.45
C ASP D 372 -59.39 -7.50 6.30
N ASP D 373 -58.83 -8.66 5.93
CA ASP D 373 -57.77 -9.29 6.69
C ASP D 373 -56.45 -8.53 6.51
N VAL D 374 -56.38 -7.66 5.49
CA VAL D 374 -55.14 -6.96 5.18
C VAL D 374 -54.91 -5.91 6.25
N ASP D 375 -53.71 -5.95 6.86
CA ASP D 375 -53.30 -4.97 7.83
C ASP D 375 -52.07 -4.24 7.29
N LEU D 376 -52.32 -3.13 6.59
CA LEU D 376 -51.23 -2.42 5.97
C LEU D 376 -50.29 -1.85 7.05
N GLU D 377 -50.82 -1.63 8.25
CA GLU D 377 -49.99 -1.13 9.34
C GLU D 377 -48.94 -2.17 9.70
N GLN D 378 -49.37 -3.43 9.81
CA GLN D 378 -48.47 -4.54 10.06
C GLN D 378 -47.36 -4.52 9.02
N VAL D 379 -47.78 -4.52 7.76
CA VAL D 379 -46.82 -4.54 6.67
C VAL D 379 -45.85 -3.38 6.83
N ALA D 380 -46.40 -2.20 7.13
CA ALA D 380 -45.59 -1.02 7.31
C ALA D 380 -44.57 -1.23 8.41
N ASN D 381 -45.02 -1.83 9.51
CA ASN D 381 -44.17 -1.99 10.69
C ASN D 381 -43.04 -2.94 10.40
N GLU D 382 -43.36 -4.08 9.75
CA GLU D 382 -42.35 -5.11 9.58
C GLU D 382 -41.40 -4.78 8.43
N THR D 383 -41.75 -3.82 7.58
CA THR D 383 -40.92 -3.54 6.42
C THR D 383 -39.85 -2.51 6.77
N HIS D 384 -39.08 -2.78 7.83
CA HIS D 384 -37.96 -1.94 8.24
C HIS D 384 -36.96 -1.79 7.08
N GLY D 385 -36.44 -0.56 6.95
CA GLY D 385 -35.38 -0.24 6.00
C GLY D 385 -35.77 -0.35 4.53
N HIS D 386 -37.07 -0.42 4.25
CA HIS D 386 -37.53 -0.53 2.87
C HIS D 386 -37.76 0.87 2.31
N VAL D 387 -37.41 1.05 1.04
CA VAL D 387 -37.71 2.28 0.34
C VAL D 387 -39.02 2.10 -0.46
N GLY D 388 -39.53 3.23 -1.00
CA GLY D 388 -40.75 3.22 -1.78
C GLY D 388 -40.81 2.10 -2.82
N ALA D 389 -39.74 1.99 -3.63
CA ALA D 389 -39.69 0.98 -4.68
C ALA D 389 -39.89 -0.42 -4.15
N ASP D 390 -39.36 -0.69 -2.94
CA ASP D 390 -39.47 -1.99 -2.32
C ASP D 390 -40.94 -2.28 -2.04
N LEU D 391 -41.58 -1.28 -1.41
CA LEU D 391 -42.96 -1.37 -1.01
C LEU D 391 -43.83 -1.53 -2.25
N ALA D 392 -43.57 -0.71 -3.27
CA ALA D 392 -44.35 -0.77 -4.49
C ALA D 392 -44.30 -2.18 -5.05
N ALA D 393 -43.10 -2.76 -5.13
CA ALA D 393 -42.90 -4.10 -5.63
C ALA D 393 -43.62 -5.13 -4.77
N LEU D 394 -43.63 -4.88 -3.46
CA LEU D 394 -44.29 -5.83 -2.57
C LEU D 394 -45.76 -5.89 -2.95
N CYS D 395 -46.37 -4.71 -3.16
CA CYS D 395 -47.78 -4.64 -3.50
C CYS D 395 -48.03 -5.37 -4.81
N SER D 396 -47.17 -5.13 -5.81
CA SER D 396 -47.31 -5.83 -7.08
C SER D 396 -47.29 -7.34 -6.84
N GLU D 397 -46.29 -7.78 -6.08
CA GLU D 397 -46.05 -9.21 -5.98
C GLU D 397 -47.25 -9.87 -5.33
N ALA D 398 -47.87 -9.14 -4.40
CA ALA D 398 -49.03 -9.64 -3.68
C ALA D 398 -50.20 -9.78 -4.66
N ALA D 399 -50.47 -8.71 -5.42
CA ALA D 399 -51.47 -8.72 -6.46
C ALA D 399 -51.30 -9.93 -7.37
N LEU D 400 -50.09 -10.09 -7.94
CA LEU D 400 -49.84 -11.13 -8.90
C LEU D 400 -50.03 -12.52 -8.30
N GLN D 401 -49.73 -12.67 -7.01
CA GLN D 401 -49.93 -13.94 -6.34
C GLN D 401 -51.43 -14.25 -6.38
N ALA D 402 -52.21 -13.26 -5.92
CA ALA D 402 -53.66 -13.30 -5.88
C ALA D 402 -54.21 -13.75 -7.23
N ILE D 403 -53.82 -13.03 -8.30
CA ILE D 403 -54.17 -13.37 -9.66
C ILE D 403 -53.78 -14.81 -9.96
N ARG D 404 -52.53 -15.17 -9.67
CA ARG D 404 -52.07 -16.52 -9.94
C ARG D 404 -52.99 -17.55 -9.29
N LYS D 405 -53.36 -17.33 -8.03
CA LYS D 405 -54.20 -18.29 -7.32
C LYS D 405 -55.56 -18.42 -8.03
N LYS D 406 -56.11 -17.28 -8.48
CA LYS D 406 -57.44 -17.26 -9.09
C LYS D 406 -57.39 -17.87 -10.48
N MET D 407 -56.28 -17.65 -11.20
CA MET D 407 -56.11 -18.17 -12.56
C MET D 407 -56.21 -19.69 -12.55
N ASP D 408 -55.82 -20.30 -11.42
CA ASP D 408 -55.97 -21.74 -11.26
C ASP D 408 -57.44 -22.12 -11.21
N LEU D 409 -58.27 -21.32 -10.53
CA LEU D 409 -59.70 -21.60 -10.37
C LEU D 409 -60.49 -21.24 -11.62
N ILE D 410 -59.91 -20.41 -12.49
CA ILE D 410 -60.52 -20.04 -13.77
C ILE D 410 -60.22 -21.15 -14.80
N ASP D 411 -59.76 -22.30 -14.33
CA ASP D 411 -59.58 -23.49 -15.16
C ASP D 411 -60.89 -23.94 -15.82
N LEU D 412 -62.05 -23.34 -15.42
CA LEU D 412 -63.32 -23.65 -16.07
C LEU D 412 -63.34 -22.89 -17.40
N GLU D 413 -64.51 -22.63 -17.98
CA GLU D 413 -64.61 -22.04 -19.30
C GLU D 413 -64.19 -20.56 -19.28
N ASP D 414 -64.03 -19.96 -18.09
CA ASP D 414 -63.80 -18.52 -17.96
C ASP D 414 -62.50 -18.12 -18.63
N GLU D 415 -62.50 -16.93 -19.25
CA GLU D 415 -61.37 -16.46 -20.07
C GLU D 415 -60.27 -15.99 -19.10
N THR D 416 -59.09 -15.60 -19.63
CA THR D 416 -58.04 -15.05 -18.80
C THR D 416 -58.62 -13.89 -17.97
N ILE D 417 -59.16 -14.23 -16.79
CA ILE D 417 -59.84 -13.32 -15.88
C ILE D 417 -60.75 -12.40 -16.69
N ASP D 418 -60.79 -11.11 -16.35
CA ASP D 418 -61.67 -10.12 -16.93
C ASP D 418 -61.59 -8.89 -16.04
N ALA D 419 -61.99 -7.72 -16.56
CA ALA D 419 -62.13 -6.51 -15.77
C ALA D 419 -62.98 -6.78 -14.53
N GLU D 420 -64.09 -7.51 -14.71
CA GLU D 420 -65.06 -7.81 -13.65
C GLU D 420 -64.42 -8.69 -12.58
N VAL D 421 -63.88 -9.84 -13.00
CA VAL D 421 -63.32 -10.81 -12.06
C VAL D 421 -62.10 -10.21 -11.39
N MET D 422 -61.32 -9.41 -12.13
CA MET D 422 -60.22 -8.63 -11.56
C MET D 422 -60.72 -7.71 -10.45
N ASN D 423 -61.90 -7.10 -10.67
CA ASN D 423 -62.54 -6.22 -9.71
C ASN D 423 -63.12 -7.03 -8.55
N SER D 424 -63.56 -8.26 -8.83
CA SER D 424 -64.08 -9.13 -7.78
C SER D 424 -62.95 -9.73 -6.94
N LEU D 425 -61.74 -9.79 -7.51
CA LEU D 425 -60.58 -10.40 -6.87
C LEU D 425 -60.07 -9.50 -5.76
N ALA D 426 -59.93 -10.08 -4.57
CA ALA D 426 -59.37 -9.37 -3.44
C ALA D 426 -57.96 -9.89 -3.12
N VAL D 427 -57.03 -8.96 -2.91
CA VAL D 427 -55.73 -9.36 -2.38
C VAL D 427 -55.89 -9.53 -0.88
N THR D 428 -55.44 -10.67 -0.36
CA THR D 428 -55.60 -11.04 1.03
C THR D 428 -54.28 -10.86 1.78
N MET D 429 -54.34 -10.98 3.12
CA MET D 429 -53.16 -10.77 3.92
C MET D 429 -52.16 -11.87 3.60
N ASP D 430 -52.68 -13.08 3.31
CA ASP D 430 -51.83 -14.20 2.97
C ASP D 430 -51.01 -13.88 1.73
N ASP D 431 -51.63 -13.14 0.81
CA ASP D 431 -50.96 -12.71 -0.42
C ASP D 431 -49.77 -11.80 -0.05
N PHE D 432 -50.01 -10.85 0.84
CA PHE D 432 -48.97 -10.00 1.36
C PHE D 432 -47.92 -10.84 2.07
N ARG D 433 -48.38 -11.79 2.87
CA ARG D 433 -47.48 -12.67 3.61
C ARG D 433 -46.57 -13.40 2.62
N TRP D 434 -47.15 -13.96 1.56
CA TRP D 434 -46.34 -14.67 0.57
C TRP D 434 -45.23 -13.74 0.07
N ALA D 435 -45.60 -12.51 -0.28
CA ALA D 435 -44.70 -11.51 -0.80
C ALA D 435 -43.61 -11.19 0.21
N LEU D 436 -44.01 -10.94 1.46
CA LEU D 436 -43.06 -10.57 2.50
C LEU D 436 -42.13 -11.74 2.78
N SER D 437 -42.57 -12.95 2.46
CA SER D 437 -41.86 -14.15 2.86
C SER D 437 -40.87 -14.58 1.79
N GLN D 438 -40.77 -13.81 0.70
CA GLN D 438 -40.21 -14.32 -0.55
C GLN D 438 -38.77 -13.83 -0.77
N ASN E 1 52.71 36.69 -29.31
CA ASN E 1 53.89 37.00 -30.16
C ASN E 1 54.69 38.15 -29.55
N ARG E 2 54.60 39.34 -30.13
CA ARG E 2 54.98 40.64 -29.60
C ARG E 2 54.22 40.86 -28.29
N PRO E 3 54.81 41.47 -27.24
CA PRO E 3 54.12 41.65 -25.95
C PRO E 3 52.94 42.61 -25.97
N ASN E 4 52.85 43.44 -27.01
CA ASN E 4 51.69 44.32 -27.22
C ASN E 4 50.41 43.51 -27.51
N ARG E 5 50.53 42.24 -27.92
CA ARG E 5 49.40 41.35 -28.12
C ARG E 5 48.97 40.73 -26.79
N LEU E 6 47.65 40.82 -26.51
CA LEU E 6 47.04 40.31 -25.30
C LEU E 6 45.72 39.61 -25.63
N ILE E 7 45.24 38.79 -24.68
CA ILE E 7 44.02 38.01 -24.86
C ILE E 7 42.87 38.72 -24.16
N VAL E 8 41.76 38.92 -24.89
CA VAL E 8 40.61 39.62 -24.37
C VAL E 8 39.97 38.80 -23.24
N ASP E 9 39.77 39.45 -22.09
CA ASP E 9 39.19 38.80 -20.93
C ASP E 9 38.02 39.63 -20.43
N GLU E 10 37.22 39.06 -19.52
CA GLU E 10 36.08 39.74 -18.92
C GLU E 10 36.56 40.95 -18.13
N ALA E 11 35.64 41.86 -17.79
CA ALA E 11 36.01 43.09 -17.14
C ALA E 11 35.56 43.11 -15.69
N ILE E 12 36.48 43.41 -14.77
CA ILE E 12 36.18 43.67 -13.37
C ILE E 12 35.47 45.03 -13.20
N ASN E 13 36.00 46.06 -13.85
CA ASN E 13 35.40 47.38 -13.81
C ASN E 13 34.51 47.57 -15.04
N GLU E 14 33.26 47.99 -14.81
CA GLU E 14 32.25 48.03 -15.86
C GLU E 14 32.24 49.37 -16.60
N ASP E 15 33.19 50.26 -16.30
CA ASP E 15 33.28 51.55 -16.98
C ASP E 15 33.71 51.35 -18.42
N ASN E 16 32.96 51.98 -19.34
CA ASN E 16 33.13 51.75 -20.76
C ASN E 16 34.54 52.10 -21.21
N SER E 17 35.17 53.04 -20.50
CA SER E 17 36.38 53.68 -20.98
C SER E 17 37.61 53.05 -20.32
N VAL E 18 37.41 51.94 -19.62
CA VAL E 18 38.51 51.36 -18.85
C VAL E 18 38.89 49.98 -19.40
N VAL E 19 40.20 49.76 -19.51
CA VAL E 19 40.78 48.44 -19.75
C VAL E 19 41.79 48.16 -18.65
N SER E 20 41.99 46.89 -18.34
CA SER E 20 42.82 46.49 -17.21
C SER E 20 43.90 45.51 -17.66
N LEU E 21 45.11 45.69 -17.08
CA LEU E 21 46.30 44.90 -17.33
C LEU E 21 46.97 44.59 -16.00
N SER E 22 47.81 43.54 -15.96
CA SER E 22 48.62 43.30 -14.77
C SER E 22 49.67 44.40 -14.67
N GLN E 23 50.02 44.79 -13.45
CA GLN E 23 51.05 45.81 -13.28
C GLN E 23 52.31 45.38 -14.02
N PRO E 24 52.81 44.13 -13.83
CA PRO E 24 53.93 43.61 -14.62
C PRO E 24 53.88 44.04 -16.08
N LYS E 25 52.73 43.78 -16.71
CA LYS E 25 52.55 44.02 -18.14
C LYS E 25 52.58 45.52 -18.41
N MET E 26 51.99 46.31 -17.49
CA MET E 26 51.96 47.76 -17.61
C MET E 26 53.38 48.30 -17.53
N ASP E 27 54.16 47.78 -16.56
CA ASP E 27 55.56 48.12 -16.39
C ASP E 27 56.34 47.76 -17.65
N GLU E 28 56.21 46.50 -18.09
CA GLU E 28 56.82 45.99 -19.30
C GLU E 28 56.54 46.91 -20.49
N LEU E 29 55.29 47.43 -20.59
CA LEU E 29 54.89 48.24 -21.71
C LEU E 29 55.04 49.73 -21.38
N GLN E 30 55.57 50.01 -20.18
CA GLN E 30 55.80 51.36 -19.68
C GLN E 30 54.49 52.14 -19.70
N LEU E 31 53.47 51.63 -18.99
CA LEU E 31 52.16 52.26 -18.95
C LEU E 31 51.89 52.80 -17.55
N PHE E 32 51.31 54.01 -17.52
CA PHE E 32 51.01 54.69 -16.27
C PHE E 32 49.49 54.63 -16.06
N ARG E 33 49.07 54.51 -14.78
CA ARG E 33 47.65 54.45 -14.49
C ARG E 33 46.94 55.66 -15.12
N GLY E 34 45.98 55.40 -16.00
CA GLY E 34 45.18 56.47 -16.57
C GLY E 34 45.66 56.85 -17.96
N ASP E 35 46.78 56.27 -18.37
CA ASP E 35 47.32 56.53 -19.70
C ASP E 35 46.29 56.11 -20.74
N THR E 36 45.97 57.01 -21.68
CA THR E 36 45.18 56.60 -22.83
C THR E 36 45.98 55.62 -23.69
N VAL E 37 45.33 54.51 -24.05
CA VAL E 37 45.92 53.48 -24.89
C VAL E 37 45.08 53.32 -26.16
N LEU E 38 45.74 52.93 -27.26
CA LEU E 38 45.05 52.61 -28.50
C LEU E 38 45.04 51.09 -28.68
N LEU E 39 43.85 50.52 -28.89
CA LEU E 39 43.68 49.09 -29.03
C LEU E 39 43.27 48.80 -30.47
N LYS E 40 43.90 47.78 -31.06
CA LYS E 40 43.57 47.38 -32.41
C LYS E 40 42.94 46.00 -32.36
N GLY E 41 41.90 45.80 -33.17
CA GLY E 41 41.17 44.54 -33.22
C GLY E 41 40.88 44.07 -34.64
N LYS E 42 39.88 43.20 -34.80
CA LYS E 42 39.52 42.64 -36.09
C LYS E 42 38.79 43.69 -36.93
N LYS E 43 38.58 43.37 -38.22
CA LYS E 43 37.96 44.23 -39.21
C LYS E 43 38.64 45.61 -39.18
N ARG E 44 39.92 45.62 -38.77
CA ARG E 44 40.77 46.81 -38.72
C ARG E 44 40.15 47.88 -37.83
N ARG E 45 39.27 47.47 -36.90
CA ARG E 45 38.62 48.39 -35.98
C ARG E 45 39.62 48.83 -34.91
N GLU E 46 39.39 50.01 -34.34
CA GLU E 46 40.28 50.59 -33.35
C GLU E 46 39.48 51.20 -32.20
N ALA E 47 40.12 51.33 -31.04
CA ALA E 47 39.49 51.97 -29.89
C ALA E 47 40.54 52.56 -28.96
N VAL E 48 40.15 53.62 -28.24
CA VAL E 48 41.02 54.28 -27.29
C VAL E 48 40.38 54.20 -25.92
N CYS E 49 41.19 53.93 -24.89
CA CYS E 49 40.70 53.65 -23.55
C CYS E 49 41.71 54.11 -22.51
N ILE E 50 41.30 54.04 -21.24
CA ILE E 50 42.13 54.32 -20.09
C ILE E 50 42.62 53.01 -19.50
N VAL E 51 43.92 52.92 -19.20
CA VAL E 51 44.44 51.68 -18.64
C VAL E 51 44.57 51.80 -17.13
N LEU E 52 44.23 50.72 -16.41
CA LEU E 52 44.41 50.59 -14.98
C LEU E 52 44.96 49.20 -14.67
N SER E 53 45.22 48.92 -13.40
CA SER E 53 45.91 47.71 -13.05
C SER E 53 44.98 46.79 -12.26
N ASP E 54 44.84 45.54 -12.72
CA ASP E 54 44.06 44.56 -11.98
C ASP E 54 45.00 43.46 -11.48
N ASP E 55 44.94 43.21 -10.16
CA ASP E 55 45.72 42.16 -9.53
C ASP E 55 45.40 40.81 -10.18
N THR E 56 44.10 40.54 -10.36
CA THR E 56 43.62 39.24 -10.82
C THR E 56 43.96 39.02 -12.30
N CYS E 57 44.19 40.11 -13.04
CA CYS E 57 44.42 40.01 -14.47
C CYS E 57 45.74 39.30 -14.74
N SER E 58 45.64 38.14 -15.42
CA SER E 58 46.77 37.42 -15.96
C SER E 58 47.58 38.31 -16.91
N ASP E 59 48.90 38.14 -16.93
CA ASP E 59 49.81 39.11 -17.53
C ASP E 59 49.54 39.19 -19.04
N GLU E 60 49.13 38.07 -19.62
CA GLU E 60 48.98 37.91 -21.05
C GLU E 60 47.57 38.33 -21.49
N LYS E 61 46.74 38.80 -20.54
CA LYS E 61 45.34 39.11 -20.83
C LYS E 61 45.03 40.59 -20.59
N ILE E 62 43.99 41.07 -21.26
CA ILE E 62 43.43 42.41 -21.05
C ILE E 62 41.95 42.25 -20.68
N ARG E 63 41.51 43.07 -19.72
CA ARG E 63 40.11 43.08 -19.34
C ARG E 63 39.41 44.26 -19.99
N MET E 64 38.38 43.98 -20.79
CA MET E 64 37.58 45.05 -21.36
C MET E 64 36.10 44.68 -21.33
N ASN E 65 35.24 45.68 -21.14
CA ASN E 65 33.80 45.50 -21.13
C ASN E 65 33.34 45.23 -22.56
N ARG E 66 32.04 44.97 -22.69
CA ARG E 66 31.47 44.45 -23.93
C ARG E 66 31.36 45.58 -24.93
N VAL E 67 31.28 46.82 -24.44
CA VAL E 67 31.25 47.99 -25.31
C VAL E 67 32.52 47.99 -26.18
N VAL E 68 33.67 47.94 -25.51
CA VAL E 68 34.98 47.95 -26.15
C VAL E 68 35.11 46.77 -27.12
N ARG E 69 34.76 45.56 -26.64
CA ARG E 69 34.91 44.36 -27.44
C ARG E 69 34.19 44.53 -28.77
N ASN E 70 32.97 45.08 -28.70
CA ASN E 70 32.15 45.29 -29.89
C ASN E 70 32.81 46.28 -30.83
N ASN E 71 33.35 47.36 -30.23
CA ASN E 71 34.01 48.41 -31.01
C ASN E 71 35.24 47.84 -31.70
N LEU E 72 35.95 46.93 -31.01
CA LEU E 72 37.11 46.29 -31.59
C LEU E 72 36.70 45.06 -32.42
N ARG E 73 35.38 44.79 -32.53
CA ARG E 73 34.85 43.61 -33.18
C ARG E 73 35.60 42.34 -32.77
N VAL E 74 35.93 42.21 -31.48
CA VAL E 74 36.52 40.99 -30.94
C VAL E 74 35.55 40.37 -29.94
N ARG E 75 35.78 39.08 -29.65
CA ARG E 75 35.05 38.35 -28.64
C ARG E 75 36.02 37.89 -27.56
N LEU E 76 35.48 37.43 -26.43
CA LEU E 76 36.32 36.94 -25.36
C LEU E 76 37.21 35.82 -25.89
N GLY E 77 38.52 35.95 -25.60
CA GLY E 77 39.49 34.94 -26.00
C GLY E 77 40.25 35.34 -27.27
N ASP E 78 39.82 36.41 -27.94
CA ASP E 78 40.51 36.93 -29.10
C ASP E 78 41.80 37.63 -28.66
N VAL E 79 42.62 38.01 -29.63
CA VAL E 79 43.86 38.72 -29.33
C VAL E 79 43.74 40.16 -29.83
N ILE E 80 44.31 41.11 -29.07
CA ILE E 80 44.32 42.50 -29.49
C ILE E 80 45.74 43.04 -29.35
N SER E 81 45.99 44.21 -29.94
CA SER E 81 47.26 44.91 -29.81
C SER E 81 47.06 46.21 -29.05
N ILE E 82 47.97 46.46 -28.09
CA ILE E 82 47.89 47.67 -27.28
C ILE E 82 49.14 48.50 -27.56
N GLN E 83 48.93 49.77 -27.89
CA GLN E 83 50.02 50.74 -27.99
C GLN E 83 49.59 52.01 -27.27
N PRO E 84 50.53 52.76 -26.67
CA PRO E 84 50.22 54.06 -26.07
C PRO E 84 49.74 55.10 -27.08
N CYS E 85 48.95 56.05 -26.59
CA CYS E 85 48.38 57.10 -27.40
C CYS E 85 48.51 58.42 -26.64
N PRO E 86 49.74 58.96 -26.45
CA PRO E 86 49.96 60.15 -25.62
C PRO E 86 49.59 61.47 -26.30
N ASP E 87 49.31 61.38 -27.61
CA ASP E 87 48.96 62.48 -28.49
C ASP E 87 47.50 62.89 -28.32
N VAL E 88 46.88 62.49 -27.19
CA VAL E 88 45.48 62.76 -26.90
C VAL E 88 45.27 64.24 -26.59
N LYS E 89 44.51 64.91 -27.46
CA LYS E 89 44.23 66.32 -27.31
C LYS E 89 42.79 66.49 -26.83
N TYR E 90 42.60 67.25 -25.73
CA TYR E 90 41.27 67.68 -25.32
C TYR E 90 40.58 68.30 -26.53
N GLY E 91 39.81 67.49 -27.27
CA GLY E 91 39.13 67.92 -28.48
C GLY E 91 38.05 68.97 -28.19
N LYS E 92 37.69 69.73 -29.22
CA LYS E 92 36.83 70.90 -29.04
C LYS E 92 35.37 70.49 -29.22
N ARG E 93 35.05 69.90 -30.39
CA ARG E 93 33.69 69.56 -30.76
C ARG E 93 33.57 68.06 -31.08
N ILE E 94 32.62 67.36 -30.43
CA ILE E 94 32.21 66.02 -30.82
C ILE E 94 30.74 65.99 -31.18
N HIS E 95 30.42 65.11 -32.14
CA HIS E 95 29.04 64.92 -32.60
C HIS E 95 28.62 63.46 -32.43
N VAL E 96 27.58 63.25 -31.61
CA VAL E 96 27.11 61.93 -31.24
C VAL E 96 25.63 61.82 -31.53
N LEU E 97 25.23 60.65 -32.03
CA LEU E 97 23.85 60.41 -32.39
C LEU E 97 23.43 59.04 -31.84
N PRO E 98 22.18 58.92 -31.33
CA PRO E 98 21.71 57.64 -30.79
C PRO E 98 21.26 56.67 -31.89
N ILE E 99 21.40 55.38 -31.60
CA ILE E 99 20.89 54.32 -32.47
C ILE E 99 19.39 54.16 -32.20
N ASP E 100 18.61 53.96 -33.28
CA ASP E 100 17.16 54.04 -33.28
C ASP E 100 16.54 53.11 -32.23
N ASP E 101 16.91 51.81 -32.26
CA ASP E 101 16.32 50.80 -31.37
C ASP E 101 16.40 51.24 -29.90
N THR E 102 17.54 51.79 -29.49
CA THR E 102 17.76 52.13 -28.09
C THR E 102 16.90 53.29 -27.60
N VAL E 103 16.42 54.15 -28.52
CA VAL E 103 15.77 55.38 -28.06
C VAL E 103 14.27 55.36 -28.29
N GLU E 104 13.73 54.21 -28.74
CA GLU E 104 12.30 54.07 -28.97
C GLU E 104 11.53 54.34 -27.68
N GLY E 105 10.67 55.35 -27.68
CA GLY E 105 9.87 55.66 -26.51
C GLY E 105 10.51 56.75 -25.65
N ILE E 106 11.83 56.90 -25.76
CA ILE E 106 12.56 57.88 -24.96
C ILE E 106 12.24 59.27 -25.52
N THR E 107 11.81 60.17 -24.64
CA THR E 107 11.36 61.49 -25.03
C THR E 107 11.99 62.53 -24.10
N GLY E 108 13.33 62.55 -24.02
CA GLY E 108 14.02 63.54 -23.21
C GLY E 108 15.04 64.31 -24.04
N ASN E 109 15.70 65.29 -23.41
CA ASN E 109 16.93 65.83 -23.97
C ASN E 109 18.04 64.87 -23.56
N LEU E 110 18.41 64.03 -24.55
CA LEU E 110 19.40 62.98 -24.41
C LEU E 110 20.67 63.54 -23.78
N PHE E 111 20.99 64.80 -24.09
CA PHE E 111 22.18 65.43 -23.53
C PHE E 111 22.10 65.41 -22.01
N GLU E 112 21.07 66.05 -21.45
CA GLU E 112 20.99 66.27 -20.01
C GLU E 112 20.86 64.93 -19.29
N VAL E 113 20.01 64.05 -19.81
CA VAL E 113 19.73 62.77 -19.18
C VAL E 113 20.92 61.82 -19.32
N TYR E 114 21.36 61.56 -20.56
CA TYR E 114 22.37 60.54 -20.82
C TYR E 114 23.77 61.17 -20.92
N LEU E 115 24.00 61.94 -22.01
CA LEU E 115 25.32 62.35 -22.46
C LEU E 115 26.06 63.20 -21.42
N LYS E 116 25.39 64.22 -20.88
CA LYS E 116 26.04 65.17 -19.99
C LYS E 116 26.75 64.46 -18.84
N PRO E 117 26.05 63.69 -17.98
CA PRO E 117 26.68 63.07 -16.81
C PRO E 117 27.63 61.92 -17.18
N TYR E 118 27.46 61.35 -18.38
CA TYR E 118 28.37 60.31 -18.86
C TYR E 118 29.78 60.89 -18.94
N PHE E 119 29.89 62.00 -19.69
CA PHE E 119 31.15 62.62 -20.06
C PHE E 119 31.68 63.54 -18.96
N LEU E 120 30.78 63.99 -18.08
CA LEU E 120 31.07 65.07 -17.15
C LEU E 120 32.27 64.71 -16.28
N GLU E 121 33.35 65.51 -16.43
CA GLU E 121 34.57 65.42 -15.62
C GLU E 121 35.13 64.01 -15.67
N ALA E 122 34.78 63.27 -16.74
CA ALA E 122 35.23 61.91 -16.91
C ALA E 122 36.57 61.92 -17.65
N TYR E 123 36.72 62.90 -18.52
CA TYR E 123 37.90 63.03 -19.37
C TYR E 123 38.04 61.76 -20.21
N ARG E 124 36.91 61.33 -20.81
CA ARG E 124 36.81 60.06 -21.50
C ARG E 124 37.46 60.17 -22.87
N PRO E 125 38.42 59.27 -23.22
CA PRO E 125 38.91 59.20 -24.60
C PRO E 125 37.85 58.61 -25.50
N ILE E 126 37.64 59.22 -26.68
CA ILE E 126 36.67 58.71 -27.66
C ILE E 126 37.30 58.70 -29.04
N ARG E 127 36.86 57.77 -29.90
CA ARG E 127 37.30 57.69 -31.27
C ARG E 127 36.10 57.79 -32.19
N LYS E 128 36.33 58.22 -33.43
CA LYS E 128 35.20 58.31 -34.36
C LYS E 128 34.72 56.90 -34.59
N GLY E 129 33.41 56.75 -34.78
CA GLY E 129 32.81 55.49 -35.17
C GLY E 129 32.60 54.52 -33.99
N ASP E 130 32.94 54.98 -32.78
CA ASP E 130 32.71 54.26 -31.54
C ASP E 130 31.22 54.29 -31.21
N ILE E 131 30.72 53.17 -30.67
CA ILE E 131 29.39 53.12 -30.09
C ILE E 131 29.58 52.93 -28.59
N PHE E 132 29.00 53.83 -27.80
CA PHE E 132 29.09 53.76 -26.36
C PHE E 132 27.68 53.64 -25.78
N LEU E 133 27.62 53.23 -24.49
CA LEU E 133 26.34 52.92 -23.87
C LEU E 133 26.19 53.73 -22.59
N VAL E 134 25.07 54.45 -22.48
CA VAL E 134 24.77 55.20 -21.27
C VAL E 134 23.50 54.62 -20.68
N ARG E 135 23.53 54.42 -19.36
CA ARG E 135 22.41 53.79 -18.69
C ARG E 135 21.68 54.83 -17.86
N GLY E 136 20.35 54.83 -17.92
CA GLY E 136 19.56 55.67 -17.04
C GLY E 136 18.08 55.62 -17.40
N GLY E 137 17.24 56.14 -16.51
CA GLY E 137 15.79 56.18 -16.68
C GLY E 137 15.21 54.81 -17.05
N MET E 138 15.71 53.80 -16.33
CA MET E 138 15.35 52.41 -16.50
C MET E 138 15.53 51.95 -17.95
N ARG E 139 16.52 52.52 -18.65
CA ARG E 139 16.87 52.11 -20.01
C ARG E 139 18.37 52.23 -20.20
N ALA E 140 18.88 51.72 -21.33
CA ALA E 140 20.25 51.96 -21.74
C ALA E 140 20.28 52.33 -23.22
N VAL E 141 20.88 53.49 -23.52
CA VAL E 141 20.89 54.07 -24.86
C VAL E 141 22.28 53.89 -25.47
N GLU E 142 22.32 53.49 -26.75
CA GLU E 142 23.56 53.40 -27.49
C GLU E 142 23.73 54.64 -28.38
N PHE E 143 24.86 55.33 -28.20
CA PHE E 143 25.22 56.46 -29.04
C PHE E 143 26.46 56.10 -29.86
N LYS E 144 26.45 56.52 -31.15
CA LYS E 144 27.61 56.45 -32.02
C LYS E 144 28.26 57.81 -32.14
N VAL E 145 29.60 57.85 -32.05
CA VAL E 145 30.39 59.05 -32.29
C VAL E 145 30.51 59.23 -33.80
N VAL E 146 29.77 60.21 -34.33
CA VAL E 146 29.70 60.45 -35.76
C VAL E 146 30.86 61.35 -36.20
N GLU E 147 31.20 62.36 -35.38
CA GLU E 147 32.34 63.21 -35.68
C GLU E 147 33.05 63.65 -34.41
N THR E 148 34.38 63.75 -34.49
CA THR E 148 35.18 64.28 -33.39
C THR E 148 36.06 65.42 -33.94
N ASP E 149 36.40 66.36 -33.04
CA ASP E 149 37.20 67.54 -33.35
C ASP E 149 38.50 67.13 -34.04
N PRO E 150 39.56 66.62 -33.34
CA PRO E 150 40.62 65.88 -34.02
C PRO E 150 40.01 64.61 -34.60
N SER E 151 40.27 64.34 -35.89
CA SER E 151 39.48 63.36 -36.63
C SER E 151 39.58 61.97 -36.01
N PRO E 152 40.78 61.41 -35.73
CA PRO E 152 40.87 60.09 -35.10
C PRO E 152 40.32 60.11 -33.67
N TYR E 153 41.11 60.65 -32.72
CA TYR E 153 40.81 60.51 -31.31
C TYR E 153 40.60 61.90 -30.73
N CYS E 154 40.07 61.93 -29.51
CA CYS E 154 39.80 63.15 -28.77
C CYS E 154 39.60 62.77 -27.31
N ILE E 155 39.93 63.68 -26.38
CA ILE E 155 39.44 63.50 -25.02
C ILE E 155 38.28 64.49 -24.79
N VAL E 156 37.11 63.95 -24.42
CA VAL E 156 35.99 64.81 -24.07
C VAL E 156 36.25 65.39 -22.69
N ALA E 157 36.64 66.67 -22.68
CA ALA E 157 37.01 67.44 -21.51
C ALA E 157 35.95 68.52 -21.27
N PRO E 158 35.91 69.16 -20.07
CA PRO E 158 34.78 70.01 -19.70
C PRO E 158 34.28 70.94 -20.81
N ASP E 159 35.21 71.64 -21.46
CA ASP E 159 34.92 72.62 -22.48
C ASP E 159 34.63 71.96 -23.82
N THR E 160 34.69 70.63 -23.90
CA THR E 160 34.37 69.94 -25.15
C THR E 160 32.89 70.18 -25.45
N VAL E 161 32.62 70.65 -26.67
CA VAL E 161 31.24 70.83 -27.11
C VAL E 161 30.72 69.46 -27.54
N ILE E 162 29.60 69.07 -26.92
CA ILE E 162 28.93 67.82 -27.26
C ILE E 162 27.67 68.19 -28.02
N HIS E 163 27.54 67.67 -29.25
CA HIS E 163 26.41 68.05 -30.07
C HIS E 163 25.63 66.79 -30.43
N CYS E 164 24.30 66.84 -30.21
CA CYS E 164 23.38 65.84 -30.73
C CYS E 164 22.43 66.50 -31.73
N GLU E 165 22.48 66.00 -32.97
CA GLU E 165 21.77 66.57 -34.10
C GLU E 165 20.29 66.16 -34.04
N GLY E 166 20.02 65.05 -33.35
CA GLY E 166 18.66 64.66 -33.05
C GLY E 166 18.00 63.86 -34.18
N GLU E 167 18.81 63.12 -34.94
CA GLU E 167 18.28 62.19 -35.92
C GLU E 167 18.78 60.78 -35.63
N PRO E 168 17.96 59.87 -35.05
CA PRO E 168 18.46 58.55 -34.63
C PRO E 168 18.96 57.71 -35.81
N ILE E 169 20.22 57.23 -35.72
CA ILE E 169 20.87 56.48 -36.78
C ILE E 169 20.37 55.03 -36.75
N LYS E 170 20.51 54.36 -37.90
CA LYS E 170 20.17 52.95 -38.04
C LYS E 170 21.33 52.11 -37.49
N ARG E 171 21.06 50.82 -37.25
CA ARG E 171 22.08 49.90 -36.77
C ARG E 171 22.66 49.14 -37.95
N ALA E 172 23.97 49.24 -38.17
CA ALA E 172 24.65 48.48 -39.21
C ALA E 172 24.72 47.01 -38.82
N ALA E 173 24.95 46.12 -39.81
CA ALA E 173 24.77 44.68 -39.62
C ALA E 173 25.80 44.11 -38.65
N ALA E 174 27.02 44.66 -38.66
CA ALA E 174 28.11 44.22 -37.81
C ALA E 174 27.95 44.69 -36.36
N GLU E 175 27.15 45.73 -36.14
CA GLU E 175 26.91 46.32 -34.82
C GLU E 175 25.94 45.47 -34.02
N GLU E 176 26.38 45.00 -32.83
CA GLU E 176 25.54 44.16 -31.98
C GLU E 176 24.94 44.95 -30.84
N SER E 177 23.70 44.60 -30.47
CA SER E 177 23.01 45.28 -29.38
C SER E 177 23.72 45.00 -28.05
N LEU E 178 23.85 46.07 -27.25
CA LEU E 178 24.40 45.93 -25.92
C LEU E 178 23.26 45.58 -24.97
N ASN E 179 22.05 45.51 -25.52
CA ASN E 179 20.89 45.06 -24.77
C ASN E 179 20.75 43.53 -24.89
N GLU E 180 21.55 42.90 -25.77
CA GLU E 180 21.69 41.46 -25.80
C GLU E 180 22.26 40.98 -24.47
N VAL E 181 21.95 39.74 -24.10
CA VAL E 181 22.39 39.21 -22.82
C VAL E 181 23.86 38.79 -22.95
N GLY E 182 24.67 39.11 -21.94
CA GLY E 182 26.03 38.60 -21.89
C GLY E 182 26.43 38.12 -20.50
N TYR E 183 27.70 37.70 -20.35
CA TYR E 183 28.13 37.19 -19.07
C TYR E 183 27.97 38.25 -18.01
N ASP E 184 28.01 39.52 -18.41
CA ASP E 184 27.95 40.67 -17.50
C ASP E 184 26.55 40.80 -16.93
N ASP E 185 25.60 40.01 -17.45
CA ASP E 185 24.23 40.10 -16.97
C ASP E 185 23.93 38.93 -16.04
N ILE E 186 24.94 38.10 -15.82
CA ILE E 186 24.79 36.90 -15.03
C ILE E 186 25.63 37.08 -13.79
N GLY E 187 25.00 37.01 -12.62
CA GLY E 187 25.74 37.13 -11.37
C GLY E 187 25.59 35.88 -10.49
N GLY E 188 26.68 35.49 -9.83
CA GLY E 188 26.55 34.42 -8.85
C GLY E 188 26.94 33.03 -9.38
N CYS E 189 27.12 32.82 -10.68
CA CYS E 189 27.43 31.47 -11.12
C CYS E 189 28.84 31.40 -11.69
N ARG E 190 29.78 32.11 -11.04
CA ARG E 190 31.12 32.27 -11.56
C ARG E 190 31.70 30.92 -12.00
N LYS E 191 31.81 29.99 -11.05
CA LYS E 191 32.51 28.74 -11.28
C LYS E 191 31.77 27.89 -12.32
N GLN E 192 30.44 27.87 -12.24
CA GLN E 192 29.62 27.10 -13.16
C GLN E 192 29.75 27.68 -14.56
N LEU E 193 29.73 29.01 -14.63
CA LEU E 193 29.83 29.70 -15.91
C LEU E 193 31.17 29.39 -16.56
N ALA E 194 32.23 29.43 -15.76
CA ALA E 194 33.58 29.07 -16.17
C ALA E 194 33.64 27.68 -16.77
N GLN E 195 33.00 26.70 -16.12
CA GLN E 195 33.01 25.33 -16.63
C GLN E 195 32.38 25.30 -18.03
N ILE E 196 31.23 25.97 -18.17
CA ILE E 196 30.46 25.91 -19.40
C ILE E 196 31.26 26.58 -20.51
N LYS E 197 31.90 27.69 -20.16
CA LYS E 197 32.78 28.44 -21.03
C LYS E 197 33.84 27.53 -21.64
N GLU E 198 34.54 26.78 -20.78
CA GLU E 198 35.59 25.86 -21.21
C GLU E 198 35.02 24.80 -22.14
N MET E 199 33.81 24.34 -21.80
CA MET E 199 33.19 23.23 -22.51
C MET E 199 32.96 23.63 -23.96
N VAL E 200 32.49 24.87 -24.15
CA VAL E 200 32.06 25.36 -25.45
C VAL E 200 33.19 26.07 -26.20
N GLU E 201 34.29 26.44 -25.51
CA GLU E 201 35.40 27.15 -26.13
C GLU E 201 35.78 26.53 -27.47
N LEU E 202 36.38 25.33 -27.45
CA LEU E 202 36.89 24.74 -28.68
C LEU E 202 35.77 24.51 -29.70
N PRO E 203 34.63 23.85 -29.37
CA PRO E 203 33.61 23.58 -30.38
C PRO E 203 32.98 24.81 -31.01
N LEU E 204 32.78 25.88 -30.24
CA LEU E 204 32.12 27.06 -30.73
C LEU E 204 33.11 28.07 -31.29
N ARG E 205 34.25 28.29 -30.61
CA ARG E 205 35.18 29.33 -31.04
C ARG E 205 36.27 28.79 -31.98
N HIS E 206 36.51 27.48 -32.02
CA HIS E 206 37.58 26.94 -32.82
C HIS E 206 37.11 25.67 -33.53
N PRO E 207 35.98 25.70 -34.28
CA PRO E 207 35.36 24.49 -34.83
C PRO E 207 36.30 23.69 -35.73
N ALA E 208 37.14 24.44 -36.45
CA ALA E 208 37.99 23.87 -37.48
C ALA E 208 38.85 22.76 -36.89
N LEU E 209 39.21 22.93 -35.61
CA LEU E 209 40.16 22.05 -34.98
C LEU E 209 39.64 20.63 -35.06
N PHE E 210 38.31 20.45 -35.05
CA PHE E 210 37.72 19.13 -34.97
C PHE E 210 37.81 18.38 -36.30
N LYS E 211 38.19 19.09 -37.37
CA LYS E 211 38.48 18.43 -38.63
C LYS E 211 39.86 17.74 -38.52
N ALA E 212 40.80 18.39 -37.82
CA ALA E 212 42.18 17.94 -37.75
C ALA E 212 42.40 16.85 -36.69
N ILE E 213 41.48 16.72 -35.73
CA ILE E 213 41.66 15.83 -34.58
C ILE E 213 40.48 14.87 -34.46
N GLY E 214 40.71 13.73 -33.78
CA GLY E 214 39.70 12.68 -33.67
C GLY E 214 39.01 12.68 -32.30
N VAL E 215 39.45 13.57 -31.41
CA VAL E 215 38.86 13.81 -30.10
C VAL E 215 37.44 14.33 -30.26
N LYS E 216 36.54 13.83 -29.40
CA LYS E 216 35.11 14.12 -29.49
C LYS E 216 34.78 15.26 -28.53
N PRO E 217 34.19 16.39 -29.01
CA PRO E 217 33.85 17.49 -28.13
C PRO E 217 32.54 17.20 -27.42
N PRO E 218 32.26 17.83 -26.24
CA PRO E 218 31.03 17.56 -25.51
C PRO E 218 29.82 18.01 -26.34
N ARG E 219 28.79 17.16 -26.39
CA ARG E 219 27.68 17.44 -27.28
C ARG E 219 26.52 18.04 -26.48
N GLY E 220 26.27 17.46 -25.30
CA GLY E 220 25.11 17.87 -24.51
C GLY E 220 25.51 18.35 -23.11
N ILE E 221 24.98 19.52 -22.72
CA ILE E 221 25.20 20.06 -21.40
C ILE E 221 23.84 20.24 -20.72
N LEU E 222 23.72 19.65 -19.52
CA LEU E 222 22.49 19.66 -18.76
C LEU E 222 22.66 20.62 -17.60
N LEU E 223 21.83 21.68 -17.57
CA LEU E 223 21.88 22.67 -16.51
C LEU E 223 20.78 22.38 -15.51
N TYR E 224 21.17 21.92 -14.30
CA TYR E 224 20.20 21.52 -13.28
C TYR E 224 20.23 22.58 -12.18
N GLY E 225 19.05 23.02 -11.79
CA GLY E 225 18.90 23.98 -10.69
C GLY E 225 17.43 24.30 -10.46
N PRO E 226 17.06 24.89 -9.30
CA PRO E 226 15.67 25.32 -9.08
C PRO E 226 15.30 26.40 -10.09
N PRO E 227 14.00 26.70 -10.29
CA PRO E 227 13.59 27.75 -11.22
C PRO E 227 14.08 29.14 -10.79
N GLY E 228 14.48 29.94 -11.78
CA GLY E 228 14.82 31.34 -11.55
C GLY E 228 16.31 31.54 -11.27
N THR E 229 17.12 30.50 -11.51
CA THR E 229 18.55 30.51 -11.25
C THR E 229 19.34 31.04 -12.45
N GLY E 230 18.67 31.27 -13.58
CA GLY E 230 19.25 31.93 -14.74
C GLY E 230 19.80 30.96 -15.78
N LYS E 231 19.13 29.81 -15.95
CA LYS E 231 19.63 28.78 -16.85
C LYS E 231 19.48 29.27 -18.28
N THR E 232 18.32 29.89 -18.58
CA THR E 232 18.08 30.41 -19.91
C THR E 232 19.08 31.53 -20.21
N LEU E 233 19.33 32.37 -19.21
CA LEU E 233 20.28 33.46 -19.32
C LEU E 233 21.64 32.92 -19.75
N ILE E 234 22.13 31.94 -19.01
CA ILE E 234 23.45 31.37 -19.24
C ILE E 234 23.56 30.93 -20.70
N ALA E 235 22.57 30.13 -21.16
CA ALA E 235 22.64 29.62 -22.52
C ALA E 235 22.75 30.79 -23.50
N ARG E 236 21.84 31.77 -23.38
CA ARG E 236 21.80 32.87 -24.35
C ARG E 236 23.11 33.65 -24.29
N ALA E 237 23.59 33.94 -23.07
CA ALA E 237 24.85 34.65 -22.92
C ALA E 237 25.97 33.91 -23.65
N VAL E 238 26.15 32.63 -23.36
CA VAL E 238 27.20 31.84 -23.98
C VAL E 238 27.11 31.95 -25.50
N ALA E 239 25.89 31.86 -26.04
CA ALA E 239 25.71 31.97 -27.47
C ALA E 239 26.22 33.31 -27.97
N ASN E 240 25.74 34.40 -27.34
CA ASN E 240 26.09 35.76 -27.71
C ASN E 240 27.61 35.95 -27.61
N GLU E 241 28.17 35.53 -26.49
CA GLU E 241 29.56 35.77 -26.19
C GLU E 241 30.48 34.97 -27.12
N THR E 242 30.01 33.83 -27.63
CA THR E 242 30.82 33.01 -28.52
C THR E 242 30.45 33.31 -29.96
N GLY E 243 29.43 34.15 -30.15
CA GLY E 243 28.84 34.42 -31.45
C GLY E 243 28.31 33.16 -32.13
N ALA E 244 27.43 32.43 -31.44
CA ALA E 244 26.89 31.20 -32.00
C ALA E 244 25.40 31.38 -32.20
N PHE E 245 24.86 30.67 -33.19
CA PHE E 245 23.43 30.74 -33.47
C PHE E 245 22.71 30.13 -32.26
N PHE E 246 21.62 30.78 -31.81
CA PHE E 246 20.90 30.27 -30.67
C PHE E 246 19.51 29.83 -31.13
N PHE E 247 19.17 28.56 -30.93
CA PHE E 247 17.81 28.12 -31.15
C PHE E 247 17.19 27.72 -29.82
N LEU E 248 16.06 28.36 -29.47
CA LEU E 248 15.31 28.00 -28.27
C LEU E 248 14.24 26.95 -28.58
N ILE E 249 14.26 25.82 -27.86
CA ILE E 249 13.14 24.91 -27.81
C ILE E 249 12.51 25.05 -26.43
N ASN E 250 11.21 25.36 -26.39
CA ASN E 250 10.53 25.42 -25.10
C ASN E 250 9.58 24.24 -24.97
N GLY E 251 9.80 23.42 -23.94
CA GLY E 251 9.03 22.21 -23.69
C GLY E 251 7.54 22.41 -23.92
N PRO E 252 6.89 23.28 -23.11
CA PRO E 252 5.48 23.62 -23.31
C PRO E 252 5.09 23.92 -24.75
N GLU E 253 5.89 24.72 -25.45
CA GLU E 253 5.56 25.02 -26.83
C GLU E 253 5.46 23.72 -27.62
N ILE E 254 6.47 22.86 -27.52
CA ILE E 254 6.52 21.63 -28.28
C ILE E 254 5.26 20.82 -27.97
N MET E 255 4.95 20.70 -26.68
CA MET E 255 3.91 19.82 -26.22
C MET E 255 2.54 20.39 -26.52
N SER E 256 2.46 21.69 -26.86
CA SER E 256 1.19 22.30 -27.21
C SER E 256 0.78 21.87 -28.62
N LYS E 257 1.77 21.56 -29.47
CA LYS E 257 1.55 21.19 -30.87
C LYS E 257 0.90 19.81 -30.92
N LEU E 258 0.26 19.49 -32.05
CA LEU E 258 -0.48 18.24 -32.14
C LEU E 258 0.41 17.21 -32.85
N ALA E 259 0.40 15.99 -32.30
CA ALA E 259 1.05 14.82 -32.89
C ALA E 259 2.41 15.17 -33.51
N GLY E 260 2.54 14.91 -34.81
CA GLY E 260 3.80 15.02 -35.51
C GLY E 260 4.37 16.43 -35.50
N GLU E 261 3.48 17.44 -35.38
CA GLU E 261 3.92 18.83 -35.38
C GLU E 261 4.94 19.03 -34.27
N SER E 262 4.75 18.33 -33.15
CA SER E 262 5.74 18.33 -32.07
C SER E 262 7.09 17.93 -32.63
N GLU E 263 7.14 16.71 -33.17
CA GLU E 263 8.37 16.04 -33.55
C GLU E 263 8.99 16.75 -34.75
N SER E 264 8.13 17.23 -35.66
CA SER E 264 8.60 18.01 -36.80
C SER E 264 9.38 19.22 -36.30
N ASN E 265 8.78 19.96 -35.37
CA ASN E 265 9.37 21.17 -34.81
C ASN E 265 10.71 20.84 -34.16
N LEU E 266 10.76 19.68 -33.49
CA LEU E 266 11.99 19.20 -32.87
C LEU E 266 13.07 19.01 -33.94
N ARG E 267 12.75 18.21 -34.97
CA ARG E 267 13.67 17.95 -36.08
C ARG E 267 14.13 19.27 -36.68
N LYS E 268 13.16 20.15 -36.97
CA LYS E 268 13.40 21.43 -37.62
C LYS E 268 14.44 22.24 -36.83
N ALA E 269 14.27 22.26 -35.51
CA ALA E 269 15.16 22.97 -34.61
C ALA E 269 16.57 22.47 -34.82
N PHE E 270 16.71 21.16 -34.83
CA PHE E 270 18.01 20.52 -34.96
C PHE E 270 18.62 20.86 -36.31
N GLU E 271 17.81 20.68 -37.37
CA GLU E 271 18.24 20.95 -38.73
C GLU E 271 18.69 22.39 -38.88
N GLU E 272 17.87 23.33 -38.36
CA GLU E 272 18.16 24.75 -38.48
C GLU E 272 19.50 25.05 -37.83
N ALA E 273 19.70 24.52 -36.63
CA ALA E 273 20.92 24.68 -35.88
C ALA E 273 22.11 24.15 -36.68
N GLU E 274 21.98 22.91 -37.17
CA GLU E 274 23.01 22.28 -37.98
C GLU E 274 23.45 23.25 -39.05
N LYS E 275 22.47 23.88 -39.71
CA LYS E 275 22.69 24.78 -40.83
C LYS E 275 23.42 26.06 -40.39
N ASN E 276 23.01 26.68 -39.29
CA ASN E 276 23.61 27.95 -38.90
C ASN E 276 24.72 27.73 -37.87
N ALA E 277 25.36 26.56 -37.89
CA ALA E 277 26.40 26.23 -36.92
C ALA E 277 27.65 27.10 -37.17
N PRO E 278 28.53 27.34 -36.16
CA PRO E 278 28.37 26.82 -34.80
C PRO E 278 27.13 27.37 -34.12
N ALA E 279 26.46 26.51 -33.34
CA ALA E 279 25.15 26.82 -32.79
C ALA E 279 24.99 26.24 -31.38
N ILE E 280 24.15 26.90 -30.58
CA ILE E 280 23.67 26.35 -29.33
C ILE E 280 22.16 26.17 -29.40
N ILE E 281 21.69 24.94 -29.17
CA ILE E 281 20.27 24.71 -28.94
C ILE E 281 20.03 24.75 -27.43
N PHE E 282 18.98 25.46 -27.01
CA PHE E 282 18.61 25.44 -25.61
C PHE E 282 17.21 24.85 -25.46
N ILE E 283 17.11 23.78 -24.66
CA ILE E 283 15.81 23.19 -24.34
C ILE E 283 15.39 23.63 -22.94
N ASP E 284 14.38 24.50 -22.92
CA ASP E 284 13.81 24.99 -21.68
C ASP E 284 12.75 24.01 -21.21
N GLU E 285 12.76 23.69 -19.92
CA GLU E 285 11.74 22.81 -19.37
C GLU E 285 11.79 21.47 -20.10
N LEU E 286 12.99 20.87 -20.09
CA LEU E 286 13.25 19.58 -20.71
C LEU E 286 12.32 18.51 -20.15
N ASP E 287 11.95 18.64 -18.86
CA ASP E 287 11.09 17.71 -18.14
C ASP E 287 9.73 17.59 -18.83
N ALA E 288 9.31 18.65 -19.53
CA ALA E 288 8.06 18.66 -20.29
C ALA E 288 8.14 17.74 -21.49
N ILE E 289 9.26 17.78 -22.21
CA ILE E 289 9.46 16.95 -23.40
C ILE E 289 9.79 15.51 -23.00
N ALA E 290 10.62 15.33 -21.95
CA ALA E 290 11.27 14.06 -21.71
C ALA E 290 11.26 13.70 -20.24
N PRO E 291 10.08 13.40 -19.65
CA PRO E 291 10.03 12.92 -18.27
C PRO E 291 10.52 11.47 -18.24
N LYS E 292 10.61 10.87 -17.04
CA LYS E 292 10.96 9.46 -16.87
C LYS E 292 9.85 8.57 -17.43
N ARG E 293 10.15 7.31 -17.78
CA ARG E 293 9.18 6.42 -18.41
C ARG E 293 7.98 6.14 -17.50
N GLU E 294 8.22 6.12 -16.17
CA GLU E 294 7.15 6.07 -15.17
C GLU E 294 6.13 7.17 -15.44
N LYS E 295 6.55 8.44 -15.34
CA LYS E 295 5.67 9.59 -15.42
C LYS E 295 5.12 9.74 -16.84
N THR E 296 5.75 9.08 -17.83
CA THR E 296 5.27 9.23 -19.19
C THR E 296 4.07 8.33 -19.38
N HIS E 297 2.88 8.88 -19.11
CA HIS E 297 1.65 8.21 -19.49
C HIS E 297 1.34 8.58 -20.94
N GLY E 298 1.03 7.56 -21.77
CA GLY E 298 0.60 7.78 -23.14
C GLY E 298 1.74 7.66 -24.14
N GLU E 299 1.39 7.23 -25.37
CA GLU E 299 2.37 6.82 -26.35
C GLU E 299 2.91 8.02 -27.13
N VAL E 300 2.07 9.02 -27.38
CA VAL E 300 2.51 10.20 -28.09
C VAL E 300 3.71 10.84 -27.38
N GLU E 301 3.67 10.83 -26.04
CA GLU E 301 4.72 11.44 -25.25
C GLU E 301 6.01 10.66 -25.42
N ARG E 302 5.92 9.32 -25.42
CA ARG E 302 7.08 8.44 -25.51
C ARG E 302 7.76 8.64 -26.86
N ARG E 303 6.93 8.84 -27.90
CA ARG E 303 7.43 9.08 -29.24
C ARG E 303 8.34 10.32 -29.23
N ILE E 304 7.92 11.37 -28.51
CA ILE E 304 8.65 12.63 -28.50
C ILE E 304 10.01 12.47 -27.82
N VAL E 305 10.01 11.79 -26.68
CA VAL E 305 11.25 11.50 -25.97
C VAL E 305 12.19 10.78 -26.91
N SER E 306 11.65 9.73 -27.55
CA SER E 306 12.41 8.90 -28.46
C SER E 306 13.04 9.76 -29.55
N GLN E 307 12.21 10.58 -30.20
CA GLN E 307 12.66 11.49 -31.24
C GLN E 307 13.88 12.28 -30.75
N LEU E 308 13.78 12.85 -29.55
CA LEU E 308 14.81 13.72 -29.01
C LEU E 308 16.13 12.95 -28.87
N LEU E 309 16.03 11.75 -28.30
CA LEU E 309 17.18 10.87 -28.17
C LEU E 309 17.84 10.66 -29.53
N THR E 310 17.05 10.23 -30.53
CA THR E 310 17.56 10.02 -31.88
C THR E 310 18.20 11.31 -32.40
N LEU E 311 17.50 12.45 -32.25
CA LEU E 311 18.00 13.72 -32.74
C LEU E 311 19.36 14.02 -32.15
N MET E 312 19.49 13.81 -30.84
CA MET E 312 20.74 14.03 -30.11
C MET E 312 21.79 13.07 -30.67
N ASP E 313 21.42 11.80 -30.79
CA ASP E 313 22.35 10.78 -31.27
C ASP E 313 22.80 11.10 -32.69
N GLY E 314 21.86 11.62 -33.49
CA GLY E 314 22.13 11.91 -34.89
C GLY E 314 23.06 13.11 -35.08
N LEU E 315 23.31 13.88 -34.02
CA LEU E 315 24.26 14.99 -34.13
C LEU E 315 25.66 14.46 -34.37
N LYS E 316 26.19 14.70 -35.57
CA LYS E 316 27.59 14.39 -35.87
C LYS E 316 28.48 15.42 -35.15
N GLN E 317 29.73 15.02 -34.88
CA GLN E 317 30.69 15.83 -34.15
C GLN E 317 31.01 17.10 -34.95
N ARG E 318 31.03 16.95 -36.28
CA ARG E 318 31.37 18.01 -37.21
C ARG E 318 30.20 18.98 -37.36
N ALA E 319 29.06 18.67 -36.73
CA ALA E 319 27.89 19.52 -36.85
C ALA E 319 28.14 20.86 -36.14
N HIS E 320 29.04 20.89 -35.15
CA HIS E 320 29.43 22.08 -34.40
C HIS E 320 28.24 22.67 -33.66
N VAL E 321 27.40 21.77 -33.11
CA VAL E 321 26.21 22.13 -32.38
C VAL E 321 26.36 21.61 -30.96
N ILE E 322 26.15 22.48 -29.98
CA ILE E 322 26.04 22.07 -28.59
C ILE E 322 24.57 22.22 -28.18
N VAL E 323 24.06 21.18 -27.49
CA VAL E 323 22.72 21.23 -26.95
C VAL E 323 22.78 21.42 -25.43
N MET E 324 22.15 22.50 -24.96
CA MET E 324 22.04 22.80 -23.54
C MET E 324 20.58 22.65 -23.14
N ALA E 325 20.33 22.01 -22.01
CA ALA E 325 18.96 21.82 -21.55
C ALA E 325 18.84 22.11 -20.06
N ALA E 326 17.67 22.60 -19.66
CA ALA E 326 17.44 22.99 -18.26
C ALA E 326 16.33 22.14 -17.66
N THR E 327 16.56 21.73 -16.40
CA THR E 327 15.60 20.98 -15.62
C THR E 327 15.89 21.24 -14.15
N ASN E 328 14.96 20.78 -13.28
CA ASN E 328 15.06 20.94 -11.84
C ASN E 328 16.10 20.01 -11.23
N ARG E 329 15.92 18.70 -11.43
CA ARG E 329 16.87 17.72 -10.93
C ARG E 329 17.05 16.62 -11.99
N PRO E 330 18.20 15.91 -12.01
CA PRO E 330 18.42 14.82 -12.96
C PRO E 330 17.35 13.74 -12.85
N ASN E 331 16.74 13.61 -11.67
CA ASN E 331 15.74 12.59 -11.42
C ASN E 331 14.43 12.97 -12.11
N SER E 332 14.35 14.21 -12.64
CA SER E 332 13.16 14.68 -13.33
C SER E 332 12.99 13.96 -14.67
N ILE E 333 14.12 13.67 -15.32
CA ILE E 333 14.19 13.41 -16.75
C ILE E 333 14.60 11.96 -17.00
N ASP E 334 14.16 11.43 -18.15
CA ASP E 334 14.50 10.08 -18.59
C ASP E 334 16.00 9.89 -18.57
N PRO E 335 16.52 8.84 -17.87
CA PRO E 335 17.97 8.69 -17.69
C PRO E 335 18.72 8.43 -18.98
N ALA E 336 17.99 8.09 -20.05
CA ALA E 336 18.59 7.81 -21.33
C ALA E 336 19.28 9.06 -21.88
N LEU E 337 18.78 10.24 -21.49
CA LEU E 337 19.30 11.53 -21.92
C LEU E 337 20.72 11.74 -21.39
N ARG E 338 21.12 10.96 -20.39
CA ARG E 338 22.42 11.14 -19.79
C ARG E 338 23.43 10.13 -20.32
N ARG E 339 23.08 9.39 -21.38
CA ARG E 339 23.99 8.43 -22.00
C ARG E 339 25.24 9.13 -22.56
N PHE E 340 26.13 8.35 -23.19
CA PHE E 340 27.45 8.81 -23.60
C PHE E 340 27.33 9.98 -24.58
N GLY E 341 26.62 9.75 -25.70
CA GLY E 341 26.50 10.75 -26.76
C GLY E 341 25.66 11.96 -26.36
N ARG E 342 24.63 11.72 -25.54
CA ARG E 342 23.61 12.68 -25.19
C ARG E 342 24.11 13.62 -24.09
N PHE E 343 23.21 14.14 -23.24
CA PHE E 343 23.58 15.04 -22.17
C PHE E 343 24.60 14.42 -21.22
N ASP E 344 25.86 14.36 -21.66
CA ASP E 344 26.88 13.64 -20.91
C ASP E 344 27.53 14.57 -19.86
N ARG E 345 27.22 15.88 -19.88
CA ARG E 345 27.80 16.79 -18.91
C ARG E 345 26.66 17.49 -18.15
N GLU E 346 26.82 17.62 -16.82
CA GLU E 346 25.85 18.28 -15.95
C GLU E 346 26.54 19.43 -15.21
N VAL E 347 25.90 20.59 -15.14
CA VAL E 347 26.34 21.69 -14.29
C VAL E 347 25.18 22.07 -13.39
N ASP E 348 25.48 22.29 -12.09
CA ASP E 348 24.47 22.62 -11.11
C ASP E 348 24.44 24.11 -10.86
N ILE E 349 23.41 24.79 -11.39
CA ILE E 349 23.24 26.20 -11.06
C ILE E 349 22.34 26.29 -9.84
N GLY E 350 22.90 26.65 -8.70
CA GLY E 350 22.20 26.59 -7.43
C GLY E 350 21.73 27.95 -6.90
N ILE E 351 21.18 27.94 -5.69
CA ILE E 351 20.75 29.16 -5.04
C ILE E 351 22.00 29.98 -4.72
N PRO E 352 22.02 31.30 -4.94
CA PRO E 352 23.24 32.08 -4.70
C PRO E 352 23.43 32.47 -3.23
N ASP E 353 24.68 32.67 -2.84
CA ASP E 353 25.07 33.29 -1.57
C ASP E 353 24.74 34.78 -1.58
N ALA E 354 24.90 35.40 -0.41
CA ALA E 354 24.67 36.83 -0.27
C ALA E 354 25.54 37.58 -1.27
N THR E 355 26.79 37.12 -1.44
CA THR E 355 27.71 37.79 -2.34
C THR E 355 27.11 37.80 -3.74
N GLY E 356 26.59 36.63 -4.14
CA GLY E 356 25.98 36.46 -5.45
C GLY E 356 24.70 37.29 -5.57
N ARG E 357 23.96 37.36 -4.46
CA ARG E 357 22.74 38.13 -4.48
C ARG E 357 23.04 39.59 -4.75
N LEU E 358 24.12 40.08 -4.12
CA LEU E 358 24.54 41.46 -4.30
C LEU E 358 24.85 41.73 -5.77
N GLU E 359 25.62 40.83 -6.41
CA GLU E 359 25.92 41.00 -7.81
C GLU E 359 24.63 41.05 -8.63
N ILE E 360 23.65 40.19 -8.30
CA ILE E 360 22.42 40.09 -9.05
C ILE E 360 21.64 41.39 -8.91
N LEU E 361 21.57 41.90 -7.68
CA LEU E 361 20.91 43.17 -7.39
C LEU E 361 21.56 44.29 -8.20
N GLN E 362 22.89 44.26 -8.25
CA GLN E 362 23.63 45.28 -8.97
C GLN E 362 23.26 45.23 -10.44
N ILE E 363 23.23 44.01 -10.98
CA ILE E 363 22.88 43.83 -12.38
C ILE E 363 21.51 44.44 -12.64
N HIS E 364 20.58 44.24 -11.70
CA HIS E 364 19.19 44.61 -11.97
C HIS E 364 18.89 46.04 -11.53
N THR E 365 19.91 46.74 -11.04
CA THR E 365 19.66 48.15 -10.72
C THR E 365 20.52 49.03 -11.62
N LYS E 366 21.12 48.44 -12.66
CA LYS E 366 22.15 49.14 -13.42
C LYS E 366 21.53 50.30 -14.20
N ASN E 367 20.27 50.17 -14.61
CA ASN E 367 19.68 51.24 -15.40
C ASN E 367 18.82 52.13 -14.52
N MET E 368 18.98 52.02 -13.20
CA MET E 368 18.08 52.68 -12.28
C MET E 368 18.87 53.75 -11.52
N LYS E 369 18.23 54.89 -11.27
CA LYS E 369 18.85 55.85 -10.38
C LYS E 369 18.50 55.43 -8.96
N LEU E 370 19.53 55.13 -8.17
CA LEU E 370 19.31 54.72 -6.80
C LEU E 370 19.75 55.84 -5.85
N ALA E 371 18.87 56.24 -4.95
CA ALA E 371 19.23 57.20 -3.92
C ALA E 371 20.38 56.68 -3.06
N ASP E 372 21.00 57.59 -2.30
CA ASP E 372 22.17 57.25 -1.51
C ASP E 372 21.75 56.36 -0.35
N ASP E 373 20.45 56.40 0.00
CA ASP E 373 19.93 55.66 1.13
C ASP E 373 19.86 54.16 0.83
N VAL E 374 19.96 53.80 -0.45
CA VAL E 374 19.83 52.40 -0.86
C VAL E 374 21.07 51.65 -0.43
N ASP E 375 20.85 50.56 0.32
CA ASP E 375 21.93 49.67 0.75
C ASP E 375 21.69 48.30 0.14
N LEU E 376 22.26 48.09 -1.05
CA LEU E 376 22.02 46.83 -1.73
C LEU E 376 22.61 45.68 -0.93
N GLU E 377 23.62 45.95 -0.10
CA GLU E 377 24.21 44.92 0.73
C GLU E 377 23.18 44.42 1.74
N GLN E 378 22.45 45.35 2.35
CA GLN E 378 21.38 45.02 3.28
C GLN E 378 20.41 44.09 2.56
N VAL E 379 19.94 44.56 1.40
CA VAL E 379 18.97 43.79 0.64
C VAL E 379 19.53 42.39 0.39
N ALA E 380 20.79 42.34 -0.02
CA ALA E 380 21.46 41.08 -0.32
C ALA E 380 21.42 40.18 0.91
N ASN E 381 21.73 40.76 2.08
CA ASN E 381 21.85 39.99 3.30
C ASN E 381 20.52 39.41 3.71
N GLU E 382 19.47 40.25 3.65
CA GLU E 382 18.19 39.81 4.16
C GLU E 382 17.46 38.89 3.19
N THR E 383 17.89 38.85 1.93
CA THR E 383 17.15 38.08 0.93
C THR E 383 17.67 36.64 0.89
N HIS E 384 17.68 35.99 2.06
CA HIS E 384 18.06 34.58 2.16
C HIS E 384 17.19 33.72 1.26
N GLY E 385 17.82 32.73 0.63
CA GLY E 385 17.17 31.70 -0.16
C GLY E 385 16.50 32.22 -1.43
N HIS E 386 16.85 33.44 -1.85
CA HIS E 386 16.27 34.01 -3.07
C HIS E 386 17.13 33.62 -4.26
N VAL E 387 16.46 33.31 -5.38
CA VAL E 387 17.17 33.12 -6.64
C VAL E 387 17.14 34.42 -7.44
N GLY E 388 17.91 34.45 -8.52
CA GLY E 388 18.00 35.59 -9.41
C GLY E 388 16.64 36.20 -9.74
N ALA E 389 15.71 35.37 -10.20
CA ALA E 389 14.38 35.81 -10.59
C ALA E 389 13.68 36.57 -9.46
N ASP E 390 13.89 36.13 -8.22
CA ASP E 390 13.28 36.74 -7.07
C ASP E 390 13.81 38.16 -6.92
N LEU E 391 15.14 38.25 -7.01
CA LEU E 391 15.84 39.52 -6.84
C LEU E 391 15.42 40.46 -7.95
N ALA E 392 15.41 39.94 -9.19
CA ALA E 392 15.04 40.76 -10.33
C ALA E 392 13.66 41.37 -10.09
N ALA E 393 12.69 40.53 -9.67
CA ALA E 393 11.35 40.97 -9.39
C ALA E 393 11.32 42.00 -8.26
N LEU E 394 12.20 41.81 -7.28
CA LEU E 394 12.21 42.75 -6.17
C LEU E 394 12.57 44.14 -6.72
N CYS E 395 13.59 44.18 -7.58
CA CYS E 395 14.04 45.43 -8.16
C CYS E 395 12.92 46.08 -8.96
N SER E 396 12.21 45.28 -9.76
CA SER E 396 11.08 45.81 -10.52
C SER E 396 10.08 46.43 -9.56
N GLU E 397 9.73 45.67 -8.52
CA GLU E 397 8.63 46.07 -7.69
C GLU E 397 8.96 47.39 -7.03
N ALA E 398 10.25 47.56 -6.69
CA ALA E 398 10.72 48.76 -6.04
C ALA E 398 10.58 49.94 -6.99
N ALA E 399 11.10 49.77 -8.22
CA ALA E 399 10.97 50.76 -9.27
C ALA E 399 9.50 51.19 -9.41
N LEU E 400 8.61 50.23 -9.60
CA LEU E 400 7.22 50.53 -9.89
C LEU E 400 6.56 51.26 -8.71
N GLN E 401 6.99 50.96 -7.48
CA GLN E 401 6.46 51.65 -6.32
C GLN E 401 6.84 53.13 -6.43
N ALA E 402 8.14 53.37 -6.68
CA ALA E 402 8.71 54.68 -6.86
C ALA E 402 7.90 55.49 -7.89
N ILE E 403 7.73 54.90 -9.08
CA ILE E 403 6.92 55.47 -10.13
C ILE E 403 5.52 55.76 -9.61
N ARG E 404 4.89 54.76 -8.99
CA ARG E 404 3.55 54.96 -8.46
C ARG E 404 3.48 56.18 -7.56
N LYS E 405 4.44 56.32 -6.64
CA LYS E 405 4.42 57.43 -5.71
C LYS E 405 4.50 58.76 -6.46
N LYS E 406 5.36 58.82 -7.49
CA LYS E 406 5.61 60.04 -8.22
C LYS E 406 4.41 60.38 -9.10
N MET E 407 3.76 59.35 -9.67
CA MET E 407 2.62 59.54 -10.55
C MET E 407 1.51 60.29 -9.81
N ASP E 408 1.44 60.09 -8.49
CA ASP E 408 0.47 60.79 -7.69
C ASP E 408 0.80 62.29 -7.66
N LEU E 409 2.10 62.62 -7.55
CA LEU E 409 2.55 63.99 -7.44
C LEU E 409 2.54 64.70 -8.80
N ILE E 410 2.49 63.94 -9.89
CA ILE E 410 2.41 64.47 -11.24
C ILE E 410 0.95 64.81 -11.56
N ASP E 411 0.10 64.83 -10.55
CA ASP E 411 -1.28 65.31 -10.66
C ASP E 411 -1.35 66.76 -11.15
N LEU E 412 -0.21 67.47 -11.20
CA LEU E 412 -0.16 68.84 -11.71
C LEU E 412 -0.13 68.74 -13.24
N GLU E 413 0.45 69.72 -13.94
CA GLU E 413 0.41 69.77 -15.38
C GLU E 413 1.28 68.67 -16.02
N ASP E 414 2.12 68.00 -15.23
CA ASP E 414 3.17 67.14 -15.76
C ASP E 414 2.54 65.96 -16.50
N GLU E 415 3.20 65.53 -17.61
CA GLU E 415 2.72 64.44 -18.45
C GLU E 415 2.90 63.12 -17.72
N THR E 416 2.50 61.99 -18.35
CA THR E 416 2.86 60.66 -17.82
C THR E 416 4.38 60.61 -17.65
N ILE E 417 4.82 61.02 -16.45
CA ILE E 417 6.24 61.15 -16.11
C ILE E 417 7.00 61.79 -17.28
N ASP E 418 8.07 61.15 -17.76
CA ASP E 418 8.73 61.41 -19.03
C ASP E 418 10.04 60.63 -18.98
N ALA E 419 10.80 60.52 -20.09
CA ALA E 419 12.16 60.01 -20.04
C ALA E 419 12.99 60.78 -19.01
N GLU E 420 12.85 62.12 -19.00
CA GLU E 420 13.54 63.03 -18.10
C GLU E 420 13.17 62.77 -16.64
N VAL E 421 11.87 62.82 -16.34
CA VAL E 421 11.39 62.68 -14.97
C VAL E 421 11.69 61.26 -14.49
N MET E 422 11.59 60.26 -15.38
CA MET E 422 11.99 58.89 -15.10
C MET E 422 13.47 58.85 -14.71
N ASN E 423 14.29 59.65 -15.39
CA ASN E 423 15.72 59.76 -15.10
C ASN E 423 15.95 60.55 -13.82
N SER E 424 15.06 61.50 -13.52
CA SER E 424 15.17 62.28 -12.29
C SER E 424 14.68 61.46 -11.09
N LEU E 425 13.85 60.45 -11.35
CA LEU E 425 13.24 59.63 -10.31
C LEU E 425 14.29 58.69 -9.75
N ALA E 426 14.40 58.73 -8.42
CA ALA E 426 15.32 57.85 -7.72
C ALA E 426 14.52 56.79 -6.95
N VAL E 427 14.96 55.54 -7.07
CA VAL E 427 14.39 54.52 -6.21
C VAL E 427 15.09 54.63 -4.86
N THR E 428 14.29 54.70 -3.78
CA THR E 428 14.81 54.90 -2.44
C THR E 428 14.79 53.58 -1.67
N MET E 429 15.41 53.58 -0.49
CA MET E 429 15.50 52.37 0.30
C MET E 429 14.08 51.98 0.75
N ASP E 430 13.24 53.00 0.99
CA ASP E 430 11.87 52.76 1.42
C ASP E 430 11.14 51.98 0.34
N ASP E 431 11.47 52.28 -0.93
CA ASP E 431 10.89 51.57 -2.06
C ASP E 431 11.26 50.10 -2.00
N PHE E 432 12.55 49.83 -1.75
CA PHE E 432 13.02 48.48 -1.56
C PHE E 432 12.32 47.85 -0.36
N ARG E 433 12.21 48.62 0.71
CA ARG E 433 11.57 48.14 1.91
C ARG E 433 10.15 47.72 1.61
N TRP E 434 9.41 48.56 0.88
CA TRP E 434 8.04 48.23 0.53
C TRP E 434 8.01 46.87 -0.17
N ALA E 435 8.90 46.68 -1.14
CA ALA E 435 9.00 45.47 -1.93
C ALA E 435 9.33 44.28 -1.04
N LEU E 436 10.33 44.43 -0.17
CA LEU E 436 10.75 43.34 0.69
C LEU E 436 9.64 42.99 1.66
N SER E 437 8.75 43.95 1.92
CA SER E 437 7.77 43.80 2.98
C SER E 437 6.48 43.20 2.46
N GLN E 438 6.45 42.86 1.17
CA GLN E 438 5.20 42.67 0.45
C GLN E 438 4.86 41.18 0.28
N ASN F 1 49.38 -31.60 -43.36
CA ASN F 1 49.49 -30.17 -42.97
C ASN F 1 50.96 -29.82 -42.74
N ARG F 2 51.52 -29.04 -43.67
CA ARG F 2 52.90 -28.55 -43.63
C ARG F 2 53.05 -27.67 -42.39
N PRO F 3 54.19 -27.71 -41.65
CA PRO F 3 54.33 -26.92 -40.42
C PRO F 3 54.42 -25.41 -40.63
N ASN F 4 54.71 -24.99 -41.88
CA ASN F 4 54.71 -23.59 -42.27
C ASN F 4 53.31 -22.98 -42.18
N ARG F 5 52.24 -23.81 -42.19
CA ARG F 5 50.87 -23.35 -42.03
C ARG F 5 50.54 -23.15 -40.55
N LEU F 6 49.99 -21.97 -40.23
CA LEU F 6 49.63 -21.57 -38.89
C LEU F 6 48.27 -20.87 -38.91
N ILE F 7 47.65 -20.77 -37.71
CA ILE F 7 46.34 -20.17 -37.57
C ILE F 7 46.49 -18.75 -37.05
N VAL F 8 45.85 -17.79 -37.73
CA VAL F 8 45.94 -16.38 -37.39
C VAL F 8 45.27 -16.14 -36.03
N ASP F 9 46.02 -15.51 -35.13
CA ASP F 9 45.53 -15.23 -33.79
C ASP F 9 45.71 -13.74 -33.50
N GLU F 10 45.11 -13.26 -32.41
CA GLU F 10 45.21 -11.87 -32.00
C GLU F 10 46.66 -11.58 -31.61
N ALA F 11 47.02 -10.29 -31.51
CA ALA F 11 48.40 -9.88 -31.30
C ALA F 11 48.60 -9.36 -29.88
N ILE F 12 49.59 -9.91 -29.15
CA ILE F 12 50.02 -9.36 -27.87
C ILE F 12 50.77 -8.03 -28.04
N ASN F 13 51.70 -8.00 -28.99
CA ASN F 13 52.42 -6.79 -29.32
C ASN F 13 51.73 -6.09 -30.50
N GLU F 14 51.46 -4.79 -30.34
CA GLU F 14 50.63 -4.04 -31.28
C GLU F 14 51.48 -3.43 -32.40
N ASP F 15 52.80 -3.72 -32.43
CA ASP F 15 53.65 -3.16 -33.47
C ASP F 15 53.34 -3.80 -34.82
N ASN F 16 53.18 -2.94 -35.83
CA ASN F 16 52.67 -3.36 -37.12
C ASN F 16 53.60 -4.41 -37.75
N SER F 17 54.89 -4.36 -37.39
CA SER F 17 55.90 -5.10 -38.10
C SER F 17 56.26 -6.38 -37.36
N VAL F 18 55.47 -6.73 -36.35
CA VAL F 18 55.81 -7.87 -35.51
C VAL F 18 54.76 -8.97 -35.65
N VAL F 19 55.24 -10.21 -35.75
CA VAL F 19 54.43 -11.41 -35.61
C VAL F 19 55.05 -12.28 -34.53
N SER F 20 54.21 -13.08 -33.88
CA SER F 20 54.66 -13.89 -32.76
C SER F 20 54.33 -15.36 -32.97
N LEU F 21 55.29 -16.21 -32.57
CA LEU F 21 55.23 -17.66 -32.66
C LEU F 21 55.74 -18.24 -31.33
N SER F 22 55.36 -19.49 -31.03
CA SER F 22 55.98 -20.17 -29.88
C SER F 22 57.44 -20.45 -30.21
N GLN F 23 58.30 -20.39 -29.19
CA GLN F 23 59.71 -20.69 -29.41
C GLN F 23 59.84 -22.08 -30.05
N PRO F 24 59.17 -23.13 -29.52
CA PRO F 24 59.12 -24.44 -30.18
C PRO F 24 59.00 -24.34 -31.69
N LYS F 25 57.99 -23.58 -32.15
CA LYS F 25 57.69 -23.46 -33.57
C LYS F 25 58.82 -22.74 -34.29
N MET F 26 59.39 -21.73 -33.62
CA MET F 26 60.50 -20.96 -34.17
C MET F 26 61.72 -21.86 -34.33
N ASP F 27 61.99 -22.68 -33.30
CA ASP F 27 63.05 -23.67 -33.32
C ASP F 27 62.81 -24.66 -34.46
N GLU F 28 61.62 -25.25 -34.49
CA GLU F 28 61.19 -26.17 -35.52
C GLU F 28 61.43 -25.59 -36.91
N LEU F 29 61.17 -24.29 -37.08
CA LEU F 29 61.29 -23.63 -38.38
C LEU F 29 62.66 -22.96 -38.51
N GLN F 30 63.51 -23.13 -37.48
CA GLN F 30 64.84 -22.55 -37.41
C GLN F 30 64.76 -21.03 -37.59
N LEU F 31 64.02 -20.38 -36.70
CA LEU F 31 63.85 -18.94 -36.77
C LEU F 31 64.53 -18.28 -35.59
N PHE F 32 65.21 -17.17 -35.87
CA PHE F 32 65.94 -16.41 -34.89
C PHE F 32 65.14 -15.14 -34.56
N ARG F 33 65.20 -14.71 -33.30
CA ARG F 33 64.48 -13.50 -32.90
C ARG F 33 64.85 -12.35 -33.83
N GLY F 34 63.86 -11.79 -34.52
CA GLY F 34 64.12 -10.61 -35.32
C GLY F 34 64.26 -10.96 -36.78
N ASP F 35 64.28 -12.27 -37.08
CA ASP F 35 64.39 -12.73 -38.45
C ASP F 35 63.19 -12.21 -39.22
N THR F 36 63.45 -11.58 -40.38
CA THR F 36 62.36 -11.26 -41.28
C THR F 36 61.76 -12.54 -41.84
N VAL F 37 60.43 -12.62 -41.80
CA VAL F 37 59.66 -13.74 -42.33
C VAL F 37 58.72 -13.24 -43.42
N LEU F 38 58.44 -14.12 -44.39
CA LEU F 38 57.45 -13.83 -45.43
C LEU F 38 56.19 -14.63 -45.15
N LEU F 39 55.05 -13.93 -45.11
CA LEU F 39 53.77 -14.56 -44.82
C LEU F 39 52.91 -14.51 -46.08
N LYS F 40 52.27 -15.64 -46.40
CA LYS F 40 51.39 -15.72 -47.55
C LYS F 40 49.96 -15.91 -47.05
N GLY F 41 49.02 -15.24 -47.70
CA GLY F 41 47.61 -15.30 -47.34
C GLY F 41 46.69 -15.44 -48.56
N LYS F 42 45.42 -15.07 -48.39
CA LYS F 42 44.42 -15.20 -49.45
C LYS F 42 44.64 -14.12 -50.51
N LYS F 43 43.91 -14.24 -51.64
CA LYS F 43 44.03 -13.40 -52.81
C LYS F 43 45.51 -13.25 -53.21
N ARG F 44 46.30 -14.28 -52.89
CA ARG F 44 47.71 -14.38 -53.22
C ARG F 44 48.49 -13.20 -52.65
N ARG F 45 47.94 -12.57 -51.61
CA ARG F 45 48.59 -11.44 -50.96
C ARG F 45 49.78 -11.93 -50.13
N GLU F 46 50.76 -11.05 -49.91
CA GLU F 46 51.97 -11.39 -49.17
C GLU F 46 52.35 -10.26 -48.21
N ALA F 47 53.13 -10.60 -47.17
CA ALA F 47 53.62 -9.60 -46.23
C ALA F 47 54.92 -10.08 -45.58
N VAL F 48 55.76 -9.12 -45.19
CA VAL F 48 57.02 -9.43 -44.53
C VAL F 48 57.03 -8.78 -43.15
N CYS F 49 57.54 -9.48 -42.15
CA CYS F 49 57.45 -9.06 -40.76
C CYS F 49 58.64 -9.57 -39.97
N ILE F 50 58.74 -9.11 -38.73
CA ILE F 50 59.76 -9.54 -37.77
C ILE F 50 59.13 -10.58 -36.85
N VAL F 51 59.85 -11.68 -36.60
CA VAL F 51 59.29 -12.70 -35.74
C VAL F 51 59.90 -12.56 -34.34
N LEU F 52 59.04 -12.75 -33.31
CA LEU F 52 59.45 -12.81 -31.93
C LEU F 52 58.72 -13.98 -31.29
N SER F 53 59.01 -14.24 -30.00
CA SER F 53 58.47 -15.41 -29.37
C SER F 53 57.48 -15.00 -28.29
N ASP F 54 56.27 -15.58 -28.34
CA ASP F 54 55.29 -15.35 -27.30
C ASP F 54 55.06 -16.65 -26.54
N ASP F 55 55.20 -16.59 -25.20
CA ASP F 55 54.97 -17.77 -24.37
C ASP F 55 53.54 -18.27 -24.56
N THR F 56 52.58 -17.34 -24.56
CA THR F 56 51.16 -17.67 -24.60
C THR F 56 50.75 -18.24 -25.96
N CYS F 57 51.53 -17.95 -27.00
CA CYS F 57 51.18 -18.34 -28.35
C CYS F 57 51.25 -19.85 -28.47
N SER F 58 50.10 -20.47 -28.78
CA SER F 58 50.00 -21.87 -29.14
C SER F 58 50.85 -22.16 -30.37
N ASP F 59 51.47 -23.35 -30.43
CA ASP F 59 52.51 -23.66 -31.38
C ASP F 59 51.97 -23.57 -32.81
N GLU F 60 50.68 -23.88 -32.97
CA GLU F 60 50.07 -23.99 -34.27
C GLU F 60 49.49 -22.64 -34.72
N LYS F 61 49.70 -21.59 -33.91
CA LYS F 61 49.10 -20.28 -34.18
C LYS F 61 50.18 -19.21 -34.37
N ILE F 62 49.80 -18.14 -35.09
CA ILE F 62 50.61 -16.95 -35.26
C ILE F 62 49.83 -15.74 -34.77
N ARG F 63 50.50 -14.83 -34.07
CA ARG F 63 49.88 -13.61 -33.62
C ARG F 63 50.28 -12.47 -34.54
N MET F 64 49.29 -11.83 -35.16
CA MET F 64 49.54 -10.66 -35.98
C MET F 64 48.46 -9.61 -35.76
N ASN F 65 48.87 -8.33 -35.82
CA ASN F 65 47.98 -7.19 -35.70
C ASN F 65 47.07 -7.11 -36.92
N ARG F 66 46.15 -6.16 -36.87
CA ARG F 66 45.07 -6.10 -37.85
C ARG F 66 45.61 -5.56 -39.17
N VAL F 67 46.69 -4.77 -39.07
CA VAL F 67 47.35 -4.23 -40.25
C VAL F 67 47.78 -5.40 -41.14
N VAL F 68 48.55 -6.34 -40.57
CA VAL F 68 49.06 -7.51 -41.25
C VAL F 68 47.91 -8.34 -41.82
N ARG F 69 46.90 -8.63 -41.00
CA ARG F 69 45.79 -9.47 -41.41
C ARG F 69 45.15 -8.90 -42.68
N ASN F 70 44.97 -7.58 -42.71
CA ASN F 70 44.37 -6.91 -43.85
C ASN F 70 45.25 -7.05 -45.08
N ASN F 71 46.57 -6.88 -44.87
CA ASN F 71 47.54 -6.99 -45.93
C ASN F 71 47.54 -8.40 -46.51
N LEU F 72 47.38 -9.40 -45.64
CA LEU F 72 47.31 -10.78 -46.07
C LEU F 72 45.88 -11.15 -46.46
N ARG F 73 44.95 -10.20 -46.41
CA ARG F 73 43.53 -10.44 -46.64
C ARG F 73 43.01 -11.68 -45.92
N VAL F 74 43.45 -11.89 -44.67
CA VAL F 74 42.94 -12.98 -43.84
C VAL F 74 42.22 -12.37 -42.63
N ARG F 75 41.41 -13.20 -41.97
CA ARG F 75 40.72 -12.85 -40.74
C ARG F 75 41.19 -13.78 -39.63
N LEU F 76 40.87 -13.43 -38.38
CA LEU F 76 41.24 -14.26 -37.26
C LEU F 76 40.67 -15.67 -37.45
N GLY F 77 41.54 -16.67 -37.30
CA GLY F 77 41.16 -18.07 -37.43
C GLY F 77 41.49 -18.65 -38.80
N ASP F 78 41.92 -17.80 -39.74
CA ASP F 78 42.37 -18.25 -41.04
C ASP F 78 43.73 -18.91 -40.91
N VAL F 79 44.19 -19.53 -42.01
CA VAL F 79 45.49 -20.18 -42.01
C VAL F 79 46.42 -19.38 -42.93
N ILE F 80 47.70 -19.28 -42.54
CA ILE F 80 48.69 -18.60 -43.37
C ILE F 80 49.92 -19.50 -43.47
N SER F 81 50.82 -19.14 -44.41
CA SER F 81 52.09 -19.84 -44.58
C SER F 81 53.24 -18.90 -44.22
N ILE F 82 54.19 -19.44 -43.45
CA ILE F 82 55.36 -18.68 -43.04
C ILE F 82 56.60 -19.33 -43.64
N GLN F 83 57.42 -18.52 -44.33
CA GLN F 83 58.72 -18.94 -44.79
C GLN F 83 59.73 -17.85 -44.42
N PRO F 84 60.99 -18.23 -44.12
CA PRO F 84 62.05 -17.25 -43.87
C PRO F 84 62.38 -16.41 -45.11
N CYS F 85 62.89 -15.21 -44.86
CA CYS F 85 63.22 -14.27 -45.91
C CYS F 85 64.56 -13.62 -45.57
N PRO F 86 65.68 -14.38 -45.59
CA PRO F 86 66.98 -13.88 -45.13
C PRO F 86 67.70 -12.97 -46.13
N ASP F 87 67.14 -12.90 -47.35
CA ASP F 87 67.60 -12.11 -48.47
C ASP F 87 67.20 -10.63 -48.32
N VAL F 88 66.90 -10.21 -47.09
CA VAL F 88 66.47 -8.85 -46.77
C VAL F 88 67.65 -7.90 -46.88
N LYS F 89 67.55 -6.98 -47.86
CA LYS F 89 68.55 -5.96 -48.10
C LYS F 89 68.03 -4.64 -47.59
N TYR F 90 68.83 -3.96 -46.75
CA TYR F 90 68.60 -2.56 -46.41
C TYR F 90 68.40 -1.79 -47.71
N GLY F 91 67.15 -1.65 -48.15
CA GLY F 91 66.82 -1.01 -49.42
C GLY F 91 67.14 0.50 -49.39
N LYS F 92 67.31 1.07 -50.59
CA LYS F 92 67.80 2.44 -50.70
C LYS F 92 66.64 3.43 -50.69
N ARG F 93 65.65 3.25 -51.59
CA ARG F 93 64.60 4.21 -51.87
C ARG F 93 63.22 3.54 -51.74
N ILE F 94 62.34 4.07 -50.89
CA ILE F 94 60.94 3.62 -50.80
C ILE F 94 60.00 4.80 -51.04
N HIS F 95 58.84 4.50 -51.65
CA HIS F 95 57.85 5.51 -51.98
C HIS F 95 56.50 5.13 -51.37
N VAL F 96 55.98 5.99 -50.48
CA VAL F 96 54.77 5.74 -49.72
C VAL F 96 53.80 6.91 -49.89
N LEU F 97 52.51 6.60 -49.98
CA LEU F 97 51.48 7.58 -50.21
C LEU F 97 50.29 7.31 -49.30
N PRO F 98 49.63 8.36 -48.73
CA PRO F 98 48.52 8.14 -47.80
C PRO F 98 47.19 7.88 -48.53
N ILE F 99 46.30 7.12 -47.87
CA ILE F 99 44.94 6.91 -48.32
C ILE F 99 44.09 8.13 -47.97
N ASP F 100 43.21 8.51 -48.90
CA ASP F 100 42.49 9.78 -48.85
C ASP F 100 41.71 9.97 -47.55
N ASP F 101 40.87 8.98 -47.19
CA ASP F 101 40.00 9.10 -46.00
C ASP F 101 40.80 9.43 -44.75
N THR F 102 41.97 8.80 -44.58
CA THR F 102 42.75 8.96 -43.36
C THR F 102 43.36 10.36 -43.21
N VAL F 103 43.53 11.10 -44.32
CA VAL F 103 44.31 12.32 -44.23
C VAL F 103 43.42 13.56 -44.38
N GLU F 104 42.08 13.37 -44.46
CA GLU F 104 41.24 14.54 -44.66
C GLU F 104 41.32 15.45 -43.42
N GLY F 105 41.69 16.71 -43.67
CA GLY F 105 41.85 17.67 -42.60
C GLY F 105 43.29 17.78 -42.12
N ILE F 106 44.08 16.73 -42.34
CA ILE F 106 45.47 16.73 -41.91
C ILE F 106 46.25 17.65 -42.85
N THR F 107 46.99 18.57 -42.26
CA THR F 107 47.69 19.62 -42.99
C THR F 107 49.11 19.76 -42.45
N GLY F 108 49.86 18.67 -42.46
CA GLY F 108 51.23 18.68 -41.99
C GLY F 108 52.18 18.12 -43.04
N ASN F 109 53.48 18.14 -42.74
CA ASN F 109 54.41 17.31 -43.49
C ASN F 109 54.35 15.92 -42.90
N LEU F 110 53.61 15.06 -43.61
CA LEU F 110 53.35 13.68 -43.24
C LEU F 110 54.66 12.99 -42.85
N PHE F 111 55.74 13.34 -43.53
CA PHE F 111 57.03 12.74 -43.25
C PHE F 111 57.41 12.97 -41.78
N GLU F 112 57.51 14.24 -41.39
CA GLU F 112 58.04 14.60 -40.08
C GLU F 112 57.11 14.08 -38.99
N VAL F 113 55.80 14.29 -39.19
CA VAL F 113 54.80 13.92 -38.18
C VAL F 113 54.64 12.41 -38.09
N TYR F 114 54.33 11.74 -39.22
CA TYR F 114 53.99 10.33 -39.22
C TYR F 114 55.20 9.46 -39.57
N LEU F 115 55.65 9.56 -40.84
CA LEU F 115 56.55 8.60 -41.48
C LEU F 115 57.91 8.53 -40.78
N LYS F 116 58.52 9.70 -40.53
CA LYS F 116 59.87 9.75 -39.99
C LYS F 116 60.00 8.90 -38.73
N PRO F 117 59.26 9.20 -37.63
CA PRO F 117 59.43 8.47 -36.38
C PRO F 117 58.92 7.04 -36.43
N TYR F 118 58.03 6.73 -37.40
CA TYR F 118 57.55 5.37 -37.59
C TYR F 118 58.76 4.48 -37.92
N PHE F 119 59.49 4.87 -38.97
CA PHE F 119 60.56 4.10 -39.57
C PHE F 119 61.88 4.25 -38.81
N LEU F 120 62.01 5.36 -38.07
CA LEU F 120 63.27 5.78 -37.52
C LEU F 120 63.87 4.68 -36.63
N GLU F 121 65.04 4.16 -37.04
CA GLU F 121 65.82 3.21 -36.29
C GLU F 121 65.00 1.97 -35.96
N ALA F 122 63.93 1.75 -36.75
CA ALA F 122 63.03 0.64 -36.51
C ALA F 122 63.54 -0.59 -37.26
N TYR F 123 64.19 -0.32 -38.39
CA TYR F 123 64.67 -1.37 -39.28
C TYR F 123 63.48 -2.24 -39.71
N ARG F 124 62.40 -1.57 -40.12
CA ARG F 124 61.13 -2.21 -40.41
C ARG F 124 61.17 -2.87 -41.78
N PRO F 125 60.87 -4.18 -41.91
CA PRO F 125 60.70 -4.81 -43.23
C PRO F 125 59.41 -4.30 -43.86
N ILE F 126 59.47 -3.96 -45.15
CA ILE F 126 58.31 -3.51 -45.90
C ILE F 126 58.23 -4.22 -47.24
N ARG F 127 56.98 -4.41 -47.72
CA ARG F 127 56.78 -5.02 -49.03
C ARG F 127 55.96 -4.05 -49.88
N LYS F 128 56.10 -4.16 -51.19
CA LYS F 128 55.32 -3.28 -52.05
C LYS F 128 53.86 -3.64 -51.84
N GLY F 129 52.99 -2.63 -51.93
CA GLY F 129 51.55 -2.83 -51.91
C GLY F 129 50.97 -2.99 -50.50
N ASP F 130 51.84 -2.90 -49.49
CA ASP F 130 51.46 -2.96 -48.08
C ASP F 130 50.77 -1.65 -47.69
N ILE F 131 49.75 -1.73 -46.84
CA ILE F 131 49.18 -0.57 -46.17
C ILE F 131 49.55 -0.65 -44.69
N PHE F 132 50.18 0.40 -44.18
CA PHE F 132 50.58 0.46 -42.79
C PHE F 132 49.91 1.65 -42.12
N LEU F 133 49.91 1.66 -40.78
CA LEU F 133 49.15 2.65 -40.02
C LEU F 133 50.07 3.36 -39.05
N VAL F 134 50.07 4.69 -39.11
CA VAL F 134 50.86 5.48 -38.18
C VAL F 134 49.89 6.34 -37.38
N ARG F 135 50.11 6.37 -36.05
CA ARG F 135 49.18 7.05 -35.18
C ARG F 135 49.87 8.30 -34.65
N GLY F 136 49.13 9.41 -34.65
CA GLY F 136 49.61 10.63 -34.00
C GLY F 136 48.68 11.81 -34.27
N GLY F 137 48.91 12.90 -33.53
CA GLY F 137 48.11 14.11 -33.64
C GLY F 137 46.61 13.84 -33.54
N MET F 138 46.27 12.98 -32.59
CA MET F 138 44.92 12.52 -32.31
C MET F 138 44.24 11.98 -33.57
N ARG F 139 45.04 11.36 -34.46
CA ARG F 139 44.52 10.69 -35.65
C ARG F 139 45.36 9.46 -35.94
N ALA F 140 44.89 8.64 -36.88
CA ALA F 140 45.71 7.55 -37.41
C ALA F 140 45.61 7.53 -38.93
N VAL F 141 46.76 7.59 -39.60
CA VAL F 141 46.87 7.72 -41.04
C VAL F 141 47.29 6.37 -41.63
N GLU F 142 46.63 5.97 -42.73
CA GLU F 142 47.01 4.78 -43.47
C GLU F 142 47.83 5.17 -44.70
N PHE F 143 49.04 4.61 -44.80
CA PHE F 143 49.92 4.79 -45.95
C PHE F 143 50.07 3.47 -46.69
N LYS F 144 50.07 3.53 -48.03
CA LYS F 144 50.39 2.42 -48.90
C LYS F 144 51.81 2.56 -49.45
N VAL F 145 52.57 1.46 -49.44
CA VAL F 145 53.88 1.39 -50.05
C VAL F 145 53.70 1.21 -51.55
N VAL F 146 53.97 2.28 -52.32
CA VAL F 146 53.77 2.27 -53.76
C VAL F 146 54.99 1.69 -54.47
N GLU F 147 56.20 2.02 -53.99
CA GLU F 147 57.41 1.46 -54.57
C GLU F 147 58.48 1.25 -53.51
N THR F 148 59.25 0.17 -53.68
CA THR F 148 60.41 -0.10 -52.84
C THR F 148 61.63 -0.31 -53.72
N ASP F 149 62.82 -0.01 -53.16
CA ASP F 149 64.10 -0.13 -53.83
C ASP F 149 64.28 -1.51 -54.46
N PRO F 150 64.62 -2.59 -53.70
CA PRO F 150 64.40 -3.95 -54.20
C PRO F 150 62.89 -4.16 -54.35
N SER F 151 62.46 -4.65 -55.52
CA SER F 151 61.05 -4.56 -55.91
C SER F 151 60.15 -5.27 -54.90
N PRO F 152 60.39 -6.55 -54.54
CA PRO F 152 59.55 -7.23 -53.57
C PRO F 152 59.68 -6.62 -52.17
N TYR F 153 60.80 -6.90 -51.48
CA TYR F 153 60.92 -6.58 -50.07
C TYR F 153 62.10 -5.64 -49.89
N CYS F 154 62.19 -5.03 -48.70
CA CYS F 154 63.22 -4.09 -48.35
C CYS F 154 63.20 -3.92 -46.83
N ILE F 155 64.36 -3.61 -46.22
CA ILE F 155 64.33 -3.12 -44.85
C ILE F 155 64.58 -1.61 -44.86
N VAL F 156 63.65 -0.84 -44.32
CA VAL F 156 63.84 0.60 -44.16
C VAL F 156 64.83 0.84 -43.03
N ALA F 157 66.06 1.17 -43.42
CA ALA F 157 67.22 1.38 -42.56
C ALA F 157 67.63 2.85 -42.61
N PRO F 158 68.48 3.35 -41.68
CA PRO F 158 68.67 4.79 -41.51
C PRO F 158 68.80 5.57 -42.80
N ASP F 159 69.68 5.08 -43.71
CA ASP F 159 69.98 5.74 -44.96
C ASP F 159 68.90 5.49 -46.02
N THR F 160 67.86 4.74 -45.67
CA THR F 160 66.79 4.50 -46.62
C THR F 160 66.09 5.83 -46.91
N VAL F 161 65.99 6.17 -48.21
CA VAL F 161 65.28 7.37 -48.62
C VAL F 161 63.79 7.07 -48.60
N ILE F 162 63.05 7.88 -47.84
CA ILE F 162 61.60 7.75 -47.75
C ILE F 162 60.99 8.91 -48.52
N HIS F 163 60.16 8.59 -49.52
CA HIS F 163 59.61 9.66 -50.34
C HIS F 163 58.09 9.63 -50.29
N CYS F 164 57.48 10.80 -50.03
CA CYS F 164 56.04 10.98 -50.19
C CYS F 164 55.77 12.01 -51.30
N GLU F 165 55.07 11.56 -52.35
CA GLU F 165 54.82 12.32 -53.56
C GLU F 165 53.71 13.34 -53.31
N GLY F 166 52.86 13.06 -52.33
CA GLY F 166 51.87 14.00 -51.85
C GLY F 166 50.58 14.00 -52.68
N GLU F 167 50.23 12.87 -53.27
CA GLU F 167 48.92 12.70 -53.89
C GLU F 167 48.17 11.54 -53.20
N PRO F 168 47.13 11.83 -52.39
CA PRO F 168 46.43 10.79 -51.64
C PRO F 168 45.75 9.76 -52.54
N ILE F 169 46.05 8.47 -52.32
CA ILE F 169 45.48 7.35 -53.07
C ILE F 169 44.06 7.09 -52.58
N LYS F 170 43.24 6.48 -53.43
CA LYS F 170 41.89 6.08 -53.11
C LYS F 170 41.93 4.74 -52.39
N ARG F 171 40.81 4.38 -51.74
CA ARG F 171 40.71 3.11 -51.05
C ARG F 171 40.05 2.08 -51.98
N ALA F 172 40.75 0.98 -52.26
CA ALA F 172 40.20 -0.11 -53.07
C ALA F 172 39.13 -0.86 -52.28
N ALA F 173 38.26 -1.60 -52.97
CA ALA F 173 37.04 -2.14 -52.38
C ALA F 173 37.36 -3.20 -51.31
N ALA F 174 38.42 -3.98 -51.54
CA ALA F 174 38.84 -5.04 -50.64
C ALA F 174 39.55 -4.50 -49.39
N GLU F 175 40.07 -3.26 -49.47
CA GLU F 175 40.81 -2.62 -48.38
C GLU F 175 39.83 -2.11 -47.30
N GLU F 176 40.03 -2.58 -46.06
CA GLU F 176 39.20 -2.17 -44.94
C GLU F 176 39.90 -1.12 -44.10
N SER F 177 39.09 -0.19 -43.58
CA SER F 177 39.62 0.87 -42.72
C SER F 177 40.16 0.29 -41.42
N LEU F 178 41.32 0.80 -41.01
CA LEU F 178 41.87 0.41 -39.72
C LEU F 178 41.27 1.31 -38.65
N ASN F 179 40.43 2.26 -39.08
CA ASN F 179 39.67 3.08 -38.16
C ASN F 179 38.34 2.41 -37.81
N GLU F 180 37.99 1.32 -38.51
CA GLU F 180 36.88 0.46 -38.13
C GLU F 180 37.19 -0.18 -36.78
N VAL F 181 36.12 -0.50 -36.02
CA VAL F 181 36.34 -1.02 -34.68
C VAL F 181 36.71 -2.49 -34.77
N GLY F 182 37.69 -2.92 -33.96
CA GLY F 182 38.03 -4.33 -33.86
C GLY F 182 38.27 -4.76 -32.43
N TYR F 183 38.63 -6.03 -32.23
CA TYR F 183 38.82 -6.52 -30.88
C TYR F 183 39.91 -5.72 -30.18
N ASP F 184 40.82 -5.13 -30.96
CA ASP F 184 41.96 -4.38 -30.45
C ASP F 184 41.49 -3.06 -29.84
N ASP F 185 40.21 -2.72 -30.04
CA ASP F 185 39.69 -1.47 -29.54
C ASP F 185 38.85 -1.72 -28.29
N ILE F 186 38.80 -2.99 -27.89
CA ILE F 186 37.97 -3.41 -26.77
C ILE F 186 38.92 -3.87 -25.69
N GLY F 187 38.83 -3.22 -24.51
CA GLY F 187 39.64 -3.65 -23.39
C GLY F 187 38.78 -4.04 -22.19
N GLY F 188 39.21 -5.09 -21.47
CA GLY F 188 38.53 -5.42 -20.24
C GLY F 188 37.48 -6.52 -20.34
N CYS F 189 37.07 -6.95 -21.54
CA CYS F 189 36.03 -7.97 -21.55
C CYS F 189 36.57 -9.27 -22.13
N ARG F 190 37.80 -9.62 -21.75
CA ARG F 190 38.50 -10.74 -22.38
C ARG F 190 37.61 -11.98 -22.44
N LYS F 191 37.17 -12.45 -21.27
CA LYS F 191 36.47 -13.72 -21.18
C LYS F 191 35.13 -13.66 -21.89
N GLN F 192 34.44 -12.52 -21.72
CA GLN F 192 33.12 -12.35 -22.32
C GLN F 192 33.26 -12.29 -23.84
N LEU F 193 34.31 -11.60 -24.30
CA LEU F 193 34.55 -11.45 -25.72
C LEU F 193 34.83 -12.82 -26.34
N ALA F 194 35.65 -13.61 -25.64
CA ALA F 194 35.96 -14.98 -26.00
C ALA F 194 34.70 -15.83 -26.17
N GLN F 195 33.76 -15.72 -25.23
CA GLN F 195 32.53 -16.50 -25.31
C GLN F 195 31.78 -16.15 -26.59
N ILE F 196 31.68 -14.84 -26.86
CA ILE F 196 30.87 -14.34 -27.98
C ILE F 196 31.51 -14.80 -29.28
N LYS F 197 32.85 -14.73 -29.31
CA LYS F 197 33.66 -15.17 -30.42
C LYS F 197 33.31 -16.62 -30.79
N GLU F 198 33.31 -17.51 -29.78
CA GLU F 198 33.03 -18.92 -29.98
C GLU F 198 31.62 -19.09 -30.52
N MET F 199 30.69 -18.27 -29.98
CA MET F 199 29.29 -18.40 -30.28
C MET F 199 29.07 -18.16 -31.77
N VAL F 200 29.76 -17.14 -32.30
CA VAL F 200 29.55 -16.66 -33.65
C VAL F 200 30.49 -17.33 -34.65
N GLU F 201 31.55 -18.00 -34.17
CA GLU F 201 32.54 -18.65 -35.04
C GLU F 201 31.85 -19.43 -36.15
N LEU F 202 31.20 -20.56 -35.81
CA LEU F 202 30.64 -21.42 -36.85
C LEU F 202 29.57 -20.70 -37.67
N PRO F 203 28.55 -20.04 -37.10
CA PRO F 203 27.50 -19.41 -37.92
C PRO F 203 27.98 -18.31 -38.85
N LEU F 204 28.97 -17.50 -38.40
CA LEU F 204 29.44 -16.39 -39.19
C LEU F 204 30.61 -16.78 -40.09
N ARG F 205 31.56 -17.55 -39.58
CA ARG F 205 32.76 -17.86 -40.34
C ARG F 205 32.65 -19.16 -41.15
N HIS F 206 31.71 -20.04 -40.79
CA HIS F 206 31.60 -21.33 -41.47
C HIS F 206 30.13 -21.64 -41.72
N PRO F 207 29.36 -20.76 -42.39
CA PRO F 207 27.92 -20.93 -42.53
C PRO F 207 27.53 -22.24 -43.22
N ALA F 208 28.38 -22.63 -44.17
CA ALA F 208 28.11 -23.76 -45.04
C ALA F 208 27.82 -25.01 -44.19
N LEU F 209 28.48 -25.08 -43.05
CA LEU F 209 28.44 -26.27 -42.23
C LEU F 209 26.99 -26.59 -41.88
N PHE F 210 26.17 -25.54 -41.75
CA PHE F 210 24.81 -25.71 -41.25
C PHE F 210 23.89 -26.30 -42.33
N LYS F 211 24.36 -26.35 -43.57
CA LYS F 211 23.64 -27.08 -44.61
C LYS F 211 23.82 -28.58 -44.41
N ALA F 212 25.03 -28.98 -43.98
CA ALA F 212 25.39 -30.38 -43.84
C ALA F 212 24.88 -31.03 -42.55
N ILE F 213 24.56 -30.21 -41.52
CA ILE F 213 24.27 -30.72 -40.18
C ILE F 213 22.92 -30.17 -39.70
N GLY F 214 22.32 -30.88 -38.73
CA GLY F 214 21.02 -30.54 -38.21
C GLY F 214 21.09 -29.86 -36.85
N VAL F 215 22.32 -29.68 -36.31
CA VAL F 215 22.55 -28.92 -35.09
C VAL F 215 22.18 -27.45 -35.29
N LYS F 216 21.55 -26.86 -34.27
CA LYS F 216 21.02 -25.52 -34.33
C LYS F 216 22.04 -24.53 -33.74
N PRO F 217 22.46 -23.49 -34.51
CA PRO F 217 23.42 -22.53 -34.00
C PRO F 217 22.69 -21.50 -33.14
N PRO F 218 23.39 -20.81 -32.21
CA PRO F 218 22.74 -19.80 -31.37
C PRO F 218 22.24 -18.66 -32.23
N ARG F 219 21.00 -18.22 -31.98
CA ARG F 219 20.40 -17.22 -32.85
C ARG F 219 20.49 -15.84 -32.19
N GLY F 220 20.22 -15.79 -30.87
CA GLY F 220 20.15 -14.52 -30.17
C GLY F 220 21.12 -14.46 -29.00
N ILE F 221 21.90 -13.37 -28.95
CA ILE F 221 22.81 -13.14 -27.84
C ILE F 221 22.44 -11.82 -27.18
N LEU F 222 22.22 -11.90 -25.87
CA LEU F 222 21.80 -10.77 -25.07
C LEU F 222 22.98 -10.29 -24.24
N LEU F 223 23.40 -9.04 -24.47
CA LEU F 223 24.52 -8.44 -23.76
C LEU F 223 23.98 -7.55 -22.66
N TYR F 224 24.16 -7.99 -21.40
CA TYR F 224 23.62 -7.26 -20.26
C TYR F 224 24.78 -6.62 -19.52
N GLY F 225 24.62 -5.33 -19.20
CA GLY F 225 25.61 -4.59 -18.44
C GLY F 225 25.16 -3.14 -18.23
N PRO F 226 25.76 -2.40 -17.28
CA PRO F 226 25.45 -0.98 -17.12
C PRO F 226 25.83 -0.21 -18.38
N PRO F 227 25.34 1.03 -18.57
CA PRO F 227 25.71 1.86 -19.70
C PRO F 227 27.20 2.18 -19.73
N GLY F 228 27.78 2.17 -20.94
CA GLY F 228 29.14 2.61 -21.20
C GLY F 228 30.15 1.50 -21.08
N THR F 229 29.67 0.24 -21.06
CA THR F 229 30.51 -0.94 -20.90
C THR F 229 31.03 -1.47 -22.23
N GLY F 230 30.53 -0.90 -23.34
CA GLY F 230 31.04 -1.21 -24.66
C GLY F 230 30.28 -2.32 -25.39
N LYS F 231 28.96 -2.35 -25.17
CA LYS F 231 28.14 -3.41 -25.76
C LYS F 231 28.07 -3.19 -27.27
N THR F 232 27.88 -1.94 -27.66
CA THR F 232 27.80 -1.61 -29.07
C THR F 232 29.14 -1.89 -29.74
N LEU F 233 30.23 -1.55 -29.05
CA LEU F 233 31.57 -1.82 -29.53
C LEU F 233 31.74 -3.31 -29.85
N ILE F 234 31.41 -4.15 -28.87
CA ILE F 234 31.57 -5.59 -29.00
C ILE F 234 30.88 -6.07 -30.28
N ALA F 235 29.61 -5.70 -30.43
CA ALA F 235 28.86 -6.17 -31.59
C ALA F 235 29.58 -5.76 -32.87
N ARG F 236 29.93 -4.48 -32.99
CA ARG F 236 30.52 -3.97 -34.22
C ARG F 236 31.86 -4.67 -34.48
N ALA F 237 32.68 -4.80 -33.43
CA ALA F 237 33.95 -5.49 -33.56
C ALA F 237 33.75 -6.89 -34.12
N VAL F 238 32.90 -7.68 -33.47
CA VAL F 238 32.66 -9.05 -33.88
C VAL F 238 32.27 -9.07 -35.36
N ALA F 239 31.39 -8.16 -35.77
CA ALA F 239 30.98 -8.09 -37.17
C ALA F 239 32.20 -7.88 -38.06
N ASN F 240 32.99 -6.86 -37.76
CA ASN F 240 34.17 -6.49 -38.53
C ASN F 240 35.14 -7.67 -38.60
N GLU F 241 35.42 -8.24 -37.44
CA GLU F 241 36.43 -9.27 -37.30
C GLU F 241 36.00 -10.55 -38.01
N THR F 242 34.68 -10.80 -38.12
CA THR F 242 34.20 -12.01 -38.78
C THR F 242 33.83 -11.69 -40.22
N GLY F 243 33.92 -10.41 -40.58
CA GLY F 243 33.47 -9.92 -41.87
C GLY F 243 31.98 -10.15 -42.10
N ALA F 244 31.13 -9.70 -41.18
CA ALA F 244 29.71 -9.93 -41.31
C ALA F 244 29.02 -8.59 -41.46
N PHE F 245 27.90 -8.59 -42.18
CA PHE F 245 27.12 -7.37 -42.36
C PHE F 245 26.61 -6.94 -40.98
N PHE F 246 26.67 -5.64 -40.68
CA PHE F 246 26.19 -5.17 -39.41
C PHE F 246 24.99 -4.25 -39.64
N PHE F 247 23.84 -4.60 -39.05
CA PHE F 247 22.72 -3.69 -39.07
C PHE F 247 22.42 -3.25 -37.64
N LEU F 248 22.44 -1.92 -37.42
CA LEU F 248 22.09 -1.35 -36.13
C LEU F 248 20.60 -1.01 -36.06
N ILE F 249 19.89 -1.55 -35.06
CA ILE F 249 18.58 -1.08 -34.69
C ILE F 249 18.72 -0.32 -33.37
N ASN F 250 18.29 0.94 -33.34
CA ASN F 250 18.33 1.68 -32.10
C ASN F 250 16.91 1.88 -31.59
N GLY F 251 16.66 1.38 -30.37
CA GLY F 251 15.35 1.43 -29.74
C GLY F 251 14.66 2.78 -29.94
N PRO F 252 15.24 3.87 -29.39
CA PRO F 252 14.70 5.22 -29.58
C PRO F 252 14.33 5.54 -31.02
N GLU F 253 15.22 5.22 -31.97
CA GLU F 253 14.90 5.53 -33.35
C GLU F 253 13.58 4.85 -33.74
N ILE F 254 13.47 3.54 -33.45
CA ILE F 254 12.30 2.78 -33.84
C ILE F 254 11.06 3.44 -33.23
N MET F 255 11.16 3.77 -31.95
CA MET F 255 10.01 4.22 -31.19
C MET F 255 9.65 5.66 -31.56
N SER F 256 10.56 6.37 -32.23
CA SER F 256 10.28 7.73 -32.67
C SER F 256 9.32 7.72 -33.85
N LYS F 257 9.37 6.64 -34.65
CA LYS F 257 8.57 6.49 -35.86
C LYS F 257 7.10 6.32 -35.49
N LEU F 258 6.20 6.59 -36.44
CA LEU F 258 4.78 6.52 -36.14
C LEU F 258 4.23 5.17 -36.55
N ALA F 259 3.40 4.60 -35.67
CA ALA F 259 2.64 3.38 -35.93
C ALA F 259 3.47 2.33 -36.69
N GLY F 260 2.97 1.96 -37.88
CA GLY F 260 3.54 0.87 -38.65
C GLY F 260 4.98 1.14 -39.08
N GLU F 261 5.34 2.42 -39.20
CA GLU F 261 6.68 2.78 -39.63
C GLU F 261 7.69 2.15 -38.69
N SER F 262 7.34 2.06 -37.40
CA SER F 262 8.17 1.34 -36.44
C SER F 262 8.40 -0.08 -36.93
N GLU F 263 7.30 -0.81 -37.10
CA GLU F 263 7.32 -2.24 -37.35
C GLU F 263 7.88 -2.51 -38.74
N SER F 264 7.57 -1.63 -39.70
CA SER F 264 8.13 -1.73 -41.04
C SER F 264 9.66 -1.71 -40.96
N ASN F 265 10.19 -0.72 -40.24
CA ASN F 265 11.62 -0.52 -40.08
C ASN F 265 12.24 -1.76 -39.45
N LEU F 266 11.53 -2.34 -38.47
CA LEU F 266 11.96 -3.57 -37.82
C LEU F 266 12.08 -4.69 -38.84
N ARG F 267 10.99 -4.95 -39.59
CA ARG F 267 10.96 -5.97 -40.62
C ARG F 267 12.11 -5.74 -41.60
N LYS F 268 12.23 -4.49 -42.07
CA LYS F 268 13.22 -4.10 -43.07
C LYS F 268 14.62 -4.47 -42.60
N ALA F 269 14.90 -4.17 -41.32
CA ALA F 269 16.20 -4.45 -40.73
C ALA F 269 16.50 -5.94 -40.86
N PHE F 270 15.50 -6.75 -40.50
CA PHE F 270 15.65 -8.20 -40.51
C PHE F 270 15.86 -8.66 -41.94
N GLU F 271 15.00 -8.19 -42.86
CA GLU F 271 15.08 -8.56 -44.26
C GLU F 271 16.44 -8.20 -44.84
N GLU F 272 16.90 -6.97 -44.57
CA GLU F 272 18.16 -6.48 -45.10
C GLU F 272 19.30 -7.40 -44.64
N ALA F 273 19.29 -7.72 -43.35
CA ALA F 273 20.27 -8.59 -42.76
C ALA F 273 20.25 -9.96 -43.44
N GLU F 274 19.04 -10.55 -43.55
CA GLU F 274 18.85 -11.83 -44.18
C GLU F 274 19.58 -11.81 -45.53
N LYS F 275 19.38 -10.72 -46.28
CA LYS F 275 19.92 -10.57 -47.62
C LYS F 275 21.45 -10.49 -47.62
N ASN F 276 22.04 -9.70 -46.72
CA ASN F 276 23.48 -9.52 -46.75
C ASN F 276 24.18 -10.48 -45.77
N ALA F 277 23.56 -11.63 -45.51
CA ALA F 277 24.11 -12.59 -44.55
C ALA F 277 25.38 -13.22 -45.10
N PRO F 278 26.30 -13.75 -44.27
CA PRO F 278 26.18 -13.74 -42.80
C PRO F 278 26.17 -12.32 -42.24
N ALA F 279 25.35 -12.11 -41.20
CA ALA F 279 25.07 -10.79 -40.69
C ALA F 279 24.90 -10.80 -39.17
N ILE F 280 25.23 -9.67 -38.53
CA ILE F 280 24.86 -9.41 -37.16
C ILE F 280 23.90 -8.23 -37.10
N ILE F 281 22.72 -8.44 -36.49
CA ILE F 281 21.86 -7.34 -36.11
C ILE F 281 22.17 -6.96 -34.67
N PHE F 282 22.32 -5.66 -34.41
CA PHE F 282 22.50 -5.20 -33.05
C PHE F 282 21.34 -4.30 -32.66
N ILE F 283 20.64 -4.68 -31.58
CA ILE F 283 19.56 -3.88 -31.03
C ILE F 283 20.07 -3.13 -29.79
N ASP F 284 20.25 -1.82 -29.96
CA ASP F 284 20.69 -0.96 -28.90
C ASP F 284 19.48 -0.50 -28.11
N GLU F 285 19.58 -0.54 -26.78
CA GLU F 285 18.50 -0.05 -25.95
C GLU F 285 17.24 -0.87 -26.25
N LEU F 286 17.38 -2.21 -26.14
CA LEU F 286 16.30 -3.14 -26.37
C LEU F 286 15.11 -2.86 -25.46
N ASP F 287 15.39 -2.34 -24.25
CA ASP F 287 14.39 -2.00 -23.25
C ASP F 287 13.38 -0.99 -23.79
N ALA F 288 13.82 -0.16 -24.75
CA ALA F 288 12.96 0.82 -25.40
C ALA F 288 11.92 0.13 -26.30
N ILE F 289 12.35 -0.88 -27.04
CA ILE F 289 11.47 -1.61 -27.95
C ILE F 289 10.59 -2.59 -27.16
N ALA F 290 11.17 -3.27 -26.16
CA ALA F 290 10.56 -4.45 -25.60
C ALA F 290 10.68 -4.46 -24.08
N PRO F 291 10.00 -3.55 -23.36
CA PRO F 291 9.97 -3.63 -21.90
C PRO F 291 9.05 -4.78 -21.48
N LYS F 292 8.96 -5.05 -20.16
CA LYS F 292 8.05 -6.04 -19.61
C LYS F 292 6.59 -5.62 -19.81
N ARG F 293 5.67 -6.59 -19.79
CA ARG F 293 4.27 -6.31 -20.12
C ARG F 293 3.61 -5.36 -19.13
N GLU F 294 4.06 -5.40 -17.87
CA GLU F 294 3.71 -4.42 -16.85
C GLU F 294 3.98 -3.00 -17.37
N LYS F 295 5.25 -2.69 -17.64
CA LYS F 295 5.66 -1.34 -18.01
C LYS F 295 5.12 -0.96 -19.39
N THR F 296 4.67 -1.94 -20.17
CA THR F 296 4.18 -1.62 -21.50
C THR F 296 2.75 -1.11 -21.36
N HIS F 297 2.63 0.21 -21.21
CA HIS F 297 1.31 0.85 -21.30
C HIS F 297 1.01 1.12 -22.77
N GLY F 298 -0.19 0.74 -23.23
CA GLY F 298 -0.63 1.04 -24.58
C GLY F 298 -0.39 -0.10 -25.57
N GLU F 299 -1.24 -0.19 -26.59
CA GLU F 299 -1.31 -1.34 -27.46
C GLU F 299 -0.28 -1.25 -28.59
N VAL F 300 -0.03 -0.05 -29.10
CA VAL F 300 0.95 0.10 -30.18
C VAL F 300 2.32 -0.42 -29.72
N GLU F 301 2.64 -0.22 -28.44
CA GLU F 301 3.93 -0.67 -27.91
C GLU F 301 3.98 -2.20 -27.91
N ARG F 302 2.87 -2.84 -27.50
CA ARG F 302 2.77 -4.29 -27.38
C ARG F 302 2.92 -4.92 -28.76
N ARG F 303 2.35 -4.25 -29.76
CA ARG F 303 2.44 -4.69 -31.14
C ARG F 303 3.91 -4.80 -31.55
N ILE F 304 4.73 -3.81 -31.15
CA ILE F 304 6.13 -3.75 -31.56
C ILE F 304 6.91 -4.90 -30.92
N VAL F 305 6.69 -5.12 -29.62
CA VAL F 305 7.33 -6.23 -28.93
C VAL F 305 7.00 -7.52 -29.66
N SER F 306 5.69 -7.70 -29.93
CA SER F 306 5.19 -8.89 -30.59
C SER F 306 5.89 -9.08 -31.92
N GLN F 307 5.92 -8.03 -32.74
CA GLN F 307 6.59 -8.04 -34.03
C GLN F 307 8.00 -8.60 -33.88
N LEU F 308 8.74 -8.09 -32.87
CA LEU F 308 10.14 -8.46 -32.68
C LEU F 308 10.25 -9.95 -32.40
N LEU F 309 9.40 -10.43 -31.49
CA LEU F 309 9.33 -11.84 -31.18
C LEU F 309 9.12 -12.66 -32.46
N THR F 310 8.09 -12.32 -33.24
CA THR F 310 7.82 -13.00 -34.51
C THR F 310 9.04 -12.93 -35.42
N LEU F 311 9.62 -11.73 -35.57
CA LEU F 311 10.77 -11.54 -36.44
C LEU F 311 11.91 -12.48 -36.04
N MET F 312 12.17 -12.56 -34.72
CA MET F 312 13.19 -13.43 -34.17
C MET F 312 12.83 -14.87 -34.48
N ASP F 313 11.58 -15.23 -34.20
CA ASP F 313 11.12 -16.60 -34.42
C ASP F 313 11.22 -16.96 -35.89
N GLY F 314 10.93 -15.99 -36.75
CA GLY F 314 10.94 -16.21 -38.19
C GLY F 314 12.34 -16.41 -38.77
N LEU F 315 13.38 -16.11 -37.99
CA LEU F 315 14.74 -16.34 -38.47
C LEU F 315 15.01 -17.83 -38.60
N LYS F 316 15.15 -18.29 -39.84
CA LYS F 316 15.59 -19.65 -40.12
C LYS F 316 17.06 -19.80 -39.78
N GLN F 317 17.46 -21.03 -39.48
CA GLN F 317 18.85 -21.38 -39.18
C GLN F 317 19.76 -21.06 -40.37
N ARG F 318 19.21 -21.26 -41.58
CA ARG F 318 19.88 -21.07 -42.84
C ARG F 318 20.05 -19.58 -43.15
N ALA F 319 19.44 -18.72 -42.33
CA ALA F 319 19.46 -17.30 -42.61
C ALA F 319 20.88 -16.74 -42.34
N HIS F 320 21.65 -17.40 -41.46
CA HIS F 320 23.02 -17.05 -41.12
C HIS F 320 23.08 -15.66 -40.51
N VAL F 321 22.08 -15.35 -39.68
CA VAL F 321 21.94 -14.07 -38.99
C VAL F 321 22.02 -14.33 -37.49
N ILE F 322 22.88 -13.59 -36.81
CA ILE F 322 22.88 -13.55 -35.36
C ILE F 322 22.32 -12.19 -34.92
N VAL F 323 21.42 -12.24 -33.93
CA VAL F 323 20.90 -11.02 -33.33
C VAL F 323 21.51 -10.81 -31.96
N MET F 324 22.17 -9.67 -31.78
CA MET F 324 22.76 -9.26 -30.51
C MET F 324 21.97 -8.06 -30.01
N ALA F 325 21.63 -8.06 -28.71
CA ALA F 325 20.88 -6.95 -28.15
C ALA F 325 21.47 -6.54 -26.81
N ALA F 326 21.36 -5.25 -26.50
CA ALA F 326 21.93 -4.72 -25.27
C ALA F 326 20.82 -4.15 -24.39
N THR F 327 20.97 -4.43 -23.09
CA THR F 327 20.08 -3.89 -22.06
C THR F 327 20.86 -3.84 -20.75
N ASN F 328 20.24 -3.19 -19.74
CA ASN F 328 20.84 -3.05 -18.42
C ASN F 328 20.81 -4.36 -17.63
N ARG F 329 19.61 -4.91 -17.43
CA ARG F 329 19.45 -6.16 -16.69
C ARG F 329 18.39 -7.00 -17.38
N PRO F 330 18.42 -8.35 -17.25
CA PRO F 330 17.39 -9.21 -17.87
C PRO F 330 15.98 -8.85 -17.42
N ASN F 331 15.88 -8.26 -16.20
CA ASN F 331 14.59 -7.92 -15.63
C ASN F 331 14.02 -6.69 -16.32
N SER F 332 14.83 -6.04 -17.16
CA SER F 332 14.40 -4.85 -17.89
C SER F 332 13.36 -5.22 -18.95
N ILE F 333 13.55 -6.41 -19.56
CA ILE F 333 12.96 -6.74 -20.83
C ILE F 333 11.94 -7.86 -20.68
N ASP F 334 10.97 -7.89 -21.59
CA ASP F 334 9.93 -8.93 -21.63
C ASP F 334 10.58 -10.30 -21.65
N PRO F 335 10.21 -11.20 -20.72
CA PRO F 335 10.89 -12.49 -20.57
C PRO F 335 10.71 -13.40 -21.77
N ALA F 336 9.76 -13.07 -22.64
CA ALA F 336 9.50 -13.88 -23.84
C ALA F 336 10.72 -13.89 -24.75
N LEU F 337 11.52 -12.79 -24.70
CA LEU F 337 12.71 -12.61 -25.52
C LEU F 337 13.76 -13.64 -25.16
N ARG F 338 13.62 -14.26 -23.98
CA ARG F 338 14.63 -15.20 -23.51
C ARG F 338 14.21 -16.65 -23.79
N ARG F 339 13.15 -16.85 -24.57
CA ARG F 339 12.68 -18.20 -24.92
C ARG F 339 13.75 -18.96 -25.72
N PHE F 340 13.42 -20.19 -26.12
CA PHE F 340 14.39 -21.11 -26.72
C PHE F 340 14.97 -20.54 -28.00
N GLY F 341 14.12 -20.20 -28.96
CA GLY F 341 14.55 -19.71 -30.27
C GLY F 341 15.18 -18.32 -30.23
N ARG F 342 14.66 -17.48 -29.33
CA ARG F 342 14.99 -16.05 -29.23
C ARG F 342 16.27 -15.88 -28.44
N PHE F 343 16.52 -14.72 -27.85
CA PHE F 343 17.71 -14.46 -27.04
C PHE F 343 18.01 -15.54 -26.00
N ASP F 344 18.52 -16.67 -26.45
CA ASP F 344 18.70 -17.84 -25.60
C ASP F 344 20.07 -17.79 -24.91
N ARG F 345 20.94 -16.85 -25.29
CA ARG F 345 22.26 -16.76 -24.66
C ARG F 345 22.45 -15.35 -24.08
N GLU F 346 22.99 -15.28 -22.86
CA GLU F 346 23.26 -14.02 -22.17
C GLU F 346 24.75 -13.93 -21.84
N VAL F 347 25.37 -12.78 -22.08
CA VAL F 347 26.71 -12.51 -21.62
C VAL F 347 26.67 -11.21 -20.81
N ASP F 348 27.36 -11.20 -19.66
CA ASP F 348 27.37 -10.06 -18.76
C ASP F 348 28.63 -9.22 -18.99
N ILE F 349 28.46 -8.05 -19.60
CA ILE F 349 29.59 -7.14 -19.70
C ILE F 349 29.52 -6.20 -18.52
N GLY F 350 30.45 -6.37 -17.56
CA GLY F 350 30.39 -5.64 -16.30
C GLY F 350 31.37 -4.47 -16.20
N ILE F 351 31.41 -3.87 -15.02
CA ILE F 351 32.34 -2.79 -14.74
C ILE F 351 33.75 -3.38 -14.75
N PRO F 352 34.77 -2.74 -15.38
CA PRO F 352 36.10 -3.35 -15.44
C PRO F 352 36.91 -3.13 -14.16
N ASP F 353 37.85 -4.04 -13.91
CA ASP F 353 38.90 -3.91 -12.92
C ASP F 353 39.92 -2.87 -13.36
N ALA F 354 40.85 -2.56 -12.44
CA ALA F 354 41.91 -1.62 -12.72
C ALA F 354 42.69 -2.08 -13.93
N THR F 355 42.91 -3.40 -14.04
CA THR F 355 43.70 -3.94 -15.14
C THR F 355 43.01 -3.58 -16.44
N GLY F 356 41.68 -3.78 -16.46
CA GLY F 356 40.87 -3.48 -17.63
C GLY F 356 40.83 -1.99 -17.91
N ARG F 357 40.80 -1.20 -16.83
CA ARG F 357 40.76 0.23 -17.01
C ARG F 357 42.03 0.70 -17.72
N LEU F 358 43.17 0.11 -17.32
CA LEU F 358 44.44 0.45 -17.92
C LEU F 358 44.42 0.16 -19.42
N GLU F 359 43.92 -1.02 -19.80
CA GLU F 359 43.81 -1.36 -21.21
C GLU F 359 42.96 -0.33 -21.94
N ILE F 360 41.85 0.09 -21.31
CA ILE F 360 40.91 1.00 -21.93
C ILE F 360 41.57 2.35 -22.15
N LEU F 361 42.30 2.81 -21.12
CA LEU F 361 43.04 4.06 -21.19
C LEU F 361 44.05 4.00 -22.32
N GLN F 362 44.74 2.86 -22.43
CA GLN F 362 45.74 2.68 -23.44
C GLN F 362 45.09 2.79 -24.82
N ILE F 363 43.95 2.12 -24.98
CA ILE F 363 43.24 2.16 -26.23
C ILE F 363 42.93 3.60 -26.60
N HIS F 364 42.54 4.40 -25.60
CA HIS F 364 42.02 5.73 -25.90
C HIS F 364 43.13 6.77 -25.88
N THR F 365 44.37 6.35 -25.68
CA THR F 365 45.44 7.32 -25.78
C THR F 365 46.36 6.95 -26.93
N LYS F 366 45.93 6.01 -27.78
CA LYS F 366 46.83 5.42 -28.77
C LYS F 366 47.20 6.47 -29.82
N ASN F 367 46.31 7.40 -30.10
CA ASN F 367 46.60 8.38 -31.14
C ASN F 367 47.10 9.67 -30.53
N MET F 368 47.48 9.63 -29.24
CA MET F 368 47.78 10.85 -28.51
C MET F 368 49.26 10.85 -28.16
N LYS F 369 49.89 12.03 -28.24
CA LYS F 369 51.23 12.12 -27.72
C LYS F 369 51.13 12.35 -26.21
N LEU F 370 51.66 11.41 -25.43
CA LEU F 370 51.60 11.54 -23.99
C LEU F 370 52.98 11.84 -23.44
N ALA F 371 53.08 12.92 -22.65
CA ALA F 371 54.32 13.23 -21.97
C ALA F 371 54.75 12.09 -21.05
N ASP F 372 56.01 12.13 -20.62
CA ASP F 372 56.60 11.07 -19.82
C ASP F 372 55.99 11.09 -18.44
N ASP F 373 55.42 12.23 -18.06
CA ASP F 373 54.87 12.41 -16.72
C ASP F 373 53.55 11.65 -16.56
N VAL F 374 52.96 11.22 -17.69
CA VAL F 374 51.66 10.57 -17.65
C VAL F 374 51.83 9.17 -17.08
N ASP F 375 51.06 8.86 -16.02
CA ASP F 375 51.05 7.53 -15.42
C ASP F 375 49.66 6.94 -15.59
N LEU F 376 49.46 6.22 -16.68
CA LEU F 376 48.15 5.68 -16.96
C LEU F 376 47.76 4.67 -15.88
N GLU F 377 48.74 4.06 -15.23
CA GLU F 377 48.45 3.12 -14.16
C GLU F 377 47.78 3.84 -13.00
N GLN F 378 48.32 5.00 -12.64
CA GLN F 378 47.74 5.85 -11.61
C GLN F 378 46.28 6.13 -11.97
N VAL F 379 46.08 6.62 -13.19
CA VAL F 379 44.75 6.95 -13.63
C VAL F 379 43.86 5.73 -13.48
N ALA F 380 44.37 4.57 -13.93
CA ALA F 380 43.62 3.33 -13.86
C ALA F 380 43.23 3.03 -12.42
N ASN F 381 44.19 3.22 -11.51
CA ASN F 381 43.98 2.85 -10.12
C ASN F 381 42.92 3.73 -9.49
N GLU F 382 43.02 5.05 -9.73
CA GLU F 382 42.13 5.96 -9.04
C GLU F 382 40.75 5.99 -9.67
N THR F 383 40.59 5.46 -10.88
CA THR F 383 39.29 5.55 -11.54
C THR F 383 38.42 4.36 -11.16
N HIS F 384 38.24 4.14 -9.86
CA HIS F 384 37.35 3.10 -9.34
C HIS F 384 35.94 3.27 -9.89
N GLY F 385 35.31 2.15 -10.22
CA GLY F 385 33.91 2.07 -10.64
C GLY F 385 33.60 2.79 -11.95
N HIS F 386 34.63 3.10 -12.74
CA HIS F 386 34.43 3.76 -14.02
C HIS F 386 34.27 2.70 -15.10
N VAL F 387 33.35 2.98 -16.04
CA VAL F 387 33.21 2.14 -17.21
C VAL F 387 34.02 2.73 -18.37
N GLY F 388 34.12 1.96 -19.45
CA GLY F 388 34.86 2.37 -20.64
C GLY F 388 34.52 3.79 -21.07
N ALA F 389 33.21 4.09 -21.20
CA ALA F 389 32.77 5.40 -21.65
C ALA F 389 33.33 6.53 -20.78
N ASP F 390 33.43 6.27 -19.47
CA ASP F 390 33.94 7.26 -18.53
C ASP F 390 35.39 7.55 -18.86
N LEU F 391 36.15 6.46 -19.03
CA LEU F 391 37.57 6.53 -19.29
C LEU F 391 37.79 7.24 -20.62
N ALA F 392 37.02 6.84 -21.64
CA ALA F 392 37.17 7.43 -22.96
C ALA F 392 36.99 8.93 -22.86
N ALA F 393 35.94 9.36 -22.15
CA ALA F 393 35.66 10.77 -21.97
C ALA F 393 36.78 11.47 -21.21
N LEU F 394 37.37 10.76 -20.24
CA LEU F 394 38.43 11.35 -19.48
C LEU F 394 39.58 11.70 -20.41
N CYS F 395 39.91 10.77 -21.30
CA CYS F 395 41.00 10.97 -22.26
C CYS F 395 40.69 12.16 -23.15
N SER F 396 39.46 12.24 -23.65
CA SER F 396 39.05 13.38 -24.47
C SER F 396 39.27 14.67 -23.70
N GLU F 397 38.79 14.69 -22.46
CA GLU F 397 38.74 15.93 -21.73
C GLU F 397 40.16 16.42 -21.50
N ALA F 398 41.07 15.46 -21.31
CA ALA F 398 42.47 15.76 -21.07
C ALA F 398 43.07 16.39 -22.33
N ALA F 399 42.85 15.73 -23.46
CA ALA F 399 43.28 16.24 -24.76
C ALA F 399 42.82 17.69 -24.93
N LEU F 400 41.51 17.91 -24.78
CA LEU F 400 40.93 19.22 -25.05
C LEU F 400 41.51 20.29 -24.12
N GLN F 401 41.84 19.90 -22.89
CA GLN F 401 42.43 20.84 -21.96
C GLN F 401 43.78 21.29 -22.52
N ALA F 402 44.59 20.28 -22.90
CA ALA F 402 45.89 20.47 -23.49
C ALA F 402 45.81 21.45 -24.66
N ILE F 403 44.91 21.15 -25.62
CA ILE F 403 44.64 22.03 -26.74
C ILE F 403 44.27 23.42 -26.24
N ARG F 404 43.33 23.51 -25.31
CA ARG F 404 42.91 24.81 -24.79
C ARG F 404 44.11 25.61 -24.29
N LYS F 405 45.00 24.96 -23.53
CA LYS F 405 46.15 25.66 -22.98
C LYS F 405 47.03 26.21 -24.11
N LYS F 406 47.23 25.39 -25.15
CA LYS F 406 48.13 25.71 -26.26
C LYS F 406 47.50 26.80 -27.12
N MET F 407 46.18 26.77 -27.29
CA MET F 407 45.45 27.73 -28.11
C MET F 407 45.70 29.14 -27.59
N ASP F 408 45.93 29.26 -26.28
CA ASP F 408 46.27 30.56 -25.71
C ASP F 408 47.63 31.02 -26.22
N LEU F 409 48.60 30.09 -26.32
CA LEU F 409 49.97 30.40 -26.73
C LEU F 409 50.07 30.57 -28.25
N ILE F 410 49.08 30.08 -28.99
CA ILE F 410 49.02 30.22 -30.44
C ILE F 410 48.43 31.59 -30.79
N ASP F 411 48.34 32.48 -29.79
CA ASP F 411 47.96 33.87 -30.00
C ASP F 411 48.91 34.60 -30.97
N LEU F 412 50.05 33.97 -31.33
CA LEU F 412 51.04 34.63 -32.17
C LEU F 412 50.60 34.91 -33.60
N GLU F 413 50.82 33.96 -34.52
CA GLU F 413 50.32 34.07 -35.89
C GLU F 413 49.67 32.76 -36.37
N ASP F 414 49.94 31.66 -35.64
CA ASP F 414 49.53 30.34 -36.07
C ASP F 414 48.00 30.25 -36.09
N GLU F 415 47.47 29.48 -37.04
CA GLU F 415 46.04 29.25 -37.23
C GLU F 415 45.50 28.36 -36.10
N THR F 416 44.20 28.01 -36.14
CA THR F 416 43.66 27.04 -35.19
C THR F 416 44.51 25.77 -35.24
N ILE F 417 45.54 25.75 -34.39
CA ILE F 417 46.53 24.68 -34.30
C ILE F 417 46.94 24.27 -35.72
N ASP F 418 47.09 22.96 -35.94
CA ASP F 418 47.56 22.39 -37.20
C ASP F 418 47.79 20.91 -36.92
N ALA F 419 47.85 20.09 -37.98
CA ALA F 419 48.22 18.69 -37.84
C ALA F 419 49.57 18.57 -37.12
N GLU F 420 50.53 19.44 -37.50
CA GLU F 420 51.88 19.42 -36.96
C GLU F 420 51.89 19.79 -35.48
N VAL F 421 51.28 20.95 -35.15
CA VAL F 421 51.30 21.45 -33.78
C VAL F 421 50.49 20.51 -32.89
N MET F 422 49.40 19.94 -33.44
CA MET F 422 48.63 18.91 -32.77
C MET F 422 49.52 17.71 -32.44
N ASN F 423 50.41 17.35 -33.39
CA ASN F 423 51.35 16.26 -33.22
C ASN F 423 52.47 16.66 -32.26
N SER F 424 52.82 17.95 -32.23
CA SER F 424 53.83 18.43 -31.30
C SER F 424 53.27 18.55 -29.88
N LEU F 425 51.94 18.66 -29.76
CA LEU F 425 51.28 18.85 -28.49
C LEU F 425 51.27 17.52 -27.73
N ALA F 426 51.74 17.59 -26.48
CA ALA F 426 51.71 16.44 -25.60
C ALA F 426 50.67 16.66 -24.51
N VAL F 427 49.85 15.62 -24.28
CA VAL F 427 48.97 15.67 -23.11
C VAL F 427 49.81 15.28 -21.90
N THR F 428 49.75 16.11 -20.85
CA THR F 428 50.55 15.93 -19.65
C THR F 428 49.70 15.34 -18.52
N MET F 429 50.35 14.95 -17.44
CA MET F 429 49.65 14.34 -16.33
C MET F 429 48.72 15.40 -15.71
N ASP F 430 49.15 16.66 -15.73
CA ASP F 430 48.34 17.74 -15.21
C ASP F 430 47.03 17.83 -15.96
N ASP F 431 47.09 17.56 -17.27
CA ASP F 431 45.91 17.54 -18.11
C ASP F 431 44.94 16.46 -17.65
N PHE F 432 45.48 15.27 -17.39
CA PHE F 432 44.70 14.18 -16.83
C PHE F 432 44.17 14.58 -15.46
N ARG F 433 45.03 15.21 -14.65
CA ARG F 433 44.64 15.64 -13.33
C ARG F 433 43.45 16.59 -13.44
N TRP F 434 43.53 17.57 -14.34
CA TRP F 434 42.43 18.50 -14.50
C TRP F 434 41.14 17.73 -14.75
N ALA F 435 41.20 16.78 -15.67
CA ALA F 435 40.06 15.97 -16.07
C ALA F 435 39.52 15.18 -14.88
N LEU F 436 40.43 14.51 -14.15
CA LEU F 436 40.04 13.68 -13.03
C LEU F 436 39.43 14.55 -11.94
N SER F 437 39.78 15.84 -11.93
CA SER F 437 39.45 16.72 -10.83
C SER F 437 38.13 17.42 -11.08
N GLN F 438 37.48 17.12 -12.20
CA GLN F 438 36.46 18.00 -12.77
C GLN F 438 35.04 17.51 -12.46
N LYS G 1 18.63 -73.87 -26.56
CA LYS G 1 18.31 -74.04 -28.00
C LYS G 1 18.84 -72.84 -28.81
N LEU G 2 19.82 -73.14 -29.68
CA LEU G 2 20.48 -72.15 -30.53
C LEU G 2 20.28 -72.52 -32.00
N ARG G 3 19.84 -71.55 -32.81
CA ARG G 3 19.78 -71.74 -34.25
C ARG G 3 20.93 -70.97 -34.89
N ILE G 4 21.94 -71.69 -35.41
CA ILE G 4 23.11 -71.07 -36.01
C ILE G 4 22.97 -71.11 -37.53
N ARG G 5 23.29 -69.99 -38.17
CA ARG G 5 23.16 -69.85 -39.61
C ARG G 5 24.54 -69.94 -40.27
N THR G 6 24.67 -70.83 -41.25
CA THR G 6 25.88 -70.90 -42.09
C THR G 6 25.98 -69.59 -42.88
N PRO G 7 27.19 -69.19 -43.32
CA PRO G 7 27.35 -68.06 -44.26
C PRO G 7 26.54 -68.16 -45.54
N SER G 8 25.97 -69.34 -45.81
CA SER G 8 25.05 -69.47 -46.93
C SER G 8 23.62 -69.26 -46.46
N GLY G 9 23.43 -69.27 -45.13
CA GLY G 9 22.13 -68.97 -44.53
C GLY G 9 21.32 -70.24 -44.28
N GLU G 10 22.01 -71.33 -44.03
CA GLU G 10 21.41 -72.62 -43.68
C GLU G 10 21.40 -72.75 -42.16
N PHE G 11 20.21 -73.04 -41.62
CA PHE G 11 20.01 -73.13 -40.18
C PHE G 11 20.58 -74.46 -39.65
N LEU G 12 21.31 -74.34 -38.54
CA LEU G 12 21.81 -75.49 -37.79
C LEU G 12 21.21 -75.40 -36.39
N GLU G 13 20.51 -76.47 -35.97
CA GLU G 13 19.81 -76.44 -34.69
C GLU G 13 20.40 -77.48 -33.75
N ARG G 14 20.57 -77.08 -32.48
CA ARG G 14 21.03 -77.96 -31.42
C ARG G 14 20.55 -77.38 -30.07
N ARG G 15 20.34 -78.27 -29.10
CA ARG G 15 19.99 -77.88 -27.74
C ARG G 15 21.15 -78.17 -26.79
N PHE G 16 21.53 -77.17 -25.99
CA PHE G 16 22.53 -77.35 -24.96
C PHE G 16 21.95 -76.84 -23.64
N LEU G 17 22.32 -77.49 -22.54
CA LEU G 17 21.93 -76.99 -21.23
C LEU G 17 22.75 -75.74 -20.94
N ALA G 18 22.17 -74.80 -20.17
CA ALA G 18 22.81 -73.53 -19.89
C ALA G 18 24.14 -73.73 -19.17
N SER G 19 24.25 -74.87 -18.44
CA SER G 19 25.43 -75.23 -17.67
C SER G 19 26.60 -75.56 -18.60
N ASN G 20 26.30 -75.99 -19.83
CA ASN G 20 27.30 -76.31 -20.84
C ASN G 20 28.18 -75.08 -21.08
N LYS G 21 29.50 -75.29 -21.04
CA LYS G 21 30.45 -74.25 -21.43
C LYS G 21 30.21 -73.86 -22.89
N LEU G 22 30.60 -72.63 -23.22
CA LEU G 22 30.45 -72.11 -24.57
C LEU G 22 31.28 -72.94 -25.55
N GLN G 23 32.30 -73.63 -25.02
CA GLN G 23 33.16 -74.49 -25.81
C GLN G 23 32.33 -75.58 -26.48
N ILE G 24 31.30 -76.08 -25.75
CA ILE G 24 30.40 -77.11 -26.28
C ILE G 24 29.78 -76.60 -27.58
N VAL G 25 29.38 -75.33 -27.59
CA VAL G 25 28.79 -74.69 -28.76
C VAL G 25 29.85 -74.56 -29.86
N PHE G 26 31.08 -74.19 -29.46
CA PHE G 26 32.20 -74.07 -30.39
C PHE G 26 32.47 -75.40 -31.07
N ASP G 27 32.45 -76.50 -30.29
CA ASP G 27 32.67 -77.82 -30.83
C ASP G 27 31.58 -78.18 -31.82
N PHE G 28 30.33 -77.79 -31.50
CA PHE G 28 29.21 -78.05 -32.38
C PHE G 28 29.43 -77.38 -33.73
N VAL G 29 29.86 -76.11 -33.72
CA VAL G 29 30.13 -75.41 -34.96
C VAL G 29 31.40 -75.97 -35.60
N ALA G 30 32.30 -76.47 -34.75
CA ALA G 30 33.55 -77.10 -35.18
C ALA G 30 33.26 -78.46 -35.83
N SER G 31 32.06 -79.02 -35.58
CA SER G 31 31.63 -80.26 -36.22
C SER G 31 31.50 -80.04 -37.72
N LYS G 32 30.71 -79.03 -38.10
CA LYS G 32 30.69 -78.56 -39.48
C LYS G 32 31.99 -77.81 -39.78
N GLY G 33 32.18 -77.41 -41.04
CA GLY G 33 33.42 -76.81 -41.49
C GLY G 33 33.56 -75.35 -41.04
N PHE G 34 33.43 -75.14 -39.72
CA PHE G 34 33.42 -73.81 -39.12
C PHE G 34 34.34 -73.79 -37.91
N PRO G 35 35.68 -73.69 -38.15
CA PRO G 35 36.64 -73.53 -37.06
C PRO G 35 36.53 -72.13 -36.44
N TRP G 36 36.87 -72.04 -35.16
CA TRP G 36 36.96 -70.79 -34.40
C TRP G 36 37.91 -69.82 -35.10
N ASP G 37 39.00 -70.36 -35.67
CA ASP G 37 40.00 -69.58 -36.38
C ASP G 37 39.42 -68.96 -37.66
N GLU G 38 38.70 -69.78 -38.43
CA GLU G 38 38.30 -69.37 -39.77
C GLU G 38 36.93 -68.67 -39.78
N TYR G 39 36.12 -68.91 -38.72
CA TYR G 39 34.74 -68.44 -38.69
C TYR G 39 34.38 -67.78 -37.36
N LYS G 40 33.53 -66.74 -37.41
CA LYS G 40 33.03 -66.07 -36.22
C LYS G 40 31.56 -66.41 -36.01
N LEU G 41 31.17 -66.48 -34.73
CA LEU G 41 29.79 -66.66 -34.34
C LEU G 41 29.23 -65.36 -33.78
N LEU G 42 28.29 -64.75 -34.53
CA LEU G 42 27.76 -63.42 -34.25
C LEU G 42 26.34 -63.53 -33.69
N SER G 43 26.01 -62.59 -32.80
CA SER G 43 24.67 -62.38 -32.29
C SER G 43 24.13 -61.03 -32.78
N THR G 44 22.82 -60.96 -33.05
CA THR G 44 22.20 -59.70 -33.44
C THR G 44 21.13 -59.34 -32.42
N PHE G 45 20.96 -58.03 -32.15
CA PHE G 45 20.00 -57.50 -31.20
C PHE G 45 19.98 -58.36 -29.94
N PRO G 46 21.03 -58.34 -29.08
CA PRO G 46 22.15 -57.40 -29.21
C PRO G 46 23.23 -57.89 -30.16
N ARG G 47 24.11 -56.96 -30.57
CA ARG G 47 25.17 -57.25 -31.52
C ARG G 47 26.44 -57.59 -30.75
N ARG G 48 26.89 -58.85 -30.86
CA ARG G 48 28.10 -59.31 -30.19
C ARG G 48 28.70 -60.48 -30.96
N ASP G 49 29.98 -60.77 -30.68
CA ASP G 49 30.69 -61.87 -31.30
C ASP G 49 31.03 -62.90 -30.22
N VAL G 50 30.23 -63.97 -30.18
CA VAL G 50 30.34 -64.99 -29.15
C VAL G 50 31.69 -65.72 -29.27
N THR G 51 32.25 -65.71 -30.50
CA THR G 51 33.50 -66.39 -30.81
C THR G 51 34.56 -66.01 -29.77
N GLN G 52 34.65 -64.71 -29.45
CA GLN G 52 35.72 -64.17 -28.61
C GLN G 52 35.37 -64.28 -27.13
N LEU G 53 34.15 -64.70 -26.81
CA LEU G 53 33.75 -64.85 -25.40
C LEU G 53 34.48 -66.08 -24.83
N ASP G 54 34.65 -66.10 -23.50
CA ASP G 54 35.36 -67.16 -22.81
C ASP G 54 34.62 -68.49 -22.94
N PRO G 55 35.25 -69.56 -23.50
CA PRO G 55 34.59 -70.86 -23.67
C PRO G 55 34.18 -71.56 -22.39
N ASN G 56 34.90 -71.28 -21.30
CA ASN G 56 34.68 -71.94 -20.02
C ASN G 56 33.42 -71.44 -19.33
N LYS G 57 33.02 -70.18 -19.59
CA LYS G 57 31.79 -69.63 -19.03
C LYS G 57 30.57 -70.43 -19.49
N SER G 58 29.59 -70.54 -18.59
CA SER G 58 28.31 -71.18 -18.85
C SER G 58 27.52 -70.37 -19.89
N LEU G 59 26.64 -71.05 -20.64
CA LEU G 59 25.82 -70.41 -21.65
C LEU G 59 24.95 -69.32 -21.02
N LEU G 60 24.53 -69.54 -19.76
CA LEU G 60 23.83 -68.55 -18.98
C LEU G 60 24.74 -67.33 -18.73
N GLU G 61 26.02 -67.59 -18.40
CA GLU G 61 26.96 -66.54 -18.04
C GLU G 61 27.39 -65.74 -19.28
N VAL G 62 27.45 -66.39 -20.45
CA VAL G 62 27.76 -65.71 -21.69
C VAL G 62 26.53 -64.95 -22.18
N LYS G 63 25.50 -64.91 -21.32
CA LYS G 63 24.25 -64.20 -21.56
C LYS G 63 23.62 -64.63 -22.88
N LEU G 64 23.57 -65.93 -23.13
CA LEU G 64 22.81 -66.43 -24.27
C LEU G 64 21.40 -66.76 -23.79
N PHE G 65 20.41 -66.13 -24.44
CA PHE G 65 19.01 -66.32 -24.13
C PHE G 65 18.62 -67.79 -24.36
N PRO G 66 17.66 -68.37 -23.59
CA PRO G 66 17.06 -69.67 -23.89
C PRO G 66 16.83 -69.97 -25.38
N GLN G 67 16.43 -68.97 -26.15
CA GLN G 67 16.46 -69.05 -27.60
C GLN G 67 17.36 -67.93 -28.14
N GLU G 68 18.26 -68.29 -29.06
CA GLU G 68 19.10 -67.30 -29.72
C GLU G 68 19.40 -67.75 -31.14
N THR G 69 19.16 -66.85 -32.11
CA THR G 69 19.65 -67.07 -33.47
C THR G 69 21.07 -66.51 -33.57
N LEU G 70 21.99 -67.31 -34.13
CA LEU G 70 23.38 -66.91 -34.28
C LEU G 70 23.78 -67.06 -35.75
N PHE G 71 24.86 -66.35 -36.13
CA PHE G 71 25.30 -66.31 -37.52
C PHE G 71 26.80 -66.56 -37.59
N LEU G 72 27.23 -67.13 -38.73
CA LEU G 72 28.62 -67.46 -38.96
C LEU G 72 29.15 -66.57 -40.07
N GLU G 73 30.31 -65.96 -39.81
CA GLU G 73 31.02 -65.18 -40.81
C GLU G 73 32.51 -65.51 -40.73
N ALA G 74 33.15 -65.59 -41.90
CA ALA G 74 34.57 -65.87 -42.00
C ALA G 74 35.37 -64.73 -41.38
N LYS G 75 36.31 -65.06 -40.47
CA LYS G 75 37.07 -64.07 -39.74
C LYS G 75 37.98 -63.24 -40.67
N GLU G 76 38.07 -63.63 -41.94
CA GLU G 76 38.85 -62.92 -42.96
C GLU G 76 39.74 -61.85 -42.31
N ARG H 3 -27.19 79.38 8.92
CA ARG H 3 -27.51 79.37 7.47
C ARG H 3 -28.78 78.54 7.24
N ILE H 4 -29.91 79.08 7.65
CA ILE H 4 -31.20 78.43 7.43
C ILE H 4 -31.85 78.99 6.18
N ARG H 5 -32.33 78.14 5.27
CA ARG H 5 -32.60 78.56 3.90
C ARG H 5 -34.12 78.64 3.71
N THR H 6 -34.57 79.78 3.17
CA THR H 6 -35.99 79.97 2.85
C THR H 6 -36.40 78.95 1.79
N PRO H 7 -37.69 78.55 1.68
CA PRO H 7 -38.14 77.72 0.56
C PRO H 7 -37.83 78.30 -0.84
N SER H 8 -37.46 79.58 -0.89
CA SER H 8 -37.01 80.16 -2.15
C SER H 8 -35.48 80.13 -2.19
N GLY H 9 -34.84 79.83 -1.07
CA GLY H 9 -33.50 80.32 -0.71
C GLY H 9 -33.35 81.68 0.02
N GLU H 10 -32.16 81.93 0.59
CA GLU H 10 -31.88 83.09 1.40
C GLU H 10 -31.82 82.62 2.86
N PHE H 11 -30.74 83.07 3.59
CA PHE H 11 -30.23 82.37 4.75
C PHE H 11 -29.25 83.15 5.61
N LEU H 12 -29.45 83.16 6.93
CA LEU H 12 -28.62 83.86 7.90
C LEU H 12 -28.11 82.84 8.93
N GLU H 13 -26.87 83.05 9.42
CA GLU H 13 -26.28 82.21 10.45
C GLU H 13 -26.03 83.03 11.73
N ARG H 14 -26.22 82.39 12.88
CA ARG H 14 -25.71 82.88 14.16
C ARG H 14 -25.61 81.69 15.13
N ARG H 15 -24.64 81.74 16.05
CA ARG H 15 -24.15 80.56 16.74
C ARG H 15 -24.30 80.73 18.25
N PHE H 16 -24.38 79.59 18.94
CA PHE H 16 -24.28 79.54 20.39
C PHE H 16 -23.15 78.62 20.84
N GLN H 23 -34.22 75.11 23.41
CA GLN H 23 -34.95 76.27 22.83
C GLN H 23 -33.92 77.25 22.23
N ILE H 24 -32.64 77.15 22.57
CA ILE H 24 -31.63 78.09 22.15
C ILE H 24 -31.64 78.19 20.62
N VAL H 25 -31.68 77.04 19.96
CA VAL H 25 -31.72 76.99 18.50
C VAL H 25 -33.08 77.54 18.02
N PHE H 26 -34.11 77.08 18.71
CA PHE H 26 -35.51 77.26 18.37
C PHE H 26 -35.85 78.73 18.37
N ASP H 27 -35.41 79.48 19.36
CA ASP H 27 -35.65 80.92 19.43
C ASP H 27 -35.01 81.63 18.23
N PHE H 28 -33.79 81.18 17.90
CA PHE H 28 -33.07 81.75 16.77
C PHE H 28 -33.86 81.54 15.48
N VAL H 29 -34.39 80.34 15.28
CA VAL H 29 -35.20 80.07 14.09
C VAL H 29 -36.55 80.76 14.23
N ALA H 30 -37.00 80.94 15.47
CA ALA H 30 -38.23 81.65 15.80
C ALA H 30 -38.07 83.15 15.53
N SER H 31 -36.82 83.63 15.43
CA SER H 31 -36.55 85.01 15.06
C SER H 31 -37.04 85.27 13.64
N LYS H 32 -36.62 84.44 12.69
CA LYS H 32 -37.24 84.40 11.38
C LYS H 32 -38.78 84.33 11.28
N GLY H 33 -39.22 84.89 10.14
CA GLY H 33 -40.64 85.19 9.92
C GLY H 33 -41.46 83.97 9.56
N PHE H 34 -41.15 82.80 10.15
CA PHE H 34 -41.64 81.50 9.79
C PHE H 34 -42.07 80.78 11.06
N PRO H 35 -43.38 80.60 11.34
CA PRO H 35 -43.82 80.02 12.59
C PRO H 35 -43.52 78.53 12.63
N TRP H 36 -43.28 78.01 13.86
CA TRP H 36 -43.05 76.60 14.12
C TRP H 36 -44.24 75.78 13.62
N ASP H 37 -45.45 76.34 13.76
CA ASP H 37 -46.68 75.69 13.35
C ASP H 37 -46.73 75.55 11.83
N GLU H 38 -46.40 76.63 11.11
CA GLU H 38 -46.63 76.69 9.67
C GLU H 38 -45.42 76.18 8.89
N TYR H 39 -44.22 76.16 9.50
CA TYR H 39 -42.97 75.89 8.80
C TYR H 39 -42.07 74.89 9.56
N LYS H 40 -41.37 74.03 8.81
CA LYS H 40 -40.45 73.07 9.40
C LYS H 40 -39.01 73.46 9.05
N LEU H 41 -38.11 73.13 9.97
CA LEU H 41 -36.67 73.28 9.76
C LEU H 41 -36.02 71.92 9.58
N LEU H 42 -35.53 71.62 8.38
CA LEU H 42 -34.99 70.32 7.97
C LEU H 42 -33.47 70.31 7.90
N SER H 43 -32.86 69.17 8.21
CA SER H 43 -31.44 68.88 8.02
C SER H 43 -31.27 67.79 6.97
N THR H 44 -30.22 67.87 6.14
CA THR H 44 -29.96 66.85 5.15
C THR H 44 -28.60 66.22 5.43
N PHE H 45 -28.48 64.91 5.17
CA PHE H 45 -27.25 64.13 5.37
C PHE H 45 -26.58 64.52 6.68
N PRO H 46 -27.15 64.19 7.87
CA PRO H 46 -28.30 63.28 7.97
C PRO H 46 -29.64 64.02 7.81
N ARG H 47 -30.69 63.22 7.58
CA ARG H 47 -32.03 63.75 7.38
C ARG H 47 -32.76 63.78 8.73
N ARG H 48 -33.09 64.99 9.19
CA ARG H 48 -33.84 65.18 10.42
C ARG H 48 -34.66 66.47 10.31
N ASP H 49 -35.68 66.58 11.17
CA ASP H 49 -36.46 67.79 11.29
C ASP H 49 -36.19 68.45 12.64
N VAL H 50 -35.37 69.51 12.62
CA VAL H 50 -34.93 70.29 13.77
C VAL H 50 -36.13 70.87 14.51
N THR H 51 -37.22 71.12 13.76
CA THR H 51 -38.43 71.73 14.28
C THR H 51 -38.88 70.98 15.53
N GLN H 52 -38.85 69.64 15.49
CA GLN H 52 -39.38 68.77 16.52
C GLN H 52 -38.33 68.49 17.62
N LEU H 53 -37.10 68.98 17.46
CA LEU H 53 -36.01 68.53 18.31
C LEU H 53 -36.18 68.99 19.75
N ASP H 54 -35.64 68.21 20.71
CA ASP H 54 -35.81 68.50 22.12
C ASP H 54 -35.03 69.75 22.50
N PRO H 55 -35.68 70.82 23.04
CA PRO H 55 -34.97 72.05 23.43
C PRO H 55 -33.91 71.87 24.53
N ASN H 56 -34.17 70.90 25.42
CA ASN H 56 -33.46 70.76 26.68
C ASN H 56 -32.08 70.16 26.48
N LYS H 57 -31.91 69.33 25.44
CA LYS H 57 -30.61 68.72 25.19
C LYS H 57 -29.58 69.78 24.81
N SER H 58 -28.33 69.60 25.23
CA SER H 58 -27.21 70.44 24.82
C SER H 58 -26.94 70.26 23.33
N LEU H 59 -26.40 71.30 22.68
CA LEU H 59 -26.08 71.18 21.27
C LEU H 59 -24.93 70.18 21.10
N PRO H 66 -19.45 71.67 14.94
CA PRO H 66 -20.59 70.84 14.43
C PRO H 66 -21.89 71.53 13.97
N GLN H 67 -21.78 72.24 12.83
CA GLN H 67 -22.88 72.95 12.22
C GLN H 67 -23.17 72.40 10.81
N GLU H 68 -24.46 72.30 10.46
CA GLU H 68 -24.84 71.99 9.09
C GLU H 68 -26.10 72.75 8.69
N THR H 69 -26.02 73.44 7.56
CA THR H 69 -27.06 74.14 6.84
C THR H 69 -28.44 73.52 6.99
N LEU H 70 -29.45 74.37 7.17
CA LEU H 70 -30.82 73.93 7.44
C LEU H 70 -31.78 74.54 6.43
N PHE H 71 -32.96 73.92 6.25
CA PHE H 71 -33.89 74.30 5.20
C PHE H 71 -35.33 74.40 5.72
N LEU H 72 -36.16 75.25 5.10
CA LEU H 72 -37.50 75.54 5.58
C LEU H 72 -38.54 75.02 4.60
N GLU H 73 -39.54 74.31 5.14
CA GLU H 73 -40.66 73.83 4.35
C GLU H 73 -41.94 73.99 5.16
N ALA H 74 -43.04 74.35 4.50
CA ALA H 74 -44.35 74.47 5.10
C ALA H 74 -44.82 73.11 5.63
N LYS H 75 -45.24 73.03 6.90
CA LYS H 75 -45.66 71.79 7.54
C LYS H 75 -46.93 71.24 6.90
N GLU H 76 -47.57 72.02 6.02
CA GLU H 76 -48.79 71.62 5.37
C GLU H 76 -48.66 70.12 5.00
N LYS I 1 -57.97 -55.54 -3.24
CA LYS I 1 -58.63 -55.51 -4.58
C LYS I 1 -57.60 -55.53 -5.70
N LEU I 2 -57.57 -56.63 -6.47
CA LEU I 2 -56.68 -56.87 -7.59
C LEU I 2 -57.50 -57.08 -8.85
N ARG I 3 -57.17 -56.36 -9.92
CA ARG I 3 -57.75 -56.61 -11.22
C ARG I 3 -56.71 -57.34 -12.09
N ILE I 4 -56.97 -58.62 -12.37
CA ILE I 4 -56.06 -59.44 -13.16
C ILE I 4 -56.59 -59.53 -14.59
N ARG I 5 -55.67 -59.37 -15.56
CA ARG I 5 -56.03 -59.44 -16.96
C ARG I 5 -55.62 -60.79 -17.55
N THR I 6 -56.56 -61.46 -18.21
CA THR I 6 -56.28 -62.67 -18.98
C THR I 6 -55.37 -62.28 -20.14
N PRO I 7 -54.58 -63.23 -20.70
CA PRO I 7 -53.84 -62.99 -21.96
C PRO I 7 -54.68 -62.50 -23.13
N SER I 8 -56.00 -62.61 -23.00
CA SER I 8 -56.89 -62.05 -24.02
C SER I 8 -57.29 -60.63 -23.62
N GLY I 9 -57.00 -60.26 -22.37
CA GLY I 9 -57.20 -58.90 -21.89
C GLY I 9 -58.55 -58.71 -21.21
N GLU I 10 -59.07 -59.79 -20.62
CA GLU I 10 -60.34 -59.78 -19.91
C GLU I 10 -60.03 -59.66 -18.42
N PHE I 11 -60.70 -58.69 -17.79
CA PHE I 11 -60.49 -58.35 -16.40
C PHE I 11 -61.12 -59.38 -15.47
N LEU I 12 -60.34 -59.82 -14.47
CA LEU I 12 -60.81 -60.70 -13.40
C LEU I 12 -60.63 -59.95 -12.08
N GLU I 13 -61.70 -59.80 -11.31
CA GLU I 13 -61.68 -58.96 -10.12
C GLU I 13 -61.97 -59.80 -8.88
N ARG I 14 -61.20 -59.57 -7.82
CA ARG I 14 -61.39 -60.22 -6.53
C ARG I 14 -60.72 -59.39 -5.44
N ARG I 15 -61.25 -59.48 -4.21
CA ARG I 15 -60.73 -58.77 -3.05
C ARG I 15 -60.16 -59.77 -2.06
N PHE I 16 -58.92 -59.52 -1.59
CA PHE I 16 -58.31 -60.36 -0.57
C PHE I 16 -57.83 -59.47 0.57
N LEU I 17 -57.85 -59.98 1.80
CA LEU I 17 -57.26 -59.26 2.91
C LEU I 17 -55.74 -59.31 2.77
N ALA I 18 -55.04 -58.26 3.21
CA ALA I 18 -53.60 -58.15 3.00
C ALA I 18 -52.88 -59.30 3.70
N SER I 19 -53.52 -59.84 4.76
CA SER I 19 -53.01 -60.93 5.56
C SER I 19 -52.96 -62.23 4.75
N ASN I 20 -53.84 -62.34 3.75
CA ASN I 20 -53.89 -63.49 2.86
C ASN I 20 -52.53 -63.68 2.20
N LYS I 21 -52.04 -64.92 2.26
CA LYS I 21 -50.84 -65.31 1.54
C LYS I 21 -51.07 -65.13 0.04
N LEU I 22 -49.97 -64.94 -0.69
CA LEU I 22 -50.00 -64.75 -2.12
C LEU I 22 -50.58 -66.00 -2.79
N GLN I 23 -50.50 -67.15 -2.09
CA GLN I 23 -51.04 -68.40 -2.58
C GLN I 23 -52.54 -68.26 -2.83
N ILE I 24 -53.21 -67.50 -1.95
CA ILE I 24 -54.64 -67.27 -2.10
C ILE I 24 -54.93 -66.66 -3.46
N VAL I 25 -54.08 -65.70 -3.87
CA VAL I 25 -54.18 -65.06 -5.17
C VAL I 25 -53.91 -66.08 -6.28
N PHE I 26 -52.88 -66.93 -6.08
CA PHE I 26 -52.53 -67.98 -7.01
C PHE I 26 -53.71 -68.93 -7.22
N ASP I 27 -54.40 -69.31 -6.13
CA ASP I 27 -55.54 -70.19 -6.20
C ASP I 27 -56.66 -69.54 -6.99
N PHE I 28 -56.84 -68.22 -6.77
CA PHE I 28 -57.87 -67.47 -7.47
C PHE I 28 -57.62 -67.53 -8.98
N VAL I 29 -56.36 -67.33 -9.40
CA VAL I 29 -56.03 -67.39 -10.81
C VAL I 29 -56.08 -68.84 -11.27
N ALA I 30 -55.81 -69.77 -10.33
CA ALA I 30 -55.86 -71.20 -10.58
C ALA I 30 -57.31 -71.65 -10.74
N SER I 31 -58.27 -70.84 -10.29
CA SER I 31 -59.69 -71.11 -10.48
C SER I 31 -60.03 -71.06 -11.97
N LYS I 32 -59.67 -69.95 -12.63
CA LYS I 32 -59.70 -69.87 -14.08
C LYS I 32 -58.54 -70.71 -14.65
N GLY I 33 -58.46 -70.83 -15.98
CA GLY I 33 -57.50 -71.69 -16.65
C GLY I 33 -56.05 -71.22 -16.59
N PHE I 34 -55.59 -70.80 -15.40
CA PHE I 34 -54.32 -70.09 -15.26
C PHE I 34 -53.50 -70.69 -14.12
N PRO I 35 -52.85 -71.85 -14.34
CA PRO I 35 -51.94 -72.42 -13.34
C PRO I 35 -50.67 -71.57 -13.22
N TRP I 36 -50.07 -71.58 -12.01
CA TRP I 36 -48.81 -70.92 -11.72
C TRP I 36 -47.71 -71.45 -12.64
N ASP I 37 -47.78 -72.74 -12.97
CA ASP I 37 -46.83 -73.40 -13.86
C ASP I 37 -46.95 -72.85 -15.27
N GLU I 38 -48.18 -72.73 -15.79
CA GLU I 38 -48.40 -72.45 -17.21
C GLU I 38 -48.50 -70.94 -17.49
N TYR I 39 -48.80 -70.15 -16.43
CA TYR I 39 -49.08 -68.73 -16.58
C TYR I 39 -48.28 -67.90 -15.57
N LYS I 40 -47.83 -66.73 -15.99
CA LYS I 40 -47.16 -65.78 -15.11
C LYS I 40 -48.08 -64.62 -14.77
N LEU I 41 -47.95 -64.14 -13.53
CA LEU I 41 -48.66 -62.96 -13.06
C LEU I 41 -47.69 -61.78 -12.94
N LEU I 42 -47.87 -60.79 -13.84
CA LEU I 42 -46.95 -59.68 -13.99
C LEU I 42 -47.56 -58.41 -13.40
N SER I 43 -46.67 -57.56 -12.86
CA SER I 43 -46.99 -56.22 -12.42
C SER I 43 -46.27 -55.21 -13.32
N THR I 44 -46.92 -54.06 -13.59
CA THR I 44 -46.28 -53.00 -14.35
C THR I 44 -46.21 -51.75 -13.47
N PHE I 45 -45.14 -50.94 -13.63
CA PHE I 45 -44.90 -49.72 -12.87
C PHE I 45 -45.26 -49.94 -11.40
N PRO I 46 -44.50 -50.73 -10.61
CA PRO I 46 -43.21 -51.29 -11.04
C PRO I 46 -43.37 -52.60 -11.81
N ARG I 47 -42.29 -53.00 -12.49
CA ARG I 47 -42.28 -54.20 -13.31
C ARG I 47 -41.74 -55.37 -12.48
N ARG I 48 -42.60 -56.35 -12.21
CA ARG I 48 -42.19 -57.54 -11.47
C ARG I 48 -43.11 -58.70 -11.82
N ASP I 49 -42.63 -59.92 -11.49
CA ASP I 49 -43.38 -61.14 -11.74
C ASP I 49 -43.75 -61.78 -10.40
N VAL I 50 -45.01 -61.57 -10.00
CA VAL I 50 -45.51 -62.01 -8.70
C VAL I 50 -45.48 -63.54 -8.62
N THR I 51 -45.57 -64.19 -9.80
CA THR I 51 -45.62 -65.64 -9.92
C THR I 51 -44.50 -66.26 -9.08
N GLN I 52 -43.28 -65.69 -9.19
CA GLN I 52 -42.08 -66.27 -8.60
C GLN I 52 -41.89 -65.83 -7.16
N LEU I 53 -42.72 -64.90 -6.67
CA LEU I 53 -42.63 -64.49 -5.29
C LEU I 53 -43.14 -65.62 -4.39
N ASP I 54 -42.67 -65.60 -3.13
CA ASP I 54 -43.02 -66.63 -2.15
C ASP I 54 -44.51 -66.57 -1.82
N PRO I 55 -45.28 -67.69 -2.02
CA PRO I 55 -46.72 -67.70 -1.76
C PRO I 55 -47.11 -67.47 -0.30
N ASN I 56 -46.22 -67.81 0.62
CA ASN I 56 -46.48 -67.71 2.06
C ASN I 56 -46.47 -66.25 2.55
N LYS I 57 -45.72 -65.39 1.86
CA LYS I 57 -45.66 -63.96 2.21
C LYS I 57 -47.04 -63.30 2.05
N SER I 58 -47.35 -62.38 2.97
CA SER I 58 -48.61 -61.63 2.98
C SER I 58 -48.67 -60.70 1.77
N LEU I 59 -49.87 -60.37 1.31
CA LEU I 59 -50.07 -59.48 0.18
C LEU I 59 -49.45 -58.11 0.46
N LEU I 60 -49.47 -57.70 1.74
CA LEU I 60 -48.81 -56.49 2.18
C LEU I 60 -47.29 -56.64 2.02
N GLU I 61 -46.75 -57.81 2.37
CA GLU I 61 -45.31 -58.06 2.35
C GLU I 61 -44.80 -58.20 0.91
N VAL I 62 -45.63 -58.73 0.01
CA VAL I 62 -45.28 -58.81 -1.40
C VAL I 62 -45.43 -57.44 -2.06
N LYS I 63 -45.67 -56.42 -1.23
CA LYS I 63 -45.81 -55.03 -1.61
C LYS I 63 -46.84 -54.87 -2.72
N LEU I 64 -48.01 -55.50 -2.54
CA LEU I 64 -49.12 -55.26 -3.46
C LEU I 64 -49.98 -54.14 -2.89
N PHE I 65 -50.14 -53.08 -3.68
CA PHE I 65 -50.89 -51.89 -3.29
C PHE I 65 -52.35 -52.30 -3.05
N PRO I 66 -53.09 -51.64 -2.11
CA PRO I 66 -54.55 -51.79 -2.00
C PRO I 66 -55.33 -51.94 -3.30
N GLN I 67 -54.92 -51.22 -4.34
CA GLN I 67 -55.38 -51.49 -5.70
C GLN I 67 -54.16 -51.83 -6.58
N GLU I 68 -54.25 -52.90 -7.36
CA GLU I 68 -53.19 -53.23 -8.30
C GLU I 68 -53.80 -53.92 -9.52
N THR I 69 -53.44 -53.44 -10.72
CA THR I 69 -53.73 -54.17 -11.95
C THR I 69 -52.61 -55.17 -12.22
N LEU I 70 -52.96 -56.42 -12.52
CA LEU I 70 -52.00 -57.47 -12.82
C LEU I 70 -52.33 -58.10 -14.16
N PHE I 71 -51.32 -58.76 -14.76
CA PHE I 71 -51.47 -59.32 -16.10
C PHE I 71 -50.98 -60.76 -16.12
N LEU I 72 -51.56 -61.57 -17.02
CA LEU I 72 -51.21 -62.97 -17.15
C LEU I 72 -50.55 -63.20 -18.51
N GLU I 73 -49.42 -63.92 -18.48
CA GLU I 73 -48.75 -64.35 -19.69
C GLU I 73 -48.31 -65.81 -19.52
N ALA I 74 -48.44 -66.58 -20.60
CA ALA I 74 -48.03 -67.99 -20.61
C ALA I 74 -46.52 -68.07 -20.44
N LYS I 75 -46.04 -68.89 -19.50
CA LYS I 75 -44.57 -69.03 -19.35
C LYS I 75 -44.00 -69.84 -20.52
N GLU I 76 -43.46 -69.14 -21.52
CA GLU I 76 -42.95 -69.71 -22.77
C GLU I 76 -41.50 -69.24 -22.99
N LYS J 1 -76.94 19.23 16.46
CA LYS J 1 -77.66 19.74 15.26
C LYS J 1 -77.48 18.78 14.09
N LEU J 2 -78.59 18.16 13.67
CA LEU J 2 -78.64 17.20 12.58
C LEU J 2 -79.58 17.69 11.49
N ARG J 3 -79.12 17.72 10.24
CA ARG J 3 -79.99 17.98 9.11
C ARG J 3 -80.30 16.67 8.39
N ILE J 4 -81.55 16.21 8.50
CA ILE J 4 -81.97 14.95 7.89
C ILE J 4 -82.73 15.24 6.58
N ARG J 5 -82.40 14.49 5.53
CA ARG J 5 -83.02 14.64 4.24
C ARG J 5 -84.05 13.54 4.01
N THR J 6 -85.26 13.95 3.64
CA THR J 6 -86.29 13.03 3.17
C THR J 6 -85.83 12.36 1.89
N PRO J 7 -86.33 11.16 1.54
CA PRO J 7 -86.08 10.55 0.22
C PRO J 7 -86.44 11.42 -0.98
N SER J 8 -87.18 12.51 -0.72
CA SER J 8 -87.45 13.47 -1.77
C SER J 8 -86.40 14.58 -1.75
N GLY J 9 -85.61 14.62 -0.66
CA GLY J 9 -84.49 15.53 -0.55
C GLY J 9 -84.85 16.83 0.15
N GLU J 10 -85.85 16.76 1.04
CA GLU J 10 -86.28 17.90 1.83
C GLU J 10 -85.61 17.82 3.21
N PHE J 11 -84.99 18.93 3.59
CA PHE J 11 -84.15 19.01 4.77
C PHE J 11 -85.05 19.17 6.01
N LEU J 12 -84.76 18.37 7.04
CA LEU J 12 -85.44 18.42 8.33
C LEU J 12 -84.39 18.73 9.40
N GLU J 13 -84.61 19.77 10.21
CA GLU J 13 -83.60 20.20 11.17
C GLU J 13 -84.13 20.05 12.60
N ARG J 14 -83.25 19.61 13.50
CA ARG J 14 -83.52 19.57 14.92
C ARG J 14 -82.19 19.54 15.68
N ARG J 15 -82.22 20.05 16.91
CA ARG J 15 -81.06 20.08 17.80
C ARG J 15 -81.34 19.16 19.00
N PHE J 16 -80.39 18.29 19.31
CA PHE J 16 -80.48 17.43 20.48
C PHE J 16 -79.16 17.58 21.26
N LEU J 17 -79.23 17.46 22.58
CA LEU J 17 -78.01 17.43 23.38
C LEU J 17 -77.31 16.10 23.15
N ALA J 18 -75.97 16.08 23.22
CA ALA J 18 -75.20 14.89 22.91
C ALA J 18 -75.56 13.75 23.87
N SER J 19 -76.03 14.12 25.06
CA SER J 19 -76.42 13.19 26.11
C SER J 19 -77.68 12.40 25.71
N ASN J 20 -78.50 12.99 24.83
CA ASN J 20 -79.71 12.36 24.33
C ASN J 20 -79.35 11.04 23.65
N LYS J 21 -80.07 9.98 24.02
CA LYS J 21 -79.96 8.70 23.35
C LYS J 21 -80.33 8.86 21.87
N LEU J 22 -79.79 7.97 21.05
CA LEU J 22 -80.05 7.98 19.62
C LEU J 22 -81.55 7.75 19.36
N GLN J 23 -82.22 7.13 20.33
CA GLN J 23 -83.65 6.86 20.26
C GLN J 23 -84.41 8.19 20.10
N ILE J 24 -83.93 9.24 20.77
CA ILE J 24 -84.54 10.56 20.68
C ILE J 24 -84.58 10.99 19.22
N VAL J 25 -83.47 10.75 18.50
CA VAL J 25 -83.37 11.07 17.08
C VAL J 25 -84.33 10.19 16.29
N PHE J 26 -84.41 8.90 16.64
CA PHE J 26 -85.32 7.95 16.01
C PHE J 26 -86.77 8.42 16.14
N ASP J 27 -87.13 8.89 17.35
CA ASP J 27 -88.48 9.38 17.59
C ASP J 27 -88.74 10.61 16.73
N PHE J 28 -87.73 11.48 16.59
CA PHE J 28 -87.85 12.67 15.78
C PHE J 28 -88.17 12.29 14.33
N VAL J 29 -87.45 11.30 13.79
CA VAL J 29 -87.72 10.85 12.43
C VAL J 29 -89.04 10.08 12.39
N ALA J 30 -89.38 9.45 13.52
CA ALA J 30 -90.63 8.73 13.69
C ALA J 30 -91.80 9.71 13.76
N SER J 31 -91.53 11.00 14.04
CA SER J 31 -92.56 12.02 14.06
C SER J 31 -93.09 12.21 12.64
N LYS J 32 -92.19 12.45 11.69
CA LYS J 32 -92.53 12.41 10.28
C LYS J 32 -92.78 10.97 9.86
N GLY J 33 -93.23 10.76 8.61
CA GLY J 33 -93.63 9.45 8.13
C GLY J 33 -92.43 8.54 7.82
N PHE J 34 -91.53 8.40 8.82
CA PHE J 34 -90.28 7.69 8.66
C PHE J 34 -90.07 6.73 9.83
N PRO J 35 -90.76 5.56 9.81
CA PRO J 35 -90.57 4.52 10.82
C PRO J 35 -89.21 3.85 10.63
N TRP J 36 -88.65 3.34 11.73
CA TRP J 36 -87.41 2.57 11.73
C TRP J 36 -87.53 1.35 10.84
N ASP J 37 -88.75 0.75 10.81
CA ASP J 37 -89.00 -0.42 9.99
C ASP J 37 -88.95 -0.07 8.51
N GLU J 38 -89.60 1.06 8.12
CA GLU J 38 -89.81 1.36 6.72
C GLU J 38 -88.66 2.19 6.15
N TYR J 39 -87.89 2.88 7.01
CA TYR J 39 -86.88 3.83 6.57
C TYR J 39 -85.54 3.66 7.29
N LYS J 40 -84.44 3.90 6.57
CA LYS J 40 -83.11 3.89 7.15
C LYS J 40 -82.56 5.32 7.22
N LEU J 41 -81.74 5.57 8.26
CA LEU J 41 -81.03 6.83 8.40
C LEU J 41 -79.55 6.61 8.11
N LEU J 42 -79.08 7.20 6.99
CA LEU J 42 -77.73 6.99 6.48
C LEU J 42 -76.87 8.23 6.74
N SER J 43 -75.57 7.98 6.98
CA SER J 43 -74.55 9.00 7.11
C SER J 43 -73.57 8.88 5.94
N THR J 44 -73.07 10.03 5.47
CA THR J 44 -72.06 10.03 4.42
C THR J 44 -70.81 10.71 4.96
N PHE J 45 -69.62 10.24 4.53
CA PHE J 45 -68.32 10.75 4.94
C PHE J 45 -68.32 11.03 6.45
N PRO J 46 -68.34 9.99 7.33
CA PRO J 46 -68.21 8.59 6.93
C PRO J 46 -69.53 7.96 6.52
N ARG J 47 -69.45 6.81 5.85
CA ARG J 47 -70.62 6.07 5.41
C ARG J 47 -71.05 5.07 6.47
N ARG J 48 -72.23 5.27 7.05
CA ARG J 48 -72.79 4.35 8.03
C ARG J 48 -74.32 4.46 8.03
N ASP J 49 -74.97 3.46 8.62
CA ASP J 49 -76.42 3.44 8.78
C ASP J 49 -76.76 3.55 10.26
N VAL J 50 -77.14 4.77 10.68
CA VAL J 50 -77.38 5.09 12.09
C VAL J 50 -78.56 4.28 12.60
N THR J 51 -79.48 3.90 11.68
CA THR J 51 -80.69 3.16 12.00
C THR J 51 -80.34 1.97 12.90
N GLN J 52 -79.28 1.23 12.53
CA GLN J 52 -78.94 -0.04 13.18
C GLN J 52 -78.07 0.19 14.41
N LEU J 53 -77.63 1.42 14.66
CA LEU J 53 -76.82 1.71 15.84
C LEU J 53 -77.70 1.63 17.09
N ASP J 54 -77.08 1.36 18.24
CA ASP J 54 -77.79 1.17 19.50
C ASP J 54 -78.48 2.47 19.94
N PRO J 55 -79.83 2.47 20.12
CA PRO J 55 -80.56 3.69 20.49
C PRO J 55 -80.19 4.26 21.86
N ASN J 56 -79.74 3.38 22.78
CA ASN J 56 -79.45 3.77 24.16
C ASN J 56 -78.16 4.57 24.27
N LYS J 57 -77.22 4.35 23.34
CA LYS J 57 -75.97 5.10 23.30
C LYS J 57 -76.24 6.60 23.10
N SER J 58 -75.40 7.42 23.74
CA SER J 58 -75.43 8.87 23.61
C SER J 58 -75.04 9.27 22.18
N LEU J 59 -75.53 10.44 21.71
CA LEU J 59 -75.22 10.95 20.38
C LEU J 59 -73.70 11.12 20.21
N LEU J 60 -73.02 11.47 21.31
CA LEU J 60 -71.58 11.54 21.38
C LEU J 60 -70.98 10.15 21.13
N GLU J 61 -71.56 9.12 21.77
CA GLU J 61 -71.03 7.76 21.73
C GLU J 61 -71.29 7.12 20.36
N VAL J 62 -72.41 7.47 19.71
CA VAL J 62 -72.71 6.99 18.37
C VAL J 62 -71.86 7.74 17.35
N LYS J 63 -70.91 8.55 17.85
CA LYS J 63 -69.97 9.31 17.06
C LYS J 63 -70.70 10.18 16.03
N LEU J 64 -71.75 10.87 16.46
CA LEU J 64 -72.39 11.86 15.60
C LEU J 64 -71.73 13.21 15.86
N PHE J 65 -71.20 13.80 14.79
CA PHE J 65 -70.48 15.07 14.86
C PHE J 65 -71.45 16.16 15.31
N PRO J 66 -71.00 17.21 16.04
CA PRO J 66 -71.81 18.41 16.30
C PRO J 66 -72.69 18.90 15.13
N GLN J 67 -72.19 18.78 13.90
CA GLN J 67 -73.05 18.91 12.73
C GLN J 67 -72.95 17.61 11.92
N GLU J 68 -74.10 17.09 11.48
CA GLU J 68 -74.12 15.95 10.59
C GLU J 68 -75.33 16.06 9.66
N THR J 69 -75.08 15.90 8.36
CA THR J 69 -76.17 15.71 7.39
C THR J 69 -76.48 14.22 7.31
N LEU J 70 -77.79 13.88 7.39
CA LEU J 70 -78.25 12.51 7.33
C LEU J 70 -79.30 12.36 6.24
N PHE J 71 -79.48 11.11 5.77
CA PHE J 71 -80.37 10.83 4.66
C PHE J 71 -81.28 9.66 5.01
N LEU J 72 -82.48 9.68 4.40
CA LEU J 72 -83.47 8.64 4.65
C LEU J 72 -83.70 7.84 3.38
N GLU J 73 -83.65 6.52 3.53
CA GLU J 73 -83.93 5.60 2.43
C GLU J 73 -84.81 4.46 2.95
N ALA J 74 -85.80 4.08 2.12
CA ALA J 74 -86.73 3.03 2.43
C ALA J 74 -85.99 1.70 2.55
N LYS J 75 -86.19 0.98 3.66
CA LYS J 75 -85.55 -0.31 3.91
C LYS J 75 -86.25 -1.33 3.01
N GLU J 76 -85.59 -1.63 1.90
CA GLU J 76 -86.01 -2.61 0.90
C GLU J 76 -84.87 -3.64 0.73
N LYS K 1 54.70 59.46 -7.70
CA LYS K 1 54.67 59.99 -9.08
C LYS K 1 53.23 60.30 -9.52
N LEU K 2 52.96 61.59 -9.73
CA LEU K 2 51.66 62.11 -10.14
C LEU K 2 51.82 62.85 -11.46
N ARG K 3 50.98 62.52 -12.44
CA ARG K 3 50.93 63.28 -13.69
C ARG K 3 49.68 64.15 -13.67
N ILE K 4 49.86 65.48 -13.55
CA ILE K 4 48.76 66.41 -13.49
C ILE K 4 48.58 67.08 -14.86
N ARG K 5 47.32 67.18 -15.31
CA ARG K 5 47.02 67.74 -16.61
C ARG K 5 46.46 69.16 -16.43
N THR K 6 47.07 70.12 -17.14
CA THR K 6 46.53 71.47 -17.21
C THR K 6 45.17 71.42 -17.90
N PRO K 7 44.27 72.41 -17.67
CA PRO K 7 43.04 72.54 -18.45
C PRO K 7 43.24 72.63 -19.96
N SER K 8 44.48 72.83 -20.41
CA SER K 8 44.78 72.77 -21.82
C SER K 8 45.21 71.35 -22.21
N GLY K 9 45.49 70.53 -21.19
CA GLY K 9 45.79 69.12 -21.39
C GLY K 9 47.29 68.87 -21.52
N GLU K 10 48.10 69.72 -20.86
CA GLU K 10 49.54 69.55 -20.78
C GLU K 10 49.90 68.83 -19.49
N PHE K 11 50.68 67.77 -19.63
CA PHE K 11 51.09 66.94 -18.50
C PHE K 11 52.18 67.65 -17.69
N LEU K 12 51.99 67.65 -16.36
CA LEU K 12 52.96 68.14 -15.40
C LEU K 12 53.35 66.97 -14.49
N GLU K 13 54.65 66.69 -14.40
CA GLU K 13 55.10 65.50 -13.68
C GLU K 13 55.97 65.91 -12.50
N ARG K 14 55.75 65.21 -11.37
CA ARG K 14 56.55 65.40 -10.16
C ARG K 14 56.41 64.15 -9.30
N ARG K 15 57.47 63.87 -8.52
CA ARG K 15 57.49 62.73 -7.60
C ARG K 15 57.50 63.25 -6.16
N PHE K 16 56.60 62.72 -5.33
CA PHE K 16 56.58 63.05 -3.91
C PHE K 16 56.58 61.74 -3.12
N LEU K 17 57.22 61.73 -1.96
CA LEU K 17 57.12 60.57 -1.08
C LEU K 17 55.72 60.52 -0.49
N ALA K 18 55.23 59.31 -0.21
CA ALA K 18 53.86 59.11 0.28
C ALA K 18 53.66 59.85 1.60
N SER K 19 54.76 60.04 2.35
CA SER K 19 54.75 60.70 3.64
C SER K 19 54.43 62.18 3.51
N ASN K 20 54.74 62.75 2.33
CA ASN K 20 54.47 64.15 2.03
C ASN K 20 52.98 64.42 2.18
N LYS K 21 52.66 65.49 2.91
CA LYS K 21 51.30 65.99 3.02
C LYS K 21 50.78 66.35 1.63
N LEU K 22 49.46 66.31 1.46
CA LEU K 22 48.81 66.64 0.20
C LEU K 22 49.09 68.11 -0.14
N GLN K 23 49.40 68.91 0.89
CA GLN K 23 49.71 70.32 0.72
C GLN K 23 50.92 70.47 -0.20
N ILE K 24 51.88 69.54 -0.08
CA ILE K 24 53.07 69.55 -0.93
C ILE K 24 52.65 69.53 -2.40
N VAL K 25 51.65 68.68 -2.71
CA VAL K 25 51.10 68.56 -4.05
C VAL K 25 50.39 69.86 -4.43
N PHE K 26 49.64 70.44 -3.48
CA PHE K 26 48.94 71.71 -3.69
C PHE K 26 49.94 72.81 -4.04
N ASP K 27 51.06 72.85 -3.31
CA ASP K 27 52.10 73.85 -3.56
C ASP K 27 52.67 73.66 -4.95
N PHE K 28 52.86 72.39 -5.37
CA PHE K 28 53.38 72.07 -6.68
C PHE K 28 52.46 72.65 -7.76
N VAL K 29 51.14 72.45 -7.60
CA VAL K 29 50.19 72.98 -8.56
C VAL K 29 50.11 74.50 -8.41
N ALA K 30 50.36 74.98 -7.18
CA ALA K 30 50.39 76.40 -6.87
C ALA K 30 51.63 77.05 -7.47
N SER K 31 52.63 76.25 -7.84
CA SER K 31 53.82 76.75 -8.52
C SER K 31 53.43 77.30 -9.89
N LYS K 32 52.75 76.46 -10.68
CA LYS K 32 52.12 76.93 -11.91
C LYS K 32 50.89 77.78 -11.56
N GLY K 33 50.26 78.38 -12.56
CA GLY K 33 49.16 79.32 -12.35
C GLY K 33 47.85 78.61 -11.99
N PHE K 34 47.93 77.76 -10.94
CA PHE K 34 46.82 76.92 -10.53
C PHE K 34 46.65 77.03 -9.01
N PRO K 35 46.01 78.13 -8.53
CA PRO K 35 45.70 78.27 -7.11
C PRO K 35 44.57 77.31 -6.73
N TRP K 36 44.57 76.90 -5.45
CA TRP K 36 43.53 76.07 -4.85
C TRP K 36 42.17 76.75 -4.99
N ASP K 37 42.15 78.08 -4.89
CA ASP K 37 40.95 78.88 -5.00
C ASP K 37 40.40 78.82 -6.43
N GLU K 38 41.27 78.99 -7.43
CA GLU K 38 40.83 79.18 -8.80
C GLU K 38 40.71 77.85 -9.55
N TYR K 39 41.40 76.80 -9.07
CA TYR K 39 41.51 75.53 -9.78
C TYR K 39 41.26 74.32 -8.88
N LYS K 40 40.63 73.28 -9.44
CA LYS K 40 40.40 72.03 -8.74
C LYS K 40 41.30 70.94 -9.31
N LEU K 41 41.70 70.01 -8.44
CA LEU K 41 42.47 68.84 -8.84
C LEU K 41 41.58 67.60 -8.75
N LEU K 42 41.25 67.03 -9.92
CA LEU K 42 40.30 65.93 -10.05
C LEU K 42 41.03 64.62 -10.32
N SER K 43 40.45 63.54 -9.80
CA SER K 43 40.89 62.17 -10.08
C SER K 43 39.80 61.44 -10.86
N THR K 44 40.20 60.56 -11.79
CA THR K 44 39.24 59.75 -12.51
C THR K 44 39.54 58.27 -12.23
N PHE K 45 38.49 57.44 -12.15
CA PHE K 45 38.58 56.01 -11.87
C PHE K 45 39.60 55.77 -10.76
N PRO K 46 39.31 56.14 -9.48
CA PRO K 46 37.99 56.63 -9.06
C PRO K 46 37.81 58.12 -9.29
N ARG K 47 36.55 58.57 -9.25
CA ARG K 47 36.21 59.97 -9.48
C ARG K 47 36.16 60.69 -8.12
N ARG K 48 37.09 61.63 -7.91
CA ARG K 48 37.14 62.42 -6.69
C ARG K 48 37.83 63.76 -6.96
N ASP K 49 37.64 64.70 -6.03
CA ASP K 49 38.27 66.01 -6.11
C ASP K 49 39.26 66.14 -4.96
N VAL K 50 40.55 65.95 -5.27
CA VAL K 50 41.61 65.94 -4.27
C VAL K 50 41.74 67.31 -3.61
N THR K 51 41.32 68.36 -4.34
CA THR K 51 41.40 69.74 -3.89
C THR K 51 40.83 69.85 -2.47
N GLN K 52 39.67 69.22 -2.24
CA GLN K 52 38.91 69.37 -1.00
C GLN K 52 39.39 68.41 0.08
N LEU K 53 40.30 67.48 -0.28
CA LEU K 53 40.83 66.55 0.71
C LEU K 53 41.77 67.30 1.66
N ASP K 54 41.93 66.77 2.88
CA ASP K 54 42.73 67.40 3.92
C ASP K 54 44.20 67.46 3.52
N PRO K 55 44.83 68.67 3.45
CA PRO K 55 46.23 68.80 3.04
C PRO K 55 47.25 68.14 3.96
N ASN K 56 46.89 68.02 5.26
CA ASN K 56 47.79 67.51 6.28
C ASN K 56 47.95 65.99 6.17
N LYS K 57 46.92 65.29 5.64
CA LYS K 57 46.99 63.85 5.45
C LYS K 57 48.11 63.49 4.46
N SER K 58 48.75 62.34 4.72
CA SER K 58 49.78 61.77 3.87
C SER K 58 49.17 61.36 2.52
N LEU K 59 50.00 61.36 1.45
CA LEU K 59 49.56 60.97 0.12
C LEU K 59 49.02 59.55 0.12
N LEU K 60 49.59 58.70 0.98
CA LEU K 60 49.08 57.34 1.20
C LEU K 60 47.68 57.40 1.82
N GLU K 61 47.47 58.31 2.78
CA GLU K 61 46.21 58.41 3.51
C GLU K 61 45.12 59.02 2.64
N VAL K 62 45.49 59.94 1.74
CA VAL K 62 44.54 60.53 0.79
C VAL K 62 44.24 59.53 -0.33
N LYS K 63 44.74 58.30 -0.16
CA LYS K 63 44.53 57.18 -1.06
C LYS K 63 44.94 57.56 -2.48
N LEU K 64 46.11 58.21 -2.65
CA LEU K 64 46.68 58.38 -3.96
C LEU K 64 47.59 57.18 -4.27
N PHE K 65 47.29 56.51 -5.39
CA PHE K 65 48.05 55.36 -5.85
C PHE K 65 49.49 55.81 -6.14
N PRO K 66 50.52 54.94 -5.94
CA PRO K 66 51.88 55.21 -6.42
C PRO K 66 52.00 55.89 -7.80
N GLN K 67 51.11 55.54 -8.73
CA GLN K 67 50.93 56.31 -9.94
C GLN K 67 49.48 56.81 -10.00
N GLU K 68 49.29 58.10 -10.30
CA GLU K 68 47.94 58.64 -10.48
C GLU K 68 47.99 59.77 -11.49
N THR K 69 47.10 59.72 -12.50
CA THR K 69 46.87 60.86 -13.38
C THR K 69 45.80 61.76 -12.76
N LEU K 70 46.08 63.06 -12.72
CA LEU K 70 45.16 64.04 -12.14
C LEU K 70 44.89 65.16 -13.16
N PHE K 71 43.78 65.87 -12.96
CA PHE K 71 43.33 66.88 -13.92
C PHE K 71 42.97 68.16 -13.18
N LEU K 72 43.13 69.30 -13.88
CA LEU K 72 42.86 70.60 -13.31
C LEU K 72 41.68 71.22 -14.03
N GLU K 73 40.73 71.73 -13.23
CA GLU K 73 39.59 72.45 -13.75
C GLU K 73 39.33 73.66 -12.87
N ALA K 74 38.97 74.78 -13.50
CA ALA K 74 38.66 76.03 -12.83
C ALA K 74 37.42 75.83 -11.93
N LYS K 75 37.53 76.25 -10.66
CA LYS K 75 36.46 76.06 -9.69
C LYS K 75 35.20 76.86 -10.05
N GLU K 76 35.28 77.70 -11.09
CA GLU K 76 34.18 78.53 -11.58
C GLU K 76 33.04 78.54 -10.54
N LYS L 1 74.27 -15.99 -28.01
CA LYS L 1 74.28 -15.87 -29.50
C LYS L 1 73.64 -14.55 -29.94
N LEU L 2 74.46 -13.70 -30.57
CA LEU L 2 74.07 -12.38 -31.02
C LEU L 2 74.36 -12.27 -32.52
N ARG L 3 73.37 -11.84 -33.32
CA ARG L 3 73.62 -11.51 -34.71
C ARG L 3 73.66 -10.00 -34.87
N ILE L 4 74.85 -9.46 -35.16
CA ILE L 4 75.03 -8.02 -35.31
C ILE L 4 75.09 -7.68 -36.80
N ARG L 5 74.37 -6.61 -37.18
CA ARG L 5 74.29 -6.19 -38.56
C ARG L 5 75.17 -4.95 -38.76
N THR L 6 76.07 -5.02 -39.77
CA THR L 6 76.84 -3.86 -40.18
C THR L 6 75.88 -2.81 -40.75
N PRO L 7 76.24 -1.50 -40.75
CA PRO L 7 75.45 -0.47 -41.45
C PRO L 7 75.21 -0.75 -42.93
N SER L 8 75.93 -1.73 -43.49
CA SER L 8 75.66 -2.16 -44.85
C SER L 8 74.67 -3.32 -44.85
N GLY L 9 74.43 -3.89 -43.65
CA GLY L 9 73.42 -4.92 -43.47
C GLY L 9 74.00 -6.32 -43.61
N GLU L 10 75.28 -6.47 -43.27
CA GLU L 10 75.95 -7.76 -43.28
C GLU L 10 75.94 -8.31 -41.85
N PHE L 11 75.41 -9.53 -41.72
CA PHE L 11 75.20 -10.15 -40.43
C PHE L 11 76.51 -10.73 -39.92
N LEU L 12 76.83 -10.45 -38.65
CA LEU L 12 78.02 -10.94 -37.97
C LEU L 12 77.57 -11.76 -36.76
N GLU L 13 78.06 -13.00 -36.67
CA GLU L 13 77.55 -13.93 -35.66
C GLU L 13 78.66 -14.32 -34.69
N ARG L 14 78.32 -14.38 -33.40
CA ARG L 14 79.27 -14.70 -32.35
C ARG L 14 78.51 -15.18 -31.11
N ARG L 15 79.14 -16.05 -30.33
CA ARG L 15 78.55 -16.62 -29.14
C ARG L 15 79.36 -16.18 -27.93
N PHE L 16 78.69 -15.63 -26.91
CA PHE L 16 79.35 -15.26 -25.66
C PHE L 16 78.56 -15.89 -24.52
N LEU L 17 79.25 -16.30 -23.45
CA LEU L 17 78.56 -16.78 -22.26
C LEU L 17 77.92 -15.57 -21.56
N ALA L 18 76.78 -15.77 -20.90
CA ALA L 18 76.02 -14.66 -20.34
C ALA L 18 76.85 -13.94 -19.28
N SER L 19 77.80 -14.66 -18.67
CA SER L 19 78.69 -14.16 -17.63
C SER L 19 79.65 -13.12 -18.19
N ASN L 20 79.96 -13.22 -19.50
CA ASN L 20 80.82 -12.28 -20.19
C ASN L 20 80.27 -10.87 -20.04
N LYS L 21 81.16 -9.95 -19.64
CA LYS L 21 80.84 -8.53 -19.60
C LYS L 21 80.47 -8.06 -21.00
N LEU L 22 79.65 -7.00 -21.06
CA LEU L 22 79.22 -6.41 -22.32
C LEU L 22 80.42 -5.90 -23.10
N GLN L 23 81.52 -5.62 -22.38
CA GLN L 23 82.75 -5.14 -22.98
C GLN L 23 83.26 -6.17 -23.98
N ILE L 24 83.09 -7.48 -23.65
CA ILE L 24 83.50 -8.56 -24.54
C ILE L 24 82.82 -8.38 -25.90
N VAL L 25 81.53 -8.03 -25.88
CA VAL L 25 80.76 -7.78 -27.08
C VAL L 25 81.30 -6.55 -27.80
N PHE L 26 81.62 -5.50 -27.03
CA PHE L 26 82.18 -4.26 -27.55
C PHE L 26 83.50 -4.54 -28.27
N ASP L 27 84.35 -5.38 -27.66
CA ASP L 27 85.63 -5.73 -28.26
C ASP L 27 85.41 -6.49 -29.56
N PHE L 28 84.39 -7.37 -29.58
CA PHE L 28 84.05 -8.12 -30.78
C PHE L 28 83.70 -7.17 -31.92
N VAL L 29 82.87 -6.16 -31.63
CA VAL L 29 82.51 -5.19 -32.65
C VAL L 29 83.70 -4.30 -32.95
N ALA L 30 84.56 -4.11 -31.94
CA ALA L 30 85.79 -3.34 -32.06
C ALA L 30 86.81 -4.10 -32.90
N SER L 31 86.62 -5.42 -33.09
CA SER L 31 87.47 -6.22 -33.96
C SER L 31 87.30 -5.76 -35.41
N LYS L 32 86.05 -5.72 -35.86
CA LYS L 32 85.70 -5.09 -37.13
C LYS L 32 85.81 -3.58 -36.97
N GLY L 33 85.64 -2.83 -38.08
CA GLY L 33 85.84 -1.39 -38.09
C GLY L 33 84.70 -0.63 -37.43
N PHE L 34 84.38 -1.02 -36.19
CA PHE L 34 83.23 -0.49 -35.46
C PHE L 34 83.65 -0.11 -34.04
N PRO L 35 84.33 1.05 -33.86
CA PRO L 35 84.69 1.55 -32.53
C PRO L 35 83.44 2.03 -31.79
N TRP L 36 83.48 1.95 -30.46
CA TRP L 36 82.44 2.45 -29.57
C TRP L 36 82.19 3.93 -29.82
N ASP L 37 83.28 4.67 -30.12
CA ASP L 37 83.22 6.10 -30.39
C ASP L 37 82.46 6.37 -31.69
N GLU L 38 82.79 5.62 -32.75
CA GLU L 38 82.31 5.95 -34.08
C GLU L 38 80.98 5.24 -34.40
N TYR L 39 80.65 4.17 -33.67
CA TYR L 39 79.50 3.33 -33.98
C TYR L 39 78.67 2.99 -32.74
N LYS L 40 77.33 2.91 -32.94
CA LYS L 40 76.41 2.50 -31.88
C LYS L 40 75.87 1.10 -32.17
N LEU L 41 75.59 0.38 -31.09
CA LEU L 41 74.95 -0.94 -31.17
C LEU L 41 73.50 -0.82 -30.66
N LEU L 42 72.54 -0.98 -31.60
CA LEU L 42 71.13 -0.76 -31.34
C LEU L 42 70.39 -2.08 -31.27
N SER L 43 69.34 -2.10 -30.43
CA SER L 43 68.38 -3.19 -30.35
C SER L 43 67.01 -2.69 -30.84
N THR L 44 66.24 -3.57 -31.51
CA THR L 44 64.90 -3.20 -31.93
C THR L 44 63.92 -4.18 -31.27
N PHE L 45 62.71 -3.70 -30.92
CA PHE L 45 61.67 -4.47 -30.26
C PHE L 45 62.28 -5.37 -29.18
N PRO L 46 62.77 -4.82 -28.03
CA PRO L 46 62.62 -3.41 -27.69
C PRO L 46 63.69 -2.52 -28.30
N ARG L 47 63.44 -1.21 -28.29
CA ARG L 47 64.37 -0.24 -28.85
C ARG L 47 65.30 0.26 -27.74
N ARG L 48 66.59 -0.04 -27.87
CA ARG L 48 67.59 0.44 -26.92
C ARG L 48 68.95 0.53 -27.61
N ASP L 49 69.87 1.28 -26.98
CA ASP L 49 71.23 1.43 -27.48
C ASP L 49 72.19 0.78 -26.47
N VAL L 50 72.64 -0.44 -26.80
CA VAL L 50 73.49 -1.24 -25.92
C VAL L 50 74.83 -0.53 -25.69
N THR L 51 75.23 0.29 -26.67
CA THR L 51 76.49 1.01 -26.65
C THR L 51 76.67 1.72 -25.30
N GLN L 52 75.61 2.37 -24.82
CA GLN L 52 75.68 3.21 -23.62
C GLN L 52 75.49 2.41 -22.34
N LEU L 53 75.13 1.12 -22.47
CA LEU L 53 74.98 0.28 -21.28
C LEU L 53 76.35 0.01 -20.66
N ASP L 54 76.36 -0.30 -19.35
CA ASP L 54 77.60 -0.49 -18.60
C ASP L 54 78.33 -1.74 -19.10
N PRO L 55 79.61 -1.62 -19.57
CA PRO L 55 80.35 -2.77 -20.10
C PRO L 55 80.64 -3.87 -19.08
N ASN L 56 80.73 -3.49 -17.80
CA ASN L 56 81.09 -4.42 -16.74
C ASN L 56 79.95 -5.38 -16.38
N LYS L 57 78.70 -4.95 -16.60
CA LYS L 57 77.54 -5.79 -16.36
C LYS L 57 77.57 -7.03 -17.25
N SER L 58 77.06 -8.14 -16.71
CA SER L 58 76.92 -9.40 -17.42
C SER L 58 75.89 -9.26 -18.55
N LEU L 59 76.04 -10.06 -19.63
CA LEU L 59 75.12 -9.92 -20.74
C LEU L 59 73.70 -10.31 -20.34
N LEU L 60 73.57 -11.17 -19.32
CA LEU L 60 72.27 -11.44 -18.69
C LEU L 60 71.73 -10.18 -18.02
N GLU L 61 72.61 -9.44 -17.33
CA GLU L 61 72.21 -8.27 -16.55
C GLU L 61 71.87 -7.09 -17.46
N VAL L 62 72.56 -6.99 -18.62
CA VAL L 62 72.26 -5.94 -19.60
C VAL L 62 70.99 -6.32 -20.36
N LYS L 63 70.31 -7.38 -19.90
CA LYS L 63 69.06 -7.88 -20.45
C LYS L 63 69.20 -8.12 -21.95
N LEU L 64 70.28 -8.79 -22.35
CA LEU L 64 70.36 -9.29 -23.72
C LEU L 64 69.80 -10.71 -23.73
N PHE L 65 68.77 -10.92 -24.56
CA PHE L 65 68.06 -12.17 -24.67
C PHE L 65 69.02 -13.24 -25.19
N PRO L 66 68.89 -14.53 -24.79
CA PRO L 66 69.70 -15.62 -25.36
C PRO L 66 69.93 -15.57 -26.88
N GLN L 67 68.92 -15.12 -27.62
CA GLN L 67 69.10 -14.72 -29.02
C GLN L 67 68.71 -13.25 -29.17
N GLU L 68 69.55 -12.45 -29.83
CA GLU L 68 69.22 -11.05 -30.09
C GLU L 68 69.86 -10.63 -31.41
N THR L 69 69.06 -10.02 -32.29
CA THR L 69 69.60 -9.31 -33.44
C THR L 69 69.95 -7.88 -33.05
N LEU L 70 71.15 -7.43 -33.41
CA LEU L 70 71.61 -6.08 -33.09
C LEU L 70 72.07 -5.37 -34.38
N PHE L 71 72.10 -4.03 -34.33
CA PHE L 71 72.40 -3.23 -35.51
C PHE L 71 73.44 -2.17 -35.15
N LEU L 72 74.23 -1.79 -36.16
CA LEU L 72 75.29 -0.81 -35.98
C LEU L 72 74.96 0.46 -36.76
N GLU L 73 75.10 1.59 -36.08
CA GLU L 73 74.89 2.88 -36.72
C GLU L 73 75.95 3.85 -36.22
N ALA L 74 76.47 4.67 -37.14
CA ALA L 74 77.50 5.66 -36.84
C ALA L 74 76.95 6.70 -35.87
N LYS L 75 77.69 6.96 -34.78
CA LYS L 75 77.25 7.87 -33.72
C LYS L 75 77.15 9.31 -34.22
N GLU L 76 77.60 9.58 -35.45
CA GLU L 76 77.55 10.89 -36.08
C GLU L 76 77.19 11.96 -35.06
N ASN M 1 -27.23 -63.81 17.87
CA ASN M 1 -28.06 -65.03 18.00
C ASN M 1 -29.53 -64.67 17.75
N ARG M 2 -30.32 -64.57 18.83
CA ARG M 2 -31.76 -64.62 18.79
C ARG M 2 -32.26 -63.36 18.05
N PRO M 3 -33.33 -63.46 17.20
CA PRO M 3 -33.82 -62.32 16.45
C PRO M 3 -34.48 -61.22 17.30
N ASN M 4 -34.84 -61.57 18.55
CA ASN M 4 -35.37 -60.62 19.51
C ASN M 4 -34.33 -59.55 19.89
N ARG M 5 -33.03 -59.81 19.65
CA ARG M 5 -31.98 -58.83 19.86
C ARG M 5 -31.89 -57.83 18.70
N LEU M 6 -31.89 -56.53 19.05
CA LEU M 6 -31.87 -55.42 18.12
C LEU M 6 -30.93 -54.33 18.61
N ILE M 7 -30.54 -53.42 17.70
CA ILE M 7 -29.62 -52.34 18.00
C ILE M 7 -30.41 -51.05 18.22
N VAL M 8 -30.13 -50.38 19.34
CA VAL M 8 -30.83 -49.15 19.72
C VAL M 8 -30.48 -48.05 18.73
N ASP M 9 -31.52 -47.42 18.16
CA ASP M 9 -31.34 -46.34 17.20
C ASP M 9 -32.14 -45.13 17.66
N GLU M 10 -31.92 -43.99 17.00
CA GLU M 10 -32.63 -42.75 17.31
C GLU M 10 -34.10 -42.92 16.99
N ALA M 11 -34.94 -42.01 17.51
CA ALA M 11 -36.38 -42.16 17.37
C ALA M 11 -36.95 -41.12 16.40
N ILE M 12 -37.72 -41.58 15.42
CA ILE M 12 -38.50 -40.72 14.53
C ILE M 12 -39.69 -40.12 15.28
N ASN M 13 -40.42 -40.95 16.04
CA ASN M 13 -41.54 -40.47 16.82
C ASN M 13 -41.09 -40.21 18.27
N GLU M 14 -41.39 -39.00 18.77
CA GLU M 14 -40.88 -38.56 20.07
C GLU M 14 -41.80 -38.93 21.22
N ASP M 15 -42.83 -39.72 20.96
CA ASP M 15 -43.72 -40.19 22.02
C ASP M 15 -42.98 -41.19 22.93
N ASN M 16 -43.05 -40.94 24.24
CA ASN M 16 -42.25 -41.69 25.19
C ASN M 16 -42.56 -43.17 25.14
N SER M 17 -43.80 -43.50 24.73
CA SER M 17 -44.31 -44.85 24.90
C SER M 17 -44.20 -45.62 23.60
N VAL M 18 -43.48 -45.07 22.63
CA VAL M 18 -43.42 -45.69 21.31
C VAL M 18 -42.00 -46.17 21.00
N VAL M 19 -41.93 -47.39 20.45
CA VAL M 19 -40.74 -47.92 19.81
C VAL M 19 -41.09 -48.34 18.39
N SER M 20 -40.08 -48.28 17.51
CA SER M 20 -40.32 -48.52 16.10
C SER M 20 -39.39 -49.62 15.58
N LEU M 21 -39.97 -50.48 14.72
CA LEU M 21 -39.32 -51.63 14.10
C LEU M 21 -39.70 -51.66 12.62
N SER M 22 -38.89 -52.34 11.80
CA SER M 22 -39.29 -52.56 10.42
C SER M 22 -40.46 -53.55 10.40
N GLN M 23 -41.38 -53.37 9.45
CA GLN M 23 -42.50 -54.29 9.35
C GLN M 23 -41.98 -55.72 9.25
N PRO M 24 -41.00 -56.02 8.35
CA PRO M 24 -40.35 -57.34 8.32
C PRO M 24 -40.11 -57.92 9.70
N LYS M 25 -39.45 -57.13 10.56
CA LYS M 25 -39.07 -57.57 11.89
C LYS M 25 -40.31 -57.81 12.74
N MET M 26 -41.32 -56.95 12.57
CA MET M 26 -42.56 -57.05 13.32
C MET M 26 -43.29 -58.34 12.90
N ASP M 27 -43.32 -58.60 11.59
CA ASP M 27 -43.88 -59.82 11.03
C ASP M 27 -43.13 -61.02 11.58
N GLU M 28 -41.80 -61.01 11.44
CA GLU M 28 -40.92 -62.05 11.97
C GLU M 28 -41.23 -62.34 13.43
N LEU M 29 -41.49 -61.30 14.22
CA LEU M 29 -41.71 -61.44 15.66
C LEU M 29 -43.22 -61.53 15.95
N GLN M 30 -44.03 -61.54 14.89
CA GLN M 30 -45.48 -61.61 14.97
C GLN M 30 -46.01 -60.47 15.85
N LEU M 31 -45.71 -59.23 15.45
CA LEU M 31 -46.12 -58.07 16.23
C LEU M 31 -47.15 -57.27 15.44
N PHE M 32 -48.18 -56.81 16.17
CA PHE M 32 -49.25 -56.03 15.60
C PHE M 32 -49.08 -54.57 16.03
N ARG M 33 -49.45 -53.63 15.14
CA ARG M 33 -49.37 -52.22 15.48
C ARG M 33 -50.05 -51.95 16.82
N GLY M 34 -49.28 -51.46 17.80
CA GLY M 34 -49.89 -51.04 19.04
C GLY M 34 -49.71 -52.10 20.12
N ASP M 35 -49.17 -53.26 19.73
CA ASP M 35 -48.92 -54.33 20.68
C ASP M 35 -47.95 -53.81 21.74
N THR M 36 -48.30 -53.99 23.01
CA THR M 36 -47.35 -53.75 24.08
C THR M 36 -46.21 -54.77 23.98
N VAL M 37 -44.97 -54.27 24.04
CA VAL M 37 -43.78 -55.09 24.01
C VAL M 37 -42.98 -54.87 25.30
N LEU M 38 -42.23 -55.89 25.71
CA LEU M 38 -41.32 -55.77 26.84
C LEU M 38 -39.89 -55.74 26.32
N LEU M 39 -39.15 -54.71 26.74
CA LEU M 39 -37.78 -54.52 26.30
C LEU M 39 -36.86 -54.75 27.50
N LYS M 40 -35.78 -55.52 27.26
CA LYS M 40 -34.83 -55.80 28.31
C LYS M 40 -33.51 -55.13 27.91
N GLY M 41 -32.84 -54.53 28.90
CA GLY M 41 -31.60 -53.80 28.69
C GLY M 41 -30.54 -54.14 29.74
N LYS M 42 -29.57 -53.23 29.91
CA LYS M 42 -28.46 -53.44 30.83
C LYS M 42 -28.94 -53.23 32.27
N LYS M 43 -28.08 -53.59 33.23
CA LYS M 43 -28.37 -53.54 34.66
C LYS M 43 -29.71 -54.22 34.95
N ARG M 44 -30.06 -55.19 34.09
CA ARG M 44 -31.27 -56.00 34.18
C ARG M 44 -32.51 -55.13 34.24
N ARG M 45 -32.41 -53.91 33.69
CA ARG M 45 -33.54 -52.98 33.65
C ARG M 45 -34.52 -53.45 32.57
N GLU M 46 -35.79 -53.08 32.73
CA GLU M 46 -36.86 -53.48 31.81
C GLU M 46 -37.76 -52.29 31.51
N ALA M 47 -38.47 -52.37 30.37
CA ALA M 47 -39.43 -51.35 30.00
C ALA M 47 -40.50 -51.93 29.08
N VAL M 48 -41.69 -51.33 29.13
CA VAL M 48 -42.81 -51.75 28.30
C VAL M 48 -43.23 -50.58 27.43
N CYS M 49 -43.52 -50.85 26.15
CA CYS M 49 -43.78 -49.81 25.16
C CYS M 49 -44.78 -50.31 24.12
N ILE M 50 -45.19 -49.39 23.25
CA ILE M 50 -46.06 -49.66 22.12
C ILE M 50 -45.19 -49.78 20.87
N VAL M 51 -45.42 -50.81 20.05
CA VAL M 51 -44.61 -50.96 18.85
C VAL M 51 -45.39 -50.43 17.63
N LEU M 52 -44.66 -49.74 16.74
CA LEU M 52 -45.18 -49.27 15.46
C LEU M 52 -44.13 -49.55 14.39
N SER M 53 -44.46 -49.25 13.13
CA SER M 53 -43.58 -49.66 12.04
C SER M 53 -42.98 -48.42 11.39
N ASP M 54 -41.64 -48.41 11.26
CA ASP M 54 -40.97 -47.33 10.57
C ASP M 54 -40.32 -47.88 9.30
N ASP M 55 -40.64 -47.27 8.15
CA ASP M 55 -40.07 -47.65 6.87
C ASP M 55 -38.55 -47.55 6.94
N THR M 56 -38.05 -46.43 7.49
CA THR M 56 -36.64 -46.10 7.49
C THR M 56 -35.85 -47.02 8.44
N CYS M 57 -36.55 -47.63 9.41
CA CYS M 57 -35.89 -48.43 10.43
C CYS M 57 -35.33 -49.69 9.79
N SER M 58 -34.00 -49.84 9.86
CA SER M 58 -33.30 -51.05 9.50
C SER M 58 -33.79 -52.23 10.34
N ASP M 59 -33.85 -53.42 9.74
CA ASP M 59 -34.54 -54.57 10.31
C ASP M 59 -33.92 -54.97 11.64
N GLU M 60 -32.61 -54.76 11.75
CA GLU M 60 -31.85 -55.21 12.89
C GLU M 60 -31.82 -54.15 13.99
N LYS M 61 -32.55 -53.03 13.79
CA LYS M 61 -32.51 -51.91 14.73
C LYS M 61 -33.89 -51.62 15.31
N ILE M 62 -33.89 -50.98 16.48
CA ILE M 62 -35.10 -50.46 17.13
C ILE M 62 -34.93 -48.96 17.36
N ARG M 63 -36.00 -48.20 17.14
CA ARG M 63 -35.97 -46.78 17.42
C ARG M 63 -36.67 -46.52 18.74
N MET M 64 -35.95 -45.91 19.68
CA MET M 64 -36.57 -45.50 20.93
C MET M 64 -36.05 -44.13 21.36
N ASN M 65 -36.91 -43.33 21.99
CA ASN M 65 -36.56 -42.02 22.52
C ASN M 65 -35.65 -42.21 23.74
N ARG M 66 -35.17 -41.09 24.27
CA ARG M 66 -34.11 -41.10 25.26
C ARG M 66 -34.70 -41.49 26.61
N VAL M 67 -36.02 -41.28 26.78
CA VAL M 67 -36.70 -41.72 28.00
C VAL M 67 -36.49 -43.22 28.18
N VAL M 68 -36.88 -43.98 27.13
CA VAL M 68 -36.79 -45.43 27.10
C VAL M 68 -35.35 -45.88 27.32
N ARG M 69 -34.42 -45.28 26.56
CA ARG M 69 -33.02 -45.67 26.61
C ARG M 69 -32.52 -45.61 28.04
N ASN M 70 -32.88 -44.52 28.74
CA ASN M 70 -32.45 -44.30 30.12
C ASN M 70 -33.04 -45.38 31.02
N ASN M 71 -34.33 -45.68 30.80
CA ASN M 71 -35.03 -46.68 31.58
C ASN M 71 -34.39 -48.04 31.39
N LEU M 72 -33.96 -48.31 30.16
CA LEU M 72 -33.29 -49.56 29.86
C LEU M 72 -31.80 -49.47 30.15
N ARG M 73 -31.33 -48.32 30.67
CA ARG M 73 -29.92 -48.05 30.90
C ARG M 73 -29.05 -48.45 29.70
N VAL M 74 -29.53 -48.18 28.48
CA VAL M 74 -28.74 -48.41 27.27
C VAL M 74 -28.47 -47.06 26.61
N ARG M 75 -27.46 -47.06 25.73
CA ARG M 75 -27.12 -45.92 24.91
C ARG M 75 -27.29 -46.29 23.45
N LEU M 76 -27.30 -45.29 22.56
CA LEU M 76 -27.44 -45.56 21.14
C LEU M 76 -26.34 -46.50 20.69
N GLY M 77 -26.74 -47.56 19.98
CA GLY M 77 -25.80 -48.54 19.46
C GLY M 77 -25.71 -49.80 20.32
N ASP M 78 -26.33 -49.77 21.51
CA ASP M 78 -26.41 -50.94 22.38
C ASP M 78 -27.40 -51.94 21.79
N VAL M 79 -27.42 -53.14 22.39
CA VAL M 79 -28.35 -54.17 21.95
C VAL M 79 -29.42 -54.37 23.02
N ILE M 80 -30.65 -54.61 22.60
CA ILE M 80 -31.75 -54.88 23.53
C ILE M 80 -32.48 -56.14 23.06
N SER M 81 -33.32 -56.68 23.95
CA SER M 81 -34.18 -57.82 23.64
C SER M 81 -35.64 -57.38 23.67
N ILE M 82 -36.38 -57.79 22.64
CA ILE M 82 -37.79 -57.44 22.54
C ILE M 82 -38.61 -58.73 22.58
N GLN M 83 -39.58 -58.78 23.48
CA GLN M 83 -40.52 -59.88 23.58
C GLN M 83 -41.92 -59.30 23.73
N PRO M 84 -42.97 -59.94 23.16
CA PRO M 84 -44.34 -59.51 23.36
C PRO M 84 -44.78 -59.60 24.83
N CYS M 85 -45.76 -58.76 25.18
CA CYS M 85 -46.23 -58.67 26.55
C CYS M 85 -47.75 -58.55 26.51
N PRO M 86 -48.48 -59.62 26.10
CA PRO M 86 -49.93 -59.54 25.92
C PRO M 86 -50.72 -59.63 27.23
N ASP M 87 -50.01 -59.96 28.31
CA ASP M 87 -50.52 -60.10 29.66
C ASP M 87 -50.75 -58.74 30.33
N VAL M 88 -50.81 -57.67 29.54
CA VAL M 88 -51.07 -56.32 29.99
C VAL M 88 -52.52 -56.19 30.44
N LYS M 89 -52.70 -55.93 31.74
CA LYS M 89 -54.02 -55.64 32.30
C LYS M 89 -54.15 -54.14 32.51
N TYR M 90 -55.26 -53.55 32.01
CA TYR M 90 -55.67 -52.22 32.43
C TYR M 90 -55.63 -52.16 33.96
N GLY M 91 -54.50 -51.72 34.51
CA GLY M 91 -54.29 -51.68 35.96
C GLY M 91 -55.22 -50.67 36.63
N LYS M 92 -55.40 -50.84 37.94
CA LYS M 92 -56.40 -50.07 38.67
C LYS M 92 -55.76 -48.81 39.23
N ARG M 93 -54.69 -48.98 40.02
CA ARG M 93 -54.05 -47.90 40.76
C ARG M 93 -52.57 -47.81 40.41
N ILE M 94 -52.09 -46.61 40.01
CA ILE M 94 -50.67 -46.32 39.88
C ILE M 94 -50.30 -45.15 40.77
N HIS M 95 -49.06 -45.20 41.27
CA HIS M 95 -48.52 -44.16 42.14
C HIS M 95 -47.23 -43.57 41.53
N VAL M 96 -47.26 -42.27 41.22
CA VAL M 96 -46.18 -41.59 40.53
C VAL M 96 -45.77 -40.36 41.34
N LEU M 97 -44.47 -40.12 41.37
CA LEU M 97 -43.92 -39.00 42.13
C LEU M 97 -42.89 -38.27 41.25
N PRO M 98 -42.83 -36.92 41.32
CA PRO M 98 -41.86 -36.18 40.52
C PRO M 98 -40.47 -36.17 41.14
N ILE M 99 -39.45 -36.08 40.28
CA ILE M 99 -38.07 -35.90 40.70
C ILE M 99 -37.84 -34.44 41.06
N ASP M 100 -37.10 -34.20 42.15
CA ASP M 100 -36.99 -32.90 42.79
C ASP M 100 -36.51 -31.82 41.81
N ASP M 101 -35.40 -32.05 41.11
CA ASP M 101 -34.80 -31.09 40.20
C ASP M 101 -35.81 -30.54 39.19
N THR M 102 -36.63 -31.44 38.63
CA THR M 102 -37.54 -31.06 37.56
C THR M 102 -38.69 -30.16 38.04
N VAL M 103 -39.01 -30.18 39.34
CA VAL M 103 -40.23 -29.50 39.77
C VAL M 103 -39.91 -28.24 40.57
N GLU M 104 -38.64 -27.86 40.65
CA GLU M 104 -38.24 -26.66 41.38
C GLU M 104 -38.90 -25.44 40.77
N GLY M 105 -39.70 -24.72 41.56
CA GLY M 105 -40.37 -23.53 41.07
C GLY M 105 -41.80 -23.81 40.60
N ILE M 106 -42.06 -25.07 40.23
CA ILE M 106 -43.38 -25.45 39.72
C ILE M 106 -44.33 -25.48 40.90
N THR M 107 -45.46 -24.77 40.74
CA THR M 107 -46.43 -24.61 41.81
C THR M 107 -47.83 -24.83 41.27
N GLY M 108 -48.07 -26.02 40.68
CA GLY M 108 -49.38 -26.36 40.18
C GLY M 108 -49.88 -27.67 40.79
N ASN M 109 -51.09 -28.07 40.41
CA ASN M 109 -51.49 -29.46 40.57
C ASN M 109 -50.89 -30.22 39.38
N LEU M 110 -49.78 -30.89 39.65
CA LEU M 110 -49.03 -31.68 38.70
C LEU M 110 -49.96 -32.60 37.90
N PHE M 111 -51.01 -33.11 38.59
CA PHE M 111 -51.95 -33.99 37.93
C PHE M 111 -52.58 -33.29 36.73
N GLU M 112 -53.25 -32.17 36.99
CA GLU M 112 -54.05 -31.49 35.97
C GLU M 112 -53.14 -30.99 34.85
N VAL M 113 -52.02 -30.36 35.23
CA VAL M 113 -51.10 -29.77 34.26
C VAL M 113 -50.34 -30.84 33.48
N TYR M 114 -49.65 -31.75 34.17
CA TYR M 114 -48.76 -32.70 33.52
C TYR M 114 -49.46 -34.06 33.32
N LEU M 115 -49.71 -34.76 34.44
CA LEU M 115 -50.06 -36.18 34.44
C LEU M 115 -51.36 -36.47 33.67
N LYS M 116 -52.42 -35.71 33.97
CA LYS M 116 -53.73 -35.98 33.41
C LYS M 116 -53.68 -36.09 31.88
N PRO M 117 -53.27 -35.03 31.15
CA PRO M 117 -53.29 -35.07 29.68
C PRO M 117 -52.23 -35.99 29.07
N TYR M 118 -51.18 -36.32 29.86
CA TYR M 118 -50.17 -37.26 29.41
C TYR M 118 -50.84 -38.60 29.15
N PHE M 119 -51.53 -39.10 30.19
CA PHE M 119 -52.11 -40.44 30.23
C PHE M 119 -53.46 -40.50 29.54
N LEU M 120 -54.12 -39.36 29.40
CA LEU M 120 -55.51 -39.28 28.99
C LEU M 120 -55.71 -39.98 27.65
N GLU M 121 -56.50 -41.07 27.67
CA GLU M 121 -56.92 -41.81 26.49
C GLU M 121 -55.70 -42.24 25.68
N ALA M 122 -54.55 -42.34 26.36
CA ALA M 122 -53.31 -42.72 25.71
C ALA M 122 -53.18 -44.23 25.76
N TYR M 123 -53.72 -44.82 26.83
CA TYR M 123 -53.62 -46.25 27.08
C TYR M 123 -52.14 -46.63 27.13
N ARG M 124 -51.36 -45.83 27.88
CA ARG M 124 -49.92 -45.96 27.92
C ARG M 124 -49.52 -47.13 28.82
N PRO M 125 -48.70 -48.09 28.32
CA PRO M 125 -48.12 -49.12 29.19
C PRO M 125 -47.07 -48.49 30.09
N ILE M 126 -47.08 -48.84 31.38
CA ILE M 126 -46.11 -48.38 32.35
C ILE M 126 -45.58 -49.55 33.16
N ARG M 127 -44.32 -49.41 33.60
CA ARG M 127 -43.72 -50.41 34.46
C ARG M 127 -43.24 -49.74 35.74
N LYS M 128 -43.12 -50.50 36.82
CA LYS M 128 -42.67 -49.90 38.06
C LYS M 128 -41.23 -49.48 37.83
N GLY M 129 -40.83 -48.36 38.47
CA GLY M 129 -39.45 -47.90 38.46
C GLY M 129 -39.07 -47.13 37.19
N ASP M 130 -40.05 -46.95 36.29
CA ASP M 130 -39.90 -46.15 35.08
C ASP M 130 -39.89 -44.68 35.45
N ILE M 131 -39.07 -43.90 34.74
CA ILE M 131 -39.11 -42.44 34.81
C ILE M 131 -39.59 -41.97 33.45
N PHE M 132 -40.66 -41.17 33.46
CA PHE M 132 -41.21 -40.64 32.22
C PHE M 132 -41.19 -39.12 32.29
N LEU M 133 -41.36 -38.48 31.12
CA LEU M 133 -41.16 -37.03 31.02
C LEU M 133 -42.40 -36.41 30.41
N VAL M 134 -42.95 -35.39 31.09
CA VAL M 134 -44.10 -34.67 30.57
C VAL M 134 -43.66 -33.23 30.35
N ARG M 135 -44.02 -32.70 29.19
CA ARG M 135 -43.57 -31.36 28.82
C ARG M 135 -44.77 -30.43 28.89
N GLY M 136 -44.58 -29.26 29.49
CA GLY M 136 -45.59 -28.22 29.46
C GLY M 136 -45.21 -27.03 30.34
N GLY M 137 -45.94 -25.93 30.18
CA GLY M 137 -45.71 -24.70 30.92
C GLY M 137 -44.27 -24.23 30.86
N MET M 138 -43.71 -24.32 29.64
CA MET M 138 -42.33 -23.98 29.33
C MET M 138 -41.35 -24.71 30.25
N ARG M 139 -41.71 -25.95 30.65
CA ARG M 139 -40.81 -26.81 31.43
C ARG M 139 -41.04 -28.26 31.03
N ALA M 140 -40.19 -29.15 31.53
CA ALA M 140 -40.39 -30.58 31.39
C ALA M 140 -40.11 -31.26 32.73
N VAL M 141 -41.10 -32.01 33.23
CA VAL M 141 -41.07 -32.64 34.55
C VAL M 141 -40.83 -34.13 34.38
N GLU M 142 -39.94 -34.69 35.21
CA GLU M 142 -39.69 -36.12 35.26
C GLU M 142 -40.45 -36.73 36.43
N PHE M 143 -41.30 -37.73 36.14
CA PHE M 143 -42.00 -38.50 37.14
C PHE M 143 -41.50 -39.93 37.14
N LYS M 144 -41.31 -40.51 38.35
CA LYS M 144 -41.01 -41.92 38.52
C LYS M 144 -42.27 -42.67 38.96
N VAL M 145 -42.47 -43.85 38.38
CA VAL M 145 -43.56 -44.75 38.75
C VAL M 145 -43.09 -45.52 39.97
N VAL M 146 -43.65 -45.17 41.15
CA VAL M 146 -43.25 -45.75 42.43
C VAL M 146 -44.02 -47.05 42.66
N GLU M 147 -45.32 -47.08 42.32
CA GLU M 147 -46.09 -48.30 42.45
C GLU M 147 -47.13 -48.43 41.33
N THR M 148 -47.36 -49.67 40.89
CA THR M 148 -48.40 -49.97 39.94
C THR M 148 -49.31 -51.08 40.49
N ASP M 149 -50.58 -51.07 40.04
CA ASP M 149 -51.60 -52.02 40.45
C ASP M 149 -51.11 -53.45 40.29
N PRO M 150 -51.10 -54.05 39.07
CA PRO M 150 -50.28 -55.25 38.85
C PRO M 150 -48.81 -54.86 39.01
N SER M 151 -48.05 -55.63 39.80
CA SER M 151 -46.77 -55.18 40.30
C SER M 151 -45.80 -54.85 39.17
N PRO M 152 -45.56 -55.77 38.20
CA PRO M 152 -44.64 -55.44 37.09
C PRO M 152 -45.21 -54.36 36.18
N TYR M 153 -46.20 -54.71 35.35
CA TYR M 153 -46.65 -53.84 34.26
C TYR M 153 -48.13 -53.52 34.48
N CYS M 154 -48.60 -52.51 33.76
CA CYS M 154 -49.97 -52.05 33.82
C CYS M 154 -50.24 -51.19 32.57
N ILE M 155 -51.48 -51.14 32.10
CA ILE M 155 -51.85 -50.11 31.16
C ILE M 155 -52.67 -49.04 31.88
N VAL M 156 -52.20 -47.78 31.86
CA VAL M 156 -52.98 -46.69 32.40
C VAL M 156 -54.12 -46.38 31.45
N ALA M 157 -55.32 -46.83 31.84
CA ALA M 157 -56.56 -46.73 31.10
C ALA M 157 -57.49 -45.77 31.83
N PRO M 158 -58.58 -45.27 31.19
CA PRO M 158 -59.36 -44.15 31.73
C PRO M 158 -59.64 -44.26 33.23
N ASP M 159 -60.13 -45.44 33.66
CA ASP M 159 -60.50 -45.68 35.04
C ASP M 159 -59.29 -45.94 35.94
N THR M 160 -58.08 -45.93 35.37
CA THR M 160 -56.89 -46.11 36.19
C THR M 160 -56.77 -44.93 37.14
N VAL M 161 -56.64 -45.24 38.43
CA VAL M 161 -56.41 -44.21 39.44
C VAL M 161 -54.94 -43.82 39.39
N ILE M 162 -54.70 -42.52 39.19
CA ILE M 162 -53.37 -41.97 39.23
C ILE M 162 -53.21 -41.19 40.54
N HIS M 163 -52.21 -41.58 41.34
CA HIS M 163 -52.04 -40.94 42.62
C HIS M 163 -50.66 -40.28 42.69
N CYS M 164 -50.62 -39.00 43.08
CA CYS M 164 -49.39 -38.31 43.43
C CYS M 164 -49.42 -37.93 44.91
N GLU M 165 -48.46 -38.48 45.67
CA GLU M 165 -48.39 -38.36 47.12
C GLU M 165 -47.85 -36.99 47.50
N GLY M 166 -47.11 -36.36 46.58
CA GLY M 166 -46.69 -34.98 46.73
C GLY M 166 -45.43 -34.82 47.59
N GLU M 167 -44.55 -35.83 47.54
CA GLU M 167 -43.21 -35.68 48.10
C GLU M 167 -42.21 -35.92 46.97
N PRO M 168 -41.51 -34.87 46.47
CA PRO M 168 -40.58 -35.03 45.33
C PRO M 168 -39.40 -35.93 45.69
N ILE M 169 -39.19 -36.98 44.86
CA ILE M 169 -38.14 -37.96 45.08
C ILE M 169 -36.80 -37.39 44.63
N LYS M 170 -35.72 -37.95 45.19
CA LYS M 170 -34.37 -37.58 44.84
C LYS M 170 -33.98 -38.32 43.56
N ARG M 171 -32.89 -37.86 42.93
CA ARG M 171 -32.40 -38.50 41.72
C ARG M 171 -31.28 -39.48 42.10
N ALA M 172 -31.45 -40.76 41.76
CA ALA M 172 -30.42 -41.76 41.99
C ALA M 172 -29.26 -41.56 41.01
N ALA M 173 -28.08 -42.13 41.33
CA ALA M 173 -26.84 -41.81 40.64
C ALA M 173 -26.87 -42.26 39.19
N ALA M 174 -27.52 -43.40 38.92
CA ALA M 174 -27.60 -43.97 37.58
C ALA M 174 -28.63 -43.24 36.70
N GLU M 175 -29.56 -42.50 37.32
CA GLU M 175 -30.61 -41.76 36.62
C GLU M 175 -30.05 -40.48 36.02
N GLU M 176 -30.19 -40.32 34.69
CA GLU M 176 -29.70 -39.14 33.99
C GLU M 176 -30.85 -38.18 33.69
N SER M 177 -30.54 -36.88 33.78
CA SER M 177 -31.52 -35.84 33.48
C SER M 177 -31.93 -35.89 32.01
N LEU M 178 -33.23 -35.75 31.77
CA LEU M 178 -33.72 -35.66 30.41
C LEU M 178 -33.66 -34.20 29.99
N ASN M 179 -33.24 -33.33 30.91
CA ASN M 179 -32.98 -31.94 30.60
C ASN M 179 -31.53 -31.76 30.12
N GLU M 180 -30.70 -32.80 30.22
CA GLU M 180 -29.40 -32.85 29.58
C GLU M 180 -29.57 -32.78 28.06
N VAL M 181 -28.57 -32.24 27.37
CA VAL M 181 -28.66 -32.07 25.93
C VAL M 181 -28.41 -33.41 25.26
N GLY M 182 -29.21 -33.75 24.23
CA GLY M 182 -28.96 -34.94 23.43
C GLY M 182 -29.15 -34.67 21.94
N TYR M 183 -28.97 -35.71 21.11
CA TYR M 183 -29.10 -35.52 19.67
C TYR M 183 -30.49 -34.99 19.34
N ASP M 184 -31.47 -35.30 20.21
CA ASP M 184 -32.86 -34.92 20.00
C ASP M 184 -33.04 -33.41 20.14
N ASP M 185 -31.99 -32.72 20.62
CA ASP M 185 -32.07 -31.29 20.82
C ASP M 185 -31.36 -30.55 19.70
N ILE M 186 -30.83 -31.33 18.76
CA ILE M 186 -30.03 -30.79 17.68
C ILE M 186 -30.82 -31.02 16.40
N GLY M 187 -31.15 -29.95 15.68
CA GLY M 187 -31.84 -30.09 14.41
C GLY M 187 -31.06 -29.48 13.26
N GLY M 188 -31.11 -30.13 12.10
CA GLY M 188 -30.51 -29.53 10.93
C GLY M 188 -29.10 -30.03 10.59
N CYS M 189 -28.42 -30.77 11.47
CA CYS M 189 -27.06 -31.15 11.11
C CYS M 189 -26.94 -32.65 10.95
N ARG M 190 -27.97 -33.26 10.31
CA ARG M 190 -28.07 -34.71 10.24
C ARG M 190 -26.76 -35.34 9.81
N LYS M 191 -26.30 -34.97 8.61
CA LYS M 191 -25.16 -35.63 7.99
C LYS M 191 -23.89 -35.37 8.79
N GLN M 192 -23.74 -34.13 9.25
CA GLN M 192 -22.56 -33.73 10.01
C GLN M 192 -22.54 -34.47 11.34
N LEU M 193 -23.71 -34.57 11.97
CA LEU M 193 -23.83 -35.24 13.25
C LEU M 193 -23.46 -36.71 13.10
N ALA M 194 -23.97 -37.34 12.03
CA ALA M 194 -23.63 -38.71 11.66
C ALA M 194 -22.13 -38.92 11.54
N GLN M 195 -21.43 -38.01 10.86
CA GLN M 195 -19.99 -38.15 10.71
C GLN M 195 -19.30 -38.16 12.07
N ILE M 196 -19.70 -37.23 12.93
CA ILE M 196 -19.05 -37.05 14.22
C ILE M 196 -19.30 -38.29 15.08
N LYS M 197 -20.54 -38.78 15.00
CA LYS M 197 -20.97 -39.99 15.67
C LYS M 197 -20.04 -41.15 15.34
N GLU M 198 -19.78 -41.37 14.04
CA GLU M 198 -18.93 -42.45 13.56
C GLU M 198 -17.53 -42.26 14.10
N MET M 199 -17.08 -41.00 14.12
CA MET M 199 -15.71 -40.68 14.48
C MET M 199 -15.45 -41.11 15.91
N VAL M 200 -16.43 -40.84 16.79
CA VAL M 200 -16.27 -41.02 18.22
C VAL M 200 -16.75 -42.41 18.68
N GLU M 201 -17.50 -43.13 17.82
CA GLU M 201 -18.03 -44.45 18.16
C GLU M 201 -16.97 -45.31 18.83
N LEU M 202 -15.97 -45.77 18.07
CA LEU M 202 -15.00 -46.71 18.62
C LEU M 202 -14.24 -46.12 19.81
N PRO M 203 -13.63 -44.92 19.73
CA PRO M 203 -12.85 -44.40 20.85
C PRO M 203 -13.62 -44.18 22.14
N LEU M 204 -14.88 -43.72 22.02
CA LEU M 204 -15.68 -43.40 23.20
C LEU M 204 -16.50 -44.59 23.67
N ARG M 205 -17.11 -45.35 22.75
CA ARG M 205 -17.99 -46.43 23.14
C ARG M 205 -17.27 -47.78 23.25
N HIS M 206 -16.08 -47.93 22.65
CA HIS M 206 -15.41 -49.22 22.65
C HIS M 206 -13.91 -49.02 22.88
N PRO M 207 -13.49 -48.31 23.96
CA PRO M 207 -12.08 -47.91 24.13
C PRO M 207 -11.13 -49.09 24.17
N ALA M 208 -11.61 -50.20 24.72
CA ALA M 208 -10.78 -51.37 24.97
C ALA M 208 -10.14 -51.83 23.67
N LEU M 209 -10.85 -51.63 22.57
CA LEU M 209 -10.44 -52.17 21.29
C LEU M 209 -9.04 -51.64 20.96
N PHE M 210 -8.74 -50.42 21.42
CA PHE M 210 -7.49 -49.76 21.04
C PHE M 210 -6.29 -50.36 21.75
N LYS M 211 -6.53 -51.18 22.77
CA LYS M 211 -5.45 -51.95 23.39
C LYS M 211 -5.05 -53.10 22.47
N ALA M 212 -6.04 -53.70 21.80
CA ALA M 212 -5.84 -54.89 20.98
C ALA M 212 -5.30 -54.57 19.57
N ILE M 213 -5.45 -53.32 19.10
CA ILE M 213 -5.15 -52.95 17.73
C ILE M 213 -4.18 -51.77 17.70
N GLY M 214 -3.46 -51.62 16.58
CA GLY M 214 -2.43 -50.61 16.44
C GLY M 214 -2.88 -49.39 15.62
N VAL M 215 -4.12 -49.46 15.12
CA VAL M 215 -4.78 -48.36 14.42
C VAL M 215 -4.98 -47.18 15.36
N LYS M 216 -4.76 -45.97 14.82
CA LYS M 216 -4.83 -44.75 15.60
C LYS M 216 -6.23 -44.13 15.42
N PRO M 217 -6.97 -43.87 16.53
CA PRO M 217 -8.29 -43.28 16.41
C PRO M 217 -8.16 -41.76 16.24
N PRO M 218 -9.18 -41.08 15.67
CA PRO M 218 -9.10 -39.63 15.44
C PRO M 218 -9.02 -38.91 16.78
N ARG M 219 -8.09 -37.94 16.88
CA ARG M 219 -7.84 -37.34 18.17
C ARG M 219 -8.54 -35.99 18.26
N GLY M 220 -8.45 -35.21 17.17
CA GLY M 220 -9.01 -33.87 17.18
C GLY M 220 -10.06 -33.67 16.08
N ILE M 221 -11.21 -33.12 16.48
CA ILE M 221 -12.25 -32.78 15.52
C ILE M 221 -12.54 -31.29 15.61
N LEU M 222 -12.47 -30.63 14.45
CA LEU M 222 -12.63 -29.20 14.33
C LEU M 222 -13.99 -28.91 13.73
N LEU M 223 -14.85 -28.22 14.48
CA LEU M 223 -16.20 -27.88 14.03
C LEU M 223 -16.19 -26.44 13.55
N TYR M 224 -16.32 -26.25 12.22
CA TYR M 224 -16.26 -24.92 11.64
C TYR M 224 -17.66 -24.54 11.19
N GLY M 225 -18.08 -23.32 11.53
CA GLY M 225 -19.37 -22.80 11.14
C GLY M 225 -19.57 -21.39 11.68
N PRO M 226 -20.54 -20.61 11.15
CA PRO M 226 -20.84 -19.28 11.72
C PRO M 226 -21.35 -19.43 13.14
N PRO M 227 -21.39 -18.35 13.94
CA PRO M 227 -21.95 -18.40 15.30
C PRO M 227 -23.42 -18.78 15.32
N GLY M 228 -23.81 -19.59 16.30
CA GLY M 228 -25.19 -19.92 16.59
C GLY M 228 -25.68 -21.16 15.85
N THR M 229 -24.73 -21.92 15.29
CA THR M 229 -25.03 -23.10 14.49
C THR M 229 -25.13 -24.37 15.36
N GLY M 230 -24.78 -24.24 16.65
CA GLY M 230 -24.95 -25.32 17.62
C GLY M 230 -23.72 -26.20 17.80
N LYS M 231 -22.53 -25.59 17.72
CA LYS M 231 -21.30 -26.36 17.81
C LYS M 231 -21.14 -26.87 19.23
N THR M 232 -21.43 -26.00 20.19
CA THR M 232 -21.33 -26.37 21.60
C THR M 232 -22.35 -27.46 21.92
N LEU M 233 -23.55 -27.32 21.36
CA LEU M 233 -24.61 -28.30 21.52
C LEU M 233 -24.12 -29.68 21.08
N ILE M 234 -23.60 -29.73 19.86
CA ILE M 234 -23.16 -30.98 19.27
C ILE M 234 -22.18 -31.67 20.21
N ALA M 235 -21.16 -30.95 20.64
CA ALA M 235 -20.15 -31.55 21.51
C ALA M 235 -20.81 -32.13 22.75
N ARG M 236 -21.64 -31.33 23.44
CA ARG M 236 -22.23 -31.77 24.70
C ARG M 236 -23.12 -32.98 24.45
N ALA M 237 -23.94 -32.91 23.39
CA ALA M 237 -24.80 -34.03 23.05
C ALA M 237 -23.99 -35.32 22.87
N VAL M 238 -22.97 -35.26 22.02
CA VAL M 238 -22.14 -36.42 21.75
C VAL M 238 -21.61 -36.99 23.06
N ALA M 239 -21.14 -36.12 23.95
CA ALA M 239 -20.63 -36.57 25.25
C ALA M 239 -21.73 -37.33 25.99
N ASN M 240 -22.89 -36.71 26.14
CA ASN M 240 -24.02 -37.28 26.87
C ASN M 240 -24.42 -38.62 26.25
N GLU M 241 -24.57 -38.62 24.92
CA GLU M 241 -25.09 -39.76 24.21
C GLU M 241 -24.09 -40.93 24.25
N THR M 242 -22.79 -40.64 24.38
CA THR M 242 -21.79 -41.70 24.42
C THR M 242 -21.42 -41.98 25.86
N GLY M 243 -21.98 -41.21 26.78
CA GLY M 243 -21.64 -41.26 28.19
C GLY M 243 -20.16 -40.96 28.44
N ALA M 244 -19.67 -39.82 27.94
CA ALA M 244 -18.28 -39.48 28.12
C ALA M 244 -18.17 -38.23 28.97
N PHE M 245 -17.05 -38.11 29.70
CA PHE M 245 -16.83 -36.94 30.52
C PHE M 245 -16.68 -35.74 29.58
N PHE M 246 -17.29 -34.60 29.93
CA PHE M 246 -17.19 -33.42 29.09
C PHE M 246 -16.44 -32.35 29.84
N PHE M 247 -15.33 -31.87 29.28
CA PHE M 247 -14.68 -30.70 29.83
C PHE M 247 -14.76 -29.56 28.84
N LEU M 248 -15.33 -28.43 29.27
CA LEU M 248 -15.39 -27.22 28.45
C LEU M 248 -14.19 -26.31 28.71
N ILE M 249 -13.45 -25.98 27.64
CA ILE M 249 -12.51 -24.88 27.68
C ILE M 249 -13.12 -23.73 26.88
N ASN M 250 -13.25 -22.55 27.49
CA ASN M 250 -13.74 -21.41 26.74
C ASN M 250 -12.60 -20.43 26.52
N GLY M 251 -12.31 -20.14 25.25
CA GLY M 251 -11.21 -19.27 24.84
C GLY M 251 -11.10 -18.03 25.71
N PRO M 252 -12.14 -17.15 25.68
CA PRO M 252 -12.18 -15.97 26.54
C PRO M 252 -11.80 -16.22 27.99
N GLU M 253 -12.35 -17.29 28.58
CA GLU M 253 -12.01 -17.57 29.98
C GLU M 253 -10.51 -17.73 30.11
N ILE M 254 -9.92 -18.57 29.26
CA ILE M 254 -8.49 -18.87 29.33
C ILE M 254 -7.71 -17.57 29.22
N MET M 255 -8.10 -16.74 28.25
CA MET M 255 -7.35 -15.55 27.90
C MET M 255 -7.55 -14.45 28.93
N SER M 256 -8.57 -14.60 29.78
CA SER M 256 -8.79 -13.62 30.84
C SER M 256 -7.76 -13.81 31.95
N LYS M 257 -7.28 -15.05 32.13
CA LYS M 257 -6.33 -15.41 33.18
C LYS M 257 -4.97 -14.77 32.87
N LEU M 258 -4.13 -14.65 33.90
CA LEU M 258 -2.85 -13.98 33.72
C LEU M 258 -1.76 -15.02 33.47
N ALA M 259 -0.90 -14.72 32.51
CA ALA M 259 0.31 -15.50 32.20
C ALA M 259 0.06 -17.00 32.31
N GLY M 260 0.81 -17.64 33.21
CA GLY M 260 0.83 -19.09 33.33
C GLY M 260 -0.53 -19.67 33.72
N GLU M 261 -1.35 -18.87 34.41
CA GLU M 261 -2.64 -19.34 34.85
C GLU M 261 -3.44 -19.81 33.64
N SER M 262 -3.25 -19.13 32.50
CA SER M 262 -3.86 -19.59 31.26
C SER M 262 -3.44 -21.02 30.98
N GLU M 263 -2.12 -21.22 30.86
CA GLU M 263 -1.54 -22.45 30.39
C GLU M 263 -1.76 -23.56 31.44
N SER M 264 -1.71 -23.19 32.71
CA SER M 264 -1.99 -24.14 33.78
C SER M 264 -3.40 -24.70 33.60
N ASN M 265 -4.38 -23.79 33.41
CA ASN M 265 -5.78 -24.16 33.23
C ASN M 265 -5.93 -25.09 32.04
N LEU M 266 -5.17 -24.80 30.97
CA LEU M 266 -5.16 -25.63 29.78
C LEU M 266 -4.68 -27.04 30.11
N ARG M 267 -3.50 -27.14 30.76
CA ARG M 267 -2.93 -28.41 31.16
C ARG M 267 -3.94 -29.15 32.03
N LYS M 268 -4.49 -28.44 33.02
CA LYS M 268 -5.41 -29.02 33.99
C LYS M 268 -6.60 -29.67 33.28
N ALA M 269 -7.13 -28.96 32.29
CA ALA M 269 -8.26 -29.43 31.51
C ALA M 269 -7.91 -30.78 30.89
N PHE M 270 -6.72 -30.83 30.29
CA PHE M 270 -6.28 -32.02 29.60
C PHE M 270 -6.11 -33.15 30.61
N GLU M 271 -5.42 -32.86 31.71
CA GLU M 271 -5.16 -33.84 32.76
C GLU M 271 -6.47 -34.39 33.31
N GLU M 272 -7.41 -33.48 33.62
CA GLU M 272 -8.68 -33.88 34.19
C GLU M 272 -9.40 -34.85 33.24
N ALA M 273 -9.42 -34.48 31.97
CA ALA M 273 -10.03 -35.29 30.93
C ALA M 273 -9.38 -36.66 30.87
N GLU M 274 -8.04 -36.69 30.81
CA GLU M 274 -7.27 -37.91 30.77
C GLU M 274 -7.79 -38.82 31.88
N LYS M 275 -7.96 -38.24 33.08
CA LYS M 275 -8.34 -38.97 34.27
C LYS M 275 -9.77 -39.54 34.16
N ASN M 276 -10.73 -38.74 33.70
CA ASN M 276 -12.10 -39.21 33.67
C ASN M 276 -12.47 -39.77 32.30
N ALA M 277 -11.48 -40.28 31.57
CA ALA M 277 -11.72 -40.80 30.22
C ALA M 277 -12.55 -42.08 30.28
N PRO M 278 -13.27 -42.48 29.20
CA PRO M 278 -13.35 -41.73 27.94
C PRO M 278 -13.98 -40.35 28.12
N ALA M 279 -13.42 -39.36 27.40
CA ALA M 279 -13.77 -37.96 27.63
C ALA M 279 -13.77 -37.18 26.31
N ILE M 280 -14.61 -36.14 26.27
CA ILE M 280 -14.54 -35.13 25.23
C ILE M 280 -14.16 -33.79 25.84
N ILE M 281 -13.08 -33.19 25.33
CA ILE M 281 -12.78 -31.80 25.62
C ILE M 281 -13.39 -30.94 24.51
N PHE M 282 -14.08 -29.86 24.88
CA PHE M 282 -14.59 -28.94 23.90
C PHE M 282 -13.94 -27.58 24.10
N ILE M 283 -13.28 -27.07 23.04
CA ILE M 283 -12.70 -25.74 23.06
C ILE M 283 -13.62 -24.79 22.28
N ASP M 284 -14.29 -23.92 23.02
CA ASP M 284 -15.17 -22.93 22.45
C ASP M 284 -14.33 -21.70 22.09
N GLU M 285 -14.56 -21.15 20.91
CA GLU M 285 -13.86 -19.94 20.51
C GLU M 285 -12.36 -20.21 20.52
N LEU M 286 -11.96 -21.25 19.77
CA LEU M 286 -10.57 -21.66 19.62
C LEU M 286 -9.71 -20.52 19.08
N ASP M 287 -10.32 -19.66 18.24
CA ASP M 287 -9.68 -18.51 17.61
C ASP M 287 -9.10 -17.57 18.67
N ALA M 288 -9.72 -17.55 19.86
CA ALA M 288 -9.26 -16.73 20.97
C ALA M 288 -7.94 -17.26 21.53
N ILE M 289 -7.84 -18.58 21.68
CA ILE M 289 -6.64 -19.22 22.21
C ILE M 289 -5.53 -19.26 21.14
N ALA M 290 -5.89 -19.56 19.89
CA ALA M 290 -4.92 -19.97 18.89
C ALA M 290 -5.19 -19.29 17.55
N PRO M 291 -5.00 -17.97 17.43
CA PRO M 291 -5.13 -17.32 16.13
C PRO M 291 -3.88 -17.64 15.29
N LYS M 292 -3.86 -17.18 14.03
CA LYS M 292 -2.69 -17.34 13.15
C LYS M 292 -1.52 -16.50 13.67
N ARG M 293 -0.28 -16.85 13.30
CA ARG M 293 0.90 -16.18 13.84
C ARG M 293 0.96 -14.70 13.48
N GLU M 294 0.42 -14.35 12.30
CA GLU M 294 0.19 -12.96 11.91
C GLU M 294 -0.57 -12.21 13.01
N LYS M 295 -1.81 -12.63 13.26
CA LYS M 295 -2.70 -11.92 14.18
C LYS M 295 -2.20 -12.04 15.63
N THR M 296 -1.30 -12.99 15.89
CA THR M 296 -0.83 -13.16 17.26
C THR M 296 0.23 -12.09 17.53
N HIS M 297 -0.24 -10.93 18.04
CA HIS M 297 0.70 -9.95 18.54
C HIS M 297 1.01 -10.30 20.00
N GLY M 298 2.31 -10.31 20.34
CA GLY M 298 2.74 -10.53 21.72
C GLY M 298 3.10 -11.98 22.02
N GLU M 299 4.03 -12.17 22.95
CA GLU M 299 4.69 -13.45 23.16
C GLU M 299 3.87 -14.35 24.08
N VAL M 300 3.20 -13.75 25.07
CA VAL M 300 2.37 -14.55 25.97
C VAL M 300 1.32 -15.33 25.19
N GLU M 301 0.78 -14.72 24.14
CA GLU M 301 -0.25 -15.37 23.34
C GLU M 301 0.34 -16.57 22.61
N ARG M 302 1.54 -16.40 22.06
CA ARG M 302 2.22 -17.44 21.28
C ARG M 302 2.51 -18.63 22.18
N ARG M 303 2.88 -18.34 23.43
CA ARG M 303 3.16 -19.37 24.40
C ARG M 303 1.92 -20.27 24.59
N ILE M 304 0.73 -19.66 24.62
CA ILE M 304 -0.51 -20.39 24.87
C ILE M 304 -0.82 -21.31 23.70
N VAL M 305 -0.69 -20.79 22.47
CA VAL M 305 -0.90 -21.58 21.28
C VAL M 305 0.03 -22.80 21.35
N SER M 306 1.31 -22.51 21.62
CA SER M 306 2.33 -23.54 21.69
C SER M 306 1.93 -24.62 22.69
N GLN M 307 1.56 -24.18 23.89
CA GLN M 307 1.11 -25.08 24.95
C GLN M 307 0.06 -26.04 24.40
N LEU M 308 -0.95 -25.49 23.70
CA LEU M 308 -2.09 -26.25 23.21
C LEU M 308 -1.61 -27.32 22.24
N LEU M 309 -0.75 -26.92 21.31
CA LEU M 309 -0.14 -27.84 20.36
C LEU M 309 0.52 -29.01 21.10
N THR M 310 1.42 -28.68 22.06
CA THR M 310 2.09 -29.71 22.84
C THR M 310 1.06 -30.57 23.56
N LEU M 311 0.07 -29.95 24.21
CA LEU M 311 -0.96 -30.69 24.93
C LEU M 311 -1.64 -31.70 24.03
N MET M 312 -2.00 -31.26 22.83
CA MET M 312 -2.65 -32.10 21.84
C MET M 312 -1.69 -33.22 21.46
N ASP M 313 -0.45 -32.86 21.16
CA ASP M 313 0.54 -33.83 20.75
C ASP M 313 0.79 -34.84 21.87
N GLY M 314 0.76 -34.36 23.10
CA GLY M 314 1.05 -35.18 24.27
C GLY M 314 -0.06 -36.18 24.56
N LEU M 315 -1.24 -36.04 23.92
CA LEU M 315 -2.31 -37.01 24.11
C LEU M 315 -1.87 -38.36 23.53
N LYS M 316 -1.65 -39.33 24.43
CA LYS M 316 -1.38 -40.70 24.01
C LYS M 316 -2.70 -41.33 23.54
N GLN M 317 -2.58 -42.33 22.66
CA GLN M 317 -3.70 -42.98 22.00
C GLN M 317 -4.61 -43.66 23.03
N ARG M 318 -3.98 -44.20 24.08
CA ARG M 318 -4.62 -44.94 25.14
C ARG M 318 -5.41 -44.00 26.07
N ALA M 319 -5.24 -42.68 25.87
CA ALA M 319 -5.84 -41.71 26.76
C ALA M 319 -7.36 -41.72 26.62
N HIS M 320 -7.88 -42.12 25.44
CA HIS M 320 -9.32 -42.23 25.18
C HIS M 320 -10.02 -40.88 25.31
N VAL M 321 -9.31 -39.84 24.84
CA VAL M 321 -9.79 -38.47 24.88
C VAL M 321 -9.92 -37.97 23.45
N ILE M 322 -11.09 -37.41 23.13
CA ILE M 322 -11.27 -36.69 21.87
C ILE M 322 -11.37 -35.20 22.19
N VAL M 323 -10.66 -34.39 21.40
CA VAL M 323 -10.73 -32.94 21.53
C VAL M 323 -11.54 -32.37 20.37
N MET M 324 -12.62 -31.68 20.69
CA MET M 324 -13.47 -31.01 19.72
C MET M 324 -13.33 -29.51 19.92
N ALA M 325 -13.16 -28.77 18.83
CA ALA M 325 -12.99 -27.33 18.94
C ALA M 325 -13.85 -26.61 17.89
N ALA M 326 -14.30 -25.39 18.26
CA ALA M 326 -15.18 -24.63 17.38
C ALA M 326 -14.52 -23.33 16.99
N THR M 327 -14.68 -22.98 15.70
CA THR M 327 -14.20 -21.75 15.13
C THR M 327 -15.09 -21.36 13.94
N ASN M 328 -14.90 -20.14 13.43
CA ASN M 328 -15.64 -19.63 12.29
C ASN M 328 -15.20 -20.27 10.98
N ARG M 329 -13.90 -20.12 10.66
CA ARG M 329 -13.33 -20.71 9.46
C ARG M 329 -11.94 -21.25 9.79
N PRO M 330 -11.43 -22.24 9.00
CA PRO M 330 -10.08 -22.78 9.22
C PRO M 330 -9.02 -21.68 9.10
N ASN M 331 -9.31 -20.61 8.36
CA ASN M 331 -8.37 -19.55 8.14
C ASN M 331 -8.25 -18.68 9.39
N SER M 332 -9.15 -18.92 10.37
CA SER M 332 -9.14 -18.15 11.62
C SER M 332 -7.92 -18.54 12.47
N ILE M 333 -7.54 -19.83 12.40
CA ILE M 333 -6.72 -20.47 13.41
C ILE M 333 -5.35 -20.85 12.84
N ASP M 334 -4.36 -20.90 13.73
CA ASP M 334 -3.00 -21.31 13.38
C ASP M 334 -3.02 -22.66 12.68
N PRO M 335 -2.42 -22.76 11.47
CA PRO M 335 -2.54 -23.98 10.65
C PRO M 335 -1.86 -25.19 11.30
N ALA M 336 -1.03 -24.95 12.32
CA ALA M 336 -0.33 -26.03 13.00
C ALA M 336 -1.33 -26.97 13.68
N LEU M 337 -2.49 -26.42 14.06
CA LEU M 337 -3.55 -27.15 14.74
C LEU M 337 -4.12 -28.24 13.85
N ARG M 338 -3.88 -28.12 12.53
CA ARG M 338 -4.46 -29.06 11.59
C ARG M 338 -3.47 -30.13 11.18
N ARG M 339 -2.33 -30.22 11.89
CA ARG M 339 -1.34 -31.26 11.60
C ARG M 339 -1.89 -32.67 11.81
N PHE M 340 -1.06 -33.69 11.62
CA PHE M 340 -1.49 -35.09 11.62
C PHE M 340 -2.12 -35.46 12.96
N GLY M 341 -1.37 -35.28 14.06
CA GLY M 341 -1.81 -35.69 15.38
C GLY M 341 -2.95 -34.83 15.93
N ARG M 342 -2.93 -33.54 15.59
CA ARG M 342 -3.80 -32.52 16.15
C ARG M 342 -5.14 -32.53 15.40
N PHE M 343 -5.90 -31.45 15.41
CA PHE M 343 -7.17 -31.35 14.71
C PHE M 343 -7.13 -31.83 13.25
N ASP M 344 -7.08 -33.14 13.06
CA ASP M 344 -6.88 -33.71 11.74
C ASP M 344 -8.22 -33.91 11.03
N ARG M 345 -9.35 -33.71 11.72
CA ARG M 345 -10.66 -33.88 11.07
C ARG M 345 -11.46 -32.57 11.21
N GLU M 346 -12.14 -32.16 10.13
CA GLU M 346 -12.96 -30.95 10.11
C GLU M 346 -14.39 -31.33 9.70
N VAL M 347 -15.39 -30.79 10.41
CA VAL M 347 -16.77 -30.90 9.98
C VAL M 347 -17.35 -29.50 9.91
N ASP M 348 -18.12 -29.23 8.84
CA ASP M 348 -18.69 -27.91 8.61
C ASP M 348 -20.14 -27.87 9.08
N ILE M 349 -20.40 -27.20 10.20
CA ILE M 349 -21.78 -27.00 10.60
C ILE M 349 -22.25 -25.67 10.03
N GLY M 350 -23.13 -25.74 9.01
CA GLY M 350 -23.52 -24.56 8.26
C GLY M 350 -24.89 -24.00 8.62
N ILE M 351 -25.30 -22.97 7.88
CA ILE M 351 -26.62 -22.38 8.05
C ILE M 351 -27.64 -23.43 7.61
N PRO M 352 -28.76 -23.63 8.35
CA PRO M 352 -29.70 -24.69 7.99
C PRO M 352 -30.67 -24.26 6.89
N ASP M 353 -31.18 -25.26 6.16
CA ASP M 353 -32.28 -25.11 5.22
C ASP M 353 -33.59 -24.94 5.99
N ALA M 354 -34.65 -24.63 5.23
CA ALA M 354 -35.97 -24.45 5.81
C ALA M 354 -36.36 -25.71 6.56
N THR M 355 -36.01 -26.88 6.00
CA THR M 355 -36.37 -28.15 6.62
C THR M 355 -35.75 -28.19 8.02
N GLY M 356 -34.46 -27.82 8.07
CA GLY M 356 -33.73 -27.80 9.33
C GLY M 356 -34.26 -26.75 10.28
N ARG M 357 -34.67 -25.62 9.72
CA ARG M 357 -35.21 -24.56 10.55
C ARG M 357 -36.46 -25.05 11.26
N LEU M 358 -37.30 -25.78 10.51
CA LEU M 358 -38.54 -26.31 11.06
C LEU M 358 -38.23 -27.24 12.24
N GLU M 359 -37.26 -28.15 12.06
CA GLU M 359 -36.87 -29.04 13.14
C GLU M 359 -36.43 -28.22 14.36
N ILE M 360 -35.66 -27.14 14.13
CA ILE M 360 -35.10 -26.34 15.21
C ILE M 360 -36.24 -25.65 15.97
N LEU M 361 -37.20 -25.10 15.20
CA LEU M 361 -38.37 -24.46 15.78
C LEU M 361 -39.14 -25.47 16.64
N GLN M 362 -39.27 -26.70 16.12
CA GLN M 362 -39.99 -27.74 16.82
C GLN M 362 -39.29 -28.04 18.14
N ILE M 363 -37.97 -28.16 18.08
CA ILE M 363 -37.19 -28.43 19.26
C ILE M 363 -37.46 -27.35 20.29
N HIS M 364 -37.55 -26.09 19.86
CA HIS M 364 -37.61 -25.00 20.80
C HIS M 364 -39.04 -24.64 21.17
N THR M 365 -40.01 -25.39 20.66
CA THR M 365 -41.37 -25.14 21.09
C THR M 365 -41.91 -26.35 21.84
N LYS M 366 -41.03 -27.29 22.18
CA LYS M 366 -41.47 -28.59 22.67
C LYS M 366 -42.13 -28.44 24.04
N ASN M 367 -41.71 -27.47 24.84
CA ASN M 367 -42.28 -27.35 26.17
C ASN M 367 -43.36 -26.28 26.20
N MET M 368 -43.80 -25.85 25.01
CA MET M 368 -44.63 -24.66 24.92
C MET M 368 -46.01 -25.07 24.42
N LYS M 369 -47.05 -24.44 24.96
CA LYS M 369 -48.37 -24.68 24.40
C LYS M 369 -48.55 -23.74 23.22
N LEU M 370 -48.73 -24.32 22.03
CA LEU M 370 -48.88 -23.50 20.84
C LEU M 370 -50.31 -23.57 20.35
N ALA M 371 -50.93 -22.40 20.17
CA ALA M 371 -52.26 -22.35 19.57
C ALA M 371 -52.27 -22.99 18.18
N ASP M 372 -53.49 -23.28 17.68
CA ASP M 372 -53.65 -23.96 16.42
C ASP M 372 -53.27 -23.02 15.28
N ASP M 373 -53.28 -21.71 15.56
CA ASP M 373 -53.01 -20.71 14.55
C ASP M 373 -51.52 -20.68 14.19
N VAL M 374 -50.67 -21.29 15.04
CA VAL M 374 -49.24 -21.25 14.83
C VAL M 374 -48.88 -22.15 13.65
N ASP M 375 -48.18 -21.57 12.67
CA ASP M 375 -47.69 -22.31 11.52
C ASP M 375 -46.17 -22.28 11.53
N LEU M 376 -45.58 -23.28 12.16
CA LEU M 376 -44.13 -23.30 12.28
C LEU M 376 -43.49 -23.42 10.89
N GLU M 377 -44.21 -24.00 9.93
CA GLU M 377 -43.69 -24.11 8.58
C GLU M 377 -43.50 -22.71 7.98
N GLN M 378 -44.51 -21.85 8.16
CA GLN M 378 -44.43 -20.48 7.72
C GLN M 378 -43.18 -19.84 8.31
N VAL M 379 -43.06 -19.94 9.63
CA VAL M 379 -41.94 -19.33 10.31
C VAL M 379 -40.65 -19.87 9.71
N ALA M 380 -40.60 -21.19 9.50
CA ALA M 380 -39.42 -21.82 8.94
C ALA M 380 -39.10 -21.22 7.58
N ASN M 381 -40.14 -21.03 6.76
CA ASN M 381 -39.95 -20.59 5.39
C ASN M 381 -39.42 -19.17 5.37
N GLU M 382 -40.02 -18.30 6.18
CA GLU M 382 -39.67 -16.89 6.11
C GLU M 382 -38.36 -16.60 6.81
N THR M 383 -37.87 -17.52 7.65
CA THR M 383 -36.66 -17.22 8.42
C THR M 383 -35.42 -17.61 7.63
N HIS M 384 -35.31 -17.10 6.40
CA HIS M 384 -34.14 -17.30 5.55
C HIS M 384 -32.87 -16.83 6.27
N GLY M 385 -31.80 -17.61 6.11
CA GLY M 385 -30.47 -17.28 6.59
C GLY M 385 -30.33 -17.23 8.11
N HIS M 386 -31.31 -17.78 8.83
CA HIS M 386 -31.26 -17.78 10.29
C HIS M 386 -30.55 -19.05 10.75
N VAL M 387 -29.74 -18.90 11.80
CA VAL M 387 -29.14 -20.05 12.45
C VAL M 387 -29.99 -20.47 13.65
N GLY M 388 -29.65 -21.63 14.22
CA GLY M 388 -30.34 -22.17 15.37
C GLY M 388 -30.57 -21.13 16.47
N ALA M 389 -29.51 -20.42 16.86
CA ALA M 389 -29.59 -19.43 17.91
C ALA M 389 -30.66 -18.37 17.63
N ASP M 390 -30.79 -17.99 16.35
CA ASP M 390 -31.75 -16.99 15.93
C ASP M 390 -33.16 -17.52 16.21
N LEU M 391 -33.37 -18.76 15.76
CA LEU M 391 -34.66 -19.41 15.87
C LEU M 391 -35.01 -19.58 17.35
N ALA M 392 -34.02 -20.06 18.12
CA ALA M 392 -34.25 -20.27 19.55
C ALA M 392 -34.73 -18.97 20.19
N ALA M 393 -34.03 -17.88 19.89
CA ALA M 393 -34.38 -16.57 20.42
C ALA M 393 -35.77 -16.14 19.95
N LEU M 394 -36.11 -16.49 18.72
CA LEU M 394 -37.41 -16.10 18.22
C LEU M 394 -38.48 -16.75 19.08
N CYS M 395 -38.29 -18.04 19.38
CA CYS M 395 -39.25 -18.77 20.19
C CYS M 395 -39.37 -18.14 21.57
N SER M 396 -38.23 -17.81 22.18
CA SER M 396 -38.25 -17.14 23.48
C SER M 396 -39.06 -15.85 23.40
N GLU M 397 -38.76 -15.05 22.38
CA GLU M 397 -39.30 -13.72 22.33
C GLU M 397 -40.81 -13.81 22.20
N ALA M 398 -41.27 -14.85 21.49
CA ALA M 398 -42.69 -15.07 21.28
C ALA M 398 -43.34 -15.42 22.60
N ALA M 399 -42.75 -16.39 23.31
CA ALA M 399 -43.20 -16.76 24.64
C ALA M 399 -43.35 -15.53 25.53
N LEU M 400 -42.28 -14.74 25.64
CA LEU M 400 -42.25 -13.62 26.56
C LEU M 400 -43.32 -12.58 26.19
N GLN M 401 -43.59 -12.43 24.88
CA GLN M 401 -44.62 -11.51 24.45
C GLN M 401 -45.95 -11.99 25.00
N ALA M 402 -46.23 -13.28 24.79
CA ALA M 402 -47.42 -13.97 25.25
C ALA M 402 -47.64 -13.70 26.75
N ILE M 403 -46.59 -14.00 27.54
CA ILE M 403 -46.59 -13.73 28.97
C ILE M 403 -46.90 -12.25 29.22
N ARG M 404 -46.18 -11.36 28.53
CA ARG M 404 -46.40 -9.94 28.73
C ARG M 404 -47.86 -9.58 28.52
N LYS M 405 -48.46 -10.09 27.45
CA LYS M 405 -49.85 -9.76 27.14
C LYS M 405 -50.76 -10.22 28.27
N LYS M 406 -50.50 -11.43 28.79
CA LYS M 406 -51.36 -12.05 29.80
C LYS M 406 -51.18 -11.33 31.13
N MET M 407 -49.95 -10.88 31.43
CA MET M 407 -49.67 -10.22 32.70
C MET M 407 -50.54 -8.96 32.82
N ASP M 408 -50.83 -8.34 31.67
CA ASP M 408 -51.69 -7.17 31.64
C ASP M 408 -53.12 -7.57 31.99
N LEU M 409 -53.58 -8.73 31.48
CA LEU M 409 -54.94 -9.21 31.67
C LEU M 409 -55.14 -9.80 33.08
N ILE M 410 -54.04 -10.09 33.80
CA ILE M 410 -54.22 -10.29 35.24
C ILE M 410 -54.88 -9.05 35.84
N ASP M 411 -54.23 -8.33 36.74
CA ASP M 411 -54.77 -7.20 37.46
C ASP M 411 -56.04 -7.53 38.24
N LEU M 412 -56.62 -8.73 38.06
CA LEU M 412 -57.65 -9.24 38.98
C LEU M 412 -57.13 -9.48 40.41
N GLU M 413 -56.51 -10.65 40.67
CA GLU M 413 -55.84 -10.84 41.95
C GLU M 413 -54.65 -11.81 41.83
N ASP M 414 -54.54 -12.49 40.68
CA ASP M 414 -53.61 -13.61 40.53
C ASP M 414 -52.17 -13.10 40.67
N GLU M 415 -51.30 -13.94 41.25
CA GLU M 415 -49.89 -13.67 41.49
C GLU M 415 -49.13 -13.66 40.16
N THR M 416 -47.81 -13.37 40.18
CA THR M 416 -47.00 -13.44 38.96
C THR M 416 -47.20 -14.82 38.33
N ILE M 417 -48.21 -14.90 37.46
CA ILE M 417 -48.65 -16.12 36.78
C ILE M 417 -48.65 -17.28 37.78
N ASP M 418 -48.19 -18.45 37.34
CA ASP M 418 -48.23 -19.70 38.09
C ASP M 418 -47.87 -20.79 37.10
N ALA M 419 -47.45 -21.96 37.62
CA ALA M 419 -47.24 -23.14 36.79
C ALA M 419 -48.48 -23.43 35.95
N GLU M 420 -49.65 -23.34 36.58
CA GLU M 420 -50.94 -23.67 35.95
C GLU M 420 -51.26 -22.67 34.82
N VAL M 421 -51.23 -21.37 35.14
CA VAL M 421 -51.60 -20.35 34.17
C VAL M 421 -50.56 -20.33 33.04
N MET M 422 -49.28 -20.56 33.38
CA MET M 422 -48.23 -20.72 32.40
C MET M 422 -48.56 -21.88 31.45
N ASN M 423 -49.12 -22.97 32.02
CA ASN M 423 -49.53 -24.15 31.26
C ASN M 423 -50.80 -23.86 30.45
N SER M 424 -51.66 -22.98 30.98
CA SER M 424 -52.87 -22.59 30.28
C SER M 424 -52.56 -21.60 29.15
N LEU M 425 -51.42 -20.89 29.27
CA LEU M 425 -51.05 -19.85 28.31
C LEU M 425 -50.58 -20.48 27.01
N ALA M 426 -51.19 -20.03 25.92
CA ALA M 426 -50.80 -20.51 24.60
C ALA M 426 -50.07 -19.40 23.84
N VAL M 427 -48.93 -19.74 23.22
CA VAL M 427 -48.29 -18.80 22.33
C VAL M 427 -49.02 -18.87 21.00
N THR M 428 -49.42 -17.70 20.48
CA THR M 428 -50.21 -17.60 19.25
C THR M 428 -49.32 -17.16 18.08
N MET M 429 -49.89 -17.22 16.88
CA MET M 429 -49.12 -16.88 15.69
C MET M 429 -48.77 -15.40 15.76
N ASP M 430 -49.68 -14.60 16.34
CA ASP M 430 -49.45 -13.17 16.46
C ASP M 430 -48.22 -12.92 17.30
N ASP M 431 -48.01 -13.78 18.31
CA ASP M 431 -46.83 -13.70 19.16
C ASP M 431 -45.57 -13.91 18.33
N PHE M 432 -45.60 -14.95 17.49
CA PHE M 432 -44.51 -15.21 16.57
C PHE M 432 -44.36 -14.03 15.62
N ARG M 433 -45.48 -13.53 15.11
CA ARG M 433 -45.46 -12.40 14.21
C ARG M 433 -44.76 -11.22 14.87
N TRP M 434 -45.12 -10.91 16.11
CA TRP M 434 -44.49 -9.80 16.81
C TRP M 434 -42.98 -9.99 16.80
N ALA M 435 -42.54 -11.20 17.15
CA ALA M 435 -41.14 -11.57 17.23
C ALA M 435 -40.46 -11.40 15.88
N LEU M 436 -41.09 -11.95 14.84
CA LEU M 436 -40.51 -11.90 13.51
C LEU M 436 -40.43 -10.46 13.02
N SER M 437 -41.28 -9.60 13.58
CA SER M 437 -41.46 -8.26 13.07
C SER M 437 -40.53 -7.27 13.77
N GLN M 438 -39.69 -7.78 14.68
CA GLN M 438 -39.06 -6.95 15.70
C GLN M 438 -37.61 -6.62 15.35
N ASN N 1 40.57 58.13 23.44
CA ASN N 1 40.12 58.08 24.83
C ASN N 1 39.99 56.62 25.34
N ARG N 2 41.01 56.14 26.07
CA ARG N 2 42.40 56.27 25.64
C ARG N 2 42.57 55.44 24.36
N PRO N 3 43.27 55.95 23.31
CA PRO N 3 43.36 55.21 22.06
C PRO N 3 44.25 53.96 22.11
N ASN N 4 45.08 53.88 23.16
CA ASN N 4 45.91 52.71 23.43
C ASN N 4 45.06 51.48 23.76
N ARG N 5 43.78 51.68 24.19
CA ARG N 5 42.88 50.58 24.45
C ARG N 5 42.22 50.10 23.16
N LEU N 6 42.27 48.76 22.95
CA LEU N 6 41.73 48.10 21.78
C LEU N 6 41.01 46.82 22.19
N ILE N 7 40.15 46.32 21.29
CA ILE N 7 39.35 45.12 21.54
C ILE N 7 40.01 43.92 20.86
N VAL N 8 40.20 42.85 21.63
CA VAL N 8 40.87 41.64 21.15
C VAL N 8 40.01 40.98 20.08
N ASP N 9 40.61 40.72 18.92
CA ASP N 9 39.91 40.09 17.81
C ASP N 9 40.71 38.88 17.33
N GLU N 10 40.10 38.06 16.47
CA GLU N 10 40.73 36.87 15.92
C GLU N 10 41.93 37.30 15.06
N ALA N 11 42.81 36.34 14.74
CA ALA N 11 44.05 36.68 14.05
C ALA N 11 44.02 36.18 12.61
N ILE N 12 44.33 37.06 11.66
CA ILE N 12 44.56 36.70 10.26
C ILE N 12 45.90 35.98 10.11
N ASN N 13 46.94 36.53 10.73
CA ASN N 13 48.27 35.92 10.67
C ASN N 13 48.51 35.06 11.91
N GLU N 14 48.90 33.79 11.70
CA GLU N 14 48.96 32.81 12.77
C GLU N 14 50.33 32.80 13.45
N ASP N 15 51.22 33.75 13.09
CA ASP N 15 52.52 33.83 13.73
C ASP N 15 52.37 34.33 15.16
N ASN N 16 53.01 33.62 16.09
CA ASN N 16 52.78 33.85 17.52
C ASN N 16 53.19 35.28 17.90
N SER N 17 54.13 35.84 17.15
CA SER N 17 54.78 37.08 17.57
C SER N 17 54.15 38.27 16.86
N VAL N 18 53.02 38.06 16.18
CA VAL N 18 52.44 39.12 15.39
C VAL N 18 51.07 39.53 15.95
N VAL N 19 50.87 40.86 16.02
CA VAL N 19 49.58 41.46 16.26
C VAL N 19 49.28 42.43 15.13
N SER N 20 47.99 42.61 14.84
CA SER N 20 47.58 43.41 13.70
C SER N 20 46.63 44.52 14.13
N LEU N 21 46.82 45.70 13.52
CA LEU N 21 46.07 46.92 13.74
C LEU N 21 45.74 47.55 12.39
N SER N 22 44.71 48.41 12.34
CA SER N 22 44.47 49.18 11.14
C SER N 22 45.60 50.19 10.96
N GLN N 23 45.96 50.48 9.71
CA GLN N 23 47.01 51.47 9.47
C GLN N 23 46.64 52.78 10.17
N PRO N 24 45.39 53.30 10.00
CA PRO N 24 44.92 54.47 10.75
C PRO N 24 45.40 54.46 12.20
N LYS N 25 45.13 53.34 12.89
CA LYS N 25 45.42 53.21 14.31
C LYS N 25 46.93 53.22 14.54
N MET N 26 47.66 52.58 13.62
CA MET N 26 49.12 52.52 13.70
C MET N 26 49.70 53.93 13.53
N ASP N 27 49.16 54.67 12.55
CA ASP N 27 49.53 56.06 12.30
C ASP N 27 49.23 56.90 13.54
N GLU N 28 47.98 56.81 14.02
CA GLU N 28 47.52 57.48 15.22
C GLU N 28 48.47 57.22 16.40
N LEU N 29 48.96 55.99 16.53
CA LEU N 29 49.81 55.60 17.64
C LEU N 29 51.29 55.71 17.26
N GLN N 30 51.54 56.19 16.03
CA GLN N 30 52.88 56.37 15.47
C GLN N 30 53.63 55.05 15.52
N LEU N 31 53.08 54.02 14.87
CA LEU N 31 53.68 52.70 14.86
C LEU N 31 54.17 52.37 13.45
N PHE N 32 55.36 51.79 13.40
CA PHE N 32 55.99 51.40 12.15
C PHE N 32 55.88 49.88 12.02
N ARG N 33 55.72 49.40 10.78
CA ARG N 33 55.63 47.96 10.55
C ARG N 33 56.82 47.25 11.18
N GLY N 34 56.54 46.35 12.12
CA GLY N 34 57.62 45.55 12.70
C GLY N 34 58.04 46.08 14.05
N ASP N 35 57.51 47.24 14.43
CA ASP N 35 57.83 47.84 15.72
C ASP N 35 57.40 46.86 16.82
N THR N 36 58.31 46.58 17.75
CA THR N 36 57.92 45.85 18.95
C THR N 36 56.97 46.71 19.78
N VAL N 37 55.87 46.10 20.21
CA VAL N 37 54.87 46.75 21.04
C VAL N 37 54.73 45.96 22.36
N LEU N 38 54.36 46.66 23.43
CA LEU N 38 54.06 46.03 24.70
C LEU N 38 52.54 46.05 24.91
N LEU N 39 51.98 44.88 25.18
CA LEU N 39 50.54 44.74 25.37
C LEU N 39 50.28 44.39 26.82
N LYS N 40 49.29 45.06 27.42
CA LYS N 40 48.93 44.80 28.81
C LYS N 40 47.53 44.22 28.82
N GLY N 41 47.31 43.22 29.69
CA GLY N 41 46.05 42.50 29.79
C GLY N 41 45.62 42.30 31.25
N LYS N 42 44.75 41.31 31.47
CA LYS N 42 44.22 41.03 32.80
C LYS N 42 45.28 40.32 33.64
N LYS N 43 45.00 40.19 34.96
CA LYS N 43 45.91 39.61 35.94
C LYS N 43 47.28 40.26 35.83
N ARG N 44 47.31 41.51 35.37
CA ARG N 44 48.49 42.33 35.22
C ARG N 44 49.52 41.65 34.34
N ARG N 45 49.07 40.74 33.47
CA ARG N 45 49.94 40.02 32.55
C ARG N 45 50.36 40.97 31.42
N GLU N 46 51.51 40.69 30.81
CA GLU N 46 52.07 41.50 29.76
C GLU N 46 52.61 40.62 28.63
N ALA N 47 52.73 41.21 27.43
CA ALA N 47 53.32 40.53 26.30
C ALA N 47 53.95 41.54 25.35
N VAL N 48 54.98 41.09 24.63
CA VAL N 48 55.63 41.92 23.62
C VAL N 48 55.50 41.22 22.28
N CYS N 49 55.20 42.00 21.23
CA CYS N 49 54.88 41.46 19.92
C CYS N 49 55.34 42.42 18.83
N ILE N 50 55.22 41.97 17.59
CA ILE N 50 55.50 42.73 16.39
C ILE N 50 54.18 43.23 15.82
N VAL N 51 54.10 44.51 15.46
CA VAL N 51 52.86 45.02 14.92
C VAL N 51 52.94 45.08 13.39
N LEU N 52 51.83 44.72 12.73
CA LEU N 52 51.66 44.85 11.29
C LEU N 52 50.27 45.39 11.01
N SER N 53 49.96 45.62 9.73
CA SER N 53 48.72 46.32 9.41
C SER N 53 47.78 45.36 8.67
N ASP N 54 46.54 45.25 9.17
CA ASP N 54 45.53 44.47 8.50
C ASP N 54 44.44 45.41 8.00
N ASP N 55 44.14 45.33 6.69
CA ASP N 55 43.09 46.12 6.07
C ASP N 55 41.76 45.85 6.78
N THR N 56 41.46 44.56 7.00
CA THR N 56 40.16 44.12 7.52
C THR N 56 40.00 44.51 9.00
N CYS N 57 41.12 44.75 9.69
CA CYS N 57 41.07 45.02 11.11
C CYS N 57 40.40 46.38 11.34
N SER N 58 39.28 46.36 12.07
CA SER N 58 38.60 47.53 12.57
C SER N 58 39.53 48.36 13.46
N ASP N 59 39.41 49.69 13.41
CA ASP N 59 40.40 50.60 13.98
C ASP N 59 40.51 50.39 15.48
N GLU N 60 39.38 50.02 16.10
CA GLU N 60 39.30 49.94 17.54
C GLU N 60 39.68 48.53 18.04
N LYS N 61 40.10 47.66 17.10
CA LYS N 61 40.37 46.26 17.43
C LYS N 61 41.83 45.90 17.16
N ILE N 62 42.31 44.86 17.86
CA ILE N 62 43.61 44.25 17.64
C ILE N 62 43.42 42.77 17.33
N ARG N 63 44.18 42.27 16.37
CA ARG N 63 44.15 40.87 16.04
C ARG N 63 45.35 40.17 16.67
N MET N 64 45.08 39.19 17.52
CA MET N 64 46.15 38.40 18.10
C MET N 64 45.75 36.93 18.15
N ASN N 65 46.74 36.05 17.95
CA ASN N 65 46.56 34.60 18.03
C ASN N 65 46.29 34.20 19.46
N ARG N 66 46.01 32.92 19.66
CA ARG N 66 45.50 32.42 20.93
C ARG N 66 46.65 32.35 21.92
N VAL N 67 47.89 32.21 21.39
CA VAL N 67 49.07 32.20 22.23
C VAL N 67 49.12 33.50 23.04
N VAL N 68 49.05 34.65 22.32
CA VAL N 68 49.11 35.98 22.91
C VAL N 68 47.96 36.16 23.90
N ARG N 69 46.74 35.82 23.49
CA ARG N 69 45.56 36.02 24.31
C ARG N 69 45.77 35.35 25.67
N ASN N 70 46.30 34.12 25.63
CA ASN N 70 46.53 33.34 26.84
C ASN N 70 47.58 34.03 27.72
N ASN N 71 48.64 34.53 27.07
CA ASN N 71 49.71 35.21 27.77
C ASN N 71 49.19 36.48 28.43
N LEU N 72 48.27 37.16 27.75
CA LEU N 72 47.66 38.35 28.31
C LEU N 72 46.46 38.00 29.19
N ARG N 73 46.19 36.71 29.35
CA ARG N 73 45.01 36.21 30.08
C ARG N 73 43.74 36.96 29.68
N VAL N 74 43.56 37.24 28.39
CA VAL N 74 42.33 37.83 27.87
C VAL N 74 41.66 36.83 26.93
N ARG N 75 40.37 37.08 26.67
CA ARG N 75 39.58 36.31 25.72
C ARG N 75 39.12 37.24 24.61
N LEU N 76 38.64 36.66 23.51
CA LEU N 76 38.13 37.46 22.41
C LEU N 76 37.04 38.41 22.92
N GLY N 77 37.18 39.69 22.57
CA GLY N 77 36.22 40.71 22.96
C GLY N 77 36.66 41.52 24.18
N ASP N 78 37.74 41.09 24.84
CA ASP N 78 38.31 41.82 25.96
C ASP N 78 39.03 43.07 25.43
N VAL N 79 39.46 43.94 26.36
CA VAL N 79 40.16 45.14 25.98
C VAL N 79 41.61 45.02 26.45
N ILE N 80 42.56 45.53 25.65
CA ILE N 80 43.97 45.52 26.02
C ILE N 80 44.53 46.93 25.80
N SER N 81 45.73 47.17 26.34
CA SER N 81 46.45 48.41 26.14
C SER N 81 47.72 48.15 25.34
N ILE N 82 47.96 49.02 24.36
CA ILE N 82 49.14 48.90 23.51
C ILE N 82 50.01 50.15 23.72
N GLN N 83 51.28 49.92 24.02
CA GLN N 83 52.28 50.99 24.08
C GLN N 83 53.52 50.52 23.33
N PRO N 84 54.24 51.44 22.64
CA PRO N 84 55.51 51.09 21.99
C PRO N 84 56.59 50.68 22.99
N CYS N 85 57.52 49.85 22.51
CA CYS N 85 58.56 49.29 23.35
C CYS N 85 59.87 49.34 22.57
N PRO N 86 60.43 50.53 22.26
CA PRO N 86 61.60 50.62 21.38
C PRO N 86 62.93 50.29 22.08
N ASP N 87 62.86 50.19 23.42
CA ASP N 87 64.02 49.93 24.27
C ASP N 87 64.38 48.45 24.30
N VAL N 88 63.86 47.68 23.33
CA VAL N 88 64.10 46.24 23.23
C VAL N 88 65.52 46.01 22.72
N LYS N 89 66.33 45.37 23.58
CA LYS N 89 67.70 45.04 23.23
C LYS N 89 67.82 43.56 22.84
N TYR N 90 68.47 43.30 21.70
CA TYR N 90 68.94 41.98 21.34
C TYR N 90 69.60 41.33 22.56
N GLY N 91 68.82 40.59 23.35
CA GLY N 91 69.29 39.95 24.56
C GLY N 91 70.32 38.85 24.28
N LYS N 92 71.09 38.51 25.31
CA LYS N 92 72.23 37.61 25.13
C LYS N 92 71.79 36.17 25.38
N ARG N 93 71.22 35.90 26.56
CA ARG N 93 70.90 34.54 27.02
C ARG N 93 69.43 34.44 27.42
N ILE N 94 68.71 33.48 26.82
CA ILE N 94 67.33 33.14 27.22
C ILE N 94 67.25 31.68 27.61
N HIS N 95 66.37 31.40 28.58
CA HIS N 95 66.17 30.06 29.10
C HIS N 95 64.72 29.65 28.98
N VAL N 96 64.47 28.57 28.22
CA VAL N 96 63.12 28.12 27.89
C VAL N 96 63.00 26.64 28.26
N LEU N 97 61.84 26.28 28.81
CA LEU N 97 61.57 24.92 29.22
C LEU N 97 60.19 24.50 28.72
N PRO N 98 60.02 23.24 28.27
CA PRO N 98 58.73 22.77 27.77
C PRO N 98 57.78 22.39 28.89
N ILE N 99 56.47 22.53 28.64
CA ILE N 99 55.42 22.05 29.53
C ILE N 99 55.24 20.55 29.33
N ASP N 100 55.05 19.82 30.44
CA ASP N 100 55.11 18.38 30.50
C ASP N 100 54.15 17.72 29.50
N ASP N 101 52.85 18.11 29.53
CA ASP N 101 51.82 17.50 28.70
C ASP N 101 52.23 17.51 27.21
N THR N 102 52.79 18.63 26.74
CA THR N 102 53.10 18.80 25.34
C THR N 102 54.23 17.90 24.86
N VAL N 103 55.12 17.44 25.76
CA VAL N 103 56.33 16.77 25.30
C VAL N 103 56.30 15.28 25.59
N GLU N 104 55.16 14.76 26.10
CA GLU N 104 55.03 13.35 26.41
C GLU N 104 55.25 12.51 25.15
N GLY N 105 56.27 11.65 25.14
CA GLY N 105 56.54 10.82 23.99
C GLY N 105 57.56 11.42 23.03
N ILE N 106 57.75 12.74 23.12
CA ILE N 106 58.72 13.43 22.28
C ILE N 106 60.11 13.09 22.80
N THR N 107 60.97 12.61 21.89
CA THR N 107 62.30 12.14 22.26
C THR N 107 63.33 12.70 21.28
N GLY N 108 63.38 14.04 21.17
CA GLY N 108 64.36 14.68 20.32
C GLY N 108 65.18 15.70 21.13
N ASN N 109 66.15 16.31 20.45
CA ASN N 109 66.71 17.56 20.95
C ASN N 109 65.74 18.67 20.52
N LEU N 110 64.93 19.08 21.50
CA LEU N 110 63.90 20.09 21.37
C LEU N 110 64.46 21.33 20.67
N PHE N 111 65.74 21.63 20.95
CA PHE N 111 66.38 22.79 20.35
C PHE N 111 66.33 22.67 18.83
N GLU N 112 66.94 21.61 18.29
CA GLU N 112 67.12 21.47 16.86
C GLU N 112 65.76 21.35 16.17
N VAL N 113 64.88 20.52 16.73
CA VAL N 113 63.58 20.25 16.12
C VAL N 113 62.65 21.47 16.24
N TYR N 114 62.43 21.96 17.47
CA TYR N 114 61.44 23.01 17.72
C TYR N 114 62.09 24.39 17.77
N LEU N 115 62.89 24.63 18.82
CA LEU N 115 63.34 25.97 19.23
C LEU N 115 64.17 26.66 18.16
N LYS N 116 65.18 25.95 17.63
CA LYS N 116 66.13 26.56 16.70
C LYS N 116 65.41 27.22 15.54
N PRO N 117 64.62 26.51 14.70
CA PRO N 117 63.98 27.12 13.54
C PRO N 117 62.86 28.10 13.89
N TYR N 118 62.29 27.98 15.11
CA TYR N 118 61.29 28.93 15.58
C TYR N 118 61.91 30.32 15.60
N PHE N 119 63.03 30.44 16.33
CA PHE N 119 63.68 31.70 16.63
C PHE N 119 64.59 32.17 15.50
N LEU N 120 65.01 31.23 14.65
CA LEU N 120 66.09 31.47 13.70
C LEU N 120 65.74 32.63 12.78
N GLU N 121 66.55 33.70 12.88
CA GLU N 121 66.46 34.88 12.01
C GLU N 121 65.06 35.46 12.05
N ALA N 122 64.34 35.17 13.14
CA ALA N 122 62.98 35.65 13.30
C ALA N 122 63.02 37.02 13.97
N TYR N 123 64.03 37.21 14.83
CA TYR N 123 64.17 38.41 15.62
C TYR N 123 62.92 38.59 16.47
N ARG N 124 62.50 37.52 17.13
CA ARG N 124 61.25 37.46 17.85
C ARG N 124 61.40 38.16 19.20
N PRO N 125 60.54 39.14 19.55
CA PRO N 125 60.49 39.69 20.90
C PRO N 125 59.91 38.65 21.84
N ILE N 126 60.55 38.47 23.02
CA ILE N 126 60.08 37.56 24.05
C ILE N 126 60.08 38.25 25.40
N ARG N 127 59.16 37.83 26.27
CA ARG N 127 59.10 38.35 27.63
C ARG N 127 59.18 37.18 28.59
N LYS N 128 59.66 37.44 29.81
CA LYS N 128 59.76 36.37 30.78
C LYS N 128 58.33 35.93 31.07
N GLY N 129 58.15 34.63 31.31
CA GLY N 129 56.89 34.07 31.76
C GLY N 129 55.90 33.83 30.63
N ASP N 130 56.33 34.10 29.38
CA ASP N 130 55.57 33.85 28.17
C ASP N 130 55.56 32.35 27.90
N ILE N 131 54.42 31.83 27.42
CA ILE N 131 54.32 30.50 26.87
C ILE N 131 54.10 30.63 25.39
N PHE N 132 54.97 29.99 24.59
CA PHE N 132 54.85 30.03 23.15
C PHE N 132 54.71 28.59 22.63
N LEU N 133 54.27 28.47 21.37
CA LEU N 133 53.93 27.19 20.80
C LEU N 133 54.71 26.98 19.51
N VAL N 134 55.40 25.84 19.41
CA VAL N 134 56.11 25.49 18.20
C VAL N 134 55.49 24.22 17.65
N ARG N 135 55.25 24.21 16.34
CA ARG N 135 54.55 23.07 15.74
C ARG N 135 55.55 22.29 14.92
N GLY N 136 55.54 20.96 15.04
CA GLY N 136 56.31 20.12 14.13
C GLY N 136 56.27 18.66 14.56
N GLY N 137 56.74 17.79 13.66
CA GLY N 137 56.76 16.35 13.90
C GLY N 137 55.40 15.80 14.34
N MET N 138 54.37 16.27 13.65
CA MET N 138 52.98 15.94 13.89
C MET N 138 52.59 16.18 15.35
N ARG N 139 53.20 17.20 15.99
CA ARG N 139 52.84 17.60 17.35
C ARG N 139 52.99 19.12 17.46
N ALA N 140 52.50 19.66 18.60
CA ALA N 140 52.78 21.05 18.93
C ALA N 140 53.19 21.13 20.39
N VAL N 141 54.38 21.72 20.63
CA VAL N 141 55.00 21.77 21.95
C VAL N 141 54.86 23.18 22.50
N GLU N 142 54.49 23.27 23.79
CA GLU N 142 54.43 24.55 24.50
C GLU N 142 55.68 24.73 25.36
N PHE N 143 56.40 25.84 25.12
CA PHE N 143 57.56 26.21 25.92
C PHE N 143 57.23 27.49 26.71
N LYS N 144 57.70 27.52 27.97
CA LYS N 144 57.67 28.72 28.80
C LYS N 144 59.06 29.35 28.85
N VAL N 145 59.11 30.69 28.71
CA VAL N 145 60.33 31.46 28.90
C VAL N 145 60.54 31.64 30.39
N VAL N 146 61.53 30.91 30.93
CA VAL N 146 61.81 30.90 32.37
C VAL N 146 62.74 32.06 32.73
N GLU N 147 63.73 32.35 31.87
CA GLU N 147 64.60 33.48 32.12
C GLU N 147 65.04 34.14 30.80
N THR N 148 65.18 35.46 30.83
CA THR N 148 65.70 36.22 29.71
C THR N 148 66.87 37.09 30.18
N ASP N 149 67.79 37.39 29.25
CA ASP N 149 68.98 38.19 29.49
C ASP N 149 68.62 39.52 30.16
N PRO N 150 68.11 40.56 29.43
CA PRO N 150 67.42 41.67 30.09
C PRO N 150 66.13 41.10 30.72
N SER N 151 65.91 41.40 32.00
CA SER N 151 64.94 40.67 32.80
C SER N 151 63.53 40.75 32.20
N PRO N 152 62.99 41.95 31.88
CA PRO N 152 61.65 42.04 31.27
C PRO N 152 61.63 41.43 29.87
N TYR N 153 62.16 42.17 28.89
CA TYR N 153 61.98 41.83 27.49
C TYR N 153 63.36 41.58 26.87
N CYS N 154 63.34 41.00 25.68
CA CYS N 154 64.53 40.68 24.93
C CYS N 154 64.12 40.44 23.47
N ILE N 155 65.00 40.71 22.51
CA ILE N 155 64.80 40.17 21.18
C ILE N 155 65.76 38.99 20.97
N VAL N 156 65.21 37.81 20.66
CA VAL N 156 66.03 36.67 20.32
C VAL N 156 66.59 36.86 18.92
N ALA N 157 67.88 37.25 18.88
CA ALA N 157 68.64 37.57 17.68
C ALA N 157 69.71 36.50 17.47
N PRO N 158 70.33 36.42 16.26
CA PRO N 158 71.19 35.27 15.92
C PRO N 158 72.13 34.83 17.04
N ASP N 159 72.83 35.79 17.65
CA ASP N 159 73.82 35.52 18.67
C ASP N 159 73.17 35.22 20.04
N THR N 160 71.83 35.32 20.12
CA THR N 160 71.16 35.04 21.37
C THR N 160 71.36 33.56 21.72
N VAL N 161 71.86 33.32 22.93
CA VAL N 161 72.01 31.96 23.42
C VAL N 161 70.66 31.47 23.90
N ILE N 162 70.22 30.35 23.32
CA ILE N 162 68.97 29.72 23.71
C ILE N 162 69.31 28.47 24.50
N HIS N 163 68.82 28.39 25.74
CA HIS N 163 69.18 27.25 26.55
C HIS N 163 67.93 26.50 26.98
N CYS N 164 67.92 25.18 26.73
CA CYS N 164 66.90 24.30 27.25
C CYS N 164 67.52 23.28 28.22
N GLU N 165 67.09 23.34 29.47
CA GLU N 165 67.73 22.64 30.59
C GLU N 165 67.27 21.20 30.60
N GLY N 166 66.08 20.94 30.04
CA GLY N 166 65.58 19.58 29.92
C GLY N 166 64.94 19.03 31.20
N GLU N 167 64.29 19.91 31.95
CA GLU N 167 63.32 19.46 32.95
C GLU N 167 61.93 20.02 32.62
N PRO N 168 60.98 19.19 32.12
CA PRO N 168 59.65 19.69 31.73
C PRO N 168 58.87 20.27 32.91
N ILE N 169 58.41 21.52 32.76
CA ILE N 169 57.66 22.24 33.79
C ILE N 169 56.22 21.73 33.82
N LYS N 170 55.57 21.92 34.98
CA LYS N 170 54.17 21.59 35.17
C LYS N 170 53.31 22.72 34.59
N ARG N 171 52.02 22.46 34.40
CA ARG N 171 51.10 23.46 33.90
C ARG N 171 50.37 24.10 35.08
N ALA N 172 50.50 25.42 35.23
CA ALA N 172 49.79 26.15 36.28
C ALA N 172 48.30 26.24 35.93
N ALA N 173 47.45 26.52 36.92
CA ALA N 173 46.01 26.37 36.78
C ALA N 173 45.43 27.37 35.78
N ALA N 174 46.01 28.59 35.74
CA ALA N 174 45.55 29.66 34.85
C ALA N 174 46.00 29.44 33.40
N GLU N 175 47.03 28.60 33.18
CA GLU N 175 47.58 28.30 31.86
C GLU N 175 46.68 27.30 31.13
N GLU N 176 46.19 27.68 29.94
CA GLU N 176 45.31 26.81 29.16
C GLU N 176 46.08 26.15 28.03
N SER N 177 45.71 24.90 27.74
CA SER N 177 46.34 24.16 26.65
C SER N 177 46.04 24.80 25.30
N LEU N 178 47.06 24.90 24.46
CA LEU N 178 46.87 25.38 23.12
C LEU N 178 46.47 24.19 22.24
N ASN N 179 46.42 23.00 22.84
CA ASN N 179 45.90 21.83 22.17
C ASN N 179 44.38 21.72 22.38
N GLU N 180 43.81 22.54 23.25
CA GLU N 180 42.37 22.71 23.35
C GLU N 180 41.83 23.29 22.05
N VAL N 181 40.56 22.97 21.74
CA VAL N 181 39.99 23.38 20.47
C VAL N 181 39.60 24.86 20.58
N GLY N 182 39.88 25.63 19.52
CA GLY N 182 39.40 26.99 19.43
C GLY N 182 38.86 27.34 18.05
N TYR N 183 38.46 28.60 17.86
CA TYR N 183 37.91 28.99 16.57
C TYR N 183 38.95 28.76 15.49
N ASP N 184 40.23 28.80 15.84
CA ASP N 184 41.33 28.67 14.89
C ASP N 184 41.41 27.24 14.36
N ASP N 185 40.62 26.34 14.96
CA ASP N 185 40.66 24.95 14.54
C ASP N 185 39.44 24.63 13.68
N ILE N 186 38.62 25.64 13.46
CA ILE N 186 37.38 25.49 12.74
C ILE N 186 37.53 26.27 11.44
N GLY N 187 37.39 25.57 10.30
CA GLY N 187 37.44 26.24 9.01
C GLY N 187 36.15 26.04 8.21
N GLY N 188 35.72 27.11 7.53
CA GLY N 188 34.60 26.92 6.62
C GLY N 188 33.23 27.33 7.19
N CYS N 189 33.09 27.59 8.49
CA CYS N 189 31.76 27.94 8.96
C CYS N 189 31.74 29.38 9.46
N ARG N 190 32.43 30.26 8.73
CA ARG N 190 32.62 31.65 9.17
C ARG N 190 31.32 32.26 9.66
N LYS N 191 30.35 32.34 8.77
CA LYS N 191 29.12 33.08 9.01
C LYS N 191 28.32 32.42 10.14
N GLN N 192 28.28 31.08 10.11
CA GLN N 192 27.52 30.32 11.10
C GLN N 192 28.19 30.49 12.47
N LEU N 193 29.52 30.45 12.48
CA LEU N 193 30.27 30.59 13.71
C LEU N 193 30.02 31.96 14.33
N ALA N 194 30.04 33.00 13.46
CA ALA N 194 29.73 34.36 13.83
C ALA N 194 28.36 34.48 14.51
N GLN N 195 27.34 33.83 13.93
CA GLN N 195 26.01 33.90 14.51
C GLN N 195 26.02 33.33 15.92
N ILE N 196 26.67 32.18 16.09
CA ILE N 196 26.66 31.46 17.35
C ILE N 196 27.39 32.29 18.39
N LYS N 197 28.50 32.89 17.96
CA LYS N 197 29.31 33.78 18.76
C LYS N 197 28.44 34.89 19.37
N GLU N 198 27.66 35.57 18.51
CA GLU N 198 26.78 36.65 18.92
C GLU N 198 25.76 36.15 19.93
N MET N 199 25.26 34.94 19.67
CA MET N 199 24.17 34.37 20.45
C MET N 199 24.63 34.22 21.90
N VAL N 200 25.87 33.73 22.05
CA VAL N 200 26.39 33.33 23.35
C VAL N 200 27.17 34.49 24.02
N GLU N 201 27.51 35.54 23.27
CA GLU N 201 28.28 36.68 23.80
C GLU N 201 27.73 37.12 25.16
N LEU N 202 26.54 37.74 25.18
CA LEU N 202 26.03 38.30 26.42
C LEU N 202 25.82 37.23 27.49
N PRO N 203 25.13 36.10 27.23
CA PRO N 203 24.90 35.11 28.30
C PRO N 203 26.15 34.48 28.89
N LEU N 204 27.17 34.24 28.07
CA LEU N 204 28.39 33.57 28.52
C LEU N 204 29.43 34.58 29.00
N ARG N 205 29.62 35.67 28.27
CA ARG N 205 30.69 36.61 28.61
C ARG N 205 30.22 37.74 29.53
N HIS N 206 28.91 38.00 29.63
CA HIS N 206 28.43 39.11 30.44
C HIS N 206 27.19 38.68 31.22
N PRO N 207 27.24 37.57 31.99
CA PRO N 207 26.04 37.00 32.63
C PRO N 207 25.32 37.98 33.54
N ALA N 208 26.11 38.84 34.18
CA ALA N 208 25.61 39.75 35.20
C ALA N 208 24.47 40.60 34.63
N LEU N 209 24.57 40.90 33.34
CA LEU N 209 23.67 41.83 32.70
C LEU N 209 22.24 41.33 32.89
N PHE N 210 22.06 40.01 32.94
CA PHE N 210 20.72 39.42 32.94
C PHE N 210 20.05 39.57 34.31
N LYS N 211 20.83 39.97 35.34
CA LYS N 211 20.23 40.31 36.61
C LYS N 211 19.56 41.68 36.51
N ALA N 212 20.16 42.60 35.75
CA ALA N 212 19.70 43.97 35.65
C ALA N 212 18.55 44.15 34.65
N ILE N 213 18.36 43.20 33.72
CA ILE N 213 17.42 43.35 32.61
C ILE N 213 16.45 42.18 32.58
N GLY N 214 15.29 42.40 31.95
CA GLY N 214 14.23 41.41 31.89
C GLY N 214 14.16 40.70 30.54
N VAL N 215 15.03 41.11 29.59
CA VAL N 215 15.17 40.46 28.30
C VAL N 215 15.69 39.04 28.47
N LYS N 216 15.13 38.12 27.68
CA LYS N 216 15.41 36.69 27.81
C LYS N 216 16.50 36.29 26.81
N PRO N 217 17.62 35.70 27.26
CA PRO N 217 18.69 35.31 26.35
C PRO N 217 18.35 33.98 25.70
N PRO N 218 18.94 33.65 24.53
CA PRO N 218 18.63 32.38 23.85
C PRO N 218 19.09 31.22 24.71
N ARG N 219 18.24 30.19 24.83
CA ARG N 219 18.56 29.10 25.74
C ARG N 219 19.12 27.91 24.96
N GLY N 220 18.49 27.61 23.82
CA GLY N 220 18.83 26.40 23.06
C GLY N 220 19.24 26.72 21.64
N ILE N 221 20.39 26.18 21.22
CA ILE N 221 20.85 26.33 19.85
C ILE N 221 21.01 24.95 19.23
N LEU N 222 20.36 24.77 18.08
CA LEU N 222 20.31 23.51 17.38
C LEU N 222 21.21 23.60 16.15
N LEU N 223 22.25 22.77 16.10
CA LEU N 223 23.20 22.77 15.00
C LEU N 223 22.86 21.63 14.07
N TYR N 224 22.34 21.97 12.87
CA TYR N 224 21.88 20.94 11.93
C TYR N 224 22.87 20.90 10.77
N GLY N 225 23.29 19.68 10.41
CA GLY N 225 24.20 19.47 9.31
C GLY N 225 24.50 17.99 9.12
N PRO N 226 25.04 17.57 7.95
CA PRO N 226 25.45 16.17 7.78
C PRO N 226 26.57 15.82 8.74
N PRO N 227 26.86 14.53 8.96
CA PRO N 227 27.96 14.11 9.84
C PRO N 227 29.32 14.59 9.33
N GLY N 228 30.18 15.02 10.28
CA GLY N 228 31.57 15.35 10.00
C GLY N 228 31.76 16.82 9.65
N THR N 229 30.74 17.64 9.92
CA THR N 229 30.74 19.06 9.56
C THR N 229 31.35 19.92 10.68
N GLY N 230 31.61 19.30 11.84
CA GLY N 230 32.31 19.96 12.92
C GLY N 230 31.38 20.59 13.97
N LYS N 231 30.24 19.94 14.22
CA LYS N 231 29.27 20.49 15.15
C LYS N 231 29.83 20.39 16.56
N THR N 232 30.45 19.24 16.87
CA THR N 232 31.04 19.06 18.19
C THR N 232 32.18 20.04 18.38
N LEU N 233 32.98 20.24 17.33
CA LEU N 233 34.07 21.20 17.35
C LEU N 233 33.57 22.58 17.74
N ILE N 234 32.54 23.05 17.02
CA ILE N 234 32.00 24.37 17.22
C ILE N 234 31.64 24.56 18.69
N ALA N 235 30.87 23.61 19.23
CA ALA N 235 30.44 23.74 20.61
C ALA N 235 31.65 23.88 21.53
N ARG N 236 32.62 22.96 21.40
CA ARG N 236 33.76 22.95 22.30
C ARG N 236 34.55 24.24 22.16
N ALA N 237 34.77 24.66 20.91
CA ALA N 237 35.49 25.91 20.66
C ALA N 237 34.81 27.08 21.38
N VAL N 238 33.52 27.25 21.14
CA VAL N 238 32.78 28.34 21.75
C VAL N 238 32.96 28.31 23.26
N ALA N 239 32.87 27.13 23.85
CA ALA N 239 33.05 26.99 25.30
C ALA N 239 34.42 27.52 25.70
N ASN N 240 35.47 27.00 25.04
CA ASN N 240 36.84 27.35 25.35
C ASN N 240 37.04 28.85 25.18
N GLU N 241 36.59 29.37 24.04
CA GLU N 241 36.83 30.76 23.68
C GLU N 241 36.08 31.71 24.60
N THR N 242 34.95 31.28 25.17
CA THR N 242 34.18 32.13 26.06
C THR N 242 34.53 31.82 27.51
N GLY N 243 35.37 30.80 27.69
CA GLY N 243 35.69 30.27 29.01
C GLY N 243 34.47 29.78 29.77
N ALA N 244 33.71 28.87 29.16
CA ALA N 244 32.51 28.36 29.80
C ALA N 244 32.69 26.87 30.07
N PHE N 245 32.02 26.39 31.11
CA PHE N 245 32.08 24.97 31.44
C PHE N 245 31.42 24.21 30.30
N PHE N 246 32.03 23.09 29.88
CA PHE N 246 31.45 22.32 28.79
C PHE N 246 31.03 20.96 29.33
N PHE N 247 29.75 20.62 29.20
CA PHE N 247 29.33 19.28 29.51
C PHE N 247 28.85 18.60 28.23
N LEU N 248 29.46 17.45 27.89
CA LEU N 248 29.04 16.65 26.75
C LEU N 248 28.02 15.60 27.16
N ILE N 249 26.84 15.61 26.50
CA ILE N 249 25.92 14.50 26.56
C ILE N 249 25.97 13.80 25.20
N ASN N 250 26.25 12.50 25.20
CA ASN N 250 26.24 11.77 23.95
C ASN N 250 25.04 10.83 23.93
N GLY N 251 24.17 11.02 22.92
CA GLY N 251 22.94 10.24 22.78
C GLY N 251 23.14 8.76 23.06
N PRO N 252 23.97 8.07 22.25
CA PRO N 252 24.29 6.66 22.48
C PRO N 252 24.66 6.34 23.92
N GLU N 253 25.51 7.15 24.54
CA GLU N 253 25.89 6.87 25.93
C GLU N 253 24.62 6.82 26.79
N ILE N 254 23.78 7.85 26.68
CA ILE N 254 22.58 7.94 27.49
C ILE N 254 21.73 6.69 27.27
N MET N 255 21.55 6.33 26.00
CA MET N 255 20.63 5.28 25.63
C MET N 255 21.20 3.91 25.96
N SER N 256 22.50 3.83 26.25
CA SER N 256 23.12 2.57 26.64
C SER N 256 22.73 2.22 28.07
N LYS N 257 22.48 3.24 28.89
CA LYS N 257 22.15 3.09 30.30
C LYS N 257 20.77 2.46 30.45
N LEU N 258 20.48 1.87 31.61
CA LEU N 258 19.21 1.19 31.80
C LEU N 258 18.23 2.12 32.49
N ALA N 259 16.98 2.12 32.00
CA ALA N 259 15.85 2.81 32.60
C ALA N 259 16.24 4.19 33.14
N GLY N 260 16.05 4.39 34.45
CA GLY N 260 16.21 5.67 35.08
C GLY N 260 17.64 6.20 34.99
N GLU N 261 18.61 5.29 34.86
CA GLU N 261 20.01 5.69 34.80
C GLU N 261 20.18 6.66 33.63
N SER N 262 19.44 6.44 32.54
CA SER N 262 19.41 7.38 31.43
C SER N 262 19.06 8.77 31.95
N GLU N 263 17.86 8.86 32.54
CA GLU N 263 17.24 10.12 32.90
C GLU N 263 18.02 10.77 34.05
N SER N 264 18.54 9.94 34.97
CA SER N 264 19.37 10.42 36.05
C SER N 264 20.57 11.17 35.46
N ASN N 265 21.26 10.52 34.52
CA ASN N 265 22.44 11.06 33.88
C ASN N 265 22.11 12.39 33.20
N LEU N 266 20.91 12.43 32.58
CA LEU N 266 20.42 13.65 31.94
C LEU N 266 20.30 14.77 32.96
N ARG N 267 19.56 14.50 34.05
CA ARG N 267 19.34 15.47 35.12
C ARG N 267 20.70 15.93 35.64
N LYS N 268 21.59 14.96 35.93
CA LYS N 268 22.90 15.22 36.50
C LYS N 268 23.68 16.21 35.63
N ALA N 269 23.62 15.98 34.31
CA ALA N 269 24.32 16.81 33.36
C ALA N 269 23.84 18.25 33.51
N PHE N 270 22.51 18.41 33.58
CA PHE N 270 21.91 19.72 33.68
C PHE N 270 22.32 20.37 34.99
N GLU N 271 22.18 19.63 36.08
CA GLU N 271 22.52 20.11 37.41
C GLU N 271 23.98 20.55 37.47
N GLU N 272 24.87 19.69 36.95
CA GLU N 272 26.30 19.98 36.97
C GLU N 272 26.59 21.29 36.24
N ALA N 273 25.98 21.43 35.06
CA ALA N 273 26.12 22.62 34.24
C ALA N 273 25.64 23.84 35.03
N GLU N 274 24.43 23.75 35.59
CA GLU N 274 23.84 24.82 36.37
C GLU N 274 24.89 25.30 37.37
N LYS N 275 25.53 24.34 38.04
CA LYS N 275 26.50 24.61 39.10
C LYS N 275 27.74 25.32 38.58
N ASN N 276 28.31 24.84 37.46
CA ASN N 276 29.56 25.41 36.99
C ASN N 276 29.31 26.48 35.92
N ALA N 277 28.14 27.13 35.97
CA ALA N 277 27.78 28.14 34.99
C ALA N 277 28.66 29.38 35.13
N PRO N 278 28.86 30.22 34.09
CA PRO N 278 28.27 30.00 32.76
C PRO N 278 28.79 28.73 32.10
N ALA N 279 27.88 28.03 31.41
CA ALA N 279 28.15 26.70 30.88
C ALA N 279 27.49 26.48 29.53
N ILE N 280 28.12 25.62 28.72
CA ILE N 280 27.50 25.08 27.52
C ILE N 280 27.32 23.57 27.68
N ILE N 281 26.08 23.10 27.53
CA ILE N 281 25.82 21.68 27.38
C ILE N 281 25.78 21.37 25.88
N PHE N 282 26.47 20.30 25.47
CA PHE N 282 26.37 19.87 24.09
C PHE N 282 25.77 18.47 24.04
N ILE N 283 24.66 18.34 23.28
CA ILE N 283 24.03 17.05 23.07
C ILE N 283 24.39 16.55 21.67
N ASP N 284 25.25 15.54 21.64
CA ASP N 284 25.68 14.91 20.41
C ASP N 284 24.65 13.84 20.05
N GLU N 285 24.27 13.79 18.77
CA GLU N 285 23.37 12.75 18.32
C GLU N 285 22.06 12.85 19.10
N LEU N 286 21.46 14.04 19.07
CA LEU N 286 20.22 14.33 19.75
C LEU N 286 19.10 13.40 19.27
N ASP N 287 19.17 12.99 17.99
CA ASP N 287 18.20 12.11 17.36
C ASP N 287 18.10 10.77 18.09
N ALA N 288 19.19 10.36 18.77
CA ALA N 288 19.22 9.16 19.57
C ALA N 288 18.35 9.30 20.82
N ILE N 289 18.44 10.46 21.49
CA ILE N 289 17.67 10.73 22.71
C ILE N 289 16.22 11.06 22.36
N ALA N 290 15.99 11.84 21.29
CA ALA N 290 14.72 12.48 21.07
C ALA N 290 14.28 12.41 19.61
N PRO N 291 13.95 11.21 19.10
CA PRO N 291 13.41 11.11 17.74
C PRO N 291 11.95 11.59 17.77
N LYS N 292 11.31 11.63 16.57
CA LYS N 292 9.90 12.00 16.45
C LYS N 292 9.02 10.94 17.11
N ARG N 293 7.78 11.32 17.52
CA ARG N 293 6.92 10.41 18.27
C ARG N 293 6.53 9.17 17.44
N GLU N 294 6.43 9.33 16.12
CA GLU N 294 6.27 8.23 15.19
C GLU N 294 7.36 7.18 15.44
N LYS N 295 8.63 7.55 15.22
CA LYS N 295 9.75 6.62 15.26
C LYS N 295 9.97 6.14 16.70
N THR N 296 9.42 6.84 17.69
CA THR N 296 9.64 6.45 19.07
C THR N 296 8.71 5.28 19.39
N HIS N 297 9.21 4.06 19.15
CA HIS N 297 8.53 2.86 19.62
C HIS N 297 8.98 2.61 21.06
N GLY N 298 8.01 2.38 21.95
CA GLY N 298 8.31 2.01 23.33
C GLY N 298 8.28 3.20 24.28
N GLU N 299 7.86 2.94 25.53
CA GLU N 299 7.52 3.99 26.47
C GLU N 299 8.75 4.54 27.17
N VAL N 300 9.73 3.69 27.46
CA VAL N 300 10.96 4.17 28.10
C VAL N 300 11.61 5.28 27.27
N GLU N 301 11.54 5.15 25.95
CA GLU N 301 12.14 6.14 25.06
C GLU N 301 11.40 7.46 25.19
N ARG N 302 10.05 7.41 25.24
CA ARG N 302 9.21 8.59 25.31
C ARG N 302 9.47 9.33 26.61
N ARG N 303 9.69 8.56 27.68
CA ARG N 303 10.01 9.12 28.98
C ARG N 303 11.26 9.99 28.88
N ILE N 304 12.27 9.52 28.13
CA ILE N 304 13.54 10.22 28.04
C ILE N 304 13.37 11.55 27.30
N VAL N 305 12.64 11.50 26.18
CA VAL N 305 12.35 12.71 25.43
C VAL N 305 11.67 13.72 26.36
N SER N 306 10.64 13.23 27.06
CA SER N 306 9.88 14.05 27.98
C SER N 306 10.79 14.70 29.00
N GLN N 307 11.63 13.89 29.64
CA GLN N 307 12.60 14.36 30.62
C GLN N 307 13.37 15.54 30.05
N LEU N 308 13.88 15.38 28.82
CA LEU N 308 14.75 16.38 28.21
C LEU N 308 13.99 17.69 28.04
N LEU N 309 12.76 17.60 27.52
CA LEU N 309 11.89 18.75 27.38
C LEU N 309 11.76 19.47 28.72
N THR N 310 11.36 18.73 29.78
CA THR N 310 11.22 19.31 31.11
C THR N 310 12.53 19.94 31.55
N LEU N 311 13.65 19.21 31.39
CA LEU N 311 14.95 19.71 31.80
C LEU N 311 15.26 21.05 31.14
N MET N 312 14.99 21.13 29.82
CA MET N 312 15.19 22.33 29.05
C MET N 312 14.28 23.42 29.60
N ASP N 313 13.00 23.08 29.78
CA ASP N 313 12.02 24.04 30.26
C ASP N 313 12.41 24.54 31.64
N GLY N 314 12.95 23.64 32.46
CA GLY N 314 13.31 23.95 33.83
C GLY N 314 14.51 24.86 33.94
N LEU N 315 15.24 25.07 32.84
CA LEU N 315 16.37 25.99 32.87
C LEU N 315 15.86 27.42 33.06
N LYS N 316 16.15 28.00 34.23
CA LYS N 316 15.86 29.40 34.48
C LYS N 316 16.86 30.26 33.71
N GLN N 317 16.46 31.49 33.38
CA GLN N 317 17.26 32.40 32.56
C GLN N 317 18.56 32.75 33.27
N ARG N 318 18.47 32.85 34.60
CA ARG N 318 19.58 33.20 35.49
C ARG N 318 20.56 32.05 35.62
N ALA N 319 20.22 30.88 35.05
CA ALA N 319 21.07 29.71 35.18
C ALA N 319 22.38 29.91 34.40
N HIS N 320 22.36 30.75 33.37
CA HIS N 320 23.51 31.10 32.55
C HIS N 320 24.06 29.86 31.84
N VAL N 321 23.14 29.01 31.38
CA VAL N 321 23.46 27.78 30.68
C VAL N 321 22.86 27.87 29.28
N ILE N 322 23.69 27.61 28.28
CA ILE N 322 23.22 27.45 26.92
C ILE N 322 23.32 25.98 26.55
N VAL N 323 22.27 25.45 25.92
CA VAL N 323 22.26 24.08 25.44
C VAL N 323 22.39 24.08 23.92
N MET N 324 23.44 23.42 23.43
CA MET N 324 23.69 23.24 22.01
C MET N 324 23.50 21.76 21.68
N ALA N 325 22.80 21.47 20.58
CA ALA N 325 22.55 20.09 20.21
C ALA N 325 22.77 19.90 18.71
N ALA N 326 23.22 18.69 18.34
CA ALA N 326 23.53 18.40 16.95
C ALA N 326 22.62 17.28 16.44
N THR N 327 22.16 17.48 15.19
CA THR N 327 21.37 16.49 14.49
C THR N 327 21.57 16.70 12.99
N ASN N 328 21.07 15.73 12.20
CA ASN N 328 21.17 15.76 10.74
C ASN N 328 20.22 16.78 10.13
N ARG N 329 18.92 16.63 10.39
CA ARG N 329 17.92 17.56 9.89
C ARG N 329 16.87 17.80 10.97
N PRO N 330 16.16 18.95 10.96
CA PRO N 330 15.11 19.23 11.95
C PRO N 330 14.02 18.16 11.95
N ASN N 331 13.85 17.48 10.81
CA ASN N 331 12.80 16.47 10.67
C ASN N 331 13.20 15.20 11.42
N SER N 332 14.47 15.14 11.87
CA SER N 332 14.97 13.98 12.60
C SER N 332 14.32 13.89 13.98
N ILE N 333 14.06 15.07 14.59
CA ILE N 333 13.86 15.19 16.02
C ILE N 333 12.42 15.61 16.32
N ASP N 334 11.94 15.24 17.51
CA ASP N 334 10.62 15.61 18.00
C ASP N 334 10.45 17.11 17.92
N PRO N 335 9.37 17.61 17.27
CA PRO N 335 9.21 19.04 17.02
C PRO N 335 9.03 19.87 18.30
N ALA N 336 8.74 19.18 19.41
CA ALA N 336 8.54 19.85 20.68
C ALA N 336 9.82 20.56 21.12
N LEU N 337 10.98 20.02 20.70
CA LEU N 337 12.29 20.54 21.04
C LEU N 337 12.49 21.94 20.44
N ARG N 338 11.66 22.28 19.45
CA ARG N 338 11.82 23.56 18.79
C ARG N 338 10.84 24.61 19.33
N ARG N 339 10.18 24.32 20.45
CA ARG N 339 9.26 25.27 21.07
C ARG N 339 9.99 26.54 21.53
N PHE N 340 9.24 27.46 22.16
CA PHE N 340 9.76 28.79 22.49
C PHE N 340 10.97 28.70 23.41
N GLY N 341 10.78 28.05 24.57
CA GLY N 341 11.82 27.96 25.59
C GLY N 341 13.01 27.09 25.18
N ARG N 342 12.71 26.03 24.43
CA ARG N 342 13.65 24.98 24.08
C ARG N 342 14.54 25.42 22.91
N PHE N 343 15.01 24.48 22.09
CA PHE N 343 15.86 24.80 20.94
C PHE N 343 15.19 25.78 19.99
N ASP N 344 15.18 27.06 20.38
CA ASP N 344 14.45 28.07 19.62
C ASP N 344 15.33 28.65 18.50
N ARG N 345 16.62 28.31 18.46
CA ARG N 345 17.50 28.83 17.42
C ARG N 345 18.13 27.65 16.68
N GLU N 346 18.19 27.74 15.34
CA GLU N 346 18.81 26.74 14.48
C GLU N 346 19.92 27.39 13.65
N VAL N 347 21.08 26.74 13.55
CA VAL N 347 22.11 27.14 12.63
C VAL N 347 22.47 25.93 11.77
N ASP N 348 22.63 26.16 10.46
CA ASP N 348 22.92 25.09 9.51
C ASP N 348 24.41 25.03 9.21
N ILE N 349 25.08 24.01 9.74
CA ILE N 349 26.47 23.81 9.36
C ILE N 349 26.50 22.84 8.19
N GLY N 350 26.82 23.37 6.99
CA GLY N 350 26.70 22.60 5.76
C GLY N 350 28.03 22.08 5.22
N ILE N 351 27.96 21.46 4.05
CA ILE N 351 29.15 20.98 3.38
C ILE N 351 29.96 22.19 2.95
N PRO N 352 31.29 22.22 3.11
CA PRO N 352 32.06 23.44 2.80
C PRO N 352 32.39 23.55 1.32
N ASP N 353 32.59 24.79 0.87
CA ASP N 353 33.14 25.11 -0.45
C ASP N 353 34.63 24.77 -0.49
N ALA N 354 35.18 24.87 -1.71
CA ALA N 354 36.59 24.61 -1.91
C ALA N 354 37.42 25.53 -1.01
N THR N 355 36.96 26.78 -0.87
CA THR N 355 37.70 27.75 -0.07
C THR N 355 37.78 27.23 1.35
N GLY N 356 36.64 26.74 1.86
CA GLY N 356 36.56 26.20 3.21
C GLY N 356 37.36 24.91 3.33
N ARG N 357 37.36 24.11 2.27
CA ARG N 357 38.12 22.88 2.30
C ARG N 357 39.60 23.19 2.47
N LEU N 358 40.07 24.23 1.78
CA LEU N 358 41.45 24.64 1.86
C LEU N 358 41.80 25.02 3.30
N GLU N 359 40.94 25.83 3.93
CA GLU N 359 41.17 26.20 5.31
C GLU N 359 41.26 24.96 6.19
N ILE N 360 40.38 23.96 5.95
CA ILE N 360 40.31 22.77 6.76
C ILE N 360 41.59 21.97 6.60
N LEU N 361 42.04 21.84 5.35
CA LEU N 361 43.28 21.14 5.04
C LEU N 361 44.45 21.82 5.76
N GLN N 362 44.45 23.16 5.74
CA GLN N 362 45.49 23.93 6.37
C GLN N 362 45.51 23.64 7.87
N ILE N 363 44.32 23.65 8.46
CA ILE N 363 44.20 23.38 9.88
C ILE N 363 44.81 22.01 10.18
N HIS N 364 44.56 21.03 9.31
CA HIS N 364 44.92 19.67 9.63
C HIS N 364 46.34 19.33 9.14
N THR N 365 47.03 20.31 8.57
CA THR N 365 48.41 20.02 8.19
C THR N 365 49.35 20.92 8.98
N LYS N 366 48.82 21.58 10.03
CA LYS N 366 49.57 22.63 10.70
C LYS N 366 50.77 22.04 11.44
N ASN N 367 50.64 20.79 11.91
CA ASN N 367 51.75 20.23 12.67
C ASN N 367 52.61 19.33 11.81
N MET N 368 52.41 19.42 10.48
CA MET N 368 53.01 18.46 9.57
C MET N 368 54.05 19.18 8.72
N LYS N 369 55.17 18.50 8.45
CA LYS N 369 56.09 19.05 7.48
C LYS N 369 55.60 18.65 6.09
N LEU N 370 55.27 19.63 5.27
CA LEU N 370 54.78 19.35 3.93
C LEU N 370 55.83 19.74 2.92
N ALA N 371 56.19 18.80 2.04
CA ALA N 371 57.08 19.09 0.93
C ALA N 371 56.53 20.21 0.05
N ASP N 372 57.40 20.77 -0.79
CA ASP N 372 57.06 21.90 -1.64
C ASP N 372 56.10 21.43 -2.73
N ASP N 373 56.09 20.13 -3.01
CA ASP N 373 55.29 19.57 -4.07
C ASP N 373 53.81 19.54 -3.68
N VAL N 374 53.51 19.71 -2.39
CA VAL N 374 52.15 19.62 -1.90
C VAL N 374 51.39 20.86 -2.36
N ASP N 375 50.26 20.63 -3.05
CA ASP N 375 49.36 21.69 -3.48
C ASP N 375 48.02 21.49 -2.78
N LEU N 376 47.88 22.12 -1.62
CA LEU N 376 46.66 21.94 -0.85
C LEU N 376 45.47 22.51 -1.62
N GLU N 377 45.72 23.48 -2.51
CA GLU N 377 44.64 24.04 -3.30
C GLU N 377 44.06 22.97 -4.23
N GLN N 378 44.96 22.20 -4.87
CA GLN N 378 44.55 21.09 -5.71
C GLN N 378 43.67 20.16 -4.91
N VAL N 379 44.19 19.74 -3.76
CA VAL N 379 43.45 18.81 -2.91
C VAL N 379 42.08 19.40 -2.61
N ALA N 380 42.07 20.69 -2.26
CA ALA N 380 40.83 21.36 -1.92
C ALA N 380 39.86 21.30 -3.10
N ASN N 381 40.39 21.55 -4.31
CA ASN N 381 39.56 21.63 -5.50
C ASN N 381 38.94 20.28 -5.81
N GLU N 382 39.77 19.22 -5.76
CA GLU N 382 39.28 17.94 -6.20
C GLU N 382 38.42 17.26 -5.13
N THR N 383 38.45 17.74 -3.89
CA THR N 383 37.72 17.06 -2.83
C THR N 383 36.30 17.58 -2.75
N HIS N 384 35.58 17.56 -3.87
CA HIS N 384 34.18 17.94 -3.94
C HIS N 384 33.36 17.10 -2.97
N GLY N 385 32.40 17.78 -2.31
CA GLY N 385 31.41 17.16 -1.45
C GLY N 385 31.99 16.54 -0.17
N HIS N 386 33.24 16.88 0.17
CA HIS N 386 33.86 16.35 1.36
C HIS N 386 33.57 17.28 2.53
N VAL N 387 33.31 16.68 3.70
CA VAL N 387 33.18 17.44 4.92
C VAL N 387 34.51 17.45 5.66
N GLY N 388 34.58 18.29 6.71
CA GLY N 388 35.77 18.42 7.54
C GLY N 388 36.38 17.07 7.92
N ALA N 389 35.55 16.16 8.45
CA ALA N 389 36.02 14.86 8.91
C ALA N 389 36.73 14.09 7.80
N ASP N 390 36.21 14.24 6.56
CA ASP N 390 36.78 13.55 5.41
C ASP N 390 38.20 14.06 5.19
N LEU N 391 38.31 15.40 5.19
CA LEU N 391 39.57 16.07 4.93
C LEU N 391 40.55 15.71 6.02
N ALA N 392 40.09 15.77 7.28
CA ALA N 392 40.95 15.46 8.41
C ALA N 392 41.56 14.06 8.22
N ALA N 393 40.70 13.09 7.89
CA ALA N 393 41.13 11.72 7.68
C ALA N 393 42.10 11.62 6.50
N LEU N 394 41.86 12.45 5.48
CA LEU N 394 42.74 12.38 4.32
C LEU N 394 44.15 12.76 4.77
N CYS N 395 44.25 13.82 5.58
CA CYS N 395 45.52 14.30 6.06
C CYS N 395 46.21 13.21 6.88
N SER N 396 45.46 12.56 7.78
CA SER N 396 46.00 11.46 8.55
C SER N 396 46.56 10.39 7.63
N GLU N 397 45.75 10.01 6.65
CA GLU N 397 46.10 8.85 5.85
C GLU N 397 47.39 9.14 5.10
N ALA N 398 47.55 10.41 4.71
CA ALA N 398 48.72 10.82 3.96
C ALA N 398 49.95 10.73 4.86
N ALA N 399 49.83 11.30 6.06
CA ALA N 399 50.87 11.20 7.08
C ALA N 399 51.32 9.74 7.24
N LEU N 400 50.35 8.87 7.54
CA LEU N 400 50.66 7.48 7.85
C LEU N 400 51.33 6.77 6.67
N GLN N 401 50.96 7.16 5.44
CA GLN N 401 51.58 6.57 4.27
C GLN N 401 53.06 6.93 4.28
N ALA N 402 53.32 8.24 4.46
CA ALA N 402 54.65 8.81 4.55
C ALA N 402 55.50 8.04 5.57
N ILE N 403 54.97 7.92 6.79
CA ILE N 403 55.59 7.14 7.86
C ILE N 403 55.84 5.72 7.37
N ARG N 404 54.82 5.07 6.81
CA ARG N 404 54.97 3.71 6.34
C ARG N 404 56.15 3.60 5.37
N LYS N 405 56.26 4.53 4.42
CA LYS N 405 57.32 4.47 3.45
C LYS N 405 58.68 4.57 4.12
N LYS N 406 58.78 5.47 5.11
CA LYS N 406 60.05 5.73 5.79
C LYS N 406 60.41 4.56 6.69
N MET N 407 59.41 3.93 7.31
CA MET N 407 59.62 2.82 8.22
C MET N 407 60.31 1.68 7.49
N ASP N 408 60.09 1.57 6.18
CA ASP N 408 60.78 0.60 5.35
C ASP N 408 62.26 0.94 5.27
N LEU N 409 62.60 2.22 5.14
CA LEU N 409 63.98 2.68 5.01
C LEU N 409 64.70 2.69 6.37
N ILE N 410 63.94 2.66 7.47
CA ILE N 410 64.48 2.63 8.82
C ILE N 410 64.76 1.17 9.19
N ASP N 411 64.78 0.28 8.19
CA ASP N 411 65.21 -1.11 8.32
C ASP N 411 66.65 -1.20 8.83
N LEU N 412 67.39 -0.08 8.93
CA LEU N 412 68.73 -0.05 9.50
C LEU N 412 68.57 -0.08 11.02
N GLU N 413 69.56 0.42 11.77
CA GLU N 413 69.56 0.23 13.21
C GLU N 413 68.54 1.14 13.90
N ASP N 414 67.98 2.12 13.16
CA ASP N 414 67.17 3.17 13.79
C ASP N 414 65.90 2.56 14.38
N GLU N 415 65.46 3.12 15.53
CA GLU N 415 64.29 2.66 16.26
C GLU N 415 63.03 3.03 15.48
N THR N 416 61.83 2.66 16.00
CA THR N 416 60.58 3.13 15.40
C THR N 416 60.62 4.64 15.31
N ILE N 417 61.14 5.13 14.17
CA ILE N 417 61.35 6.54 13.87
C ILE N 417 61.92 7.24 15.11
N ASP N 418 61.39 8.44 15.42
CA ASP N 418 61.86 9.27 16.50
C ASP N 418 61.17 10.63 16.31
N ALA N 419 61.13 11.44 17.37
CA ALA N 419 60.65 12.82 17.27
C ALA N 419 61.40 13.56 16.17
N GLU N 420 62.74 13.37 16.10
CA GLU N 420 63.62 14.02 15.15
C GLU N 420 63.29 13.60 13.71
N VAL N 421 63.30 12.29 13.47
CA VAL N 421 63.08 11.75 12.13
C VAL N 421 61.66 12.05 11.69
N MET N 422 60.71 12.00 12.63
CA MET N 422 59.34 12.42 12.39
C MET N 422 59.29 13.88 11.93
N ASN N 423 60.13 14.72 12.55
CA ASN N 423 60.26 16.13 12.19
C ASN N 423 60.98 16.30 10.86
N SER N 424 61.90 15.38 10.55
CA SER N 424 62.61 15.42 9.28
C SER N 424 61.73 14.89 8.14
N LEU N 425 60.71 14.07 8.48
CA LEU N 425 59.85 13.43 7.51
C LEU N 425 58.88 14.45 6.93
N ALA N 426 58.86 14.51 5.59
CA ALA N 426 57.93 15.39 4.90
C ALA N 426 56.84 14.57 4.22
N VAL N 427 55.59 15.00 4.40
CA VAL N 427 54.51 14.41 3.62
C VAL N 427 54.55 15.04 2.24
N THR N 428 54.54 14.21 1.19
CA THR N 428 54.67 14.65 -0.18
C THR N 428 53.30 14.61 -0.88
N MET N 429 53.26 15.18 -2.09
CA MET N 429 52.00 15.24 -2.81
C MET N 429 51.57 13.82 -3.16
N ASP N 430 52.56 12.95 -3.43
CA ASP N 430 52.29 11.57 -3.75
C ASP N 430 51.56 10.90 -2.60
N ASP N 431 51.93 11.29 -1.38
CA ASP N 431 51.29 10.76 -0.18
C ASP N 431 49.81 11.15 -0.17
N PHE N 432 49.53 12.43 -0.47
CA PHE N 432 48.18 12.90 -0.60
C PHE N 432 47.48 12.16 -1.73
N ARG N 433 48.20 11.99 -2.85
CA ARG N 433 47.64 11.30 -4.00
C ARG N 433 47.24 9.89 -3.59
N TRP N 434 48.11 9.17 -2.88
CA TRP N 434 47.78 7.83 -2.44
C TRP N 434 46.46 7.85 -1.68
N ALA N 435 46.34 8.79 -0.74
CA ALA N 435 45.17 8.94 0.11
C ALA N 435 43.92 9.22 -0.74
N LEU N 436 44.05 10.19 -1.66
CA LEU N 436 42.92 10.58 -2.49
C LEU N 436 42.51 9.42 -3.39
N SER N 437 43.46 8.51 -3.64
CA SER N 437 43.24 7.47 -4.65
C SER N 437 42.66 6.22 -4.04
N GLN N 438 42.39 6.26 -2.72
CA GLN N 438 42.23 5.04 -1.94
C GLN N 438 40.75 4.72 -1.68
N ASN O 1 39.28 -59.89 1.63
CA ASN O 1 39.73 -61.27 1.36
C ASN O 1 38.53 -62.16 1.04
N ARG O 2 38.09 -62.98 2.00
CA ARG O 2 37.37 -64.23 1.76
C ARG O 2 36.03 -63.92 1.10
N PRO O 3 35.60 -64.67 0.05
CA PRO O 3 34.38 -64.30 -0.67
C PRO O 3 33.08 -64.52 0.11
N ASN O 4 33.17 -65.32 1.18
CA ASN O 4 32.06 -65.57 2.08
C ASN O 4 31.69 -64.30 2.85
N ARG O 5 32.60 -63.32 2.94
CA ARG O 5 32.29 -62.04 3.59
C ARG O 5 31.57 -61.10 2.62
N LEU O 6 30.44 -60.54 3.08
CA LEU O 6 29.59 -59.65 2.30
C LEU O 6 29.13 -58.47 3.16
N ILE O 7 28.66 -57.41 2.49
CA ILE O 7 28.21 -56.20 3.18
C ILE O 7 26.69 -56.19 3.26
N VAL O 8 26.17 -55.97 4.48
CA VAL O 8 24.74 -55.98 4.74
C VAL O 8 24.08 -54.82 4.00
N ASP O 9 23.05 -55.14 3.21
CA ASP O 9 22.32 -54.14 2.45
C ASP O 9 20.84 -54.27 2.75
N GLU O 10 20.04 -53.27 2.30
CA GLU O 10 18.61 -53.29 2.49
C GLU O 10 17.99 -54.45 1.73
N ALA O 11 16.73 -54.78 2.06
CA ALA O 11 16.11 -55.96 1.48
C ALA O 11 15.02 -55.57 0.50
N ILE O 12 15.07 -56.12 -0.73
CA ILE O 12 14.01 -56.01 -1.71
C ILE O 12 12.81 -56.86 -1.31
N ASN O 13 13.06 -58.11 -0.91
CA ASN O 13 11.99 -58.99 -0.44
C ASN O 13 11.92 -58.93 1.08
N GLU O 14 10.72 -58.69 1.62
CA GLU O 14 10.53 -58.43 3.03
C GLU O 14 10.27 -59.71 3.82
N ASP O 15 10.39 -60.88 3.18
CA ASP O 15 10.19 -62.15 3.88
C ASP O 15 11.35 -62.38 4.84
N ASN O 16 10.99 -62.74 6.09
CA ASN O 16 11.96 -62.81 7.18
C ASN O 16 13.05 -63.83 6.85
N SER O 17 12.70 -64.84 6.05
CA SER O 17 13.54 -66.02 5.91
C SER O 17 14.37 -65.93 4.63
N VAL O 18 14.37 -64.76 3.99
CA VAL O 18 15.03 -64.63 2.70
C VAL O 18 16.21 -63.67 2.78
N VAL O 19 17.33 -64.08 2.16
CA VAL O 19 18.46 -63.21 1.89
C VAL O 19 18.75 -63.27 0.38
N SER O 20 19.30 -62.17 -0.14
CA SER O 20 19.51 -62.04 -1.56
C SER O 20 20.98 -61.74 -1.86
N LEU O 21 21.48 -62.38 -2.94
CA LEU O 21 22.83 -62.27 -3.43
C LEU O 21 22.78 -62.12 -4.96
N SER O 22 23.85 -61.58 -5.55
CA SER O 22 23.94 -61.60 -7.01
C SER O 22 24.14 -63.04 -7.47
N GLN O 23 23.59 -63.38 -8.64
CA GLN O 23 23.77 -64.73 -9.16
C GLN O 23 25.27 -65.04 -9.25
N PRO O 24 26.10 -64.14 -9.84
CA PRO O 24 27.56 -64.31 -9.82
C PRO O 24 28.07 -64.85 -8.50
N LYS O 25 27.69 -64.18 -7.40
CA LYS O 25 28.18 -64.51 -6.08
C LYS O 25 27.65 -65.88 -5.65
N MET O 26 26.40 -66.17 -6.02
CA MET O 26 25.77 -67.45 -5.70
C MET O 26 26.50 -68.57 -6.43
N ASP O 27 26.80 -68.34 -7.71
CA ASP O 27 27.56 -69.26 -8.53
C ASP O 27 28.95 -69.47 -7.92
N GLU O 28 29.65 -68.36 -7.66
CA GLU O 28 30.96 -68.36 -7.03
C GLU O 28 30.95 -69.19 -5.74
N LEU O 29 29.87 -69.09 -4.96
CA LEU O 29 29.78 -69.77 -3.68
C LEU O 29 29.04 -71.11 -3.83
N GLN O 30 28.69 -71.44 -5.09
CA GLN O 30 27.98 -72.66 -5.43
C GLN O 30 26.68 -72.74 -4.63
N LEU O 31 25.81 -71.74 -4.79
CA LEU O 31 24.55 -71.70 -4.07
C LEU O 31 23.40 -71.87 -5.05
N PHE O 32 22.41 -72.67 -4.64
CA PHE O 32 21.24 -72.95 -5.45
C PHE O 32 20.06 -72.18 -4.87
N ARG O 33 19.15 -71.71 -5.74
CA ARG O 33 17.98 -70.99 -5.28
C ARG O 33 17.25 -71.79 -4.22
N GLY O 34 17.13 -71.22 -3.01
CA GLY O 34 16.35 -71.87 -1.98
C GLY O 34 17.22 -72.63 -0.99
N ASP O 35 18.52 -72.69 -1.29
CA ASP O 35 19.47 -73.35 -0.41
C ASP O 35 19.44 -72.64 0.93
N THR O 36 19.31 -73.41 2.01
CA THR O 36 19.52 -72.85 3.33
C THR O 36 21.00 -72.46 3.49
N VAL O 37 21.22 -71.24 3.99
CA VAL O 37 22.55 -70.71 4.26
C VAL O 37 22.66 -70.37 5.74
N LEU O 38 23.88 -70.46 6.27
CA LEU O 38 24.17 -70.02 7.62
C LEU O 38 24.94 -68.71 7.58
N LEU O 39 24.44 -67.71 8.30
CA LEU O 39 25.06 -66.39 8.32
C LEU O 39 25.63 -66.15 9.72
N LYS O 40 26.85 -65.62 9.76
CA LYS O 40 27.50 -65.33 11.02
C LYS O 40 27.66 -63.81 11.12
N GLY O 41 27.40 -63.27 12.32
CA GLY O 41 27.48 -61.84 12.57
C GLY O 41 28.22 -61.52 13.87
N LYS O 42 27.99 -60.32 14.41
CA LYS O 42 28.65 -59.86 15.62
C LYS O 42 28.07 -60.56 16.85
N LYS O 43 28.73 -60.37 18.00
CA LYS O 43 28.39 -61.01 19.26
C LYS O 43 28.23 -62.52 19.07
N ARG O 44 28.95 -63.05 18.06
CA ARG O 44 28.99 -64.47 17.73
C ARG O 44 27.59 -65.00 17.43
N ARG O 45 26.67 -64.10 17.04
CA ARG O 45 25.32 -64.49 16.70
C ARG O 45 25.30 -65.19 15.35
N GLU O 46 24.28 -66.05 15.14
CA GLU O 46 24.14 -66.82 13.92
C GLU O 46 22.69 -66.81 13.45
N ALA O 47 22.48 -67.06 12.15
CA ALA O 47 21.15 -67.15 11.59
C ALA O 47 21.16 -68.03 10.35
N VAL O 48 20.01 -68.67 10.08
CA VAL O 48 19.86 -69.52 8.90
C VAL O 48 18.72 -68.95 8.06
N CYS O 49 18.91 -68.96 6.74
CA CYS O 49 17.99 -68.29 5.81
C CYS O 49 17.97 -69.02 4.48
N ILE O 50 17.06 -68.59 3.61
CA ILE O 50 16.93 -69.06 2.24
C ILE O 50 17.60 -68.05 1.33
N VAL O 51 18.41 -68.52 0.38
CA VAL O 51 19.07 -67.59 -0.51
C VAL O 51 18.33 -67.55 -1.86
N LEU O 52 18.20 -66.34 -2.42
CA LEU O 52 17.66 -66.11 -3.74
C LEU O 52 18.51 -65.08 -4.45
N SER O 53 18.20 -64.79 -5.72
CA SER O 53 19.09 -63.96 -6.51
C SER O 53 18.42 -62.63 -6.82
N ASP O 54 19.11 -61.52 -6.52
CA ASP O 54 18.62 -60.21 -6.87
C ASP O 54 19.55 -59.60 -7.92
N ASP O 55 18.97 -59.17 -9.04
CA ASP O 55 19.71 -58.53 -10.12
C ASP O 55 20.42 -57.29 -9.57
N THR O 56 19.68 -56.48 -8.80
CA THR O 56 20.15 -55.18 -8.32
C THR O 56 21.25 -55.34 -7.27
N CYS O 57 21.30 -56.50 -6.63
CA CYS O 57 22.24 -56.72 -5.54
C CYS O 57 23.66 -56.75 -6.09
N SER O 58 24.48 -55.80 -5.62
CA SER O 58 25.90 -55.77 -5.88
C SER O 58 26.57 -57.04 -5.35
N ASP O 59 27.60 -57.52 -6.06
CA ASP O 59 28.14 -58.86 -5.85
C ASP O 59 28.70 -58.99 -4.44
N GLU O 60 29.20 -57.88 -3.90
CA GLU O 60 29.90 -57.89 -2.63
C GLU O 60 28.92 -57.66 -1.46
N LYS O 61 27.61 -57.57 -1.78
CA LYS O 61 26.61 -57.23 -0.78
C LYS O 61 25.58 -58.36 -0.62
N ILE O 62 24.95 -58.39 0.56
CA ILE O 62 23.81 -59.27 0.84
C ILE O 62 22.62 -58.41 1.28
N ARG O 63 21.44 -58.78 0.80
CA ARG O 63 20.22 -58.09 1.19
C ARG O 63 19.50 -58.93 2.24
N MET O 64 19.29 -58.32 3.42
CA MET O 64 18.53 -59.00 4.47
C MET O 64 17.62 -57.98 5.16
N ASN O 65 16.43 -58.45 5.58
CA ASN O 65 15.47 -57.66 6.32
C ASN O 65 16.00 -57.41 7.72
N ARG O 66 15.25 -56.59 8.47
CA ARG O 66 15.72 -56.06 9.73
C ARG O 66 15.65 -57.16 10.79
N VAL O 67 14.77 -58.15 10.58
CA VAL O 67 14.67 -59.29 11.47
C VAL O 67 16.04 -59.98 11.54
N VAL O 68 16.56 -60.36 10.37
CA VAL O 68 17.83 -61.04 10.23
C VAL O 68 18.96 -60.20 10.83
N ARG O 69 19.01 -58.91 10.45
CA ARG O 69 20.07 -58.03 10.90
C ARG O 69 20.15 -58.05 12.42
N ASN O 70 18.98 -57.98 13.07
CA ASN O 70 18.89 -57.97 14.52
C ASN O 70 19.41 -59.29 15.10
N ASN O 71 19.00 -60.39 14.46
CA ASN O 71 19.41 -61.72 14.88
C ASN O 71 20.93 -61.86 14.76
N LEU O 72 21.50 -61.28 13.71
CA LEU O 72 22.93 -61.30 13.52
C LEU O 72 23.60 -60.16 14.27
N ARG O 73 22.83 -59.35 15.00
CA ARG O 73 23.30 -58.15 15.69
C ARG O 73 24.22 -57.31 14.80
N VAL O 74 23.86 -57.15 13.52
CA VAL O 74 24.57 -56.25 12.61
C VAL O 74 23.63 -55.13 12.19
N ARG O 75 24.22 -54.06 11.65
CA ARG O 75 23.48 -52.95 11.08
C ARG O 75 23.86 -52.84 9.59
N LEU O 76 23.08 -52.04 8.85
CA LEU O 76 23.36 -51.85 7.44
C LEU O 76 24.78 -51.33 7.28
N GLY O 77 25.53 -51.98 6.37
CA GLY O 77 26.89 -51.59 6.07
C GLY O 77 27.93 -52.45 6.80
N ASP O 78 27.48 -53.29 7.75
CA ASP O 78 28.35 -54.21 8.44
C ASP O 78 28.72 -55.35 7.49
N VAL O 79 29.66 -56.20 7.94
CA VAL O 79 30.07 -57.35 7.14
C VAL O 79 29.57 -58.63 7.81
N ILE O 80 29.17 -59.62 7.01
CA ILE O 80 28.75 -60.92 7.53
C ILE O 80 29.47 -62.01 6.75
N SER O 81 29.42 -63.25 7.28
CA SER O 81 29.97 -64.42 6.61
C SER O 81 28.82 -65.37 6.23
N ILE O 82 28.87 -65.87 4.99
CA ILE O 82 27.86 -66.78 4.50
C ILE O 82 28.53 -68.12 4.19
N GLN O 83 27.96 -69.20 4.74
CA GLN O 83 28.37 -70.56 4.41
C GLN O 83 27.12 -71.39 4.19
N PRO O 84 27.17 -72.39 3.28
CA PRO O 84 26.05 -73.32 3.08
C PRO O 84 25.75 -74.16 4.33
N CYS O 85 24.48 -74.59 4.43
CA CYS O 85 24.01 -75.33 5.57
C CYS O 85 23.14 -76.47 5.06
N PRO O 86 23.74 -77.51 4.41
CA PRO O 86 22.95 -78.60 3.81
C PRO O 86 22.46 -79.63 4.83
N ASP O 87 22.98 -79.52 6.05
CA ASP O 87 22.71 -80.44 7.16
C ASP O 87 21.35 -80.16 7.80
N VAL O 88 20.54 -79.31 7.15
CA VAL O 88 19.25 -78.88 7.70
C VAL O 88 18.25 -80.02 7.56
N LYS O 89 17.78 -80.52 8.71
CA LYS O 89 16.82 -81.61 8.74
C LYS O 89 15.44 -81.07 9.09
N TYR O 90 14.42 -81.43 8.30
CA TYR O 90 13.03 -81.19 8.68
C TYR O 90 12.81 -81.61 10.13
N GLY O 91 12.99 -80.68 11.07
CA GLY O 91 12.89 -80.96 12.49
C GLY O 91 11.50 -81.37 12.93
N LYS O 92 11.42 -82.04 14.08
CA LYS O 92 10.16 -82.61 14.52
C LYS O 92 9.40 -81.61 15.39
N ARG O 93 10.05 -81.14 16.47
CA ARG O 93 9.42 -80.29 17.48
C ARG O 93 10.18 -78.98 17.66
N ILE O 94 9.49 -77.83 17.52
CA ILE O 94 10.03 -76.52 17.88
C ILE O 94 9.16 -75.85 18.94
N HIS O 95 9.82 -75.06 19.80
CA HIS O 95 9.16 -74.37 20.89
C HIS O 95 9.45 -72.86 20.78
N VAL O 96 8.37 -72.07 20.62
CA VAL O 96 8.46 -70.64 20.40
C VAL O 96 7.59 -69.91 21.42
N LEU O 97 8.10 -68.79 21.90
CA LEU O 97 7.41 -67.99 22.90
C LEU O 97 7.44 -66.53 22.52
N PRO O 98 6.34 -65.77 22.73
CA PRO O 98 6.31 -64.35 22.36
C PRO O 98 7.01 -63.46 23.40
N ILE O 99 7.55 -62.33 22.92
CA ILE O 99 8.11 -61.29 23.77
C ILE O 99 6.97 -60.45 24.34
N ASP O 100 7.09 -60.08 25.61
CA ASP O 100 6.01 -59.49 26.40
C ASP O 100 5.43 -58.24 25.75
N ASP O 101 6.30 -57.27 25.40
CA ASP O 101 5.86 -55.99 24.84
C ASP O 101 4.94 -56.18 23.63
N THR O 102 5.30 -57.12 22.75
CA THR O 102 4.57 -57.31 21.50
C THR O 102 3.16 -57.88 21.71
N VAL O 103 2.90 -58.56 22.84
CA VAL O 103 1.65 -59.30 22.96
C VAL O 103 0.70 -58.63 23.95
N GLU O 104 1.07 -57.45 24.48
CA GLU O 104 0.21 -56.73 25.41
C GLU O 104 -1.14 -56.43 24.76
N GLY O 105 -2.21 -56.94 25.35
CA GLY O 105 -3.55 -56.70 24.80
C GLY O 105 -4.02 -57.84 23.89
N ILE O 106 -3.07 -58.59 23.32
CA ILE O 106 -3.41 -59.67 22.42
C ILE O 106 -3.96 -60.82 23.24
N THR O 107 -5.14 -61.30 22.85
CA THR O 107 -5.86 -62.33 23.59
C THR O 107 -6.39 -63.37 22.59
N GLY O 108 -5.49 -63.97 21.82
CA GLY O 108 -5.89 -65.00 20.87
C GLY O 108 -5.09 -66.29 21.11
N ASN O 109 -5.40 -67.32 20.31
CA ASN O 109 -4.47 -68.44 20.17
C ASN O 109 -3.43 -68.01 19.16
N LEU O 110 -2.27 -67.59 19.69
CA LEU O 110 -1.14 -67.10 18.93
C LEU O 110 -0.80 -68.07 17.79
N PHE O 111 -1.00 -69.37 18.03
CA PHE O 111 -0.72 -70.37 17.02
C PHE O 111 -1.57 -70.09 15.77
N GLU O 112 -2.90 -70.10 15.94
CA GLU O 112 -3.81 -70.03 14.80
C GLU O 112 -3.65 -68.70 14.09
N VAL O 113 -3.60 -67.61 14.87
CA VAL O 113 -3.54 -66.27 14.33
C VAL O 113 -2.18 -65.97 13.70
N TYR O 114 -1.09 -66.14 14.47
CA TYR O 114 0.24 -65.74 14.02
C TYR O 114 1.01 -66.93 13.45
N LEU O 115 1.38 -67.88 14.32
CA LEU O 115 2.39 -68.91 14.07
C LEU O 115 2.00 -69.82 12.91
N LYS O 116 0.77 -70.34 12.94
CA LYS O 116 0.33 -71.35 11.97
C LYS O 116 0.57 -70.86 10.54
N PRO O 117 -0.04 -69.73 10.09
CA PRO O 117 0.10 -69.29 8.70
C PRO O 117 1.50 -68.76 8.36
N TYR O 118 2.27 -68.37 9.39
CA TYR O 118 3.65 -67.94 9.18
C TYR O 118 4.43 -69.10 8.58
N PHE O 119 4.40 -70.24 9.29
CA PHE O 119 5.22 -71.40 9.01
C PHE O 119 4.60 -72.29 7.92
N LEU O 120 3.29 -72.16 7.73
CA LEU O 120 2.52 -73.10 6.93
C LEU O 120 3.09 -73.23 5.52
N GLU O 121 3.59 -74.42 5.20
CA GLU O 121 4.07 -74.79 3.88
C GLU O 121 5.15 -73.82 3.42
N ALA O 122 5.79 -73.15 4.39
CA ALA O 122 6.82 -72.17 4.10
C ALA O 122 8.16 -72.87 4.01
N TYR O 123 8.30 -73.96 4.79
CA TYR O 123 9.54 -74.70 4.88
C TYR O 123 10.64 -73.75 5.35
N ARG O 124 10.33 -72.98 6.39
CA ARG O 124 11.19 -71.92 6.88
C ARG O 124 12.32 -72.51 7.71
N PRO O 125 13.60 -72.21 7.40
CA PRO O 125 14.71 -72.58 8.30
C PRO O 125 14.66 -71.72 9.55
N ILE O 126 14.85 -72.34 10.72
CA ILE O 126 14.90 -71.63 11.99
C ILE O 126 16.11 -72.09 12.79
N ARG O 127 16.61 -71.17 13.63
CA ARG O 127 17.70 -71.51 14.54
C ARG O 127 17.25 -71.17 15.96
N LYS O 128 17.85 -71.86 16.93
CA LYS O 128 17.48 -71.58 18.30
C LYS O 128 17.93 -70.15 18.58
N GLY O 129 17.16 -69.45 19.42
CA GLY O 129 17.50 -68.12 19.91
C GLY O 129 17.20 -67.00 18.91
N ASP O 130 16.59 -67.36 17.77
CA ASP O 130 16.14 -66.43 16.76
C ASP O 130 14.87 -65.73 17.26
N ILE O 131 14.75 -64.44 16.93
CA ILE O 131 13.50 -63.71 17.13
C ILE O 131 12.94 -63.40 15.76
N PHE O 132 11.69 -63.82 15.52
CA PHE O 132 11.04 -63.58 14.24
C PHE O 132 9.78 -62.75 14.48
N LEU O 133 9.25 -62.18 13.38
CA LEU O 133 8.15 -61.23 13.49
C LEU O 133 6.99 -61.70 12.62
N VAL O 134 5.81 -61.80 13.23
CA VAL O 134 4.63 -62.17 12.46
C VAL O 134 3.65 -61.00 12.57
N ARG O 135 3.06 -60.64 11.43
CA ARG O 135 2.21 -59.47 11.38
C ARG O 135 0.77 -59.95 11.19
N GLY O 136 -0.15 -59.36 11.96
CA GLY O 136 -1.57 -59.61 11.75
C GLY O 136 -2.43 -58.98 12.85
N GLY O 137 -3.74 -58.93 12.62
CA GLY O 137 -4.70 -58.34 13.52
C GLY O 137 -4.31 -56.94 13.99
N MET O 138 -3.87 -56.16 12.99
CA MET O 138 -3.41 -54.80 13.16
C MET O 138 -2.32 -54.70 14.24
N ARG O 139 -1.49 -55.75 14.35
CA ARG O 139 -0.32 -55.75 15.21
C ARG O 139 0.80 -56.54 14.59
N ALA O 140 1.99 -56.46 15.20
CA ALA O 140 3.09 -57.35 14.84
C ALA O 140 3.72 -57.90 16.12
N VAL O 141 3.77 -59.24 16.20
CA VAL O 141 4.23 -59.95 17.39
C VAL O 141 5.63 -60.50 17.13
N GLU O 142 6.51 -60.35 18.13
CA GLU O 142 7.84 -60.95 18.08
C GLU O 142 7.87 -62.24 18.90
N PHE O 143 8.26 -63.33 18.23
CA PHE O 143 8.45 -64.62 18.88
C PHE O 143 9.93 -65.00 18.88
N LYS O 144 10.40 -65.55 20.01
CA LYS O 144 11.73 -66.14 20.12
C LYS O 144 11.63 -67.67 20.04
N VAL O 145 12.52 -68.29 19.27
CA VAL O 145 12.65 -69.73 19.21
C VAL O 145 13.45 -70.19 20.43
N VAL O 146 12.75 -70.81 21.39
CA VAL O 146 13.33 -71.22 22.66
C VAL O 146 13.97 -72.59 22.53
N GLU O 147 13.33 -73.51 21.79
CA GLU O 147 13.92 -74.82 21.55
C GLU O 147 13.54 -75.35 20.17
N THR O 148 14.51 -76.02 19.52
CA THR O 148 14.29 -76.66 18.24
C THR O 148 14.66 -78.15 18.34
N ASP O 149 14.02 -78.98 17.51
CA ASP O 149 14.22 -80.43 17.50
C ASP O 149 15.70 -80.78 17.36
N PRO O 150 16.33 -80.72 16.16
CA PRO O 150 17.79 -80.67 16.09
C PRO O 150 18.25 -79.36 16.74
N SER O 151 19.21 -79.43 17.67
CA SER O 151 19.45 -78.34 18.61
C SER O 151 19.80 -77.04 17.89
N PRO O 152 20.80 -77.01 16.98
CA PRO O 152 21.13 -75.76 16.28
C PRO O 152 20.01 -75.34 15.32
N TYR O 153 19.88 -76.04 14.18
CA TYR O 153 19.04 -75.59 13.09
C TYR O 153 17.95 -76.64 12.84
N CYS O 154 16.92 -76.23 12.10
CA CYS O 154 15.78 -77.07 11.79
C CYS O 154 15.04 -76.43 10.61
N ILE O 155 14.37 -77.25 9.79
CA ILE O 155 13.38 -76.66 8.88
C ILE O 155 11.98 -76.97 9.42
N VAL O 156 11.18 -75.94 9.67
CA VAL O 156 9.79 -76.13 10.04
C VAL O 156 9.00 -76.55 8.81
N ALA O 157 8.71 -77.86 8.76
CA ALA O 157 8.03 -78.54 7.66
C ALA O 157 6.66 -79.00 8.14
N PRO O 158 5.74 -79.40 7.23
CA PRO O 158 4.32 -79.56 7.60
C PRO O 158 4.09 -80.27 8.92
N ASP O 159 4.76 -81.44 9.09
CA ASP O 159 4.59 -82.27 10.26
C ASP O 159 5.39 -81.75 11.46
N THR O 160 6.10 -80.64 11.30
CA THR O 160 6.82 -80.07 12.43
C THR O 160 5.81 -79.63 13.48
N VAL O 161 6.02 -80.11 14.72
CA VAL O 161 5.19 -79.70 15.84
C VAL O 161 5.66 -78.34 16.31
N ILE O 162 4.73 -77.38 16.32
CA ILE O 162 5.00 -76.04 16.81
C ILE O 162 4.31 -75.89 18.16
N HIS O 163 5.10 -75.57 19.19
CA HIS O 163 4.52 -75.50 20.52
C HIS O 163 4.73 -74.11 21.11
N CYS O 164 3.65 -73.51 21.62
CA CYS O 164 3.71 -72.30 22.42
C CYS O 164 3.25 -72.58 23.85
N GLU O 165 4.16 -72.37 24.80
CA GLU O 165 3.97 -72.72 26.20
C GLU O 165 3.09 -71.68 26.89
N GLY O 166 3.05 -70.47 26.31
CA GLY O 166 2.12 -69.44 26.72
C GLY O 166 2.58 -68.64 27.93
N GLU O 167 3.90 -68.49 28.09
CA GLU O 167 4.45 -67.54 29.05
C GLU O 167 5.31 -66.52 28.32
N PRO O 168 4.85 -65.25 28.17
CA PRO O 168 5.61 -64.24 27.42
C PRO O 168 6.97 -63.92 28.03
N ILE O 169 8.03 -64.06 27.23
CA ILE O 169 9.41 -63.83 27.66
C ILE O 169 9.69 -62.34 27.73
N LYS O 170 10.70 -61.97 28.51
CA LYS O 170 11.17 -60.60 28.63
C LYS O 170 12.09 -60.28 27.45
N ARG O 171 12.35 -58.99 27.25
CA ARG O 171 13.23 -58.54 26.19
C ARG O 171 14.62 -58.30 26.78
N ALA O 172 15.63 -59.00 26.26
CA ALA O 172 17.01 -58.80 26.69
C ALA O 172 17.52 -57.45 26.15
N ALA O 173 18.61 -56.93 26.75
CA ALA O 173 19.03 -55.56 26.53
C ALA O 173 19.53 -55.35 25.10
N ALA O 174 20.17 -56.37 24.51
CA ALA O 174 20.72 -56.31 23.17
C ALA O 174 19.62 -56.45 22.10
N GLU O 175 18.45 -57.00 22.47
CA GLU O 175 17.33 -57.21 21.57
C GLU O 175 16.59 -55.90 21.29
N GLU O 176 16.50 -55.52 20.01
CA GLU O 176 15.84 -54.29 19.62
C GLU O 176 14.45 -54.57 19.07
N SER O 177 13.52 -53.66 19.37
CA SER O 177 12.15 -53.80 18.90
C SER O 177 12.08 -53.70 17.38
N LEU O 178 11.28 -54.57 16.79
CA LEU O 178 11.03 -54.50 15.36
C LEU O 178 9.86 -53.54 15.13
N ASN O 179 9.31 -53.02 16.22
CA ASN O 179 8.29 -51.98 16.17
C ASN O 179 8.96 -50.60 16.15
N GLU O 180 10.28 -50.53 16.36
CA GLU O 180 11.06 -49.32 16.12
C GLU O 180 10.96 -48.95 14.63
N VAL O 181 11.08 -47.65 14.33
CA VAL O 181 10.96 -47.22 12.95
C VAL O 181 12.28 -47.51 12.22
N GLY O 182 12.19 -48.00 10.99
CA GLY O 182 13.38 -48.16 10.16
C GLY O 182 13.15 -47.72 8.72
N TYR O 183 14.17 -47.89 7.88
CA TYR O 183 14.05 -47.46 6.50
C TYR O 183 12.87 -48.17 5.83
N ASP O 184 12.53 -49.36 6.33
CA ASP O 184 11.50 -50.21 5.75
C ASP O 184 10.12 -49.60 6.03
N ASP O 185 10.08 -48.55 6.86
CA ASP O 185 8.80 -47.94 7.19
C ASP O 185 8.64 -46.64 6.42
N ILE O 186 9.63 -46.34 5.58
CA ILE O 186 9.67 -45.09 4.85
C ILE O 186 9.53 -45.43 3.38
N GLY O 187 8.49 -44.89 2.74
CA GLY O 187 8.30 -45.13 1.31
C GLY O 187 8.26 -43.85 0.51
N GLY O 188 8.79 -43.88 -0.70
CA GLY O 188 8.68 -42.72 -1.56
C GLY O 188 9.89 -41.80 -1.57
N CYS O 189 10.84 -41.89 -0.62
CA CYS O 189 11.89 -40.88 -0.63
C CYS O 189 13.23 -41.54 -0.92
N ARG O 190 13.25 -42.48 -1.86
CA ARG O 190 14.43 -43.29 -2.12
C ARG O 190 15.68 -42.42 -2.22
N LYS O 191 15.70 -41.51 -3.19
CA LYS O 191 16.90 -40.76 -3.51
C LYS O 191 17.28 -39.84 -2.35
N GLN O 192 16.27 -39.22 -1.73
CA GLN O 192 16.50 -38.30 -0.62
C GLN O 192 17.06 -39.07 0.57
N LEU O 193 16.49 -40.25 0.80
CA LEU O 193 16.90 -41.09 1.92
C LEU O 193 18.37 -41.49 1.74
N ALA O 194 18.70 -41.89 0.49
CA ALA O 194 20.05 -42.23 0.09
C ALA O 194 21.03 -41.10 0.38
N GLN O 195 20.66 -39.87 0.05
CA GLN O 195 21.55 -38.73 0.29
C GLN O 195 21.85 -38.60 1.78
N ILE O 196 20.79 -38.71 2.59
CA ILE O 196 20.91 -38.48 4.03
C ILE O 196 21.77 -39.59 4.63
N LYS O 197 21.55 -40.81 4.14
CA LYS O 197 22.31 -41.98 4.52
C LYS O 197 23.80 -41.74 4.34
N GLU O 198 24.19 -41.26 3.15
CA GLU O 198 25.58 -40.98 2.81
C GLU O 198 26.14 -39.93 3.75
N MET O 199 25.30 -38.92 4.04
CA MET O 199 25.73 -37.76 4.80
C MET O 199 26.16 -38.22 6.19
N VAL O 200 25.36 -39.13 6.77
CA VAL O 200 25.53 -39.52 8.16
C VAL O 200 26.42 -40.77 8.29
N GLU O 201 26.68 -41.49 7.18
CA GLU O 201 27.49 -42.70 7.20
C GLU O 201 28.75 -42.50 8.04
N LEU O 202 29.71 -41.71 7.54
CA LEU O 202 31.00 -41.57 8.21
C LEU O 202 30.83 -40.99 9.62
N PRO O 203 30.12 -39.88 9.86
CA PRO O 203 30.04 -39.31 11.21
C PRO O 203 29.38 -40.21 12.25
N LEU O 204 28.35 -40.96 11.85
CA LEU O 204 27.60 -41.80 12.77
C LEU O 204 28.18 -43.20 12.87
N ARG O 205 28.54 -43.80 11.73
CA ARG O 205 29.00 -45.18 11.73
C ARG O 205 30.53 -45.31 11.86
N HIS O 206 31.28 -44.25 11.60
CA HIS O 206 32.73 -44.34 11.62
C HIS O 206 33.33 -43.11 12.28
N PRO O 207 32.89 -42.74 13.51
CA PRO O 207 33.26 -41.46 14.12
C PRO O 207 34.75 -41.27 14.27
N ALA O 208 35.44 -42.39 14.54
CA ALA O 208 36.84 -42.38 14.87
C ALA O 208 37.63 -41.67 13.78
N LEU O 209 37.16 -41.82 12.54
CA LEU O 209 37.90 -41.34 11.39
C LEU O 209 38.18 -39.86 11.54
N PHE O 210 37.26 -39.15 12.21
CA PHE O 210 37.36 -37.69 12.26
C PHE O 210 38.43 -37.22 13.24
N LYS O 211 38.95 -38.15 14.05
CA LYS O 211 40.11 -37.83 14.87
C LYS O 211 41.37 -37.80 14.00
N ALA O 212 41.43 -38.70 13.00
CA ALA O 212 42.61 -38.89 12.17
C ALA O 212 42.70 -37.88 11.02
N ILE O 213 41.57 -37.23 10.66
CA ILE O 213 41.50 -36.39 9.48
C ILE O 213 40.98 -35.00 9.86
N GLY O 214 41.32 -34.01 9.01
CA GLY O 214 40.97 -32.62 9.26
C GLY O 214 39.76 -32.15 8.46
N VAL O 215 39.23 -33.03 7.60
CA VAL O 215 37.99 -32.82 6.87
C VAL O 215 36.83 -32.71 7.83
N LYS O 216 35.92 -31.76 7.54
CA LYS O 216 34.79 -31.43 8.39
C LYS O 216 33.56 -32.20 7.93
N PRO O 217 32.91 -32.99 8.83
CA PRO O 217 31.70 -33.73 8.44
C PRO O 217 30.51 -32.77 8.49
N PRO O 218 29.40 -33.07 7.77
CA PRO O 218 28.23 -32.21 7.79
C PRO O 218 27.63 -32.17 9.19
N ARG O 219 27.30 -30.96 9.66
CA ARG O 219 26.83 -30.84 11.04
C ARG O 219 25.31 -30.74 11.06
N GLY O 220 24.76 -29.94 10.12
CA GLY O 220 23.33 -29.68 10.11
C GLY O 220 22.68 -30.09 8.79
N ILE O 221 21.60 -30.86 8.89
CA ILE O 221 20.81 -31.24 7.72
C ILE O 221 19.40 -30.72 7.90
N LEU O 222 18.94 -29.97 6.89
CA LEU O 222 17.65 -29.33 6.89
C LEU O 222 16.73 -30.10 5.95
N LEU O 223 15.65 -30.66 6.49
CA LEU O 223 14.70 -31.43 5.71
C LEU O 223 13.49 -30.55 5.42
N TYR O 224 13.35 -30.14 4.14
CA TYR O 224 12.30 -29.21 3.75
C TYR O 224 11.27 -30.01 2.96
N GLY O 225 10.00 -29.80 3.30
CA GLY O 225 8.89 -30.43 2.58
C GLY O 225 7.56 -30.03 3.21
N PRO O 226 6.43 -30.24 2.51
CA PRO O 226 5.12 -29.97 3.09
C PRO O 226 4.89 -30.88 4.29
N PRO O 227 3.89 -30.57 5.15
CA PRO O 227 3.56 -31.44 6.29
C PRO O 227 3.10 -32.83 5.85
N GLY O 228 3.54 -33.85 6.60
CA GLY O 228 3.08 -35.21 6.43
C GLY O 228 3.92 -36.01 5.46
N THR O 229 5.10 -35.49 5.12
CA THR O 229 5.99 -36.11 4.15
C THR O 229 6.95 -37.12 4.80
N GLY O 230 6.94 -37.16 6.15
CA GLY O 230 7.69 -38.17 6.89
C GLY O 230 9.07 -37.71 7.33
N LYS O 231 9.18 -36.42 7.68
CA LYS O 231 10.48 -35.85 8.03
C LYS O 231 10.91 -36.44 9.38
N THR O 232 9.96 -36.52 10.31
CA THR O 232 10.26 -37.06 11.63
C THR O 232 10.62 -38.54 11.50
N LEU O 233 9.88 -39.25 10.65
CA LEU O 233 10.15 -40.65 10.38
C LEU O 233 11.61 -40.84 9.94
N ILE O 234 12.01 -40.08 8.92
CA ILE O 234 13.32 -40.19 8.34
C ILE O 234 14.37 -40.08 9.44
N ALA O 235 14.27 -39.01 10.24
CA ALA O 235 15.27 -38.78 11.27
C ALA O 235 15.34 -39.99 12.20
N ARG O 236 14.19 -40.44 12.71
CA ARG O 236 14.16 -41.53 13.68
C ARG O 236 14.73 -42.80 13.05
N ALA O 237 14.31 -43.10 11.82
CA ALA O 237 14.83 -44.26 11.12
C ALA O 237 16.35 -44.22 11.03
N VAL O 238 16.90 -43.12 10.52
CA VAL O 238 18.33 -42.97 10.37
C VAL O 238 19.02 -43.24 11.71
N ALA O 239 18.47 -42.68 12.79
CA ALA O 239 19.04 -42.89 14.11
C ALA O 239 19.08 -44.38 14.44
N ASN O 240 17.91 -45.04 14.31
CA ASN O 240 17.78 -46.46 14.63
C ASN O 240 18.75 -47.28 13.77
N GLU O 241 18.74 -47.01 12.46
CA GLU O 241 19.47 -47.80 11.52
C GLU O 241 20.99 -47.62 11.70
N THR O 242 21.42 -46.46 12.22
CA THR O 242 22.85 -46.22 12.41
C THR O 242 23.21 -46.52 13.87
N GLY O 243 22.19 -46.82 14.67
CA GLY O 243 22.33 -46.96 16.11
C GLY O 243 22.86 -45.69 16.78
N ALA O 244 22.18 -44.57 16.57
CA ALA O 244 22.62 -43.32 17.16
C ALA O 244 21.57 -42.84 18.14
N PHE O 245 22.01 -42.13 19.18
CA PHE O 245 21.09 -41.59 20.17
C PHE O 245 20.20 -40.58 19.46
N PHE O 246 18.90 -40.59 19.74
CA PHE O 246 17.99 -39.66 19.10
C PHE O 246 17.40 -38.74 20.17
N PHE O 247 17.61 -37.43 20.01
CA PHE O 247 16.94 -36.49 20.86
C PHE O 247 15.97 -35.66 20.03
N LEU O 248 14.68 -35.67 20.40
CA LEU O 248 13.68 -34.84 19.74
C LEU O 248 13.52 -33.48 20.43
N ILE O 249 13.67 -32.40 19.67
CA ILE O 249 13.24 -31.08 20.10
C ILE O 249 11.99 -30.74 19.28
N ASN O 250 10.89 -30.44 19.96
CA ASN O 250 9.69 -30.01 19.25
C ASN O 250 9.48 -28.51 19.49
N GLY O 251 9.47 -27.74 18.40
CA GLY O 251 9.32 -26.29 18.45
C GLY O 251 8.27 -25.83 19.45
N PRO O 252 6.99 -26.19 19.22
CA PRO O 252 5.91 -25.88 20.16
C PRO O 252 6.24 -26.17 21.61
N GLU O 253 6.81 -27.35 21.89
CA GLU O 253 7.15 -27.67 23.27
C GLU O 253 8.07 -26.60 23.83
N ILE O 254 9.15 -26.28 23.10
CA ILE O 254 10.13 -25.33 23.56
C ILE O 254 9.44 -24.00 23.85
N MET O 255 8.60 -23.57 22.91
CA MET O 255 8.01 -22.26 22.95
C MET O 255 6.90 -22.18 23.99
N SER O 256 6.44 -23.33 24.47
CA SER O 256 5.42 -23.35 25.52
C SER O 256 6.04 -22.98 26.86
N LYS O 257 7.35 -23.28 27.03
CA LYS O 257 8.08 -23.05 28.27
C LYS O 257 8.25 -21.54 28.48
N LEU O 258 8.53 -21.13 29.73
CA LEU O 258 8.62 -19.69 29.98
C LEU O 258 10.09 -19.29 29.97
N ALA O 259 10.36 -18.15 29.34
CA ALA O 259 11.66 -17.49 29.33
C ALA O 259 12.82 -18.49 29.20
N GLY O 260 13.69 -18.50 30.21
CA GLY O 260 14.92 -19.26 30.17
C GLY O 260 14.69 -20.77 30.06
N GLU O 261 13.54 -21.23 30.56
CA GLU O 261 13.23 -22.65 30.52
C GLU O 261 13.29 -23.14 29.08
N SER O 262 12.89 -22.29 28.13
CA SER O 262 13.04 -22.60 26.72
C SER O 262 14.50 -22.90 26.43
N GLU O 263 15.37 -21.92 26.70
CA GLU O 263 16.75 -21.94 26.28
C GLU O 263 17.51 -23.01 27.08
N SER O 264 17.14 -23.18 28.35
CA SER O 264 17.73 -24.24 29.17
C SER O 264 17.50 -25.59 28.50
N ASN O 265 16.22 -25.85 28.12
CA ASN O 265 15.83 -27.09 27.50
C ASN O 265 16.62 -27.30 26.21
N LEU O 266 16.83 -26.21 25.46
CA LEU O 266 17.61 -26.25 24.24
C LEU O 266 19.03 -26.69 24.54
N ARG O 267 19.69 -26.00 25.48
CA ARG O 267 21.06 -26.32 25.90
C ARG O 267 21.13 -27.78 26.32
N LYS O 268 20.17 -28.18 27.18
CA LYS O 268 20.13 -29.51 27.75
C LYS O 268 20.10 -30.57 26.64
N ALA O 269 19.28 -30.32 25.63
CA ALA O 269 19.13 -31.22 24.51
C ALA O 269 20.49 -31.44 23.86
N PHE O 270 21.19 -30.33 23.63
CA PHE O 270 22.47 -30.36 22.96
C PHE O 270 23.47 -31.12 23.83
N GLU O 271 23.53 -30.76 25.12
CA GLU O 271 24.43 -31.38 26.07
C GLU O 271 24.18 -32.89 26.14
N GLU O 272 22.91 -33.27 26.25
CA GLU O 272 22.54 -34.67 26.37
C GLU O 272 23.04 -35.44 25.16
N ALA O 273 22.79 -34.87 23.98
CA ALA O 273 23.21 -35.46 22.72
C ALA O 273 24.74 -35.63 22.71
N GLU O 274 25.45 -34.53 23.03
CA GLU O 274 26.90 -34.54 23.08
C GLU O 274 27.35 -35.77 23.88
N LYS O 275 26.70 -35.98 25.04
CA LYS O 275 27.05 -37.04 25.97
C LYS O 275 26.79 -38.42 25.38
N ASN O 276 25.63 -38.63 24.75
CA ASN O 276 25.31 -39.98 24.27
C ASN O 276 25.68 -40.13 22.79
N ALA O 277 26.67 -39.37 22.32
CA ALA O 277 27.07 -39.40 20.92
C ALA O 277 27.71 -40.75 20.58
N PRO O 278 27.73 -41.20 19.31
CA PRO O 278 27.13 -40.49 18.17
C PRO O 278 25.61 -40.35 18.33
N ALA O 279 25.11 -39.17 17.92
CA ALA O 279 23.73 -38.80 18.19
C ALA O 279 23.13 -38.01 17.03
N ILE O 280 21.81 -38.12 16.87
CA ILE O 280 21.06 -37.23 16.00
C ILE O 280 20.07 -36.42 16.86
N ILE O 281 20.16 -35.09 16.76
CA ILE O 281 19.11 -34.23 17.28
C ILE O 281 18.14 -33.94 16.14
N PHE O 282 16.83 -34.05 16.43
CA PHE O 282 15.84 -33.68 15.45
C PHE O 282 15.01 -32.52 15.97
N ILE O 283 14.98 -31.42 15.22
CA ILE O 283 14.16 -30.27 15.55
C ILE O 283 12.93 -30.28 14.65
N ASP O 284 11.79 -30.59 15.27
CA ASP O 284 10.51 -30.61 14.58
C ASP O 284 9.94 -29.19 14.64
N GLU O 285 9.43 -28.72 13.50
CA GLU O 285 8.79 -27.42 13.47
C GLU O 285 9.81 -26.37 13.88
N LEU O 286 10.95 -26.36 13.18
CA LEU O 286 12.03 -25.42 13.43
C LEU O 286 11.54 -23.97 13.27
N ASP O 287 10.55 -23.77 12.39
CA ASP O 287 9.96 -22.46 12.13
C ASP O 287 9.38 -21.84 13.39
N ALA O 288 8.97 -22.68 14.35
CA ALA O 288 8.44 -22.24 15.63
C ALA O 288 9.54 -21.63 16.49
N ILE O 289 10.72 -22.27 16.51
CA ILE O 289 11.85 -21.79 17.30
C ILE O 289 12.53 -20.61 16.62
N ALA O 290 12.67 -20.67 15.28
CA ALA O 290 13.59 -19.79 14.56
C ALA O 290 12.95 -19.26 13.28
N PRO O 291 11.92 -18.40 13.36
CA PRO O 291 11.38 -17.77 12.15
C PRO O 291 12.35 -16.68 11.71
N LYS O 292 12.05 -16.03 10.56
CA LYS O 292 12.82 -14.90 10.05
C LYS O 292 12.67 -13.69 11.00
N ARG O 293 13.63 -12.76 10.97
CA ARG O 293 13.64 -11.63 11.90
C ARG O 293 12.41 -10.73 11.76
N GLU O 294 11.87 -10.64 10.54
CA GLU O 294 10.58 -10.00 10.29
C GLU O 294 9.51 -10.58 11.21
N LYS O 295 9.22 -11.89 11.07
CA LYS O 295 8.13 -12.53 11.79
C LYS O 295 8.44 -12.61 13.28
N THR O 296 9.72 -12.44 13.66
CA THR O 296 10.06 -12.55 15.06
C THR O 296 9.69 -11.24 15.76
N HIS O 297 8.45 -11.16 16.23
CA HIS O 297 8.05 -10.05 17.09
C HIS O 297 8.43 -10.41 18.53
N GLY O 298 9.10 -9.49 19.24
CA GLY O 298 9.40 -9.70 20.65
C GLY O 298 10.80 -10.25 20.89
N GLU O 299 11.40 -9.88 22.03
CA GLU O 299 12.82 -10.06 22.27
C GLU O 299 13.12 -11.47 22.79
N VAL O 300 12.22 -12.01 23.61
CA VAL O 300 12.44 -13.37 24.12
C VAL O 300 12.56 -14.36 22.97
N GLU O 301 11.81 -14.16 21.89
CA GLU O 301 11.86 -15.05 20.75
C GLU O 301 13.23 -14.96 20.08
N ARG O 302 13.76 -13.73 19.93
CA ARG O 302 15.03 -13.50 19.26
C ARG O 302 16.14 -14.16 20.07
N ARG O 303 16.03 -14.10 21.39
CA ARG O 303 16.98 -14.73 22.28
C ARG O 303 17.08 -16.23 21.96
N ILE O 304 15.93 -16.87 21.73
CA ILE O 304 15.89 -18.31 21.50
C ILE O 304 16.58 -18.68 20.18
N VAL O 305 16.28 -17.91 19.13
CA VAL O 305 16.91 -18.11 17.84
C VAL O 305 18.42 -18.02 18.04
N SER O 306 18.84 -16.94 18.70
CA SER O 306 20.25 -16.67 18.95
C SER O 306 20.89 -17.86 19.65
N GLN O 307 20.27 -18.30 20.75
CA GLN O 307 20.74 -19.44 21.52
C GLN O 307 21.03 -20.62 20.57
N LEU O 308 20.05 -20.92 19.67
CA LEU O 308 20.13 -22.07 18.81
C LEU O 308 21.35 -21.95 17.90
N LEU O 309 21.52 -20.77 17.30
CA LEU O 309 22.66 -20.48 16.47
C LEU O 309 23.95 -20.77 17.23
N THR O 310 24.10 -20.19 18.44
CA THR O 310 25.27 -20.42 19.28
C THR O 310 25.44 -21.91 19.55
N LEU O 311 24.35 -22.58 19.95
CA LEU O 311 24.39 -24.00 20.26
C LEU O 311 24.94 -24.79 19.08
N MET O 312 24.44 -24.48 17.88
CA MET O 312 24.85 -25.12 16.63
C MET O 312 26.33 -24.82 16.42
N ASP O 313 26.69 -23.54 16.54
CA ASP O 313 28.06 -23.13 16.30
C ASP O 313 28.99 -23.80 17.31
N GLY O 314 28.51 -23.96 18.54
CA GLY O 314 29.30 -24.52 19.62
C GLY O 314 29.56 -26.01 19.44
N LEU O 315 28.85 -26.67 18.52
CA LEU O 315 29.09 -28.09 18.26
C LEU O 315 30.47 -28.25 17.63
N LYS O 316 31.40 -28.85 18.37
CA LYS O 316 32.70 -29.22 17.83
C LYS O 316 32.52 -30.44 16.92
N GLN O 317 33.43 -30.58 15.95
CA GLN O 317 33.36 -31.62 14.93
C GLN O 317 33.43 -33.01 15.57
N ARG O 318 34.23 -33.09 16.63
CA ARG O 318 34.52 -34.30 17.38
C ARG O 318 33.32 -34.68 18.27
N ALA O 319 32.29 -33.82 18.31
CA ALA O 319 31.14 -34.08 19.15
C ALA O 319 30.34 -35.28 18.63
N HIS O 320 30.45 -35.55 17.31
CA HIS O 320 29.79 -36.69 16.65
C HIS O 320 28.28 -36.59 16.74
N VAL O 321 27.78 -35.35 16.63
CA VAL O 321 26.36 -35.05 16.69
C VAL O 321 25.96 -34.44 15.35
N ILE O 322 24.90 -34.99 14.76
CA ILE O 322 24.28 -34.39 13.60
C ILE O 322 22.94 -33.80 14.05
N VAL O 323 22.66 -32.57 13.59
CA VAL O 323 21.38 -31.93 13.86
C VAL O 323 20.55 -31.93 12.58
N MET O 324 19.37 -32.54 12.65
CA MET O 324 18.42 -32.59 11.55
C MET O 324 17.22 -31.77 11.97
N ALA O 325 16.74 -30.90 11.06
CA ALA O 325 15.60 -30.07 11.38
C ALA O 325 14.60 -30.07 10.22
N ALA O 326 13.31 -29.92 10.56
CA ALA O 326 12.26 -29.95 9.56
C ALA O 326 11.55 -28.60 9.53
N THR O 327 11.25 -28.18 8.29
CA THR O 327 10.48 -26.98 8.03
C THR O 327 9.77 -27.14 6.69
N ASN O 328 8.85 -26.20 6.39
CA ASN O 328 8.10 -26.18 5.14
C ASN O 328 8.97 -25.75 3.96
N ARG O 329 9.54 -24.54 4.05
CA ARG O 329 10.41 -24.02 3.02
C ARG O 329 11.58 -23.29 3.69
N PRO O 330 12.74 -23.16 2.99
CA PRO O 330 13.89 -22.42 3.53
C PRO O 330 13.54 -20.98 3.87
N ASN O 331 12.52 -20.43 3.18
CA ASN O 331 12.14 -19.04 3.38
C ASN O 331 11.39 -18.89 4.70
N SER O 332 11.03 -20.03 5.33
CA SER O 332 10.29 -20.02 6.58
C SER O 332 11.19 -19.51 7.72
N ILE O 333 12.48 -19.85 7.64
CA ILE O 333 13.39 -19.82 8.77
C ILE O 333 14.45 -18.75 8.58
N ASP O 334 14.97 -18.25 9.71
CA ASP O 334 16.03 -17.26 9.72
C ASP O 334 17.21 -17.75 8.89
N PRO O 335 17.68 -16.96 7.90
CA PRO O 335 18.69 -17.43 6.95
C PRO O 335 20.04 -17.70 7.61
N ALA O 336 20.22 -17.23 8.85
CA ALA O 336 21.46 -17.44 9.58
C ALA O 336 21.69 -18.93 9.83
N LEU O 337 20.59 -19.70 9.92
CA LEU O 337 20.63 -21.13 10.18
C LEU O 337 21.26 -21.86 9.00
N ARG O 338 21.36 -21.20 7.85
CA ARG O 338 21.90 -21.86 6.67
C ARG O 338 23.37 -21.49 6.45
N ARG O 339 24.01 -20.84 7.43
CA ARG O 339 25.41 -20.48 7.34
C ARG O 339 26.31 -21.73 7.24
N PHE O 340 27.64 -21.51 7.20
CA PHE O 340 28.59 -22.57 6.91
C PHE O 340 28.50 -23.69 7.95
N GLY O 341 28.67 -23.34 9.23
CA GLY O 341 28.71 -24.33 10.30
C GLY O 341 27.35 -24.97 10.57
N ARG O 342 26.30 -24.18 10.41
CA ARG O 342 24.94 -24.53 10.79
C ARG O 342 24.30 -25.43 9.72
N PHE O 343 22.97 -25.36 9.55
CA PHE O 343 22.27 -26.17 8.57
C PHE O 343 22.80 -25.94 7.15
N ASP O 344 23.97 -26.52 6.85
CA ASP O 344 24.64 -26.26 5.59
C ASP O 344 24.15 -27.22 4.50
N ARG O 345 23.35 -28.23 4.86
CA ARG O 345 22.84 -29.17 3.87
C ARG O 345 21.31 -29.17 3.90
N GLU O 346 20.66 -29.17 2.72
CA GLU O 346 19.22 -29.21 2.59
C GLU O 346 18.83 -30.42 1.74
N VAL O 347 17.80 -31.17 2.18
CA VAL O 347 17.20 -32.21 1.36
C VAL O 347 15.70 -31.92 1.27
N ASP O 348 15.15 -32.05 0.05
CA ASP O 348 13.74 -31.76 -0.19
C ASP O 348 12.93 -33.05 -0.18
N ILE O 349 12.15 -33.27 0.90
CA ILE O 349 11.24 -34.39 0.89
C ILE O 349 9.90 -33.90 0.38
N GLY O 350 9.54 -34.30 -0.84
CA GLY O 350 8.38 -33.75 -1.53
C GLY O 350 7.15 -34.66 -1.53
N ILE O 351 6.14 -34.23 -2.26
CA ILE O 351 4.93 -35.02 -2.42
C ILE O 351 5.29 -36.26 -3.23
N PRO O 352 4.83 -37.47 -2.88
CA PRO O 352 5.24 -38.67 -3.62
C PRO O 352 4.41 -38.88 -4.89
N ASP O 353 5.02 -39.59 -5.85
CA ASP O 353 4.37 -40.12 -7.03
C ASP O 353 3.48 -41.29 -6.65
N ALA O 354 2.70 -41.76 -7.63
CA ALA O 354 1.83 -42.89 -7.44
C ALA O 354 2.64 -44.09 -6.97
N THR O 355 3.84 -44.25 -7.53
CA THR O 355 4.69 -45.38 -7.18
C THR O 355 4.98 -45.31 -5.69
N GLY O 356 5.33 -44.11 -5.22
CA GLY O 356 5.63 -43.87 -3.83
C GLY O 356 4.41 -44.06 -2.95
N ARG O 357 3.27 -43.62 -3.48
CA ARG O 357 2.04 -43.75 -2.72
C ARG O 357 1.74 -45.23 -2.46
N LEU O 358 1.97 -46.05 -3.48
CA LEU O 358 1.75 -47.48 -3.37
C LEU O 358 2.62 -48.06 -2.26
N GLU O 359 3.91 -47.71 -2.25
CA GLU O 359 4.80 -48.19 -1.21
C GLU O 359 4.26 -47.78 0.16
N ILE O 360 3.77 -46.53 0.28
CA ILE O 360 3.32 -46.00 1.55
C ILE O 360 2.08 -46.77 2.03
N LEU O 361 1.17 -47.02 1.08
CA LEU O 361 -0.03 -47.79 1.37
C LEU O 361 0.35 -49.19 1.85
N GLN O 362 1.34 -49.78 1.18
CA GLN O 362 1.80 -51.10 1.53
C GLN O 362 2.34 -51.10 2.95
N ILE O 363 3.15 -50.09 3.25
CA ILE O 363 3.73 -49.97 4.58
C ILE O 363 2.60 -49.93 5.60
N HIS O 364 1.52 -49.21 5.30
CA HIS O 364 0.50 -48.96 6.31
C HIS O 364 -0.59 -50.01 6.28
N THR O 365 -0.43 -51.03 5.42
CA THR O 365 -1.41 -52.10 5.48
C THR O 365 -0.72 -53.40 5.87
N LYS O 366 0.53 -53.30 6.36
CA LYS O 366 1.35 -54.48 6.55
C LYS O 366 0.79 -55.36 7.66
N ASN O 367 0.15 -54.74 8.65
CA ASN O 367 -0.34 -55.53 9.77
C ASN O 367 -1.82 -55.81 9.61
N MET O 368 -2.36 -55.59 8.40
CA MET O 368 -3.79 -55.61 8.19
C MET O 368 -4.13 -56.79 7.29
N LYS O 369 -5.24 -57.46 7.57
CA LYS O 369 -5.70 -58.47 6.64
C LYS O 369 -6.53 -57.75 5.57
N LEU O 370 -6.06 -57.84 4.33
CA LEU O 370 -6.75 -57.18 3.24
C LEU O 370 -7.41 -58.23 2.36
N ALA O 371 -8.72 -58.06 2.13
CA ALA O 371 -9.43 -58.92 1.20
C ALA O 371 -8.82 -58.85 -0.20
N ASP O 372 -9.16 -59.82 -1.05
CA ASP O 372 -8.59 -59.92 -2.38
C ASP O 372 -9.12 -58.80 -3.25
N ASP O 373 -10.26 -58.20 -2.84
CA ASP O 373 -10.89 -57.14 -3.60
C ASP O 373 -10.10 -55.84 -3.51
N VAL O 374 -9.19 -55.75 -2.53
CA VAL O 374 -8.44 -54.53 -2.31
C VAL O 374 -7.42 -54.35 -3.44
N ASP O 375 -7.47 -53.19 -4.11
CA ASP O 375 -6.52 -52.84 -5.14
C ASP O 375 -5.74 -51.61 -4.69
N LEU O 376 -4.62 -51.85 -4.02
CA LEU O 376 -3.85 -50.73 -3.49
C LEU O 376 -3.33 -49.87 -4.63
N GLU O 377 -3.16 -50.46 -5.82
CA GLU O 377 -2.70 -49.68 -6.96
C GLU O 377 -3.74 -48.62 -7.33
N GLN O 378 -5.01 -49.04 -7.35
CA GLN O 378 -6.12 -48.13 -7.59
C GLN O 378 -6.03 -46.98 -6.60
N VAL O 379 -5.96 -47.34 -5.31
CA VAL O 379 -5.91 -46.33 -4.27
C VAL O 379 -4.74 -45.40 -4.54
N ALA O 380 -3.59 -45.98 -4.87
CA ALA O 380 -2.39 -45.21 -5.14
C ALA O 380 -2.65 -44.22 -6.28
N ASN O 381 -3.30 -44.72 -7.34
CA ASN O 381 -3.51 -43.92 -8.53
C ASN O 381 -4.42 -42.74 -8.25
N GLU O 382 -5.52 -43.01 -7.54
CA GLU O 382 -6.52 -41.98 -7.36
C GLU O 382 -6.12 -40.98 -6.28
N THR O 383 -5.12 -41.32 -5.46
CA THR O 383 -4.78 -40.44 -4.34
C THR O 383 -3.75 -39.41 -4.78
N HIS O 384 -4.05 -38.68 -5.85
CA HIS O 384 -3.21 -37.60 -6.34
C HIS O 384 -2.99 -36.57 -5.25
N GLY O 385 -1.75 -36.06 -5.19
CA GLY O 385 -1.35 -34.97 -4.30
C GLY O 385 -1.39 -35.32 -2.82
N HIS O 386 -1.49 -36.60 -2.48
CA HIS O 386 -1.53 -37.02 -1.08
C HIS O 386 -0.11 -37.25 -0.58
N VAL O 387 0.12 -36.85 0.67
CA VAL O 387 1.38 -37.17 1.33
C VAL O 387 1.20 -38.42 2.18
N GLY O 388 2.33 -38.93 2.70
CA GLY O 388 2.35 -40.10 3.56
C GLY O 388 1.27 -40.07 4.64
N ALA O 389 1.21 -38.98 5.40
CA ALA O 389 0.27 -38.83 6.50
C ALA O 389 -1.17 -39.04 6.03
N ASP O 390 -1.48 -38.56 4.81
CA ASP O 390 -2.81 -38.67 4.25
C ASP O 390 -3.14 -40.14 4.06
N LEU O 391 -2.19 -40.83 3.43
CA LEU O 391 -2.33 -42.23 3.10
C LEU O 391 -2.46 -43.04 4.38
N ALA O 392 -1.59 -42.75 5.35
CA ALA O 392 -1.60 -43.46 6.62
C ALA O 392 -3.00 -43.35 7.24
N ALA O 393 -3.53 -42.13 7.28
CA ALA O 393 -4.85 -41.88 7.84
C ALA O 393 -5.94 -42.62 7.04
N LEU O 394 -5.75 -42.70 5.72
CA LEU O 394 -6.74 -43.38 4.92
C LEU O 394 -6.81 -44.83 5.36
N CYS O 395 -5.64 -45.45 5.56
CA CYS O 395 -5.59 -46.84 5.97
C CYS O 395 -6.27 -47.02 7.32
N SER O 396 -5.99 -46.12 8.27
CA SER O 396 -6.64 -46.17 9.56
C SER O 396 -8.16 -46.13 9.39
N GLU O 397 -8.60 -45.16 8.58
CA GLU O 397 -10.02 -44.90 8.53
C GLU O 397 -10.73 -46.12 7.97
N ALA O 398 -10.05 -46.79 7.04
CA ALA O 398 -10.60 -47.98 6.41
C ALA O 398 -10.73 -49.10 7.43
N ALA O 399 -9.64 -49.34 8.16
CA ALA O 399 -9.63 -50.31 9.24
C ALA O 399 -10.82 -50.06 10.19
N LEU O 400 -10.92 -48.82 10.70
CA LEU O 400 -11.92 -48.51 11.70
C LEU O 400 -13.33 -48.69 11.16
N GLN O 401 -13.52 -48.45 9.86
CA GLN O 401 -14.83 -48.64 9.26
C GLN O 401 -15.17 -50.12 9.35
N ALA O 402 -14.22 -50.95 8.90
CA ALA O 402 -14.30 -52.40 8.92
C ALA O 402 -14.72 -52.89 10.31
N ILE O 403 -13.95 -52.47 11.33
CA ILE O 403 -14.25 -52.76 12.72
C ILE O 403 -15.67 -52.30 13.05
N ARG O 404 -16.00 -51.05 12.72
CA ARG O 404 -17.33 -50.53 13.02
C ARG O 404 -18.41 -51.43 12.44
N LYS O 405 -18.25 -51.86 11.19
CA LYS O 405 -19.27 -52.69 10.56
C LYS O 405 -19.44 -54.00 11.32
N LYS O 406 -18.31 -54.59 11.74
CA LYS O 406 -18.30 -55.89 12.38
C LYS O 406 -18.86 -55.76 13.79
N MET O 407 -18.55 -54.67 14.48
CA MET O 407 -18.99 -54.43 15.84
C MET O 407 -20.51 -54.45 15.92
N ASP O 408 -21.18 -54.08 14.82
CA ASP O 408 -22.62 -54.15 14.75
C ASP O 408 -23.08 -55.61 14.79
N LEU O 409 -22.35 -56.48 14.06
CA LEU O 409 -22.71 -57.90 13.95
C LEU O 409 -22.29 -58.69 15.20
N ILE O 410 -21.38 -58.12 16.00
CA ILE O 410 -20.92 -58.72 17.25
C ILE O 410 -21.91 -58.35 18.36
N ASP O 411 -23.09 -57.88 17.98
CA ASP O 411 -24.21 -57.67 18.90
C ASP O 411 -24.62 -58.97 19.60
N LEU O 412 -24.09 -60.13 19.17
CA LEU O 412 -24.33 -61.41 19.84
C LEU O 412 -23.40 -61.45 21.06
N GLU O 413 -23.02 -62.64 21.55
CA GLU O 413 -22.38 -62.73 22.85
C GLU O 413 -20.95 -62.25 22.85
N ASP O 414 -20.37 -62.07 21.65
CA ASP O 414 -18.93 -61.82 21.53
C ASP O 414 -18.57 -60.48 22.19
N GLU O 415 -17.39 -60.41 22.82
CA GLU O 415 -16.91 -59.22 23.52
C GLU O 415 -16.50 -58.18 22.48
N THR O 416 -16.05 -56.99 22.93
CA THR O 416 -15.47 -56.00 22.01
C THR O 416 -14.36 -56.68 21.20
N ILE O 417 -14.76 -57.26 20.06
CA ILE O 417 -13.94 -58.03 19.15
C ILE O 417 -13.02 -58.95 19.97
N ASP O 418 -11.75 -59.05 19.57
CA ASP O 418 -10.77 -59.96 20.14
C ASP O 418 -9.57 -59.95 19.18
N ALA O 419 -8.40 -60.38 19.68
CA ALA O 419 -7.24 -60.54 18.82
C ALA O 419 -7.57 -61.45 17.64
N GLU O 420 -8.31 -62.55 17.90
CA GLU O 420 -8.67 -63.53 16.89
C GLU O 420 -9.61 -62.93 15.85
N VAL O 421 -10.72 -62.34 16.30
CA VAL O 421 -11.71 -61.79 15.40
C VAL O 421 -11.12 -60.61 14.63
N MET O 422 -10.27 -59.82 15.30
CA MET O 422 -9.50 -58.76 14.65
C MET O 422 -8.64 -59.34 13.52
N ASN O 423 -8.05 -60.52 13.77
CA ASN O 423 -7.23 -61.21 12.79
C ASN O 423 -8.11 -61.84 11.70
N SER O 424 -9.33 -62.22 12.05
CA SER O 424 -10.26 -62.78 11.08
C SER O 424 -10.88 -61.67 10.22
N LEU O 425 -10.88 -60.43 10.74
CA LEU O 425 -11.49 -59.29 10.07
C LEU O 425 -10.62 -58.85 8.91
N ALA O 426 -11.25 -58.76 7.75
CA ALA O 426 -10.56 -58.29 6.55
C ALA O 426 -11.05 -56.89 6.20
N VAL O 427 -10.11 -55.98 5.92
CA VAL O 427 -10.50 -54.71 5.35
C VAL O 427 -10.75 -54.93 3.87
N THR O 428 -11.92 -54.48 3.39
CA THR O 428 -12.35 -54.69 2.02
C THR O 428 -12.16 -53.41 1.20
N MET O 429 -12.35 -53.53 -0.11
CA MET O 429 -12.14 -52.38 -0.97
C MET O 429 -13.21 -51.34 -0.65
N ASP O 430 -14.41 -51.82 -0.29
CA ASP O 430 -15.50 -50.93 0.07
C ASP O 430 -15.10 -50.06 1.26
N ASP O 431 -14.34 -50.66 2.17
CA ASP O 431 -13.84 -49.94 3.34
C ASP O 431 -12.93 -48.81 2.89
N PHE O 432 -12.02 -49.11 1.97
CA PHE O 432 -11.15 -48.10 1.38
C PHE O 432 -12.00 -47.06 0.66
N ARG O 433 -13.01 -47.54 -0.09
CA ARG O 433 -13.89 -46.65 -0.81
C ARG O 433 -14.55 -45.68 0.16
N TRP O 434 -15.08 -46.19 1.27
CA TRP O 434 -15.72 -45.33 2.24
C TRP O 434 -14.76 -44.22 2.66
N ALA O 435 -13.53 -44.61 2.97
CA ALA O 435 -12.48 -43.71 3.43
C ALA O 435 -12.18 -42.67 2.37
N LEU O 436 -11.98 -43.14 1.11
CA LEU O 436 -11.64 -42.25 0.03
C LEU O 436 -12.78 -41.28 -0.24
N SER O 437 -14.00 -41.69 0.15
CA SER O 437 -15.19 -40.95 -0.23
C SER O 437 -15.55 -39.90 0.81
N GLN O 438 -14.73 -39.78 1.86
CA GLN O 438 -15.16 -39.17 3.11
C GLN O 438 -14.38 -37.87 3.23
N ASN P 1 73.61 1.12 5.80
CA ASN P 1 72.81 -0.12 5.62
C ASN P 1 73.47 -1.11 4.66
N ARG P 2 73.71 -2.29 5.24
CA ARG P 2 74.35 -3.42 4.58
C ARG P 2 73.34 -4.04 3.61
N PRO P 3 73.74 -4.40 2.37
CA PRO P 3 72.79 -4.95 1.39
C PRO P 3 72.26 -6.35 1.72
N ASN P 4 72.95 -7.05 2.64
CA ASN P 4 72.52 -8.34 3.13
C ASN P 4 71.20 -8.23 3.92
N ARG P 5 70.85 -7.02 4.40
CA ARG P 5 69.58 -6.79 5.07
C ARG P 5 68.43 -6.60 4.07
N LEU P 6 67.35 -7.35 4.27
CA LEU P 6 66.17 -7.35 3.41
C LEU P 6 64.89 -7.40 4.25
N ILE P 7 63.76 -7.05 3.62
CA ILE P 7 62.47 -7.01 4.29
C ILE P 7 61.67 -8.27 3.97
N VAL P 8 61.16 -8.93 5.02
CA VAL P 8 60.43 -10.18 4.89
C VAL P 8 59.12 -9.93 4.15
N ASP P 9 58.89 -10.70 3.09
CA ASP P 9 57.68 -10.58 2.29
C ASP P 9 57.02 -11.94 2.16
N GLU P 10 55.77 -11.97 1.65
CA GLU P 10 55.06 -13.22 1.43
C GLU P 10 55.79 -14.05 0.39
N ALA P 11 55.43 -15.33 0.30
CA ALA P 11 56.11 -16.27 -0.57
C ALA P 11 55.23 -16.63 -1.77
N ILE P 12 55.79 -16.50 -2.99
CA ILE P 12 55.16 -17.05 -4.19
C ILE P 12 55.24 -18.59 -4.21
N ASN P 13 56.42 -19.14 -3.89
CA ASN P 13 56.61 -20.58 -3.84
C ASN P 13 56.46 -21.04 -2.40
N GLU P 14 55.62 -22.06 -2.19
CA GLU P 14 55.21 -22.51 -0.86
C GLU P 14 56.17 -23.57 -0.31
N ASP P 15 57.27 -23.88 -1.04
CA ASP P 15 58.22 -24.86 -0.56
C ASP P 15 58.99 -24.34 0.65
N ASN P 16 59.04 -25.16 1.71
CA ASN P 16 59.56 -24.72 3.00
C ASN P 16 61.00 -24.26 2.88
N SER P 17 61.73 -24.82 1.91
CA SER P 17 63.18 -24.69 1.86
C SER P 17 63.58 -23.60 0.86
N VAL P 18 62.61 -22.83 0.38
CA VAL P 18 62.89 -21.86 -0.66
C VAL P 18 62.68 -20.43 -0.15
N VAL P 19 63.64 -19.56 -0.48
CA VAL P 19 63.50 -18.11 -0.34
C VAL P 19 63.77 -17.47 -1.70
N SER P 20 63.12 -16.32 -1.92
CA SER P 20 63.18 -15.68 -3.23
C SER P 20 63.67 -14.24 -3.11
N LEU P 21 64.49 -13.84 -4.09
CA LEU P 21 65.14 -12.54 -4.18
C LEU P 21 65.05 -12.06 -5.63
N SER P 22 65.16 -10.74 -5.85
CA SER P 22 65.27 -10.25 -7.22
C SER P 22 66.62 -10.66 -7.78
N GLN P 23 66.68 -10.95 -9.08
CA GLN P 23 67.94 -11.32 -9.70
C GLN P 23 68.98 -10.24 -9.40
N PRO P 24 68.67 -8.93 -9.64
CA PRO P 24 69.55 -7.83 -9.25
C PRO P 24 70.24 -8.08 -7.91
N LYS P 25 69.42 -8.38 -6.89
CA LYS P 25 69.90 -8.54 -5.53
C LYS P 25 70.79 -9.78 -5.43
N MET P 26 70.41 -10.84 -6.15
CA MET P 26 71.16 -12.08 -6.18
C MET P 26 72.54 -11.83 -6.80
N ASP P 27 72.54 -11.09 -7.92
CA ASP P 27 73.75 -10.68 -8.61
C ASP P 27 74.62 -9.85 -7.67
N GLU P 28 74.02 -8.79 -7.11
CA GLU P 28 74.66 -7.92 -6.13
C GLU P 28 75.33 -8.72 -5.02
N LEU P 29 74.66 -9.78 -4.55
CA LEU P 29 75.15 -10.57 -3.43
C LEU P 29 75.92 -11.79 -3.94
N GLN P 30 76.07 -11.88 -5.28
CA GLN P 30 76.76 -12.97 -5.95
C GLN P 30 76.14 -14.31 -5.53
N LEU P 31 74.84 -14.46 -5.80
CA LEU P 31 74.13 -15.67 -5.43
C LEU P 31 73.72 -16.42 -6.69
N PHE P 32 73.90 -17.75 -6.63
CA PHE P 32 73.60 -18.62 -7.75
C PHE P 32 72.29 -19.37 -7.42
N ARG P 33 71.47 -19.60 -8.45
CA ARG P 33 70.21 -20.31 -8.22
C ARG P 33 70.47 -21.62 -7.51
N GLY P 34 69.89 -21.79 -6.32
CA GLY P 34 69.98 -23.06 -5.63
C GLY P 34 71.04 -23.02 -4.54
N ASP P 35 71.78 -21.90 -4.48
CA ASP P 35 72.79 -21.72 -3.45
C ASP P 35 72.11 -21.79 -2.09
N THR P 36 72.65 -22.62 -1.19
CA THR P 36 72.23 -22.55 0.19
C THR P 36 72.65 -21.22 0.79
N VAL P 37 71.70 -20.55 1.47
CA VAL P 37 71.93 -19.28 2.14
C VAL P 37 71.61 -19.45 3.62
N LEU P 38 72.31 -18.66 4.45
CA LEU P 38 72.02 -18.60 5.88
C LEU P 38 71.30 -17.28 6.17
N LEU P 39 70.16 -17.39 6.85
CA LEU P 39 69.35 -16.22 7.19
C LEU P 39 69.41 -16.03 8.70
N LYS P 40 69.60 -14.78 9.13
CA LYS P 40 69.59 -14.44 10.53
C LYS P 40 68.38 -13.58 10.83
N GLY P 41 67.74 -13.84 11.97
CA GLY P 41 66.53 -13.14 12.39
C GLY P 41 66.57 -12.74 13.87
N LYS P 42 65.40 -12.50 14.44
CA LYS P 42 65.27 -12.06 15.83
C LYS P 42 65.53 -13.24 16.77
N LYS P 43 65.64 -12.95 18.07
CA LYS P 43 65.95 -13.90 19.13
C LYS P 43 67.21 -14.71 18.73
N ARG P 44 68.06 -14.09 17.91
CA ARG P 44 69.32 -14.67 17.45
C ARG P 44 69.09 -15.99 16.72
N ARG P 45 67.87 -16.20 16.21
CA ARG P 45 67.51 -17.42 15.49
C ARG P 45 68.14 -17.39 14.10
N GLU P 46 68.36 -18.59 13.54
CA GLU P 46 68.98 -18.75 12.24
C GLU P 46 68.24 -19.80 11.42
N ALA P 47 68.40 -19.72 10.09
CA ALA P 47 67.82 -20.71 9.19
C ALA P 47 68.62 -20.78 7.90
N VAL P 48 68.60 -21.97 7.28
CA VAL P 48 69.30 -22.20 6.02
C VAL P 48 68.28 -22.62 4.98
N CYS P 49 68.42 -22.08 3.76
CA CYS P 49 67.42 -22.23 2.71
C CYS P 49 68.09 -22.21 1.35
N ILE P 50 67.29 -22.48 0.31
CA ILE P 50 67.68 -22.43 -1.08
C ILE P 50 67.20 -21.11 -1.67
N VAL P 51 68.07 -20.41 -2.41
CA VAL P 51 67.65 -19.14 -2.98
C VAL P 51 67.28 -19.34 -4.46
N LEU P 52 66.21 -18.66 -4.89
CA LEU P 52 65.78 -18.62 -6.28
C LEU P 52 65.37 -17.18 -6.60
N SER P 53 64.97 -16.94 -7.84
CA SER P 53 64.77 -15.57 -8.29
C SER P 53 63.29 -15.35 -8.59
N ASP P 54 62.70 -14.31 -8.00
CA ASP P 54 61.33 -13.94 -8.31
C ASP P 54 61.32 -12.59 -9.00
N ASP P 55 60.69 -12.53 -10.18
CA ASP P 55 60.57 -11.29 -10.93
C ASP P 55 59.86 -10.24 -10.09
N THR P 56 58.76 -10.64 -9.45
CA THR P 56 57.88 -9.74 -8.72
C THR P 56 58.53 -9.22 -7.44
N CYS P 57 59.54 -9.94 -6.94
CA CYS P 57 60.18 -9.61 -5.68
C CYS P 57 60.93 -8.30 -5.83
N SER P 58 60.52 -7.30 -5.04
CA SER P 58 61.23 -6.04 -4.88
C SER P 58 62.66 -6.30 -4.39
N ASP P 59 63.61 -5.46 -4.85
CA ASP P 59 65.03 -5.75 -4.66
C ASP P 59 65.39 -5.78 -3.18
N GLU P 60 64.66 -4.97 -2.40
CA GLU P 60 64.97 -4.77 -1.00
C GLU P 60 64.23 -5.81 -0.12
N LYS P 61 63.51 -6.74 -0.76
CA LYS P 61 62.66 -7.67 -0.03
C LYS P 61 63.10 -9.12 -0.28
N ILE P 62 62.74 -10.01 0.66
CA ILE P 62 62.91 -11.45 0.53
C ILE P 62 61.55 -12.12 0.72
N ARG P 63 61.28 -13.13 -0.10
CA ARG P 63 60.05 -13.90 0.04
C ARG P 63 60.35 -15.20 0.77
N MET P 64 59.67 -15.40 1.90
CA MET P 64 59.79 -16.67 2.62
C MET P 64 58.42 -17.10 3.15
N ASN P 65 58.20 -18.42 3.17
CA ASN P 65 56.99 -19.02 3.71
C ASN P 65 56.98 -18.87 5.23
N ARG P 66 55.87 -19.29 5.84
CA ARG P 66 55.60 -19.01 7.23
C ARG P 66 56.48 -19.90 8.11
N VAL P 67 56.86 -21.06 7.55
CA VAL P 67 57.74 -21.98 8.26
C VAL P 67 59.04 -21.25 8.60
N VAL P 68 59.69 -20.68 7.57
CA VAL P 68 60.94 -19.96 7.69
C VAL P 68 60.79 -18.78 8.67
N ARG P 69 59.73 -17.98 8.47
CA ARG P 69 59.50 -16.80 9.28
C ARG P 69 59.51 -17.18 10.76
N ASN P 70 58.83 -18.28 11.09
CA ASN P 70 58.70 -18.76 12.45
C ASN P 70 60.07 -19.18 12.99
N ASN P 71 60.84 -19.86 12.13
CA ASN P 71 62.16 -20.34 12.49
C ASN P 71 63.08 -19.14 12.76
N LEU P 72 62.92 -18.09 11.97
CA LEU P 72 63.69 -16.88 12.17
C LEU P 72 63.03 -15.97 13.20
N ARG P 73 61.92 -16.41 13.80
CA ARG P 73 61.11 -15.60 14.72
C ARG P 73 60.89 -14.17 14.19
N VAL P 74 60.63 -14.03 12.89
CA VAL P 74 60.27 -12.76 12.30
C VAL P 74 58.83 -12.83 11.78
N ARG P 75 58.25 -11.63 11.58
CA ARG P 75 56.94 -11.49 10.98
C ARG P 75 57.09 -10.72 9.68
N LEU P 76 56.04 -10.73 8.86
CA LEU P 76 56.07 -9.98 7.61
C LEU P 76 56.37 -8.52 7.87
N GLY P 77 57.35 -7.99 7.15
CA GLY P 77 57.75 -6.59 7.27
C GLY P 77 58.99 -6.40 8.15
N ASP P 78 59.43 -7.46 8.82
CA ASP P 78 60.67 -7.44 9.58
C ASP P 78 61.86 -7.42 8.64
N VAL P 79 63.05 -7.20 9.20
CA VAL P 79 64.27 -7.21 8.41
C VAL P 79 65.10 -8.45 8.78
N ILE P 80 65.77 -9.06 7.79
CA ILE P 80 66.63 -10.19 8.04
C ILE P 80 67.98 -9.95 7.35
N SER P 81 68.98 -10.77 7.69
CA SER P 81 70.28 -10.75 7.05
C SER P 81 70.52 -12.04 6.28
N ILE P 82 71.01 -11.91 5.05
CA ILE P 82 71.29 -13.06 4.22
C ILE P 82 72.80 -13.12 3.93
N GLN P 83 73.41 -14.28 4.18
CA GLN P 83 74.80 -14.53 3.85
C GLN P 83 74.89 -15.92 3.23
N PRO P 84 75.81 -16.14 2.27
CA PRO P 84 76.03 -17.47 1.69
C PRO P 84 76.53 -18.50 2.70
N CYS P 85 76.23 -19.76 2.41
CA CYS P 85 76.59 -20.87 3.28
C CYS P 85 77.11 -22.00 2.41
N PRO P 86 78.30 -21.86 1.77
CA PRO P 86 78.80 -22.86 0.82
C PRO P 86 79.42 -24.09 1.48
N ASP P 87 79.59 -24.01 2.81
CA ASP P 87 80.18 -25.04 3.66
C ASP P 87 79.15 -26.14 3.97
N VAL P 88 78.10 -26.24 3.16
CA VAL P 88 77.04 -27.22 3.33
C VAL P 88 77.54 -28.62 2.97
N LYS P 89 77.57 -29.49 3.99
CA LYS P 89 78.01 -30.87 3.81
C LYS P 89 76.80 -31.79 3.82
N TYR P 90 76.66 -32.64 2.79
CA TYR P 90 75.70 -33.73 2.83
C TYR P 90 75.88 -34.49 4.15
N GLY P 91 75.12 -34.11 5.18
CA GLY P 91 75.25 -34.70 6.52
C GLY P 91 74.81 -36.18 6.51
N LYS P 92 75.27 -36.92 7.52
CA LYS P 92 75.11 -38.36 7.54
C LYS P 92 73.83 -38.71 8.29
N ARG P 93 73.70 -38.25 9.55
CA ARG P 93 72.58 -38.64 10.40
C ARG P 93 71.85 -37.39 10.93
N ILE P 94 70.53 -37.34 10.72
CA ILE P 94 69.66 -36.33 11.34
C ILE P 94 68.59 -37.02 12.19
N HIS P 95 68.21 -36.33 13.28
CA HIS P 95 67.20 -36.81 14.19
C HIS P 95 66.06 -35.78 14.30
N VAL P 96 64.85 -36.22 13.93
CA VAL P 96 63.68 -35.34 13.87
C VAL P 96 62.56 -35.97 14.68
N LEU P 97 61.84 -35.12 15.40
CA LEU P 97 60.74 -35.57 16.25
C LEU P 97 59.53 -34.67 16.02
N PRO P 98 58.30 -35.22 16.01
CA PRO P 98 57.10 -34.42 15.80
C PRO P 98 56.66 -33.69 17.06
N ILE P 99 56.01 -32.53 16.88
CA ILE P 99 55.38 -31.79 17.96
C ILE P 99 54.03 -32.43 18.28
N ASP P 100 53.72 -32.52 19.58
CA ASP P 100 52.60 -33.29 20.09
C ASP P 100 51.27 -32.90 19.45
N ASP P 101 50.93 -31.59 19.45
CA ASP P 101 49.65 -31.10 18.95
C ASP P 101 49.38 -31.61 17.52
N THR P 102 50.41 -31.59 16.66
CA THR P 102 50.24 -31.89 15.26
C THR P 102 49.96 -33.38 15.01
N VAL P 103 50.35 -34.27 15.95
CA VAL P 103 50.29 -35.69 15.64
C VAL P 103 49.17 -36.39 16.40
N GLU P 104 48.35 -35.62 17.14
CA GLU P 104 47.26 -36.21 17.92
C GLU P 104 46.29 -36.92 16.98
N GLY P 105 46.11 -38.22 17.16
CA GLY P 105 45.21 -38.99 16.32
C GLY P 105 45.91 -39.68 15.15
N ILE P 106 47.09 -39.15 14.78
CA ILE P 106 47.86 -39.73 13.69
C ILE P 106 48.48 -41.03 14.21
N THR P 107 48.27 -42.11 13.45
CA THR P 107 48.73 -43.44 13.84
C THR P 107 49.41 -44.10 12.65
N GLY P 108 50.42 -43.44 12.07
CA GLY P 108 51.15 -43.99 10.94
C GLY P 108 52.64 -44.08 11.23
N ASN P 109 53.38 -44.67 10.29
CA ASN P 109 54.83 -44.54 10.32
C ASN P 109 55.19 -43.20 9.68
N LEU P 110 55.42 -42.22 10.55
CA LEU P 110 55.64 -40.83 10.19
C LEU P 110 56.70 -40.74 9.10
N PHE P 111 57.69 -41.64 9.15
CA PHE P 111 58.75 -41.65 8.16
C PHE P 111 58.16 -41.82 6.76
N GLU P 112 57.46 -42.94 6.56
CA GLU P 112 56.99 -43.33 5.23
C GLU P 112 55.98 -42.30 4.72
N VAL P 113 55.04 -41.92 5.59
CA VAL P 113 53.95 -41.01 5.21
C VAL P 113 54.46 -39.59 5.02
N TYR P 114 55.13 -39.02 6.04
CA TYR P 114 55.52 -37.61 6.01
C TYR P 114 56.98 -37.44 5.55
N LEU P 115 57.92 -37.89 6.42
CA LEU P 115 59.33 -37.53 6.34
C LEU P 115 59.98 -38.00 5.03
N LYS P 116 59.78 -39.27 4.67
CA LYS P 116 60.46 -39.86 3.53
C LYS P 116 60.27 -39.02 2.26
N PRO P 117 59.02 -38.80 1.78
CA PRO P 117 58.82 -38.07 0.52
C PRO P 117 59.12 -36.57 0.64
N TYR P 118 59.12 -36.03 1.87
CA TYR P 118 59.49 -34.65 2.09
C TYR P 118 60.93 -34.44 1.62
N PHE P 119 61.83 -35.27 2.17
CA PHE P 119 63.27 -35.14 2.02
C PHE P 119 63.77 -35.78 0.72
N LEU P 120 62.97 -36.71 0.18
CA LEU P 120 63.42 -37.60 -0.89
C LEU P 120 63.92 -36.81 -2.09
N GLU P 121 65.22 -36.93 -2.38
CA GLU P 121 65.87 -36.35 -3.55
C GLU P 121 65.63 -34.83 -3.59
N ALA P 122 65.34 -34.26 -2.41
CA ALA P 122 65.06 -32.84 -2.32
C ALA P 122 66.36 -32.08 -2.11
N TYR P 123 67.30 -32.75 -1.43
CA TYR P 123 68.58 -32.15 -1.08
C TYR P 123 68.32 -30.89 -0.26
N ARG P 124 67.44 -31.03 0.74
CA ARG P 124 66.96 -29.92 1.54
C ARG P 124 68.02 -29.54 2.58
N PRO P 125 68.45 -28.25 2.65
CA PRO P 125 69.29 -27.80 3.77
C PRO P 125 68.45 -27.74 5.03
N ILE P 126 69.00 -28.21 6.16
CA ILE P 126 68.34 -28.17 7.45
C ILE P 126 69.31 -27.69 8.52
N ARG P 127 68.80 -27.04 9.56
CA ARG P 127 69.59 -26.60 10.70
C ARG P 127 69.00 -27.21 11.96
N LYS P 128 69.84 -27.34 12.99
CA LYS P 128 69.33 -27.89 14.23
C LYS P 128 68.33 -26.88 14.76
N GLY P 129 67.27 -27.39 15.43
CA GLY P 129 66.30 -26.56 16.11
C GLY P 129 65.24 -25.96 15.19
N ASP P 130 65.31 -26.32 13.90
CA ASP P 130 64.33 -25.93 12.88
C ASP P 130 63.06 -26.75 13.10
N ILE P 131 61.91 -26.10 12.88
CA ILE P 131 60.62 -26.78 12.81
C ILE P 131 60.14 -26.68 11.38
N PHE P 132 59.85 -27.83 10.76
CA PHE P 132 59.37 -27.86 9.40
C PHE P 132 58.00 -28.54 9.38
N LEU P 133 57.28 -28.36 8.26
CA LEU P 133 55.89 -28.79 8.17
C LEU P 133 55.73 -29.71 6.96
N VAL P 134 55.17 -30.90 7.21
CA VAL P 134 54.88 -31.82 6.11
C VAL P 134 53.37 -32.04 6.08
N ARG P 135 52.82 -31.99 4.86
CA ARG P 135 51.37 -32.08 4.71
C ARG P 135 51.03 -33.42 4.09
N GLY P 136 50.00 -34.07 4.62
CA GLY P 136 49.48 -35.29 4.00
C GLY P 136 48.43 -35.97 4.88
N GLY P 137 47.69 -36.90 4.28
CA GLY P 137 46.66 -37.68 4.96
C GLY P 137 45.65 -36.78 5.68
N MET P 138 45.26 -35.73 4.95
CA MET P 138 44.35 -34.69 5.40
C MET P 138 44.79 -34.09 6.73
N ARG P 139 46.11 -33.99 6.95
CA ARG P 139 46.67 -33.34 8.13
C ARG P 139 47.97 -32.65 7.75
N ALA P 140 48.50 -31.83 8.67
CA ALA P 140 49.84 -31.29 8.51
C ALA P 140 50.59 -31.41 9.83
N VAL P 141 51.77 -32.07 9.77
CA VAL P 141 52.55 -32.40 10.95
C VAL P 141 53.76 -31.48 11.02
N GLU P 142 54.05 -30.98 12.24
CA GLU P 142 55.25 -30.20 12.49
C GLU P 142 56.32 -31.07 13.13
N PHE P 143 57.50 -31.13 12.48
CA PHE P 143 58.65 -31.84 13.02
C PHE P 143 59.75 -30.82 13.37
N LYS P 144 60.40 -31.05 14.52
CA LYS P 144 61.60 -30.32 14.92
C LYS P 144 62.83 -31.16 14.68
N VAL P 145 63.88 -30.52 14.12
CA VAL P 145 65.18 -31.14 13.96
C VAL P 145 65.90 -31.07 15.31
N VAL P 146 66.00 -32.23 15.98
CA VAL P 146 66.55 -32.32 17.33
C VAL P 146 68.08 -32.46 17.25
N GLU P 147 68.57 -33.26 16.29
CA GLU P 147 70.01 -33.39 16.10
C GLU P 147 70.36 -33.55 14.62
N THR P 148 71.48 -32.93 14.22
CA THR P 148 72.02 -33.09 12.88
C THR P 148 73.48 -33.57 12.98
N ASP P 149 73.92 -34.31 11.95
CA ASP P 149 75.27 -34.85 11.91
C ASP P 149 76.32 -33.75 12.08
N PRO P 150 76.63 -32.89 11.08
CA PRO P 150 77.32 -31.63 11.39
C PRO P 150 76.40 -30.76 12.25
N SER P 151 76.92 -30.25 13.38
CA SER P 151 76.07 -29.72 14.44
C SER P 151 75.21 -28.56 13.95
N PRO P 152 75.78 -27.51 13.30
CA PRO P 152 74.96 -26.41 12.79
C PRO P 152 74.03 -26.86 11.67
N TYR P 153 74.58 -27.05 10.46
CA TYR P 153 73.79 -27.23 9.26
C TYR P 153 74.12 -28.60 8.66
N CYS P 154 73.30 -29.01 7.69
CA CYS P 154 73.44 -30.26 6.98
C CYS P 154 72.57 -30.20 5.73
N ILE P 155 72.96 -30.91 4.67
CA ILE P 155 72.02 -31.15 3.59
C ILE P 155 71.52 -32.60 3.68
N VAL P 156 70.20 -32.78 3.81
CA VAL P 156 69.64 -34.12 3.80
C VAL P 156 69.65 -34.63 2.36
N ALA P 157 70.60 -35.54 2.10
CA ALA P 157 70.88 -36.15 0.81
C ALA P 157 70.49 -37.63 0.87
N PRO P 158 70.37 -38.33 -0.28
CA PRO P 158 69.82 -39.68 -0.31
C PRO P 158 70.30 -40.60 0.81
N ASP P 159 71.61 -40.63 1.01
CA ASP P 159 72.26 -41.50 2.00
C ASP P 159 72.12 -40.95 3.42
N THR P 160 71.51 -39.77 3.57
CA THR P 160 71.34 -39.21 4.91
C THR P 160 70.40 -40.13 5.69
N VAL P 161 70.85 -40.53 6.88
CA VAL P 161 70.03 -41.33 7.78
C VAL P 161 69.06 -40.38 8.48
N ILE P 162 67.77 -40.67 8.34
CA ILE P 162 66.72 -39.90 8.99
C ILE P 162 66.18 -40.77 10.12
N HIS P 163 66.24 -40.25 11.34
CA HIS P 163 65.81 -41.06 12.47
C HIS P 163 64.66 -40.35 13.20
N CYS P 164 63.57 -41.08 13.43
CA CYS P 164 62.51 -40.63 14.33
C CYS P 164 62.42 -41.58 15.54
N GLU P 165 62.65 -41.02 16.73
CA GLU P 165 62.75 -41.76 17.98
C GLU P 165 61.36 -42.13 18.48
N GLY P 166 60.35 -41.36 18.06
CA GLY P 166 58.96 -41.70 18.32
C GLY P 166 58.47 -41.26 19.70
N GLU P 167 59.03 -40.16 20.23
CA GLU P 167 58.47 -39.48 21.38
C GLU P 167 58.09 -38.05 20.97
N PRO P 168 56.78 -37.72 20.84
CA PRO P 168 56.36 -36.38 20.45
C PRO P 168 56.78 -35.30 21.44
N ILE P 169 57.51 -34.28 20.95
CA ILE P 169 58.02 -33.19 21.76
C ILE P 169 56.90 -32.19 22.06
N LYS P 170 57.08 -31.44 23.13
CA LYS P 170 56.16 -30.38 23.53
C LYS P 170 56.46 -29.14 22.69
N ARG P 171 55.51 -28.19 22.71
CA ARG P 171 55.66 -26.94 21.98
C ARG P 171 56.15 -25.87 22.95
N ALA P 172 57.32 -25.27 22.65
CA ALA P 172 57.84 -24.16 23.45
C ALA P 172 57.00 -22.90 23.21
N ALA P 173 57.09 -21.93 24.13
CA ALA P 173 56.15 -20.82 24.18
C ALA P 173 56.29 -19.90 22.96
N ALA P 174 57.54 -19.75 22.47
CA ALA P 174 57.83 -18.89 21.33
C ALA P 174 57.43 -19.54 20.00
N GLU P 175 57.27 -20.87 19.98
CA GLU P 175 56.91 -21.64 18.78
C GLU P 175 55.42 -21.49 18.48
N GLU P 176 55.10 -21.00 17.26
CA GLU P 176 53.72 -20.79 16.87
C GLU P 176 53.24 -21.91 15.94
N SER P 177 51.97 -22.28 16.10
CA SER P 177 51.39 -23.32 15.27
C SER P 177 51.30 -22.90 13.81
N LEU P 178 51.67 -23.81 12.92
CA LEU P 178 51.53 -23.56 11.50
C LEU P 178 50.12 -23.97 11.08
N ASN P 179 49.36 -24.49 12.04
CA ASN P 179 47.95 -24.79 11.84
C ASN P 179 47.09 -23.57 12.16
N GLU P 180 47.70 -22.52 12.74
CA GLU P 180 47.05 -21.22 12.89
C GLU P 180 46.76 -20.66 11.50
N VAL P 181 45.73 -19.81 11.41
CA VAL P 181 45.34 -19.26 10.12
C VAL P 181 46.31 -18.13 9.76
N GLY P 182 46.75 -18.08 8.50
CA GLY P 182 47.55 -16.95 8.03
C GLY P 182 47.13 -16.49 6.64
N TYR P 183 47.86 -15.51 6.10
CA TYR P 183 47.49 -14.99 4.80
C TYR P 183 47.52 -16.09 3.76
N ASP P 184 48.34 -17.12 4.01
CA ASP P 184 48.56 -18.21 3.06
C ASP P 184 47.30 -19.09 2.98
N ASP P 185 46.35 -18.85 3.90
CA ASP P 185 45.14 -19.65 3.94
C ASP P 185 43.98 -18.88 3.31
N ILE P 186 44.29 -17.68 2.83
CA ILE P 186 43.29 -16.80 2.28
C ILE P 186 43.61 -16.65 0.79
N GLY P 187 42.66 -17.02 -0.06
CA GLY P 187 42.85 -16.84 -1.50
C GLY P 187 41.77 -15.94 -2.10
N GLY P 188 42.16 -15.11 -3.07
CA GLY P 188 41.15 -14.37 -3.81
C GLY P 188 40.90 -12.95 -3.32
N CYS P 189 41.42 -12.53 -2.18
CA CYS P 189 41.13 -11.16 -1.76
C CYS P 189 42.41 -10.34 -1.74
N ARG P 190 43.25 -10.52 -2.76
CA ARG P 190 44.58 -9.92 -2.80
C ARG P 190 44.53 -8.45 -2.40
N LYS P 191 43.81 -7.66 -3.22
CA LYS P 191 43.82 -6.21 -3.09
C LYS P 191 43.19 -5.79 -1.77
N GLN P 192 42.11 -6.46 -1.38
CA GLN P 192 41.41 -6.13 -0.15
C GLN P 192 42.30 -6.46 1.05
N LEU P 193 42.98 -7.60 0.97
CA LEU P 193 43.85 -8.03 2.04
C LEU P 193 44.99 -7.02 2.23
N ALA P 194 45.56 -6.60 1.09
CA ALA P 194 46.59 -5.57 1.04
C ALA P 194 46.15 -4.28 1.74
N GLN P 195 44.92 -3.83 1.47
CA GLN P 195 44.44 -2.60 2.09
C GLN P 195 44.42 -2.76 3.60
N ILE P 196 43.91 -3.89 4.08
CA ILE P 196 43.71 -4.12 5.50
C ILE P 196 45.07 -4.19 6.18
N LYS P 197 45.99 -4.87 5.51
CA LYS P 197 47.37 -4.98 5.94
C LYS P 197 47.98 -3.60 6.23
N GLU P 198 47.84 -2.68 5.27
CA GLU P 198 48.36 -1.33 5.37
C GLU P 198 47.72 -0.62 6.55
N MET P 199 46.41 -0.86 6.70
CA MET P 199 45.63 -0.14 7.70
C MET P 199 46.16 -0.46 9.09
N VAL P 200 46.48 -1.74 9.30
CA VAL P 200 46.82 -2.25 10.62
C VAL P 200 48.33 -2.22 10.85
N GLU P 201 49.15 -2.04 9.79
CA GLU P 201 50.61 -2.04 9.90
C GLU P 201 51.06 -1.20 11.10
N LEU P 202 50.94 0.14 11.01
CA LEU P 202 51.46 1.01 12.06
C LEU P 202 50.80 0.74 13.40
N PRO P 203 49.47 0.69 13.55
CA PRO P 203 48.86 0.49 14.87
C PRO P 203 49.21 -0.83 15.55
N LEU P 204 49.32 -1.91 14.77
CA LEU P 204 49.58 -3.23 15.34
C LEU P 204 51.07 -3.54 15.42
N ARG P 205 51.84 -3.20 14.38
CA ARG P 205 53.24 -3.57 14.35
C ARG P 205 54.15 -2.48 14.92
N HIS P 206 53.68 -1.24 15.01
CA HIS P 206 54.54 -0.14 15.46
C HIS P 206 53.76 0.76 16.41
N PRO P 207 53.13 0.23 17.48
CA PRO P 207 52.21 1.01 18.33
C PRO P 207 52.88 2.23 18.94
N ALA P 208 54.17 2.08 19.26
CA ALA P 208 54.91 3.08 20.01
C ALA P 208 54.83 4.43 19.28
N LEU P 209 54.77 4.36 17.95
CA LEU P 209 54.86 5.55 17.14
C LEU P 209 53.75 6.51 17.53
N PHE P 210 52.62 5.98 17.98
CA PHE P 210 51.44 6.80 18.24
C PHE P 210 51.59 7.61 19.53
N LYS P 211 52.60 7.28 20.34
CA LYS P 211 52.94 8.11 21.49
C LYS P 211 53.66 9.38 21.01
N ALA P 212 54.48 9.25 19.97
CA ALA P 212 55.31 10.34 19.47
C ALA P 212 54.57 11.30 18.54
N ILE P 213 53.44 10.85 17.95
CA ILE P 213 52.75 11.60 16.89
C ILE P 213 51.28 11.80 17.26
N GLY P 214 50.67 12.83 16.65
CA GLY P 214 49.31 13.22 16.97
C GLY P 214 48.30 12.75 15.92
N VAL P 215 48.80 12.09 14.86
CA VAL P 215 47.96 11.46 13.84
C VAL P 215 47.15 10.32 14.44
N LYS P 216 45.88 10.22 14.04
CA LYS P 216 44.94 9.25 14.58
C LYS P 216 44.92 8.00 13.69
N PRO P 217 45.19 6.80 14.23
CA PRO P 217 45.18 5.59 13.40
C PRO P 217 43.75 5.09 13.24
N PRO P 218 43.44 4.31 12.19
CA PRO P 218 42.07 3.86 11.95
C PRO P 218 41.63 2.94 13.08
N ARG P 219 40.41 3.15 13.58
CA ARG P 219 39.97 2.41 14.75
C ARG P 219 39.09 1.24 14.33
N GLY P 220 38.19 1.48 13.38
CA GLY P 220 37.20 0.49 12.99
C GLY P 220 37.27 0.15 11.50
N ILE P 221 37.33 -1.16 11.19
CA ILE P 221 37.29 -1.63 9.82
C ILE P 221 36.09 -2.54 9.65
N LEU P 222 35.27 -2.22 8.65
CA LEU P 222 34.04 -2.91 8.36
C LEU P 222 34.24 -3.76 7.11
N LEU P 223 34.10 -5.08 7.25
CA LEU P 223 34.28 -6.00 6.14
C LEU P 223 32.91 -6.40 5.64
N TYR P 224 32.55 -5.93 4.43
CA TYR P 224 31.22 -6.17 3.87
C TYR P 224 31.40 -7.17 2.73
N GLY P 225 30.56 -8.20 2.72
CA GLY P 225 30.55 -9.18 1.66
C GLY P 225 29.47 -10.24 1.93
N PRO P 226 29.07 -11.04 0.92
CA PRO P 226 28.13 -12.14 1.15
C PRO P 226 28.74 -13.16 2.11
N PRO P 227 27.94 -14.06 2.70
CA PRO P 227 28.47 -15.11 3.58
C PRO P 227 29.42 -16.06 2.86
N GLY P 228 30.50 -16.45 3.57
CA GLY P 228 31.41 -17.48 3.11
C GLY P 228 32.58 -16.91 2.31
N THR P 229 32.76 -15.59 2.36
CA THR P 229 33.79 -14.88 1.61
C THR P 229 35.11 -14.81 2.38
N GLY P 230 35.09 -15.25 3.66
CA GLY P 230 36.29 -15.42 4.45
C GLY P 230 36.60 -14.20 5.33
N LYS P 231 35.54 -13.54 5.84
CA LYS P 231 35.74 -12.32 6.61
C LYS P 231 36.37 -12.70 7.95
N THR P 232 35.88 -13.78 8.56
CA THR P 232 36.43 -14.21 9.83
C THR P 232 37.88 -14.65 9.64
N LEU P 233 38.15 -15.34 8.53
CA LEU P 233 39.49 -15.77 8.19
C LEU P 233 40.44 -14.57 8.16
N ILE P 234 40.06 -13.55 7.40
CA ILE P 234 40.88 -12.37 7.22
C ILE P 234 41.27 -11.80 8.58
N ALA P 235 40.26 -11.58 9.45
CA ALA P 235 40.54 -11.00 10.73
C ALA P 235 41.58 -11.84 11.48
N ARG P 236 41.32 -13.16 11.58
CA ARG P 236 42.18 -14.03 12.37
C ARG P 236 43.60 -14.03 11.77
N ALA P 237 43.69 -14.14 10.45
CA ALA P 237 44.97 -14.10 9.78
C ALA P 237 45.75 -12.85 10.15
N VAL P 238 45.13 -11.68 9.95
CA VAL P 238 45.78 -10.42 10.23
C VAL P 238 46.30 -10.42 11.67
N ALA P 239 45.49 -10.91 12.62
CA ALA P 239 45.91 -10.97 14.01
C ALA P 239 47.16 -11.80 14.13
N ASN P 240 47.13 -13.03 13.60
CA ASN P 240 48.23 -13.97 13.68
C ASN P 240 49.48 -13.38 13.04
N GLU P 241 49.31 -12.85 11.84
CA GLU P 241 50.43 -12.38 11.04
C GLU P 241 51.06 -11.13 11.68
N THR P 242 50.29 -10.34 12.44
CA THR P 242 50.83 -9.15 13.08
C THR P 242 51.18 -9.46 14.53
N GLY P 243 50.88 -10.68 14.95
CA GLY P 243 51.00 -11.10 16.34
C GLY P 243 50.17 -10.26 17.30
N ALA P 244 48.87 -10.15 17.05
CA ALA P 244 48.02 -9.32 17.90
C ALA P 244 47.00 -10.21 18.59
N PHE P 245 46.56 -9.79 19.77
CA PHE P 245 45.55 -10.54 20.51
C PHE P 245 44.26 -10.50 19.69
N PHE P 246 43.57 -11.63 19.58
CA PHE P 246 42.33 -11.68 18.84
C PHE P 246 41.18 -11.97 19.80
N PHE P 247 40.20 -11.08 19.87
CA PHE P 247 38.99 -11.38 20.61
C PHE P 247 37.82 -11.48 19.63
N LEU P 248 37.13 -12.62 19.63
CA LEU P 248 35.94 -12.80 18.81
C LEU P 248 34.67 -12.43 19.59
N ILE P 249 33.87 -11.52 19.04
CA ILE P 249 32.51 -11.32 19.50
C ILE P 249 31.59 -11.88 18.42
N ASN P 250 30.71 -12.80 18.79
CA ASN P 250 29.75 -13.32 17.82
C ASN P 250 28.36 -12.80 18.17
N GLY P 251 27.76 -12.08 17.21
CA GLY P 251 26.45 -11.47 17.39
C GLY P 251 25.46 -12.38 18.09
N PRO P 252 25.10 -13.53 17.48
CA PRO P 252 24.22 -14.51 18.10
C PRO P 252 24.58 -14.83 19.56
N GLU P 253 25.86 -15.05 19.85
CA GLU P 253 26.23 -15.35 21.22
C GLU P 253 25.78 -14.23 22.13
N ILE P 254 26.11 -12.98 21.77
CA ILE P 254 25.79 -11.83 22.60
C ILE P 254 24.29 -11.80 22.84
N MET P 255 23.54 -11.98 21.75
CA MET P 255 22.10 -11.78 21.78
C MET P 255 21.40 -12.95 22.47
N SER P 256 22.11 -14.06 22.67
CA SER P 256 21.55 -15.20 23.38
C SER P 256 21.49 -14.92 24.87
N LYS P 257 22.42 -14.07 25.36
CA LYS P 257 22.55 -13.74 26.78
C LYS P 257 21.35 -12.89 27.21
N LEU P 258 21.09 -12.84 28.52
CA LEU P 258 19.92 -12.12 29.00
C LEU P 258 20.34 -10.72 29.43
N ALA P 259 19.51 -9.73 29.05
CA ALA P 259 19.63 -8.35 29.48
C ALA P 259 21.08 -7.88 29.53
N GLY P 260 21.50 -7.46 30.73
CA GLY P 260 22.80 -6.84 30.92
C GLY P 260 23.96 -7.76 30.57
N GLU P 261 23.74 -9.08 30.68
CA GLU P 261 24.79 -10.05 30.39
C GLU P 261 25.30 -9.81 28.97
N SER P 262 24.40 -9.42 28.07
CA SER P 262 24.81 -9.03 26.72
C SER P 262 25.86 -7.94 26.81
N GLU P 263 25.46 -6.82 27.41
CA GLU P 263 26.23 -5.58 27.40
C GLU P 263 27.49 -5.76 28.25
N SER P 264 27.38 -6.52 29.35
CA SER P 264 28.54 -6.84 30.17
C SER P 264 29.60 -7.52 29.31
N ASN P 265 29.17 -8.56 28.58
CA ASN P 265 30.06 -9.35 27.73
C ASN P 265 30.72 -8.45 26.69
N LEU P 266 29.94 -7.50 26.16
CA LEU P 266 30.46 -6.52 25.21
C LEU P 266 31.58 -5.70 25.85
N ARG P 267 31.28 -5.08 27.00
CA ARG P 267 32.26 -4.29 27.74
C ARG P 267 33.51 -5.12 28.01
N LYS P 268 33.29 -6.34 28.52
CA LYS P 268 34.36 -7.25 28.90
C LYS P 268 35.30 -7.49 27.72
N ALA P 269 34.70 -7.72 26.55
CA ALA P 269 35.45 -7.98 25.33
C ALA P 269 36.40 -6.82 25.07
N PHE P 270 35.84 -5.60 25.17
CA PHE P 270 36.59 -4.40 24.89
C PHE P 270 37.72 -4.26 25.90
N GLU P 271 37.37 -4.41 27.20
CA GLU P 271 38.33 -4.31 28.28
C GLU P 271 39.47 -5.30 28.09
N GLU P 272 39.11 -6.56 27.82
CA GLU P 272 40.09 -7.63 27.67
C GLU P 272 41.07 -7.28 26.55
N ALA P 273 40.52 -6.82 25.43
CA ALA P 273 41.31 -6.42 24.28
C ALA P 273 42.25 -5.28 24.67
N GLU P 274 41.70 -4.24 25.30
CA GLU P 274 42.48 -3.09 25.75
C GLU P 274 43.70 -3.61 26.50
N LYS P 275 43.47 -4.59 27.39
CA LYS P 275 44.51 -5.14 28.25
C LYS P 275 45.58 -5.89 27.45
N ASN P 276 45.17 -6.75 26.51
CA ASN P 276 46.16 -7.55 25.81
C ASN P 276 46.56 -6.91 24.48
N ALA P 277 46.47 -5.58 24.40
CA ALA P 277 46.81 -4.85 23.18
C ALA P 277 48.30 -4.94 22.89
N PRO P 278 48.78 -4.79 21.63
CA PRO P 278 47.93 -4.55 20.47
C PRO P 278 46.98 -5.72 20.19
N ALA P 279 45.76 -5.40 19.79
CA ALA P 279 44.68 -6.38 19.71
C ALA P 279 43.76 -6.08 18.52
N ILE P 280 43.16 -7.15 17.98
CA ILE P 280 42.05 -7.04 17.06
C ILE P 280 40.81 -7.65 17.69
N ILE P 281 39.73 -6.87 17.76
CA ILE P 281 38.42 -7.40 18.06
C ILE P 281 37.71 -7.69 16.74
N PHE P 282 37.10 -8.87 16.64
CA PHE P 282 36.30 -9.17 15.47
C PHE P 282 34.86 -9.40 15.89
N ILE P 283 33.95 -8.63 15.28
CA ILE P 283 32.53 -8.79 15.50
C ILE P 283 31.91 -9.52 14.30
N ASP P 284 31.55 -10.78 14.54
CA ASP P 284 30.93 -11.61 13.54
C ASP P 284 29.43 -11.36 13.58
N GLU P 285 28.82 -11.19 12.41
CA GLU P 285 27.39 -11.02 12.36
C GLU P 285 27.00 -9.78 13.16
N LEU P 286 27.64 -8.65 12.79
CA LEU P 286 27.39 -7.36 13.43
C LEU P 286 25.92 -6.97 13.33
N ASP P 287 25.25 -7.38 12.25
CA ASP P 287 23.84 -7.11 11.98
C ASP P 287 22.96 -7.62 13.10
N ALA P 288 23.41 -8.67 13.80
CA ALA P 288 22.69 -9.24 14.93
C ALA P 288 22.72 -8.29 16.13
N ILE P 289 23.90 -7.69 16.39
CA ILE P 289 24.05 -6.77 17.51
C ILE P 289 23.45 -5.40 17.18
N ALA P 290 23.64 -4.93 15.94
CA ALA P 290 23.42 -3.53 15.61
C ALA P 290 22.70 -3.37 14.28
N PRO P 291 21.41 -3.77 14.19
CA PRO P 291 20.66 -3.51 12.96
C PRO P 291 20.28 -2.03 12.93
N LYS P 292 19.63 -1.59 11.83
CA LYS P 292 19.10 -0.24 11.71
C LYS P 292 17.97 -0.01 12.70
N ARG P 293 17.67 1.25 13.01
CA ARG P 293 16.64 1.61 13.98
C ARG P 293 15.25 1.08 13.59
N GLU P 294 14.98 1.04 12.28
CA GLU P 294 13.78 0.40 11.74
C GLU P 294 13.66 -1.02 12.28
N LYS P 295 14.63 -1.89 11.95
CA LYS P 295 14.56 -3.31 12.28
C LYS P 295 14.71 -3.52 13.79
N THR P 296 15.18 -2.50 14.52
CA THR P 296 15.36 -2.68 15.95
C THR P 296 14.00 -2.50 16.61
N HIS P 297 13.25 -3.61 16.74
CA HIS P 297 12.05 -3.62 17.56
C HIS P 297 12.47 -3.91 18.99
N GLY P 298 12.00 -3.11 19.96
CA GLY P 298 12.26 -3.34 21.36
C GLY P 298 13.46 -2.56 21.89
N GLU P 299 13.41 -2.21 23.19
CA GLU P 299 14.34 -1.27 23.79
C GLU P 299 15.64 -1.95 24.21
N VAL P 300 15.56 -3.20 24.67
CA VAL P 300 16.78 -3.90 25.05
C VAL P 300 17.77 -3.97 23.89
N GLU P 301 17.24 -4.13 22.68
CA GLU P 301 18.09 -4.22 21.50
C GLU P 301 18.79 -2.88 21.26
N ARG P 302 18.05 -1.77 21.41
CA ARG P 302 18.56 -0.43 21.17
C ARG P 302 19.67 -0.12 22.16
N ARG P 303 19.49 -0.59 23.40
CA ARG P 303 20.48 -0.42 24.45
C ARG P 303 21.81 -1.02 24.00
N ILE P 304 21.76 -2.21 23.37
CA ILE P 304 22.96 -2.92 22.99
C ILE P 304 23.71 -2.18 21.89
N VAL P 305 22.96 -1.72 20.88
CA VAL P 305 23.55 -0.92 19.81
C VAL P 305 24.26 0.28 20.43
N SER P 306 23.53 0.98 21.30
CA SER P 306 24.04 2.16 21.97
C SER P 306 25.35 1.85 22.68
N GLN P 307 25.33 0.79 23.50
CA GLN P 307 26.50 0.34 24.22
C GLN P 307 27.69 0.23 23.28
N LEU P 308 27.49 -0.43 22.12
CA LEU P 308 28.56 -0.71 21.19
C LEU P 308 29.15 0.59 20.68
N LEU P 309 28.27 1.52 20.28
CA LEU P 309 28.69 2.83 19.85
C LEU P 309 29.58 3.49 20.91
N THR P 310 29.08 3.56 22.16
CA THR P 310 29.86 4.13 23.25
C THR P 310 31.18 3.40 23.40
N LEU P 311 31.15 2.05 23.41
CA LEU P 311 32.35 1.25 23.57
C LEU P 311 33.39 1.62 22.52
N MET P 312 32.94 1.74 21.27
CA MET P 312 33.78 2.10 20.15
C MET P 312 34.32 3.50 20.39
N ASP P 313 33.43 4.43 20.74
CA ASP P 313 33.82 5.81 20.96
C ASP P 313 34.82 5.90 22.11
N GLY P 314 34.61 5.07 23.12
CA GLY P 314 35.45 5.09 24.31
C GLY P 314 36.86 4.56 24.05
N LEU P 315 37.10 3.91 22.90
CA LEU P 315 38.43 3.44 22.59
C LEU P 315 39.37 4.63 22.37
N LYS P 316 40.31 4.81 23.31
CA LYS P 316 41.36 5.80 23.15
C LYS P 316 42.35 5.34 22.10
N GLN P 317 43.03 6.30 21.47
CA GLN P 317 43.96 6.07 20.39
C GLN P 317 45.13 5.20 20.86
N ARG P 318 45.54 5.43 22.13
CA ARG P 318 46.66 4.75 22.74
C ARG P 318 46.29 3.32 23.14
N ALA P 319 45.02 2.95 22.95
CA ALA P 319 44.56 1.64 23.34
C ALA P 319 45.18 0.55 22.44
N HIS P 320 45.55 0.92 21.20
CA HIS P 320 46.21 0.03 20.25
C HIS P 320 45.31 -1.16 19.89
N VAL P 321 44.02 -0.89 19.77
CA VAL P 321 42.99 -1.86 19.46
C VAL P 321 42.35 -1.46 18.15
N ILE P 322 42.27 -2.41 17.22
CA ILE P 322 41.49 -2.25 16.01
C ILE P 322 40.26 -3.15 16.13
N VAL P 323 39.09 -2.60 15.77
CA VAL P 323 37.86 -3.36 15.73
C VAL P 323 37.48 -3.64 14.28
N MET P 324 37.36 -4.93 13.94
CA MET P 324 36.95 -5.38 12.63
C MET P 324 35.58 -6.04 12.79
N ALA P 325 34.66 -5.71 11.88
CA ALA P 325 33.32 -6.28 11.95
C ALA P 325 32.87 -6.74 10.57
N ALA P 326 32.03 -7.79 10.56
CA ALA P 326 31.55 -8.35 9.31
C ALA P 326 30.03 -8.23 9.23
N THR P 327 29.57 -7.88 8.02
CA THR P 327 28.16 -7.82 7.71
C THR P 327 27.99 -8.05 6.22
N ASN P 328 26.73 -8.21 5.78
CA ASN P 328 26.38 -8.44 4.38
C ASN P 328 26.52 -7.16 3.56
N ARG P 329 25.80 -6.11 3.95
CA ARG P 329 25.81 -4.85 3.22
C ARG P 329 25.78 -3.71 4.23
N PRO P 330 26.33 -2.51 3.93
CA PRO P 330 26.32 -1.39 4.86
C PRO P 330 24.89 -1.00 5.27
N ASN P 331 23.91 -1.32 4.40
CA ASN P 331 22.52 -0.97 4.65
C ASN P 331 21.93 -1.90 5.71
N SER P 332 22.67 -2.96 6.07
CA SER P 332 22.22 -3.91 7.07
C SER P 332 22.21 -3.25 8.47
N ILE P 333 23.19 -2.36 8.70
CA ILE P 333 23.61 -1.97 10.03
C ILE P 333 23.29 -0.49 10.27
N ASP P 334 23.08 -0.15 11.54
CA ASP P 334 22.82 1.21 11.96
C ASP P 334 23.90 2.14 11.43
N PRO P 335 23.54 3.23 10.71
CA PRO P 335 24.51 4.09 10.04
C PRO P 335 25.44 4.82 11.02
N ALA P 336 25.07 4.84 12.30
CA ALA P 336 25.86 5.51 13.32
C ALA P 336 27.23 4.84 13.44
N LEU P 337 27.30 3.54 13.14
CA LEU P 337 28.51 2.74 13.22
C LEU P 337 29.54 3.22 12.21
N ARG P 338 29.09 3.99 11.22
CA ARG P 338 30.00 4.43 10.17
C ARG P 338 30.49 5.87 10.42
N ARG P 339 30.22 6.41 11.62
CA ARG P 339 30.69 7.74 11.98
C ARG P 339 32.22 7.85 11.97
N PHE P 340 32.74 9.03 12.31
CA PHE P 340 34.17 9.32 12.21
C PHE P 340 34.99 8.37 13.06
N GLY P 341 34.70 8.32 14.37
CA GLY P 341 35.49 7.51 15.30
C GLY P 341 35.30 6.01 15.12
N ARG P 342 34.08 5.63 14.74
CA ARG P 342 33.62 4.25 14.67
C ARG P 342 34.12 3.59 13.37
N PHE P 343 33.37 2.61 12.85
CA PHE P 343 33.74 1.93 11.62
C PHE P 343 33.90 2.89 10.45
N ASP P 344 35.03 3.61 10.43
CA ASP P 344 35.23 4.66 9.45
C ASP P 344 35.84 4.10 8.16
N ARG P 345 36.24 2.82 8.15
CA ARG P 345 36.82 2.23 6.95
C ARG P 345 36.00 1.00 6.57
N GLU P 346 35.69 0.86 5.27
CA GLU P 346 34.96 -0.28 4.72
C GLU P 346 35.81 -0.95 3.65
N VAL P 347 35.87 -2.28 3.68
CA VAL P 347 36.48 -3.06 2.62
C VAL P 347 35.44 -4.08 2.14
N ASP P 348 35.33 -4.23 0.82
CA ASP P 348 34.36 -5.12 0.21
C ASP P 348 35.01 -6.44 -0.16
N ILE P 349 34.73 -7.50 0.61
CA ILE P 349 35.21 -8.81 0.23
C ILE P 349 34.11 -9.47 -0.60
N GLY P 350 34.34 -9.60 -1.90
CA GLY P 350 33.32 -10.05 -2.83
C GLY P 350 33.48 -11.49 -3.28
N ILE P 351 32.62 -11.90 -4.21
CA ILE P 351 32.68 -13.22 -4.79
C ILE P 351 33.95 -13.32 -5.61
N PRO P 352 34.74 -14.41 -5.54
CA PRO P 352 36.00 -14.47 -6.26
C PRO P 352 35.83 -14.86 -7.73
N ASP P 353 36.80 -14.44 -8.55
CA ASP P 353 36.96 -14.87 -9.92
C ASP P 353 37.47 -16.31 -9.96
N ALA P 354 37.50 -16.86 -11.17
CA ALA P 354 37.99 -18.21 -11.38
C ALA P 354 39.42 -18.31 -10.84
N THR P 355 40.21 -17.26 -11.06
CA THR P 355 41.60 -17.27 -10.62
C THR P 355 41.63 -17.47 -9.11
N GLY P 356 40.78 -16.71 -8.42
CA GLY P 356 40.68 -16.77 -6.97
C GLY P 356 40.13 -18.11 -6.51
N ARG P 357 39.19 -18.65 -7.28
CA ARG P 357 38.61 -19.93 -6.94
C ARG P 357 39.69 -21.00 -6.94
N LEU P 358 40.57 -20.93 -7.96
CA LEU P 358 41.67 -21.87 -8.08
C LEU P 358 42.56 -21.82 -6.85
N GLU P 359 42.93 -20.59 -6.43
CA GLU P 359 43.74 -20.43 -5.25
C GLU P 359 43.05 -21.07 -4.04
N ILE P 360 41.72 -20.86 -3.93
CA ILE P 360 40.97 -21.34 -2.77
C ILE P 360 40.96 -22.88 -2.76
N LEU P 361 40.74 -23.45 -3.96
CA LEU P 361 40.76 -24.90 -4.12
C LEU P 361 42.12 -25.46 -3.70
N GLN P 362 43.18 -24.76 -4.13
CA GLN P 362 44.52 -25.18 -3.83
C GLN P 362 44.73 -25.17 -2.32
N ILE P 363 44.29 -24.09 -1.68
CA ILE P 363 44.42 -23.97 -0.25
C ILE P 363 43.74 -25.16 0.42
N HIS P 364 42.58 -25.57 -0.10
CA HIS P 364 41.78 -26.56 0.60
C HIS P 364 42.11 -27.98 0.15
N THR P 365 43.09 -28.12 -0.74
CA THR P 365 43.49 -29.47 -1.08
C THR P 365 44.93 -29.70 -0.66
N LYS P 366 45.48 -28.78 0.16
CA LYS P 366 46.92 -28.78 0.42
C LYS P 366 47.30 -30.01 1.23
N ASN P 367 46.40 -30.50 2.08
CA ASN P 367 46.76 -31.63 2.91
C ASN P 367 46.19 -32.92 2.32
N MET P 368 45.80 -32.88 1.05
CA MET P 368 45.08 -34.00 0.45
C MET P 368 45.95 -34.61 -0.63
N LYS P 369 45.91 -35.94 -0.73
CA LYS P 369 46.56 -36.56 -1.89
C LYS P 369 45.58 -36.53 -3.05
N LEU P 370 45.97 -35.84 -4.11
CA LEU P 370 45.11 -35.71 -5.28
C LEU P 370 45.69 -36.53 -6.41
N ALA P 371 44.87 -37.41 -6.99
CA ALA P 371 45.26 -38.13 -8.18
C ALA P 371 45.61 -37.19 -9.33
N ASP P 372 46.28 -37.73 -10.34
CA ASP P 372 46.75 -36.94 -11.46
C ASP P 372 45.58 -36.48 -12.31
N ASP P 373 44.45 -37.19 -12.18
CA ASP P 373 43.26 -36.92 -12.98
C ASP P 373 42.57 -35.63 -12.51
N VAL P 374 42.92 -35.16 -11.31
CA VAL P 374 42.26 -33.99 -10.74
C VAL P 374 42.70 -32.75 -11.49
N ASP P 375 41.72 -32.00 -12.00
CA ASP P 375 41.96 -30.74 -12.70
C ASP P 375 41.30 -29.62 -11.90
N LEU P 376 42.06 -29.04 -10.97
CA LEU P 376 41.48 -28.02 -10.13
C LEU P 376 41.10 -26.80 -10.97
N GLU P 377 41.75 -26.61 -12.12
CA GLU P 377 41.40 -25.50 -12.98
C GLU P 377 39.99 -25.67 -13.51
N GLN P 378 39.67 -26.90 -13.94
CA GLN P 378 38.32 -27.24 -14.39
C GLN P 378 37.33 -26.87 -13.28
N VAL P 379 37.61 -27.40 -12.09
CA VAL P 379 36.72 -27.17 -10.97
C VAL P 379 36.56 -25.66 -10.78
N ALA P 380 37.68 -24.93 -10.84
CA ALA P 380 37.65 -23.49 -10.66
C ALA P 380 36.74 -22.85 -11.70
N ASN P 381 36.87 -23.30 -12.95
CA ASN P 381 36.15 -22.71 -14.05
C ASN P 381 34.65 -22.93 -13.90
N GLU P 382 34.27 -24.16 -13.58
CA GLU P 382 32.86 -24.50 -13.56
C GLU P 382 32.17 -24.00 -12.28
N THR P 383 32.93 -23.62 -11.26
CA THR P 383 32.31 -23.24 -10.01
C THR P 383 31.99 -21.74 -10.01
N HIS P 384 31.26 -21.30 -11.03
CA HIS P 384 30.79 -19.92 -11.14
C HIS P 384 29.98 -19.54 -9.91
N GLY P 385 30.19 -18.30 -9.44
CA GLY P 385 29.45 -17.68 -8.37
C GLY P 385 29.63 -18.35 -7.00
N HIS P 386 30.66 -19.17 -6.84
CA HIS P 386 30.92 -19.83 -5.58
C HIS P 386 31.82 -18.96 -4.73
N VAL P 387 31.54 -18.92 -3.42
CA VAL P 387 32.42 -18.28 -2.48
C VAL P 387 33.37 -19.32 -1.86
N GLY P 388 34.36 -18.84 -1.12
CA GLY P 388 35.33 -19.70 -0.45
C GLY P 388 34.70 -20.87 0.29
N ALA P 389 33.70 -20.58 1.12
CA ALA P 389 33.03 -21.60 1.91
C ALA P 389 32.47 -22.72 1.03
N ASP P 390 31.96 -22.35 -0.15
CA ASP P 390 31.39 -23.31 -1.07
C ASP P 390 32.48 -24.26 -1.53
N LEU P 391 33.60 -23.67 -1.94
CA LEU P 391 34.73 -24.40 -2.46
C LEU P 391 35.28 -25.30 -1.37
N ALA P 392 35.44 -24.75 -0.16
CA ALA P 392 35.97 -25.53 0.95
C ALA P 392 35.11 -26.77 1.14
N ALA P 393 33.79 -26.58 1.17
CA ALA P 393 32.86 -27.68 1.35
C ALA P 393 32.95 -28.68 0.19
N LEU P 394 33.20 -28.17 -1.00
CA LEU P 394 33.30 -29.06 -2.14
C LEU P 394 34.46 -30.02 -1.91
N CYS P 395 35.59 -29.46 -1.46
CA CYS P 395 36.77 -30.26 -1.20
C CYS P 395 36.49 -31.30 -0.14
N SER P 396 35.83 -30.89 0.94
CA SER P 396 35.46 -31.83 1.99
C SER P 396 34.63 -32.97 1.40
N GLU P 397 33.62 -32.59 0.62
CA GLU P 397 32.64 -33.57 0.19
C GLU P 397 33.33 -34.59 -0.68
N ALA P 398 34.32 -34.13 -1.46
CA ALA P 398 35.07 -34.99 -2.35
C ALA P 398 35.88 -35.98 -1.53
N ALA P 399 36.63 -35.46 -0.55
CA ALA P 399 37.38 -36.28 0.38
C ALA P 399 36.49 -37.38 0.97
N LEU P 400 35.37 -36.97 1.55
CA LEU P 400 34.50 -37.91 2.26
C LEU P 400 33.95 -38.98 1.32
N GLN P 401 33.71 -38.60 0.05
CA GLN P 401 33.24 -39.57 -0.92
C GLN P 401 34.32 -40.63 -1.10
N ALA P 402 35.54 -40.17 -1.34
CA ALA P 402 36.74 -40.99 -1.50
C ALA P 402 36.84 -42.00 -0.36
N ILE P 403 36.81 -41.49 0.88
CA ILE P 403 36.80 -42.30 2.07
C ILE P 403 35.66 -43.32 2.00
N ARG P 404 34.45 -42.82 1.74
CA ARG P 404 33.29 -43.70 1.66
C ARG P 404 33.54 -44.86 0.69
N LYS P 405 34.07 -44.56 -0.49
CA LYS P 405 34.29 -45.59 -1.49
C LYS P 405 35.26 -46.64 -0.96
N LYS P 406 36.32 -46.18 -0.28
CA LYS P 406 37.39 -47.05 0.18
C LYS P 406 36.89 -47.89 1.36
N MET P 407 36.04 -47.29 2.22
CA MET P 407 35.51 -47.98 3.38
C MET P 407 34.76 -49.25 2.96
N ASP P 408 34.17 -49.20 1.76
CA ASP P 408 33.49 -50.36 1.23
C ASP P 408 34.51 -51.46 0.90
N LEU P 409 35.65 -51.06 0.33
CA LEU P 409 36.69 -51.96 -0.14
C LEU P 409 37.55 -52.46 1.04
N ILE P 410 37.44 -51.86 2.25
CA ILE P 410 37.83 -52.68 3.41
C ILE P 410 37.15 -54.06 3.37
N ASP P 411 36.16 -54.35 4.23
CA ASP P 411 35.58 -55.67 4.38
C ASP P 411 36.61 -56.75 4.68
N LEU P 412 37.86 -56.35 5.00
CA LEU P 412 38.95 -57.19 5.50
C LEU P 412 39.18 -56.72 6.95
N GLU P 413 40.26 -57.22 7.54
CA GLU P 413 40.62 -56.98 8.93
C GLU P 413 41.05 -55.53 9.17
N ASP P 414 41.26 -54.76 8.10
CA ASP P 414 41.91 -53.46 8.16
C ASP P 414 41.13 -52.50 9.07
N GLU P 415 41.91 -51.68 9.81
CA GLU P 415 41.40 -50.78 10.83
C GLU P 415 40.69 -49.62 10.14
N THR P 416 40.04 -48.75 10.95
CA THR P 416 39.36 -47.57 10.45
C THR P 416 40.34 -46.79 9.57
N ILE P 417 40.32 -47.13 8.27
CA ILE P 417 41.16 -46.52 7.25
C ILE P 417 42.59 -46.44 7.78
N ASP P 418 42.95 -45.31 8.43
CA ASP P 418 44.12 -45.14 9.29
C ASP P 418 45.00 -44.02 8.80
N ALA P 419 45.94 -43.49 9.57
CA ALA P 419 46.74 -42.36 9.09
C ALA P 419 47.44 -42.71 7.76
N GLU P 420 47.98 -43.93 7.69
CA GLU P 420 48.70 -44.46 6.55
C GLU P 420 47.78 -44.61 5.34
N VAL P 421 46.68 -45.34 5.52
CA VAL P 421 45.75 -45.62 4.44
C VAL P 421 45.09 -44.31 3.98
N MET P 422 44.82 -43.40 4.91
CA MET P 422 44.36 -42.06 4.62
C MET P 422 45.36 -41.32 3.73
N ASN P 423 46.65 -41.53 4.01
CA ASN P 423 47.74 -40.96 3.22
C ASN P 423 47.86 -41.68 1.87
N SER P 424 47.53 -42.97 1.85
CA SER P 424 47.57 -43.73 0.60
C SER P 424 46.36 -43.41 -0.27
N LEU P 425 45.28 -42.91 0.35
CA LEU P 425 44.02 -42.63 -0.34
C LEU P 425 44.16 -41.37 -1.15
N ALA P 426 43.82 -41.48 -2.44
CA ALA P 426 43.86 -40.32 -3.32
C ALA P 426 42.44 -39.89 -3.68
N VAL P 427 42.18 -38.59 -3.57
CA VAL P 427 40.93 -38.06 -4.07
C VAL P 427 41.05 -37.92 -5.57
N THR P 428 40.09 -38.48 -6.31
CA THR P 428 40.12 -38.52 -7.77
C THR P 428 39.17 -37.47 -8.34
N MET P 429 39.24 -37.27 -9.65
CA MET P 429 38.42 -36.27 -10.28
C MET P 429 36.96 -36.69 -10.17
N ASP P 430 36.72 -38.01 -10.22
CA ASP P 430 35.37 -38.53 -10.08
C ASP P 430 34.78 -38.13 -8.75
N ASP P 431 35.64 -38.10 -7.73
CA ASP P 431 35.22 -37.67 -6.40
C ASP P 431 34.75 -36.23 -6.43
N PHE P 432 35.53 -35.37 -7.09
CA PHE P 432 35.16 -33.98 -7.29
C PHE P 432 33.88 -33.92 -8.10
N ARG P 433 33.81 -34.75 -9.16
CA ARG P 433 32.64 -34.78 -10.00
C ARG P 433 31.41 -35.11 -9.17
N TRP P 434 31.49 -36.13 -8.32
CA TRP P 434 30.36 -36.48 -7.49
C TRP P 434 29.90 -35.27 -6.70
N ALA P 435 30.85 -34.57 -6.08
CA ALA P 435 30.60 -33.39 -5.26
C ALA P 435 29.94 -32.30 -6.09
N LEU P 436 30.52 -32.01 -7.26
CA LEU P 436 30.01 -30.95 -8.11
C LEU P 436 28.61 -31.30 -8.59
N SER P 437 28.29 -32.60 -8.62
CA SER P 437 27.08 -33.08 -9.25
C SER P 437 25.93 -33.15 -8.25
N GLN P 438 26.19 -32.74 -7.01
CA GLN P 438 25.36 -33.14 -5.87
C GLN P 438 24.35 -32.05 -5.46
N ASN Q 1 -26.97 51.52 41.46
CA ASN Q 1 -27.92 52.29 42.34
C ASN Q 1 -27.67 53.79 42.14
N ARG Q 2 -26.95 54.41 43.07
CA ARG Q 2 -26.39 55.75 42.99
C ARG Q 2 -25.54 55.88 41.72
N PRO Q 3 -25.59 56.99 40.95
CA PRO Q 3 -24.85 57.08 39.69
C PRO Q 3 -23.33 57.15 39.84
N ASN Q 4 -22.87 57.48 41.06
CA ASN Q 4 -21.44 57.47 41.38
C ASN Q 4 -20.85 56.05 41.32
N ARG Q 5 -21.71 55.01 41.41
CA ARG Q 5 -21.27 53.62 41.27
C ARG Q 5 -21.15 53.24 39.80
N LEU Q 6 -19.99 52.66 39.45
CA LEU Q 6 -19.65 52.24 38.09
C LEU Q 6 -18.96 50.88 38.12
N ILE Q 7 -18.92 50.22 36.96
CA ILE Q 7 -18.35 48.88 36.82
C ILE Q 7 -16.94 49.00 36.25
N VAL Q 8 -15.98 48.35 36.91
CA VAL Q 8 -14.58 48.40 36.51
C VAL Q 8 -14.41 47.70 35.17
N ASP Q 9 -13.79 48.40 34.21
CA ASP Q 9 -13.58 47.86 32.88
C ASP Q 9 -12.10 47.99 32.53
N GLU Q 10 -11.69 47.35 31.44
CA GLU Q 10 -10.32 47.41 30.97
C GLU Q 10 -9.99 48.84 30.54
N ALA Q 11 -8.69 49.14 30.39
CA ALA Q 11 -8.26 50.50 30.14
C ALA Q 11 -7.75 50.64 28.70
N ILE Q 12 -8.27 51.64 27.96
CA ILE Q 12 -7.71 52.04 26.68
C ILE Q 12 -6.37 52.77 26.88
N ASN Q 13 -6.32 53.71 27.83
CA ASN Q 13 -5.10 54.44 28.12
C ASN Q 13 -4.37 53.78 29.28
N GLU Q 14 -3.07 53.48 29.08
CA GLU Q 14 -2.30 52.70 30.04
C GLU Q 14 -1.61 53.57 31.09
N ASP Q 15 -1.89 54.88 31.08
CA ASP Q 15 -1.29 55.77 32.08
C ASP Q 15 -1.90 55.49 33.46
N ASN Q 16 -1.03 55.33 34.44
CA ASN Q 16 -1.42 54.87 35.76
C ASN Q 16 -2.43 55.82 36.39
N SER Q 17 -2.35 57.10 36.01
CA SER Q 17 -3.07 58.13 36.74
C SER Q 17 -4.38 58.48 36.04
N VAL Q 18 -4.76 57.68 35.04
CA VAL Q 18 -5.91 58.02 34.23
C VAL Q 18 -7.02 56.99 34.41
N VAL Q 19 -8.26 57.51 34.56
CA VAL Q 19 -9.47 56.72 34.48
C VAL Q 19 -10.37 57.35 33.42
N SER Q 20 -11.20 56.52 32.79
CA SER Q 20 -12.00 56.97 31.66
C SER Q 20 -13.48 56.66 31.89
N LEU Q 21 -14.31 57.64 31.50
CA LEU Q 21 -15.77 57.62 31.63
C LEU Q 21 -16.39 58.12 30.33
N SER Q 22 -17.67 57.76 30.09
CA SER Q 22 -18.37 58.36 28.97
C SER Q 22 -18.61 59.84 29.26
N GLN Q 23 -18.58 60.66 28.20
CA GLN Q 23 -18.83 62.08 28.39
C GLN Q 23 -20.18 62.26 29.08
N PRO Q 24 -21.27 61.60 28.59
CA PRO Q 24 -22.56 61.61 29.29
C PRO Q 24 -22.41 61.53 30.80
N LYS Q 25 -21.67 60.51 31.26
CA LYS Q 25 -21.53 60.24 32.69
C LYS Q 25 -20.75 61.37 33.36
N MET Q 26 -19.74 61.89 32.64
CA MET Q 26 -18.92 62.98 33.14
C MET Q 26 -19.77 64.23 33.31
N ASP Q 27 -20.61 64.51 32.30
CA ASP Q 27 -21.56 65.60 32.31
C ASP Q 27 -22.53 65.43 33.48
N GLU Q 28 -23.16 64.25 33.55
CA GLU Q 28 -24.06 63.89 34.62
C GLU Q 28 -23.43 64.15 35.99
N LEU Q 29 -22.14 63.83 36.13
CA LEU Q 29 -21.45 63.95 37.41
C LEU Q 29 -20.72 65.30 37.49
N GLN Q 30 -20.89 66.13 36.46
CA GLN Q 30 -20.25 67.43 36.34
C GLN Q 30 -18.73 67.30 36.49
N LEU Q 31 -18.13 66.53 35.60
CA LEU Q 31 -16.69 66.30 35.64
C LEU Q 31 -16.05 66.94 34.40
N PHE Q 32 -14.90 67.59 34.64
CA PHE Q 32 -14.15 68.26 33.60
C PHE Q 32 -12.92 67.43 33.27
N ARG Q 33 -12.52 67.43 31.99
CA ARG Q 33 -11.33 66.69 31.58
C ARG Q 33 -10.15 67.09 32.47
N GLY Q 34 -9.59 66.10 33.17
CA GLY Q 34 -8.38 66.36 33.95
C GLY Q 34 -8.70 66.55 35.43
N ASP Q 35 -10.00 66.60 35.74
CA ASP Q 35 -10.42 66.77 37.12
C ASP Q 35 -9.90 65.58 37.93
N THR Q 36 -9.25 65.86 39.05
CA THR Q 36 -8.91 64.80 40.00
C THR Q 36 -10.20 64.24 40.60
N VAL Q 37 -10.31 62.90 40.60
CA VAL Q 37 -11.43 62.19 41.17
C VAL Q 37 -10.94 61.26 42.27
N LEU Q 38 -11.81 61.00 43.26
CA LEU Q 38 -11.53 60.03 44.29
C LEU Q 38 -12.37 58.78 44.04
N LEU Q 39 -11.70 57.62 44.00
CA LEU Q 39 -12.36 56.35 43.76
C LEU Q 39 -12.30 55.53 45.05
N LYS Q 40 -13.44 54.94 45.42
CA LYS Q 40 -13.50 54.06 46.57
C LYS Q 40 -13.74 52.64 46.09
N GLY Q 41 -13.05 51.70 46.74
CA GLY Q 41 -13.14 50.28 46.40
C GLY Q 41 -13.26 49.40 47.63
N LYS Q 42 -12.91 48.11 47.47
CA LYS Q 42 -13.04 47.13 48.53
C LYS Q 42 -11.93 47.33 49.56
N LYS Q 43 -12.05 46.61 50.70
CA LYS Q 43 -11.13 46.71 51.83
C LYS Q 43 -10.92 48.17 52.22
N ARG Q 44 -11.95 48.99 51.94
CA ARG Q 44 -12.00 50.42 52.26
C ARG Q 44 -10.81 51.15 51.66
N ARG Q 45 -10.24 50.60 50.58
CA ARG Q 45 -9.11 51.21 49.89
C ARG Q 45 -9.64 52.38 49.05
N GLU Q 46 -8.75 53.36 48.79
CA GLU Q 46 -9.09 54.56 48.05
C GLU Q 46 -7.98 54.87 47.06
N ALA Q 47 -8.34 55.64 46.01
CA ALA Q 47 -7.37 56.10 45.04
C ALA Q 47 -7.85 57.40 44.41
N VAL Q 48 -6.87 58.21 43.99
CA VAL Q 48 -7.14 59.48 43.32
C VAL Q 48 -6.52 59.42 41.93
N CYS Q 49 -7.26 59.92 40.93
CA CYS Q 49 -6.88 59.79 39.53
C CYS Q 49 -7.37 61.00 38.74
N ILE Q 50 -6.96 61.05 37.48
CA ILE Q 50 -7.38 62.05 36.51
C ILE Q 50 -8.48 61.42 35.64
N VAL Q 51 -9.57 62.15 35.42
CA VAL Q 51 -10.63 61.60 34.59
C VAL Q 51 -10.52 62.19 33.17
N LEU Q 52 -10.77 61.33 32.18
CA LEU Q 52 -10.85 61.71 30.77
C LEU Q 52 -12.04 60.98 30.16
N SER Q 53 -12.32 61.26 28.88
CA SER Q 53 -13.53 60.76 28.27
C SER Q 53 -13.19 59.74 27.20
N ASP Q 54 -13.80 58.56 27.27
CA ASP Q 54 -13.64 57.55 26.24
C ASP Q 54 -14.99 57.34 25.54
N ASP Q 55 -14.97 57.48 24.21
CA ASP Q 55 -16.18 57.28 23.41
C ASP Q 55 -16.71 55.87 23.63
N THR Q 56 -15.80 54.88 23.60
CA THR Q 56 -16.16 53.46 23.66
C THR Q 56 -16.69 53.07 25.03
N CYS Q 57 -16.35 53.85 26.06
CA CYS Q 57 -16.70 53.50 27.43
C CYS Q 57 -18.21 53.61 27.60
N SER Q 58 -18.83 52.48 27.94
CA SER Q 58 -20.22 52.41 28.37
C SER Q 58 -20.47 53.30 29.58
N ASP Q 59 -21.64 53.93 29.66
CA ASP Q 59 -21.90 55.01 30.61
C ASP Q 59 -21.78 54.49 32.04
N GLU Q 60 -22.11 53.21 32.24
CA GLU Q 60 -22.20 52.63 33.55
C GLU Q 60 -20.85 52.02 33.96
N LYS Q 61 -19.82 52.20 33.12
CA LYS Q 61 -18.52 51.57 33.35
C LYS Q 61 -17.41 52.62 33.49
N ILE Q 62 -16.32 52.23 34.17
CA ILE Q 62 -15.10 53.03 34.28
C ILE Q 62 -13.93 52.20 33.78
N ARG Q 63 -13.03 52.85 33.03
CA ARG Q 63 -11.84 52.18 32.55
C ARG Q 63 -10.66 52.57 33.44
N MET Q 64 -10.03 51.57 34.06
CA MET Q 64 -8.83 51.83 34.83
C MET Q 64 -7.80 50.71 34.59
N ASN Q 65 -6.52 51.09 34.59
CA ASN Q 65 -5.41 50.17 34.44
C ASN Q 65 -5.30 49.32 35.70
N ARG Q 66 -4.38 48.35 35.66
CA ARG Q 66 -4.31 47.31 36.66
C ARG Q 66 -3.69 47.88 37.94
N VAL Q 67 -2.90 48.95 37.79
CA VAL Q 67 -2.32 49.64 38.94
C VAL Q 67 -3.44 50.10 39.85
N VAL Q 68 -4.38 50.87 39.29
CA VAL Q 68 -5.52 51.43 40.01
C VAL Q 68 -6.35 50.31 40.63
N ARG Q 69 -6.68 49.29 39.84
CA ARG Q 69 -7.53 48.21 40.30
C ARG Q 69 -6.94 47.60 41.57
N ASN Q 70 -5.62 47.39 41.56
CA ASN Q 70 -4.92 46.79 42.69
C ASN Q 70 -5.00 47.70 43.90
N ASN Q 71 -4.81 49.01 43.67
CA ASN Q 71 -4.86 50.00 44.71
C ASN Q 71 -6.25 50.04 45.33
N LEU Q 72 -7.28 49.89 44.50
CA LEU Q 72 -8.64 49.85 44.98
C LEU Q 72 -9.04 48.45 45.42
N ARG Q 73 -8.10 47.48 45.34
CA ARG Q 73 -8.37 46.07 45.61
C ARG Q 73 -9.66 45.60 44.95
N VAL Q 74 -9.90 46.01 43.69
CA VAL Q 74 -11.01 45.52 42.91
C VAL Q 74 -10.47 44.75 41.71
N ARG Q 75 -11.34 43.94 41.10
CA ARG Q 75 -11.05 43.19 39.89
C ARG Q 75 -12.02 43.65 38.80
N LEU Q 76 -11.71 43.29 37.55
CA LEU Q 76 -12.58 43.65 36.44
C LEU Q 76 -13.99 43.12 36.71
N GLY Q 77 -14.98 44.01 36.57
CA GLY Q 77 -16.37 43.65 36.76
C GLY Q 77 -16.90 44.05 38.13
N ASP Q 78 -16.02 44.48 39.04
CA ASP Q 78 -16.41 44.98 40.34
C ASP Q 78 -17.04 46.36 40.19
N VAL Q 79 -17.61 46.86 41.28
CA VAL Q 79 -18.22 48.19 41.28
C VAL Q 79 -17.37 49.11 42.14
N ILE Q 80 -17.25 50.38 41.71
CA ILE Q 80 -16.53 51.38 42.48
C ILE Q 80 -17.41 52.62 42.60
N SER Q 81 -17.02 53.54 43.50
CA SER Q 81 -17.69 54.82 43.66
C SER Q 81 -16.74 55.94 43.26
N ILE Q 82 -17.26 56.87 42.48
CA ILE Q 82 -16.48 58.01 42.02
C ILE Q 82 -17.09 59.29 42.58
N GLN Q 83 -16.24 60.10 43.23
CA GLN Q 83 -16.63 61.43 43.67
C GLN Q 83 -15.51 62.39 43.30
N PRO Q 84 -15.84 63.65 42.97
CA PRO Q 84 -14.82 64.68 42.74
C PRO Q 84 -13.96 64.96 43.97
N CYS Q 85 -12.74 65.42 43.71
CA CYS Q 85 -11.77 65.69 44.75
C CYS Q 85 -11.08 67.02 44.42
N PRO Q 86 -11.79 68.17 44.49
CA PRO Q 86 -11.23 69.46 44.06
C PRO Q 86 -10.29 70.09 45.10
N ASP Q 87 -10.26 69.49 46.29
CA ASP Q 87 -9.46 69.90 47.43
C ASP Q 87 -8.01 69.46 47.30
N VAL Q 88 -7.59 69.11 46.06
CA VAL Q 88 -6.25 68.68 45.75
C VAL Q 88 -5.28 69.84 45.86
N LYS Q 89 -4.35 69.73 46.82
CA LYS Q 89 -3.33 70.74 47.05
C LYS Q 89 -2.01 70.23 46.49
N TYR Q 90 -1.34 71.03 45.66
CA TYR Q 90 0.03 70.77 45.26
C TYR Q 90 0.85 70.55 46.53
N GLY Q 91 0.98 69.28 46.94
CA GLY Q 91 1.66 68.92 48.18
C GLY Q 91 3.15 69.23 48.11
N LYS Q 92 3.77 69.36 49.30
CA LYS Q 92 5.13 69.85 49.37
C LYS Q 92 6.11 68.70 49.32
N ARG Q 93 5.95 67.74 50.25
CA ARG Q 93 6.88 66.63 50.44
C ARG Q 93 6.14 65.29 50.30
N ILE Q 94 6.63 64.42 49.41
CA ILE Q 94 6.20 63.02 49.35
C ILE Q 94 7.40 62.10 49.56
N HIS Q 95 7.11 60.96 50.20
CA HIS Q 95 8.11 59.94 50.46
C HIS Q 95 7.70 58.61 49.84
N VAL Q 96 8.52 58.12 48.90
CA VAL Q 96 8.22 56.94 48.10
C VAL Q 96 9.39 55.95 48.23
N LEU Q 97 9.05 54.67 48.33
CA LEU Q 97 10.04 53.63 48.48
C LEU Q 97 9.71 52.48 47.53
N PRO Q 98 10.71 51.83 46.91
CA PRO Q 98 10.46 50.70 46.01
C PRO Q 98 10.21 49.40 46.76
N ILE Q 99 9.41 48.50 46.15
CA ILE Q 99 9.20 47.16 46.65
C ILE Q 99 10.39 46.29 46.24
N ASP Q 100 10.83 45.43 47.17
CA ASP Q 100 12.10 44.71 47.07
C ASP Q 100 12.20 43.90 45.78
N ASP Q 101 11.18 43.06 45.49
CA ASP Q 101 11.19 42.17 44.32
C ASP Q 101 11.50 42.94 43.04
N THR Q 102 10.87 44.10 42.87
CA THR Q 102 10.98 44.85 41.62
C THR Q 102 12.37 45.43 41.39
N VAL Q 103 13.17 45.64 42.46
CA VAL Q 103 14.40 46.39 42.29
C VAL Q 103 15.64 45.50 42.39
N GLU Q 104 15.44 44.18 42.49
CA GLU Q 104 16.55 43.24 42.56
C GLU Q 104 17.43 43.36 41.32
N GLY Q 105 18.71 43.71 41.52
CA GLY Q 105 19.63 43.83 40.40
C GLY Q 105 19.73 45.27 39.89
N ILE Q 106 18.70 46.08 40.16
CA ILE Q 106 18.69 47.46 39.71
C ILE Q 106 19.67 48.24 40.56
N THR Q 107 20.57 48.97 39.89
CA THR Q 107 21.67 49.65 40.58
C THR Q 107 21.64 51.20 40.56
N GLY Q 108 20.66 51.81 39.93
CA GLY Q 108 20.78 53.20 39.55
C GLY Q 108 20.31 54.12 40.67
N ASN Q 109 20.31 55.43 40.41
CA ASN Q 109 19.51 56.34 41.21
C ASN Q 109 18.08 56.27 40.68
N LEU Q 110 17.26 55.52 41.40
CA LEU Q 110 15.86 55.28 41.11
C LEU Q 110 15.14 56.59 40.79
N PHE Q 111 15.55 57.67 41.47
CA PHE Q 111 14.94 58.97 41.25
C PHE Q 111 15.11 59.35 39.78
N GLU Q 112 16.36 59.47 39.34
CA GLU Q 112 16.68 60.00 38.02
C GLU Q 112 16.10 59.09 36.94
N VAL Q 113 16.31 57.77 37.09
CA VAL Q 113 15.87 56.80 36.10
C VAL Q 113 14.35 56.66 36.07
N TYR Q 114 13.73 56.34 37.22
CA TYR Q 114 12.32 56.01 37.27
C TYR Q 114 11.48 57.24 37.68
N LEU Q 115 11.63 57.66 38.96
CA LEU Q 115 10.72 58.56 39.63
C LEU Q 115 10.64 59.92 38.95
N LYS Q 116 11.81 60.53 38.68
CA LYS Q 116 11.86 61.90 38.17
C LYS Q 116 10.99 62.06 36.93
N PRO Q 117 11.23 61.33 35.82
CA PRO Q 117 10.45 61.53 34.60
C PRO Q 117 9.01 61.05 34.69
N TYR Q 118 8.72 60.14 35.65
CA TYR Q 118 7.36 59.69 35.89
C TYR Q 118 6.51 60.90 36.27
N PHE Q 119 6.96 61.61 37.32
CA PHE Q 119 6.22 62.69 37.96
C PHE Q 119 6.39 64.02 37.22
N LEU Q 120 7.46 64.14 36.44
CA LEU Q 120 7.91 65.41 35.92
C LEU Q 120 6.81 66.08 35.09
N GLU Q 121 6.32 67.23 35.58
CA GLU Q 121 5.34 68.07 34.91
C GLU Q 121 4.10 67.26 34.54
N ALA Q 122 3.88 66.18 35.29
CA ALA Q 122 2.74 65.30 35.08
C ALA Q 122 1.57 65.83 35.90
N TYR Q 123 1.90 66.43 37.03
CA TYR Q 123 0.90 66.92 37.97
C TYR Q 123 0.02 65.75 38.40
N ARG Q 124 0.68 64.64 38.76
CA ARG Q 124 0.01 63.38 39.06
C ARG Q 124 -0.59 63.44 40.46
N PRO Q 125 -1.91 63.15 40.62
CA PRO Q 125 -2.48 63.00 41.96
C PRO Q 125 -1.98 61.69 42.57
N ILE Q 126 -1.60 61.74 43.85
CA ILE Q 126 -1.15 60.55 44.56
C ILE Q 126 -1.82 60.50 45.93
N ARG Q 127 -2.01 59.29 46.45
CA ARG Q 127 -2.55 59.09 47.79
C ARG Q 127 -1.56 58.24 48.58
N LYS Q 128 -1.60 58.39 49.91
CA LYS Q 128 -0.70 57.60 50.72
C LYS Q 128 -1.11 56.14 50.52
N GLY Q 129 -0.11 55.25 50.55
CA GLY Q 129 -0.32 53.81 50.51
C GLY Q 129 -0.57 53.26 49.11
N ASP Q 130 -0.50 54.14 48.10
CA ASP Q 130 -0.61 53.79 46.70
C ASP Q 130 0.66 53.09 46.26
N ILE Q 131 0.51 52.07 45.39
CA ILE Q 131 1.64 51.46 44.70
C ILE Q 131 1.50 51.81 43.24
N PHE Q 132 2.55 52.42 42.67
CA PHE Q 132 2.55 52.78 41.27
C PHE Q 132 3.72 52.09 40.58
N LEU Q 133 3.68 52.06 39.25
CA LEU Q 133 4.61 51.28 38.45
C LEU Q 133 5.29 52.19 37.44
N VAL Q 134 6.62 52.17 37.42
CA VAL Q 134 7.37 52.93 36.43
C VAL Q 134 8.16 51.93 35.60
N ARG Q 135 8.12 52.13 34.28
CA ARG Q 135 8.73 51.16 33.37
C ARG Q 135 9.98 51.81 32.77
N GLY Q 136 11.08 51.05 32.73
CA GLY Q 136 12.26 51.49 32.00
C GLY Q 136 13.45 50.57 32.24
N GLY Q 137 14.49 50.75 31.44
CA GLY Q 137 15.71 49.95 31.52
C GLY Q 137 15.42 48.45 31.46
N MET Q 138 14.51 48.08 30.56
CA MET Q 138 14.03 46.74 30.35
C MET Q 138 13.53 46.11 31.66
N ARG Q 139 12.96 46.94 32.55
CA ARG Q 139 12.35 46.45 33.78
C ARG Q 139 11.13 47.32 34.11
N ALA Q 140 10.35 46.90 35.11
CA ALA Q 140 9.30 47.74 35.66
C ALA Q 140 9.36 47.66 37.19
N VAL Q 141 9.48 48.83 37.83
CA VAL Q 141 9.68 48.95 39.27
C VAL Q 141 8.37 49.41 39.91
N GLU Q 142 8.02 48.77 41.05
CA GLU Q 142 6.87 49.18 41.84
C GLU Q 142 7.33 50.00 43.03
N PHE Q 143 6.78 51.22 43.13
CA PHE Q 143 7.02 52.10 44.27
C PHE Q 143 5.73 52.28 45.06
N LYS Q 144 5.87 52.28 46.40
CA LYS Q 144 4.78 52.62 47.31
C LYS Q 144 4.97 54.04 47.84
N VAL Q 145 3.88 54.81 47.90
CA VAL Q 145 3.87 56.12 48.53
C VAL Q 145 3.72 55.91 50.04
N VAL Q 146 4.82 56.12 50.78
CA VAL Q 146 4.87 55.85 52.20
C VAL Q 146 4.37 57.06 52.99
N GLU Q 147 4.69 58.27 52.55
CA GLU Q 147 4.18 59.47 53.20
C GLU Q 147 3.95 60.62 52.21
N THR Q 148 2.86 61.36 52.42
CA THR Q 148 2.54 62.50 51.57
C THR Q 148 2.35 63.75 52.45
N ASP Q 149 2.65 64.92 51.88
CA ASP Q 149 2.59 66.21 52.57
C ASP Q 149 1.22 66.41 53.22
N PRO Q 150 0.14 66.78 52.49
CA PRO Q 150 -1.22 66.60 53.02
C PRO Q 150 -1.46 65.10 53.17
N SER Q 151 -1.95 64.68 54.35
CA SER Q 151 -1.90 63.29 54.74
C SER Q 151 -2.64 62.39 53.75
N PRO Q 152 -3.92 62.65 53.40
CA PRO Q 152 -4.62 61.80 52.43
C PRO Q 152 -4.01 61.92 51.02
N TYR Q 153 -4.29 63.02 50.33
CA TYR Q 153 -3.99 63.16 48.91
C TYR Q 153 -3.03 64.32 48.72
N CYS Q 154 -2.46 64.42 47.52
CA CYS Q 154 -1.51 65.45 47.14
C CYS Q 154 -1.40 65.43 45.62
N ILE Q 155 -1.08 66.58 45.01
CA ILE Q 155 -0.63 66.56 43.63
C ILE Q 155 0.88 66.76 43.60
N VAL Q 156 1.60 65.79 43.01
CA VAL Q 156 3.04 65.97 42.82
C VAL Q 156 3.26 66.96 41.68
N ALA Q 157 3.63 68.19 42.08
CA ALA Q 157 3.84 69.33 41.21
C ALA Q 157 5.33 69.67 41.20
N PRO Q 158 5.82 70.50 40.24
CA PRO Q 158 7.26 70.69 40.05
C PRO Q 158 8.05 70.86 41.34
N ASP Q 159 7.57 71.73 42.24
CA ASP Q 159 8.26 72.05 43.48
C ASP Q 159 8.03 70.98 44.55
N THR Q 160 7.26 69.94 44.23
CA THR Q 160 7.05 68.87 45.19
C THR Q 160 8.38 68.18 45.44
N VAL Q 161 8.76 68.07 46.72
CA VAL Q 161 9.96 67.34 47.10
C VAL Q 161 9.62 65.85 47.07
N ILE Q 162 10.40 65.12 46.28
CA ILE Q 162 10.25 63.67 46.18
C ILE Q 162 11.44 63.05 46.91
N HIS Q 163 11.16 62.23 47.92
CA HIS Q 163 12.24 61.69 48.72
C HIS Q 163 12.18 60.17 48.65
N CYS Q 164 13.33 59.55 48.35
CA CYS Q 164 13.52 58.11 48.49
C CYS Q 164 14.58 57.83 49.56
N GLU Q 165 14.15 57.13 50.61
CA GLU Q 165 14.93 56.89 51.82
C GLU Q 165 15.95 55.79 51.56
N GLY Q 166 15.67 54.94 50.56
CA GLY Q 166 16.64 53.97 50.08
C GLY Q 166 16.64 52.69 50.92
N GLU Q 167 15.49 52.33 51.50
CA GLU Q 167 15.32 51.00 52.05
C GLU Q 167 14.16 50.31 51.35
N PRO Q 168 14.40 49.30 50.47
CA PRO Q 168 13.32 48.64 49.72
C PRO Q 168 12.33 47.93 50.65
N ILE Q 169 11.03 48.26 50.52
CA ILE Q 169 9.99 47.74 51.38
C ILE Q 169 9.63 46.33 50.93
N LYS Q 170 9.06 45.55 51.86
CA LYS Q 170 8.58 44.20 51.59
C LYS Q 170 7.20 44.31 50.93
N ARG Q 171 6.75 43.20 50.35
CA ARG Q 171 5.43 43.14 49.71
C ARG Q 171 4.44 42.55 50.70
N ALA Q 172 3.38 43.30 51.03
CA ALA Q 172 2.33 42.82 51.91
C ALA Q 172 1.48 41.79 51.17
N ALA Q 173 0.72 40.97 51.92
CA ALA Q 173 0.09 39.77 51.40
C ALA Q 173 -1.01 40.13 50.37
N ALA Q 174 -1.72 41.25 50.61
CA ALA Q 174 -2.81 41.69 49.74
C ALA Q 174 -2.29 42.34 48.45
N GLU Q 175 -1.03 42.78 48.45
CA GLU Q 175 -0.39 43.46 47.32
C GLU Q 175 0.01 42.44 46.25
N GLU Q 176 -0.52 42.61 45.02
CA GLU Q 176 -0.21 41.71 43.92
C GLU Q 176 0.81 42.32 42.99
N SER Q 177 1.68 41.46 42.44
CA SER Q 177 2.71 41.90 41.51
C SER Q 177 2.08 42.43 40.22
N LEU Q 178 2.62 43.55 39.73
CA LEU Q 178 2.19 44.07 38.46
C LEU Q 178 3.03 43.39 37.36
N ASN Q 179 3.97 42.54 37.79
CA ASN Q 179 4.73 41.72 36.87
C ASN Q 179 4.01 40.39 36.61
N GLU Q 180 2.93 40.12 37.35
CA GLU Q 180 2.01 39.03 37.04
C GLU Q 180 1.37 39.28 35.69
N VAL Q 181 0.99 38.20 34.99
CA VAL Q 181 0.45 38.32 33.66
C VAL Q 181 -1.01 38.76 33.76
N GLY Q 182 -1.43 39.70 32.92
CA GLY Q 182 -2.83 40.06 32.85
C GLY Q 182 -3.32 40.25 31.41
N TYR Q 183 -4.58 40.65 31.25
CA TYR Q 183 -5.13 40.82 29.92
C TYR Q 183 -4.29 41.85 29.15
N ASP Q 184 -3.66 42.77 29.88
CA ASP Q 184 -2.91 43.87 29.29
C ASP Q 184 -1.63 43.33 28.63
N ASP Q 185 -1.32 42.05 28.87
CA ASP Q 185 -0.10 41.47 28.34
C ASP Q 185 -0.44 40.60 27.12
N ILE Q 186 -1.72 40.55 26.79
CA ILE Q 186 -2.21 39.69 25.74
C ILE Q 186 -2.71 40.59 24.63
N GLY Q 187 -2.13 40.46 23.43
CA GLY Q 187 -2.59 41.25 22.30
C GLY Q 187 -3.04 40.38 21.14
N GLY Q 188 -4.10 40.81 20.45
CA GLY Q 188 -4.48 40.11 19.24
C GLY Q 188 -5.58 39.07 19.38
N CYS Q 189 -5.97 38.69 20.60
CA CYS Q 189 -7.01 37.68 20.69
C CYS Q 189 -8.25 38.27 21.32
N ARG Q 190 -8.60 39.50 20.94
CA ARG Q 190 -9.66 40.26 21.59
C ARG Q 190 -10.92 39.41 21.71
N LYS Q 191 -11.45 38.94 20.57
CA LYS Q 191 -12.75 38.29 20.55
C LYS Q 191 -12.68 36.96 21.29
N GLN Q 192 -11.58 36.23 21.11
CA GLN Q 192 -11.41 34.93 21.75
C GLN Q 192 -11.29 35.12 23.26
N LEU Q 193 -10.55 36.15 23.65
CA LEU Q 193 -10.34 36.45 25.05
C LEU Q 193 -11.68 36.78 25.72
N ALA Q 194 -12.48 37.60 25.02
CA ALA Q 194 -13.82 37.96 25.43
C ALA Q 194 -14.69 36.73 25.68
N GLN Q 195 -14.65 35.76 24.75
CA GLN Q 195 -15.46 34.55 24.92
C GLN Q 195 -15.06 33.82 26.20
N ILE Q 196 -13.75 33.69 26.43
CA ILE Q 196 -13.24 32.91 27.54
C ILE Q 196 -13.62 33.62 28.84
N LYS Q 197 -13.50 34.95 28.82
CA LYS Q 197 -13.89 35.81 29.90
C LYS Q 197 -15.32 35.54 30.35
N GLU Q 198 -16.25 35.52 29.38
CA GLU Q 198 -17.67 35.27 29.63
C GLU Q 198 -17.85 33.89 30.23
N MET Q 199 -17.08 32.93 29.70
CA MET Q 199 -17.25 31.55 30.06
C MET Q 199 -16.96 31.38 31.55
N VAL Q 200 -15.89 32.05 32.01
CA VAL Q 200 -15.37 31.87 33.36
C VAL Q 200 -15.97 32.88 34.34
N GLU Q 201 -16.63 33.95 33.84
CA GLU Q 201 -17.20 34.99 34.69
C GLU Q 201 -17.96 34.38 35.87
N LEU Q 202 -19.12 33.76 35.59
CA LEU Q 202 -19.97 33.26 36.67
C LEU Q 202 -19.25 32.20 37.51
N PRO Q 203 -18.65 31.13 36.95
CA PRO Q 203 -18.02 30.10 37.79
C PRO Q 203 -16.87 30.59 38.66
N LEU Q 204 -16.05 31.52 38.15
CA LEU Q 204 -14.89 31.99 38.88
C LEU Q 204 -15.21 33.21 39.75
N ARG Q 205 -15.99 34.16 39.22
CA ARG Q 205 -16.25 35.39 39.96
C ARG Q 205 -17.51 35.33 40.81
N HIS Q 206 -18.43 34.39 40.54
CA HIS Q 206 -19.69 34.34 41.27
C HIS Q 206 -20.04 32.90 41.59
N PRO Q 207 -19.13 32.12 42.24
CA PRO Q 207 -19.32 30.67 42.42
C PRO Q 207 -20.59 30.32 43.16
N ALA Q 208 -20.95 31.18 44.12
CA ALA Q 208 -22.04 30.92 45.03
C ALA Q 208 -23.31 30.63 44.25
N LEU Q 209 -23.43 31.29 43.09
CA LEU Q 209 -24.66 31.25 42.33
C LEU Q 209 -25.01 29.79 42.01
N PHE Q 210 -23.98 28.96 41.85
CA PHE Q 210 -24.18 27.60 41.38
C PHE Q 210 -24.75 26.69 42.46
N LYS Q 211 -24.74 27.17 43.72
CA LYS Q 211 -25.43 26.46 44.79
C LYS Q 211 -26.93 26.67 44.64
N ALA Q 212 -27.34 27.87 44.23
CA ALA Q 212 -28.74 28.26 44.16
C ALA Q 212 -29.45 27.77 42.90
N ILE Q 213 -28.68 27.42 41.84
CA ILE Q 213 -29.24 27.11 40.52
C ILE Q 213 -28.76 25.74 40.06
N GLY Q 214 -29.51 25.13 39.14
CA GLY Q 214 -29.25 23.77 38.67
C GLY Q 214 -28.58 23.74 37.29
N VAL Q 215 -28.37 24.92 36.70
CA VAL Q 215 -27.62 25.09 35.46
C VAL Q 215 -26.16 24.69 35.68
N LYS Q 216 -25.59 23.99 34.69
CA LYS Q 216 -24.24 23.45 34.78
C LYS Q 216 -23.27 24.42 34.10
N PRO Q 217 -22.22 24.91 34.81
CA PRO Q 217 -21.28 25.84 34.21
C PRO Q 217 -20.26 25.05 33.38
N PRO Q 218 -19.58 25.70 32.39
CA PRO Q 218 -18.65 24.99 31.53
C PRO Q 218 -17.47 24.48 32.34
N ARG Q 219 -17.08 23.22 32.09
CA ARG Q 219 -16.07 22.61 32.93
C ARG Q 219 -14.72 22.65 32.23
N GLY Q 220 -14.73 22.35 30.92
CA GLY Q 220 -13.49 22.24 30.17
C GLY Q 220 -13.46 23.19 28.99
N ILE Q 221 -12.38 23.96 28.87
CA ILE Q 221 -12.17 24.83 27.72
C ILE Q 221 -10.87 24.41 27.03
N LEU Q 222 -11.01 24.15 25.72
CA LEU Q 222 -9.91 23.68 24.90
C LEU Q 222 -9.43 24.82 24.02
N LEU Q 223 -8.17 25.22 24.20
CA LEU Q 223 -7.59 26.31 23.43
C LEU Q 223 -6.75 25.73 22.32
N TYR Q 224 -7.23 25.87 21.06
CA TYR Q 224 -6.56 25.25 19.92
C TYR Q 224 -5.92 26.39 19.12
N GLY Q 225 -4.65 26.19 18.76
CA GLY Q 225 -3.91 27.17 17.96
C GLY Q 225 -2.50 26.68 17.71
N PRO Q 226 -1.77 27.23 16.71
CA PRO Q 226 -0.37 26.89 16.50
C PRO Q 226 0.46 27.29 17.71
N PRO Q 227 1.70 26.77 17.87
CA PRO Q 227 2.55 27.16 19.00
C PRO Q 227 2.92 28.66 18.95
N GLY Q 228 2.95 29.27 20.14
CA GLY Q 228 3.43 30.63 20.32
C GLY Q 228 2.32 31.66 20.21
N THR Q 229 1.06 31.20 20.25
CA THR Q 229 -0.11 32.07 20.09
C THR Q 229 -0.58 32.64 21.42
N GLY Q 230 0.02 32.18 22.53
CA GLY Q 230 -0.21 32.74 23.85
C GLY Q 230 -1.30 32.01 24.63
N LYS Q 231 -1.39 30.69 24.47
CA LYS Q 231 -2.43 29.91 25.12
C LYS Q 231 -2.15 29.88 26.62
N THR Q 232 -0.88 29.67 26.97
CA THR Q 232 -0.50 29.64 28.38
C THR Q 232 -0.74 31.00 29.01
N LEU Q 233 -0.40 32.06 28.27
CA LEU Q 233 -0.62 33.42 28.72
C LEU Q 233 -2.09 33.64 29.07
N ILE Q 234 -2.97 33.29 28.14
CA ILE Q 234 -4.39 33.49 28.31
C ILE Q 234 -4.84 32.85 29.62
N ALA Q 235 -4.49 31.57 29.81
CA ALA Q 235 -4.94 30.88 31.00
C ALA Q 235 -4.48 31.64 32.24
N ARG Q 236 -3.18 31.96 32.32
CA ARG Q 236 -2.64 32.60 33.51
C ARG Q 236 -3.30 33.95 33.72
N ALA Q 237 -3.43 34.73 32.65
CA ALA Q 237 -4.09 36.03 32.76
C ALA Q 237 -5.49 35.88 33.35
N VAL Q 238 -6.31 35.02 32.76
CA VAL Q 238 -7.67 34.82 33.23
C VAL Q 238 -7.66 34.48 34.71
N ALA Q 239 -6.74 33.60 35.14
CA ALA Q 239 -6.64 33.23 36.55
C ALA Q 239 -6.39 34.48 37.39
N ASN Q 240 -5.35 35.24 37.02
CA ASN Q 240 -4.94 36.43 37.75
C ASN Q 240 -6.09 37.44 37.80
N GLU Q 241 -6.69 37.69 36.65
CA GLU Q 241 -7.70 38.72 36.50
C GLU Q 241 -8.97 38.35 37.27
N THR Q 242 -9.24 37.03 37.44
CA THR Q 242 -10.44 36.61 38.15
C THR Q 242 -10.08 36.27 39.59
N GLY Q 243 -8.79 36.36 39.90
CA GLY Q 243 -8.26 35.93 41.19
C GLY Q 243 -8.53 34.47 41.50
N ALA Q 244 -8.13 33.58 40.59
CA ALA Q 244 -8.38 32.17 40.79
C ALA Q 244 -7.05 31.45 40.93
N PHE Q 245 -7.06 30.34 41.68
CA PHE Q 245 -5.85 29.55 41.85
C PHE Q 245 -5.47 28.98 40.48
N PHE Q 246 -4.19 29.01 40.15
CA PHE Q 246 -3.75 28.47 38.87
C PHE Q 246 -2.85 27.27 39.12
N PHE Q 247 -3.24 26.11 38.59
CA PHE Q 247 -2.33 24.97 38.63
C PHE Q 247 -1.94 24.63 37.20
N LEU Q 248 -0.62 24.62 36.93
CA LEU Q 248 -0.10 24.21 35.62
C LEU Q 248 0.23 22.72 35.60
N ILE Q 249 -0.33 21.99 34.63
CA ILE Q 249 0.12 20.66 34.31
C ILE Q 249 0.82 20.76 32.96
N ASN Q 250 2.08 20.33 32.90
CA ASN Q 250 2.79 20.31 31.63
C ASN Q 250 2.95 18.87 31.16
N GLY Q 251 2.42 18.57 29.97
CA GLY Q 251 2.42 17.23 29.40
C GLY Q 251 3.78 16.53 29.60
N PRO Q 252 4.85 17.07 28.99
CA PRO Q 252 6.21 16.53 29.15
C PRO Q 252 6.58 16.23 30.60
N GLU Q 253 6.30 17.15 31.52
CA GLU Q 253 6.63 16.91 32.91
C GLU Q 253 5.96 15.61 33.39
N ILE Q 254 4.66 15.51 33.15
CA ILE Q 254 3.90 14.35 33.60
C ILE Q 254 4.53 13.08 33.02
N MET Q 255 4.82 13.13 31.72
CA MET Q 255 5.25 11.95 31.00
C MET Q 255 6.70 11.60 31.33
N SER Q 256 7.43 12.52 31.96
CA SER Q 256 8.80 12.25 32.37
C SER Q 256 8.81 11.34 33.60
N LYS Q 257 7.75 11.43 34.42
CA LYS Q 257 7.63 10.66 35.65
C LYS Q 257 7.45 9.18 35.34
N LEU Q 258 7.73 8.31 36.30
CA LEU Q 258 7.65 6.88 36.04
C LEU Q 258 6.30 6.36 36.52
N ALA Q 259 5.70 5.50 35.69
CA ALA Q 259 4.49 4.76 36.02
C ALA Q 259 3.47 5.62 36.77
N GLY Q 260 3.12 5.16 37.98
CA GLY Q 260 2.05 5.76 38.75
C GLY Q 260 2.33 7.21 39.13
N GLU Q 261 3.63 7.57 39.21
CA GLU Q 261 4.00 8.92 39.59
C GLU Q 261 3.34 9.91 38.63
N SER Q 262 3.22 9.52 37.36
CA SER Q 262 2.50 10.31 36.39
C SER Q 262 1.09 10.59 36.90
N GLU Q 263 0.36 9.49 37.11
CA GLU Q 263 -1.07 9.54 37.37
C GLU Q 263 -1.32 10.13 38.75
N SER Q 264 -0.42 9.84 39.71
CA SER Q 264 -0.50 10.45 41.04
C SER Q 264 -0.47 11.96 40.90
N ASN Q 265 0.53 12.47 40.15
CA ASN Q 265 0.72 13.89 39.95
C ASN Q 265 -0.52 14.50 39.31
N LEU Q 266 -1.13 13.76 38.37
CA LEU Q 266 -2.36 14.19 37.74
C LEU Q 266 -3.47 14.37 38.77
N ARG Q 267 -3.71 13.30 39.56
CA ARG Q 267 -4.73 13.31 40.60
C ARG Q 267 -4.46 14.48 41.54
N LYS Q 268 -3.20 14.60 41.99
CA LYS Q 268 -2.78 15.61 42.94
C LYS Q 268 -3.12 17.01 42.44
N ALA Q 269 -2.85 17.25 41.15
CA ALA Q 269 -3.13 18.53 40.52
C ALA Q 269 -4.61 18.85 40.68
N PHE Q 270 -5.45 17.86 40.37
CA PHE Q 270 -6.88 18.03 40.42
C PHE Q 270 -7.31 18.30 41.86
N GLU Q 271 -6.83 17.47 42.78
CA GLU Q 271 -7.15 17.58 44.19
C GLU Q 271 -6.76 18.96 44.72
N GLU Q 272 -5.53 19.39 44.40
CA GLU Q 272 -5.02 20.66 44.88
C GLU Q 272 -5.93 21.80 44.41
N ALA Q 273 -6.28 21.75 43.12
CA ALA Q 273 -7.17 22.73 42.51
C ALA Q 273 -8.51 22.74 43.23
N GLU Q 274 -9.11 21.55 43.39
CA GLU Q 274 -10.39 21.39 44.08
C GLU Q 274 -10.33 22.17 45.39
N LYS Q 275 -9.21 21.99 46.12
CA LYS Q 275 -9.01 22.57 47.44
C LYS Q 275 -8.92 24.10 47.37
N ASN Q 276 -8.14 24.64 46.44
CA ASN Q 276 -7.94 26.09 46.42
C ASN Q 276 -8.90 26.75 45.44
N ALA Q 277 -10.07 26.15 45.22
CA ALA Q 277 -11.04 26.69 44.27
C ALA Q 277 -11.65 28.00 44.80
N PRO Q 278 -12.18 28.91 43.96
CA PRO Q 278 -12.21 28.75 42.51
C PRO Q 278 -10.81 28.69 41.90
N ALA Q 279 -10.66 27.82 40.88
CA ALA Q 279 -9.35 27.49 40.34
C ALA Q 279 -9.41 27.27 38.83
N ILE Q 280 -8.29 27.55 38.16
CA ILE Q 280 -8.08 27.14 36.78
C ILE Q 280 -6.91 26.16 36.74
N ILE Q 281 -7.17 24.96 36.18
CA ILE Q 281 -6.09 24.06 35.81
C ILE Q 281 -5.74 24.31 34.35
N PHE Q 282 -4.45 24.42 34.04
CA PHE Q 282 -4.03 24.55 32.65
C PHE Q 282 -3.17 23.35 32.27
N ILE Q 283 -3.59 22.64 31.23
CA ILE Q 283 -2.81 21.54 30.69
C ILE Q 283 -2.10 21.99 29.41
N ASP Q 284 -0.78 22.15 29.53
CA ASP Q 284 0.06 22.55 28.43
C ASP Q 284 0.47 21.30 27.67
N GLU Q 285 0.38 21.36 26.33
CA GLU Q 285 0.82 20.24 25.54
C GLU Q 285 -0.01 19.02 25.91
N LEU Q 286 -1.34 19.18 25.83
CA LEU Q 286 -2.29 18.12 26.13
C LEU Q 286 -2.05 16.90 25.25
N ASP Q 287 -1.58 17.12 24.01
CA ASP Q 287 -1.28 16.08 23.04
C ASP Q 287 -0.26 15.09 23.58
N ALA Q 288 0.61 15.54 24.50
CA ALA Q 288 1.59 14.69 25.15
C ALA Q 288 0.92 13.70 26.10
N ILE Q 289 -0.05 14.17 26.87
CA ILE Q 289 -0.77 13.34 27.83
C ILE Q 289 -1.80 12.44 27.10
N ALA Q 290 -2.49 13.01 26.10
CA ALA Q 290 -3.71 12.39 25.59
C ALA Q 290 -3.77 12.45 24.06
N PRO Q 291 -2.90 11.72 23.35
CA PRO Q 291 -3.01 11.65 21.89
C PRO Q 291 -4.19 10.72 21.54
N LYS Q 292 -4.50 10.58 20.23
CA LYS Q 292 -5.53 9.66 19.75
C LYS Q 292 -5.13 8.21 20.01
N ARG Q 293 -6.12 7.30 20.08
CA ARG Q 293 -5.87 5.91 20.47
C ARG Q 293 -4.95 5.20 19.47
N GLU Q 294 -5.04 5.59 18.18
CA GLU Q 294 -4.10 5.15 17.16
C GLU Q 294 -2.66 5.42 17.62
N LYS Q 295 -2.31 6.69 17.81
CA LYS Q 295 -0.95 7.11 18.10
C LYS Q 295 -0.52 6.63 19.49
N THR Q 296 -1.50 6.24 20.33
CA THR Q 296 -1.14 5.81 21.68
C THR Q 296 -0.66 4.37 21.59
N HIS Q 297 0.64 4.18 21.33
CA HIS Q 297 1.26 2.86 21.41
C HIS Q 297 1.68 2.65 22.86
N GLY Q 298 1.34 1.49 23.42
CA GLY Q 298 1.79 1.13 24.77
C GLY Q 298 0.77 1.46 25.85
N GLU Q 299 0.79 0.69 26.94
CA GLU Q 299 -0.36 0.60 27.83
C GLU Q 299 -0.29 1.69 28.90
N VAL Q 300 0.92 2.00 29.36
CA VAL Q 300 1.07 3.05 30.36
C VAL Q 300 0.49 4.37 29.85
N GLU Q 301 0.65 4.64 28.56
CA GLU Q 301 0.15 5.88 27.98
C GLU Q 301 -1.38 5.89 28.03
N ARG Q 302 -2.00 4.76 27.69
CA ARG Q 302 -3.46 4.64 27.63
C ARG Q 302 -4.05 4.86 29.00
N ARG Q 303 -3.34 4.32 30.02
CA ARG Q 303 -3.75 4.48 31.40
C ARG Q 303 -3.86 5.96 31.74
N ILE Q 304 -2.89 6.77 31.29
CA ILE Q 304 -2.82 8.18 31.63
C ILE Q 304 -3.99 8.94 31.01
N VAL Q 305 -4.25 8.66 29.73
CA VAL Q 305 -5.38 9.27 29.04
C VAL Q 305 -6.65 8.97 29.83
N SER Q 306 -6.82 7.67 30.14
CA SER Q 306 -7.98 7.20 30.86
C SER Q 306 -8.14 7.96 32.18
N GLN Q 307 -7.05 8.02 32.95
CA GLN Q 307 -7.02 8.73 34.21
C GLN Q 307 -7.58 10.14 34.04
N LEU Q 308 -7.10 10.84 32.99
CA LEU Q 308 -7.46 12.23 32.77
C LEU Q 308 -8.96 12.35 32.53
N LEU Q 309 -9.48 11.48 31.67
CA LEU Q 309 -10.91 11.41 31.40
C LEU Q 309 -11.68 11.26 32.70
N THR Q 310 -11.32 10.24 33.51
CA THR Q 310 -11.97 10.02 34.79
C THR Q 310 -11.86 11.27 35.67
N LEU Q 311 -10.65 11.84 35.77
CA LEU Q 311 -10.41 13.02 36.59
C LEU Q 311 -11.36 14.15 36.19
N MET Q 312 -11.48 14.38 34.87
CA MET Q 312 -12.35 15.40 34.32
C MET Q 312 -13.79 15.06 34.69
N ASP Q 313 -14.18 13.80 34.46
CA ASP Q 313 -15.53 13.36 34.74
C ASP Q 313 -15.85 13.52 36.21
N GLY Q 314 -14.84 13.23 37.05
CA GLY Q 314 -15.01 13.26 38.49
C GLY Q 314 -15.17 14.68 39.05
N LEU Q 315 -14.89 15.71 38.23
CA LEU Q 315 -15.08 17.08 38.68
C LEU Q 315 -16.57 17.34 38.88
N LYS Q 316 -16.97 17.54 40.15
CA LYS Q 316 -18.33 17.95 40.46
C LYS Q 316 -18.48 19.43 40.09
N GLN Q 317 -19.72 19.85 39.78
CA GLN Q 317 -19.99 21.19 39.25
C GLN Q 317 -19.64 22.25 40.29
N ARG Q 318 -19.89 21.89 41.55
CA ARG Q 318 -19.71 22.79 42.69
C ARG Q 318 -18.23 22.82 43.09
N ALA Q 319 -17.38 22.11 42.36
CA ALA Q 319 -15.94 22.13 42.63
C ALA Q 319 -15.36 23.50 42.31
N HIS Q 320 -16.01 24.26 41.39
CA HIS Q 320 -15.62 25.61 41.00
C HIS Q 320 -14.23 25.61 40.37
N VAL Q 321 -13.97 24.57 39.57
CA VAL Q 321 -12.71 24.39 38.86
C VAL Q 321 -13.02 24.38 37.38
N ILE Q 322 -12.28 25.21 36.64
CA ILE Q 322 -12.31 25.16 35.18
C ILE Q 322 -10.98 24.57 34.73
N VAL Q 323 -11.04 23.63 33.78
CA VAL Q 323 -9.85 23.06 33.18
C VAL Q 323 -9.68 23.61 31.77
N MET Q 324 -8.54 24.26 31.54
CA MET Q 324 -8.18 24.80 30.24
C MET Q 324 -7.00 23.98 29.72
N ALA Q 325 -7.07 23.59 28.45
CA ALA Q 325 -5.98 22.81 27.87
C ALA Q 325 -5.61 23.34 26.50
N ALA Q 326 -4.33 23.19 26.14
CA ALA Q 326 -3.83 23.71 24.88
C ALA Q 326 -3.33 22.56 24.01
N THR Q 327 -3.66 22.65 22.73
CA THR Q 327 -3.18 21.74 21.71
C THR Q 327 -3.18 22.47 20.37
N ASN Q 328 -2.57 21.82 19.36
CA ASN Q 328 -2.45 22.36 18.01
C ASN Q 328 -3.78 22.34 17.27
N ARG Q 329 -4.37 21.14 17.13
CA ARG Q 329 -5.64 20.98 16.44
C ARG Q 329 -6.46 19.93 17.18
N PRO Q 330 -7.82 19.97 17.12
CA PRO Q 330 -8.65 18.98 17.80
C PRO Q 330 -8.32 17.55 17.35
N ASN Q 331 -7.80 17.41 16.13
CA ASN Q 331 -7.48 16.10 15.58
C ASN Q 331 -6.23 15.53 16.25
N SER Q 332 -5.54 16.36 17.04
CA SER Q 332 -4.32 15.93 17.73
C SER Q 332 -4.67 14.94 18.85
N ILE Q 333 -5.82 15.16 19.49
CA ILE Q 333 -6.12 14.61 20.81
C ILE Q 333 -7.27 13.61 20.72
N ASP Q 334 -7.29 12.67 21.67
CA ASP Q 334 -8.34 11.66 21.76
C ASP Q 334 -9.70 12.32 21.81
N PRO Q 335 -10.64 11.95 20.91
CA PRO Q 335 -11.92 12.65 20.78
C PRO Q 335 -12.80 12.52 22.03
N ALA Q 336 -12.46 11.59 22.92
CA ALA Q 336 -13.21 11.39 24.14
C ALA Q 336 -13.17 12.63 25.03
N LEU Q 337 -12.08 13.41 24.90
CA LEU Q 337 -11.86 14.62 25.67
C LEU Q 337 -12.90 15.69 25.32
N ARG Q 338 -13.56 15.52 24.18
CA ARG Q 338 -14.50 16.52 23.72
C ARG Q 338 -15.94 16.12 24.05
N ARG Q 339 -16.13 15.09 24.87
CA ARG Q 339 -17.47 14.66 25.28
C ARG Q 339 -18.20 15.75 26.07
N PHE Q 340 -19.42 15.45 26.52
CA PHE Q 340 -20.31 16.41 27.14
C PHE Q 340 -19.66 17.05 28.38
N GLY Q 341 -19.27 16.21 29.35
CA GLY Q 341 -18.74 16.68 30.62
C GLY Q 341 -17.35 17.30 30.50
N ARG Q 342 -16.56 16.75 29.59
CA ARG Q 342 -15.13 17.05 29.44
C ARG Q 342 -14.97 18.31 28.61
N PHE Q 343 -13.84 18.53 27.98
CA PHE Q 343 -13.58 19.70 27.12
C PHE Q 343 -14.70 19.98 26.11
N ASP Q 344 -15.81 20.52 26.59
CA ASP Q 344 -17.00 20.69 25.78
C ASP Q 344 -16.97 22.04 25.06
N ARG Q 345 -16.00 22.91 25.37
CA ARG Q 345 -15.92 24.21 24.70
C ARG Q 345 -14.53 24.35 24.07
N GLU Q 346 -14.49 24.86 22.83
CA GLU Q 346 -13.24 25.08 22.08
C GLU Q 346 -13.15 26.55 21.69
N VAL Q 347 -11.97 27.15 21.87
CA VAL Q 347 -11.70 28.48 21.35
C VAL Q 347 -10.44 28.39 20.49
N ASP Q 348 -10.46 29.03 19.32
CA ASP Q 348 -9.36 28.98 18.38
C ASP Q 348 -8.51 30.24 18.51
N ILE Q 349 -7.33 30.10 19.11
CA ILE Q 349 -6.41 31.22 19.15
C ILE Q 349 -5.49 31.09 17.93
N GLY Q 350 -5.67 31.97 16.97
CA GLY Q 350 -5.01 31.84 15.68
C GLY Q 350 -3.83 32.80 15.49
N ILE Q 351 -3.27 32.78 14.28
CA ILE Q 351 -2.21 33.69 13.92
C ILE Q 351 -2.78 35.10 13.89
N PRO Q 352 -2.09 36.12 14.44
CA PRO Q 352 -2.67 37.46 14.50
C PRO Q 352 -2.51 38.23 13.19
N ASP Q 353 -3.43 39.19 12.97
CA ASP Q 353 -3.33 40.18 11.92
C ASP Q 353 -2.26 41.20 12.26
N ALA Q 354 -1.96 42.06 11.29
CA ALA Q 354 -0.97 43.11 11.47
C ALA Q 354 -1.37 43.97 12.67
N THR Q 355 -2.67 44.23 12.82
CA THR Q 355 -3.16 45.08 13.89
C THR Q 355 -2.76 44.43 15.21
N GLY Q 356 -2.99 43.12 15.31
CA GLY Q 356 -2.66 42.34 16.49
C GLY Q 356 -1.15 42.28 16.71
N ARG Q 357 -0.42 42.18 15.61
CA ARG Q 357 1.03 42.12 15.72
C ARG Q 357 1.55 43.40 16.35
N LEU Q 358 0.96 44.53 15.95
CA LEU Q 358 1.35 45.82 16.47
C LEU Q 358 1.13 45.86 17.98
N GLU Q 359 -0.06 45.41 18.43
CA GLU Q 359 -0.33 45.37 19.84
C GLU Q 359 0.72 44.52 20.57
N ILE Q 360 1.09 43.37 19.97
CA ILE Q 360 2.01 42.43 20.59
C ILE Q 360 3.39 43.09 20.72
N LEU Q 361 3.82 43.76 19.65
CA LEU Q 361 5.08 44.48 19.64
C LEU Q 361 5.08 45.55 20.74
N GLN Q 362 3.95 46.24 20.87
CA GLN Q 362 3.81 47.29 21.86
C GLN Q 362 3.98 46.69 23.26
N ILE Q 363 3.29 45.56 23.48
CA ILE Q 363 3.37 44.90 24.76
C ILE Q 363 4.83 44.59 25.07
N HIS Q 364 5.58 44.14 24.06
CA HIS Q 364 6.91 43.62 24.32
C HIS Q 364 7.97 44.70 24.23
N THR Q 365 7.56 45.95 24.00
CA THR Q 365 8.54 47.01 24.01
C THR Q 365 8.24 47.98 25.16
N LYS Q 366 7.34 47.58 26.07
CA LYS Q 366 6.81 48.51 27.04
C LYS Q 366 7.88 48.94 28.03
N ASN Q 367 8.85 48.05 28.30
CA ASN Q 367 9.85 48.41 29.30
C ASN Q 367 11.13 48.88 28.62
N MET Q 368 11.03 49.18 27.30
CA MET Q 368 12.23 49.42 26.51
C MET Q 368 12.22 50.87 26.07
N LYS Q 369 13.40 51.50 26.04
CA LYS Q 369 13.46 52.82 25.46
C LYS Q 369 13.65 52.63 23.96
N LEU Q 370 12.67 53.14 23.19
CA LEU Q 370 12.75 53.01 21.74
C LEU Q 370 13.05 54.38 21.13
N ALA Q 371 14.09 54.43 20.29
CA ALA Q 371 14.39 55.64 19.55
C ALA Q 371 13.21 56.05 18.67
N ASP Q 372 13.25 57.30 18.18
CA ASP Q 372 12.16 57.85 17.41
C ASP Q 372 12.10 57.20 16.05
N ASP Q 373 13.23 56.61 15.64
CA ASP Q 373 13.35 56.00 14.32
C ASP Q 373 12.56 54.68 14.25
N VAL Q 374 12.18 54.13 15.42
CA VAL Q 374 11.50 52.85 15.46
C VAL Q 374 10.09 53.02 14.94
N ASP Q 375 9.73 52.21 13.93
CA ASP Q 375 8.39 52.19 13.38
C ASP Q 375 7.79 50.80 13.62
N LEU Q 376 7.11 50.67 14.76
CA LEU Q 376 6.56 49.38 15.10
C LEU Q 376 5.51 48.95 14.08
N GLU Q 377 4.88 49.93 13.42
CA GLU Q 377 3.88 49.61 12.40
C GLU Q 377 4.55 48.87 11.24
N GLN Q 378 5.71 49.37 10.81
CA GLN Q 378 6.49 48.73 9.77
C GLN Q 378 6.75 47.29 10.18
N VAL Q 379 7.31 47.13 11.38
CA VAL Q 379 7.64 45.81 11.86
C VAL Q 379 6.39 44.94 11.82
N ALA Q 380 5.28 45.49 12.29
CA ALA Q 380 4.03 44.75 12.33
C ALA Q 380 3.64 44.31 10.92
N ASN Q 381 3.79 45.23 9.95
CA ASN Q 381 3.36 44.97 8.59
C ASN Q 381 4.19 43.86 7.97
N GLU Q 382 5.51 43.94 8.14
CA GLU Q 382 6.38 43.02 7.45
C GLU Q 382 6.41 41.65 8.13
N THR Q 383 5.94 41.55 9.38
CA THR Q 383 6.05 40.30 10.09
C THR Q 383 4.85 39.41 9.81
N HIS Q 384 4.56 39.18 8.54
CA HIS Q 384 3.49 38.29 8.11
C HIS Q 384 3.68 36.90 8.70
N GLY Q 385 2.56 36.30 9.12
CA GLY Q 385 2.52 34.91 9.58
C GLY Q 385 3.26 34.66 10.89
N HIS Q 386 3.62 35.72 11.62
CA HIS Q 386 4.32 35.58 12.87
C HIS Q 386 3.31 35.49 14.00
N VAL Q 387 3.61 34.62 14.98
CA VAL Q 387 2.82 34.54 16.19
C VAL Q 387 3.48 35.39 17.28
N GLY Q 388 2.76 35.55 18.39
CA GLY Q 388 3.23 36.32 19.53
C GLY Q 388 4.67 35.99 19.91
N ALA Q 389 4.96 34.70 20.08
CA ALA Q 389 6.28 34.25 20.50
C ALA Q 389 7.38 34.74 19.56
N ASP Q 390 7.05 34.79 18.26
CA ASP Q 390 8.00 35.22 17.24
C ASP Q 390 8.34 36.69 17.50
N LEU Q 391 7.27 37.48 17.68
CA LEU Q 391 7.38 38.90 17.88
C LEU Q 391 8.15 39.17 19.16
N ALA Q 392 7.78 38.46 20.23
CA ALA Q 392 8.44 38.64 21.51
C ALA Q 392 9.95 38.43 21.34
N ALA Q 393 10.33 37.34 20.67
CA ALA Q 393 11.72 37.03 20.44
C ALA Q 393 12.40 38.10 19.59
N LEU Q 394 11.64 38.67 18.64
CA LEU Q 394 12.23 39.69 17.80
C LEU Q 394 12.63 40.87 18.67
N CYS Q 395 11.74 41.25 19.59
CA CYS Q 395 12.00 42.38 20.48
C CYS Q 395 13.23 42.09 21.33
N SER Q 396 13.31 40.88 21.88
CA SER Q 396 14.49 40.50 22.66
C SER Q 396 15.74 40.67 21.82
N GLU Q 397 15.71 40.13 20.61
CA GLU Q 397 16.92 40.03 19.82
C GLU Q 397 17.40 41.43 19.51
N ALA Q 398 16.45 42.35 19.32
CA ALA Q 398 16.76 43.74 19.01
C ALA Q 398 17.45 44.39 20.20
N ALA Q 399 16.83 44.22 21.39
CA ALA Q 399 17.42 44.69 22.63
C ALA Q 399 18.86 44.23 22.76
N LEU Q 400 19.06 42.91 22.65
CA LEU Q 400 20.36 42.32 22.89
C LEU Q 400 21.40 42.85 21.89
N GLN Q 401 20.96 43.13 20.66
CA GLN Q 401 21.87 43.68 19.67
C GLN Q 401 22.35 45.05 20.15
N ALA Q 402 21.37 45.88 20.54
CA ALA Q 402 21.59 47.21 21.08
C ALA Q 402 22.63 47.17 22.20
N ILE Q 403 22.36 46.32 23.21
CA ILE Q 403 23.28 46.08 24.31
C ILE Q 403 24.65 45.68 23.77
N ARG Q 404 24.68 44.69 22.87
CA ARG Q 404 25.94 44.24 22.31
C ARG Q 404 26.74 45.41 21.72
N LYS Q 405 26.07 46.26 20.95
CA LYS Q 405 26.76 47.37 20.30
C LYS Q 405 27.36 48.30 21.35
N LYS Q 406 26.60 48.56 22.42
CA LYS Q 406 26.99 49.50 23.45
C LYS Q 406 28.13 48.92 24.28
N MET Q 407 28.07 47.61 24.54
CA MET Q 407 29.07 46.92 25.36
C MET Q 407 30.47 47.11 24.74
N ASP Q 408 30.50 47.23 23.41
CA ASP Q 408 31.76 47.50 22.73
C ASP Q 408 32.28 48.89 23.08
N LEU Q 409 31.38 49.87 23.15
CA LEU Q 409 31.72 51.26 23.41
C LEU Q 409 32.02 51.50 24.89
N ILE Q 410 31.58 50.59 25.76
CA ILE Q 410 31.84 50.66 27.19
C ILE Q 410 33.23 50.09 27.49
N ASP Q 411 34.03 49.90 26.43
CA ASP Q 411 35.44 49.55 26.56
C ASP Q 411 36.24 50.60 27.36
N LEU Q 412 35.64 51.76 27.65
CA LEU Q 412 36.32 52.83 28.38
C LEU Q 412 36.68 52.50 29.83
N GLU Q 413 35.74 52.62 30.77
CA GLU Q 413 35.97 52.11 32.10
C GLU Q 413 34.69 51.64 32.78
N ASP Q 414 33.54 51.94 32.18
CA ASP Q 414 32.23 51.60 32.74
C ASP Q 414 32.10 50.09 32.89
N GLU Q 415 31.41 49.66 33.96
CA GLU Q 415 31.18 48.26 34.30
C GLU Q 415 30.19 47.65 33.32
N THR Q 416 29.88 46.35 33.46
CA THR Q 416 28.88 45.71 32.60
C THR Q 416 27.58 46.51 32.68
N ILE Q 417 27.47 47.52 31.81
CA ILE Q 417 26.39 48.48 31.73
C ILE Q 417 26.02 48.92 33.16
N ASP Q 418 24.72 49.03 33.44
CA ASP Q 418 24.18 49.54 34.69
C ASP Q 418 22.69 49.75 34.44
N ALA Q 419 21.90 49.83 35.53
CA ALA Q 419 20.50 50.20 35.43
C ALA Q 419 20.35 51.52 34.67
N GLU Q 420 21.21 52.49 34.97
CA GLU Q 420 21.17 53.83 34.38
C GLU Q 420 21.47 53.78 32.89
N VAL Q 421 22.61 53.17 32.52
CA VAL Q 421 23.04 53.13 31.13
C VAL Q 421 22.06 52.27 30.32
N MET Q 422 21.53 51.20 30.94
CA MET Q 422 20.46 50.40 30.36
C MET Q 422 19.24 51.27 30.06
N ASN Q 423 18.94 52.20 30.98
CA ASN Q 423 17.83 53.15 30.83
C ASN Q 423 18.16 54.21 29.79
N SER Q 424 19.45 54.56 29.68
CA SER Q 424 19.88 55.53 28.68
C SER Q 424 19.92 54.89 27.28
N LEU Q 425 20.05 53.55 27.22
CA LEU Q 425 20.20 52.81 25.97
C LEU Q 425 18.86 52.76 25.25
N ALA Q 426 18.90 53.19 23.99
CA ALA Q 426 17.71 53.14 23.15
C ALA Q 426 17.87 52.04 22.09
N VAL Q 427 16.82 51.22 21.93
CA VAL Q 427 16.81 50.31 20.81
C VAL Q 427 16.38 51.10 19.58
N THR Q 428 17.15 50.98 18.50
CA THR Q 428 16.93 51.73 17.27
C THR Q 428 16.29 50.85 16.21
N MET Q 429 15.86 51.48 15.11
CA MET Q 429 15.19 50.73 14.06
C MET Q 429 16.19 49.76 13.44
N ASP Q 430 17.47 50.19 13.38
CA ASP Q 430 18.51 49.35 12.82
C ASP Q 430 18.63 48.07 13.63
N ASP Q 431 18.41 48.18 14.95
CA ASP Q 431 18.44 47.03 15.84
C ASP Q 431 17.33 46.05 15.45
N PHE Q 432 16.12 46.59 15.23
CA PHE Q 432 15.00 45.81 14.75
C PHE Q 432 15.34 45.20 13.38
N ARG Q 433 15.93 46.04 12.52
CA ARG Q 433 16.30 45.59 11.19
C ARG Q 433 17.25 44.39 11.31
N TRP Q 434 18.26 44.49 12.16
CA TRP Q 434 19.20 43.39 12.32
C TRP Q 434 18.43 42.12 12.67
N ALA Q 435 17.52 42.23 13.63
CA ALA Q 435 16.71 41.12 14.12
C ALA Q 435 15.87 40.54 12.99
N LEU Q 436 15.17 41.42 12.27
CA LEU Q 436 14.29 40.98 11.20
C LEU Q 436 15.09 40.32 10.10
N SER Q 437 16.39 40.67 10.01
CA SER Q 437 17.19 40.28 8.88
C SER Q 437 17.90 38.95 9.15
N GLN Q 438 17.66 38.36 10.32
CA GLN Q 438 18.57 37.36 10.88
C GLN Q 438 17.94 35.98 10.74
N ASN R 1 -59.91 -6.69 37.79
CA ASN R 1 -61.09 -7.26 38.50
C ASN R 1 -62.31 -6.36 38.29
N ARG R 2 -62.66 -5.58 39.32
CA ARG R 2 -63.57 -4.43 39.29
C ARG R 2 -63.04 -3.44 38.26
N PRO R 3 -63.90 -2.73 37.49
CA PRO R 3 -63.46 -1.73 36.51
C PRO R 3 -62.77 -0.49 37.07
N ASN R 4 -62.90 -0.26 38.38
CA ASN R 4 -62.17 0.81 39.07
C ASN R 4 -60.65 0.55 39.07
N ARG R 5 -60.23 -0.72 38.86
CA ARG R 5 -58.81 -1.07 38.74
C ARG R 5 -58.31 -0.78 37.33
N LEU R 6 -57.17 -0.07 37.25
CA LEU R 6 -56.53 0.36 36.01
C LEU R 6 -55.02 0.19 36.11
N ILE R 7 -54.35 0.21 34.95
CA ILE R 7 -52.91 0.01 34.88
C ILE R 7 -52.23 1.37 34.73
N VAL R 8 -51.22 1.63 35.58
CA VAL R 8 -50.51 2.89 35.59
C VAL R 8 -49.72 3.05 34.30
N ASP R 9 -49.92 4.18 33.62
CA ASP R 9 -49.23 4.47 32.38
C ASP R 9 -48.55 5.83 32.48
N GLU R 10 -47.69 6.15 31.52
CA GLU R 10 -46.99 7.43 31.48
C GLU R 10 -48.02 8.55 31.27
N ALA R 11 -47.59 9.79 31.51
CA ALA R 11 -48.50 10.92 31.48
C ALA R 11 -48.25 11.80 30.27
N ILE R 12 -49.31 12.11 29.50
CA ILE R 12 -49.24 13.12 28.45
C ILE R 12 -49.15 14.52 29.04
N ASN R 13 -49.99 14.81 30.05
CA ASN R 13 -49.97 16.12 30.70
C ASN R 13 -49.14 16.04 31.97
N GLU R 14 -48.19 16.96 32.12
CA GLU R 14 -47.21 16.87 33.20
C GLU R 14 -47.67 17.62 34.45
N ASP R 15 -48.91 18.08 34.48
CA ASP R 15 -49.46 18.71 35.67
C ASP R 15 -49.63 17.70 36.79
N ASN R 16 -49.13 18.04 37.98
CA ASN R 16 -49.05 17.10 39.09
C ASN R 16 -50.43 16.61 39.48
N SER R 17 -51.45 17.44 39.23
CA SER R 17 -52.76 17.22 39.80
C SER R 17 -53.68 16.57 38.78
N VAL R 18 -53.12 16.10 37.66
CA VAL R 18 -53.94 15.57 36.59
C VAL R 18 -53.67 14.08 36.39
N VAL R 19 -54.77 13.32 36.23
CA VAL R 19 -54.73 11.95 35.74
C VAL R 19 -55.65 11.85 34.53
N SER R 20 -55.33 10.92 33.63
CA SER R 20 -56.03 10.82 32.37
C SER R 20 -56.57 9.40 32.16
N LEU R 21 -57.80 9.34 31.63
CA LEU R 21 -58.55 8.11 31.34
C LEU R 21 -59.18 8.25 29.96
N SER R 22 -59.52 7.10 29.34
CA SER R 22 -60.30 7.16 28.11
C SER R 22 -61.71 7.65 28.46
N GLN R 23 -62.33 8.40 27.54
CA GLN R 23 -63.68 8.87 27.78
C GLN R 23 -64.59 7.67 28.08
N PRO R 24 -64.55 6.58 27.26
CA PRO R 24 -65.28 5.35 27.58
C PRO R 24 -65.24 5.00 29.06
N LYS R 25 -64.02 4.96 29.61
CA LYS R 25 -63.81 4.54 30.98
C LYS R 25 -64.41 5.56 31.94
N MET R 26 -64.29 6.85 31.58
CA MET R 26 -64.82 7.94 32.39
C MET R 26 -66.35 7.84 32.42
N ASP R 27 -66.95 7.58 31.25
CA ASP R 27 -68.37 7.36 31.11
C ASP R 27 -68.81 6.16 31.95
N GLU R 28 -68.13 5.03 31.74
CA GLU R 28 -68.36 3.81 32.49
C GLU R 28 -68.33 4.07 33.99
N LEU R 29 -67.41 4.92 34.46
CA LEU R 29 -67.24 5.19 35.88
C LEU R 29 -68.01 6.44 36.28
N GLN R 30 -68.75 7.02 35.31
CA GLN R 30 -69.55 8.23 35.49
C GLN R 30 -68.68 9.35 36.02
N LEU R 31 -67.64 9.71 35.26
CA LEU R 31 -66.71 10.75 35.66
C LEU R 31 -66.84 11.93 34.72
N PHE R 32 -66.82 13.12 35.33
CA PHE R 32 -66.94 14.37 34.59
C PHE R 32 -65.57 15.04 34.54
N ARG R 33 -65.27 15.72 33.42
CA ARG R 33 -64.01 16.40 33.28
C ARG R 33 -63.77 17.32 34.48
N GLY R 34 -62.70 17.08 35.22
CA GLY R 34 -62.34 17.97 36.32
C GLY R 34 -62.78 17.42 37.67
N ASP R 35 -63.52 16.31 37.63
CA ASP R 35 -63.97 15.67 38.85
C ASP R 35 -62.75 15.26 39.66
N THR R 36 -62.73 15.63 40.95
CA THR R 36 -61.74 15.08 41.84
C THR R 36 -61.97 13.59 42.02
N VAL R 37 -60.89 12.81 41.87
CA VAL R 37 -60.92 11.37 42.04
C VAL R 37 -59.95 10.98 43.16
N LEU R 38 -60.26 9.87 43.84
CA LEU R 38 -59.37 9.31 44.84
C LEU R 38 -58.73 8.04 44.27
N LEU R 39 -57.39 8.00 44.32
CA LEU R 39 -56.65 6.87 43.78
C LEU R 39 -56.01 6.12 44.95
N LYS R 40 -56.13 4.79 44.92
CA LYS R 40 -55.54 3.97 45.97
C LYS R 40 -54.43 3.14 45.33
N GLY R 41 -53.31 3.01 46.07
CA GLY R 41 -52.14 2.29 45.60
C GLY R 41 -51.56 1.37 46.66
N LYS R 42 -50.28 1.01 46.50
CA LYS R 42 -49.59 0.09 47.39
C LYS R 42 -49.28 0.80 48.71
N LYS R 43 -48.82 0.02 49.70
CA LYS R 43 -48.51 0.48 51.04
C LYS R 43 -49.67 1.30 51.61
N ARG R 44 -50.90 0.98 51.12
CA ARG R 44 -52.16 1.60 51.53
C ARG R 44 -52.11 3.11 51.33
N ARG R 45 -51.24 3.58 50.43
CA ARG R 45 -51.12 5.00 50.12
C ARG R 45 -52.32 5.45 49.29
N GLU R 46 -52.66 6.74 49.39
CA GLU R 46 -53.80 7.31 48.68
C GLU R 46 -53.42 8.67 48.09
N ALA R 47 -54.16 9.08 47.05
CA ALA R 47 -53.94 10.38 46.43
C ALA R 47 -55.21 10.87 45.74
N VAL R 48 -55.36 12.19 45.66
CA VAL R 48 -56.52 12.81 45.05
C VAL R 48 -56.05 13.68 43.89
N CYS R 49 -56.79 13.62 42.77
CA CYS R 49 -56.37 14.26 41.53
C CYS R 49 -57.59 14.71 40.74
N ILE R 50 -57.34 15.41 39.65
CA ILE R 50 -58.33 15.86 38.68
C ILE R 50 -58.30 14.90 37.49
N VAL R 51 -59.48 14.47 37.04
CA VAL R 51 -59.50 13.55 35.91
C VAL R 51 -59.83 14.30 34.63
N LEU R 52 -59.14 13.94 33.54
CA LEU R 52 -59.38 14.48 32.21
C LEU R 52 -59.33 13.33 31.22
N SER R 53 -59.61 13.60 29.94
CA SER R 53 -59.76 12.51 28.98
C SER R 53 -58.62 12.55 27.97
N ASP R 54 -57.94 11.41 27.80
CA ASP R 54 -56.91 11.30 26.78
C ASP R 54 -57.37 10.31 25.71
N ASP R 55 -57.36 10.75 24.45
CA ASP R 55 -57.72 9.92 23.33
C ASP R 55 -56.82 8.67 23.29
N THR R 56 -55.51 8.90 23.45
CA THR R 56 -54.50 7.86 23.29
C THR R 56 -54.56 6.85 24.45
N CYS R 57 -55.14 7.24 25.57
CA CYS R 57 -55.16 6.40 26.76
C CYS R 57 -56.06 5.20 26.50
N SER R 58 -55.47 4.00 26.57
CA SER R 58 -56.18 2.73 26.53
C SER R 58 -57.14 2.64 27.71
N ASP R 59 -58.30 2.00 27.50
CA ASP R 59 -59.43 2.08 28.41
C ASP R 59 -59.05 1.50 29.77
N GLU R 60 -58.15 0.51 29.75
CA GLU R 60 -57.80 -0.23 30.96
C GLU R 60 -56.62 0.43 31.69
N LYS R 61 -56.18 1.60 31.19
CA LYS R 61 -55.00 2.25 31.74
C LYS R 61 -55.33 3.65 32.27
N ILE R 62 -54.49 4.15 33.19
CA ILE R 62 -54.54 5.51 33.70
C ILE R 62 -53.18 6.16 33.47
N ARG R 63 -53.20 7.44 33.07
CA ARG R 63 -51.97 8.18 32.91
C ARG R 63 -51.77 9.09 34.11
N MET R 64 -50.63 8.90 34.80
CA MET R 64 -50.29 9.78 35.90
C MET R 64 -48.79 10.10 35.87
N ASN R 65 -48.45 11.34 36.26
CA ASN R 65 -47.06 11.78 36.36
C ASN R 65 -46.39 11.07 37.52
N ARG R 66 -45.08 11.31 37.66
CA ARG R 66 -44.24 10.54 38.54
C ARG R 66 -44.50 11.00 39.98
N VAL R 67 -44.98 12.24 40.14
CA VAL R 67 -45.35 12.75 41.46
C VAL R 67 -46.40 11.81 42.08
N VAL R 68 -47.50 11.62 41.34
CA VAL R 68 -48.62 10.79 41.75
C VAL R 68 -48.16 9.36 42.02
N ARG R 69 -47.41 8.79 41.07
CA ARG R 69 -46.97 7.41 41.18
C ARG R 69 -46.24 7.21 42.51
N ASN R 70 -45.36 8.16 42.85
CA ASN R 70 -44.58 8.09 44.07
C ASN R 70 -45.49 8.15 45.29
N ASN R 71 -46.47 9.05 45.24
CA ASN R 71 -47.42 9.24 46.32
C ASN R 71 -48.24 7.97 46.50
N LEU R 72 -48.57 7.30 45.41
CA LEU R 72 -49.31 6.05 45.47
C LEU R 72 -48.36 4.87 45.66
N ARG R 73 -47.05 5.15 45.77
CA ARG R 73 -46.01 4.11 45.84
C ARG R 73 -46.22 3.01 44.80
N VAL R 74 -46.59 3.40 43.57
CA VAL R 74 -46.68 2.46 42.46
C VAL R 74 -45.65 2.83 41.39
N ARG R 75 -45.37 1.88 40.51
CA ARG R 75 -44.49 2.08 39.36
C ARG R 75 -45.30 1.84 38.09
N LEU R 76 -44.74 2.23 36.95
CA LEU R 76 -45.42 2.04 35.69
C LEU R 76 -45.72 0.56 35.49
N GLY R 77 -46.99 0.27 35.16
CA GLY R 77 -47.43 -1.10 34.92
C GLY R 77 -48.16 -1.70 36.12
N ASP R 78 -48.12 -1.01 37.26
CA ASP R 78 -48.84 -1.45 38.45
C ASP R 78 -50.34 -1.19 38.25
N VAL R 79 -51.15 -1.69 39.19
CA VAL R 79 -52.59 -1.49 39.12
C VAL R 79 -53.01 -0.56 40.26
N ILE R 80 -53.99 0.32 40.00
CA ILE R 80 -54.52 1.21 41.01
C ILE R 80 -56.04 1.14 40.99
N SER R 81 -56.68 1.69 42.03
CA SER R 81 -58.14 1.79 42.11
C SER R 81 -58.54 3.26 42.07
N ILE R 82 -59.55 3.54 41.24
CA ILE R 82 -60.07 4.90 41.11
C ILE R 82 -61.51 4.92 41.59
N GLN R 83 -61.81 5.85 42.50
CA GLN R 83 -63.17 6.09 42.95
C GLN R 83 -63.38 7.60 42.99
N PRO R 84 -64.62 8.08 42.72
CA PRO R 84 -64.95 9.50 42.86
C PRO R 84 -64.83 10.01 44.31
N CYS R 85 -64.56 11.31 44.42
CA CYS R 85 -64.34 11.94 45.70
C CYS R 85 -65.07 13.28 45.68
N PRO R 86 -66.42 13.28 45.72
CA PRO R 86 -67.20 14.53 45.62
C PRO R 86 -67.27 15.31 46.93
N ASP R 87 -66.78 14.70 48.01
CA ASP R 87 -66.75 15.24 49.36
C ASP R 87 -65.57 16.20 49.54
N VAL R 88 -65.04 16.72 48.43
CA VAL R 88 -63.95 17.69 48.43
C VAL R 88 -64.45 19.05 48.91
N LYS R 89 -63.92 19.48 50.06
CA LYS R 89 -64.29 20.76 50.65
C LYS R 89 -63.16 21.75 50.42
N TYR R 90 -63.44 22.93 49.83
CA TYR R 90 -62.48 24.01 49.81
C TYR R 90 -61.96 24.23 51.23
N GLY R 91 -60.84 23.58 51.56
CA GLY R 91 -60.26 23.64 52.88
C GLY R 91 -59.79 25.04 53.26
N LYS R 92 -59.66 25.28 54.57
CA LYS R 92 -59.38 26.61 55.06
C LYS R 92 -57.86 26.79 55.19
N ARG R 93 -57.21 25.90 55.96
CA ARG R 93 -55.81 26.01 56.31
C ARG R 93 -55.05 24.74 55.90
N ILE R 94 -53.96 24.91 55.11
CA ILE R 94 -53.02 23.84 54.81
C ILE R 94 -51.63 24.21 55.27
N HIS R 95 -50.88 23.20 55.71
CA HIS R 95 -49.52 23.38 56.17
C HIS R 95 -48.56 22.50 55.37
N VAL R 96 -47.62 23.15 54.67
CA VAL R 96 -46.70 22.48 53.77
C VAL R 96 -45.27 22.84 54.14
N LEU R 97 -44.39 21.84 54.07
CA LEU R 97 -42.99 22.05 54.41
C LEU R 97 -42.11 21.43 53.32
N PRO R 98 -40.98 22.06 52.96
CA PRO R 98 -40.10 21.51 51.93
C PRO R 98 -39.20 20.41 52.47
N ILE R 99 -38.82 19.46 51.60
CA ILE R 99 -37.84 18.43 51.90
C ILE R 99 -36.45 19.02 51.78
N ASP R 100 -35.56 18.64 52.71
CA ASP R 100 -34.27 19.29 52.92
C ASP R 100 -33.42 19.31 51.64
N ASP R 101 -33.24 18.14 51.01
CA ASP R 101 -32.38 18.01 49.83
C ASP R 101 -32.76 19.02 48.74
N THR R 102 -34.07 19.20 48.51
CA THR R 102 -34.54 20.04 47.43
C THR R 102 -34.27 21.53 47.64
N VAL R 103 -34.10 21.95 48.90
CA VAL R 103 -34.05 23.39 49.16
C VAL R 103 -32.64 23.85 49.52
N GLU R 104 -31.65 22.96 49.43
CA GLU R 104 -30.27 23.31 49.74
C GLU R 104 -29.80 24.43 48.83
N GLY R 105 -29.42 25.57 49.42
CA GLY R 105 -28.95 26.70 48.63
C GLY R 105 -30.06 27.70 48.30
N ILE R 106 -31.31 27.24 48.34
CA ILE R 106 -32.44 28.10 48.03
C ILE R 106 -32.64 29.04 49.20
N THR R 107 -32.71 30.35 48.91
CA THR R 107 -32.79 31.37 49.94
C THR R 107 -33.87 32.38 49.55
N GLY R 108 -35.10 31.90 49.34
CA GLY R 108 -36.21 32.79 49.03
C GLY R 108 -37.37 32.59 50.00
N ASN R 109 -38.42 33.40 49.82
CA ASN R 109 -39.70 33.06 50.42
C ASN R 109 -40.37 32.08 49.47
N LEU R 110 -40.27 30.80 49.89
CA LEU R 110 -40.77 29.65 49.17
C LEU R 110 -42.21 29.88 48.74
N PHE R 111 -42.97 30.60 49.58
CA PHE R 111 -44.37 30.88 49.25
C PHE R 111 -44.45 31.62 47.93
N GLU R 112 -43.82 32.81 47.87
CA GLU R 112 -43.97 33.69 46.72
C GLU R 112 -43.41 33.04 45.48
N VAL R 113 -42.21 32.45 45.60
CA VAL R 113 -41.52 31.86 44.46
C VAL R 113 -42.20 30.57 44.00
N TYR R 114 -42.38 29.60 44.91
CA TYR R 114 -42.87 28.27 44.53
C TYR R 114 -44.37 28.15 44.77
N LEU R 115 -44.78 28.15 46.06
CA LEU R 115 -46.09 27.71 46.51
C LEU R 115 -47.21 28.58 45.92
N LYS R 116 -47.07 29.91 46.02
CA LYS R 116 -48.14 30.82 45.63
C LYS R 116 -48.62 30.54 44.21
N PRO R 117 -47.77 30.63 43.17
CA PRO R 117 -48.22 30.45 41.78
C PRO R 117 -48.59 28.99 41.46
N TYR R 118 -48.08 28.03 42.24
CA TYR R 118 -48.43 26.64 42.07
C TYR R 118 -49.94 26.49 42.26
N PHE R 119 -50.41 26.96 43.43
CA PHE R 119 -51.76 26.76 43.92
C PHE R 119 -52.73 27.79 43.34
N LEU R 120 -52.18 28.93 42.90
CA LEU R 120 -52.98 30.11 42.59
C LEU R 120 -54.05 29.79 41.55
N GLU R 121 -55.32 29.88 41.96
CA GLU R 121 -56.49 29.71 41.12
C GLU R 121 -56.44 28.38 40.38
N ALA R 122 -55.70 27.44 40.96
CA ALA R 122 -55.54 26.11 40.38
C ALA R 122 -56.68 25.22 40.87
N TYR R 123 -57.13 25.49 42.10
CA TYR R 123 -58.14 24.70 42.76
C TYR R 123 -57.66 23.25 42.85
N ARG R 124 -56.41 23.09 43.29
CA ARG R 124 -55.74 21.80 43.29
C ARG R 124 -56.22 20.97 44.47
N PRO R 125 -56.69 19.72 44.25
CA PRO R 125 -56.96 18.80 45.35
C PRO R 125 -55.65 18.34 45.96
N ILE R 126 -55.57 18.31 47.30
CA ILE R 126 -54.40 17.84 48.01
C ILE R 126 -54.82 16.90 49.14
N ARG R 127 -53.95 15.95 49.48
CA ARG R 127 -54.19 15.05 50.60
C ARG R 127 -53.03 15.17 51.59
N LYS R 128 -53.28 14.83 52.85
CA LYS R 128 -52.22 14.90 53.82
C LYS R 128 -51.19 13.87 53.41
N GLY R 129 -49.91 14.19 53.66
CA GLY R 129 -48.82 13.26 53.47
C GLY R 129 -48.36 13.14 52.01
N ASP R 130 -48.97 13.94 51.13
CA ASP R 130 -48.60 14.06 49.73
C ASP R 130 -47.30 14.85 49.62
N ILE R 131 -46.45 14.43 48.68
CA ILE R 131 -45.30 15.23 48.29
C ILE R 131 -45.54 15.72 46.88
N PHE R 132 -45.46 17.03 46.68
CA PHE R 132 -45.67 17.62 45.36
C PHE R 132 -44.39 18.39 44.97
N LEU R 133 -44.29 18.71 43.67
CA LEU R 133 -43.07 19.27 43.13
C LEU R 133 -43.38 20.58 42.42
N VAL R 134 -42.67 21.64 42.80
CA VAL R 134 -42.84 22.92 42.13
C VAL R 134 -41.50 23.28 41.48
N ARG R 135 -41.59 23.72 40.22
CA ARG R 135 -40.38 23.98 39.46
C ARG R 135 -40.24 25.49 39.29
N GLY R 136 -39.02 26.00 39.50
CA GLY R 136 -38.73 27.40 39.22
C GLY R 136 -37.33 27.79 39.69
N GLY R 137 -36.88 28.97 39.24
CA GLY R 137 -35.56 29.50 39.55
C GLY R 137 -34.44 28.49 39.32
N MET R 138 -34.55 27.84 38.17
CA MET R 138 -33.64 26.81 37.70
C MET R 138 -33.46 25.71 38.74
N ARG R 139 -34.53 25.41 39.50
CA ARG R 139 -34.54 24.31 40.47
C ARG R 139 -35.94 23.70 40.52
N ALA R 140 -36.05 22.55 41.20
CA ALA R 140 -37.35 21.99 41.51
C ALA R 140 -37.38 21.55 42.98
N VAL R 141 -38.37 22.07 43.72
CA VAL R 141 -38.48 21.87 45.16
C VAL R 141 -39.62 20.89 45.45
N GLU R 142 -39.37 19.95 46.37
CA GLU R 142 -40.38 19.02 46.83
C GLU R 142 -40.94 19.50 48.16
N PHE R 143 -42.27 19.67 48.21
CA PHE R 143 -42.98 20.01 49.44
C PHE R 143 -43.87 18.85 49.85
N LYS R 144 -43.90 18.56 51.16
CA LYS R 144 -44.83 17.62 51.75
C LYS R 144 -45.96 18.37 52.45
N VAL R 145 -47.20 17.88 52.24
CA VAL R 145 -48.37 18.39 52.93
C VAL R 145 -48.41 17.76 54.32
N VAL R 146 -48.08 18.59 55.35
CA VAL R 146 -47.97 18.11 56.71
C VAL R 146 -49.34 18.13 57.39
N GLU R 147 -50.15 19.18 57.11
CA GLU R 147 -51.49 19.23 57.65
C GLU R 147 -52.45 19.90 56.67
N THR R 148 -53.68 19.40 56.65
CA THR R 148 -54.75 20.02 55.86
C THR R 148 -55.93 20.29 56.77
N ASP R 149 -56.73 21.31 56.40
CA ASP R 149 -57.90 21.76 57.14
C ASP R 149 -58.86 20.59 57.39
N PRO R 150 -59.68 20.10 56.41
CA PRO R 150 -60.27 18.78 56.53
C PRO R 150 -59.15 17.74 56.51
N SER R 151 -59.14 16.82 57.48
CA SER R 151 -57.96 16.03 57.77
C SER R 151 -57.51 15.21 56.57
N PRO R 152 -58.39 14.40 55.92
CA PRO R 152 -57.98 13.64 54.74
C PRO R 152 -57.63 14.56 53.56
N TYR R 153 -58.67 15.08 52.89
CA TYR R 153 -58.52 15.78 51.62
C TYR R 153 -58.95 17.23 51.77
N CYS R 154 -58.60 18.05 50.79
CA CYS R 154 -58.92 19.46 50.76
C CYS R 154 -58.73 19.97 49.33
N ILE R 155 -59.49 20.99 48.94
CA ILE R 155 -59.12 21.71 47.73
C ILE R 155 -58.50 23.06 48.13
N VAL R 156 -57.26 23.30 47.69
CA VAL R 156 -56.63 24.58 47.94
C VAL R 156 -57.25 25.59 46.97
N ALA R 157 -58.12 26.43 47.54
CA ALA R 157 -58.91 27.45 46.84
C ALA R 157 -58.40 28.82 47.27
N PRO R 158 -58.76 29.91 46.54
CA PRO R 158 -58.13 31.22 46.75
C PRO R 158 -57.94 31.61 48.21
N ASP R 159 -59.00 31.46 49.00
CA ASP R 159 -59.06 31.84 50.40
C ASP R 159 -58.35 30.81 51.29
N THR R 160 -57.85 29.72 50.71
CA THR R 160 -57.14 28.73 51.50
C THR R 160 -55.87 29.36 52.05
N VAL R 161 -55.69 29.27 53.37
CA VAL R 161 -54.48 29.76 54.01
C VAL R 161 -53.39 28.70 53.81
N ILE R 162 -52.29 29.14 53.21
CA ILE R 162 -51.13 28.29 52.99
C ILE R 162 -50.06 28.70 53.99
N HIS R 163 -49.61 27.75 54.81
CA HIS R 163 -48.63 28.07 55.84
C HIS R 163 -47.37 27.25 55.61
N CYS R 164 -46.21 27.91 55.59
CA CYS R 164 -44.92 27.26 55.68
C CYS R 164 -44.21 27.65 56.98
N GLU R 165 -43.93 26.63 57.81
CA GLU R 165 -43.41 26.79 59.16
C GLU R 165 -41.91 27.08 59.09
N GLY R 166 -41.27 26.67 57.98
CA GLY R 166 -39.90 27.05 57.70
C GLY R 166 -38.87 26.15 58.39
N GLU R 167 -39.23 24.88 58.62
CA GLU R 167 -38.26 23.88 59.03
C GLU R 167 -38.24 22.76 58.00
N PRO R 168 -37.19 22.64 57.15
CA PRO R 168 -37.14 21.61 56.11
C PRO R 168 -37.17 20.19 56.67
N ILE R 169 -38.13 19.38 56.20
CA ILE R 169 -38.33 18.01 56.67
C ILE R 169 -37.29 17.09 56.02
N LYS R 170 -37.03 15.96 56.68
CA LYS R 170 -36.13 14.94 56.18
C LYS R 170 -36.88 14.08 55.17
N ARG R 171 -36.13 13.29 54.39
CA ARG R 171 -36.71 12.40 53.41
C ARG R 171 -36.81 11.01 54.01
N ALA R 172 -38.03 10.46 54.09
CA ALA R 172 -38.25 9.10 54.57
C ALA R 172 -37.75 8.09 53.54
N ALA R 173 -37.51 6.84 53.98
CA ALA R 173 -36.77 5.86 53.21
C ALA R 173 -37.51 5.45 51.93
N ALA R 174 -38.85 5.39 52.02
CA ALA R 174 -39.69 4.98 50.90
C ALA R 174 -39.88 6.11 49.87
N GLU R 175 -39.62 7.37 50.29
CA GLU R 175 -39.77 8.55 49.45
C GLU R 175 -38.61 8.66 48.46
N GLU R 176 -38.93 8.69 47.15
CA GLU R 176 -37.92 8.81 46.11
C GLU R 176 -37.85 10.24 45.59
N SER R 177 -36.62 10.66 45.24
CA SER R 177 -36.41 11.98 44.69
C SER R 177 -37.07 12.12 43.33
N LEU R 178 -37.72 13.26 43.10
CA LEU R 178 -38.28 13.57 41.80
C LEU R 178 -37.18 14.19 40.95
N ASN R 179 -36.00 14.38 41.55
CA ASN R 179 -34.84 14.85 40.82
C ASN R 179 -34.07 13.65 40.25
N GLU R 180 -34.46 12.42 40.62
CA GLU R 180 -33.97 11.21 39.96
C GLU R 180 -34.41 11.22 38.50
N VAL R 181 -33.63 10.57 37.64
CA VAL R 181 -33.94 10.60 36.21
C VAL R 181 -35.07 9.60 35.94
N GLY R 182 -36.04 10.01 35.11
CA GLY R 182 -37.08 9.09 34.69
C GLY R 182 -37.39 9.22 33.19
N TYR R 183 -38.37 8.44 32.71
CA TYR R 183 -38.70 8.49 31.30
C TYR R 183 -39.10 9.90 30.90
N ASP R 184 -39.61 10.67 31.87
CA ASP R 184 -40.12 12.02 31.64
C ASP R 184 -38.96 12.98 31.35
N ASP R 185 -37.73 12.50 31.54
CA ASP R 185 -36.57 13.36 31.32
C ASP R 185 -35.92 13.01 29.98
N ILE R 186 -36.52 12.05 29.28
CA ILE R 186 -35.97 11.54 28.04
C ILE R 186 -36.94 11.94 26.94
N GLY R 187 -36.45 12.69 25.96
CA GLY R 187 -37.30 13.07 24.83
C GLY R 187 -36.73 12.58 23.50
N GLY R 188 -37.61 12.15 22.60
CA GLY R 188 -37.15 11.84 21.26
C GLY R 188 -36.94 10.35 20.99
N CYS R 189 -36.87 9.48 22.02
CA CYS R 189 -36.54 8.10 21.69
C CYS R 189 -37.71 7.18 22.02
N ARG R 190 -38.91 7.63 21.67
CA ARG R 190 -40.16 6.97 22.03
C ARG R 190 -40.07 5.48 21.72
N LYS R 191 -39.86 5.15 20.45
CA LYS R 191 -39.96 3.79 19.96
C LYS R 191 -38.85 2.94 20.57
N GLN R 192 -37.64 3.52 20.63
CA GLN R 192 -36.48 2.80 21.16
C GLN R 192 -36.69 2.53 22.65
N LEU R 193 -37.22 3.54 23.35
CA LEU R 193 -37.44 3.44 24.78
C LEU R 193 -38.46 2.33 25.05
N ALA R 194 -39.53 2.32 24.24
CA ALA R 194 -40.57 1.29 24.28
C ALA R 194 -39.99 -0.11 24.14
N GLN R 195 -39.08 -0.31 23.18
CA GLN R 195 -38.48 -1.61 22.98
C GLN R 195 -37.75 -2.06 24.24
N ILE R 196 -36.96 -1.14 24.82
CA ILE R 196 -36.11 -1.45 25.95
C ILE R 196 -36.99 -1.78 27.16
N LYS R 197 -38.05 -0.99 27.31
CA LYS R 197 -39.07 -1.18 28.32
C LYS R 197 -39.60 -2.61 28.31
N GLU R 198 -40.01 -3.09 27.12
CA GLU R 198 -40.54 -4.42 26.94
C GLU R 198 -39.50 -5.46 27.33
N MET R 199 -38.25 -5.18 26.94
CA MET R 199 -37.17 -6.12 27.10
C MET R 199 -36.96 -6.40 28.59
N VAL R 200 -37.03 -5.34 29.39
CA VAL R 200 -36.69 -5.40 30.80
C VAL R 200 -37.92 -5.66 31.68
N GLU R 201 -39.14 -5.50 31.12
CA GLU R 201 -40.38 -5.70 31.88
C GLU R 201 -40.31 -6.96 32.72
N LEU R 202 -40.37 -8.13 32.08
CA LEU R 202 -40.46 -9.39 32.81
C LEU R 202 -39.23 -9.59 33.71
N PRO R 203 -37.98 -9.49 33.24
CA PRO R 203 -36.82 -9.75 34.11
C PRO R 203 -36.69 -8.82 35.31
N LEU R 204 -37.03 -7.54 35.15
CA LEU R 204 -36.87 -6.58 36.22
C LEU R 204 -38.12 -6.47 37.08
N ARG R 205 -39.31 -6.46 36.46
CA ARG R 205 -40.54 -6.24 37.22
C ARG R 205 -41.19 -7.55 37.67
N HIS R 206 -40.85 -8.69 37.06
CA HIS R 206 -41.51 -9.94 37.39
C HIS R 206 -40.48 -11.07 37.47
N PRO R 207 -39.39 -10.93 38.26
CA PRO R 207 -38.27 -11.88 38.23
C PRO R 207 -38.69 -13.30 38.57
N ALA R 208 -39.68 -13.41 39.46
CA ALA R 208 -40.13 -14.68 40.00
C ALA R 208 -40.48 -15.64 38.88
N LEU R 209 -41.02 -15.06 37.79
CA LEU R 209 -41.57 -15.85 36.72
C LEU R 209 -40.50 -16.80 36.19
N PHE R 210 -39.24 -16.35 36.24
CA PHE R 210 -38.15 -17.10 35.62
C PHE R 210 -37.76 -18.33 36.43
N LYS R 211 -38.26 -18.43 37.67
CA LYS R 211 -38.10 -19.66 38.43
C LYS R 211 -39.05 -20.74 37.89
N ALA R 212 -40.25 -20.31 37.47
CA ALA R 212 -41.30 -21.23 37.07
C ALA R 212 -41.17 -21.68 35.61
N ILE R 213 -40.40 -20.94 34.78
CA ILE R 213 -40.32 -21.18 33.34
C ILE R 213 -38.87 -21.37 32.91
N GLY R 214 -38.69 -22.02 31.75
CA GLY R 214 -37.37 -22.37 31.25
C GLY R 214 -36.89 -21.43 30.14
N VAL R 215 -37.76 -20.49 29.73
CA VAL R 215 -37.45 -19.47 28.75
C VAL R 215 -36.37 -18.53 29.29
N LYS R 216 -35.42 -18.16 28.41
CA LYS R 216 -34.28 -17.35 28.77
C LYS R 216 -34.56 -15.88 28.48
N PRO R 217 -34.46 -14.98 29.47
CA PRO R 217 -34.76 -13.56 29.25
C PRO R 217 -33.54 -12.89 28.63
N PRO R 218 -33.69 -11.74 27.95
CA PRO R 218 -32.55 -11.07 27.30
C PRO R 218 -31.56 -10.61 28.36
N ARG R 219 -30.26 -10.88 28.12
CA ARG R 219 -29.28 -10.61 29.15
C ARG R 219 -28.56 -9.29 28.86
N GLY R 220 -28.21 -9.08 27.59
CA GLY R 220 -27.41 -7.93 27.21
C GLY R 220 -28.11 -7.05 26.18
N ILE R 221 -28.16 -5.74 26.46
CA ILE R 221 -28.71 -4.78 25.52
C ILE R 221 -27.63 -3.76 25.18
N LEU R 222 -27.39 -3.61 23.87
CA LEU R 222 -26.36 -2.74 23.35
C LEU R 222 -27.02 -1.51 22.76
N LEU R 223 -26.71 -0.33 23.33
CA LEU R 223 -27.29 0.93 22.89
C LEU R 223 -26.26 1.62 22.00
N TYR R 224 -26.55 1.68 20.69
CA TYR R 224 -25.62 2.25 19.73
C TYR R 224 -26.20 3.59 19.27
N GLY R 225 -25.35 4.61 19.27
CA GLY R 225 -25.72 5.94 18.81
C GLY R 225 -24.55 6.91 18.92
N PRO R 226 -24.59 8.07 18.24
CA PRO R 226 -23.54 9.08 18.41
C PRO R 226 -23.53 9.59 19.85
N PRO R 227 -22.45 10.27 20.29
CA PRO R 227 -22.40 10.85 21.63
C PRO R 227 -23.47 11.91 21.86
N GLY R 228 -24.06 11.90 23.07
CA GLY R 228 -24.97 12.93 23.53
C GLY R 228 -26.42 12.61 23.21
N THR R 229 -26.70 11.35 22.83
CA THR R 229 -28.02 10.91 22.44
C THR R 229 -28.85 10.42 23.64
N GLY R 230 -28.20 10.32 24.82
CA GLY R 230 -28.88 10.04 26.07
C GLY R 230 -28.89 8.55 26.43
N LYS R 231 -27.80 7.86 26.11
CA LYS R 231 -27.73 6.42 26.35
C LYS R 231 -27.66 6.18 27.85
N THR R 232 -26.85 6.99 28.52
CA THR R 232 -26.70 6.86 29.96
C THR R 232 -28.03 7.20 30.65
N LEU R 233 -28.69 8.24 30.15
CA LEU R 233 -30.00 8.64 30.65
C LEU R 233 -30.97 7.45 30.62
N ILE R 234 -31.08 6.84 29.44
CA ILE R 234 -32.01 5.76 29.23
C ILE R 234 -31.79 4.68 30.28
N ALA R 235 -30.53 4.23 30.41
CA ALA R 235 -30.25 3.16 31.36
C ALA R 235 -30.72 3.56 32.76
N ARG R 236 -30.31 4.76 33.22
CA ARG R 236 -30.62 5.18 34.58
C ARG R 236 -32.14 5.29 34.76
N ALA R 237 -32.82 5.89 33.77
CA ALA R 237 -34.26 6.01 33.83
C ALA R 237 -34.91 4.64 34.00
N VAL R 238 -34.56 3.70 33.11
CA VAL R 238 -35.14 2.37 33.15
C VAL R 238 -34.95 1.77 34.54
N ALA R 239 -33.75 1.94 35.11
CA ALA R 239 -33.48 1.41 36.44
C ALA R 239 -34.45 2.02 37.45
N ASN R 240 -34.53 3.35 37.47
CA ASN R 240 -35.38 4.08 38.39
C ASN R 240 -36.84 3.66 38.22
N GLU R 241 -37.30 3.65 36.98
CA GLU R 241 -38.69 3.40 36.67
C GLU R 241 -39.08 1.96 36.99
N THR R 242 -38.12 1.02 36.95
CA THR R 242 -38.43 -0.37 37.25
C THR R 242 -38.06 -0.67 38.69
N GLY R 243 -37.47 0.32 39.37
CA GLY R 243 -36.92 0.15 40.70
C GLY R 243 -35.82 -0.92 40.76
N ALA R 244 -34.80 -0.81 39.93
CA ALA R 244 -33.76 -1.83 39.91
C ALA R 244 -32.45 -1.19 40.32
N PHE R 245 -31.55 -2.00 40.89
CA PHE R 245 -30.25 -1.50 41.31
C PHE R 245 -29.49 -1.09 40.05
N PHE R 246 -28.81 0.05 40.10
CA PHE R 246 -28.05 0.50 38.94
C PHE R 246 -26.56 0.52 39.31
N PHE R 247 -25.75 -0.24 38.57
CA PHE R 247 -24.31 -0.11 38.72
C PHE R 247 -23.73 0.44 37.43
N LEU R 248 -22.99 1.57 37.55
CA LEU R 248 -22.30 2.16 36.42
C LEU R 248 -20.86 1.65 36.31
N ILE R 249 -20.50 1.11 35.14
CA ILE R 249 -19.11 0.89 34.79
C ILE R 249 -18.74 1.92 33.73
N ASN R 250 -17.70 2.71 33.98
CA ASN R 250 -17.25 3.66 32.97
C ASN R 250 -15.91 3.19 32.41
N GLY R 251 -15.88 2.95 31.10
CA GLY R 251 -14.70 2.43 30.40
C GLY R 251 -13.42 3.11 30.86
N PRO R 252 -13.28 4.43 30.62
CA PRO R 252 -12.12 5.19 31.09
C PRO R 252 -11.73 4.91 32.54
N GLU R 253 -12.71 4.89 33.45
CA GLU R 253 -12.37 4.62 34.84
C GLU R 253 -11.66 3.27 34.96
N ILE R 254 -12.26 2.23 34.35
CA ILE R 254 -11.70 0.89 34.43
C ILE R 254 -10.27 0.91 33.91
N MET R 255 -10.09 1.55 32.75
CA MET R 255 -8.83 1.49 32.04
C MET R 255 -7.78 2.37 32.71
N SER R 256 -8.21 3.25 33.62
CA SER R 256 -7.26 4.09 34.36
C SER R 256 -6.56 3.25 35.42
N LYS R 257 -7.23 2.21 35.93
CA LYS R 257 -6.73 1.34 36.99
C LYS R 257 -5.56 0.51 36.46
N LEU R 258 -4.74 -0.02 37.37
CA LEU R 258 -3.56 -0.77 36.96
C LEU R 258 -3.88 -2.26 36.96
N ALA R 259 -3.44 -2.95 35.91
CA ALA R 259 -3.49 -4.39 35.78
C ALA R 259 -4.80 -4.98 36.33
N GLY R 260 -4.66 -5.84 37.33
CA GLY R 260 -5.78 -6.61 37.86
C GLY R 260 -6.86 -5.73 38.47
N GLU R 261 -6.48 -4.53 38.94
CA GLU R 261 -7.44 -3.63 39.55
C GLU R 261 -8.58 -3.35 38.57
N SER R 262 -8.24 -3.28 37.28
CA SER R 262 -9.25 -3.16 36.25
C SER R 262 -10.25 -4.31 36.39
N GLU R 263 -9.73 -5.53 36.26
CA GLU R 263 -10.53 -6.73 36.14
C GLU R 263 -11.24 -7.02 37.45
N SER R 264 -10.57 -6.73 38.58
CA SER R 264 -11.19 -6.87 39.89
C SER R 264 -12.45 -6.00 39.94
N ASN R 265 -12.31 -4.73 39.55
CA ASN R 265 -13.41 -3.76 39.57
C ASN R 265 -14.55 -4.27 38.70
N LEU R 266 -14.19 -4.87 37.55
CA LEU R 266 -15.18 -5.45 36.65
C LEU R 266 -15.95 -6.56 37.35
N ARG R 267 -15.23 -7.54 37.92
CA ARG R 267 -15.82 -8.66 38.64
C ARG R 267 -16.73 -8.11 39.74
N LYS R 268 -16.19 -7.17 40.53
CA LYS R 268 -16.88 -6.60 41.68
C LYS R 268 -18.23 -6.01 41.25
N ALA R 269 -18.22 -5.29 40.13
CA ALA R 269 -19.41 -4.66 39.59
C ALA R 269 -20.47 -5.74 39.37
N PHE R 270 -20.05 -6.83 38.72
CA PHE R 270 -20.95 -7.91 38.39
C PHE R 270 -21.48 -8.54 39.66
N GLU R 271 -20.58 -8.86 40.59
CA GLU R 271 -20.94 -9.48 41.86
C GLU R 271 -21.94 -8.61 42.61
N GLU R 272 -21.63 -7.30 42.71
CA GLU R 272 -22.47 -6.38 43.45
C GLU R 272 -23.88 -6.38 42.87
N ALA R 273 -23.95 -6.31 41.54
CA ALA R 273 -25.21 -6.32 40.81
C ALA R 273 -25.98 -7.60 41.13
N GLU R 274 -25.29 -8.75 40.98
CA GLU R 274 -25.88 -10.05 41.26
C GLU R 274 -26.58 -9.98 42.61
N LYS R 275 -25.88 -9.40 43.60
CA LYS R 275 -26.34 -9.34 44.97
C LYS R 275 -27.56 -8.44 45.12
N ASN R 276 -27.56 -7.26 44.51
CA ASN R 276 -28.69 -6.33 44.71
C ASN R 276 -29.71 -6.46 43.58
N ALA R 277 -29.80 -7.64 42.97
CA ALA R 277 -30.71 -7.87 41.86
C ALA R 277 -32.16 -7.82 42.34
N PRO R 278 -33.17 -7.51 41.48
CA PRO R 278 -32.95 -7.21 40.06
C PRO R 278 -32.14 -5.93 39.87
N ALA R 279 -31.25 -5.97 38.86
CA ALA R 279 -30.25 -4.92 38.67
C ALA R 279 -30.01 -4.65 37.19
N ILE R 280 -29.61 -3.40 36.89
CA ILE R 280 -29.08 -3.04 35.60
C ILE R 280 -27.63 -2.60 35.76
N ILE R 281 -26.71 -3.25 35.04
CA ILE R 281 -25.36 -2.75 34.88
C ILE R 281 -25.32 -1.90 33.61
N PHE R 282 -24.72 -0.71 33.70
CA PHE R 282 -24.51 0.09 32.51
C PHE R 282 -23.02 0.28 32.26
N ILE R 283 -22.57 -0.12 31.06
CA ILE R 283 -21.18 0.09 30.65
C ILE R 283 -21.13 1.27 29.68
N ASP R 284 -20.58 2.38 30.18
CA ASP R 284 -20.40 3.58 29.40
C ASP R 284 -19.08 3.48 28.65
N GLU R 285 -19.08 3.82 27.37
CA GLU R 285 -17.86 3.83 26.61
C GLU R 285 -17.28 2.42 26.59
N LEU R 286 -18.12 1.47 26.16
CA LEU R 286 -17.73 0.07 26.05
C LEU R 286 -16.53 -0.12 25.13
N ASP R 287 -16.41 0.76 24.12
CA ASP R 287 -15.32 0.75 23.15
C ASP R 287 -13.95 0.87 23.85
N ALA R 288 -13.93 1.53 25.02
CA ALA R 288 -12.73 1.69 25.81
C ALA R 288 -12.30 0.36 26.42
N ILE R 289 -13.27 -0.41 26.94
CA ILE R 289 -13.00 -1.71 27.56
C ILE R 289 -12.74 -2.77 26.49
N ALA R 290 -13.52 -2.75 25.40
CA ALA R 290 -13.62 -3.89 24.51
C ALA R 290 -13.61 -3.48 23.04
N PRO R 291 -12.47 -2.96 22.53
CA PRO R 291 -12.38 -2.68 21.10
C PRO R 291 -12.20 -4.00 20.34
N LYS R 292 -12.18 -3.93 19.00
CA LYS R 292 -11.92 -5.10 18.15
C LYS R 292 -10.49 -5.59 18.33
N ARG R 293 -10.22 -6.87 18.01
CA ARG R 293 -8.91 -7.47 18.24
C ARG R 293 -7.80 -6.77 17.45
N GLU R 294 -8.14 -6.26 16.25
CA GLU R 294 -7.25 -5.43 15.47
C GLU R 294 -6.75 -4.26 16.31
N LYS R 295 -7.67 -3.38 16.76
CA LYS R 295 -7.31 -2.17 17.47
C LYS R 295 -6.76 -2.47 18.85
N THR R 296 -6.93 -3.69 19.33
CA THR R 296 -6.42 -4.03 20.66
C THR R 296 -4.92 -4.28 20.51
N HIS R 297 -4.13 -3.22 20.70
CA HIS R 297 -2.71 -3.37 20.88
C HIS R 297 -2.44 -3.65 22.35
N GLY R 298 -1.63 -4.70 22.63
CA GLY R 298 -1.22 -5.00 23.98
C GLY R 298 -2.09 -6.05 24.67
N GLU R 299 -1.48 -6.79 25.59
CA GLU R 299 -2.08 -8.02 26.11
C GLU R 299 -3.01 -7.71 27.28
N VAL R 300 -2.64 -6.71 28.10
CA VAL R 300 -3.48 -6.34 29.23
C VAL R 300 -4.88 -5.95 28.76
N GLU R 301 -4.96 -5.30 27.59
CA GLU R 301 -6.25 -4.88 27.07
C GLU R 301 -7.09 -6.10 26.69
N ARG R 302 -6.45 -7.10 26.05
CA ARG R 302 -7.13 -8.29 25.58
C ARG R 302 -7.68 -9.07 26.78
N ARG R 303 -6.90 -9.08 27.86
CA ARG R 303 -7.31 -9.74 29.09
C ARG R 303 -8.64 -9.15 29.58
N ILE R 304 -8.77 -7.82 29.51
CA ILE R 304 -9.96 -7.14 30.02
C ILE R 304 -11.19 -7.50 29.20
N VAL R 305 -11.03 -7.47 27.87
CA VAL R 305 -12.12 -7.86 26.98
C VAL R 305 -12.56 -9.27 27.35
N SER R 306 -11.57 -10.17 27.46
CA SER R 306 -11.82 -11.56 27.77
C SER R 306 -12.61 -11.67 29.07
N GLN R 307 -12.12 -11.00 30.11
CA GLN R 307 -12.78 -10.98 31.41
C GLN R 307 -14.26 -10.64 31.24
N LEU R 308 -14.55 -9.59 30.46
CA LEU R 308 -15.91 -9.09 30.30
C LEU R 308 -16.78 -10.16 29.67
N LEU R 309 -16.28 -10.78 28.61
CA LEU R 309 -16.95 -11.89 27.95
C LEU R 309 -17.29 -12.97 28.97
N THR R 310 -16.30 -13.44 29.72
CA THR R 310 -16.52 -14.45 30.75
C THR R 310 -17.56 -13.97 31.75
N LEU R 311 -17.42 -12.73 32.24
CA LEU R 311 -18.34 -12.17 33.22
C LEU R 311 -19.77 -12.22 32.69
N MET R 312 -19.96 -11.83 31.43
CA MET R 312 -21.25 -11.83 30.78
C MET R 312 -21.74 -13.27 30.71
N ASP R 313 -20.86 -14.17 30.23
CA ASP R 313 -21.24 -15.56 30.07
C ASP R 313 -21.59 -16.16 31.41
N GLY R 314 -20.88 -15.76 32.46
CA GLY R 314 -21.06 -16.30 33.80
C GLY R 314 -22.37 -15.86 34.43
N LEU R 315 -23.06 -14.86 33.86
CA LEU R 315 -24.35 -14.44 34.39
C LEU R 315 -25.37 -15.55 34.21
N LYS R 316 -25.81 -16.15 35.33
CA LYS R 316 -26.90 -17.11 35.29
C LYS R 316 -28.21 -16.36 35.07
N GLN R 317 -29.20 -17.06 34.49
CA GLN R 317 -30.49 -16.50 34.13
C GLN R 317 -31.23 -16.03 35.39
N ARG R 318 -31.02 -16.75 36.49
CA ARG R 318 -31.63 -16.53 37.79
C ARG R 318 -31.04 -15.28 38.46
N ALA R 319 -29.96 -14.75 37.87
CA ALA R 319 -29.25 -13.64 38.49
C ALA R 319 -30.11 -12.37 38.45
N HIS R 320 -31.04 -12.27 37.48
CA HIS R 320 -31.98 -11.16 37.33
C HIS R 320 -31.23 -9.84 37.10
N VAL R 321 -30.17 -9.95 36.29
CA VAL R 321 -29.31 -8.81 35.95
C VAL R 321 -29.39 -8.60 34.45
N ILE R 322 -29.66 -7.36 34.05
CA ILE R 322 -29.54 -6.96 32.67
C ILE R 322 -28.30 -6.07 32.53
N VAL R 323 -27.49 -6.33 31.50
CA VAL R 323 -26.34 -5.50 31.19
C VAL R 323 -26.64 -4.65 29.97
N MET R 324 -26.57 -3.34 30.14
CA MET R 324 -26.75 -2.37 29.06
C MET R 324 -25.40 -1.71 28.81
N ALA R 325 -25.03 -1.57 27.54
CA ALA R 325 -23.75 -0.94 27.21
C ALA R 325 -23.93 0.04 26.06
N ALA R 326 -23.10 1.10 26.07
CA ALA R 326 -23.20 2.14 25.06
C ALA R 326 -21.92 2.22 24.26
N THR R 327 -22.08 2.42 22.94
CA THR R 327 -20.98 2.60 22.01
C THR R 327 -21.50 3.40 20.82
N ASN R 328 -20.57 3.83 19.94
CA ASN R 328 -20.89 4.58 18.75
C ASN R 328 -21.54 3.71 17.67
N ARG R 329 -20.82 2.65 17.25
CA ARG R 329 -21.32 1.76 16.21
C ARG R 329 -20.90 0.34 16.56
N PRO R 330 -21.65 -0.71 16.11
CA PRO R 330 -21.30 -2.10 16.41
C PRO R 330 -19.89 -2.44 15.92
N ASN R 331 -19.41 -1.72 14.90
CA ASN R 331 -18.10 -1.97 14.32
C ASN R 331 -17.00 -1.49 15.27
N SER R 332 -17.38 -0.75 16.31
CA SER R 332 -16.43 -0.22 17.28
C SER R 332 -15.86 -1.36 18.13
N ILE R 333 -16.69 -2.36 18.43
CA ILE R 333 -16.49 -3.27 19.54
C ILE R 333 -16.24 -4.69 19.02
N ASP R 334 -15.50 -5.47 19.83
CA ASP R 334 -15.22 -6.87 19.54
C ASP R 334 -16.51 -7.63 19.26
N PRO R 335 -16.61 -8.32 18.11
CA PRO R 335 -17.88 -8.94 17.69
C PRO R 335 -18.34 -10.06 18.61
N ALA R 336 -17.43 -10.54 19.46
CA ALA R 336 -17.74 -11.62 20.38
C ALA R 336 -18.82 -11.18 21.37
N LEU R 337 -18.88 -9.87 21.64
CA LEU R 337 -19.83 -9.27 22.57
C LEU R 337 -21.26 -9.43 22.05
N ARG R 338 -21.41 -9.72 20.76
CA ARG R 338 -22.73 -9.83 20.18
C ARG R 338 -23.19 -11.29 20.04
N ARG R 339 -22.46 -12.22 20.67
CA ARG R 339 -22.84 -13.62 20.65
C ARG R 339 -24.20 -13.86 21.32
N PHE R 340 -24.62 -15.14 21.40
CA PHE R 340 -25.96 -15.50 21.86
C PHE R 340 -26.21 -15.01 23.29
N GLY R 341 -25.35 -15.43 24.23
CA GLY R 341 -25.55 -15.12 25.64
C GLY R 341 -25.31 -13.64 25.97
N ARG R 342 -24.36 -13.03 25.24
CA ARG R 342 -23.85 -11.70 25.50
C ARG R 342 -24.82 -10.64 24.94
N PHE R 343 -24.30 -9.47 24.55
CA PHE R 343 -25.11 -8.40 23.99
C PHE R 343 -25.89 -8.85 22.76
N ASP R 344 -26.96 -9.62 22.97
CA ASP R 344 -27.69 -10.23 21.89
C ASP R 344 -28.76 -9.28 21.33
N ARG R 345 -29.00 -8.14 22.00
CA ARG R 345 -29.99 -7.19 21.52
C ARG R 345 -29.31 -5.83 21.31
N GLU R 346 -29.63 -5.16 20.19
CA GLU R 346 -29.13 -3.84 19.86
C GLU R 346 -30.30 -2.89 19.67
N VAL R 347 -30.21 -1.68 20.24
CA VAL R 347 -31.15 -0.62 19.95
C VAL R 347 -30.35 0.60 19.49
N ASP R 348 -30.84 1.27 18.44
CA ASP R 348 -30.16 2.41 17.86
C ASP R 348 -30.79 3.70 18.37
N ILE R 349 -30.08 4.40 19.27
CA ILE R 349 -30.54 5.71 19.68
C ILE R 349 -29.87 6.73 18.77
N GLY R 350 -30.67 7.33 17.88
CA GLY R 350 -30.13 8.17 16.82
C GLY R 350 -30.31 9.66 17.09
N ILE R 351 -29.94 10.46 16.09
CA ILE R 351 -30.13 11.90 16.15
C ILE R 351 -31.63 12.17 16.12
N PRO R 352 -32.17 13.08 16.95
CA PRO R 352 -33.63 13.29 16.98
C PRO R 352 -34.11 14.22 15.86
N ASP R 353 -35.38 14.05 15.49
CA ASP R 353 -36.11 14.96 14.61
C ASP R 353 -36.43 16.26 15.34
N ALA R 354 -36.94 17.23 14.58
CA ALA R 354 -37.33 18.51 15.15
C ALA R 354 -38.33 18.28 16.27
N THR R 355 -39.24 17.33 16.07
CA THR R 355 -40.28 17.07 17.05
C THR R 355 -39.61 16.66 18.36
N GLY R 356 -38.62 15.76 18.24
CA GLY R 356 -37.87 15.27 19.38
C GLY R 356 -37.03 16.37 20.01
N ARG R 357 -36.49 17.24 19.16
CA ARG R 357 -35.68 18.33 19.67
C ARG R 357 -36.54 19.23 20.55
N LEU R 358 -37.77 19.47 20.10
CA LEU R 358 -38.70 20.29 20.85
C LEU R 358 -38.96 19.69 22.23
N GLU R 359 -39.21 18.38 22.28
CA GLU R 359 -39.42 17.71 23.55
C GLU R 359 -38.19 17.90 24.45
N ILE R 360 -36.99 17.78 23.86
CA ILE R 360 -35.74 17.86 24.62
C ILE R 360 -35.58 19.27 25.19
N LEU R 361 -35.87 20.26 24.36
CA LEU R 361 -35.82 21.66 24.77
C LEU R 361 -36.79 21.90 25.92
N GLN R 362 -37.99 21.31 25.81
CA GLN R 362 -39.00 21.45 26.82
C GLN R 362 -38.50 20.87 28.14
N ILE R 363 -37.91 19.67 28.04
CA ILE R 363 -37.38 19.01 29.21
C ILE R 363 -36.36 19.93 29.88
N HIS R 364 -35.53 20.60 29.09
CA HIS R 364 -34.41 21.33 29.64
C HIS R 364 -34.78 22.77 29.95
N THR R 365 -36.03 23.15 29.75
CA THR R 365 -36.43 24.48 30.16
C THR R 365 -37.48 24.41 31.25
N LYS R 366 -37.68 23.20 31.82
CA LYS R 366 -38.81 22.97 32.70
C LYS R 366 -38.65 23.76 34.00
N ASN R 367 -37.40 23.98 34.43
CA ASN R 367 -37.21 24.67 35.70
C ASN R 367 -36.90 26.14 35.44
N MET R 368 -37.14 26.62 34.22
CA MET R 368 -36.68 27.94 33.82
C MET R 368 -37.89 28.83 33.57
N LYS R 369 -37.78 30.09 33.97
CA LYS R 369 -38.83 31.03 33.59
C LYS R 369 -38.51 31.53 32.19
N LEU R 370 -39.41 31.25 31.25
CA LEU R 370 -39.18 31.67 29.87
C LEU R 370 -40.12 32.82 29.52
N ALA R 371 -39.56 33.91 29.02
CA ALA R 371 -40.38 35.00 28.51
C ALA R 371 -41.30 34.53 27.38
N ASP R 372 -42.30 35.36 27.06
CA ASP R 372 -43.30 35.02 26.08
C ASP R 372 -42.68 35.03 24.68
N ASP R 373 -41.55 35.73 24.55
CA ASP R 373 -40.88 35.89 23.26
C ASP R 373 -40.19 34.60 22.84
N VAL R 374 -40.00 33.67 23.79
CA VAL R 374 -39.29 32.43 23.50
C VAL R 374 -40.14 31.55 22.61
N ASP R 375 -39.58 31.13 21.47
CA ASP R 375 -40.23 30.19 20.56
C ASP R 375 -39.40 28.92 20.49
N LEU R 376 -39.72 27.97 21.36
CA LEU R 376 -38.94 26.76 21.40
C LEU R 376 -39.06 25.98 20.09
N GLU R 377 -40.17 26.19 19.38
CA GLU R 377 -40.34 25.52 18.10
C GLU R 377 -39.29 26.01 17.10
N GLN R 378 -39.09 27.33 17.08
CA GLN R 378 -38.07 27.94 16.24
C GLN R 378 -36.72 27.29 16.55
N VAL R 379 -36.38 27.29 17.83
CA VAL R 379 -35.10 26.72 18.25
C VAL R 379 -35.02 25.28 17.76
N ALA R 380 -36.11 24.53 17.96
CA ALA R 380 -36.15 23.14 17.55
C ALA R 380 -35.89 23.02 16.06
N ASN R 381 -36.51 23.91 15.27
CA ASN R 381 -36.44 23.82 13.83
C ASN R 381 -35.03 24.10 13.36
N GLU R 382 -34.41 25.15 13.90
CA GLU R 382 -33.12 25.57 13.40
C GLU R 382 -31.99 24.69 13.92
N THR R 383 -32.24 23.89 14.96
CA THR R 383 -31.16 23.11 15.54
C THR R 383 -31.04 21.76 14.83
N HIS R 384 -30.91 21.79 13.50
CA HIS R 384 -30.69 20.59 12.70
C HIS R 384 -29.46 19.84 13.18
N GLY R 385 -29.56 18.51 13.20
CA GLY R 385 -28.46 17.62 13.49
C GLY R 385 -27.92 17.70 14.92
N HIS R 386 -28.69 18.32 15.83
CA HIS R 386 -28.26 18.43 17.21
C HIS R 386 -28.78 17.24 17.99
N VAL R 387 -27.93 16.75 18.91
CA VAL R 387 -28.35 15.71 19.83
C VAL R 387 -28.78 16.36 21.15
N GLY R 388 -29.37 15.53 22.03
CA GLY R 388 -29.84 15.98 23.33
C GLY R 388 -28.82 16.85 24.06
N ALA R 389 -27.58 16.34 24.17
CA ALA R 389 -26.53 17.05 24.88
C ALA R 389 -26.33 18.48 24.35
N ASP R 390 -26.46 18.63 23.02
CA ASP R 390 -26.28 19.92 22.37
C ASP R 390 -27.35 20.87 22.87
N LEU R 391 -28.60 20.37 22.83
CA LEU R 391 -29.77 21.14 23.19
C LEU R 391 -29.67 21.51 24.66
N ALA R 392 -29.31 20.53 25.50
CA ALA R 392 -29.20 20.77 26.93
C ALA R 392 -28.23 21.94 27.17
N ALA R 393 -27.07 21.86 26.53
CA ALA R 393 -26.05 22.90 26.67
C ALA R 393 -26.57 24.25 26.16
N LEU R 394 -27.38 24.21 25.10
CA LEU R 394 -27.88 25.46 24.57
C LEU R 394 -28.72 26.14 25.64
N CYS R 395 -29.57 25.35 26.30
CA CYS R 395 -30.45 25.88 27.33
C CYS R 395 -29.62 26.48 28.46
N SER R 396 -28.57 25.75 28.90
CA SER R 396 -27.70 26.26 29.93
C SER R 396 -27.12 27.60 29.51
N GLU R 397 -26.60 27.64 28.28
CA GLU R 397 -25.84 28.80 27.85
C GLU R 397 -26.75 30.02 27.86
N ALA R 398 -28.02 29.77 27.50
CA ALA R 398 -29.00 30.85 27.44
C ALA R 398 -29.27 31.38 28.84
N ALA R 399 -29.53 30.45 29.77
CA ALA R 399 -29.71 30.79 31.16
C ALA R 399 -28.54 31.67 31.66
N LEU R 400 -27.31 31.18 31.48
CA LEU R 400 -26.15 31.85 32.02
C LEU R 400 -25.98 33.24 31.41
N GLN R 401 -26.38 33.40 30.14
CA GLN R 401 -26.29 34.71 29.51
C GLN R 401 -27.23 35.67 30.26
N ALA R 402 -28.47 35.21 30.43
CA ALA R 402 -29.52 35.91 31.15
C ALA R 402 -28.99 36.38 32.52
N ILE R 403 -28.48 35.43 33.30
CA ILE R 403 -27.85 35.70 34.59
C ILE R 403 -26.75 36.74 34.42
N ARG R 404 -25.85 36.53 33.47
CA ARG R 404 -24.76 37.47 33.25
C ARG R 404 -25.29 38.89 33.06
N LYS R 405 -26.32 39.04 32.23
CA LYS R 405 -26.87 40.37 31.97
C LYS R 405 -27.39 41.01 33.26
N LYS R 406 -28.07 40.20 34.08
CA LYS R 406 -28.71 40.67 35.29
C LYS R 406 -27.65 41.00 36.35
N MET R 407 -26.59 40.20 36.40
CA MET R 407 -25.51 40.36 37.37
C MET R 407 -24.88 41.75 37.21
N ASP R 408 -24.93 42.30 36.00
CA ASP R 408 -24.48 43.67 35.78
C ASP R 408 -25.39 44.66 36.51
N LEU R 409 -26.70 44.42 36.48
CA LEU R 409 -27.69 45.30 37.12
C LEU R 409 -27.74 45.11 38.63
N ILE R 410 -27.22 43.99 39.12
CA ILE R 410 -27.13 43.70 40.55
C ILE R 410 -25.87 44.37 41.12
N ASP R 411 -25.28 45.30 40.37
CA ASP R 411 -24.19 46.14 40.82
C ASP R 411 -24.58 46.98 42.04
N LEU R 412 -25.87 47.00 42.41
CA LEU R 412 -26.33 47.70 43.62
C LEU R 412 -25.98 46.80 44.82
N GLU R 413 -26.69 46.94 45.94
CA GLU R 413 -26.25 46.28 47.17
C GLU R 413 -26.52 44.78 47.13
N ASP R 414 -27.31 44.31 46.15
CA ASP R 414 -27.83 42.95 46.15
C ASP R 414 -26.67 41.95 46.04
N GLU R 415 -26.83 40.81 46.74
CA GLU R 415 -25.83 39.75 46.79
C GLU R 415 -25.80 39.02 45.46
N THR R 416 -24.92 38.01 45.32
CA THR R 416 -24.91 37.17 44.12
C THR R 416 -26.31 36.63 43.89
N ILE R 417 -27.11 37.39 43.15
CA ILE R 417 -28.51 37.13 42.84
C ILE R 417 -29.21 36.64 44.12
N ASP R 418 -30.05 35.60 43.99
CA ASP R 418 -30.85 35.06 45.06
C ASP R 418 -31.82 34.07 44.42
N ALA R 419 -32.37 33.16 45.23
CA ALA R 419 -33.42 32.26 44.77
C ALA R 419 -34.56 33.06 44.15
N GLU R 420 -34.94 34.17 44.79
CA GLU R 420 -36.04 35.02 44.37
C GLU R 420 -35.75 35.68 43.03
N VAL R 421 -34.61 36.38 42.93
CA VAL R 421 -34.27 37.11 41.72
C VAL R 421 -34.02 36.14 40.58
N MET R 422 -33.44 34.97 40.90
CA MET R 422 -33.30 33.88 39.95
C MET R 422 -34.67 33.46 39.41
N ASN R 423 -35.67 33.41 40.30
CA ASN R 423 -37.04 33.06 39.95
C ASN R 423 -37.71 34.20 39.19
N SER R 424 -37.31 35.44 39.50
CA SER R 424 -37.86 36.60 38.80
C SER R 424 -37.24 36.74 37.40
N LEU R 425 -36.03 36.17 37.22
CA LEU R 425 -35.29 36.29 35.99
C LEU R 425 -35.92 35.41 34.92
N ALA R 426 -36.20 36.03 33.76
CA ALA R 426 -36.74 35.31 32.63
C ALA R 426 -35.68 35.17 31.54
N VAL R 427 -35.53 33.95 31.01
CA VAL R 427 -34.67 33.78 29.85
C VAL R 427 -35.49 34.20 28.63
N THR R 428 -34.91 35.08 27.81
CA THR R 428 -35.58 35.66 26.65
C THR R 428 -35.11 34.99 25.37
N MET R 429 -35.79 35.30 24.26
CA MET R 429 -35.44 34.70 23.00
C MET R 429 -34.05 35.18 22.59
N ASP R 430 -33.73 36.43 22.95
CA ASP R 430 -32.43 36.99 22.63
C ASP R 430 -31.35 36.17 23.30
N ASP R 431 -31.64 35.67 24.50
CA ASP R 431 -30.71 34.82 25.23
C ASP R 431 -30.45 33.53 24.45
N PHE R 432 -31.53 32.93 23.95
CA PHE R 432 -31.43 31.76 23.09
C PHE R 432 -30.66 32.12 21.82
N ARG R 433 -30.99 33.28 21.25
CA ARG R 433 -30.31 33.73 20.05
C ARG R 433 -28.83 33.84 20.30
N TRP R 434 -28.43 34.45 21.41
CA TRP R 434 -27.02 34.58 21.72
C TRP R 434 -26.36 33.21 21.69
N ALA R 435 -27.00 32.25 22.37
CA ALA R 435 -26.51 30.88 22.48
C ALA R 435 -26.39 30.23 21.11
N LEU R 436 -27.45 30.34 20.30
CA LEU R 436 -27.49 29.73 19.00
C LEU R 436 -26.42 30.36 18.11
N SER R 437 -26.04 31.60 18.43
CA SER R 437 -25.19 32.37 17.54
C SER R 437 -23.72 32.17 17.87
N GLN R 438 -23.43 31.31 18.85
CA GLN R 438 -22.14 31.34 19.54
C GLN R 438 -21.41 30.07 19.15
N LYS S 1 -57.35 -55.67 9.35
CA LYS S 1 -57.21 -56.38 10.65
C LYS S 1 -57.09 -55.38 11.80
N LEU S 2 -58.10 -55.38 12.68
CA LEU S 2 -58.27 -54.43 13.77
C LEU S 2 -58.39 -55.21 15.07
N ARG S 3 -57.59 -54.86 16.08
CA ARG S 3 -57.77 -55.39 17.42
C ARG S 3 -58.45 -54.35 18.31
N ILE S 4 -59.71 -54.59 18.67
CA ILE S 4 -60.48 -53.67 19.50
C ILE S 4 -60.49 -54.16 20.94
N ARG S 5 -60.26 -53.23 21.88
CA ARG S 5 -60.19 -53.56 23.29
C ARG S 5 -61.48 -53.13 23.99
N THR S 6 -62.11 -54.06 24.71
CA THR S 6 -63.23 -53.74 25.58
C THR S 6 -62.75 -52.81 26.69
N PRO S 7 -63.63 -51.99 27.30
CA PRO S 7 -63.29 -51.21 28.50
C PRO S 7 -62.73 -52.04 29.67
N SER S 8 -62.86 -53.36 29.58
CA SER S 8 -62.26 -54.23 30.57
C SER S 8 -60.88 -54.67 30.08
N GLY S 9 -60.59 -54.42 28.80
CA GLY S 9 -59.26 -54.65 28.24
C GLY S 9 -59.15 -56.03 27.60
N GLU S 10 -60.27 -56.53 27.08
CA GLU S 10 -60.31 -57.79 26.36
C GLU S 10 -60.24 -57.48 24.86
N PHE S 11 -59.30 -58.15 24.18
CA PHE S 11 -59.06 -57.96 22.77
C PHE S 11 -60.15 -58.65 21.94
N LEU S 12 -60.67 -57.92 20.95
CA LEU S 12 -61.58 -58.45 19.94
C LEU S 12 -60.91 -58.30 18.59
N GLU S 13 -60.77 -59.40 17.84
CA GLU S 13 -60.10 -59.38 16.56
C GLU S 13 -61.06 -59.69 15.42
N ARG S 14 -60.92 -58.94 14.32
CA ARG S 14 -61.74 -59.11 13.13
C ARG S 14 -61.02 -58.48 11.94
N ARG S 15 -61.23 -59.06 10.75
CA ARG S 15 -60.62 -58.58 9.53
C ARG S 15 -61.69 -58.03 8.60
N PHE S 16 -61.47 -56.82 8.09
CA PHE S 16 -62.37 -56.21 7.13
C PHE S 16 -61.52 -55.74 5.94
N LEU S 17 -62.09 -55.82 4.73
CA LEU S 17 -61.40 -55.27 3.56
C LEU S 17 -61.45 -53.74 3.67
N ALA S 18 -60.43 -53.07 3.13
CA ALA S 18 -60.31 -51.62 3.25
C ALA S 18 -61.50 -50.93 2.60
N SER S 19 -62.11 -51.61 1.61
CA SER S 19 -63.25 -51.11 0.86
C SER S 19 -64.49 -51.01 1.75
N ASN S 20 -64.54 -51.86 2.78
CA ASN S 20 -65.65 -51.88 3.75
C ASN S 20 -65.79 -50.49 4.38
N LYS S 21 -67.03 -49.99 4.39
CA LYS S 21 -67.34 -48.77 5.10
C LYS S 21 -67.05 -48.95 6.59
N LEU S 22 -66.78 -47.84 7.27
CA LEU S 22 -66.48 -47.83 8.70
C LEU S 22 -67.68 -48.37 9.48
N GLN S 23 -68.87 -48.28 8.87
CA GLN S 23 -70.10 -48.77 9.47
C GLN S 23 -69.97 -50.26 9.75
N ILE S 24 -69.29 -50.99 8.84
CA ILE S 24 -69.07 -52.42 9.02
C ILE S 24 -68.37 -52.67 10.35
N VAL S 25 -67.38 -51.83 10.67
CA VAL S 25 -66.65 -51.91 11.93
C VAL S 25 -67.59 -51.57 13.09
N PHE S 26 -68.42 -50.54 12.91
CA PHE S 26 -69.40 -50.13 13.90
C PHE S 26 -70.36 -51.29 14.23
N ASP S 27 -70.83 -51.98 13.17
CA ASP S 27 -71.73 -53.11 13.34
C ASP S 27 -71.03 -54.22 14.12
N PHE S 28 -69.74 -54.44 13.82
CA PHE S 28 -68.95 -55.45 14.52
C PHE S 28 -68.93 -55.15 16.01
N VAL S 29 -68.67 -53.89 16.38
CA VAL S 29 -68.65 -53.51 17.78
C VAL S 29 -70.07 -53.52 18.33
N ALA S 30 -71.04 -53.24 17.45
CA ALA S 30 -72.46 -53.29 17.79
C ALA S 30 -72.93 -54.72 18.01
N SER S 31 -72.15 -55.71 17.53
CA SER S 31 -72.45 -57.12 17.78
C SER S 31 -72.32 -57.41 19.26
N LYS S 32 -71.15 -57.07 19.84
CA LYS S 32 -70.97 -57.08 21.28
C LYS S 32 -71.76 -55.90 21.88
N GLY S 33 -71.80 -55.83 23.22
CA GLY S 33 -72.60 -54.84 23.92
C GLY S 33 -72.01 -53.44 23.89
N PHE S 34 -71.70 -52.97 22.67
CA PHE S 34 -71.01 -51.71 22.44
C PHE S 34 -71.71 -50.90 21.36
N PRO S 35 -72.85 -50.25 21.70
CA PRO S 35 -73.55 -49.37 20.77
C PRO S 35 -72.73 -48.09 20.53
N TRP S 36 -72.90 -47.51 19.33
CA TRP S 36 -72.27 -46.25 18.98
C TRP S 36 -72.70 -45.14 19.94
N ASP S 37 -73.95 -45.21 20.41
CA ASP S 37 -74.49 -44.26 21.38
C ASP S 37 -73.77 -44.36 22.72
N GLU S 38 -73.59 -45.59 23.22
CA GLU S 38 -73.12 -45.80 24.59
C GLU S 38 -71.60 -45.88 24.66
N TYR S 39 -70.94 -46.20 23.53
CA TYR S 39 -69.51 -46.48 23.53
C TYR S 39 -68.78 -45.76 22.39
N LYS S 40 -67.54 -45.33 22.68
CA LYS S 40 -66.66 -44.70 21.68
C LYS S 40 -65.55 -45.65 21.29
N LEU S 41 -65.12 -45.54 20.02
CA LEU S 41 -63.98 -46.28 19.52
C LEU S 41 -62.80 -45.32 19.30
N LEU S 42 -61.76 -45.47 20.12
CA LEU S 42 -60.62 -44.57 20.18
C LEU S 42 -59.39 -45.21 19.52
N SER S 43 -58.58 -44.34 18.89
CA SER S 43 -57.31 -44.71 18.31
C SER S 43 -56.17 -44.00 19.05
N THR S 44 -55.03 -44.67 19.21
CA THR S 44 -53.86 -44.05 19.80
C THR S 44 -52.74 -44.07 18.78
N PHE S 45 -51.89 -43.02 18.78
CA PHE S 45 -50.76 -42.86 17.87
C PHE S 45 -51.17 -43.27 16.45
N PRO S 46 -52.03 -42.50 15.74
CA PRO S 46 -52.48 -41.17 16.19
C PRO S 46 -53.69 -41.25 17.12
N ARG S 47 -53.96 -40.13 17.80
CA ARG S 47 -55.06 -40.05 18.75
C ARG S 47 -56.30 -39.50 18.03
N ARG S 48 -57.34 -40.33 17.92
CA ARG S 48 -58.60 -39.92 17.32
C ARG S 48 -59.73 -40.79 17.87
N ASP S 49 -60.97 -40.33 17.68
CA ASP S 49 -62.17 -41.09 18.01
C ASP S 49 -62.89 -41.46 16.72
N VAL S 50 -62.69 -42.72 16.29
CA VAL S 50 -63.20 -43.23 15.03
C VAL S 50 -64.73 -43.21 15.03
N THR S 51 -65.33 -43.26 16.23
CA THR S 51 -66.77 -43.27 16.44
C THR S 51 -67.40 -42.14 15.61
N GLN S 52 -66.81 -40.94 15.65
CA GLN S 52 -67.39 -39.74 15.09
C GLN S 52 -67.03 -39.60 13.60
N LEU S 53 -66.15 -40.48 13.08
CA LEU S 53 -65.78 -40.42 11.68
C LEU S 53 -66.96 -40.93 10.84
N ASP S 54 -67.03 -40.49 9.57
CA ASP S 54 -68.12 -40.84 8.67
C ASP S 54 -68.14 -42.33 8.38
N PRO S 55 -69.27 -43.04 8.69
CA PRO S 55 -69.36 -44.49 8.47
C PRO S 55 -69.26 -44.94 7.02
N ASN S 56 -69.66 -44.05 6.09
CA ASN S 56 -69.72 -44.36 4.67
C ASN S 56 -68.32 -44.40 4.03
N LYS S 57 -67.37 -43.65 4.61
CA LYS S 57 -66.00 -43.65 4.12
C LYS S 57 -65.37 -45.04 4.26
N SER S 58 -64.52 -45.39 3.29
CA SER S 58 -63.76 -46.63 3.29
C SER S 58 -62.75 -46.64 4.44
N LEU S 59 -62.39 -47.85 4.92
CA LEU S 59 -61.43 -48.00 6.01
C LEU S 59 -60.09 -47.38 5.63
N LEU S 60 -59.75 -47.44 4.33
CA LEU S 60 -58.58 -46.78 3.79
C LEU S 60 -58.73 -45.26 3.92
N GLU S 61 -59.93 -44.73 3.62
CA GLU S 61 -60.18 -43.30 3.61
C GLU S 61 -60.26 -42.74 5.03
N VAL S 62 -60.72 -43.55 5.99
CA VAL S 62 -60.75 -43.16 7.40
C VAL S 62 -59.35 -43.26 7.98
N LYS S 63 -58.37 -43.52 7.10
CA LYS S 63 -56.96 -43.60 7.44
C LYS S 63 -56.74 -44.61 8.57
N LEU S 64 -57.35 -45.79 8.45
CA LEU S 64 -57.03 -46.88 9.37
C LEU S 64 -55.91 -47.71 8.74
N PHE S 65 -54.81 -47.84 9.50
CA PHE S 65 -53.65 -48.61 9.09
C PHE S 65 -54.05 -50.08 8.87
N PRO S 66 -53.43 -50.82 7.92
CA PRO S 66 -53.62 -52.27 7.80
C PRO S 66 -53.71 -53.06 9.11
N GLN S 67 -52.92 -52.65 10.10
CA GLN S 67 -53.10 -53.09 11.47
C GLN S 67 -53.36 -51.87 12.36
N GLU S 68 -54.39 -51.96 13.21
CA GLU S 68 -54.66 -50.88 14.16
C GLU S 68 -55.25 -51.48 15.44
N THR S 69 -54.68 -51.11 16.59
CA THR S 69 -55.31 -51.38 17.88
C THR S 69 -56.28 -50.25 18.21
N LEU S 70 -57.51 -50.61 18.60
CA LEU S 70 -58.54 -49.63 18.95
C LEU S 70 -59.07 -49.93 20.36
N PHE S 71 -59.69 -48.92 20.98
CA PHE S 71 -60.15 -49.03 22.36
C PHE S 71 -61.58 -48.52 22.46
N LEU S 72 -62.32 -49.07 23.43
CA LEU S 72 -63.71 -48.72 23.66
C LEU S 72 -63.83 -48.02 25.00
N GLU S 73 -64.54 -46.88 24.99
CA GLU S 73 -64.86 -46.15 26.20
C GLU S 73 -66.30 -45.68 26.13
N ALA S 74 -66.99 -45.74 27.27
CA ALA S 74 -68.37 -45.27 27.39
C ALA S 74 -68.44 -43.77 27.14
N LYS S 75 -69.36 -43.34 26.24
CA LYS S 75 -69.44 -41.96 25.80
C LYS S 75 -69.80 -41.00 26.93
N GLU S 76 -70.17 -41.54 28.10
CA GLU S 76 -70.57 -40.75 29.25
C GLU S 76 -70.46 -39.24 28.97
N LYS T 1 60.45 54.22 3.03
CA LYS T 1 60.98 54.30 4.43
C LYS T 1 61.33 52.91 4.96
N LEU T 2 62.63 52.69 5.19
CA LEU T 2 63.19 51.43 5.64
C LEU T 2 63.95 51.68 6.95
N ARG T 3 63.66 50.88 7.99
CA ARG T 3 64.46 50.93 9.20
C ARG T 3 65.37 49.71 9.25
N ILE T 4 66.68 49.93 9.09
CA ILE T 4 67.65 48.84 9.06
C ILE T 4 68.35 48.75 10.40
N ARG T 5 68.50 47.52 10.90
CA ARG T 5 69.12 47.27 12.19
C ARG T 5 70.53 46.72 11.98
N THR T 6 71.51 47.36 12.63
CA THR T 6 72.87 46.85 12.69
C THR T 6 72.87 45.51 13.43
N PRO T 7 73.85 44.60 13.19
CA PRO T 7 74.00 43.39 14.02
C PRO T 7 74.14 43.65 15.52
N SER T 8 74.35 44.91 15.90
CA SER T 8 74.36 45.27 17.31
C SER T 8 72.97 45.72 17.72
N GLY T 9 72.10 45.96 16.73
CA GLY T 9 70.70 46.26 16.98
C GLY T 9 70.43 47.77 17.04
N GLU T 10 71.24 48.54 16.31
CA GLU T 10 71.09 49.98 16.20
C GLU T 10 70.32 50.29 14.91
N PHE T 11 69.25 51.06 15.07
CA PHE T 11 68.32 51.36 13.98
C PHE T 11 68.91 52.44 13.08
N LEU T 12 68.84 52.22 11.77
CA LEU T 12 69.28 53.17 10.76
C LEU T 12 68.07 53.49 9.87
N GLU T 13 67.76 54.77 9.66
CA GLU T 13 66.57 55.15 8.91
C GLU T 13 66.93 55.93 7.65
N ARG T 14 66.22 55.64 6.55
CA ARG T 14 66.37 56.36 5.29
C ARG T 14 65.13 56.14 4.43
N ARG T 15 64.80 57.13 3.60
CA ARG T 15 63.66 57.08 2.69
C ARG T 15 64.16 57.06 1.25
N PHE T 16 63.65 56.13 0.44
CA PHE T 16 63.96 56.05 -0.97
C PHE T 16 62.65 55.99 -1.74
N LEU T 17 62.62 56.58 -2.94
CA LEU T 17 61.45 56.45 -3.80
C LEU T 17 61.41 55.02 -4.33
N ALA T 18 60.20 54.51 -4.59
CA ALA T 18 60.02 53.12 -4.99
C ALA T 18 60.73 52.85 -6.32
N SER T 19 60.89 53.92 -7.13
CA SER T 19 61.53 53.86 -8.44
C SER T 19 63.03 53.58 -8.29
N ASN T 20 63.61 53.96 -7.15
CA ASN T 20 65.02 53.71 -6.85
C ASN T 20 65.31 52.22 -6.95
N LYS T 21 66.37 51.88 -7.69
CA LYS T 21 66.88 50.52 -7.72
C LYS T 21 67.29 50.08 -6.32
N LEU T 22 67.25 48.77 -6.08
CA LEU T 22 67.63 48.21 -4.80
C LEU T 22 69.10 48.52 -4.49
N GLN T 23 69.87 48.80 -5.55
CA GLN T 23 71.28 49.14 -5.42
C GLN T 23 71.41 50.40 -4.57
N ILE T 24 70.46 51.34 -4.71
CA ILE T 24 70.47 52.56 -3.92
C ILE T 24 70.47 52.21 -2.44
N VAL T 25 69.65 51.21 -2.07
CA VAL T 25 69.57 50.72 -0.69
C VAL T 25 70.90 50.07 -0.29
N PHE T 26 71.47 49.29 -1.22
CA PHE T 26 72.77 48.63 -1.01
C PHE T 26 73.85 49.66 -0.74
N ASP T 27 73.86 50.76 -1.51
CA ASP T 27 74.83 51.82 -1.33
C ASP T 27 74.65 52.46 0.03
N PHE T 28 73.38 52.64 0.46
CA PHE T 28 73.09 53.22 1.75
C PHE T 28 73.69 52.36 2.86
N VAL T 29 73.52 51.04 2.77
CA VAL T 29 74.10 50.15 3.78
C VAL T 29 75.61 50.10 3.60
N ALA T 30 76.06 50.29 2.34
CA ALA T 30 77.47 50.34 2.01
C ALA T 30 78.11 51.62 2.54
N SER T 31 77.29 52.63 2.88
CA SER T 31 77.79 53.85 3.49
C SER T 31 78.36 53.55 4.86
N LYS T 32 77.56 52.88 5.71
CA LYS T 32 78.07 52.32 6.95
C LYS T 32 78.92 51.10 6.64
N GLY T 33 79.57 50.53 7.66
CA GLY T 33 80.51 49.44 7.50
C GLY T 33 79.83 48.10 7.19
N PHE T 34 78.96 48.11 6.17
CA PHE T 34 78.13 46.97 5.81
C PHE T 34 78.20 46.71 4.30
N PRO T 35 79.31 46.09 3.83
CA PRO T 35 79.43 45.71 2.41
C PRO T 35 78.49 44.55 2.10
N TRP T 36 78.05 44.48 0.83
CA TRP T 36 77.24 43.39 0.30
C TRP T 36 77.94 42.05 0.50
N ASP T 37 79.27 42.06 0.36
CA ASP T 37 80.09 40.88 0.52
C ASP T 37 80.07 40.39 1.97
N GLU T 38 80.26 41.32 2.92
CA GLU T 38 80.48 40.94 4.32
C GLU T 38 79.16 40.85 5.10
N TYR T 39 78.09 41.48 4.60
CA TYR T 39 76.84 41.60 5.35
C TYR T 39 75.62 41.29 4.48
N LYS T 40 74.59 40.67 5.09
CA LYS T 40 73.32 40.42 4.45
C LYS T 40 72.24 41.34 5.00
N LEU T 41 71.28 41.66 4.14
CA LEU T 41 70.10 42.43 4.53
C LEU T 41 68.88 41.51 4.52
N LEU T 42 68.34 41.23 5.72
CA LEU T 42 67.25 40.30 5.91
C LEU T 42 65.94 41.02 6.18
N SER T 43 64.84 40.42 5.72
CA SER T 43 63.48 40.88 5.97
C SER T 43 62.75 39.86 6.84
N THR T 44 61.88 40.35 7.74
CA THR T 44 61.07 39.44 8.54
C THR T 44 59.60 39.73 8.25
N PHE T 45 58.76 38.68 8.27
CA PHE T 45 57.32 38.77 7.99
C PHE T 45 57.07 39.70 6.81
N PRO T 46 57.42 39.31 5.55
CA PRO T 46 57.90 37.96 5.23
C PRO T 46 59.40 37.79 5.45
N ARG T 47 59.85 36.54 5.49
CA ARG T 47 61.25 36.20 5.71
C ARG T 47 61.96 36.07 4.36
N ARG T 48 62.90 36.98 4.07
CA ARG T 48 63.68 36.93 2.84
C ARG T 48 65.01 37.64 3.03
N ASP T 49 65.96 37.41 2.11
CA ASP T 49 67.27 38.06 2.12
C ASP T 49 67.37 38.98 0.90
N VAL T 50 67.17 40.28 1.14
CA VAL T 50 67.12 41.29 0.08
C VAL T 50 68.47 41.39 -0.61
N THR T 51 69.54 41.02 0.11
CA THR T 51 70.91 41.08 -0.37
C THR T 51 71.01 40.43 -1.75
N GLN T 52 70.37 39.26 -1.90
CA GLN T 52 70.51 38.42 -3.09
C GLN T 52 69.52 38.83 -4.18
N LEU T 53 68.60 39.75 -3.86
CA LEU T 53 67.64 40.22 -4.86
C LEU T 53 68.36 41.10 -5.88
N ASP T 54 67.81 41.19 -7.09
CA ASP T 54 68.43 41.94 -8.19
C ASP T 54 68.47 43.44 -7.87
N PRO T 55 69.68 44.08 -7.85
CA PRO T 55 69.79 45.50 -7.52
C PRO T 55 69.10 46.46 -8.49
N ASN T 56 68.98 46.03 -9.76
CA ASN T 56 68.42 46.86 -10.82
C ASN T 56 66.91 47.01 -10.70
N LYS T 57 66.24 46.01 -10.11
CA LYS T 57 64.80 46.06 -9.89
C LYS T 57 64.44 47.23 -8.98
N SER T 58 63.27 47.84 -9.25
CA SER T 58 62.68 48.88 -8.43
C SER T 58 62.31 48.35 -7.04
N LEU T 59 62.30 49.23 -6.03
CA LEU T 59 61.94 48.85 -4.67
C LEU T 59 60.53 48.29 -4.62
N LEU T 60 59.66 48.80 -5.51
CA LEU T 60 58.31 48.27 -5.69
C LEU T 60 58.40 46.83 -6.24
N GLU T 61 59.29 46.58 -7.20
CA GLU T 61 59.40 45.29 -7.88
C GLU T 61 60.05 44.25 -6.96
N VAL T 62 60.96 44.69 -6.08
CA VAL T 62 61.57 43.80 -5.10
C VAL T 62 60.59 43.53 -3.95
N LYS T 63 59.34 44.00 -4.15
CA LYS T 63 58.22 43.81 -3.23
C LYS T 63 58.60 44.30 -1.84
N LEU T 64 59.23 45.49 -1.74
CA LEU T 64 59.51 46.04 -0.42
C LEU T 64 58.37 46.98 -0.06
N PHE T 65 57.73 46.68 1.08
CA PHE T 65 56.54 47.37 1.52
C PHE T 65 56.90 48.83 1.84
N PRO T 66 55.98 49.81 1.62
CA PRO T 66 56.23 51.21 2.00
C PRO T 66 56.94 51.43 3.34
N GLN T 67 56.62 50.60 4.34
CA GLN T 67 57.43 50.51 5.55
C GLN T 67 57.96 49.08 5.69
N GLU T 68 59.26 48.95 5.98
CA GLU T 68 59.85 47.64 6.22
C GLU T 68 60.99 47.77 7.24
N THR T 69 60.97 46.93 8.27
CA THR T 69 62.14 46.78 9.13
C THR T 69 63.07 45.73 8.54
N LEU T 70 64.37 46.06 8.46
CA LEU T 70 65.36 45.16 7.89
C LEU T 70 66.50 44.95 8.88
N PHE T 71 67.22 43.84 8.72
CA PHE T 71 68.26 43.45 9.64
C PHE T 71 69.53 43.08 8.88
N LEU T 72 70.68 43.29 9.55
CA LEU T 72 71.97 43.03 8.95
C LEU T 72 72.64 41.87 9.68
N GLU T 73 73.14 40.91 8.91
CA GLU T 73 73.87 39.78 9.45
C GLU T 73 75.07 39.52 8.55
N ALA T 74 76.22 39.21 9.19
CA ALA T 74 77.46 38.91 8.50
C ALA T 74 77.29 37.63 7.68
N LYS T 75 77.65 37.70 6.39
CA LYS T 75 77.50 36.56 5.47
C LYS T 75 78.42 35.40 5.86
N GLU T 76 79.31 35.62 6.83
CA GLU T 76 80.24 34.61 7.31
C GLU T 76 80.09 33.29 6.55
N LYS U 1 17.55 -77.36 -14.27
CA LYS U 1 18.08 -78.02 -13.04
C LYS U 1 17.19 -77.74 -11.83
N LEU U 2 16.55 -78.80 -11.32
CA LEU U 2 15.55 -78.74 -10.26
C LEU U 2 15.99 -79.64 -9.11
N ARG U 3 15.99 -79.11 -7.89
CA ARG U 3 16.24 -79.92 -6.71
C ARG U 3 14.92 -80.17 -5.98
N ILE U 4 14.44 -81.41 -6.02
CA ILE U 4 13.17 -81.78 -5.40
C ILE U 4 13.45 -82.48 -4.06
N ARG U 5 12.68 -82.10 -3.04
CA ARG U 5 12.84 -82.65 -1.70
C ARG U 5 11.73 -83.66 -1.42
N THR U 6 12.11 -84.87 -1.01
CA THR U 6 11.15 -85.87 -0.53
C THR U 6 10.50 -85.34 0.75
N PRO U 7 9.28 -85.80 1.11
CA PRO U 7 8.69 -85.50 2.43
C PRO U 7 9.56 -85.86 3.63
N SER U 8 10.62 -86.65 3.39
CA SER U 8 11.57 -86.93 4.44
C SER U 8 12.71 -85.92 4.39
N GLY U 9 12.77 -85.16 3.29
CA GLY U 9 13.71 -84.05 3.17
C GLY U 9 15.00 -84.46 2.48
N GLU U 10 14.90 -85.48 1.60
CA GLU U 10 16.04 -85.95 0.80
C GLU U 10 15.96 -85.30 -0.56
N PHE U 11 17.07 -84.69 -0.96
CA PHE U 11 17.22 -83.94 -2.19
C PHE U 11 17.32 -84.90 -3.38
N LEU U 12 16.53 -84.61 -4.42
CA LEU U 12 16.56 -85.34 -5.68
C LEU U 12 16.91 -84.35 -6.78
N GLU U 13 17.96 -84.64 -7.56
CA GLU U 13 18.44 -83.69 -8.55
C GLU U 13 18.30 -84.28 -9.95
N ARG U 14 17.87 -83.45 -10.90
CA ARG U 14 17.78 -83.81 -12.30
C ARG U 14 17.77 -82.54 -13.15
N ARG U 15 18.29 -82.65 -14.38
CA ARG U 15 18.34 -81.55 -15.32
C ARG U 15 17.41 -81.83 -16.50
N PHE U 16 16.55 -80.86 -16.83
CA PHE U 16 15.68 -80.97 -17.99
C PHE U 16 15.85 -79.70 -18.82
N LEU U 17 15.72 -79.81 -20.14
CA LEU U 17 15.73 -78.63 -20.99
C LEU U 17 14.42 -77.88 -20.79
N ALA U 18 14.45 -76.55 -20.92
CA ALA U 18 13.27 -75.72 -20.65
C ALA U 18 12.12 -76.09 -21.58
N SER U 19 12.47 -76.64 -22.76
CA SER U 19 11.51 -77.05 -23.78
C SER U 19 10.70 -78.25 -23.31
N ASN U 20 11.27 -79.05 -22.41
CA ASN U 20 10.60 -80.22 -21.83
C ASN U 20 9.30 -79.79 -21.16
N LYS U 21 8.22 -80.49 -21.49
CA LYS U 21 6.95 -80.31 -20.82
C LYS U 21 7.11 -80.61 -19.33
N LEU U 22 6.23 -80.00 -18.53
CA LEU U 22 6.24 -80.20 -17.08
C LEU U 22 5.98 -81.66 -16.75
N GLN U 23 5.33 -82.38 -17.69
CA GLN U 23 5.02 -83.79 -17.55
C GLN U 23 6.33 -84.57 -17.37
N ILE U 24 7.39 -84.15 -18.07
CA ILE U 24 8.69 -84.80 -17.97
C ILE U 24 9.14 -84.80 -16.50
N VAL U 25 8.93 -83.66 -15.82
CA VAL U 25 9.26 -83.50 -14.42
C VAL U 25 8.37 -84.42 -13.57
N PHE U 26 7.07 -84.46 -13.92
CA PHE U 26 6.10 -85.31 -13.25
C PHE U 26 6.52 -86.78 -13.34
N ASP U 27 6.95 -87.21 -14.54
CA ASP U 27 7.40 -88.58 -14.75
C ASP U 27 8.62 -88.87 -13.89
N PHE U 28 9.53 -87.88 -13.78
CA PHE U 28 10.72 -88.02 -12.97
C PHE U 28 10.35 -88.28 -11.52
N VAL U 29 9.39 -87.50 -11.00
CA VAL U 29 8.95 -87.71 -9.63
C VAL U 29 8.13 -89.01 -9.54
N ALA U 30 7.47 -89.35 -10.66
CA ALA U 30 6.71 -90.58 -10.78
C ALA U 30 7.64 -91.79 -10.83
N SER U 31 8.93 -91.58 -11.12
CA SER U 31 9.92 -92.65 -11.10
C SER U 31 10.09 -93.15 -9.66
N LYS U 32 10.35 -92.22 -8.73
CA LYS U 32 10.31 -92.52 -7.31
C LYS U 32 8.85 -92.68 -6.89
N GLY U 33 8.62 -93.08 -5.64
CA GLY U 33 7.29 -93.40 -5.15
C GLY U 33 6.45 -92.15 -4.88
N PHE U 34 6.34 -91.30 -5.90
CA PHE U 34 5.68 -90.00 -5.80
C PHE U 34 4.74 -89.82 -6.99
N PRO U 35 3.54 -90.47 -6.96
CA PRO U 35 2.53 -90.26 -7.99
C PRO U 35 1.91 -88.87 -7.86
N TRP U 36 1.45 -88.32 -8.99
CA TRP U 36 0.75 -87.05 -9.01
C TRP U 36 -0.52 -87.10 -8.16
N ASP U 37 -1.16 -88.27 -8.11
CA ASP U 37 -2.35 -88.50 -7.30
C ASP U 37 -2.01 -88.41 -5.81
N GLU U 38 -0.93 -89.07 -5.39
CA GLU U 38 -0.66 -89.25 -3.97
C GLU U 38 0.21 -88.12 -3.41
N TYR U 39 0.94 -87.39 -4.29
CA TYR U 39 1.92 -86.41 -3.87
C TYR U 39 1.81 -85.09 -4.65
N LYS U 40 2.07 -83.97 -3.95
CA LYS U 40 2.08 -82.65 -4.58
C LYS U 40 3.52 -82.14 -4.67
N LEU U 41 3.78 -81.36 -5.72
CA LEU U 41 5.05 -80.68 -5.91
C LEU U 41 4.87 -79.18 -5.65
N LEU U 42 5.47 -78.69 -4.56
CA LEU U 42 5.29 -77.33 -4.07
C LEU U 42 6.55 -76.50 -4.35
N SER U 43 6.32 -75.19 -4.59
CA SER U 43 7.37 -74.20 -4.68
C SER U 43 7.22 -73.20 -3.51
N THR U 44 8.34 -72.70 -2.99
CA THR U 44 8.28 -71.68 -1.94
C THR U 44 9.00 -70.43 -2.46
N PHE U 45 8.50 -69.24 -2.07
CA PHE U 45 9.04 -67.95 -2.48
C PHE U 45 9.39 -67.97 -3.97
N PRO U 46 8.41 -68.01 -4.90
CA PRO U 46 6.98 -67.86 -4.58
C PRO U 46 6.33 -69.17 -4.17
N ARG U 47 5.15 -69.07 -3.55
CA ARG U 47 4.41 -70.23 -3.06
C ARG U 47 3.42 -70.66 -4.13
N ARG U 48 3.63 -71.85 -4.69
CA ARG U 48 2.76 -72.39 -5.73
C ARG U 48 2.84 -73.92 -5.71
N ASP U 49 1.82 -74.55 -6.31
CA ASP U 49 1.76 -76.00 -6.41
C ASP U 49 1.87 -76.39 -7.88
N VAL U 50 3.08 -76.80 -8.30
CA VAL U 50 3.40 -77.12 -9.68
C VAL U 50 2.54 -78.30 -10.15
N THR U 51 2.14 -79.16 -9.20
CA THR U 51 1.38 -80.37 -9.47
C THR U 51 0.20 -80.04 -10.38
N GLN U 52 -0.52 -78.95 -10.07
CA GLN U 52 -1.77 -78.59 -10.72
C GLN U 52 -1.53 -77.78 -11.99
N LEU U 53 -0.29 -77.39 -12.24
CA LEU U 53 0.03 -76.63 -13.46
C LEU U 53 -0.07 -77.56 -14.66
N ASP U 54 -0.31 -76.99 -15.84
CA ASP U 54 -0.52 -77.75 -17.07
C ASP U 54 0.76 -78.50 -17.47
N PRO U 55 0.73 -79.85 -17.60
CA PRO U 55 1.93 -80.62 -17.93
C PRO U 55 2.51 -80.35 -19.31
N ASN U 56 1.64 -79.91 -20.25
CA ASN U 56 2.02 -79.70 -21.63
C ASN U 56 2.87 -78.44 -21.81
N LYS U 57 2.68 -77.45 -20.92
CA LYS U 57 3.46 -76.23 -20.96
C LYS U 57 4.95 -76.53 -20.74
N SER U 58 5.80 -75.76 -21.43
CA SER U 58 7.25 -75.81 -21.29
C SER U 58 7.67 -75.37 -19.88
N LEU U 59 8.82 -75.86 -19.40
CA LEU U 59 9.35 -75.51 -18.08
C LEU U 59 9.55 -74.00 -17.98
N LEU U 60 9.91 -73.37 -19.11
CA LEU U 60 9.99 -71.91 -19.19
C LEU U 60 8.60 -71.29 -18.99
N GLU U 61 7.57 -71.88 -19.61
CA GLU U 61 6.22 -71.34 -19.58
C GLU U 61 5.56 -71.57 -18.21
N VAL U 62 5.91 -72.65 -17.51
CA VAL U 62 5.43 -72.91 -16.16
C VAL U 62 6.18 -72.01 -15.18
N LYS U 63 6.97 -71.09 -15.73
CA LYS U 63 7.74 -70.10 -14.97
C LYS U 63 8.62 -70.77 -13.94
N LEU U 64 9.32 -71.84 -14.34
CA LEU U 64 10.30 -72.44 -13.44
C LEU U 64 11.65 -71.82 -13.77
N PHE U 65 12.29 -71.22 -12.76
CA PHE U 65 13.60 -70.60 -12.89
C PHE U 65 14.62 -71.67 -13.32
N PRO U 66 15.68 -71.32 -14.11
CA PRO U 66 16.81 -72.22 -14.37
C PRO U 66 17.29 -73.05 -13.17
N GLN U 67 17.24 -72.49 -11.97
CA GLN U 67 17.36 -73.26 -10.74
C GLN U 67 16.09 -73.11 -9.91
N GLU U 68 15.52 -74.22 -9.42
CA GLU U 68 14.38 -74.12 -8.51
C GLU U 68 14.41 -75.27 -7.51
N THR U 69 14.28 -74.96 -6.21
CA THR U 69 14.06 -75.98 -5.20
C THR U 69 12.56 -76.26 -5.08
N LEU U 70 12.18 -77.55 -5.11
CA LEU U 70 10.78 -77.96 -5.00
C LEU U 70 10.64 -78.96 -3.86
N PHE U 71 9.40 -79.13 -3.39
CA PHE U 71 9.11 -79.97 -2.24
C PHE U 71 7.91 -80.87 -2.54
N LEU U 72 7.90 -82.05 -1.90
CA LEU U 72 6.84 -83.03 -2.10
C LEU U 72 6.04 -83.17 -0.80
N GLU U 73 4.71 -83.13 -0.96
CA GLU U 73 3.80 -83.35 0.15
C GLU U 73 2.66 -84.23 -0.34
N ALA U 74 2.23 -85.17 0.52
CA ALA U 74 1.13 -86.08 0.24
C ALA U 74 -0.17 -85.27 0.09
N LYS U 75 -0.90 -85.50 -1.01
CA LYS U 75 -2.13 -84.75 -1.30
C LYS U 75 -3.22 -85.03 -0.27
N GLU U 76 -3.01 -86.01 0.61
CA GLU U 76 -3.95 -86.39 1.65
C GLU U 76 -4.96 -85.25 1.87
N LYS V 1 76.28 -22.05 -16.97
CA LYS V 1 76.96 -22.39 -15.68
C LYS V 1 76.12 -23.38 -14.87
N LEU V 2 76.66 -24.58 -14.70
CA LEU V 2 76.03 -25.67 -13.95
C LEU V 2 76.97 -26.08 -12.82
N ARG V 3 76.44 -26.15 -11.59
CA ARG V 3 77.21 -26.71 -10.49
C ARG V 3 76.68 -28.10 -10.17
N ILE V 4 77.48 -29.13 -10.46
CA ILE V 4 77.07 -30.51 -10.23
C ILE V 4 77.74 -31.02 -8.95
N ARG V 5 76.94 -31.71 -8.12
CA ARG V 5 77.39 -32.19 -6.84
C ARG V 5 77.62 -33.69 -6.91
N THR V 6 78.82 -34.14 -6.50
CA THR V 6 79.11 -35.55 -6.34
C THR V 6 78.22 -36.11 -5.23
N PRO V 7 77.92 -37.44 -5.22
CA PRO V 7 77.25 -38.07 -4.09
C PRO V 7 77.94 -37.87 -2.73
N SER V 8 79.17 -37.37 -2.75
CA SER V 8 79.84 -37.01 -1.51
C SER V 8 79.60 -35.53 -1.20
N GLY V 9 79.08 -34.81 -2.19
CA GLY V 9 78.67 -33.42 -1.99
C GLY V 9 79.77 -32.44 -2.37
N GLU V 10 80.61 -32.82 -3.32
CA GLU V 10 81.67 -31.97 -3.85
C GLU V 10 81.15 -31.32 -5.14
N PHE V 11 81.27 -30.00 -5.20
CA PHE V 11 80.79 -29.21 -6.32
C PHE V 11 81.77 -29.34 -7.50
N LEU V 12 81.20 -29.57 -8.69
CA LEU V 12 81.91 -29.54 -9.96
C LEU V 12 81.30 -28.43 -10.81
N GLU V 13 82.13 -27.50 -11.29
CA GLU V 13 81.64 -26.36 -12.03
C GLU V 13 82.16 -26.38 -13.47
N ARG V 14 81.26 -26.01 -14.40
CA ARG V 14 81.59 -25.93 -15.82
C ARG V 14 80.55 -25.07 -16.54
N ARG V 15 80.99 -24.42 -17.62
CA ARG V 15 80.12 -23.58 -18.44
C ARG V 15 79.98 -24.20 -19.82
N PHE V 16 78.73 -24.33 -20.29
CA PHE V 16 78.46 -24.83 -21.63
C PHE V 16 77.51 -23.82 -22.30
N LEU V 17 77.67 -23.63 -23.62
CA LEU V 17 76.74 -22.77 -24.34
C LEU V 17 75.42 -23.53 -24.47
N ALA V 18 74.31 -22.79 -24.51
CA ALA V 18 72.98 -23.36 -24.50
C ALA V 18 72.78 -24.26 -25.73
N SER V 19 73.53 -23.96 -26.81
CA SER V 19 73.45 -24.69 -28.07
C SER V 19 74.03 -26.10 -27.91
N ASN V 20 74.93 -26.29 -26.94
CA ASN V 20 75.53 -27.58 -26.64
C ASN V 20 74.43 -28.59 -26.31
N LYS V 21 74.51 -29.75 -26.95
CA LYS V 21 73.66 -30.88 -26.62
C LYS V 21 73.88 -31.27 -25.16
N LEU V 22 72.85 -31.88 -24.57
CA LEU V 22 72.91 -32.33 -23.19
C LEU V 22 73.99 -33.40 -23.03
N GLN V 23 74.34 -34.05 -24.15
CA GLN V 23 75.37 -35.07 -24.17
C GLN V 23 76.69 -34.46 -23.71
N ILE V 24 76.94 -33.19 -24.09
CA ILE V 24 78.15 -32.49 -23.69
C ILE V 24 78.26 -32.50 -22.16
N VAL V 25 77.14 -32.25 -21.50
CA VAL V 25 77.05 -32.26 -20.04
C VAL V 25 77.30 -33.68 -19.52
N PHE V 26 76.70 -34.67 -20.19
CA PHE V 26 76.85 -36.07 -19.85
C PHE V 26 78.33 -36.48 -19.91
N ASP V 27 79.02 -36.04 -20.99
CA ASP V 27 80.42 -36.37 -21.15
C ASP V 27 81.23 -35.72 -20.04
N PHE V 28 80.87 -34.50 -19.65
CA PHE V 28 81.55 -33.80 -18.55
C PHE V 28 81.46 -34.62 -17.27
N VAL V 29 80.25 -35.13 -16.97
CA VAL V 29 80.08 -35.95 -15.77
C VAL V 29 80.74 -37.31 -15.99
N ALA V 30 80.78 -37.74 -17.26
CA ALA V 30 81.43 -38.98 -17.66
C ALA V 30 82.95 -38.85 -17.55
N SER V 31 83.46 -37.61 -17.48
CA SER V 31 84.88 -37.38 -17.28
C SER V 31 85.29 -37.87 -15.90
N LYS V 32 84.57 -37.41 -14.86
CA LYS V 32 84.71 -37.98 -13.53
C LYS V 32 84.05 -39.35 -13.52
N GLY V 33 84.16 -40.07 -12.39
CA GLY V 33 83.69 -41.44 -12.28
C GLY V 33 82.18 -41.55 -12.17
N PHE V 34 81.48 -40.92 -13.11
CA PHE V 34 80.02 -40.80 -13.08
C PHE V 34 79.44 -41.15 -14.46
N PRO V 35 79.35 -42.47 -14.79
CA PRO V 35 78.73 -42.92 -16.03
C PRO V 35 77.22 -42.71 -15.97
N TRP V 36 76.60 -42.50 -17.14
CA TRP V 36 75.16 -42.39 -17.30
C TRP V 36 74.46 -43.65 -16.77
N ASP V 37 75.11 -44.80 -16.96
CA ASP V 37 74.59 -46.09 -16.50
C ASP V 37 74.56 -46.15 -14.97
N GLU V 38 75.67 -45.74 -14.34
CA GLU V 38 75.85 -45.96 -12.91
C GLU V 38 75.32 -44.80 -12.08
N TYR V 39 75.17 -43.61 -12.68
CA TYR V 39 74.82 -42.39 -11.96
C TYR V 39 73.72 -41.59 -12.65
N LYS V 40 72.86 -40.96 -11.84
CA LYS V 40 71.81 -40.07 -12.33
C LYS V 40 72.16 -38.62 -12.01
N LEU V 41 71.73 -37.72 -12.90
CA LEU V 41 71.85 -36.29 -12.69
C LEU V 41 70.47 -35.69 -12.39
N LEU V 42 70.29 -35.24 -11.14
CA LEU V 42 69.02 -34.77 -10.62
C LEU V 42 69.01 -33.25 -10.51
N SER V 43 67.83 -32.66 -10.73
CA SER V 43 67.57 -31.24 -10.51
C SER V 43 66.57 -31.07 -9.36
N THR V 44 66.73 -30.01 -8.56
CA THR V 44 65.78 -29.72 -7.50
C THR V 44 65.18 -28.34 -7.77
N PHE V 45 63.89 -28.17 -7.42
CA PHE V 45 63.14 -26.92 -7.61
C PHE V 45 63.45 -26.33 -8.98
N PRO V 46 62.99 -26.93 -10.11
CA PRO V 46 62.06 -28.07 -10.09
C PRO V 46 62.78 -29.41 -9.94
N ARG V 47 62.00 -30.45 -9.61
CA ARG V 47 62.53 -31.80 -9.43
C ARG V 47 62.44 -32.55 -10.76
N ARG V 48 63.60 -32.90 -11.33
CA ARG V 48 63.66 -33.67 -12.56
C ARG V 48 64.97 -34.46 -12.60
N ASP V 49 65.00 -35.48 -13.47
CA ASP V 49 66.19 -36.28 -13.69
C ASP V 49 66.69 -36.04 -15.11
N VAL V 50 67.72 -35.20 -15.23
CA VAL V 50 68.25 -34.77 -16.52
C VAL V 50 68.82 -35.96 -17.28
N THR V 51 69.26 -36.99 -16.52
CA THR V 51 69.87 -38.19 -17.05
C THR V 51 69.03 -38.73 -18.21
N GLN V 52 67.70 -38.80 -17.99
CA GLN V 52 66.78 -39.47 -18.90
C GLN V 52 66.32 -38.53 -20.02
N LEU V 53 66.69 -37.24 -19.94
CA LEU V 53 66.35 -36.32 -21.01
C LEU V 53 67.19 -36.64 -22.26
N ASP V 54 66.66 -36.25 -23.43
CA ASP V 54 67.31 -36.54 -24.71
C ASP V 54 68.63 -35.79 -24.82
N PRO V 55 69.78 -36.50 -25.03
CA PRO V 55 71.10 -35.86 -25.11
C PRO V 55 71.27 -34.89 -26.29
N ASN V 56 70.52 -35.14 -27.38
CA ASN V 56 70.65 -34.37 -28.61
C ASN V 56 70.03 -32.98 -28.49
N LYS V 57 69.02 -32.84 -27.61
CA LYS V 57 68.38 -31.55 -27.36
C LYS V 57 69.38 -30.55 -26.79
N SER V 58 69.20 -29.29 -27.19
CA SER V 58 69.98 -28.16 -26.68
C SER V 58 69.71 -27.94 -25.19
N LEU V 59 70.69 -27.38 -24.47
CA LEU V 59 70.56 -27.11 -23.04
C LEU V 59 69.39 -26.17 -22.78
N LEU V 60 69.13 -25.26 -23.74
CA LEU V 60 67.96 -24.40 -23.70
C LEU V 60 66.67 -25.24 -23.83
N GLU V 61 66.68 -26.23 -24.72
CA GLU V 61 65.51 -27.06 -25.01
C GLU V 61 65.22 -28.02 -23.86
N VAL V 62 66.27 -28.50 -23.18
CA VAL V 62 66.12 -29.36 -22.01
C VAL V 62 65.69 -28.52 -20.81
N LYS V 63 65.40 -27.24 -21.06
CA LYS V 63 64.93 -26.28 -20.07
C LYS V 63 65.89 -26.22 -18.88
N LEU V 64 67.20 -26.17 -19.14
CA LEU V 64 68.14 -25.98 -18.05
C LEU V 64 68.42 -24.48 -17.91
N PHE V 65 68.16 -23.95 -16.71
CA PHE V 65 68.26 -22.52 -16.41
C PHE V 65 69.72 -22.08 -16.60
N PRO V 66 69.99 -20.82 -17.05
CA PRO V 66 71.33 -20.24 -17.03
C PRO V 66 72.20 -20.57 -15.82
N GLN V 67 71.59 -20.65 -14.62
CA GLN V 67 72.23 -21.24 -13.47
C GLN V 67 71.39 -22.43 -12.98
N GLU V 68 72.05 -23.56 -12.73
CA GLU V 68 71.35 -24.71 -12.17
C GLU V 68 72.33 -25.50 -11.30
N THR V 69 71.93 -25.78 -10.05
CA THR V 69 72.64 -26.77 -9.24
C THR V 69 72.08 -28.16 -9.54
N LEU V 70 72.96 -29.13 -9.78
CA LEU V 70 72.57 -30.50 -10.10
C LEU V 70 73.25 -31.46 -9.13
N PHE V 71 72.67 -32.65 -8.99
CA PHE V 71 73.15 -33.64 -8.03
C PHE V 71 73.28 -35.00 -8.71
N LEU V 72 74.22 -35.79 -8.19
CA LEU V 72 74.50 -37.11 -8.73
C LEU V 72 74.10 -38.17 -7.71
N GLU V 73 73.34 -39.16 -8.20
CA GLU V 73 72.96 -40.30 -7.38
C GLU V 73 73.09 -41.56 -8.21
N ALA V 74 73.59 -42.63 -7.57
CA ALA V 74 73.78 -43.93 -8.20
C ALA V 74 72.43 -44.50 -8.60
N LYS V 75 72.31 -44.93 -9.88
CA LYS V 75 71.05 -45.42 -10.42
C LYS V 75 70.59 -46.71 -9.74
N GLU V 76 71.46 -47.31 -8.92
CA GLU V 76 71.12 -48.49 -8.12
C GLU V 76 71.42 -48.17 -6.65
N LYS W 1 -14.56 75.36 25.98
CA LYS W 1 -14.38 75.28 27.45
C LYS W 1 -12.99 74.69 27.70
N LEU W 2 -12.20 75.40 28.51
CA LEU W 2 -10.97 74.81 29.00
C LEU W 2 -11.05 74.89 30.52
N ARG W 3 -9.98 74.43 31.19
CA ARG W 3 -9.76 74.73 32.59
C ARG W 3 -8.25 74.77 32.80
N ILE W 4 -7.74 76.01 32.85
CA ILE W 4 -6.31 76.25 32.99
C ILE W 4 -5.94 76.43 34.47
N ARG W 5 -4.88 75.70 34.85
CA ARG W 5 -4.44 75.58 36.22
C ARG W 5 -3.18 76.43 36.39
N THR W 6 -3.27 77.41 37.28
CA THR W 6 -2.17 78.31 37.61
C THR W 6 -1.04 77.49 38.23
N PRO W 7 0.25 77.94 38.12
CA PRO W 7 1.34 77.32 38.88
C PRO W 7 1.12 77.26 40.40
N SER W 8 0.12 77.99 40.90
CA SER W 8 -0.24 77.82 42.30
C SER W 8 -1.38 76.79 42.44
N GLY W 9 -2.08 76.52 41.33
CA GLY W 9 -3.05 75.43 41.27
C GLY W 9 -4.52 75.85 41.09
N GLU W 10 -4.79 77.17 41.04
CA GLU W 10 -6.12 77.75 40.89
C GLU W 10 -6.62 77.57 39.44
N PHE W 11 -7.92 77.31 39.27
CA PHE W 11 -8.50 77.03 37.95
C PHE W 11 -8.93 78.32 37.24
N LEU W 12 -8.66 78.40 35.93
CA LEU W 12 -9.03 79.55 35.10
C LEU W 12 -9.84 79.06 33.89
N GLU W 13 -11.00 79.68 33.64
CA GLU W 13 -12.00 79.14 32.74
C GLU W 13 -12.35 80.18 31.67
N ARG W 14 -12.59 79.72 30.43
CA ARG W 14 -13.15 80.57 29.39
C ARG W 14 -13.86 79.72 28.33
N ARG W 15 -15.11 79.33 28.66
CA ARG W 15 -16.06 78.57 27.85
C ARG W 15 -15.79 78.82 26.36
N LYS W 21 -9.13 82.10 18.47
CA LYS W 21 -8.97 80.63 18.30
C LYS W 21 -7.94 80.10 19.28
N LEU W 22 -6.79 79.60 18.80
CA LEU W 22 -5.72 79.34 19.75
C LEU W 22 -5.33 80.66 20.41
N GLN W 23 -5.05 81.68 19.59
CA GLN W 23 -4.51 82.96 20.05
C GLN W 23 -5.40 83.51 21.17
N ILE W 24 -6.72 83.28 21.04
CA ILE W 24 -7.63 83.88 22.00
C ILE W 24 -7.40 83.25 23.38
N VAL W 25 -6.95 81.98 23.43
CA VAL W 25 -6.58 81.32 24.67
C VAL W 25 -5.39 82.04 25.33
N PHE W 26 -4.34 82.35 24.55
CA PHE W 26 -3.06 82.78 25.11
C PHE W 26 -3.19 84.20 25.65
N ASP W 27 -3.95 85.04 24.94
CA ASP W 27 -4.34 86.37 25.40
C ASP W 27 -4.99 86.32 26.77
N PHE W 28 -5.90 85.34 26.98
CA PHE W 28 -6.67 85.19 28.21
C PHE W 28 -5.71 85.02 29.39
N VAL W 29 -4.73 84.13 29.23
CA VAL W 29 -3.77 83.90 30.30
C VAL W 29 -2.85 85.12 30.39
N ALA W 30 -2.62 85.76 29.24
CA ALA W 30 -1.80 86.95 29.13
C ALA W 30 -2.50 88.14 29.82
N SER W 31 -3.82 88.04 30.02
CA SER W 31 -4.58 89.06 30.73
C SER W 31 -4.09 89.17 32.18
N LYS W 32 -4.08 88.04 32.89
CA LYS W 32 -3.59 88.03 34.27
C LYS W 32 -2.07 87.90 34.28
N GLY W 33 -1.51 87.32 35.36
CA GLY W 33 -0.07 87.30 35.49
C GLY W 33 0.59 86.19 34.65
N PHE W 34 0.11 85.98 33.42
CA PHE W 34 0.55 84.83 32.64
C PHE W 34 0.83 85.18 31.17
N PRO W 35 1.89 85.97 30.84
CA PRO W 35 2.29 86.19 29.45
C PRO W 35 2.95 84.95 28.86
N TRP W 36 2.80 84.75 27.54
CA TRP W 36 3.41 83.63 26.85
C TRP W 36 4.94 83.75 26.80
N ASP W 37 5.45 84.96 26.56
CA ASP W 37 6.90 85.20 26.53
C ASP W 37 7.53 84.79 27.85
N GLU W 38 6.78 84.97 28.95
CA GLU W 38 7.26 84.68 30.29
C GLU W 38 7.00 83.22 30.68
N TYR W 39 5.90 82.62 30.18
CA TYR W 39 5.46 81.29 30.62
C TYR W 39 4.98 80.39 29.48
N LYS W 40 4.98 79.08 29.77
CA LYS W 40 4.53 78.03 28.87
C LYS W 40 3.23 77.42 29.39
N LEU W 41 2.43 76.92 28.44
CA LEU W 41 1.09 76.43 28.70
C LEU W 41 1.07 74.94 28.42
N LEU W 42 0.87 74.12 29.47
CA LEU W 42 0.94 72.66 29.37
C LEU W 42 -0.44 72.02 29.41
N SER W 43 -0.63 70.97 28.60
CA SER W 43 -1.76 70.04 28.66
C SER W 43 -1.24 68.68 29.09
N THR W 44 -2.08 67.92 29.79
CA THR W 44 -1.66 66.62 30.30
C THR W 44 -2.56 65.55 29.71
N PHE W 45 -1.95 64.40 29.38
CA PHE W 45 -2.59 63.19 28.85
C PHE W 45 -3.65 63.53 27.79
N PRO W 46 -3.29 64.11 26.62
CA PRO W 46 -1.91 64.14 26.12
C PRO W 46 -1.06 65.28 26.67
N ARG W 47 0.25 65.00 26.71
CA ARG W 47 1.19 65.73 27.54
C ARG W 47 1.90 66.75 26.68
N ARG W 48 1.67 68.04 26.97
CA ARG W 48 2.31 69.14 26.25
C ARG W 48 2.29 70.39 27.15
N ASN W 56 -3.01 80.99 16.23
CA ASN W 56 -2.03 80.47 15.24
C ASN W 56 -2.68 79.40 14.34
N LYS W 57 -3.56 78.58 14.91
CA LYS W 57 -4.39 77.62 14.20
C LYS W 57 -5.74 77.63 14.91
N SER W 58 -6.79 77.02 14.31
CA SER W 58 -8.08 76.92 14.97
C SER W 58 -7.99 75.93 16.15
N LEU W 59 -8.81 76.15 17.19
CA LEU W 59 -8.91 75.18 18.28
C LEU W 59 -9.53 73.92 17.68
N LEU W 60 -10.45 74.17 16.73
CA LEU W 60 -11.06 73.20 15.84
C LEU W 60 -11.59 72.00 16.63
N GLU W 68 -11.05 71.69 29.33
CA GLU W 68 -9.80 70.88 29.18
C GLU W 68 -8.81 71.35 30.25
N THR W 69 -8.45 70.45 31.18
CA THR W 69 -7.51 70.83 32.23
C THR W 69 -6.15 71.13 31.62
N LEU W 70 -5.67 72.35 31.85
CA LEU W 70 -4.36 72.78 31.41
C LEU W 70 -3.61 73.38 32.60
N PHE W 71 -2.28 73.40 32.51
CA PHE W 71 -1.40 73.93 33.54
C PHE W 71 -0.29 74.77 32.91
N LEU W 72 0.28 75.69 33.71
CA LEU W 72 1.38 76.51 33.22
C LEU W 72 2.72 76.09 33.85
N LYS X 1 -72.89 20.53 28.68
CA LYS X 1 -72.98 20.38 30.15
C LYS X 1 -71.78 21.02 30.83
N LEU X 2 -72.06 22.07 31.62
CA LEU X 2 -71.06 22.84 32.36
C LEU X 2 -71.41 22.77 33.85
N ARG X 3 -70.43 22.43 34.67
CA ARG X 3 -70.61 22.50 36.13
C ARG X 3 -69.82 23.72 36.63
N ILE X 4 -70.55 24.77 37.06
CA ILE X 4 -69.92 25.99 37.54
C ILE X 4 -69.95 26.01 39.06
N ARG X 5 -68.82 26.38 39.67
CA ARG X 5 -68.65 26.30 41.11
C ARG X 5 -68.70 27.71 41.68
N THR X 6 -69.59 27.93 42.66
CA THR X 6 -69.64 29.18 43.40
C THR X 6 -68.32 29.35 44.16
N PRO X 7 -67.91 30.59 44.51
CA PRO X 7 -66.77 30.81 45.40
C PRO X 7 -66.86 30.11 46.76
N SER X 8 -68.04 29.59 47.09
CA SER X 8 -68.19 28.77 48.28
C SER X 8 -68.01 27.30 47.93
N GLY X 9 -68.02 26.99 46.63
CA GLY X 9 -67.71 25.65 46.15
C GLY X 9 -68.98 24.81 45.95
N GLU X 10 -70.08 25.48 45.63
CA GLU X 10 -71.34 24.83 45.32
C GLU X 10 -71.47 24.71 43.82
N PHE X 11 -71.75 23.47 43.35
CA PHE X 11 -71.85 23.23 41.92
C PHE X 11 -73.19 23.71 41.40
N LEU X 12 -73.16 24.40 40.25
CA LEU X 12 -74.32 24.85 39.51
C LEU X 12 -74.27 24.20 38.12
N GLU X 13 -75.35 23.50 37.76
CA GLU X 13 -75.34 22.65 36.56
C GLU X 13 -76.37 23.16 35.56
N ARG X 14 -75.97 23.18 34.29
CA ARG X 14 -76.86 23.56 33.20
C ARG X 14 -76.30 23.00 31.89
N ARG X 15 -77.21 22.68 30.97
CA ARG X 15 -76.84 22.22 29.64
C ARG X 15 -77.22 23.28 28.60
N PHE X 16 -76.27 23.61 27.73
CA PHE X 16 -76.52 24.51 26.62
C PHE X 16 -76.05 23.82 25.34
N LEU X 17 -76.70 24.10 24.22
CA LEU X 17 -76.22 23.61 22.93
C LEU X 17 -74.97 24.39 22.57
N ALA X 18 -74.04 23.73 21.84
CA ALA X 18 -72.75 24.34 21.52
C ALA X 18 -72.94 25.61 20.70
N SER X 19 -74.06 25.68 19.97
CA SER X 19 -74.43 26.79 19.11
C SER X 19 -74.72 28.05 19.95
N ASN X 20 -75.16 27.85 21.19
CA ASN X 20 -75.47 28.93 22.13
C ASN X 20 -74.22 29.79 22.31
N LYS X 21 -74.42 31.11 22.17
CA LYS X 21 -73.40 32.08 22.48
C LYS X 21 -72.99 31.95 23.95
N LEU X 22 -71.75 32.36 24.23
CA LEU X 22 -71.20 32.31 25.58
C LEU X 22 -72.02 33.22 26.49
N GLN X 23 -72.70 34.21 25.90
CA GLN X 23 -73.54 35.14 26.64
C GLN X 23 -74.63 34.37 27.37
N ILE X 24 -75.15 33.30 26.73
CA ILE X 24 -76.18 32.47 27.34
C ILE X 24 -75.67 31.94 28.69
N VAL X 25 -74.40 31.51 28.71
CA VAL X 25 -73.75 31.01 29.91
C VAL X 25 -73.60 32.15 30.92
N PHE X 26 -73.21 33.34 30.43
CA PHE X 26 -73.07 34.53 31.26
C PHE X 26 -74.39 34.88 31.94
N ASP X 27 -75.50 34.81 31.18
CA ASP X 27 -76.82 35.10 31.72
C ASP X 27 -77.17 34.08 32.79
N PHE X 28 -76.80 32.80 32.56
CA PHE X 28 -77.06 31.74 33.52
C PHE X 28 -76.37 32.05 34.84
N VAL X 29 -75.10 32.49 34.78
CA VAL X 29 -74.37 32.83 35.99
C VAL X 29 -74.91 34.15 36.54
N ALA X 30 -75.41 34.99 35.64
CA ALA X 30 -76.04 36.26 35.99
C ALA X 30 -77.39 36.04 36.68
N SER X 31 -77.96 34.83 36.52
CA SER X 31 -79.19 34.47 37.21
C SER X 31 -78.94 34.42 38.72
N LYS X 32 -77.92 33.66 39.12
CA LYS X 32 -77.42 33.69 40.49
C LYS X 32 -76.67 35.02 40.70
N GLY X 33 -76.25 35.27 41.95
CA GLY X 33 -75.63 36.53 42.32
C GLY X 33 -74.20 36.68 41.82
N PHE X 34 -74.01 36.46 40.50
CA PHE X 34 -72.69 36.42 39.87
C PHE X 34 -72.71 37.26 38.60
N PRO X 35 -72.62 38.61 38.74
CA PRO X 35 -72.50 39.50 37.58
C PRO X 35 -71.13 39.35 36.94
N TRP X 36 -71.07 39.60 35.62
CA TRP X 36 -69.84 39.62 34.84
C TRP X 36 -68.85 40.64 35.43
N ASP X 37 -69.39 41.76 35.93
CA ASP X 37 -68.61 42.82 36.53
C ASP X 37 -67.96 42.35 37.84
N GLU X 38 -68.74 41.69 38.69
CA GLU X 38 -68.31 41.39 40.05
C GLU X 38 -67.61 40.03 40.14
N TYR X 39 -67.83 39.14 39.16
CA TYR X 39 -67.35 37.77 39.23
C TYR X 39 -66.71 37.31 37.92
N LYS X 40 -65.66 36.48 38.03
CA LYS X 40 -64.99 35.89 36.88
C LYS X 40 -65.31 34.39 36.81
N LEU X 41 -65.37 33.89 35.57
CA LEU X 41 -65.54 32.48 35.30
C LEU X 41 -64.22 31.88 34.80
N LEU X 42 -63.60 31.02 35.62
CA LEU X 42 -62.28 30.46 35.36
C LEU X 42 -62.39 29.00 34.92
N SER X 43 -61.46 28.60 34.05
CA SER X 43 -61.27 27.22 33.64
C SER X 43 -59.90 26.72 34.13
N THR X 44 -59.82 25.44 34.51
CA THR X 44 -58.54 24.87 34.90
C THR X 44 -58.22 23.71 33.97
N PHE X 45 -56.93 23.52 33.64
CA PHE X 45 -56.44 22.47 32.74
C PHE X 45 -57.38 22.34 31.53
N PRO X 46 -57.41 23.31 30.59
CA PRO X 46 -56.47 24.44 30.56
C PRO X 46 -56.90 25.61 31.46
N ARG X 47 -55.95 26.50 31.74
CA ARG X 47 -56.18 27.63 32.63
C ARG X 47 -56.55 28.84 31.78
N ARG X 48 -57.80 29.31 31.91
CA ARG X 48 -58.27 30.47 31.17
C ARG X 48 -59.42 31.13 31.94
N ASP X 49 -59.71 32.37 31.56
CA ASP X 49 -60.81 33.15 32.13
C ASP X 49 -61.86 33.38 31.06
N VAL X 50 -62.93 32.56 31.09
CA VAL X 50 -63.97 32.57 30.08
C VAL X 50 -64.70 33.91 30.09
N THR X 51 -64.69 34.58 31.25
CA THR X 51 -65.36 35.86 31.46
C THR X 51 -65.00 36.82 30.32
N GLN X 52 -63.71 36.89 29.96
CA GLN X 52 -63.18 37.86 29.02
C GLN X 52 -63.31 37.39 27.58
N LEU X 53 -63.73 36.14 27.38
CA LEU X 53 -63.91 35.62 26.03
C LEU X 53 -65.15 36.28 25.41
N ASP X 54 -65.19 36.34 24.07
CA ASP X 54 -66.24 37.01 23.33
C ASP X 54 -67.58 36.29 23.54
N PRO X 55 -68.63 36.99 24.06
CA PRO X 55 -69.93 36.34 24.33
C PRO X 55 -70.67 35.84 23.09
N ASN X 56 -70.39 36.47 21.94
CA ASN X 56 -71.08 36.14 20.69
C ASN X 56 -70.60 34.82 20.10
N LYS X 57 -69.35 34.44 20.38
CA LYS X 57 -68.80 33.17 19.92
C LYS X 57 -69.60 31.99 20.49
N SER X 58 -69.73 30.94 19.67
CA SER X 58 -70.35 29.69 20.05
C SER X 58 -69.54 28.99 21.14
N LEU X 59 -70.21 28.18 21.97
CA LEU X 59 -69.57 27.43 23.04
C LEU X 59 -68.48 26.51 22.48
N LEU X 60 -68.72 26.00 21.26
CA LEU X 60 -67.73 25.23 20.53
C LEU X 60 -66.52 26.11 20.19
N GLU X 61 -66.77 27.35 19.76
CA GLU X 61 -65.73 28.25 19.30
C GLU X 61 -64.91 28.79 20.49
N VAL X 62 -65.55 28.95 21.66
CA VAL X 62 -64.87 29.36 22.88
C VAL X 62 -64.09 28.19 23.45
N LYS X 63 -64.05 27.08 22.68
CA LYS X 63 -63.33 25.86 23.01
C LYS X 63 -63.73 25.35 24.38
N LEU X 64 -65.05 25.32 24.68
CA LEU X 64 -65.53 24.64 25.86
C LEU X 64 -65.83 23.18 25.51
N PHE X 65 -65.18 22.27 26.24
CA PHE X 65 -65.35 20.84 26.04
C PHE X 65 -66.81 20.45 26.34
N PRO X 66 -67.38 19.42 25.66
CA PRO X 66 -68.67 18.85 26.05
C PRO X 66 -68.94 18.72 27.55
N GLN X 67 -67.91 18.41 28.34
CA GLN X 67 -67.97 18.57 29.79
C GLN X 67 -66.86 19.54 30.22
N GLU X 68 -67.20 20.52 31.06
CA GLU X 68 -66.20 21.41 31.62
C GLU X 68 -66.64 21.84 33.01
N THR X 69 -65.75 21.69 33.99
CA THR X 69 -65.95 22.30 35.30
C THR X 69 -65.38 23.71 35.27
N LEU X 70 -66.17 24.68 35.76
CA LEU X 70 -65.77 26.08 35.79
C LEU X 70 -65.89 26.62 37.22
N PHE X 71 -65.19 27.71 37.50
CA PHE X 71 -65.12 28.27 38.84
C PHE X 71 -65.36 29.77 38.81
N LEU X 72 -65.91 30.29 39.91
CA LEU X 72 -66.25 31.70 40.03
C LEU X 72 -65.36 32.36 41.07
N GLU X 73 -64.78 33.50 40.69
CA GLU X 73 -63.99 34.30 41.61
C GLU X 73 -64.34 35.78 41.40
N ALA X 74 -64.42 36.52 42.51
CA ALA X 74 -64.72 37.94 42.50
C ALA X 74 -63.61 38.71 41.78
N LYS X 75 -63.97 39.54 40.80
CA LYS X 75 -62.99 40.24 39.96
C LYS X 75 -62.18 41.25 40.76
N GLU X 76 -62.58 41.49 42.02
CA GLU X 76 -61.96 42.45 42.91
C GLU X 76 -60.98 43.35 42.14
PB ADP Y . 7.33 -25.40 -24.96
O1B ADP Y . 7.17 -25.85 -23.53
O2B ADP Y . 6.00 -25.22 -25.70
O3B ADP Y . 8.32 -24.23 -25.12
PA ADP Y . 8.86 -26.57 -27.13
O1A ADP Y . 8.23 -27.57 -28.05
O2A ADP Y . 8.95 -25.14 -27.56
O3A ADP Y . 8.04 -26.59 -25.77
O5' ADP Y . 10.30 -27.07 -26.62
C5' ADP Y . 11.55 -26.48 -27.07
C4' ADP Y . 12.53 -27.59 -27.38
O4' ADP Y . 12.79 -28.33 -26.17
C3' ADP Y . 12.05 -28.62 -28.40
O3' ADP Y . 12.61 -28.34 -29.67
C2' ADP Y . 12.60 -29.95 -27.90
O2' ADP Y . 13.81 -30.30 -28.52
C1' ADP Y . 12.98 -29.69 -26.44
N9 ADP Y . 12.17 -30.48 -25.53
C8 ADP Y . 11.32 -30.01 -24.58
N7 ADP Y . 10.72 -30.97 -23.91
C5 ADP Y . 11.20 -32.13 -24.49
C6 ADP Y . 10.92 -33.48 -24.24
N6 ADP Y . 10.06 -33.87 -23.29
N1 ADP Y . 11.57 -34.40 -24.99
C2 ADP Y . 12.42 -33.97 -25.93
N3 ADP Y . 12.74 -32.72 -26.26
C4 ADP Y . 12.09 -31.85 -25.49
PB ADP Z . -15.85 32.63 -6.83
O1B ADP Z . -16.62 31.34 -6.99
O2B ADP Z . -14.96 32.63 -5.62
O3B ADP Z . -15.17 33.11 -8.11
PA ADP Z . -17.85 34.59 -7.56
O1A ADP Z . -18.46 33.62 -8.54
O2A ADP Z . -17.09 35.75 -8.09
O3A ADP Z . -16.92 33.78 -6.54
O5' ADP Z . -18.97 35.06 -6.51
C5' ADP Z . -20.17 34.30 -6.22
C4' ADP Z . -21.24 35.26 -5.78
O4' ADP Z . -21.05 35.57 -4.38
C3' ADP Z . -21.23 36.60 -6.52
O3' ADP Z . -22.43 36.67 -7.26
C2' ADP Z . -21.28 37.69 -5.45
O2' ADP Z . -22.61 38.14 -5.36
C1' ADP Z . -21.05 36.96 -4.14
N9 ADP Z . -19.83 37.36 -3.46
C8 ADP Z . -18.75 36.55 -3.16
N7 ADP Z . -17.80 37.18 -2.51
C5 ADP Z . -18.28 38.48 -2.38
C6 ADP Z . -17.72 39.62 -1.78
N6 ADP Z . -16.52 39.63 -1.21
N1 ADP Z . -18.45 40.76 -1.79
C2 ADP Z . -19.65 40.74 -2.40
N3 ADP Z . -20.26 39.72 -3.01
C4 ADP Z . -19.52 38.60 -2.96
PB ADP AA . -23.83 -22.17 -16.62
O1B ADP AA . -22.45 -22.18 -17.27
O2B ADP AA . -23.78 -21.98 -15.11
O3B ADP AA . -24.80 -21.21 -17.30
PA ADP AA . -24.67 -24.51 -18.16
O1A ADP AA . -23.72 -24.03 -19.20
O2A ADP AA . -26.12 -24.51 -18.51
O3A ADP AA . -24.45 -23.62 -16.84
O5' ADP AA . -24.18 -25.94 -17.64
C5' ADP AA . -23.35 -26.68 -18.57
C4' ADP AA . -23.88 -28.08 -18.64
O4' ADP AA . -23.88 -28.60 -17.30
C3' ADP AA . -25.34 -28.22 -19.08
O3' ADP AA . -25.39 -28.49 -20.47
C2' ADP AA . -25.75 -29.53 -18.41
O2' ADP AA . -25.29 -30.61 -19.20
C1' ADP AA . -24.96 -29.45 -17.10
N9 ADP AA . -25.71 -28.95 -15.96
C8 ADP AA . -25.40 -27.85 -15.21
N7 ADP AA . -26.22 -27.65 -14.21
C5 ADP AA . -27.14 -28.68 -14.31
C6 ADP AA . -28.26 -29.03 -13.54
N6 ADP AA . -28.68 -28.33 -12.49
N1 ADP AA . -28.94 -30.14 -13.88
C2 ADP AA . -28.51 -30.84 -14.94
N3 ADP AA . -27.48 -30.61 -15.76
C4 ADP AA . -26.81 -29.51 -15.38
PB ADP BA . -35.65 6.91 -7.44
O1B ADP BA . -35.07 5.68 -8.06
O2B ADP BA . -35.30 7.06 -5.97
O3B ADP BA . -35.39 8.17 -8.27
PA ADP BA . -38.26 6.15 -8.58
O1A ADP BA . -37.57 5.23 -9.53
O2A ADP BA . -39.02 7.32 -9.12
O3A ADP BA . -37.25 6.68 -7.47
O5' ADP BA . -39.22 5.25 -7.66
C5' ADP BA . -39.49 3.93 -8.15
C4' ADP BA . -40.85 3.51 -7.65
O4' ADP BA . -40.84 3.51 -6.20
C3' ADP BA . -41.98 4.49 -7.99
O3' ADP BA . -42.48 4.17 -9.28
C2' ADP BA . -42.99 4.19 -6.89
O2' ADP BA . -43.72 3.03 -7.21
C1' ADP BA . -42.09 3.90 -5.70
N9 ADP BA . -41.84 5.00 -4.78
C8 ADP BA . -40.59 5.43 -4.44
N7 ADP BA . -40.61 6.40 -3.55
C5 ADP BA . -41.95 6.61 -3.30
C6 ADP BA . -42.60 7.49 -2.44
N6 ADP BA . -41.96 8.39 -1.69
N1 ADP BA . -43.95 7.44 -2.39
C2 ADP BA . -44.57 6.55 -3.18
N3 ADP BA . -44.06 5.68 -4.04
C4 ADP BA . -42.72 5.74 -4.05
PB ADP CA . 15.64 29.92 -15.27
O1B ADP CA . 16.31 29.17 -14.15
O2B ADP CA . 15.98 29.35 -16.62
O3B ADP CA . 14.15 30.17 -15.01
PA ADP CA . 15.87 32.68 -16.22
O1A ADP CA . 17.02 33.05 -17.11
O2A ADP CA . 14.55 32.42 -16.86
O3A ADP CA . 16.27 31.40 -15.35
O5' ADP CA . 15.71 33.76 -15.05
C5' ADP CA . 14.71 34.80 -15.22
C4' ADP CA . 15.34 36.15 -14.96
O4' ADP CA . 15.90 36.11 -13.63
C3' ADP CA . 16.55 36.51 -15.83
O3' ADP CA . 16.19 37.18 -17.04
C2' ADP CA . 17.25 37.54 -14.94
O2' ADP CA . 16.48 38.72 -14.91
C1' ADP CA . 17.06 36.90 -13.57
N9 ADP CA . 18.16 36.07 -13.16
C8 ADP CA . 18.15 34.73 -12.90
N7 ADP CA . 19.31 34.25 -12.53
C5 ADP CA . 20.15 35.36 -12.57
C6 ADP CA . 21.51 35.52 -12.29
N6 ADP CA . 22.31 34.52 -11.91
N1 ADP CA . 22.02 36.77 -12.41
C2 ADP CA . 21.21 37.76 -12.80
N3 ADP CA . 19.92 37.72 -13.10
C4 ADP CA . 19.45 36.49 -12.97
PB ADP DA . 27.32 0.74 -24.46
O1B ADP DA . 27.51 -0.12 -23.24
O2B ADP DA . 26.27 0.23 -25.41
O3B ADP DA . 27.16 2.21 -24.10
PA ADP DA . 29.33 1.70 -26.26
O1A ADP DA . 30.28 1.01 -27.20
O2A ADP DA . 28.24 2.52 -26.88
O3A ADP DA . 28.66 0.59 -25.32
O5' ADP DA . 30.11 2.56 -25.14
C5' ADP DA . 30.39 3.97 -25.32
C4' ADP DA . 31.85 4.17 -25.66
O4' ADP DA . 32.65 3.95 -24.47
C3' ADP DA . 32.50 3.19 -26.64
O3' ADP DA . 32.22 3.46 -28.01
C2' ADP DA . 33.96 3.50 -26.38
O2' ADP DA . 34.20 4.84 -26.75
C1' ADP DA . 33.92 3.45 -24.86
N9 ADP DA . 34.10 2.13 -24.28
C8 ADP DA . 33.22 1.47 -23.46
N7 ADP DA . 33.68 0.30 -23.06
C5 ADP DA . 34.93 0.19 -23.66
C6 ADP DA . 35.92 -0.81 -23.63
N6 ADP DA . 35.80 -1.94 -22.95
N1 ADP DA . 37.05 -0.60 -24.33
C2 ADP DA . 37.17 0.54 -25.00
N3 ADP DA . 36.31 1.55 -25.11
C4 ADP DA . 35.19 1.32 -24.41
PB ADP EA . -22.36 -22.19 18.55
O1B ADP EA . -21.28 -23.08 19.15
O2B ADP EA . -22.43 -22.22 17.03
O3B ADP EA . -22.38 -20.79 19.13
PA ADP EA . -24.37 -22.83 20.41
O1A ADP EA . -24.22 -24.19 21.01
O2A ADP EA . -23.81 -21.65 21.13
O3A ADP EA . -23.72 -22.88 18.96
O5' ADP EA . -25.90 -22.52 19.99
C5' ADP EA . -26.60 -21.40 20.60
C4' ADP EA . -27.99 -21.86 20.99
O4' ADP EA . -28.85 -21.79 19.83
C3' ADP EA . -28.10 -23.31 21.47
O3' ADP EA . -27.85 -23.45 22.87
C2' ADP EA . -29.55 -23.64 21.10
O2' ADP EA . -30.47 -22.99 21.95
C1' ADP EA . -29.60 -22.99 19.72
N9 ADP EA . -29.10 -23.80 18.63
C8 ADP EA . -27.99 -23.56 17.86
N7 ADP EA . -27.82 -24.45 16.91
C5 ADP EA . -28.88 -25.32 17.04
C6 ADP EA . -29.26 -26.47 16.33
N6 ADP EA . -28.58 -27.00 15.31
N1 ADP EA . -30.40 -27.10 16.70
C2 ADP EA . -31.09 -26.59 17.73
N3 ADP EA . -30.81 -25.53 18.48
C4 ADP EA . -29.68 -24.92 18.09
PB ADP FA . 30.21 16.37 13.74
O1B ADP FA . 30.25 14.87 13.62
O2B ADP FA . 29.43 17.02 12.60
O3B ADP FA . 29.83 16.87 15.12
PA ADP FA . 32.93 16.62 14.61
O1A ADP FA . 32.80 15.27 15.22
O2A ADP FA . 32.90 17.81 15.53
O3A ADP FA . 31.74 16.77 13.55
O5' ADP FA . 34.22 16.66 13.63
C5' ADP FA . 35.13 15.53 13.43
C4' ADP FA . 36.53 16.00 13.08
O4' ADP FA . 36.55 16.50 11.73
C3' ADP FA . 37.08 17.14 13.95
O3' ADP FA . 37.95 16.67 14.97
C2' ADP FA . 37.89 18.01 12.98
O2' ADP FA . 39.26 17.70 12.93
C1' ADP FA . 37.29 17.69 11.62
N9 ADP FA . 36.46 18.77 11.13
C8 ADP FA . 35.14 18.73 10.73
N7 ADP FA . 34.68 19.89 10.34
C5 ADP FA . 35.74 20.76 10.51
C6 ADP FA . 35.89 22.14 10.29
N6 ADP FA . 34.92 22.93 9.84
N1 ADP FA . 37.10 22.70 10.56
C2 ADP FA . 38.07 21.91 11.04
N3 ADP FA . 38.04 20.60 11.30
C4 ADP FA . 36.84 20.08 11.01
PB ADP GA . 6.41 -34.74 8.95
O1B ADP GA . 7.71 -34.41 9.73
O2B ADP GA . 6.42 -34.22 7.52
O3B ADP GA . 5.14 -34.36 9.68
PA ADP GA . 5.85 -37.47 9.97
O1A ADP GA . 7.02 -38.39 10.24
O2A ADP GA . 5.18 -36.78 11.10
O3A ADP GA . 6.34 -36.35 8.92
O5' ADP GA . 4.73 -38.25 9.11
C5' ADP GA . 3.44 -38.56 9.70
C4' ADP GA . 3.13 -40.03 9.56
O4' ADP GA . 2.63 -40.29 8.23
C3' ADP GA . 4.31 -41.02 9.72
O3' ADP GA . 4.55 -41.40 11.07
C2' ADP GA . 3.80 -42.21 8.91
O2' ADP GA . 2.75 -42.90 9.53
C1' ADP GA . 3.22 -41.47 7.72
N9 ADP GA . 4.19 -41.14 6.69
C8 ADP GA . 4.62 -39.89 6.33
N7 ADP GA . 5.50 -39.91 5.35
C5 ADP GA . 5.65 -41.27 5.07
C6 ADP GA . 6.43 -41.94 4.12
N6 ADP GA . 7.25 -41.33 3.28
N1 ADP GA . 6.34 -43.28 4.08
C2 ADP GA . 5.49 -43.88 4.92
N3 ADP GA . 4.72 -43.35 5.87
C4 ADP GA . 4.85 -42.03 5.88
PB ADP HA . 32.61 -15.40 6.59
O1B ADP HA . 31.64 -16.53 6.86
O2B ADP HA . 32.31 -14.70 5.30
O3B ADP HA . 32.80 -14.44 7.76
PA ADP HA . 34.67 -17.45 6.98
O1A ADP HA . 36.15 -17.28 7.18
O2A ADP HA . 33.84 -17.90 8.12
O3A ADP HA . 34.05 -16.08 6.39
O5' ADP HA . 34.40 -18.42 5.73
C5' ADP HA . 34.00 -19.78 6.04
C4' ADP HA . 35.02 -20.75 5.49
O4' ADP HA . 35.11 -20.58 4.06
C3' ADP HA . 36.45 -20.56 5.98
O3' ADP HA . 36.59 -21.42 7.09
C2' ADP HA . 37.24 -21.24 4.88
O2' ADP HA . 36.97 -22.62 5.01
C1' ADP HA . 36.45 -20.79 3.67
N9 ADP HA . 36.94 -19.60 2.97
C8 ADP HA . 36.23 -18.49 2.64
N7 ADP HA . 36.93 -17.63 1.93
C5 ADP HA . 38.15 -18.25 1.74
C6 ADP HA . 39.33 -17.86 1.04
N6 ADP HA . 39.47 -16.70 0.40
N1 ADP HA . 40.37 -18.70 1.06
C2 ADP HA . 40.23 -19.86 1.73
N3 ADP HA . 39.19 -20.33 2.42
C4 ADP HA . 38.17 -19.46 2.38
PB ADP IA . 1.52 28.85 23.71
O1B ADP IA . 2.90 28.21 23.60
O2B ADP IA . 0.86 29.09 22.36
O3B ADP IA . 0.62 28.15 24.70
PA ADP IA . 2.89 30.94 25.14
O1A ADP IA . 4.02 29.96 25.10
O2A ADP IA . 2.29 31.28 26.46
O3A ADP IA . 1.72 30.35 24.24
O5' ADP IA . 3.34 32.28 24.39
C5' ADP IA . 4.76 32.43 24.16
C4' ADP IA . 5.23 33.80 24.56
O4' ADP IA . 5.16 34.67 23.40
C3' ADP IA . 4.42 34.55 25.63
O3' ADP IA . 4.99 34.31 26.90
C2' ADP IA . 4.68 36.00 25.24
O2' ADP IA . 6.01 36.31 25.57
C1' ADP IA . 4.58 35.90 23.73
N9 ADP IA . 3.21 35.88 23.26
C8 ADP IA . 2.50 34.79 22.77
N7 ADP IA . 1.28 35.09 22.43
C5 ADP IA . 1.16 36.45 22.72
C6 ADP IA . 0.10 37.36 22.59
N6 ADP IA . -1.10 37.03 22.13
N1 ADP IA . 0.34 38.64 22.94
C2 ADP IA . 1.55 38.98 23.40
N3 ADP IA . 2.62 38.20 23.58
C4 ADP IA . 2.36 36.94 23.22
PB ADP JA . -24.79 9.67 25.96
O1B ADP JA . -24.88 8.37 26.73
O2B ADP JA . -25.10 9.53 24.50
O3B ADP JA . -23.52 10.48 26.21
PA ADP JA . -26.12 11.18 28.07
O1A ADP JA . -27.12 10.33 28.79
O2A ADP JA . -24.79 11.39 28.71
O3A ADP JA . -25.97 10.56 26.60
O5' ADP JA . -26.76 12.59 27.70
C5' ADP JA . -25.97 13.78 27.95
C4' ADP JA . -26.91 14.87 28.41
O4' ADP JA . -27.68 15.27 27.25
C3' ADP JA . -27.93 14.46 29.48
O3' ADP JA . -27.54 14.99 30.74
C2' ADP JA . -29.25 15.08 29.03
O2' ADP JA . -29.59 16.28 29.69
C1' ADP JA . -29.05 15.38 27.56
N9 ADP JA . -29.79 14.46 26.71
C8 ADP JA . -29.29 13.45 25.94
N7 ADP JA . -30.22 12.79 25.29
C5 ADP JA . -31.40 13.40 25.68
C6 ADP JA . -32.74 13.16 25.34
N6 ADP JA . -33.11 12.21 24.50
N1 ADP JA . -33.68 13.98 25.88
C2 ADP JA . -33.28 14.95 26.72
N3 ADP JA . -32.05 15.26 27.11
C4 ADP JA . -31.14 14.45 26.56
#